data_1XFV
#
_entry.id   1XFV
#
_cell.length_a   184.599
_cell.length_b   319.285
_cell.length_c   142.054
_cell.angle_alpha   90.00
_cell.angle_beta   90.22
_cell.angle_gamma   90.00
#
_symmetry.space_group_name_H-M   'C 1 2 1'
#
loop_
_entity.id
_entity.type
_entity.pdbx_description
1 polymer 'Calmodulin-sensitive adenylate cyclase'
2 polymer 'Calmodulin 2'
3 non-polymer 'MAGNESIUM ION'
4 non-polymer "3'-DEOXYADENOSINE-5'-TRIPHOSPHATE"
5 non-polymer 'CALCIUM ION'
6 water water
#
loop_
_entity_poly.entity_id
_entity_poly.type
_entity_poly.pdbx_seq_one_letter_code
_entity_poly.pdbx_strand_id
1 'polypeptide(L)'
;MHHHHHHAAAMNEHYTESDIKRNHKTEKNKTEKEKFKDSINNLVKTEFTNETLDKIQQTQDLLKKIPKDVLEIYSELGGE
IYFTDIDLVEHKELQDLSEEEKNSMNSRGEKVPFASRFVFEKKRETPKLIINIKDYAINSEQSKEVYYEIGKGISLDIIS
KDKSLDPEFLNLIKSLSDDSDSSDLLFSQKFKEKLELNNKSIDINFIKENLTEFQHAFSLAFSYYFAPDHRTVLELYAPD
MFEYMNKLEKGGFEKISESLKKEGVEKDRIDVLKGEKALKASGLVPEHADAFKKIARELNTYILFRPVNKLATNLIKSGV
ATKGLNVHGKSSDWGPVAGYIPFDQDLSKKHGQQLAVEKGNLENKKSITEHEGEIGKIPLKLDHLRIEELKENGIILKGK
KEIDNGKKYYLLESNNQVYEFRISDENNEVQYKTKEGKITVLGEKFNWRNIEVMAKNVEGVLKPLTADYDLFALAPSLTE
IKKQIPQKEWDKVVNTPNSLEKQKGVTNLLIKYGIERKPDSTKGTLSNWQKQMLDRLNEAVKYTGYTGGDVVNHGTEQDN
EEFPEKDNEIFIINPEGEFILTKNWEMTGRFIEKNITGKDYLYYFNRSYNKIAPGNKAYIEWTDPITKAKINTIPTSAEF
IKNLSSIRRSSNVGVYKDSGDKDEFAKKESVKKIAGYLSDYYNSANHIFSQEKKRKISIFRGIQAYNEIENVLKSKQIAP
EYKNYFQYLKERITNQVQLLLTHQKSNIEFKLLYKQLNFTENETDNFEVFQKIIDEK
;
A,B,C,D,E,F
2 'polypeptide(L)'
;MADQLTEEQIAEFKEAFSLFDKDGDGTITTKELGTVMRSLGQNPTEAELQDMINEVDADGNGTIDFPEFLTMMARKMKDT
DSEEEIREAFRVFDKDGNGYISAAELRHVMTNLGEKLTDEEVDQMIREADIDGDGQVNYEEFVQMMTAK
;
O,P,Q,R,S,T
#
# COMPACT_ATOMS: atom_id res chain seq x y z
N ASN A 41 108.25 22.26 -23.84
CA ASN A 41 108.97 22.03 -22.55
C ASN A 41 110.45 22.48 -22.58
N ASN A 42 110.72 23.69 -22.10
CA ASN A 42 112.08 24.23 -22.07
C ASN A 42 112.92 23.57 -20.97
N LEU A 43 113.90 22.77 -21.39
CA LEU A 43 114.77 22.03 -20.48
C LEU A 43 115.74 22.85 -19.65
N VAL A 44 116.35 23.84 -20.27
CA VAL A 44 117.31 24.65 -19.57
C VAL A 44 116.63 25.72 -18.75
N LYS A 45 117.18 25.96 -17.56
CA LYS A 45 116.66 26.98 -16.67
C LYS A 45 117.83 27.71 -16.03
N THR A 46 117.92 29.02 -16.31
CA THR A 46 118.97 29.88 -15.75
C THR A 46 118.32 30.72 -14.67
N GLU A 47 118.65 30.44 -13.41
CA GLU A 47 118.03 31.18 -12.31
C GLU A 47 118.58 32.58 -12.15
N PHE A 48 119.83 32.80 -12.53
CA PHE A 48 120.37 34.13 -12.37
C PHE A 48 121.11 34.69 -13.59
N THR A 49 120.61 35.81 -14.11
CA THR A 49 121.18 36.52 -15.25
C THR A 49 122.21 37.51 -14.69
N ASN A 50 122.78 37.12 -13.55
CA ASN A 50 123.77 37.90 -12.82
C ASN A 50 125.05 38.09 -13.63
N GLU A 51 126.00 37.19 -13.45
CA GLU A 51 127.28 37.23 -14.16
C GLU A 51 127.07 37.69 -15.61
N THR A 52 128.14 38.17 -16.23
CA THR A 52 128.03 38.63 -17.60
C THR A 52 127.95 37.49 -18.59
N LEU A 53 128.32 37.82 -19.82
CA LEU A 53 128.33 36.88 -20.91
C LEU A 53 129.39 35.85 -20.64
N ASP A 54 129.67 35.57 -19.38
CA ASP A 54 130.67 34.55 -19.10
C ASP A 54 130.05 33.39 -18.37
N LYS A 55 129.01 33.63 -17.58
CA LYS A 55 128.37 32.50 -16.93
C LYS A 55 127.63 31.93 -18.10
N ILE A 56 126.96 32.82 -18.83
CA ILE A 56 126.20 32.46 -19.99
C ILE A 56 127.08 31.80 -21.06
N GLN A 57 128.07 32.52 -21.57
CA GLN A 57 128.96 31.97 -22.59
C GLN A 57 129.68 30.75 -22.06
N GLN A 58 129.32 30.32 -20.85
CA GLN A 58 129.95 29.16 -20.21
C GLN A 58 128.93 28.06 -20.04
N THR A 59 127.70 28.44 -19.71
CA THR A 59 126.65 27.45 -19.56
C THR A 59 126.41 26.96 -20.97
N GLN A 60 126.36 27.89 -21.92
CA GLN A 60 126.18 27.54 -23.31
C GLN A 60 127.27 26.56 -23.72
N ASP A 61 128.51 27.05 -23.85
CA ASP A 61 129.61 26.19 -24.24
C ASP A 61 129.45 24.77 -23.68
N LEU A 62 128.80 24.65 -22.53
CA LEU A 62 128.60 23.33 -21.95
C LEU A 62 127.57 22.55 -22.77
N LEU A 63 126.33 22.99 -22.69
CA LEU A 63 125.23 22.34 -23.39
C LEU A 63 125.42 22.11 -24.88
N LYS A 64 126.02 23.06 -25.61
CA LYS A 64 126.15 22.85 -27.05
C LYS A 64 127.05 21.68 -27.41
N LYS A 65 127.72 21.12 -26.41
CA LYS A 65 128.59 19.98 -26.63
C LYS A 65 127.86 18.66 -26.40
N ILE A 66 126.65 18.73 -25.85
CA ILE A 66 125.84 17.54 -25.60
C ILE A 66 124.94 17.44 -26.82
N PRO A 67 124.72 16.22 -27.35
CA PRO A 67 123.87 16.08 -28.53
C PRO A 67 122.43 16.57 -28.35
N LYS A 68 121.99 17.39 -29.29
CA LYS A 68 120.66 17.95 -29.24
C LYS A 68 119.61 16.93 -28.86
N ASP A 69 119.99 15.67 -28.83
CA ASP A 69 119.06 14.60 -28.48
C ASP A 69 119.21 14.13 -27.04
N VAL A 70 120.44 13.88 -26.60
CA VAL A 70 120.66 13.44 -25.23
C VAL A 70 119.75 14.29 -24.38
N LEU A 71 119.48 15.50 -24.87
CA LEU A 71 118.60 16.45 -24.19
C LEU A 71 117.13 16.08 -24.48
N GLU A 72 116.77 16.09 -25.76
CA GLU A 72 115.41 15.74 -26.16
C GLU A 72 114.97 14.44 -25.52
N ILE A 73 115.92 13.75 -24.87
CA ILE A 73 115.65 12.49 -24.18
C ILE A 73 115.38 12.90 -22.75
N TYR A 74 116.28 13.72 -22.25
CA TYR A 74 116.19 14.22 -20.90
C TYR A 74 114.91 15.03 -20.75
N SER A 75 114.53 15.76 -21.79
CA SER A 75 113.32 16.56 -21.72
C SER A 75 112.11 15.65 -21.60
N GLU A 76 111.88 14.84 -22.62
CA GLU A 76 110.74 13.93 -22.62
C GLU A 76 110.71 13.15 -21.30
N LEU A 77 111.90 12.88 -20.75
CA LEU A 77 111.99 12.16 -19.49
C LEU A 77 111.55 13.07 -18.36
N GLY A 78 110.94 14.19 -18.73
CA GLY A 78 110.46 15.15 -17.75
C GLY A 78 111.57 15.85 -16.97
N GLY A 79 112.81 15.66 -17.40
CA GLY A 79 113.93 16.29 -16.73
C GLY A 79 114.04 17.78 -17.06
N GLU A 80 114.75 18.51 -16.21
CA GLU A 80 114.94 19.95 -16.41
C GLU A 80 116.35 20.25 -15.89
N ILE A 81 117.14 21.03 -16.63
CA ILE A 81 118.50 21.31 -16.15
C ILE A 81 118.51 22.64 -15.46
N TYR A 82 119.13 22.69 -14.29
CA TYR A 82 119.17 23.93 -13.52
C TYR A 82 120.50 24.66 -13.49
N PHE A 83 120.51 25.81 -14.15
CA PHE A 83 121.69 26.65 -14.22
C PHE A 83 121.42 27.90 -13.40
N THR A 84 121.72 27.78 -12.11
CA THR A 84 121.48 28.93 -11.28
C THR A 84 122.77 29.73 -11.17
N ASP A 85 122.83 30.57 -10.14
CA ASP A 85 123.99 31.37 -9.81
C ASP A 85 124.77 30.48 -8.85
N ILE A 86 125.54 31.07 -7.98
CA ILE A 86 126.27 30.32 -6.99
C ILE A 86 125.32 29.92 -5.90
N ASP A 87 125.19 28.66 -5.74
CA ASP A 87 124.39 27.99 -4.77
C ASP A 87 125.19 26.72 -4.65
N LEU A 88 126.12 26.72 -3.76
CA LEU A 88 126.91 25.52 -3.73
C LEU A 88 126.15 24.39 -3.05
N VAL A 89 125.95 24.64 -1.75
CA VAL A 89 125.28 23.71 -0.87
C VAL A 89 123.77 23.62 -1.08
N GLU A 90 123.13 22.83 -0.22
CA GLU A 90 121.68 22.63 -0.29
C GLU A 90 120.96 23.96 -0.12
N HIS A 91 121.14 24.88 -1.07
CA HIS A 91 120.49 26.18 -0.99
C HIS A 91 119.57 26.35 -2.19
N LYS A 92 119.79 25.53 -3.21
CA LYS A 92 118.96 25.60 -4.40
C LYS A 92 117.52 25.29 -4.03
N GLU A 93 116.60 26.06 -4.61
CA GLU A 93 115.18 25.89 -4.34
C GLU A 93 114.68 24.47 -4.59
N LEU A 94 115.61 23.56 -4.86
CA LEU A 94 115.25 22.17 -5.08
C LEU A 94 116.21 21.23 -4.37
N GLN A 95 117.24 21.78 -3.73
CA GLN A 95 118.22 20.97 -3.01
C GLN A 95 117.85 20.64 -1.57
N ASP A 96 116.54 20.54 -1.30
CA ASP A 96 116.04 20.21 0.04
C ASP A 96 115.86 18.70 0.17
N LEU A 97 114.95 18.29 1.04
CA LEU A 97 114.69 16.87 1.24
C LEU A 97 113.61 16.38 0.28
N SER A 98 113.89 15.25 -0.38
CA SER A 98 112.96 14.64 -1.33
C SER A 98 113.42 13.22 -1.69
N GLU A 99 114.64 13.12 -2.21
CA GLU A 99 115.25 11.86 -2.63
C GLU A 99 116.75 12.11 -2.77
N GLU A 100 117.38 12.48 -1.66
CA GLU A 100 118.81 12.80 -1.65
C GLU A 100 119.79 11.63 -1.57
N GLU A 101 120.82 11.79 -0.74
CA GLU A 101 121.87 10.81 -0.52
C GLU A 101 121.41 9.68 0.39
N LYS A 102 121.54 8.44 -0.10
CA LYS A 102 121.15 7.25 0.66
C LYS A 102 122.30 6.22 0.71
N ASN A 103 122.85 5.89 -0.46
CA ASN A 103 123.95 4.92 -0.60
C ASN A 103 125.16 5.52 -1.36
N SER A 104 126.40 5.10 -1.07
CA SER A 104 127.55 5.89 -1.59
C SER A 104 128.17 5.71 -2.97
N MET A 105 127.57 5.08 -3.95
CA MET A 105 128.21 5.03 -5.30
C MET A 105 128.01 6.40 -5.93
N ASN A 106 129.10 7.20 -6.01
CA ASN A 106 128.89 8.63 -6.33
C ASN A 106 129.52 9.45 -7.43
N SER A 107 130.67 9.10 -7.87
CA SER A 107 131.19 9.97 -8.89
C SER A 107 132.04 9.13 -9.79
N ARG A 108 133.08 9.66 -10.35
CA ARG A 108 133.98 8.85 -11.17
C ARG A 108 134.96 8.15 -10.22
N GLY A 109 134.42 7.64 -9.10
CA GLY A 109 135.09 6.96 -8.03
C GLY A 109 134.09 7.27 -6.96
N GLU A 110 133.93 6.61 -5.86
CA GLU A 110 132.87 7.19 -5.01
C GLU A 110 133.52 8.22 -4.01
N LYS A 111 132.80 9.11 -3.40
CA LYS A 111 133.37 10.06 -2.46
C LYS A 111 132.13 10.68 -1.92
N VAL A 112 131.80 10.74 -0.71
CA VAL A 112 130.52 11.32 -0.74
C VAL A 112 130.54 12.62 -0.04
N PRO A 113 131.23 13.62 -0.64
CA PRO A 113 131.48 14.82 0.17
C PRO A 113 130.62 16.00 -0.31
N PHE A 114 129.31 15.78 -0.35
CA PHE A 114 128.31 16.75 -0.79
C PHE A 114 128.73 18.22 -0.71
N ALA A 115 129.39 18.61 0.36
CA ALA A 115 129.82 20.00 0.51
C ALA A 115 130.80 20.35 -0.61
N SER A 116 131.30 19.34 -1.31
CA SER A 116 132.24 19.52 -2.41
C SER A 116 131.71 19.04 -3.77
N ARG A 117 130.62 19.66 -4.23
CA ARG A 117 130.01 19.32 -5.52
C ARG A 117 129.39 20.56 -6.14
N PHE A 118 129.23 20.53 -7.46
CA PHE A 118 128.66 21.65 -8.22
C PHE A 118 127.61 21.19 -9.22
N VAL A 119 127.45 19.88 -9.31
CA VAL A 119 126.50 19.30 -10.23
C VAL A 119 125.66 18.24 -9.51
N PHE A 120 124.34 18.30 -9.66
CA PHE A 120 123.52 17.31 -9.00
C PHE A 120 122.23 16.93 -9.71
N GLU A 121 121.86 15.66 -9.52
CA GLU A 121 120.67 15.05 -10.11
C GLU A 121 119.69 14.57 -9.04
N LYS A 122 118.46 15.06 -9.10
CA LYS A 122 117.40 14.69 -8.17
C LYS A 122 116.75 13.42 -8.74
N LYS A 123 117.37 12.28 -8.49
CA LYS A 123 116.98 11.00 -9.06
C LYS A 123 115.53 10.55 -9.16
N ARG A 124 114.64 10.82 -8.18
CA ARG A 124 113.39 10.05 -8.28
C ARG A 124 112.25 10.29 -9.26
N GLU A 125 111.59 11.34 -9.53
CA GLU A 125 110.59 10.89 -10.50
C GLU A 125 111.01 11.40 -11.84
N THR A 126 111.04 12.69 -11.78
CA THR A 126 111.47 13.51 -12.82
C THR A 126 112.94 13.80 -12.46
N PRO A 127 113.81 13.77 -13.47
CA PRO A 127 115.22 14.12 -13.26
C PRO A 127 115.43 15.63 -13.25
N LYS A 128 116.21 16.08 -12.28
CA LYS A 128 116.49 17.50 -12.16
C LYS A 128 117.99 17.73 -12.13
N LEU A 129 118.53 18.17 -13.26
CA LEU A 129 119.94 18.44 -13.34
C LEU A 129 120.11 19.83 -12.75
N ILE A 130 120.98 19.93 -11.74
CA ILE A 130 121.24 21.22 -11.09
C ILE A 130 122.73 21.53 -11.14
N ILE A 131 123.09 22.61 -11.83
CA ILE A 131 124.49 23.02 -11.97
C ILE A 131 124.70 24.49 -11.68
N ASN A 132 125.89 24.80 -11.17
CA ASN A 132 126.29 26.16 -10.82
C ASN A 132 127.66 26.41 -11.43
N ILE A 133 128.04 27.67 -11.53
CA ILE A 133 129.36 28.04 -12.06
C ILE A 133 129.93 29.28 -11.29
N LYS A 134 131.25 29.29 -10.96
CA LYS A 134 131.90 30.34 -10.07
C LYS A 134 132.75 31.42 -10.75
N ASP A 135 133.96 31.19 -11.17
CA ASP A 135 134.48 32.31 -11.95
C ASP A 135 134.81 31.69 -13.30
N TYR A 136 135.78 32.21 -14.02
CA TYR A 136 136.07 31.75 -15.40
C TYR A 136 136.70 30.30 -15.66
N ALA A 137 136.45 29.11 -15.03
CA ALA A 137 137.36 27.99 -15.54
C ALA A 137 137.00 26.45 -15.51
N ILE A 138 136.94 25.87 -16.70
CA ILE A 138 136.52 24.49 -16.94
C ILE A 138 137.33 23.88 -18.06
N ASN A 139 137.92 24.78 -18.84
CA ASN A 139 138.72 24.43 -20.03
C ASN A 139 140.21 24.10 -19.81
N SER A 140 140.77 24.49 -18.67
CA SER A 140 142.18 24.19 -18.38
C SER A 140 142.27 22.74 -17.88
N GLU A 141 141.65 22.49 -16.72
CA GLU A 141 141.61 21.15 -16.14
C GLU A 141 140.17 20.70 -16.38
N GLN A 142 139.93 20.12 -17.56
CA GLN A 142 138.59 19.65 -17.95
C GLN A 142 138.08 18.54 -17.07
N SER A 143 138.99 17.87 -16.36
CA SER A 143 138.60 16.78 -15.47
C SER A 143 137.47 17.25 -14.55
N LYS A 144 137.16 18.54 -14.59
CA LYS A 144 136.09 19.10 -13.77
C LYS A 144 134.75 19.09 -14.50
N GLU A 145 134.79 19.09 -15.82
CA GLU A 145 133.56 19.07 -16.59
C GLU A 145 133.13 17.63 -16.83
N VAL A 146 134.11 16.72 -16.93
CA VAL A 146 133.83 15.30 -17.18
C VAL A 146 132.75 14.84 -16.22
N TYR A 147 132.49 15.65 -15.21
CA TYR A 147 131.47 15.32 -14.24
C TYR A 147 130.12 15.86 -14.67
N TYR A 148 130.05 17.14 -14.94
CA TYR A 148 128.77 17.66 -15.37
C TYR A 148 128.31 16.82 -16.56
N GLU A 149 129.21 16.01 -17.10
CA GLU A 149 128.86 15.16 -18.24
C GLU A 149 128.36 13.81 -17.75
N ILE A 150 129.12 13.15 -16.87
CA ILE A 150 128.67 11.86 -16.37
C ILE A 150 127.56 12.15 -15.37
N GLY A 151 127.84 13.07 -14.44
CA GLY A 151 126.88 13.46 -13.43
C GLY A 151 125.52 13.40 -14.09
N LYS A 152 125.51 13.66 -15.39
CA LYS A 152 124.29 13.60 -16.15
C LYS A 152 123.97 12.15 -16.36
N GLY A 153 124.69 11.52 -17.30
CA GLY A 153 124.49 10.11 -17.62
C GLY A 153 123.50 9.34 -16.78
N ILE A 154 123.64 9.42 -15.45
CA ILE A 154 122.73 8.74 -14.54
C ILE A 154 121.34 9.32 -14.71
N SER A 155 121.19 10.14 -15.74
CA SER A 155 119.94 10.77 -16.08
C SER A 155 119.30 9.90 -17.14
N LEU A 156 120.22 9.34 -17.93
CA LEU A 156 119.77 8.45 -19.03
C LEU A 156 120.33 7.05 -19.04
N ASP A 157 121.02 6.63 -18.05
CA ASP A 157 121.53 5.31 -18.14
C ASP A 157 120.45 4.28 -17.85
N ILE A 158 120.13 4.25 -16.59
CA ILE A 158 119.13 3.36 -16.04
C ILE A 158 117.81 3.41 -16.81
N ILE A 159 117.65 4.46 -17.60
CA ILE A 159 116.45 4.67 -18.39
C ILE A 159 116.88 4.77 -19.84
N SER A 160 118.18 4.73 -20.05
CA SER A 160 118.77 4.86 -21.38
C SER A 160 118.41 3.68 -22.26
N LYS A 161 119.36 2.75 -22.35
CA LYS A 161 119.20 1.53 -23.13
C LYS A 161 119.69 0.46 -22.20
N ASP A 162 120.59 0.87 -21.33
CA ASP A 162 121.16 -0.02 -20.36
C ASP A 162 120.06 -0.84 -19.72
N LYS A 163 118.91 -0.16 -19.41
CA LYS A 163 117.75 -0.81 -18.77
C LYS A 163 116.34 -0.28 -19.33
N SER A 164 116.42 0.75 -20.33
CA SER A 164 115.30 1.60 -21.00
C SER A 164 114.28 0.84 -21.83
N LEU A 165 114.66 0.06 -22.82
CA LEU A 165 113.64 -0.90 -23.18
C LEU A 165 114.16 -1.88 -22.18
N ASP A 166 114.30 -3.14 -22.36
CA ASP A 166 115.00 -3.70 -21.20
C ASP A 166 116.46 -3.91 -21.56
N PRO A 167 117.35 -4.38 -20.66
CA PRO A 167 118.66 -4.66 -21.19
C PRO A 167 118.34 -5.39 -22.48
N GLU A 168 118.95 -4.98 -23.54
CA GLU A 168 118.59 -5.70 -24.74
C GLU A 168 119.91 -6.23 -25.24
N PHE A 169 119.91 -7.39 -25.81
CA PHE A 169 121.18 -7.90 -26.22
C PHE A 169 122.16 -6.80 -26.64
N LEU A 170 121.65 -5.74 -27.25
CA LEU A 170 122.52 -4.64 -27.69
C LEU A 170 123.53 -4.35 -26.58
N ASN A 171 123.05 -3.83 -25.45
CA ASN A 171 123.94 -3.52 -24.34
C ASN A 171 124.41 -4.80 -23.67
N LEU A 172 123.48 -5.67 -23.30
CA LEU A 172 123.84 -6.92 -22.64
C LEU A 172 125.04 -7.59 -23.29
N ILE A 173 124.97 -7.81 -24.60
CA ILE A 173 126.07 -8.44 -25.35
C ILE A 173 127.30 -7.54 -25.33
N LYS A 174 127.09 -6.24 -25.51
CA LYS A 174 128.19 -5.27 -25.52
C LYS A 174 128.89 -5.26 -24.16
N SER A 175 128.21 -5.77 -23.14
CA SER A 175 128.77 -5.84 -21.81
C SER A 175 129.61 -7.10 -21.70
N LEU A 176 129.10 -8.19 -22.27
CA LEU A 176 129.80 -9.48 -22.26
C LEU A 176 131.26 -9.25 -22.61
N SER A 177 131.50 -8.28 -23.49
CA SER A 177 132.84 -7.93 -23.92
C SER A 177 133.60 -7.44 -22.73
N ASP A 178 133.40 -8.20 -21.70
CA ASP A 178 134.18 -7.97 -20.56
C ASP A 178 135.55 -8.25 -21.19
N ASP A 179 135.91 -9.47 -21.45
CA ASP A 179 137.28 -9.61 -21.95
C ASP A 179 137.47 -10.61 -23.09
N SER A 180 136.39 -11.22 -23.59
CA SER A 180 136.55 -12.30 -24.55
C SER A 180 136.11 -12.07 -26.01
N ASP A 181 135.76 -10.82 -26.37
CA ASP A 181 135.32 -10.50 -27.74
C ASP A 181 136.49 -9.94 -28.54
N SER A 182 136.90 -8.74 -28.17
CA SER A 182 138.00 -8.05 -28.81
C SER A 182 139.27 -8.37 -27.99
N SER A 183 140.42 -8.36 -28.65
CA SER A 183 141.69 -8.64 -27.96
C SER A 183 142.02 -7.46 -27.04
N ASP A 184 140.99 -6.91 -26.38
CA ASP A 184 141.14 -5.78 -25.48
C ASP A 184 140.50 -5.98 -24.11
N LEU A 185 141.31 -6.44 -23.15
CA LEU A 185 140.85 -6.66 -21.79
C LEU A 185 141.13 -5.39 -20.99
N LEU A 186 140.85 -4.26 -21.64
CA LEU A 186 141.02 -2.93 -21.07
C LEU A 186 139.68 -2.29 -20.72
N PHE A 187 139.42 -2.25 -19.42
CA PHE A 187 138.20 -1.68 -18.86
C PHE A 187 138.49 -1.37 -17.39
N SER A 188 139.73 -0.97 -17.15
CA SER A 188 140.21 -0.60 -15.83
C SER A 188 139.71 0.81 -15.50
N GLN A 189 138.81 1.31 -16.34
CA GLN A 189 138.25 2.64 -16.17
C GLN A 189 136.82 2.65 -15.59
N LYS A 190 136.04 1.64 -15.95
CA LYS A 190 134.66 1.52 -15.48
C LYS A 190 134.40 0.26 -14.67
N PHE A 191 135.35 -0.68 -14.51
CA PHE A 191 134.98 -1.97 -13.83
C PHE A 191 135.91 -2.50 -12.72
N LYS A 192 136.04 -1.96 -11.53
CA LYS A 192 137.13 -2.50 -10.70
C LYS A 192 136.71 -3.12 -9.37
N GLU A 193 136.20 -2.28 -8.46
CA GLU A 193 135.77 -2.70 -7.15
C GLU A 193 134.55 -3.54 -7.20
N LYS A 194 133.86 -3.43 -8.28
CA LYS A 194 132.72 -4.27 -8.33
C LYS A 194 132.98 -5.37 -9.36
N LEU A 195 133.70 -5.08 -10.45
CA LEU A 195 133.91 -6.00 -11.59
C LEU A 195 135.33 -6.40 -11.99
N GLU A 196 136.10 -6.84 -11.00
CA GLU A 196 137.42 -7.40 -11.22
C GLU A 196 137.14 -8.87 -11.23
N LEU A 197 135.87 -9.14 -11.54
CA LEU A 197 135.27 -10.48 -11.61
C LEU A 197 135.26 -11.04 -13.04
N ASN A 198 136.44 -11.43 -13.52
CA ASN A 198 136.59 -12.06 -14.83
C ASN A 198 136.31 -13.49 -14.64
N ASN A 199 136.36 -13.89 -13.38
CA ASN A 199 136.23 -15.28 -13.07
C ASN A 199 134.84 -15.82 -13.26
N LYS A 200 133.92 -15.00 -13.60
CA LYS A 200 132.67 -15.60 -13.80
C LYS A 200 132.11 -14.99 -15.07
N SER A 201 131.92 -15.80 -16.14
CA SER A 201 131.38 -15.36 -17.42
C SER A 201 130.12 -14.51 -17.23
N ILE A 202 130.29 -13.20 -17.44
CA ILE A 202 129.21 -12.19 -17.27
C ILE A 202 128.11 -12.19 -18.35
N ASP A 203 126.91 -12.64 -17.98
CA ASP A 203 125.77 -12.68 -18.89
C ASP A 203 124.49 -12.46 -18.06
N ILE A 204 123.41 -13.14 -18.44
CA ILE A 204 122.12 -13.05 -17.70
C ILE A 204 122.29 -13.74 -16.38
N ASN A 205 123.41 -14.40 -16.30
CA ASN A 205 123.64 -15.08 -15.10
C ASN A 205 123.63 -14.06 -13.99
N PHE A 206 124.34 -12.94 -14.09
CA PHE A 206 124.35 -12.05 -12.91
C PHE A 206 124.33 -10.56 -13.22
N ILE A 207 124.18 -10.22 -14.50
CA ILE A 207 124.19 -8.79 -14.89
C ILE A 207 123.15 -7.92 -14.16
N LYS A 208 122.08 -8.55 -13.69
CA LYS A 208 121.02 -7.84 -12.98
C LYS A 208 121.51 -7.39 -11.60
N GLU A 209 122.08 -8.34 -10.84
CA GLU A 209 122.60 -8.09 -9.50
C GLU A 209 123.19 -6.69 -9.33
N ASN A 210 123.94 -6.25 -10.33
CA ASN A 210 124.58 -4.94 -10.28
C ASN A 210 124.17 -4.00 -11.41
N LEU A 211 122.90 -3.61 -11.44
CA LEU A 211 122.42 -2.70 -12.47
C LEU A 211 123.15 -1.37 -12.33
N THR A 212 123.17 -0.84 -11.11
CA THR A 212 123.83 0.43 -10.86
C THR A 212 125.28 0.39 -11.34
N GLU A 213 125.96 -0.72 -11.09
CA GLU A 213 127.35 -0.87 -11.49
C GLU A 213 127.54 -0.77 -12.99
N PHE A 214 126.64 -1.35 -13.76
CA PHE A 214 126.77 -1.27 -15.21
C PHE A 214 126.31 0.09 -15.71
N GLN A 215 126.04 1.00 -14.76
CA GLN A 215 125.64 2.36 -15.07
C GLN A 215 126.91 3.19 -14.92
N HIS A 216 127.57 3.03 -13.77
CA HIS A 216 128.82 3.74 -13.47
C HIS A 216 129.78 3.58 -14.63
N ALA A 217 129.49 2.62 -15.51
CA ALA A 217 130.35 2.35 -16.66
C ALA A 217 129.81 2.98 -17.93
N PHE A 218 128.48 3.05 -18.03
CA PHE A 218 127.86 3.66 -19.22
C PHE A 218 127.99 5.17 -19.12
N SER A 219 127.95 5.67 -17.90
CA SER A 219 128.05 7.08 -17.63
C SER A 219 129.42 7.64 -18.01
N LEU A 220 130.47 6.88 -17.76
CA LEU A 220 131.81 7.34 -18.10
C LEU A 220 131.97 7.19 -19.60
N ALA A 221 131.38 6.12 -20.12
CA ALA A 221 131.41 5.82 -21.53
C ALA A 221 130.81 7.00 -22.28
N PHE A 222 129.89 7.69 -21.62
CA PHE A 222 129.22 8.85 -22.17
C PHE A 222 130.07 10.10 -21.91
N SER A 223 130.58 10.22 -20.69
CA SER A 223 131.41 11.35 -20.28
C SER A 223 132.61 11.45 -21.19
N TYR A 224 133.19 10.29 -21.46
CA TYR A 224 134.34 10.20 -22.31
C TYR A 224 134.00 10.50 -23.77
N TYR A 225 132.84 10.06 -24.25
CA TYR A 225 132.49 10.30 -25.64
C TYR A 225 132.20 11.76 -25.92
N PHE A 226 131.86 12.51 -24.88
CA PHE A 226 131.55 13.93 -25.06
C PHE A 226 132.46 14.93 -24.34
N ALA A 227 133.28 14.44 -23.41
CA ALA A 227 134.19 15.30 -22.68
C ALA A 227 135.09 16.09 -23.66
N PRO A 228 135.02 17.44 -23.62
CA PRO A 228 135.77 18.37 -24.48
C PRO A 228 137.28 18.22 -24.48
N ASP A 229 137.77 17.09 -23.97
CA ASP A 229 139.21 16.86 -23.93
C ASP A 229 139.62 15.43 -24.28
N HIS A 230 139.20 14.46 -23.47
CA HIS A 230 139.57 13.08 -23.75
C HIS A 230 138.54 12.32 -24.54
N ARG A 231 138.74 12.37 -25.85
CA ARG A 231 137.87 11.71 -26.82
C ARG A 231 138.33 10.29 -27.12
N THR A 232 139.52 10.19 -27.73
CA THR A 232 140.10 8.91 -28.11
C THR A 232 140.44 7.98 -26.95
N VAL A 233 140.74 8.54 -25.78
CA VAL A 233 141.06 7.69 -24.63
C VAL A 233 140.15 6.47 -24.67
N LEU A 234 138.91 6.69 -25.09
CA LEU A 234 137.92 5.63 -25.22
C LEU A 234 138.30 4.75 -26.41
N GLU A 235 138.19 5.31 -27.62
CA GLU A 235 138.52 4.59 -28.84
C GLU A 235 139.85 3.85 -28.75
N LEU A 236 140.76 4.39 -27.94
CA LEU A 236 142.08 3.80 -27.76
C LEU A 236 141.99 2.59 -26.85
N TYR A 237 141.45 2.79 -25.65
CA TYR A 237 141.31 1.69 -24.70
C TYR A 237 140.16 0.76 -25.11
N ALA A 238 138.96 0.94 -24.53
CA ALA A 238 137.80 0.10 -24.86
C ALA A 238 137.38 0.38 -26.30
N PRO A 239 137.52 -0.62 -27.19
CA PRO A 239 137.16 -0.48 -28.60
C PRO A 239 135.68 -0.58 -28.89
N ASP A 240 134.92 -1.21 -28.00
CA ASP A 240 133.49 -1.33 -28.24
C ASP A 240 132.70 -0.13 -27.73
N MET A 241 132.68 0.07 -26.42
CA MET A 241 131.92 1.18 -25.88
C MET A 241 132.03 2.40 -26.79
N PHE A 242 133.16 2.58 -27.44
CA PHE A 242 133.28 3.70 -28.34
C PHE A 242 132.20 3.54 -29.40
N GLU A 243 132.40 2.61 -30.32
CA GLU A 243 131.46 2.35 -31.40
C GLU A 243 130.03 2.21 -30.92
N TYR A 244 129.86 1.99 -29.61
CA TYR A 244 128.53 1.87 -29.03
C TYR A 244 127.94 3.28 -28.97
N MET A 245 128.55 4.10 -28.12
CA MET A 245 128.14 5.49 -27.95
C MET A 245 128.07 6.12 -29.32
N ASN A 246 129.09 5.84 -30.12
CA ASN A 246 129.21 6.35 -31.46
C ASN A 246 127.95 6.07 -32.25
N LYS A 247 127.41 4.87 -32.14
CA LYS A 247 126.20 4.57 -32.88
C LYS A 247 125.02 5.25 -32.18
N LEU A 248 125.24 5.68 -30.93
CA LEU A 248 124.20 6.38 -30.19
C LEU A 248 124.14 7.78 -30.78
N GLU A 249 125.30 8.40 -30.98
CA GLU A 249 125.30 9.72 -31.59
C GLU A 249 124.75 9.60 -33.01
N LYS A 250 125.11 8.51 -33.70
CA LYS A 250 124.68 8.23 -35.08
C LYS A 250 123.17 8.13 -35.25
N GLY A 251 122.45 7.97 -34.15
CA GLY A 251 121.00 7.86 -34.22
C GLY A 251 120.40 7.21 -32.99
N GLY A 252 121.21 6.39 -32.31
CA GLY A 252 120.77 5.69 -31.12
C GLY A 252 119.96 6.54 -30.16
N PHE A 253 120.35 7.81 -30.04
CA PHE A 253 119.66 8.74 -29.17
C PHE A 253 118.34 9.19 -29.82
N GLU A 254 118.36 9.45 -31.12
CA GLU A 254 117.13 9.85 -31.78
C GLU A 254 116.15 8.71 -31.65
N LYS A 255 116.65 7.54 -31.26
CA LYS A 255 115.79 6.37 -31.07
C LYS A 255 114.93 6.60 -29.84
N ILE A 256 115.44 6.16 -28.70
CA ILE A 256 114.76 6.30 -27.42
C ILE A 256 113.97 7.61 -27.38
N SER A 257 114.58 8.67 -27.88
CA SER A 257 113.95 9.98 -27.92
C SER A 257 112.69 9.94 -28.76
N GLU A 258 112.37 8.77 -29.28
CA GLU A 258 111.20 8.57 -30.11
C GLU A 258 110.41 7.37 -29.63
N SER A 259 110.92 6.71 -28.59
CA SER A 259 110.21 5.57 -28.02
C SER A 259 109.57 6.11 -26.76
N LEU A 260 109.99 7.31 -26.38
CA LEU A 260 109.42 7.96 -25.22
C LEU A 260 108.40 8.96 -25.74
N LYS A 261 108.71 9.56 -26.90
CA LYS A 261 107.82 10.51 -27.53
C LYS A 261 106.51 9.78 -27.81
N LYS A 262 106.58 8.69 -28.58
CA LYS A 262 105.39 7.92 -28.90
C LYS A 262 104.75 7.35 -27.63
N GLU A 263 105.57 6.84 -26.71
CA GLU A 263 104.99 6.33 -25.48
C GLU A 263 104.82 7.51 -24.56
N GLY A 264 104.61 8.66 -25.16
CA GLY A 264 104.39 9.87 -24.40
C GLY A 264 102.90 10.11 -24.42
N VAL A 265 102.33 10.07 -25.62
CA VAL A 265 100.91 10.27 -25.80
C VAL A 265 100.15 9.01 -25.42
N GLU A 266 100.48 7.90 -26.07
CA GLU A 266 99.81 6.62 -25.81
C GLU A 266 99.91 6.21 -24.33
N LYS A 267 100.59 7.04 -23.56
CA LYS A 267 100.79 6.83 -22.12
C LYS A 267 99.77 7.67 -21.34
N ASP A 268 99.72 8.95 -21.68
CA ASP A 268 98.81 9.90 -21.05
C ASP A 268 97.72 10.19 -22.10
N ARG A 269 96.91 9.17 -22.40
CA ARG A 269 95.80 9.30 -23.35
C ARG A 269 94.50 9.26 -22.57
N ILE A 270 93.42 8.87 -23.24
CA ILE A 270 92.12 8.79 -22.59
C ILE A 270 91.74 7.32 -22.53
N ASP A 271 91.45 6.83 -21.34
CA ASP A 271 91.05 5.45 -21.14
C ASP A 271 89.87 5.12 -22.05
N VAL A 272 90.08 4.29 -23.02
CA VAL A 272 89.01 3.94 -23.85
C VAL A 272 89.29 2.48 -24.09
N LEU A 273 88.34 1.63 -24.21
CA LEU A 273 88.80 0.30 -24.45
C LEU A 273 88.78 0.11 -25.95
N LYS A 274 89.84 -0.39 -26.61
CA LYS A 274 89.77 -0.54 -28.06
C LYS A 274 89.82 -1.99 -28.52
N GLY A 275 89.81 -2.21 -29.84
CA GLY A 275 89.84 -3.57 -30.37
C GLY A 275 88.62 -4.41 -30.00
N GLU A 276 88.68 -5.72 -30.22
CA GLU A 276 87.52 -6.53 -29.89
C GLU A 276 87.22 -6.59 -28.39
N LYS A 277 87.73 -5.63 -27.62
CA LYS A 277 87.44 -5.61 -26.19
C LYS A 277 86.17 -4.79 -26.04
N ALA A 278 86.12 -3.68 -26.76
CA ALA A 278 84.96 -2.80 -26.74
C ALA A 278 83.89 -3.37 -27.65
N LEU A 279 84.24 -3.57 -28.92
CA LEU A 279 83.32 -4.14 -29.90
C LEU A 279 82.45 -5.22 -29.24
N LYS A 280 82.85 -5.64 -28.05
CA LYS A 280 82.10 -6.64 -27.30
C LYS A 280 80.94 -5.95 -26.60
N ALA A 281 81.25 -5.03 -25.69
CA ALA A 281 80.20 -4.31 -24.96
C ALA A 281 79.42 -3.38 -25.89
N SER A 282 80.07 -2.95 -26.97
CA SER A 282 79.43 -2.09 -27.96
C SER A 282 78.03 -2.61 -28.17
N GLY A 283 77.99 -3.76 -28.85
CA GLY A 283 76.74 -4.41 -29.16
C GLY A 283 76.63 -4.72 -30.63
N LEU A 284 77.21 -3.86 -31.46
CA LEU A 284 77.12 -4.10 -32.88
C LEU A 284 77.49 -5.53 -33.24
N VAL A 285 77.06 -5.95 -34.41
CA VAL A 285 77.36 -7.28 -34.88
C VAL A 285 78.74 -7.14 -35.49
N PRO A 286 79.72 -7.89 -34.97
CA PRO A 286 81.11 -7.89 -35.43
C PRO A 286 81.28 -7.75 -36.95
N GLU A 287 80.76 -8.72 -37.71
CA GLU A 287 80.89 -8.67 -39.17
C GLU A 287 80.41 -7.33 -39.71
N HIS A 288 79.52 -6.69 -38.95
CA HIS A 288 78.95 -5.39 -39.31
C HIS A 288 79.92 -4.28 -39.00
N ALA A 289 80.38 -4.24 -37.76
CA ALA A 289 81.33 -3.22 -37.36
C ALA A 289 82.41 -3.17 -38.43
N ASP A 290 83.08 -4.30 -38.63
CA ASP A 290 84.13 -4.42 -39.62
C ASP A 290 83.62 -3.89 -40.96
N ALA A 291 82.42 -4.32 -41.33
CA ALA A 291 81.82 -3.88 -42.58
C ALA A 291 81.84 -2.38 -42.65
N PHE A 292 81.57 -1.76 -41.50
CA PHE A 292 81.54 -0.31 -41.36
C PHE A 292 82.95 0.23 -41.50
N LYS A 293 83.89 -0.50 -40.89
CA LYS A 293 85.31 -0.16 -40.91
C LYS A 293 85.70 0.43 -42.26
N LYS A 294 85.15 -0.14 -43.33
CA LYS A 294 85.44 0.31 -44.69
C LYS A 294 84.95 1.72 -45.03
N ILE A 295 83.67 2.01 -44.77
CA ILE A 295 83.10 3.32 -45.09
C ILE A 295 83.72 4.46 -44.29
N ALA A 296 83.94 4.26 -42.99
CA ALA A 296 84.55 5.29 -42.18
C ALA A 296 85.73 5.78 -43.01
N ARG A 297 86.63 4.85 -43.31
CA ARG A 297 87.83 5.12 -44.11
C ARG A 297 87.55 5.78 -45.44
N GLU A 298 86.95 5.03 -46.36
CA GLU A 298 86.67 5.56 -47.70
C GLU A 298 86.22 7.00 -47.65
N LEU A 299 85.08 7.22 -46.99
CA LEU A 299 84.46 8.54 -46.85
C LEU A 299 85.09 9.40 -45.77
N ASN A 300 86.09 8.85 -45.08
CA ASN A 300 86.78 9.59 -44.02
C ASN A 300 85.82 10.36 -43.11
N THR A 301 85.21 9.65 -42.16
CA THR A 301 84.30 10.27 -41.21
C THR A 301 84.09 9.36 -40.01
N TYR A 302 84.05 9.94 -38.80
CA TYR A 302 83.84 9.18 -37.57
C TYR A 302 82.38 8.75 -37.39
N ILE A 303 82.16 7.50 -37.01
CA ILE A 303 80.81 7.01 -36.76
C ILE A 303 80.73 6.68 -35.28
N LEU A 304 79.67 7.10 -34.62
CA LEU A 304 79.52 6.83 -33.20
C LEU A 304 78.13 6.30 -32.93
N PHE A 305 78.07 5.15 -32.27
CA PHE A 305 76.79 4.49 -31.95
C PHE A 305 76.48 4.53 -30.44
N ARG A 306 75.21 4.40 -30.09
CA ARG A 306 74.85 4.33 -28.68
C ARG A 306 74.84 2.82 -28.44
N PRO A 307 74.60 2.39 -27.20
CA PRO A 307 74.61 0.96 -26.98
C PRO A 307 73.53 0.18 -27.67
N VAL A 308 73.97 -0.79 -28.46
CA VAL A 308 73.05 -1.68 -29.15
C VAL A 308 72.89 -2.69 -28.04
N ASN A 309 71.69 -3.23 -27.85
CA ASN A 309 71.54 -4.22 -26.79
C ASN A 309 72.07 -5.61 -27.19
N LYS A 310 72.73 -6.25 -26.23
CA LYS A 310 73.32 -7.57 -26.41
C LYS A 310 72.34 -8.62 -26.91
N LEU A 311 71.20 -8.75 -26.22
CA LEU A 311 70.19 -9.72 -26.57
C LEU A 311 69.63 -9.55 -27.97
N ALA A 312 70.26 -8.74 -28.80
CA ALA A 312 69.76 -8.54 -30.14
C ALA A 312 70.82 -8.73 -31.19
N THR A 313 72.07 -8.70 -30.77
CA THR A 313 73.20 -8.83 -31.70
C THR A 313 73.11 -10.00 -32.67
N ASN A 314 72.92 -11.20 -32.14
CA ASN A 314 72.83 -12.39 -32.96
C ASN A 314 71.57 -12.29 -33.81
N LEU A 315 70.45 -11.97 -33.15
CA LEU A 315 69.15 -11.83 -33.82
C LEU A 315 69.38 -11.03 -35.09
N ILE A 316 70.20 -10.00 -34.95
CA ILE A 316 70.53 -9.17 -36.08
C ILE A 316 71.29 -10.02 -37.11
N LYS A 317 72.48 -10.53 -36.76
CA LYS A 317 73.26 -11.36 -37.69
C LYS A 317 72.36 -12.49 -38.17
N SER A 318 71.52 -12.95 -37.26
CA SER A 318 70.57 -14.01 -37.50
C SER A 318 69.71 -13.68 -38.72
N GLY A 319 69.26 -12.44 -38.81
CA GLY A 319 68.45 -12.04 -39.95
C GLY A 319 67.22 -11.24 -39.55
N VAL A 320 67.03 -11.10 -38.24
CA VAL A 320 65.90 -10.36 -37.70
C VAL A 320 65.99 -8.89 -38.07
N ALA A 321 64.91 -8.32 -38.59
CA ALA A 321 64.95 -6.91 -38.94
C ALA A 321 65.04 -6.03 -37.68
N THR A 322 65.18 -4.73 -37.90
CA THR A 322 65.34 -3.77 -36.80
C THR A 322 64.21 -2.74 -36.63
N LYS A 323 63.96 -2.34 -35.39
CA LYS A 323 62.92 -1.36 -35.08
C LYS A 323 63.17 -0.02 -35.76
N GLY A 324 62.18 0.41 -36.53
CA GLY A 324 62.28 1.67 -37.24
C GLY A 324 61.53 2.76 -36.51
N LEU A 325 61.12 3.78 -37.25
CA LEU A 325 60.41 4.87 -36.63
C LEU A 325 58.95 4.58 -36.40
N ASN A 326 58.41 3.73 -37.26
CA ASN A 326 57.03 3.32 -37.23
C ASN A 326 56.61 2.55 -35.97
N VAL A 327 57.56 1.96 -35.25
CA VAL A 327 57.19 1.22 -34.02
C VAL A 327 57.73 1.88 -32.77
N HIS A 328 56.95 1.82 -31.69
CA HIS A 328 57.35 2.43 -30.42
C HIS A 328 57.05 1.52 -29.24
N GLY A 329 57.22 0.23 -29.45
CA GLY A 329 56.98 -0.72 -28.38
C GLY A 329 58.30 -0.87 -27.65
N LYS A 330 58.25 -1.52 -26.50
CA LYS A 330 59.47 -1.70 -25.74
C LYS A 330 59.99 -3.10 -26.00
N SER A 331 61.30 -3.19 -26.10
CA SER A 331 61.94 -4.47 -26.31
C SER A 331 61.66 -5.26 -25.04
N SER A 332 62.28 -6.42 -24.92
CA SER A 332 62.09 -7.24 -23.75
C SER A 332 63.45 -7.75 -23.34
N ASP A 333 63.62 -7.96 -22.04
CA ASP A 333 64.88 -8.45 -21.51
C ASP A 333 64.69 -9.66 -20.61
N TRP A 334 63.88 -10.61 -21.07
CA TRP A 334 63.64 -11.82 -20.30
C TRP A 334 62.69 -12.81 -21.00
N GLY A 335 62.82 -14.09 -20.66
CA GLY A 335 61.97 -15.08 -21.29
C GLY A 335 62.43 -15.24 -22.72
N PRO A 336 61.74 -16.07 -23.51
CA PRO A 336 62.12 -16.27 -24.92
C PRO A 336 62.03 -14.98 -25.71
N VAL A 337 60.85 -14.38 -25.69
CA VAL A 337 60.63 -13.13 -26.41
C VAL A 337 61.83 -12.19 -26.35
N ALA A 338 62.62 -12.32 -25.29
CA ALA A 338 63.81 -11.48 -25.09
C ALA A 338 64.49 -11.01 -26.37
N GLY A 339 64.72 -9.70 -26.48
CA GLY A 339 65.38 -9.14 -27.65
C GLY A 339 64.45 -8.91 -28.83
N TYR A 340 63.20 -9.32 -28.68
CA TYR A 340 62.18 -9.16 -29.70
C TYR A 340 61.22 -8.11 -29.13
N ILE A 341 60.38 -7.49 -29.96
CA ILE A 341 59.41 -6.51 -29.48
C ILE A 341 58.04 -7.12 -29.39
N PRO A 342 57.72 -7.75 -28.25
CA PRO A 342 56.44 -8.40 -28.03
C PRO A 342 55.21 -7.54 -28.31
N PHE A 343 54.20 -8.15 -28.92
CA PHE A 343 52.98 -7.44 -29.22
C PHE A 343 52.34 -7.17 -27.86
N ASP A 344 52.55 -8.09 -26.92
CA ASP A 344 52.01 -7.89 -25.59
C ASP A 344 53.11 -7.14 -24.85
N GLN A 345 52.79 -6.02 -24.22
CA GLN A 345 53.82 -5.28 -23.53
C GLN A 345 54.21 -5.89 -22.19
N ASP A 346 53.30 -6.65 -21.58
CA ASP A 346 53.58 -7.28 -20.28
C ASP A 346 54.60 -8.42 -20.44
N LEU A 347 55.19 -8.49 -21.63
CA LEU A 347 56.19 -9.48 -21.99
C LEU A 347 57.49 -8.80 -22.41
N SER A 348 57.68 -7.57 -21.97
CA SER A 348 58.88 -6.77 -22.27
C SER A 348 59.36 -6.09 -20.99
N LYS A 349 60.45 -5.35 -21.11
CA LYS A 349 61.05 -4.65 -19.97
C LYS A 349 60.10 -4.03 -18.95
N LYS A 350 58.89 -3.68 -19.37
CA LYS A 350 57.95 -3.05 -18.46
C LYS A 350 56.87 -3.98 -17.87
N HIS A 351 57.28 -5.21 -17.59
CA HIS A 351 56.43 -6.23 -17.00
C HIS A 351 55.95 -5.82 -15.61
N GLY A 352 54.67 -5.47 -15.51
CA GLY A 352 54.11 -5.06 -14.22
C GLY A 352 53.63 -3.62 -14.21
N GLN A 353 54.40 -2.73 -14.85
CA GLN A 353 54.07 -1.31 -14.94
C GLN A 353 52.72 -1.16 -15.61
N GLN A 354 51.65 -1.28 -14.82
CA GLN A 354 50.30 -1.19 -15.36
C GLN A 354 50.11 -0.07 -16.39
N LEU A 355 50.85 1.02 -16.27
CA LEU A 355 50.65 2.10 -17.21
C LEU A 355 51.47 2.08 -18.49
N ALA A 356 52.74 1.71 -18.40
CA ALA A 356 53.61 1.66 -19.58
C ALA A 356 53.26 0.51 -20.51
N VAL A 357 52.48 -0.43 -20.00
CA VAL A 357 52.02 -1.56 -20.79
C VAL A 357 50.69 -1.10 -21.36
N GLU A 358 49.88 -0.54 -20.47
CA GLU A 358 48.56 -0.02 -20.81
C GLU A 358 48.70 1.19 -21.72
N LYS A 359 49.93 1.50 -22.11
CA LYS A 359 50.18 2.62 -23.01
C LYS A 359 51.16 2.11 -24.04
N GLY A 360 51.76 0.96 -23.75
CA GLY A 360 52.70 0.38 -24.68
C GLY A 360 51.88 -0.23 -25.79
N ASN A 361 50.88 -1.00 -25.39
CA ASN A 361 50.00 -1.65 -26.34
C ASN A 361 49.41 -0.58 -27.25
N LEU A 362 48.79 0.43 -26.65
CA LEU A 362 48.19 1.50 -27.41
C LEU A 362 48.98 1.83 -28.67
N GLU A 363 50.30 1.80 -28.54
CA GLU A 363 51.19 2.13 -29.64
C GLU A 363 51.38 1.02 -30.67
N ASN A 364 51.60 -0.21 -30.21
CA ASN A 364 51.76 -1.35 -31.11
C ASN A 364 50.54 -1.39 -31.99
N LYS A 365 49.39 -1.50 -31.35
CA LYS A 365 48.14 -1.54 -32.07
C LYS A 365 48.17 -0.45 -33.15
N LYS A 366 48.25 0.81 -32.74
CA LYS A 366 48.29 1.90 -33.69
C LYS A 366 49.36 1.71 -34.75
N SER A 367 50.52 1.25 -34.32
CA SER A 367 51.63 1.05 -35.25
C SER A 367 51.16 0.26 -36.47
N ILE A 368 50.28 -0.72 -36.24
CA ILE A 368 49.76 -1.56 -37.32
C ILE A 368 48.59 -0.87 -37.98
N THR A 369 47.69 -0.35 -37.14
CA THR A 369 46.52 0.36 -37.63
C THR A 369 46.95 1.36 -38.69
N GLU A 370 47.73 2.35 -38.27
CA GLU A 370 48.21 3.38 -39.19
C GLU A 370 48.95 2.80 -40.39
N HIS A 371 50.19 2.42 -40.15
CA HIS A 371 51.03 1.88 -41.20
C HIS A 371 50.75 0.43 -41.50
N GLU A 372 49.51 0.09 -41.84
CA GLU A 372 49.20 -1.30 -42.13
C GLU A 372 49.99 -1.74 -43.37
N GLY A 373 50.17 -3.04 -43.54
CA GLY A 373 50.90 -3.52 -44.69
C GLY A 373 52.41 -3.56 -44.50
N GLU A 374 52.93 -2.69 -43.63
CA GLU A 374 54.37 -2.66 -43.36
C GLU A 374 54.66 -3.04 -41.92
N ILE A 375 53.72 -2.73 -41.04
CA ILE A 375 53.89 -3.05 -39.64
C ILE A 375 52.83 -4.01 -39.13
N GLY A 376 53.27 -5.20 -38.77
CA GLY A 376 52.34 -6.20 -38.26
C GLY A 376 52.92 -7.04 -37.16
N LYS A 377 52.19 -8.10 -36.85
CA LYS A 377 52.57 -9.05 -35.83
C LYS A 377 52.69 -10.44 -36.46
N ILE A 378 53.62 -11.24 -35.94
CA ILE A 378 53.81 -12.61 -36.42
C ILE A 378 54.25 -13.43 -35.23
N PRO A 379 53.88 -14.72 -35.23
CA PRO A 379 54.21 -15.66 -34.15
C PRO A 379 55.70 -15.87 -33.97
N LEU A 380 56.12 -15.82 -32.72
CA LEU A 380 57.51 -15.98 -32.33
C LEU A 380 58.09 -17.34 -32.73
N LYS A 381 59.37 -17.36 -33.12
CA LYS A 381 60.04 -18.60 -33.52
C LYS A 381 61.54 -18.56 -33.19
N LEU A 382 61.89 -19.01 -31.99
CA LEU A 382 63.28 -19.04 -31.56
C LEU A 382 63.98 -20.18 -32.29
N ASP A 383 64.80 -19.83 -33.28
CA ASP A 383 65.49 -20.85 -34.07
C ASP A 383 66.36 -21.77 -33.22
N HIS A 384 67.10 -22.66 -33.88
CA HIS A 384 67.94 -23.62 -33.18
C HIS A 384 69.02 -23.01 -32.29
N LEU A 385 69.90 -22.19 -32.87
CA LEU A 385 70.99 -21.57 -32.13
C LEU A 385 70.51 -20.68 -31.00
N ARG A 386 69.66 -19.73 -31.34
CA ARG A 386 69.11 -18.78 -30.38
C ARG A 386 68.84 -19.40 -29.01
N ILE A 387 68.40 -20.66 -29.01
CA ILE A 387 68.09 -21.36 -27.78
C ILE A 387 69.32 -21.58 -26.91
N GLU A 388 70.29 -22.32 -27.43
CA GLU A 388 71.52 -22.62 -26.69
C GLU A 388 72.19 -21.35 -26.16
N GLU A 389 71.68 -20.18 -26.56
CA GLU A 389 72.22 -18.91 -26.11
C GLU A 389 71.43 -18.32 -24.94
N LEU A 390 70.10 -18.40 -25.01
CA LEU A 390 69.30 -17.90 -23.90
C LEU A 390 69.58 -18.89 -22.77
N LYS A 391 70.42 -19.86 -23.10
CA LYS A 391 70.84 -20.89 -22.17
C LYS A 391 71.86 -20.33 -21.19
N GLU A 392 73.11 -20.27 -21.63
CA GLU A 392 74.18 -19.77 -20.79
C GLU A 392 74.02 -18.29 -20.48
N ASN A 393 73.35 -17.56 -21.36
CA ASN A 393 73.15 -16.14 -21.13
C ASN A 393 72.34 -16.03 -19.85
N GLY A 394 71.60 -17.10 -19.55
CA GLY A 394 70.78 -17.18 -18.35
C GLY A 394 69.37 -16.61 -18.46
N ILE A 395 68.67 -16.93 -19.54
CA ILE A 395 67.32 -16.40 -19.73
C ILE A 395 66.23 -17.47 -19.65
N ILE A 396 66.52 -18.65 -20.16
CA ILE A 396 65.56 -19.75 -20.14
C ILE A 396 66.27 -21.04 -19.77
N LEU A 397 65.48 -22.09 -19.52
CA LEU A 397 66.01 -23.40 -19.16
C LEU A 397 65.14 -24.48 -19.80
N LYS A 398 65.65 -25.09 -20.87
CA LYS A 398 64.95 -26.12 -21.62
C LYS A 398 64.89 -27.46 -20.90
N GLY A 399 63.71 -28.10 -20.91
CA GLY A 399 63.56 -29.38 -20.23
C GLY A 399 62.32 -30.23 -20.50
N LYS A 400 61.72 -30.73 -19.41
CA LYS A 400 60.53 -31.59 -19.45
C LYS A 400 59.67 -31.46 -20.71
N LYS A 401 59.61 -32.53 -21.49
CA LYS A 401 58.82 -32.54 -22.71
C LYS A 401 57.35 -32.76 -22.39
N GLU A 402 56.48 -32.51 -23.37
CA GLU A 402 55.03 -32.65 -23.17
C GLU A 402 54.24 -32.75 -24.47
N ILE A 403 53.07 -33.37 -24.38
CA ILE A 403 52.20 -33.53 -25.54
C ILE A 403 50.83 -32.85 -25.35
N ASP A 404 50.26 -32.32 -26.43
CA ASP A 404 48.98 -31.60 -26.31
C ASP A 404 48.24 -31.38 -27.67
N ASN A 405 47.22 -32.18 -27.93
CA ASN A 405 46.50 -32.11 -29.21
C ASN A 405 47.36 -32.87 -30.23
N GLY A 406 48.10 -33.87 -29.77
CA GLY A 406 48.90 -34.70 -30.65
C GLY A 406 50.18 -34.09 -31.20
N LYS A 407 50.66 -33.00 -30.62
CA LYS A 407 51.91 -32.40 -31.12
C LYS A 407 52.97 -32.31 -30.02
N LYS A 408 54.24 -32.41 -30.40
CA LYS A 408 55.33 -32.35 -29.43
C LYS A 408 55.67 -30.95 -28.95
N TYR A 409 55.76 -30.79 -27.63
CA TYR A 409 56.07 -29.50 -26.99
C TYR A 409 57.13 -29.59 -25.90
N TYR A 410 58.15 -28.72 -25.96
CA TYR A 410 59.19 -28.68 -24.94
C TYR A 410 58.93 -27.48 -24.03
N LEU A 411 58.49 -27.77 -22.83
CA LEU A 411 58.16 -26.77 -21.83
C LEU A 411 59.32 -25.81 -21.52
N LEU A 412 59.43 -24.70 -22.25
CA LEU A 412 60.50 -23.75 -21.97
C LEU A 412 60.24 -23.15 -20.61
N GLU A 413 61.24 -23.21 -19.75
CA GLU A 413 61.12 -22.71 -18.40
C GLU A 413 61.78 -21.34 -18.19
N SER A 414 61.45 -20.72 -17.07
CA SER A 414 61.98 -19.42 -16.66
C SER A 414 61.51 -19.18 -15.24
N ASN A 415 62.12 -18.21 -14.56
CA ASN A 415 61.72 -17.94 -13.19
C ASN A 415 60.58 -16.94 -13.12
N ASN A 416 60.34 -16.22 -14.20
CA ASN A 416 59.22 -15.27 -14.21
C ASN A 416 58.00 -16.01 -13.69
N GLN A 417 57.34 -15.43 -12.68
CA GLN A 417 56.17 -16.05 -12.05
C GLN A 417 54.82 -15.48 -12.47
N VAL A 418 54.66 -15.19 -13.75
CA VAL A 418 53.40 -14.65 -14.24
C VAL A 418 52.90 -15.39 -15.48
N TYR A 419 53.83 -16.00 -16.22
CA TYR A 419 53.48 -16.73 -17.41
C TYR A 419 54.24 -18.04 -17.50
N GLU A 420 53.77 -18.92 -18.36
CA GLU A 420 54.42 -20.20 -18.59
C GLU A 420 54.68 -20.19 -20.07
N PHE A 421 55.84 -20.68 -20.49
CA PHE A 421 56.16 -20.68 -21.89
C PHE A 421 56.46 -22.10 -22.32
N ARG A 422 56.43 -22.34 -23.62
CA ARG A 422 56.70 -23.67 -24.17
C ARG A 422 56.87 -23.52 -25.68
N ILE A 423 57.72 -24.34 -26.29
CA ILE A 423 57.93 -24.24 -27.72
C ILE A 423 57.63 -25.52 -28.51
N SER A 424 56.94 -25.34 -29.63
CA SER A 424 56.55 -26.42 -30.54
C SER A 424 57.73 -27.17 -31.13
N ASP A 425 57.45 -28.20 -31.92
CA ASP A 425 58.51 -28.99 -32.52
C ASP A 425 58.56 -28.86 -34.03
N GLU A 426 57.46 -29.18 -34.71
CA GLU A 426 57.40 -29.07 -36.16
C GLU A 426 57.94 -27.72 -36.50
N ASN A 427 57.06 -26.79 -36.30
CA ASN A 427 57.49 -25.43 -36.34
C ASN A 427 57.87 -25.22 -34.88
N ASN A 428 58.97 -24.56 -34.68
CA ASN A 428 59.37 -24.19 -33.35
C ASN A 428 58.73 -22.85 -33.07
N GLU A 429 57.45 -22.85 -32.86
CA GLU A 429 56.78 -21.64 -32.48
C GLU A 429 56.86 -21.55 -30.95
N VAL A 430 56.53 -20.43 -30.34
CA VAL A 430 56.60 -20.32 -28.90
C VAL A 430 55.22 -19.93 -28.40
N GLN A 431 54.84 -20.42 -27.24
CA GLN A 431 53.53 -20.09 -26.71
C GLN A 431 53.58 -19.87 -25.20
N TYR A 432 52.58 -19.17 -24.68
CA TYR A 432 52.49 -18.93 -23.25
C TYR A 432 51.03 -18.87 -22.80
N LYS A 433 50.84 -18.57 -21.51
CA LYS A 433 49.51 -18.45 -20.92
C LYS A 433 49.74 -18.01 -19.49
N THR A 434 48.68 -17.64 -18.79
CA THR A 434 48.84 -17.25 -17.41
C THR A 434 48.84 -18.56 -16.63
N LYS A 435 49.41 -18.55 -15.44
CA LYS A 435 49.46 -19.77 -14.64
C LYS A 435 48.21 -20.10 -13.85
N GLU A 436 48.04 -21.38 -13.55
CA GLU A 436 46.89 -21.89 -12.81
C GLU A 436 46.87 -21.37 -11.37
N GLY A 437 46.73 -20.06 -11.22
CA GLY A 437 46.69 -19.45 -9.91
C GLY A 437 47.28 -18.04 -9.88
N LYS A 438 47.13 -17.32 -10.99
CA LYS A 438 47.65 -15.97 -11.09
C LYS A 438 46.89 -15.16 -12.14
N ILE A 439 47.13 -13.85 -12.19
CA ILE A 439 46.45 -12.96 -13.15
C ILE A 439 47.37 -11.86 -13.68
N THR A 440 47.00 -11.30 -14.82
CA THR A 440 47.74 -10.22 -15.48
C THR A 440 47.52 -8.90 -14.74
N VAL A 441 48.47 -7.97 -14.87
CA VAL A 441 48.33 -6.68 -14.22
C VAL A 441 47.20 -5.91 -14.88
N LEU A 442 47.00 -6.19 -16.16
CA LEU A 442 45.93 -5.54 -16.91
C LEU A 442 44.66 -6.23 -16.44
N GLY A 443 44.83 -7.44 -15.91
CA GLY A 443 43.71 -8.20 -15.39
C GLY A 443 43.22 -9.34 -16.26
N GLU A 444 43.99 -9.68 -17.29
CA GLU A 444 43.62 -10.76 -18.20
C GLU A 444 44.12 -12.12 -17.70
N LYS A 445 43.45 -13.19 -18.12
CA LYS A 445 43.83 -14.56 -17.75
C LYS A 445 43.62 -15.46 -18.95
N PHE A 446 44.69 -15.90 -19.60
CA PHE A 446 44.52 -16.74 -20.78
C PHE A 446 45.37 -18.02 -20.81
N ASN A 447 44.90 -19.00 -21.57
CA ASN A 447 45.60 -20.27 -21.69
C ASN A 447 46.68 -20.15 -22.83
N TRP A 448 47.26 -21.27 -23.20
CA TRP A 448 48.27 -21.39 -24.25
C TRP A 448 47.85 -20.62 -25.52
N ARG A 449 48.67 -19.65 -25.91
CA ARG A 449 48.46 -18.83 -27.08
C ARG A 449 49.85 -18.56 -27.66
N ASN A 450 49.94 -18.24 -28.95
CA ASN A 450 51.25 -17.97 -29.53
C ASN A 450 51.73 -16.59 -29.15
N ILE A 451 53.04 -16.46 -29.00
CA ILE A 451 53.65 -15.18 -28.65
C ILE A 451 53.92 -14.42 -29.93
N GLU A 452 53.08 -13.43 -30.23
CA GLU A 452 53.27 -12.63 -31.43
C GLU A 452 54.26 -11.53 -31.07
N VAL A 453 55.24 -11.36 -31.93
CA VAL A 453 56.25 -10.35 -31.77
C VAL A 453 55.89 -9.32 -32.84
N MET A 454 56.48 -8.14 -32.79
CA MET A 454 56.19 -7.11 -33.78
C MET A 454 57.09 -7.31 -34.97
N ALA A 455 56.66 -6.87 -36.14
CA ALA A 455 57.46 -7.06 -37.33
C ALA A 455 57.13 -6.10 -38.45
N LYS A 456 58.15 -5.62 -39.16
CA LYS A 456 57.94 -4.71 -40.27
C LYS A 456 58.03 -5.50 -41.56
N ASN A 457 57.69 -4.85 -42.67
CA ASN A 457 57.75 -5.49 -43.97
C ASN A 457 59.14 -5.37 -44.59
N VAL A 458 59.58 -6.43 -45.24
CA VAL A 458 60.87 -6.49 -45.91
C VAL A 458 60.73 -7.39 -47.12
N GLU A 459 60.71 -6.81 -48.32
CA GLU A 459 60.54 -7.59 -49.55
C GLU A 459 59.30 -8.46 -49.47
N GLY A 460 58.15 -7.82 -49.26
CA GLY A 460 56.89 -8.53 -49.17
C GLY A 460 56.65 -9.45 -47.98
N VAL A 461 57.71 -9.78 -47.25
CA VAL A 461 57.54 -10.66 -46.12
C VAL A 461 57.79 -9.99 -44.78
N LEU A 462 56.95 -10.30 -43.81
CA LEU A 462 57.11 -9.73 -42.48
C LEU A 462 58.15 -10.49 -41.66
N LYS A 463 59.17 -9.78 -41.21
CA LYS A 463 60.20 -10.38 -40.37
C LYS A 463 60.09 -9.71 -39.01
N PRO A 464 60.35 -10.47 -37.92
CA PRO A 464 60.30 -10.02 -36.52
C PRO A 464 61.24 -8.85 -36.27
N LEU A 465 60.81 -7.92 -35.42
CA LEU A 465 61.59 -6.73 -35.12
C LEU A 465 62.44 -6.71 -33.86
N THR A 466 63.68 -6.23 -34.01
CA THR A 466 64.57 -6.12 -32.86
C THR A 466 65.32 -4.80 -32.87
N ALA A 467 66.17 -4.63 -31.87
CA ALA A 467 66.97 -3.43 -31.73
C ALA A 467 67.73 -3.10 -33.04
N ASP A 468 67.83 -1.81 -33.34
CA ASP A 468 68.53 -1.30 -34.52
C ASP A 468 69.79 -0.59 -34.04
N TYR A 469 70.60 -0.12 -35.00
CA TYR A 469 71.81 0.63 -34.64
C TYR A 469 71.49 2.12 -34.61
N ASP A 470 71.43 2.69 -33.42
CA ASP A 470 71.15 4.11 -33.24
C ASP A 470 72.44 4.89 -33.24
N LEU A 471 72.67 5.75 -34.22
CA LEU A 471 73.90 6.53 -34.27
C LEU A 471 73.91 7.68 -33.26
N PHE A 472 74.98 7.79 -32.47
CA PHE A 472 75.05 8.89 -31.52
C PHE A 472 75.53 10.09 -32.28
N ALA A 473 76.16 9.86 -33.44
CA ALA A 473 76.64 10.98 -34.25
C ALA A 473 77.48 10.55 -35.43
N LEU A 474 77.68 11.46 -36.38
CA LEU A 474 78.51 11.20 -37.57
C LEU A 474 79.46 12.37 -37.83
N ALA A 475 80.75 12.14 -37.71
CA ALA A 475 81.71 13.22 -37.93
C ALA A 475 82.42 13.07 -39.26
N PRO A 476 81.93 13.78 -40.29
CA PRO A 476 82.56 13.70 -41.60
C PRO A 476 83.68 14.68 -41.50
N SER A 477 84.66 14.60 -42.39
CA SER A 477 85.75 15.55 -42.34
C SER A 477 85.34 16.81 -43.05
N LEU A 478 85.96 17.93 -42.68
CA LEU A 478 85.59 19.16 -43.33
C LEU A 478 85.88 19.10 -44.82
N THR A 479 86.82 18.25 -45.22
CA THR A 479 87.17 18.15 -46.65
C THR A 479 86.14 17.38 -47.44
N GLU A 480 85.54 16.36 -46.80
CA GLU A 480 84.54 15.53 -47.44
C GLU A 480 83.33 16.43 -47.69
N ILE A 481 83.09 17.37 -46.80
CA ILE A 481 81.97 18.26 -46.98
C ILE A 481 82.25 19.18 -48.18
N LYS A 482 83.51 19.53 -48.39
CA LYS A 482 83.86 20.39 -49.51
C LYS A 482 83.54 19.68 -50.82
N LYS A 483 83.64 18.36 -50.76
CA LYS A 483 83.38 17.50 -51.90
C LYS A 483 81.88 17.37 -52.02
N GLN A 484 81.16 17.97 -51.08
CA GLN A 484 79.70 17.89 -51.09
C GLN A 484 79.05 19.03 -51.85
N ILE A 485 79.70 20.20 -51.85
CA ILE A 485 79.19 21.37 -52.54
C ILE A 485 79.49 21.17 -54.01
N PRO A 486 78.58 21.59 -54.89
CA PRO A 486 78.77 21.45 -56.35
C PRO A 486 79.83 22.44 -56.80
N GLN A 487 80.85 21.93 -57.48
CA GLN A 487 81.98 22.73 -57.97
C GLN A 487 81.71 24.11 -58.54
N LYS A 488 80.49 24.34 -59.02
CA LYS A 488 80.16 25.65 -59.62
C LYS A 488 79.64 26.69 -58.64
N GLU A 489 78.90 26.24 -57.63
CA GLU A 489 78.39 27.16 -56.63
C GLU A 489 79.55 27.67 -55.80
N TRP A 490 80.33 26.75 -55.26
CA TRP A 490 81.48 27.11 -54.44
C TRP A 490 82.50 27.84 -55.25
N ASP A 491 82.35 27.81 -56.58
CA ASP A 491 83.26 28.52 -57.46
C ASP A 491 82.65 29.92 -57.58
N LYS A 492 81.36 29.97 -57.88
CA LYS A 492 80.70 31.25 -58.02
C LYS A 492 80.73 32.08 -56.74
N VAL A 493 81.39 31.62 -55.70
CA VAL A 493 81.41 32.41 -54.48
C VAL A 493 82.73 33.04 -54.10
N VAL A 494 83.83 32.35 -54.38
CA VAL A 494 85.15 32.86 -54.03
C VAL A 494 85.62 33.97 -54.98
N ASN A 495 84.82 34.27 -56.00
CA ASN A 495 85.18 35.33 -56.95
C ASN A 495 84.70 36.68 -56.42
N THR A 496 83.82 36.61 -55.45
CA THR A 496 83.28 37.81 -54.82
C THR A 496 84.46 38.67 -54.37
N PRO A 497 84.47 39.97 -54.73
CA PRO A 497 85.55 40.87 -54.36
C PRO A 497 85.58 41.13 -52.85
N ASN A 498 84.42 41.50 -52.33
CA ASN A 498 84.24 41.78 -50.91
C ASN A 498 84.74 40.61 -50.05
N SER A 499 85.85 40.83 -49.35
CA SER A 499 86.40 39.80 -48.51
C SER A 499 85.37 39.41 -47.46
N LEU A 500 84.83 40.40 -46.75
CA LEU A 500 83.84 40.09 -45.72
C LEU A 500 82.70 39.27 -46.33
N GLU A 501 82.35 39.59 -47.57
CA GLU A 501 81.30 38.88 -48.30
C GLU A 501 81.72 37.44 -48.58
N LYS A 502 83.00 37.27 -48.91
CA LYS A 502 83.54 35.95 -49.22
C LYS A 502 83.50 35.04 -47.99
N GLN A 503 83.63 35.61 -46.80
CA GLN A 503 83.58 34.79 -45.60
C GLN A 503 82.16 34.31 -45.40
N LYS A 504 81.23 35.26 -45.38
CA LYS A 504 79.82 34.95 -45.19
C LYS A 504 79.48 33.92 -46.24
N GLY A 505 79.50 34.33 -47.50
CA GLY A 505 79.20 33.41 -48.60
C GLY A 505 79.66 31.98 -48.36
N VAL A 506 80.91 31.82 -47.92
CA VAL A 506 81.45 30.49 -47.66
C VAL A 506 80.74 29.79 -46.52
N THR A 507 80.64 30.47 -45.38
CA THR A 507 80.01 29.92 -44.20
C THR A 507 78.64 29.33 -44.56
N ASN A 508 77.77 30.15 -45.15
CA ASN A 508 76.45 29.67 -45.56
C ASN A 508 76.59 28.43 -46.43
N LEU A 509 77.71 28.32 -47.14
CA LEU A 509 77.89 27.14 -47.95
C LEU A 509 78.09 25.95 -47.02
N LEU A 510 79.10 26.03 -46.16
CA LEU A 510 79.41 24.99 -45.17
C LEU A 510 78.13 24.61 -44.41
N ILE A 511 77.40 25.63 -44.00
CA ILE A 511 76.12 25.48 -43.30
C ILE A 511 75.21 24.67 -44.20
N LYS A 512 74.87 25.28 -45.34
CA LYS A 512 74.01 24.72 -46.36
C LYS A 512 74.33 23.27 -46.68
N TYR A 513 75.45 23.04 -47.33
CA TYR A 513 75.84 21.68 -47.72
C TYR A 513 76.34 20.72 -46.66
N GLY A 514 76.38 21.12 -45.39
CA GLY A 514 76.88 20.18 -44.41
C GLY A 514 76.43 20.28 -42.96
N ILE A 515 75.78 21.39 -42.60
CA ILE A 515 75.30 21.57 -41.22
C ILE A 515 73.78 21.50 -41.12
N GLU A 516 73.11 21.99 -42.15
CA GLU A 516 71.67 22.01 -42.14
C GLU A 516 71.05 20.63 -42.13
N ARG A 517 70.09 20.47 -41.23
CA ARG A 517 69.34 19.23 -41.06
C ARG A 517 67.86 19.56 -41.21
N LYS A 518 67.18 18.84 -42.11
CA LYS A 518 65.75 19.02 -42.35
C LYS A 518 65.07 17.70 -42.04
N PRO A 519 63.74 17.65 -42.05
CA PRO A 519 63.11 16.38 -41.75
C PRO A 519 63.14 15.52 -43.01
N ASP A 520 62.68 14.29 -42.90
CA ASP A 520 62.73 13.40 -44.04
C ASP A 520 61.64 12.35 -43.95
N SER A 521 60.96 12.14 -45.08
CA SER A 521 59.86 11.19 -45.19
C SER A 521 59.98 9.98 -44.29
N THR A 522 61.07 9.25 -44.46
CA THR A 522 61.32 8.03 -43.73
C THR A 522 62.31 8.07 -42.57
N LYS A 523 63.56 8.40 -42.88
CA LYS A 523 64.64 8.41 -41.90
C LYS A 523 64.69 9.49 -40.83
N GLY A 524 63.53 9.95 -40.37
CA GLY A 524 63.51 10.97 -39.34
C GLY A 524 64.19 12.27 -39.74
N THR A 525 64.72 13.01 -38.77
CA THR A 525 65.39 14.28 -39.06
C THR A 525 66.90 14.14 -39.20
N LEU A 526 67.42 14.42 -40.38
CA LEU A 526 68.87 14.31 -40.56
C LEU A 526 69.37 15.11 -41.70
N SER A 527 70.69 15.15 -41.83
CA SER A 527 71.29 15.91 -42.90
C SER A 527 71.23 15.11 -44.18
N ASN A 528 71.44 15.77 -45.31
CA ASN A 528 71.44 15.09 -46.59
C ASN A 528 72.69 14.22 -46.68
N TRP A 529 73.85 14.84 -46.51
CA TRP A 529 75.07 14.07 -46.57
C TRP A 529 74.91 12.98 -45.55
N GLN A 530 74.20 13.29 -44.46
CA GLN A 530 73.97 12.29 -43.43
C GLN A 530 73.17 11.11 -43.98
N LYS A 531 72.18 11.40 -44.81
CA LYS A 531 71.37 10.35 -45.39
C LYS A 531 72.21 9.48 -46.27
N GLN A 532 72.96 10.10 -47.17
CA GLN A 532 73.78 9.29 -48.06
C GLN A 532 74.72 8.46 -47.20
N MET A 533 75.20 9.04 -46.11
CA MET A 533 76.06 8.30 -45.21
C MET A 533 75.28 7.13 -44.63
N LEU A 534 73.98 7.32 -44.44
CA LEU A 534 73.15 6.27 -43.86
C LEU A 534 73.05 5.08 -44.77
N ASP A 535 72.69 5.32 -46.03
CA ASP A 535 72.59 4.23 -46.96
C ASP A 535 73.91 3.48 -47.05
N ARG A 536 74.98 4.17 -47.46
CA ARG A 536 76.29 3.54 -47.57
C ARG A 536 76.57 2.62 -46.41
N LEU A 537 75.99 2.92 -45.25
CA LEU A 537 76.19 2.06 -44.10
C LEU A 537 75.38 0.79 -44.32
N ASN A 538 74.09 0.96 -44.61
CA ASN A 538 73.24 -0.20 -44.84
C ASN A 538 73.73 -1.05 -45.99
N GLU A 539 73.72 -0.50 -47.21
CA GLU A 539 74.19 -1.25 -48.37
C GLU A 539 75.47 -1.98 -47.99
N ALA A 540 76.22 -1.40 -47.06
CA ALA A 540 77.45 -2.01 -46.63
C ALA A 540 77.16 -3.32 -45.92
N VAL A 541 76.36 -3.31 -44.86
CA VAL A 541 76.08 -4.56 -44.15
C VAL A 541 75.13 -5.44 -44.93
N LYS A 542 74.70 -4.97 -46.09
CA LYS A 542 73.79 -5.76 -46.92
C LYS A 542 74.62 -6.76 -47.70
N TYR A 543 75.81 -6.33 -48.13
CA TYR A 543 76.70 -7.20 -48.89
C TYR A 543 77.45 -8.08 -47.90
N THR A 544 77.42 -7.70 -46.63
CA THR A 544 78.08 -8.48 -45.61
C THR A 544 77.22 -9.71 -45.36
N GLY A 545 76.14 -9.84 -46.11
CA GLY A 545 75.29 -11.02 -45.94
C GLY A 545 74.04 -10.92 -45.07
N TYR A 546 73.55 -9.71 -44.87
CA TYR A 546 72.34 -9.49 -44.08
C TYR A 546 71.15 -9.75 -44.99
N THR A 547 69.98 -9.99 -44.40
CA THR A 547 68.79 -10.27 -45.18
C THR A 547 67.53 -9.75 -44.52
N GLY A 548 67.71 -8.92 -43.49
CA GLY A 548 66.56 -8.37 -42.78
C GLY A 548 66.28 -6.90 -43.07
N GLY A 549 66.89 -6.36 -44.13
CA GLY A 549 66.66 -4.97 -44.48
C GLY A 549 67.83 -4.09 -44.08
N ASP A 550 67.52 -2.92 -43.51
CA ASP A 550 68.53 -1.95 -43.06
C ASP A 550 68.84 -2.17 -41.60
N VAL A 551 69.87 -1.51 -41.11
CA VAL A 551 70.21 -1.67 -39.71
C VAL A 551 70.38 -0.31 -39.06
N VAL A 552 70.30 0.74 -39.88
CA VAL A 552 70.37 2.12 -39.44
C VAL A 552 69.13 2.74 -40.09
N ASN A 553 68.08 2.92 -39.30
CA ASN A 553 66.84 3.44 -39.83
C ASN A 553 66.54 4.92 -39.77
N HIS A 554 67.17 5.61 -38.82
CA HIS A 554 66.96 7.06 -38.66
C HIS A 554 68.25 7.84 -38.46
N GLY A 555 68.11 9.14 -38.28
CA GLY A 555 69.24 10.03 -38.07
C GLY A 555 69.99 9.93 -36.75
N THR A 556 71.00 10.77 -36.61
CA THR A 556 71.84 10.79 -35.43
C THR A 556 71.20 11.36 -34.18
N GLU A 557 71.24 10.60 -33.09
CA GLU A 557 70.71 11.02 -31.81
C GLU A 557 70.99 12.48 -31.41
N GLN A 558 71.84 13.15 -32.17
CA GLN A 558 72.18 14.54 -31.92
C GLN A 558 71.15 15.44 -32.57
N ASP A 559 69.99 14.87 -32.83
CA ASP A 559 68.86 15.61 -33.41
C ASP A 559 67.60 15.19 -32.69
N ASN A 560 67.81 14.30 -31.71
CA ASN A 560 66.76 13.79 -30.85
C ASN A 560 66.59 14.92 -29.86
N GLU A 561 66.16 16.07 -30.38
CA GLU A 561 65.95 17.27 -29.58
C GLU A 561 64.84 17.08 -28.54
N GLU A 562 63.74 16.47 -28.97
CA GLU A 562 62.59 16.21 -28.10
C GLU A 562 62.90 15.34 -26.86
N PHE A 563 63.24 14.07 -27.08
CA PHE A 563 63.50 13.13 -26.00
C PHE A 563 64.95 12.66 -25.92
N PRO A 564 65.90 13.59 -25.90
CA PRO A 564 67.31 13.21 -25.83
C PRO A 564 67.68 12.24 -24.72
N GLU A 565 68.45 11.22 -25.07
CA GLU A 565 68.92 10.22 -24.11
C GLU A 565 70.43 10.41 -23.88
N LYS A 566 70.85 10.19 -22.64
CA LYS A 566 72.24 10.33 -22.25
C LYS A 566 72.90 8.99 -21.95
N ASP A 567 73.65 8.44 -22.90
CA ASP A 567 74.31 7.18 -22.65
C ASP A 567 75.73 7.40 -22.16
N ASN A 568 76.18 6.53 -21.26
CA ASN A 568 77.54 6.62 -20.75
C ASN A 568 78.48 6.14 -21.84
N GLU A 569 78.55 4.83 -22.01
CA GLU A 569 79.41 4.21 -23.02
C GLU A 569 78.97 4.54 -24.45
N ILE A 570 79.93 4.88 -25.31
CA ILE A 570 79.64 5.20 -26.69
C ILE A 570 80.72 4.58 -27.59
N PHE A 571 80.31 3.62 -28.42
CA PHE A 571 81.21 2.94 -29.35
C PHE A 571 81.50 3.89 -30.50
N ILE A 572 82.74 3.89 -30.98
CA ILE A 572 83.11 4.76 -32.08
C ILE A 572 83.92 3.97 -33.09
N ILE A 573 84.02 4.48 -34.30
CA ILE A 573 84.75 3.83 -35.37
C ILE A 573 85.44 4.97 -36.08
N ASN A 574 86.68 5.23 -35.69
CA ASN A 574 87.44 6.35 -36.27
C ASN A 574 87.66 6.27 -37.76
N PRO A 575 88.26 7.30 -38.32
CA PRO A 575 88.53 7.31 -39.75
C PRO A 575 89.58 6.27 -40.17
N GLU A 576 90.53 5.99 -39.27
CA GLU A 576 91.59 4.99 -39.54
C GLU A 576 90.98 3.59 -39.56
N GLY A 577 89.97 3.36 -38.71
CA GLY A 577 89.32 2.06 -38.68
C GLY A 577 89.47 1.30 -37.38
N GLU A 578 89.87 1.99 -36.31
CA GLU A 578 90.04 1.37 -35.00
C GLU A 578 88.66 1.33 -34.32
N PHE A 579 88.55 0.74 -33.14
CA PHE A 579 87.28 0.73 -32.42
C PHE A 579 87.53 1.31 -31.04
N ILE A 580 86.70 2.26 -30.64
CA ILE A 580 86.86 2.91 -29.34
C ILE A 580 85.52 3.04 -28.64
N LEU A 581 85.54 2.87 -27.34
CA LEU A 581 84.31 2.95 -26.58
C LEU A 581 84.48 3.78 -25.33
N THR A 582 84.14 5.05 -25.38
CA THR A 582 84.25 5.88 -24.19
C THR A 582 83.54 5.18 -23.03
N LYS A 583 83.70 5.71 -21.82
CA LYS A 583 83.05 5.11 -20.65
C LYS A 583 82.17 6.15 -19.98
N ASN A 584 82.44 7.42 -20.26
CA ASN A 584 81.68 8.50 -19.63
C ASN A 584 81.07 9.53 -20.55
N TRP A 585 80.04 10.19 -20.04
CA TRP A 585 79.37 11.23 -20.80
C TRP A 585 80.43 12.28 -20.94
N GLU A 586 81.35 12.28 -19.99
CA GLU A 586 82.45 13.22 -19.97
C GLU A 586 83.46 12.78 -21.01
N MET A 587 84.07 11.63 -20.75
CA MET A 587 85.06 11.10 -21.67
C MET A 587 84.66 11.38 -23.11
N THR A 588 83.43 11.02 -23.46
CA THR A 588 82.95 11.23 -24.80
C THR A 588 83.08 12.67 -25.21
N GLY A 589 82.53 13.53 -24.37
CA GLY A 589 82.57 14.96 -24.66
C GLY A 589 84.00 15.44 -24.74
N ARG A 590 84.90 14.58 -24.27
CA ARG A 590 86.34 14.85 -24.25
C ARG A 590 87.03 14.17 -25.42
N PHE A 591 86.78 12.88 -25.62
CA PHE A 591 87.41 12.18 -26.72
C PHE A 591 87.03 12.88 -28.00
N ILE A 592 85.93 13.61 -27.95
CA ILE A 592 85.45 14.32 -29.13
C ILE A 592 86.07 15.71 -29.28
N GLU A 593 86.40 16.37 -28.17
CA GLU A 593 87.04 17.68 -28.24
C GLU A 593 88.40 17.41 -28.88
N LYS A 594 89.04 16.35 -28.39
CA LYS A 594 90.36 15.97 -28.82
C LYS A 594 90.52 15.41 -30.23
N ASN A 595 89.55 14.67 -30.72
CA ASN A 595 89.75 14.13 -32.05
C ASN A 595 88.79 14.64 -33.09
N ILE A 596 87.51 14.69 -32.76
CA ILE A 596 86.53 15.16 -33.71
C ILE A 596 86.46 16.68 -33.78
N THR A 597 86.20 17.33 -32.65
CA THR A 597 86.10 18.79 -32.59
C THR A 597 87.31 19.52 -33.18
N GLY A 598 88.36 19.66 -32.36
CA GLY A 598 89.55 20.39 -32.75
C GLY A 598 90.51 19.60 -33.66
N LYS A 599 89.99 18.99 -34.75
CA LYS A 599 90.85 18.22 -35.69
C LYS A 599 90.37 18.15 -37.15
N ASP A 600 89.86 19.29 -37.62
CA ASP A 600 89.36 19.45 -38.97
C ASP A 600 88.15 18.59 -39.34
N TYR A 601 87.48 18.04 -38.34
CA TYR A 601 86.29 17.26 -38.60
C TYR A 601 85.08 18.11 -38.21
N LEU A 602 83.97 17.92 -38.91
CA LEU A 602 82.77 18.68 -38.63
C LEU A 602 81.79 17.94 -37.74
N TYR A 603 81.56 18.48 -36.56
CA TYR A 603 80.62 17.90 -35.61
C TYR A 603 79.77 19.00 -35.03
N TYR A 604 78.53 18.66 -34.67
CA TYR A 604 77.60 19.62 -34.07
C TYR A 604 76.88 18.83 -32.98
N PHE A 605 76.54 19.48 -31.89
CA PHE A 605 75.89 18.76 -30.80
C PHE A 605 74.45 19.17 -30.57
N ASN A 606 73.69 18.22 -30.01
CA ASN A 606 72.26 18.36 -29.75
C ASN A 606 71.76 19.71 -29.30
N ARG A 607 70.92 20.30 -30.13
CA ARG A 607 70.38 21.62 -29.83
C ARG A 607 69.72 21.69 -28.47
N SER A 608 69.49 20.55 -27.82
CA SER A 608 68.83 20.59 -26.52
C SER A 608 69.76 20.45 -25.35
N TYR A 609 71.06 20.39 -25.61
CA TYR A 609 72.00 20.27 -24.53
C TYR A 609 72.14 21.62 -23.81
N ASN A 610 72.23 21.53 -22.50
CA ASN A 610 72.35 22.70 -21.64
C ASN A 610 71.04 23.48 -21.65
N LYS A 611 69.96 22.74 -21.83
CA LYS A 611 68.61 23.29 -21.82
C LYS A 611 67.74 22.13 -21.37
N ILE A 612 66.49 22.40 -21.09
CA ILE A 612 65.59 21.34 -20.65
C ILE A 612 64.84 20.85 -21.87
N ALA A 613 64.96 19.57 -22.12
CA ALA A 613 64.34 18.96 -23.28
C ALA A 613 62.82 18.80 -23.13
N PRO A 614 62.05 19.62 -23.85
CA PRO A 614 60.59 19.57 -23.81
C PRO A 614 60.04 18.17 -23.54
N GLY A 615 60.16 17.32 -24.55
CA GLY A 615 59.65 15.97 -24.44
C GLY A 615 59.74 15.27 -23.10
N ASN A 616 60.97 15.01 -22.66
CA ASN A 616 61.19 14.31 -21.41
C ASN A 616 61.68 15.24 -20.32
N LYS A 617 61.60 16.55 -20.59
CA LYS A 617 62.01 17.54 -19.61
C LYS A 617 63.37 17.14 -18.97
N ALA A 618 64.33 16.80 -19.81
CA ALA A 618 65.67 16.40 -19.35
C ALA A 618 66.78 17.40 -19.62
N TYR A 619 67.74 17.42 -18.70
CA TYR A 619 68.86 18.34 -18.76
C TYR A 619 70.15 17.54 -18.95
N ILE A 620 70.70 17.62 -20.16
CA ILE A 620 71.95 16.93 -20.48
C ILE A 620 72.99 18.00 -20.81
N GLU A 621 74.04 18.08 -19.99
CA GLU A 621 75.13 19.06 -20.14
C GLU A 621 76.21 18.67 -21.17
N TRP A 622 76.73 19.68 -21.87
CA TRP A 622 77.77 19.48 -22.89
C TRP A 622 78.57 20.77 -22.98
N THR A 623 79.89 20.68 -22.85
CA THR A 623 80.73 21.88 -22.91
C THR A 623 80.51 22.67 -24.19
N ASP A 624 79.97 23.87 -24.05
CA ASP A 624 79.70 24.72 -25.20
C ASP A 624 80.65 25.89 -25.13
N PRO A 625 81.51 26.05 -26.13
CA PRO A 625 82.47 27.14 -26.16
C PRO A 625 81.83 28.51 -26.02
N ILE A 626 80.91 28.83 -26.92
CA ILE A 626 80.27 30.14 -26.87
C ILE A 626 79.90 30.57 -25.46
N THR A 627 79.20 29.71 -24.76
CA THR A 627 78.78 29.99 -23.41
C THR A 627 79.95 30.19 -22.43
N LYS A 628 81.09 29.59 -22.77
CA LYS A 628 82.32 29.66 -21.97
C LYS A 628 82.94 31.05 -22.02
N ALA A 629 82.30 31.97 -22.75
CA ALA A 629 82.81 33.32 -22.91
C ALA A 629 81.72 34.35 -22.75
N LYS A 630 80.58 33.93 -22.27
CA LYS A 630 79.48 34.86 -22.06
C LYS A 630 79.94 35.74 -20.90
N ILE A 631 80.58 35.10 -19.91
CA ILE A 631 81.09 35.73 -18.71
C ILE A 631 81.76 37.06 -18.96
N ASN A 632 82.39 37.21 -20.11
CA ASN A 632 83.09 38.45 -20.42
C ASN A 632 82.54 39.10 -21.66
N THR A 633 81.21 39.28 -21.73
CA THR A 633 80.58 39.91 -22.90
C THR A 633 79.43 40.86 -22.62
N ILE A 634 79.47 42.04 -23.22
CA ILE A 634 78.39 42.97 -23.00
C ILE A 634 77.13 42.51 -23.75
N PRO A 635 76.16 41.92 -23.03
CA PRO A 635 74.92 41.43 -23.65
C PRO A 635 74.47 42.26 -24.81
N THR A 636 73.59 41.68 -25.61
CA THR A 636 73.06 42.32 -26.80
C THR A 636 71.76 43.06 -26.52
N SER A 637 71.41 44.01 -27.36
CA SER A 637 70.16 44.72 -27.13
C SER A 637 69.11 43.67 -26.92
N ALA A 638 68.93 42.86 -27.95
CA ALA A 638 67.94 41.79 -27.98
C ALA A 638 68.14 40.65 -26.97
N GLU A 639 69.37 40.37 -26.60
CA GLU A 639 69.55 39.31 -25.62
C GLU A 639 69.06 39.85 -24.30
N PHE A 640 69.16 41.18 -24.16
CA PHE A 640 68.76 41.85 -22.95
C PHE A 640 67.25 41.85 -22.87
N ILE A 641 66.59 42.44 -23.86
CA ILE A 641 65.16 42.47 -23.87
C ILE A 641 64.63 41.06 -23.61
N LYS A 642 65.16 40.08 -24.32
CA LYS A 642 64.73 38.70 -24.16
C LYS A 642 64.72 38.28 -22.68
N ASN A 643 65.80 38.58 -21.98
CA ASN A 643 65.96 38.24 -20.56
C ASN A 643 64.85 38.83 -19.70
N LEU A 644 64.50 40.09 -19.97
CA LEU A 644 63.45 40.75 -19.22
C LEU A 644 62.17 39.97 -19.48
N SER A 645 61.84 39.81 -20.75
CA SER A 645 60.66 39.06 -21.16
C SER A 645 60.54 37.83 -20.26
N SER A 646 61.59 37.02 -20.27
CA SER A 646 61.64 35.81 -19.46
C SER A 646 61.15 36.02 -18.05
N ILE A 647 61.85 36.84 -17.29
CA ILE A 647 61.51 37.13 -15.89
C ILE A 647 60.07 37.64 -15.71
N ARG A 648 59.62 38.40 -16.67
CA ARG A 648 58.25 38.87 -16.63
C ARG A 648 57.31 37.65 -16.58
N ARG A 649 57.60 36.59 -17.34
CA ARG A 649 56.69 35.45 -17.32
C ARG A 649 56.70 34.70 -15.97
N SER A 650 57.68 35.02 -15.05
CA SER A 650 57.97 34.27 -13.76
C SER A 650 57.72 35.01 -12.43
N SER A 651 58.52 36.00 -12.10
CA SER A 651 57.91 36.82 -11.09
C SER A 651 56.87 37.35 -12.11
N ASN A 652 55.61 37.52 -11.76
CA ASN A 652 54.68 38.04 -12.74
C ASN A 652 54.66 39.57 -12.56
N VAL A 653 55.85 40.18 -12.66
CA VAL A 653 56.04 41.59 -12.38
C VAL A 653 57.16 42.01 -13.33
N GLY A 654 56.87 42.99 -14.20
CA GLY A 654 57.87 43.46 -15.15
C GLY A 654 58.80 44.51 -14.61
N VAL A 655 59.95 44.69 -15.26
CA VAL A 655 60.94 45.67 -14.83
C VAL A 655 60.26 46.96 -14.49
N TYR A 656 59.12 47.22 -15.14
CA TYR A 656 58.40 48.44 -14.89
C TYR A 656 56.92 48.17 -15.09
N LYS A 657 56.09 48.63 -14.17
CA LYS A 657 54.67 48.38 -14.28
C LYS A 657 53.98 49.40 -15.18
N ASP A 658 52.83 49.01 -15.72
CA ASP A 658 52.04 49.91 -16.56
C ASP A 658 51.15 50.67 -15.60
N SER A 659 51.71 51.72 -14.99
CA SER A 659 50.95 52.53 -14.03
C SER A 659 51.18 54.01 -14.32
N GLY A 660 50.79 54.85 -13.37
CA GLY A 660 50.96 56.28 -13.56
C GLY A 660 52.11 56.86 -12.79
N ASP A 661 52.72 56.05 -11.93
CA ASP A 661 53.83 56.50 -11.10
C ASP A 661 54.95 57.03 -11.97
N LYS A 662 55.32 58.30 -11.80
CA LYS A 662 56.39 58.87 -12.59
C LYS A 662 57.73 58.27 -12.17
N ASP A 663 57.68 57.29 -11.29
CA ASP A 663 58.88 56.61 -10.83
C ASP A 663 59.09 55.40 -11.70
N GLU A 664 57.98 54.79 -12.12
CA GLU A 664 57.98 53.61 -12.97
C GLU A 664 58.56 53.97 -14.33
N PHE A 665 57.86 54.83 -15.04
CA PHE A 665 58.29 55.31 -16.34
C PHE A 665 59.80 55.62 -16.29
N ALA A 666 60.25 56.25 -15.21
CA ALA A 666 61.66 56.55 -15.07
C ALA A 666 62.42 55.27 -15.29
N LYS A 667 61.99 54.21 -14.61
CA LYS A 667 62.63 52.93 -14.76
C LYS A 667 62.46 52.51 -16.20
N LYS A 668 61.27 52.66 -16.74
CA LYS A 668 61.08 52.30 -18.14
C LYS A 668 62.15 53.03 -18.95
N GLU A 669 61.96 54.34 -19.14
CA GLU A 669 62.88 55.17 -19.91
C GLU A 669 64.31 54.71 -19.70
N SER A 670 64.62 54.26 -18.50
CA SER A 670 65.97 53.86 -18.22
C SER A 670 66.41 52.53 -18.79
N VAL A 671 65.50 51.59 -18.99
CA VAL A 671 65.92 50.31 -19.58
C VAL A 671 66.04 50.59 -21.07
N LYS A 672 65.09 51.34 -21.61
CA LYS A 672 65.15 51.68 -23.01
C LYS A 672 66.52 52.30 -23.20
N LYS A 673 66.95 53.06 -22.19
CA LYS A 673 68.27 53.71 -22.24
C LYS A 673 69.42 52.70 -22.35
N ILE A 674 69.30 51.56 -21.68
CA ILE A 674 70.34 50.53 -21.75
C ILE A 674 70.18 49.78 -23.07
N ALA A 675 68.93 49.54 -23.44
CA ALA A 675 68.62 48.85 -24.66
C ALA A 675 69.17 49.65 -25.80
N GLY A 676 69.60 50.85 -25.48
CA GLY A 676 70.17 51.71 -26.50
C GLY A 676 71.67 51.49 -26.55
N TYR A 677 72.33 51.85 -25.46
CA TYR A 677 73.77 51.67 -25.36
C TYR A 677 74.12 50.27 -25.82
N LEU A 678 73.58 49.28 -25.13
CA LEU A 678 73.85 47.89 -25.46
C LEU A 678 73.94 47.60 -26.94
N SER A 679 73.03 48.12 -27.75
CA SER A 679 73.13 47.84 -29.17
C SER A 679 74.14 48.78 -29.79
N ASP A 680 74.29 49.97 -29.24
CA ASP A 680 75.25 50.95 -29.76
C ASP A 680 76.64 50.33 -29.71
N TYR A 681 76.86 49.45 -28.74
CA TYR A 681 78.12 48.77 -28.57
C TYR A 681 78.38 48.00 -29.85
N TYR A 682 77.45 47.12 -30.20
CA TYR A 682 77.56 46.32 -31.41
C TYR A 682 77.02 47.03 -32.66
N ASN A 683 77.69 48.12 -33.03
CA ASN A 683 77.31 48.86 -34.24
C ASN A 683 78.27 48.38 -35.31
N SER A 684 77.74 47.97 -36.45
CA SER A 684 78.57 47.45 -37.55
C SER A 684 79.44 48.51 -38.24
N ALA A 685 79.15 49.79 -38.04
CA ALA A 685 79.95 50.85 -38.64
C ALA A 685 81.25 51.04 -37.87
N ASN A 686 81.60 50.10 -37.01
CA ASN A 686 82.84 50.19 -36.27
C ASN A 686 83.99 49.82 -37.18
N HIS A 687 83.69 49.50 -38.44
CA HIS A 687 84.74 49.09 -39.36
C HIS A 687 85.60 50.25 -39.83
N ILE A 688 85.01 51.43 -39.90
CA ILE A 688 85.74 52.60 -40.35
C ILE A 688 86.70 53.15 -39.31
N PHE A 689 86.89 52.45 -38.21
CA PHE A 689 87.82 52.93 -37.18
C PHE A 689 88.96 51.96 -37.02
N SER A 690 90.01 52.42 -36.35
CA SER A 690 91.20 51.59 -36.13
C SER A 690 91.14 50.82 -34.80
N GLN A 691 91.63 49.59 -34.79
CA GLN A 691 91.63 48.78 -33.58
C GLN A 691 91.69 49.61 -32.29
N GLU A 692 92.77 50.35 -32.10
CA GLU A 692 92.93 51.18 -30.91
C GLU A 692 91.58 51.79 -30.51
N LYS A 693 91.04 52.61 -31.41
CA LYS A 693 89.76 53.26 -31.22
C LYS A 693 88.67 52.28 -30.80
N LYS A 694 88.41 51.31 -31.69
CA LYS A 694 87.41 50.30 -31.43
C LYS A 694 87.32 50.03 -29.93
N ARG A 695 88.38 49.47 -29.35
CA ARG A 695 88.40 49.16 -27.92
C ARG A 695 87.98 50.37 -27.09
N LYS A 696 88.52 51.53 -27.44
CA LYS A 696 88.20 52.74 -26.73
C LYS A 696 86.72 53.08 -26.90
N ILE A 697 86.38 53.56 -28.09
CA ILE A 697 85.00 53.93 -28.41
C ILE A 697 83.95 52.96 -27.86
N SER A 698 84.37 51.73 -27.60
CA SER A 698 83.49 50.71 -27.07
C SER A 698 83.64 50.60 -25.55
N ILE A 699 84.87 50.52 -25.05
CA ILE A 699 85.07 50.45 -23.61
C ILE A 699 84.20 51.53 -22.98
N PHE A 700 83.94 52.59 -23.75
CA PHE A 700 83.10 53.66 -23.26
C PHE A 700 81.66 53.26 -23.43
N ARG A 701 81.28 52.99 -24.69
CA ARG A 701 79.94 52.57 -25.05
C ARG A 701 79.41 51.68 -23.95
N GLY A 702 80.20 50.66 -23.65
CA GLY A 702 79.85 49.70 -22.62
C GLY A 702 79.73 50.38 -21.28
N ILE A 703 80.71 51.23 -20.98
CA ILE A 703 80.74 51.95 -19.70
C ILE A 703 79.46 52.73 -19.44
N GLN A 704 78.96 53.38 -20.48
CA GLN A 704 77.74 54.15 -20.40
C GLN A 704 76.64 53.21 -19.95
N ALA A 705 76.64 52.02 -20.54
CA ALA A 705 75.67 51.01 -20.20
C ALA A 705 75.73 50.71 -18.70
N TYR A 706 76.91 50.33 -18.23
CA TYR A 706 77.12 50.03 -16.80
C TYR A 706 76.49 51.15 -15.99
N ASN A 707 76.75 52.38 -16.42
CA ASN A 707 76.18 53.51 -15.71
C ASN A 707 74.68 53.29 -15.48
N GLU A 708 73.86 53.62 -16.48
CA GLU A 708 72.41 53.45 -16.36
C GLU A 708 71.95 52.21 -15.64
N ILE A 709 72.69 51.11 -15.76
CA ILE A 709 72.31 49.92 -15.03
C ILE A 709 72.37 50.42 -13.58
N GLU A 710 73.59 50.71 -13.12
CA GLU A 710 73.87 51.24 -11.78
C GLU A 710 72.73 52.12 -11.33
N ASN A 711 72.36 53.07 -12.18
CA ASN A 711 71.27 53.97 -11.91
C ASN A 711 70.05 53.21 -11.43
N VAL A 712 69.34 52.60 -12.36
CA VAL A 712 68.15 51.83 -12.03
C VAL A 712 68.30 51.04 -10.73
N LEU A 713 69.32 50.19 -10.69
CA LEU A 713 69.62 49.34 -9.54
C LEU A 713 69.65 50.10 -8.21
N LYS A 714 69.71 51.41 -8.32
CA LYS A 714 69.68 52.34 -7.20
C LYS A 714 68.44 53.21 -7.48
N SER A 715 67.29 52.56 -7.61
CA SER A 715 66.07 53.28 -7.91
C SER A 715 64.92 52.89 -6.98
N LYS A 716 63.70 53.03 -7.46
CA LYS A 716 62.57 52.60 -6.65
C LYS A 716 62.53 51.09 -6.60
N GLN A 717 61.45 50.54 -6.08
CA GLN A 717 61.33 49.11 -5.93
C GLN A 717 61.31 48.34 -7.23
N ILE A 718 62.41 47.61 -7.43
CA ILE A 718 62.60 46.77 -8.60
C ILE A 718 62.71 45.38 -8.01
N ALA A 719 61.71 44.56 -8.29
CA ALA A 719 61.68 43.21 -7.78
C ALA A 719 63.07 42.65 -7.61
N PRO A 720 63.32 41.97 -6.50
CA PRO A 720 64.62 41.37 -6.21
C PRO A 720 65.02 40.26 -7.20
N GLU A 721 64.18 40.03 -8.20
CA GLU A 721 64.49 39.01 -9.20
C GLU A 721 65.29 39.67 -10.31
N TYR A 722 65.03 40.97 -10.52
CA TYR A 722 65.73 41.76 -11.51
C TYR A 722 66.96 42.32 -10.84
N LYS A 723 66.78 42.71 -9.59
CA LYS A 723 67.85 43.25 -8.78
C LYS A 723 69.06 42.38 -9.08
N ASN A 724 68.84 41.07 -9.04
CA ASN A 724 69.89 40.08 -9.29
C ASN A 724 70.33 40.08 -10.77
N TYR A 725 69.41 39.85 -11.70
CA TYR A 725 69.77 39.84 -13.13
C TYR A 725 70.64 41.05 -13.39
N PHE A 726 70.08 42.24 -13.16
CA PHE A 726 70.84 43.46 -13.35
C PHE A 726 72.21 43.37 -12.67
N GLN A 727 72.28 42.70 -11.53
CA GLN A 727 73.55 42.57 -10.84
C GLN A 727 74.48 41.74 -11.72
N TYR A 728 73.94 40.67 -12.27
CA TYR A 728 74.68 39.77 -13.14
C TYR A 728 75.18 40.52 -14.38
N LEU A 729 74.32 41.36 -14.95
CA LEU A 729 74.71 42.14 -16.12
C LEU A 729 75.95 42.97 -15.81
N LYS A 730 76.04 43.48 -14.59
CA LYS A 730 77.19 44.29 -14.23
C LYS A 730 78.46 43.47 -14.37
N GLU A 731 78.60 42.44 -13.55
CA GLU A 731 79.79 41.61 -13.61
C GLU A 731 80.24 41.47 -15.06
N ARG A 732 79.29 41.25 -15.96
CA ARG A 732 79.60 41.10 -17.37
C ARG A 732 80.27 42.36 -17.92
N ILE A 733 79.47 43.40 -18.14
CA ILE A 733 79.96 44.67 -18.65
C ILE A 733 81.32 44.94 -18.08
N THR A 734 81.44 44.79 -16.77
CA THR A 734 82.71 44.97 -16.12
C THR A 734 83.70 44.09 -16.87
N ASN A 735 83.60 42.77 -16.67
CA ASN A 735 84.48 41.80 -17.31
C ASN A 735 84.87 42.14 -18.73
N GLN A 736 83.88 42.44 -19.57
CA GLN A 736 84.09 42.78 -21.00
C GLN A 736 84.95 44.01 -21.17
N VAL A 737 84.77 44.98 -20.29
CA VAL A 737 85.55 46.19 -20.35
C VAL A 737 86.96 45.94 -19.85
N GLN A 738 87.12 45.02 -18.91
CA GLN A 738 88.45 44.72 -18.41
C GLN A 738 89.23 44.03 -19.52
N LEU A 739 88.54 43.21 -20.32
CA LEU A 739 89.16 42.50 -21.43
C LEU A 739 89.59 43.50 -22.50
N LEU A 740 88.75 44.49 -22.73
CA LEU A 740 89.06 45.52 -23.70
C LEU A 740 90.15 46.44 -23.21
N LEU A 741 90.64 46.16 -22.00
CA LEU A 741 91.72 46.93 -21.43
C LEU A 741 93.00 46.12 -21.56
N THR A 742 93.00 44.89 -21.08
CA THR A 742 94.20 44.06 -21.22
C THR A 742 94.59 43.85 -22.66
N HIS A 743 93.96 44.54 -23.55
CA HIS A 743 94.48 44.34 -24.86
C HIS A 743 95.37 45.54 -25.19
N GLN A 744 95.22 46.60 -24.39
CA GLN A 744 95.82 47.91 -24.67
C GLN A 744 96.88 48.44 -23.69
N LYS A 745 96.42 48.97 -22.58
CA LYS A 745 97.33 49.35 -21.55
C LYS A 745 97.03 48.38 -20.37
N SER A 746 97.93 48.27 -19.39
CA SER A 746 97.76 47.24 -18.37
C SER A 746 97.48 47.56 -16.93
N ASN A 747 97.69 48.74 -16.38
CA ASN A 747 97.50 48.84 -14.93
C ASN A 747 96.09 49.27 -14.53
N ILE A 748 95.56 50.01 -15.47
CA ILE A 748 94.25 50.57 -15.41
C ILE A 748 93.22 49.52 -15.01
N GLU A 749 92.45 49.79 -13.96
CA GLU A 749 91.42 48.86 -13.52
C GLU A 749 90.04 49.46 -13.76
N PHE A 750 89.03 48.61 -13.89
CA PHE A 750 87.68 49.10 -14.13
C PHE A 750 87.23 49.97 -12.98
N LYS A 751 86.89 49.33 -11.86
CA LYS A 751 86.42 50.00 -10.64
C LYS A 751 86.95 51.43 -10.54
N LEU A 752 88.23 51.61 -10.84
CA LEU A 752 88.88 52.91 -10.80
C LEU A 752 88.46 53.81 -11.96
N LEU A 753 88.86 53.43 -13.17
CA LEU A 753 88.55 54.18 -14.39
C LEU A 753 87.15 54.76 -14.31
N TYR A 754 86.24 53.94 -13.81
CA TYR A 754 84.85 54.35 -13.68
C TYR A 754 84.73 55.46 -12.64
N LYS A 755 85.24 55.20 -11.44
CA LYS A 755 85.22 56.17 -10.36
C LYS A 755 85.57 57.56 -10.91
N GLN A 756 86.66 57.61 -11.67
CA GLN A 756 87.19 58.84 -12.26
C GLN A 756 86.35 59.61 -13.29
N LEU A 757 85.10 59.21 -13.54
CA LEU A 757 84.28 59.94 -14.50
C LEU A 757 83.24 60.79 -13.80
N ASN A 758 82.44 61.49 -14.59
CA ASN A 758 81.38 62.35 -14.08
C ASN A 758 80.18 62.28 -15.03
N PHE A 759 79.20 61.43 -14.72
CA PHE A 759 78.01 61.29 -15.57
C PHE A 759 76.85 62.12 -15.04
N THR A 760 77.17 63.29 -14.47
CA THR A 760 76.17 64.19 -13.91
C THR A 760 75.27 64.85 -14.94
N GLU A 761 75.76 65.90 -15.59
CA GLU A 761 74.98 66.61 -16.58
C GLU A 761 75.56 66.50 -17.98
N ASN A 762 76.87 66.64 -18.08
CA ASN A 762 77.54 66.57 -19.38
C ASN A 762 78.43 65.35 -19.59
N GLU A 763 78.34 64.82 -20.85
CA GLU A 763 79.07 63.67 -21.40
C GLU A 763 80.12 64.17 -22.37
N THR A 764 80.15 65.47 -22.50
CA THR A 764 81.09 66.13 -23.37
C THR A 764 82.56 65.74 -23.20
N ASP A 765 83.24 66.47 -22.33
CA ASP A 765 84.64 66.21 -22.03
C ASP A 765 84.81 64.89 -21.28
N ASN A 766 83.71 64.39 -20.72
CA ASN A 766 83.74 63.13 -19.99
C ASN A 766 84.49 62.11 -20.80
N PHE A 767 84.22 62.13 -22.10
CA PHE A 767 84.85 61.21 -23.02
C PHE A 767 86.32 61.59 -23.25
N GLU A 768 86.56 62.87 -23.50
CA GLU A 768 87.94 63.35 -23.72
C GLU A 768 88.72 62.95 -22.49
N VAL A 769 88.08 63.15 -21.34
CA VAL A 769 88.69 62.80 -20.07
C VAL A 769 89.14 61.37 -20.23
N PHE A 770 88.16 60.52 -20.49
CA PHE A 770 88.39 59.10 -20.66
C PHE A 770 89.63 58.79 -21.50
N GLN A 771 89.89 59.59 -22.53
CA GLN A 771 91.07 59.32 -23.36
C GLN A 771 92.29 59.44 -22.47
N LYS A 772 92.52 60.64 -21.95
CA LYS A 772 93.67 60.84 -21.09
C LYS A 772 93.67 59.79 -20.00
N ILE A 773 92.49 59.43 -19.52
CA ILE A 773 92.39 58.42 -18.48
C ILE A 773 93.13 57.17 -18.96
N ILE A 774 93.53 57.17 -20.23
CA ILE A 774 94.28 56.06 -20.78
C ILE A 774 95.60 56.55 -21.42
N ASP A 775 96.65 56.62 -20.59
CA ASP A 775 97.99 57.04 -20.98
C ASP A 775 99.06 56.24 -20.25
N ASN B 41 75.20 40.56 51.65
CA ASN B 41 73.92 40.39 52.42
C ASN B 41 74.18 40.34 53.94
N ASN B 42 75.03 41.23 54.43
CA ASN B 42 75.38 41.28 55.85
C ASN B 42 75.90 39.95 56.37
N LEU B 43 77.11 39.63 55.94
CA LEU B 43 77.82 38.41 56.29
C LEU B 43 78.10 38.23 57.78
N VAL B 44 78.44 39.31 58.44
CA VAL B 44 78.75 39.23 59.85
C VAL B 44 77.49 39.24 60.70
N LYS B 45 77.51 38.44 61.76
CA LYS B 45 76.39 38.35 62.67
C LYS B 45 76.93 38.26 64.09
N THR B 46 76.61 39.27 64.90
CA THR B 46 77.03 39.33 66.30
C THR B 46 75.79 39.00 67.14
N GLU B 47 75.79 37.83 67.76
CA GLU B 47 74.63 37.42 68.54
C GLU B 47 74.51 38.14 69.87
N PHE B 48 75.65 38.53 70.44
CA PHE B 48 75.56 39.22 71.73
C PHE B 48 76.39 40.50 71.83
N THR B 49 75.68 41.61 72.10
CA THR B 49 76.28 42.93 72.28
C THR B 49 76.61 43.07 73.77
N ASN B 50 76.90 41.91 74.38
CA ASN B 50 77.24 41.79 75.79
C ASN B 50 78.53 42.52 76.14
N GLU B 51 79.65 41.81 76.05
CA GLU B 51 80.95 42.37 76.35
C GLU B 51 81.06 43.80 75.81
N THR B 52 82.01 44.56 76.35
CA THR B 52 82.16 45.93 75.90
C THR B 52 82.83 46.03 74.55
N LEU B 53 83.41 47.20 74.32
CA LEU B 53 84.12 47.50 73.11
C LEU B 53 85.35 46.63 73.05
N ASP B 54 85.31 45.46 73.66
CA ASP B 54 86.48 44.61 73.58
C ASP B 54 86.16 43.32 72.83
N LYS B 55 84.91 42.87 72.91
CA LYS B 55 84.58 41.68 72.14
C LYS B 55 84.52 42.27 70.76
N ILE B 56 83.83 43.41 70.68
CA ILE B 56 83.66 44.13 69.45
C ILE B 56 85.02 44.55 68.86
N GLN B 57 85.76 45.38 69.58
CA GLN B 57 87.07 45.84 69.11
C GLN B 57 88.00 44.66 68.88
N GLN B 58 87.47 43.44 69.04
CA GLN B 58 88.25 42.22 68.88
C GLN B 58 87.72 41.43 67.69
N THR B 59 86.41 41.42 67.53
CA THR B 59 85.82 40.73 66.41
C THR B 59 86.23 41.56 65.20
N GLN B 60 86.15 42.87 65.34
CA GLN B 60 86.55 43.77 64.26
C GLN B 60 88.00 43.48 63.91
N ASP B 61 88.93 43.86 64.78
CA ASP B 61 90.34 43.62 64.52
C ASP B 61 90.56 42.32 63.75
N LEU B 62 89.69 41.35 63.95
CA LEU B 62 89.83 40.09 63.24
C LEU B 62 89.48 40.28 61.77
N LEU B 63 88.21 40.52 61.50
CA LEU B 63 87.72 40.71 60.15
C LEU B 63 88.43 41.75 59.30
N LYS B 64 88.83 42.88 59.87
CA LYS B 64 89.47 43.90 59.05
C LYS B 64 90.81 43.45 58.49
N LYS B 65 91.29 42.30 58.95
CA LYS B 65 92.55 41.78 58.46
C LYS B 65 92.35 40.81 57.30
N ILE B 66 91.10 40.44 57.05
CA ILE B 66 90.77 39.53 55.94
C ILE B 66 90.40 40.46 54.79
N PRO B 67 90.83 40.14 53.56
CA PRO B 67 90.52 41.02 52.42
C PRO B 67 89.03 41.19 52.15
N LYS B 68 88.62 42.45 52.03
CA LYS B 68 87.23 42.78 51.80
C LYS B 68 86.59 41.87 50.77
N ASP B 69 87.40 41.07 50.09
CA ASP B 69 86.89 40.17 49.07
C ASP B 69 86.74 38.73 49.56
N VAL B 70 87.77 38.21 50.22
CA VAL B 70 87.70 36.86 50.73
C VAL B 70 86.31 36.71 51.32
N LEU B 71 85.77 37.84 51.77
CA LEU B 71 84.43 37.89 52.35
C LEU B 71 83.39 37.92 51.22
N GLU B 72 83.47 38.94 50.38
CA GLU B 72 82.55 39.09 49.25
C GLU B 72 82.46 37.79 48.47
N ILE B 73 83.34 36.85 48.80
CA ILE B 73 83.36 35.54 48.14
C ILE B 73 82.53 34.66 49.04
N TYR B 74 82.84 34.75 50.32
CA TYR B 74 82.16 33.99 51.32
C TYR B 74 80.69 34.38 51.33
N SER B 75 80.41 35.65 51.11
CA SER B 75 79.03 36.10 51.12
C SER B 75 78.27 35.49 49.95
N GLU B 76 78.69 35.80 48.74
CA GLU B 76 78.05 35.26 47.55
C GLU B 76 77.90 33.74 47.68
N LEU B 77 78.87 33.12 48.36
CA LEU B 77 78.84 31.68 48.55
C LEU B 77 77.75 31.35 49.57
N GLY B 78 76.91 32.34 49.86
CA GLY B 78 75.82 32.16 50.81
C GLY B 78 76.28 31.94 52.24
N GLY B 79 77.57 32.14 52.50
CA GLY B 79 78.09 31.96 53.85
C GLY B 79 77.73 33.12 54.75
N GLU B 80 77.80 32.89 56.06
CA GLU B 80 77.48 33.92 57.05
C GLU B 80 78.44 33.65 58.23
N ILE B 81 79.07 34.70 58.78
CA ILE B 81 79.99 34.46 59.88
C ILE B 81 79.26 34.73 61.18
N TYR B 82 79.41 33.81 62.13
CA TYR B 82 78.75 33.95 63.42
C TYR B 82 79.62 34.34 64.59
N PHE B 83 79.40 35.56 65.05
CA PHE B 83 80.13 36.10 66.19
C PHE B 83 79.18 36.22 67.35
N THR B 84 79.05 35.11 68.05
CA THR B 84 78.14 35.14 69.15
C THR B 84 78.92 35.52 70.41
N ASP B 85 78.32 35.21 71.56
CA ASP B 85 78.94 35.41 72.86
C ASP B 85 79.66 34.09 73.12
N ILE B 86 79.83 33.74 74.38
CA ILE B 86 80.44 32.49 74.73
C ILE B 86 79.43 31.40 74.55
N ASP B 87 79.75 30.50 73.68
CA ASP B 87 79.00 29.35 73.34
C ASP B 87 80.13 28.46 72.91
N LEU B 88 80.69 27.74 73.83
CA LEU B 88 81.81 26.97 73.39
C LEU B 88 81.36 25.76 72.58
N VAL B 89 80.69 24.89 73.35
CA VAL B 89 80.20 23.64 72.83
C VAL B 89 78.98 23.76 71.90
N GLU B 90 78.46 22.63 71.52
CA GLU B 90 77.29 22.60 70.64
C GLU B 90 76.11 23.30 71.29
N HIS B 91 76.22 24.59 71.54
CA HIS B 91 75.13 25.34 72.16
C HIS B 91 74.64 26.41 71.20
N LYS B 92 75.46 26.71 70.20
CA LYS B 92 75.08 27.72 69.22
C LYS B 92 73.84 27.27 68.49
N GLU B 93 72.92 28.22 68.28
CA GLU B 93 71.67 27.94 67.60
C GLU B 93 71.85 27.28 66.24
N LEU B 94 73.09 26.92 65.93
CA LEU B 94 73.38 26.27 64.66
C LEU B 94 74.35 25.11 64.85
N GLN B 95 74.82 24.91 66.07
CA GLN B 95 75.77 23.83 66.36
C GLN B 95 75.11 22.48 66.70
N ASP B 96 73.93 22.24 66.13
CA ASP B 96 73.20 20.99 66.34
C ASP B 96 73.58 19.97 65.27
N LEU B 97 72.67 19.05 64.99
CA LEU B 97 72.91 18.03 63.98
C LEU B 97 72.46 18.52 62.60
N SER B 98 73.34 18.36 61.61
CA SER B 98 73.07 18.75 60.23
C SER B 98 74.11 18.16 59.27
N GLU B 99 75.37 18.50 59.53
CA GLU B 99 76.50 18.05 58.73
C GLU B 99 77.77 18.27 59.57
N GLU B 100 77.84 17.61 60.72
CA GLU B 100 78.95 17.77 61.65
C GLU B 100 80.23 16.97 61.36
N GLU B 101 80.81 16.39 62.41
CA GLU B 101 82.02 15.59 62.36
C GLU B 101 81.76 14.19 61.80
N LYS B 102 82.49 13.82 60.76
CA LYS B 102 82.37 12.51 60.14
C LYS B 102 83.75 11.83 60.00
N ASN B 103 84.72 12.53 59.41
CA ASN B 103 86.09 12.02 59.21
C ASN B 103 87.16 12.97 59.82
N SER B 104 88.30 12.47 60.32
CA SER B 104 89.16 13.33 61.13
C SER B 104 90.20 14.32 60.59
N MET B 105 90.22 14.72 59.34
CA MET B 105 91.23 15.71 58.95
C MET B 105 90.72 17.08 59.45
N ASN B 106 91.36 17.64 60.51
CA ASN B 106 90.76 18.75 61.30
C ASN B 106 91.36 20.13 61.68
N SER B 107 92.62 20.27 61.78
CA SER B 107 93.07 21.62 62.04
C SER B 107 94.40 21.69 61.36
N ARG B 108 95.29 22.50 61.90
CA ARG B 108 96.62 22.62 61.36
C ARG B 108 97.45 21.42 61.81
N GLY B 109 96.84 20.26 61.77
CA GLY B 109 97.31 18.94 62.15
C GLY B 109 95.98 18.33 62.48
N GLU B 110 95.78 17.05 62.53
CA GLU B 110 94.38 16.74 62.87
C GLU B 110 94.24 16.55 64.42
N LYS B 111 93.08 16.63 65.01
CA LYS B 111 92.92 16.46 66.45
C LYS B 111 91.44 16.42 66.54
N VAL B 112 90.76 15.50 67.06
CA VAL B 112 89.42 15.91 66.82
C VAL B 112 88.73 16.14 68.11
N PRO B 113 89.13 17.21 68.83
CA PRO B 113 88.65 17.29 70.21
C PRO B 113 87.60 18.40 70.36
N PHE B 114 86.56 18.32 69.54
CA PHE B 114 85.45 19.30 69.51
C PHE B 114 85.23 20.12 70.77
N ALA B 115 85.33 19.49 71.96
CA ALA B 115 85.15 20.20 73.21
C ALA B 115 86.21 21.29 73.36
N SER B 116 87.24 21.22 72.53
CA SER B 116 88.33 22.18 72.56
C SER B 116 88.49 22.98 71.24
N ARG B 117 87.44 23.73 70.89
CA ARG B 117 87.44 24.57 69.70
C ARG B 117 86.62 25.84 69.94
N PHE B 118 86.90 26.86 69.14
CA PHE B 118 86.23 28.16 69.24
C PHE B 118 85.80 28.70 67.90
N VAL B 119 86.18 27.98 66.85
CA VAL B 119 85.86 28.37 65.49
C VAL B 119 85.31 27.17 64.73
N PHE B 120 84.18 27.36 64.04
CA PHE B 120 83.63 26.26 63.27
C PHE B 120 82.88 26.61 62.01
N GLU B 121 82.98 25.70 61.05
CA GLU B 121 82.36 25.81 59.73
C GLU B 121 81.35 24.69 59.47
N LYS B 122 80.12 25.07 59.16
CA LYS B 122 79.04 24.12 58.87
C LYS B 122 79.13 23.82 57.37
N LYS B 123 80.02 22.90 57.04
CA LYS B 123 80.33 22.55 55.66
C LYS B 123 79.27 22.45 54.55
N ARG B 124 78.10 21.80 54.79
CA ARG B 124 77.33 21.44 53.59
C ARG B 124 76.55 22.40 52.69
N GLU B 125 75.66 23.25 52.95
CA GLU B 125 75.27 23.76 51.64
C GLU B 125 75.86 25.14 51.50
N THR B 126 75.37 25.87 52.45
CA THR B 126 75.76 27.19 52.69
C THR B 126 76.81 27.04 53.80
N PRO B 127 77.93 27.83 53.72
CA PRO B 127 78.95 27.86 54.77
C PRO B 127 78.56 28.78 55.93
N LYS B 128 78.75 28.26 57.13
CA LYS B 128 78.43 29.02 58.32
C LYS B 128 79.64 29.10 59.24
N LEU B 129 80.29 30.26 59.21
CA LEU B 129 81.46 30.46 60.05
C LEU B 129 80.90 30.83 61.41
N ILE B 130 81.29 30.07 62.44
CA ILE B 130 80.83 30.34 63.80
C ILE B 130 82.02 30.52 64.73
N ILE B 131 82.14 31.73 65.29
CA ILE B 131 83.25 32.05 66.19
C ILE B 131 82.79 32.73 67.48
N ASN B 132 83.54 32.48 68.55
CA ASN B 132 83.26 33.02 69.87
C ASN B 132 84.55 33.62 70.40
N ILE B 133 84.40 34.45 71.37
CA ILE B 133 85.58 35.08 72.01
C ILE B 133 85.36 35.20 73.54
N LYS B 134 86.41 34.92 74.38
CA LYS B 134 86.31 34.83 75.90
C LYS B 134 86.85 36.02 76.71
N ASP B 135 88.12 36.20 76.93
CA ASP B 135 88.39 37.48 77.54
C ASP B 135 89.33 38.17 76.58
N TYR B 136 90.20 39.04 77.04
CA TYR B 136 91.06 39.85 76.13
C TYR B 136 92.24 39.17 75.30
N ALA B 137 92.27 37.95 74.68
CA ALA B 137 93.66 37.65 74.08
C ALA B 137 93.92 36.70 72.85
N ILE B 138 94.46 37.30 71.79
CA ILE B 138 94.68 36.65 70.49
C ILE B 138 95.96 37.16 69.88
N ASN B 139 96.41 38.32 70.44
CA ASN B 139 97.62 39.03 69.95
C ASN B 139 98.96 38.64 70.57
N SER B 140 98.96 37.95 71.72
CA SER B 140 100.21 37.51 72.36
C SER B 140 100.68 36.23 71.66
N GLU B 141 99.88 35.18 71.77
CA GLU B 141 100.17 33.91 71.12
C GLU B 141 99.15 33.84 69.97
N GLN B 142 99.53 34.42 68.83
CA GLN B 142 98.68 34.49 67.65
C GLN B 142 98.37 33.12 67.08
N SER B 143 99.20 32.14 67.42
CA SER B 143 98.99 30.78 66.93
C SER B 143 97.56 30.34 67.18
N LYS B 144 96.80 31.16 67.92
CA LYS B 144 95.41 30.87 68.22
C LYS B 144 94.46 31.47 67.18
N GLU B 145 94.90 32.52 66.51
CA GLU B 145 94.08 33.14 65.49
C GLU B 145 94.33 32.48 64.14
N VAL B 146 95.56 31.99 63.94
CA VAL B 146 95.94 31.33 62.69
C VAL B 146 94.88 30.30 62.33
N TYR B 147 94.03 29.99 63.30
CA TYR B 147 92.96 29.05 63.07
C TYR B 147 91.72 29.74 62.56
N TYR B 148 91.24 30.74 63.28
CA TYR B 148 90.07 31.41 62.79
C TYR B 148 90.36 31.86 61.35
N GLU B 149 91.62 31.79 60.95
CA GLU B 149 91.99 32.18 59.60
C GLU B 149 91.93 30.98 58.66
N ILE B 150 92.57 29.87 59.03
CA ILE B 150 92.49 28.69 58.17
C ILE B 150 91.11 28.10 58.35
N GLY B 151 90.72 27.91 59.60
CA GLY B 151 89.41 27.35 59.93
C GLY B 151 88.46 27.86 58.88
N LYS B 152 88.75 29.04 58.38
CA LYS B 152 87.95 29.66 57.34
C LYS B 152 88.29 28.95 56.05
N GLY B 153 89.44 29.30 55.49
CA GLY B 153 89.91 28.71 54.24
C GLY B 153 89.08 27.59 53.65
N ILE B 154 88.77 26.58 54.47
CA ILE B 154 87.95 25.45 54.04
C ILE B 154 86.55 25.97 53.66
N SER B 155 86.42 27.28 53.66
CA SER B 155 85.23 27.94 53.29
C SER B 155 85.39 28.24 51.82
N LEU B 156 86.65 28.38 51.42
CA LEU B 156 86.86 28.73 50.03
C LEU B 156 87.89 27.90 49.25
N ASP B 157 88.56 27.04 49.88
CA ASP B 157 89.48 26.20 49.12
C ASP B 157 88.69 25.46 48.02
N ILE B 158 88.07 24.40 48.51
CA ILE B 158 87.31 23.46 47.72
C ILE B 158 86.38 24.12 46.71
N ILE B 159 86.08 25.40 46.95
CA ILE B 159 85.21 26.15 46.07
C ILE B 159 85.99 27.37 45.62
N SER B 160 87.22 27.50 46.12
CA SER B 160 88.07 28.63 45.80
C SER B 160 88.50 28.61 44.35
N LYS B 161 89.70 28.10 44.11
CA LYS B 161 90.27 27.98 42.78
C LYS B 161 90.82 26.58 42.75
N ASP B 162 91.21 26.13 43.95
CA ASP B 162 91.71 24.80 44.11
C ASP B 162 90.83 23.82 43.33
N LYS B 163 89.49 23.98 43.40
CA LYS B 163 88.52 23.08 42.68
C LYS B 163 87.28 23.84 42.05
N SER B 164 87.12 25.20 42.36
CA SER B 164 85.97 26.16 42.05
C SER B 164 85.68 26.40 40.58
N LEU B 165 86.60 26.87 39.72
CA LEU B 165 86.29 26.64 38.32
C LEU B 165 86.89 25.24 38.40
N ASP B 166 87.50 24.59 37.47
CA ASP B 166 87.98 23.31 38.04
C ASP B 166 89.47 23.48 38.39
N PRO B 167 90.15 22.45 38.94
CA PRO B 167 91.56 22.68 39.13
C PRO B 167 92.02 23.36 37.88
N GLU B 168 92.67 24.44 37.92
CA GLU B 168 93.00 24.84 36.61
C GLU B 168 94.49 24.85 36.62
N PHE B 169 95.09 24.64 35.49
CA PHE B 169 96.52 24.60 35.52
C PHE B 169 97.09 25.62 36.55
N LEU B 170 96.43 26.76 36.73
CA LEU B 170 96.91 27.76 37.69
C LEU B 170 97.33 27.03 38.97
N ASN B 171 96.38 26.50 39.71
CA ASN B 171 96.70 25.79 40.94
C ASN B 171 97.39 24.48 40.63
N LEU B 172 96.79 23.68 39.76
CA LEU B 172 97.37 22.39 39.39
C LEU B 172 98.88 22.47 39.19
N ILE B 173 99.31 23.38 38.32
CA ILE B 173 100.73 23.57 38.03
C ILE B 173 101.46 24.07 39.27
N LYS B 174 100.84 25.02 39.97
CA LYS B 174 101.42 25.59 41.19
C LYS B 174 101.61 24.51 42.25
N SER B 175 100.90 23.40 42.09
CA SER B 175 101.00 22.29 43.01
C SER B 175 102.18 21.43 42.60
N LEU B 176 102.33 21.23 41.29
CA LEU B 176 103.42 20.42 40.74
C LEU B 176 104.72 20.81 41.43
N SER B 177 104.84 22.09 41.77
CA SER B 177 106.03 22.60 42.46
C SER B 177 106.07 21.97 43.79
N ASP B 178 105.90 20.67 43.72
CA ASP B 178 106.09 19.92 44.90
C ASP B 178 107.57 20.21 45.21
N ASP B 179 108.48 19.79 44.33
CA ASP B 179 109.91 19.96 44.56
C ASP B 179 110.81 20.14 43.29
N SER B 180 110.24 20.38 42.11
CA SER B 180 111.10 20.42 40.91
C SER B 180 111.07 21.71 40.06
N ASP B 181 110.40 22.75 40.57
CA ASP B 181 110.33 24.05 39.87
C ASP B 181 111.38 25.00 40.42
N SER B 182 111.16 25.42 41.65
CA SER B 182 112.05 26.33 42.35
C SER B 182 113.02 25.47 43.17
N SER B 183 114.23 25.97 43.40
CA SER B 183 115.23 25.24 44.19
C SER B 183 114.79 25.22 45.66
N ASP B 184 113.48 25.05 45.87
CA ASP B 184 112.90 25.01 47.21
C ASP B 184 111.99 23.80 47.46
N LEU B 185 112.56 22.76 48.04
CA LEU B 185 111.83 21.54 48.37
C LEU B 185 111.34 21.67 49.80
N LEU B 186 110.87 22.89 50.12
CA LEU B 186 110.34 23.24 51.43
C LEU B 186 108.81 23.37 51.40
N PHE B 187 108.16 22.36 51.99
CA PHE B 187 106.72 22.28 52.08
C PHE B 187 106.39 21.30 53.20
N SER B 188 107.25 21.33 54.22
CA SER B 188 107.12 20.49 55.40
C SER B 188 106.04 21.10 56.29
N GLN B 189 105.33 22.09 55.77
CA GLN B 189 104.28 22.76 56.52
C GLN B 189 102.87 22.34 56.12
N LYS B 190 102.65 22.00 54.84
CA LYS B 190 101.35 21.58 54.33
C LYS B 190 101.34 20.17 53.74
N PHE B 191 102.49 19.47 53.64
CA PHE B 191 102.43 18.15 52.92
C PHE B 191 103.10 16.93 53.57
N LYS B 192 102.63 16.29 54.65
CA LYS B 192 103.53 15.29 55.22
C LYS B 192 102.99 13.86 55.29
N GLU B 193 101.95 13.66 56.09
CA GLU B 193 101.32 12.37 56.27
C GLU B 193 100.59 11.94 55.06
N LYS B 194 100.28 12.87 54.24
CA LYS B 194 99.63 12.41 53.06
C LYS B 194 100.59 12.56 51.89
N LEU B 195 101.45 13.59 51.88
CA LEU B 195 102.34 13.93 50.73
C LEU B 195 103.86 13.98 50.96
N GLU B 196 104.38 12.91 51.54
CA GLU B 196 105.81 12.73 51.69
C GLU B 196 106.13 11.84 50.52
N LEU B 197 105.23 11.95 49.53
CA LEU B 197 105.23 11.20 48.27
C LEU B 197 105.88 12.00 47.14
N ASN B 198 107.21 12.12 47.20
CA ASN B 198 107.99 12.77 46.14
C ASN B 198 108.23 11.77 45.11
N ASN B 199 108.04 10.51 45.51
CA ASN B 199 108.34 9.43 44.63
C ASN B 199 107.40 9.28 43.48
N LYS B 200 106.39 10.06 43.43
CA LYS B 200 105.59 9.87 42.28
C LYS B 200 105.26 11.27 41.77
N SER B 201 105.75 11.62 40.56
CA SER B 201 105.50 12.92 39.92
C SER B 201 104.03 13.31 40.00
N ILE B 202 103.74 14.28 40.89
CA ILE B 202 102.37 14.77 41.14
C ILE B 202 101.74 15.65 40.04
N ASP B 203 100.77 15.16 39.34
CA ASP B 203 100.07 15.88 38.28
C ASP B 203 98.62 15.38 38.24
N ILE B 204 98.04 15.22 37.03
CA ILE B 204 96.65 14.72 36.84
C ILE B 204 96.65 13.25 37.14
N ASN B 205 97.85 12.76 37.27
CA ASN B 205 97.94 11.40 37.53
C ASN B 205 97.19 11.12 38.82
N PHE B 206 97.42 11.87 39.90
CA PHE B 206 96.72 11.48 41.14
C PHE B 206 96.23 12.64 42.00
N ILE B 207 96.37 13.87 41.51
CA ILE B 207 95.96 15.03 42.29
C ILE B 207 94.51 15.01 42.78
N LYS B 208 93.68 14.32 42.07
CA LYS B 208 92.27 14.20 42.42
C LYS B 208 92.10 13.36 43.70
N GLU B 209 92.71 12.18 43.70
CA GLU B 209 92.66 11.25 44.82
C GLU B 209 92.58 11.96 46.18
N ASN B 210 93.38 13.01 46.34
CA ASN B 210 93.42 13.74 47.59
C ASN B 210 93.07 15.23 47.46
N LEU B 211 91.82 15.50 47.10
CA LEU B 211 91.36 16.88 46.95
C LEU B 211 91.46 17.56 48.31
N THR B 212 90.90 16.92 49.34
CA THR B 212 90.92 17.48 50.68
C THR B 212 92.35 17.80 51.10
N GLU B 213 93.27 16.91 50.79
CA GLU B 213 94.66 17.12 51.18
C GLU B 213 95.27 18.36 50.55
N PHE B 214 94.93 18.65 49.30
CA PHE B 214 95.46 19.83 48.66
C PHE B 214 94.70 21.08 49.12
N GLN B 215 93.84 20.89 50.12
CA GLN B 215 93.06 21.97 50.72
C GLN B 215 93.80 22.32 52.00
N HIS B 216 94.08 21.30 52.80
CA HIS B 216 94.81 21.46 54.07
C HIS B 216 96.06 22.28 53.83
N ALA B 217 96.46 22.39 52.55
CA ALA B 217 97.66 23.12 52.18
C ALA B 217 97.34 24.53 51.71
N PHE B 218 96.20 24.68 51.04
CA PHE B 218 95.78 26.00 50.55
C PHE B 218 95.30 26.84 51.72
N SER B 219 94.69 26.17 52.68
CA SER B 219 94.16 26.82 53.86
C SER B 219 95.25 27.42 54.73
N LEU B 220 96.38 26.74 54.85
CA LEU B 220 97.49 27.28 55.65
C LEU B 220 98.15 28.38 54.83
N ALA B 221 98.20 28.14 53.53
CA ALA B 221 98.79 29.09 52.59
C ALA B 221 98.05 30.39 52.74
N PHE B 222 96.78 30.31 53.13
CA PHE B 222 95.92 31.46 53.32
C PHE B 222 96.10 32.00 54.73
N SER B 223 96.13 31.10 55.71
CA SER B 223 96.29 31.44 57.12
C SER B 223 97.59 32.21 57.31
N TYR B 224 98.61 31.71 56.63
CA TYR B 224 99.91 32.31 56.69
C TYR B 224 99.96 33.66 55.97
N TYR B 225 99.26 33.78 54.84
CA TYR B 225 99.29 35.04 54.11
C TYR B 225 98.58 36.16 54.84
N PHE B 226 97.67 35.80 55.74
CA PHE B 226 96.92 36.80 56.49
C PHE B 226 97.10 36.82 58.01
N ALA B 227 97.70 35.76 58.55
CA ALA B 227 97.96 35.69 59.98
C ALA B 227 98.74 36.93 60.46
N PRO B 228 98.14 37.72 61.38
CA PRO B 228 98.71 38.95 61.96
C PRO B 228 100.10 38.83 62.60
N ASP B 229 100.80 37.74 62.32
CA ASP B 229 102.13 37.54 62.88
C ASP B 229 103.14 36.94 61.89
N HIS B 230 102.90 35.71 61.44
CA HIS B 230 103.83 35.09 60.51
C HIS B 230 103.46 35.28 59.07
N ARG B 231 104.02 36.35 58.51
CA ARG B 231 103.81 36.73 57.13
C ARG B 231 104.85 36.10 56.20
N THR B 232 106.11 36.51 56.40
CA THR B 232 107.22 36.02 55.59
C THR B 232 107.50 34.53 55.71
N VAL B 233 107.20 33.93 56.85
CA VAL B 233 107.44 32.50 57.02
C VAL B 233 107.12 31.81 55.71
N LEU B 234 106.08 32.31 55.03
CA LEU B 234 105.67 31.78 53.74
C LEU B 234 106.71 32.19 52.69
N GLU B 235 106.77 33.48 52.40
CA GLU B 235 107.71 34.02 51.42
C GLU B 235 109.12 33.47 51.60
N LEU B 236 109.46 33.14 52.84
CA LEU B 236 110.77 32.61 53.17
C LEU B 236 110.88 31.15 52.76
N TYR B 237 109.95 30.33 53.26
CA TYR B 237 109.95 28.91 52.91
C TYR B 237 109.42 28.69 51.49
N ALA B 238 108.14 28.36 51.33
CA ALA B 238 107.56 28.14 50.00
C ALA B 238 107.53 29.47 49.25
N PRO B 239 108.30 29.57 48.15
CA PRO B 239 108.39 30.79 47.34
C PRO B 239 107.21 30.98 46.39
N ASP B 240 106.52 29.91 46.04
CA ASP B 240 105.39 30.06 45.12
C ASP B 240 104.10 30.38 45.85
N MET B 241 103.59 29.45 46.66
CA MET B 241 102.34 29.72 47.34
C MET B 241 102.25 31.17 47.77
N PHE B 242 103.39 31.78 48.12
CA PHE B 242 103.34 33.18 48.48
C PHE B 242 102.78 33.95 47.29
N GLU B 243 103.60 34.10 46.26
CA GLU B 243 103.20 34.82 45.05
C GLU B 243 101.85 34.38 44.50
N TYR B 244 101.38 33.22 44.96
CA TYR B 244 100.10 32.71 44.52
C TYR B 244 99.04 33.53 45.25
N MET B 245 98.98 33.33 46.56
CA MET B 245 98.05 34.05 47.43
C MET B 245 98.16 35.53 47.11
N ASN B 246 99.41 35.96 46.99
CA ASN B 246 99.74 37.34 46.71
C ASN B 246 98.99 37.83 45.50
N LYS B 247 98.95 37.02 44.44
CA LYS B 247 98.23 37.45 43.25
C LYS B 247 96.73 37.32 43.52
N LEU B 248 96.38 36.59 44.57
CA LEU B 248 94.97 36.45 44.93
C LEU B 248 94.59 37.76 45.57
N GLU B 249 95.42 38.28 46.47
CA GLU B 249 95.10 39.57 47.08
C GLU B 249 95.11 40.64 45.99
N LYS B 250 96.04 40.50 45.04
CA LYS B 250 96.21 41.44 43.92
C LYS B 250 94.98 41.55 43.02
N GLY B 251 94.06 40.59 43.12
CA GLY B 251 92.87 40.62 42.31
C GLY B 251 92.21 39.24 42.20
N GLY B 252 93.01 38.20 42.37
CA GLY B 252 92.52 36.84 42.28
C GLY B 252 91.19 36.61 42.99
N PHE B 253 91.02 37.27 44.12
CA PHE B 253 89.80 37.15 44.88
C PHE B 253 88.69 37.96 44.22
N GLU B 254 89.00 39.15 43.72
CA GLU B 254 87.97 39.95 43.07
C GLU B 254 87.52 39.17 41.85
N LYS B 255 88.28 38.14 41.49
CA LYS B 255 87.93 37.29 40.35
C LYS B 255 86.71 36.47 40.73
N ILE B 256 86.97 35.27 41.27
CA ILE B 256 85.92 34.36 41.69
C ILE B 256 84.72 35.13 42.25
N SER B 257 85.01 36.16 43.03
CA SER B 257 83.98 36.99 43.62
C SER B 257 83.15 37.68 42.54
N GLU B 258 83.48 37.38 41.29
CA GLU B 258 82.78 37.94 40.15
C GLU B 258 82.40 36.85 39.17
N SER B 259 82.77 35.61 39.50
CA SER B 259 82.43 34.50 38.64
C SER B 259 81.26 33.83 39.36
N LEU B 260 81.05 34.25 40.60
CA LEU B 260 79.96 33.73 41.39
C LEU B 260 78.84 34.77 41.31
N LYS B 261 79.25 36.05 41.27
CA LYS B 261 78.31 37.14 41.17
C LYS B 261 77.52 36.95 39.88
N LYS B 262 78.24 36.89 38.76
CA LYS B 262 77.60 36.70 37.45
C LYS B 262 76.87 35.37 37.40
N GLU B 263 77.48 34.30 37.93
CA GLU B 263 76.80 33.02 37.93
C GLU B 263 75.91 33.02 39.15
N GLY B 264 75.47 34.21 39.54
CA GLY B 264 74.59 34.33 40.67
C GLY B 264 73.20 34.52 40.09
N VAL B 265 73.10 35.46 39.17
CA VAL B 265 71.84 35.75 38.53
C VAL B 265 71.53 34.70 37.46
N GLU B 266 72.44 34.53 36.51
CA GLU B 266 72.26 33.56 35.43
C GLU B 266 72.05 32.13 35.96
N LYS B 267 72.08 32.01 37.28
CA LYS B 267 71.90 30.73 37.98
C LYS B 267 70.45 30.64 38.47
N ASP B 268 70.02 31.70 39.16
CA ASP B 268 68.67 31.78 39.70
C ASP B 268 67.93 32.78 38.80
N ARG B 269 67.69 32.39 37.55
CA ARG B 269 66.97 33.23 36.58
C ARG B 269 65.61 32.60 36.29
N ILE B 270 65.02 32.92 35.15
CA ILE B 270 63.72 32.37 34.78
C ILE B 270 63.93 31.44 33.61
N ASP B 271 63.51 30.25 33.76
CA ASP B 271 63.63 29.27 32.69
C ASP B 271 63.01 29.82 31.42
N VAL B 272 63.80 30.09 30.44
CA VAL B 272 63.27 30.55 29.23
C VAL B 272 64.14 29.84 28.22
N LEU B 273 63.68 29.44 27.10
CA LEU B 273 64.65 28.81 26.27
C LEU B 273 65.18 29.90 25.34
N LYS B 274 66.50 30.08 25.17
CA LYS B 274 66.94 31.16 24.28
C LYS B 274 67.68 30.63 23.05
N GLY B 275 68.13 31.49 22.19
CA GLY B 275 68.85 31.09 20.98
C GLY B 275 68.01 30.31 20.00
N GLU B 276 68.61 29.70 18.99
CA GLU B 276 67.82 28.95 18.02
C GLU B 276 67.11 27.73 18.62
N LYS B 277 66.95 27.70 19.95
CA LYS B 277 66.23 26.58 20.56
C LYS B 277 64.77 26.97 20.58
N ALA B 278 64.53 28.23 20.95
CA ALA B 278 63.18 28.78 21.01
C ALA B 278 62.74 29.18 19.61
N LEU B 279 63.52 30.05 18.98
CA LEU B 279 63.24 30.51 17.63
C LEU B 279 62.70 29.35 16.80
N LYS B 280 62.83 28.13 17.32
CA LYS B 280 62.32 26.95 16.64
C LYS B 280 60.83 26.84 16.92
N ALA B 281 60.46 26.67 18.19
CA ALA B 281 59.04 26.55 18.56
C ALA B 281 58.32 27.86 18.34
N SER B 282 59.06 28.96 18.39
CA SER B 282 58.49 30.29 18.17
C SER B 282 57.54 30.17 17.00
N GLY B 283 58.14 30.02 15.83
CA GLY B 283 57.40 29.89 14.59
C GLY B 283 57.89 30.87 13.57
N LEU B 284 58.31 32.04 14.00
CA LEU B 284 58.77 33.04 13.06
C LEU B 284 59.73 32.44 12.05
N VAL B 285 59.88 33.13 10.93
CA VAL B 285 60.80 32.68 9.91
C VAL B 285 62.15 33.22 10.37
N PRO B 286 63.12 32.33 10.60
CA PRO B 286 64.47 32.67 11.04
C PRO B 286 65.04 33.95 10.43
N GLU B 287 65.20 33.97 9.11
CA GLU B 287 65.74 35.16 8.44
C GLU B 287 64.98 36.42 8.86
N HIS B 288 63.73 36.23 9.26
CA HIS B 288 62.85 37.31 9.71
C HIS B 288 63.18 37.71 11.12
N ALA B 289 63.19 36.74 12.02
CA ALA B 289 63.51 37.03 13.40
C ALA B 289 64.75 37.88 13.42
N ASP B 290 65.82 37.33 12.86
CA ASP B 290 67.11 38.04 12.78
C ASP B 290 66.88 39.42 12.19
N ALA B 291 66.12 39.49 11.10
CA ALA B 291 65.82 40.76 10.46
C ALA B 291 65.27 41.74 11.50
N PHE B 292 64.45 41.21 12.39
CA PHE B 292 63.83 41.97 13.46
C PHE B 292 64.90 42.38 14.46
N LYS B 293 65.80 41.43 14.72
CA LYS B 293 66.90 41.62 15.65
C LYS B 293 67.44 43.05 15.54
N LYS B 294 67.52 43.56 14.31
CA LYS B 294 68.02 44.91 14.06
C LYS B 294 67.17 46.06 14.62
N ILE B 295 65.86 46.03 14.35
CA ILE B 295 64.97 47.10 14.82
C ILE B 295 64.84 47.16 16.34
N ALA B 296 64.70 46.00 16.98
CA ALA B 296 64.58 45.97 18.43
C ALA B 296 65.68 46.89 18.92
N ARG B 297 66.92 46.55 18.55
CA ARG B 297 68.10 47.31 18.91
C ARG B 297 68.03 48.78 18.54
N GLU B 298 68.08 49.08 17.23
CA GLU B 298 68.06 50.47 16.77
C GLU B 298 67.08 51.31 17.58
N LEU B 299 65.81 50.95 17.51
CA LEU B 299 64.74 51.66 18.21
C LEU B 299 64.61 51.30 19.69
N ASN B 300 65.47 50.41 20.15
CA ASN B 300 65.46 50.00 21.55
C ASN B 300 64.06 49.76 22.09
N THR B 301 63.50 48.59 21.79
CA THR B 301 62.16 48.22 22.27
C THR B 301 61.96 46.72 22.15
N TYR B 302 61.32 46.12 23.17
CA TYR B 302 61.05 44.67 23.18
C TYR B 302 59.90 44.30 22.27
N ILE B 303 60.06 43.25 21.48
CA ILE B 303 59.01 42.78 20.61
C ILE B 303 58.57 41.40 21.11
N LEU B 304 57.28 41.16 21.21
CA LEU B 304 56.80 39.87 21.70
C LEU B 304 55.71 39.36 20.78
N PHE B 305 55.89 38.13 20.29
CA PHE B 305 54.94 37.50 19.39
C PHE B 305 54.18 36.35 20.05
N ARG B 306 53.01 36.01 19.52
CA ARG B 306 52.28 34.85 20.03
C ARG B 306 52.77 33.75 19.09
N PRO B 307 52.32 32.51 19.31
CA PRO B 307 52.81 31.47 18.42
C PRO B 307 52.39 31.56 16.99
N VAL B 308 53.38 31.60 16.12
CA VAL B 308 53.14 31.61 14.69
C VAL B 308 53.03 30.12 14.49
N ASN B 309 52.14 29.67 13.61
CA ASN B 309 52.05 28.23 13.40
C ASN B 309 53.16 27.69 12.49
N LYS B 310 53.68 26.52 12.86
CA LYS B 310 54.75 25.85 12.14
C LYS B 310 54.44 25.63 10.66
N LEU B 311 53.28 25.04 10.38
CA LEU B 311 52.88 24.74 9.02
C LEU B 311 52.78 25.97 8.12
N ALA B 312 53.26 27.11 8.58
CA ALA B 312 53.18 28.32 7.76
C ALA B 312 54.51 29.01 7.60
N THR B 313 55.46 28.68 8.48
CA THR B 313 56.78 29.31 8.45
C THR B 313 57.45 29.36 7.08
N ASN B 314 57.56 28.21 6.44
CA ASN B 314 58.20 28.15 5.13
C ASN B 314 57.33 28.91 4.14
N LEU B 315 56.03 28.59 4.14
CA LEU B 315 55.05 29.25 3.25
C LEU B 315 55.34 30.73 3.28
N ILE B 316 55.62 31.22 4.47
CA ILE B 316 55.95 32.62 4.62
C ILE B 316 57.25 32.89 3.85
N LYS B 317 58.37 32.29 4.27
CA LYS B 317 59.66 32.51 3.59
C LYS B 317 59.46 32.23 2.12
N SER B 318 58.62 31.24 1.85
CA SER B 318 58.27 30.81 0.50
C SER B 318 57.77 31.99 -0.32
N GLY B 319 56.94 32.83 0.29
CA GLY B 319 56.44 33.99 -0.41
C GLY B 319 54.95 34.18 -0.26
N VAL B 320 54.31 33.23 0.42
CA VAL B 320 52.87 33.28 0.66
C VAL B 320 52.50 34.45 1.55
N ALA B 321 51.50 35.24 1.15
CA ALA B 321 51.11 36.37 1.96
C ALA B 321 50.46 35.90 3.27
N THR B 322 50.17 36.87 4.13
CA THR B 322 49.61 36.58 5.46
C THR B 322 48.18 37.09 5.71
N LYS B 323 47.42 36.35 6.50
CA LYS B 323 46.05 36.73 6.84
C LYS B 323 45.96 38.08 7.55
N GLY B 324 45.19 38.98 6.96
CA GLY B 324 45.01 40.30 7.51
C GLY B 324 43.72 40.39 8.29
N LEU B 325 43.21 41.61 8.41
CA LEU B 325 41.98 41.80 9.15
C LEU B 325 40.75 41.47 8.35
N ASN B 326 40.87 41.65 7.05
CA ASN B 326 39.81 41.41 6.10
C ASN B 326 39.35 39.95 6.01
N VAL B 327 40.16 38.99 6.44
CA VAL B 327 39.74 37.58 6.38
C VAL B 327 39.58 36.98 7.76
N HIS B 328 38.59 36.09 7.90
CA HIS B 328 38.30 35.45 9.18
C HIS B 328 38.02 33.95 9.02
N GLY B 329 38.71 33.34 8.07
CA GLY B 329 38.54 31.92 7.86
C GLY B 329 39.51 31.21 8.78
N LYS B 330 39.36 29.91 8.91
CA LYS B 330 40.25 29.18 9.77
C LYS B 330 41.31 28.52 8.93
N SER B 331 42.52 28.52 9.45
CA SER B 331 43.62 27.90 8.76
C SER B 331 43.28 26.41 8.72
N SER B 332 44.23 25.60 8.29
CA SER B 332 44.02 24.17 8.23
C SER B 332 45.26 23.51 8.77
N ASP B 333 45.08 22.35 9.38
CA ASP B 333 46.20 21.62 9.94
C ASP B 333 46.22 20.17 9.47
N TRP B 334 46.02 19.96 8.17
CA TRP B 334 46.02 18.62 7.60
C TRP B 334 45.78 18.60 6.09
N GLY B 335 46.27 17.55 5.43
CA GLY B 335 46.12 17.46 3.99
C GLY B 335 47.02 18.49 3.35
N PRO B 336 46.98 18.64 2.03
CA PRO B 336 47.83 19.61 1.35
C PRO B 336 47.51 21.03 1.79
N VAL B 337 46.25 21.41 1.65
CA VAL B 337 45.81 22.74 2.02
C VAL B 337 46.47 23.24 3.29
N ALA B 338 46.88 22.31 4.16
CA ALA B 338 47.52 22.63 5.43
C ALA B 338 48.35 23.92 5.42
N GLY B 339 48.09 24.79 6.40
CA GLY B 339 48.81 26.05 6.50
C GLY B 339 48.28 27.15 5.60
N TYR B 340 47.31 26.81 4.77
CA TYR B 340 46.68 27.76 3.85
C TYR B 340 45.27 27.94 4.41
N ILE B 341 44.57 29.00 3.99
CA ILE B 341 43.19 29.23 4.46
C ILE B 341 42.19 28.81 3.39
N PRO B 342 41.82 27.52 3.38
CA PRO B 342 40.87 26.98 2.41
C PRO B 342 39.56 27.77 2.27
N PHE B 343 39.11 27.90 1.03
CA PHE B 343 37.87 28.59 0.78
C PHE B 343 36.78 27.70 1.35
N ASP B 344 37.01 26.38 1.31
CA ASP B 344 36.06 25.45 1.89
C ASP B 344 36.50 25.29 3.33
N GLN B 345 35.59 25.48 4.28
CA GLN B 345 35.99 25.36 5.66
C GLN B 345 36.13 23.92 6.13
N ASP B 346 35.45 22.99 5.47
CA ASP B 346 35.53 21.57 5.84
C ASP B 346 36.90 21.00 5.45
N LEU B 347 37.81 21.89 5.08
CA LEU B 347 39.17 21.55 4.69
C LEU B 347 40.18 22.26 5.58
N SER B 348 39.73 22.65 6.78
CA SER B 348 40.56 23.35 7.76
C SER B 348 40.33 22.75 9.15
N LYS B 349 41.03 23.27 10.13
CA LYS B 349 40.94 22.77 11.50
C LYS B 349 39.56 22.36 12.00
N LYS B 350 38.51 22.94 11.44
CA LYS B 350 37.16 22.61 11.89
C LYS B 350 36.39 21.60 11.02
N HIS B 351 37.13 20.62 10.51
CA HIS B 351 36.59 19.55 9.68
C HIS B 351 35.57 18.72 10.46
N GLY B 352 34.30 18.85 10.12
CA GLY B 352 33.24 18.10 10.80
C GLY B 352 32.28 18.98 11.58
N GLN B 353 32.81 20.01 12.24
CA GLN B 353 32.02 20.94 13.04
C GLN B 353 31.00 21.61 12.13
N GLN B 354 29.87 20.93 11.93
CA GLN B 354 28.83 21.44 11.05
C GLN B 354 28.55 22.93 11.20
N LEU B 355 28.75 23.49 12.38
CA LEU B 355 28.46 24.90 12.55
C LEU B 355 29.59 25.88 12.27
N ALA B 356 30.81 25.55 12.68
CA ALA B 356 31.95 26.45 12.46
C ALA B 356 32.38 26.49 11.00
N VAL B 357 31.89 25.53 10.22
CA VAL B 357 32.17 25.47 8.81
C VAL B 357 31.01 26.24 8.19
N GLU B 358 29.80 25.90 8.63
CA GLU B 358 28.56 26.51 8.17
C GLU B 358 28.52 27.97 8.60
N LYS B 359 29.59 28.44 9.22
CA LYS B 359 29.67 29.83 9.65
C LYS B 359 31.03 30.32 9.25
N GLY B 360 31.90 29.38 8.89
CA GLY B 360 33.23 29.74 8.46
C GLY B 360 33.11 30.26 7.05
N ASN B 361 32.39 29.50 6.24
CA ASN B 361 32.16 29.88 4.86
C ASN B 361 31.52 31.26 4.83
N LEU B 362 30.43 31.41 5.55
CA LEU B 362 29.73 32.69 5.61
C LEU B 362 30.69 33.86 5.58
N GLU B 363 31.82 33.71 6.26
CA GLU B 363 32.81 34.77 6.35
C GLU B 363 33.72 34.92 5.13
N ASN B 364 34.23 33.79 4.62
CA ASN B 364 35.08 33.81 3.44
C ASN B 364 34.31 34.51 2.35
N LYS B 365 33.15 33.96 2.04
CA LYS B 365 32.30 34.54 1.03
C LYS B 365 32.26 36.06 1.24
N LYS B 366 31.71 36.48 2.37
CA LYS B 366 31.64 37.92 2.67
C LYS B 366 32.97 38.61 2.50
N SER B 367 34.03 37.98 2.98
CA SER B 367 35.36 38.56 2.89
C SER B 367 35.63 39.06 1.47
N ILE B 368 35.17 38.30 0.49
CA ILE B 368 35.37 38.66 -0.92
C ILE B 368 34.28 39.62 -1.37
N THR B 369 33.04 39.31 -1.00
CA THR B 369 31.91 40.13 -1.34
C THR B 369 32.24 41.57 -0.98
N GLU B 370 32.42 41.83 0.32
CA GLU B 370 32.72 43.18 0.79
C GLU B 370 33.96 43.76 0.13
N HIS B 371 35.11 43.31 0.58
CA HIS B 371 36.38 43.81 0.08
C HIS B 371 36.78 43.16 -1.23
N GLU B 372 35.94 43.26 -2.25
CA GLU B 372 36.28 42.66 -3.54
C GLU B 372 37.52 43.36 -4.09
N GLY B 373 38.22 42.70 -5.01
CA GLY B 373 39.41 43.31 -5.57
C GLY B 373 40.67 43.11 -4.75
N GLU B 374 40.53 42.93 -3.43
CA GLU B 374 41.68 42.70 -2.57
C GLU B 374 41.62 41.31 -1.95
N ILE B 375 40.41 40.82 -1.73
CA ILE B 375 40.25 39.52 -1.14
C ILE B 375 39.54 38.55 -2.07
N GLY B 376 40.27 37.52 -2.50
CA GLY B 376 39.68 36.54 -3.38
C GLY B 376 40.16 35.14 -3.12
N LYS B 377 39.82 34.27 -4.05
CA LYS B 377 40.19 32.87 -4.00
C LYS B 377 41.02 32.52 -5.24
N ILE B 378 41.97 31.60 -5.07
CA ILE B 378 42.79 31.15 -6.18
C ILE B 378 43.12 29.70 -5.92
N PRO B 379 43.28 28.92 -6.99
CA PRO B 379 43.59 27.49 -6.93
C PRO B 379 44.91 27.18 -6.26
N LEU B 380 44.86 26.21 -5.36
CA LEU B 380 46.02 25.76 -4.58
C LEU B 380 47.16 25.26 -5.46
N LYS B 381 48.40 25.53 -5.04
CA LYS B 381 49.58 25.08 -5.78
C LYS B 381 50.77 24.82 -4.85
N LEU B 382 50.88 23.58 -4.36
CA LEU B 382 51.97 23.18 -3.48
C LEU B 382 53.22 23.05 -4.32
N ASP B 383 54.12 24.04 -4.19
CA ASP B 383 55.36 24.03 -4.97
C ASP B 383 56.20 22.79 -4.74
N HIS B 384 57.39 22.76 -5.34
CA HIS B 384 58.27 21.60 -5.23
C HIS B 384 58.72 21.24 -3.80
N LEU B 385 59.34 22.18 -3.12
CA LEU B 385 59.82 21.94 -1.76
C LEU B 385 58.71 21.60 -0.78
N ARG B 386 57.72 22.47 -0.71
CA ARG B 386 56.58 22.29 0.18
C ARG B 386 56.15 20.84 0.32
N ILE B 387 56.24 20.08 -0.77
CA ILE B 387 55.85 18.67 -0.78
C ILE B 387 56.74 17.83 0.14
N GLU B 388 58.03 17.78 -0.18
CA GLU B 388 58.98 16.98 0.61
C GLU B 388 58.90 17.30 2.11
N GLU B 389 58.15 18.35 2.45
CA GLU B 389 58.00 18.75 3.85
C GLU B 389 56.72 18.20 4.47
N LEU B 390 55.62 18.22 3.73
CA LEU B 390 54.38 17.67 4.26
C LEU B 390 54.64 16.17 4.30
N LYS B 391 55.84 15.82 3.86
CA LYS B 391 56.31 14.45 3.83
C LYS B 391 56.68 13.99 5.24
N GLU B 392 57.88 14.35 5.68
CA GLU B 392 58.36 13.96 6.99
C GLU B 392 57.56 14.62 8.09
N ASN B 393 56.99 15.78 7.82
CA ASN B 393 56.20 16.46 8.84
C ASN B 393 55.04 15.52 9.17
N GLY B 394 54.72 14.65 8.21
CA GLY B 394 53.65 13.67 8.38
C GLY B 394 52.25 14.14 8.04
N ILE B 395 52.09 14.81 6.90
CA ILE B 395 50.79 15.31 6.51
C ILE B 395 50.21 14.63 5.27
N ILE B 396 51.08 14.31 4.32
CA ILE B 396 50.64 13.63 3.10
C ILE B 396 51.64 12.54 2.74
N LEU B 397 51.27 11.73 1.75
CA LEU B 397 52.12 10.63 1.28
C LEU B 397 51.97 10.50 -0.24
N LYS B 398 52.98 10.97 -0.97
CA LYS B 398 52.99 10.96 -2.42
C LYS B 398 53.23 9.56 -3.01
N GLY B 399 52.45 9.21 -4.05
CA GLY B 399 52.59 7.91 -4.66
C GLY B 399 51.91 7.63 -6.00
N LYS B 400 51.24 6.48 -6.07
CA LYS B 400 50.54 6.00 -7.27
C LYS B 400 50.15 7.11 -8.26
N LYS B 401 50.74 7.07 -9.45
CA LYS B 401 50.43 8.05 -10.49
C LYS B 401 49.13 7.69 -11.19
N GLU B 402 48.59 8.64 -11.94
CA GLU B 402 47.33 8.42 -12.65
C GLU B 402 47.07 9.42 -13.78
N ILE B 403 46.27 8.99 -14.76
CA ILE B 403 45.93 9.84 -15.90
C ILE B 403 44.45 10.11 -15.99
N ASP B 404 44.10 11.29 -16.43
CA ASP B 404 42.68 11.65 -16.50
C ASP B 404 42.37 12.87 -17.42
N ASN B 405 41.87 12.63 -18.60
CA ASN B 405 41.61 13.70 -19.58
C ASN B 405 42.97 14.03 -20.23
N GLY B 406 43.85 13.04 -20.31
CA GLY B 406 45.14 13.22 -20.96
C GLY B 406 46.20 14.00 -20.19
N LYS B 407 45.98 14.23 -18.93
CA LYS B 407 46.98 14.96 -18.16
C LYS B 407 47.53 14.12 -17.00
N LYS B 408 48.79 14.34 -16.64
CA LYS B 408 49.42 13.58 -15.57
C LYS B 408 49.04 14.04 -14.17
N TYR B 409 48.64 13.08 -13.33
CA TYR B 409 48.23 13.35 -11.95
C TYR B 409 48.85 12.41 -10.91
N TYR B 410 49.42 12.97 -9.84
CA TYR B 410 49.99 12.16 -8.76
C TYR B 410 49.01 12.18 -7.59
N LEU B 411 48.37 11.04 -7.38
CA LEU B 411 47.39 10.89 -6.32
C LEU B 411 47.93 11.19 -4.93
N LEU B 412 47.85 12.44 -4.48
CA LEU B 412 48.32 12.77 -3.14
C LEU B 412 47.45 12.06 -2.14
N GLU B 413 48.08 11.32 -1.24
CA GLU B 413 47.35 10.56 -0.24
C GLU B 413 47.34 11.22 1.15
N SER B 414 46.47 10.69 2.01
CA SER B 414 46.32 11.16 3.38
C SER B 414 45.39 10.17 4.06
N ASN B 415 45.32 10.22 5.39
CA ASN B 415 44.44 9.30 6.10
C ASN B 415 43.05 9.87 6.27
N ASN B 416 42.90 11.19 6.09
CA ASN B 416 41.58 11.79 6.21
C ASN B 416 40.63 10.94 5.35
N GLN B 417 39.52 10.51 5.96
CA GLN B 417 38.54 9.66 5.28
C GLN B 417 37.28 10.37 4.80
N VAL B 418 37.43 11.56 4.25
CA VAL B 418 36.28 12.31 3.76
C VAL B 418 36.51 12.85 2.35
N TYR B 419 37.77 13.05 2.00
CA TYR B 419 38.12 13.57 0.69
C TYR B 419 39.32 12.82 0.11
N GLU B 420 39.52 12.98 -1.19
CA GLU B 420 40.63 12.37 -1.88
C GLU B 420 41.32 13.56 -2.51
N PHE B 421 42.64 13.55 -2.51
CA PHE B 421 43.37 14.66 -3.08
C PHE B 421 44.30 14.13 -4.15
N ARG B 422 44.78 15.01 -5.00
CA ARG B 422 45.69 14.65 -6.09
C ARG B 422 46.24 15.93 -6.69
N ILE B 423 47.49 15.89 -7.16
CA ILE B 423 48.07 17.09 -7.74
C ILE B 423 48.54 16.94 -9.18
N SER B 424 48.23 17.97 -9.98
CA SER B 424 48.59 18.04 -11.41
C SER B 424 50.09 18.02 -11.66
N ASP B 425 50.47 18.04 -12.92
CA ASP B 425 51.88 18.01 -13.28
C ASP B 425 52.36 19.28 -13.94
N GLU B 426 51.72 19.66 -15.05
CA GLU B 426 52.09 20.88 -15.76
C GLU B 426 52.13 21.98 -14.72
N ASN B 427 51.00 22.36 -14.39
CA ASN B 427 50.86 23.21 -13.25
C ASN B 427 50.66 22.17 -12.15
N ASN B 428 51.31 22.40 -11.05
CA ASN B 428 51.10 21.56 -9.89
C ASN B 428 49.95 22.15 -9.13
N GLU B 429 48.77 22.01 -9.66
CA GLU B 429 47.60 22.46 -8.95
C GLU B 429 47.17 21.29 -8.04
N VAL B 430 46.24 21.51 -7.13
CA VAL B 430 45.80 20.45 -6.27
C VAL B 430 44.30 20.31 -6.41
N GLN B 431 43.79 19.09 -6.35
CA GLN B 431 42.36 18.89 -6.48
C GLN B 431 41.85 17.84 -5.51
N TYR B 432 40.55 17.87 -5.25
CA TYR B 432 39.92 16.87 -4.37
C TYR B 432 38.49 16.59 -4.80
N LYS B 433 37.80 15.76 -4.02
CA LYS B 433 36.42 15.38 -4.29
C LYS B 433 36.00 14.51 -3.13
N THR B 434 34.72 14.20 -3.03
CA THR B 434 34.28 13.33 -1.96
C THR B 434 34.54 11.93 -2.47
N LYS B 435 34.66 10.97 -1.56
CA LYS B 435 34.93 9.59 -1.96
C LYS B 435 33.71 8.80 -2.39
N GLU B 436 33.95 7.78 -3.23
CA GLU B 436 32.90 6.90 -3.75
C GLU B 436 32.23 6.08 -2.65
N GLY B 437 31.58 6.76 -1.72
CA GLY B 437 30.89 6.08 -0.63
C GLY B 437 30.87 6.90 0.65
N LYS B 438 30.80 8.23 0.51
CA LYS B 438 30.78 9.12 1.65
C LYS B 438 30.15 10.47 1.29
N ILE B 439 29.87 11.30 2.31
CA ILE B 439 29.25 12.60 2.10
C ILE B 439 29.80 13.68 3.04
N THR B 440 29.61 14.94 2.65
CA THR B 440 30.05 16.09 3.42
C THR B 440 29.14 16.32 4.61
N VAL B 441 29.65 16.95 5.66
CA VAL B 441 28.84 17.23 6.85
C VAL B 441 27.76 18.26 6.48
N LEU B 442 28.09 19.11 5.52
CA LEU B 442 27.14 20.12 5.06
C LEU B 442 26.16 19.34 4.19
N GLY B 443 26.61 18.19 3.71
CA GLY B 443 25.76 17.34 2.89
C GLY B 443 26.03 17.34 1.41
N GLU B 444 27.15 17.95 1.01
CA GLU B 444 27.52 18.01 -0.40
C GLU B 444 28.32 16.77 -0.84
N LYS B 445 28.28 16.48 -2.13
CA LYS B 445 29.01 15.35 -2.71
C LYS B 445 29.55 15.75 -4.08
N PHE B 446 30.85 15.99 -4.19
CA PHE B 446 31.41 16.41 -5.47
C PHE B 446 32.63 15.65 -5.99
N ASN B 447 32.87 15.63 -7.24
CA ASN B 447 33.99 14.93 -7.85
C ASN B 447 35.24 15.89 -7.83
N TRP B 448 36.29 15.49 -8.51
CA TRP B 448 37.54 16.23 -8.65
C TRP B 448 37.28 17.72 -8.98
N ARG B 449 37.75 18.60 -8.10
CA ARG B 449 37.60 20.04 -8.25
C ARG B 449 38.90 20.65 -7.68
N ASN B 450 39.24 21.87 -8.11
CA ASN B 450 40.45 22.47 -7.59
C ASN B 450 40.23 22.98 -6.19
N ILE B 451 41.28 22.93 -5.38
CA ILE B 451 41.21 23.42 -4.01
C ILE B 451 41.57 24.91 -4.02
N GLU B 452 40.54 25.76 -3.89
CA GLU B 452 40.78 27.18 -3.85
C GLU B 452 41.10 27.55 -2.42
N VAL B 453 42.17 28.31 -2.26
CA VAL B 453 42.61 28.77 -0.97
C VAL B 453 42.23 30.26 -0.99
N MET B 454 42.29 30.93 0.16
CA MET B 454 41.96 32.33 0.22
C MET B 454 43.19 33.14 -0.11
N ALA B 455 43.02 34.35 -0.63
CA ALA B 455 44.17 35.16 -0.97
C ALA B 455 43.86 36.65 -1.06
N LYS B 456 44.79 37.47 -0.59
CA LYS B 456 44.61 38.92 -0.64
C LYS B 456 45.40 39.46 -1.82
N ASN B 457 45.20 40.74 -2.10
CA ASN B 457 45.89 41.40 -3.21
C ASN B 457 47.25 41.94 -2.77
N VAL B 458 48.25 41.79 -3.63
CA VAL B 458 49.60 42.26 -3.38
C VAL B 458 50.19 42.67 -4.73
N GLU B 459 50.34 43.99 -4.94
CA GLU B 459 50.86 44.49 -6.21
C GLU B 459 50.09 43.90 -7.38
N GLY B 460 48.78 44.17 -7.40
CA GLY B 460 47.92 43.69 -8.46
C GLY B 460 47.70 42.19 -8.59
N VAL B 461 48.51 41.39 -7.93
CA VAL B 461 48.34 39.96 -8.03
C VAL B 461 47.90 39.30 -6.75
N LEU B 462 46.96 38.36 -6.87
CA LEU B 462 46.48 37.65 -5.70
C LEU B 462 47.42 36.51 -5.29
N LYS B 463 47.89 36.56 -4.05
CA LYS B 463 48.76 35.52 -3.54
C LYS B 463 47.99 34.83 -2.42
N PRO B 464 48.16 33.50 -2.25
CA PRO B 464 47.50 32.66 -1.24
C PRO B 464 47.80 33.14 0.17
N LEU B 465 46.81 33.04 1.05
CA LEU B 465 46.94 33.51 2.43
C LEU B 465 47.28 32.51 3.52
N THR B 466 48.22 32.89 4.38
CA THR B 466 48.60 32.03 5.50
C THR B 466 48.74 32.83 6.78
N ALA B 467 49.11 32.12 7.84
CA ALA B 467 49.31 32.74 9.15
C ALA B 467 50.25 33.95 9.06
N ASP B 468 49.95 34.96 9.86
CA ASP B 468 50.74 36.20 9.95
C ASP B 468 51.43 36.24 11.31
N TYR B 469 52.24 37.26 11.55
CA TYR B 469 52.89 37.41 12.84
C TYR B 469 52.05 38.31 13.73
N ASP B 470 51.40 37.71 14.72
CA ASP B 470 50.57 38.43 15.66
C ASP B 470 51.40 38.88 16.84
N LEU B 471 51.57 40.18 17.03
CA LEU B 471 52.36 40.64 18.17
C LEU B 471 51.62 40.55 19.50
N PHE B 472 52.26 39.95 20.51
CA PHE B 472 51.62 39.87 21.82
C PHE B 472 51.82 41.20 22.50
N ALA B 473 52.82 41.96 22.06
CA ALA B 473 53.07 43.27 22.64
C ALA B 473 54.33 43.94 22.14
N LEU B 474 54.45 45.25 22.37
CA LEU B 474 55.63 46.02 21.98
C LEU B 474 56.10 46.92 23.11
N ALA B 475 57.28 46.65 23.65
CA ALA B 475 57.78 47.45 24.76
C ALA B 475 58.86 48.41 24.31
N PRO B 476 58.50 49.66 24.04
CA PRO B 476 59.48 50.65 23.61
C PRO B 476 60.05 51.15 24.90
N SER B 477 61.21 51.77 24.86
CA SER B 477 61.78 52.29 26.09
C SER B 477 61.17 53.63 26.39
N LEU B 478 61.17 54.01 27.66
CA LEU B 478 60.59 55.29 27.99
C LEU B 478 61.33 56.43 27.32
N THR B 479 62.60 56.21 26.99
CA THR B 479 63.39 57.27 26.35
C THR B 479 63.03 57.45 24.89
N GLU B 480 62.69 56.34 24.22
CA GLU B 480 62.33 56.36 22.82
C GLU B 480 61.02 57.13 22.72
N ILE B 481 60.17 56.99 23.72
CA ILE B 481 58.91 57.70 23.70
C ILE B 481 59.17 59.21 23.86
N LYS B 482 60.22 59.56 24.61
CA LYS B 482 60.54 60.97 24.79
C LYS B 482 60.93 61.58 23.45
N LYS B 483 61.52 60.73 22.62
CA LYS B 483 61.98 61.12 21.30
C LYS B 483 60.76 61.17 20.40
N GLN B 484 59.60 60.81 20.96
CA GLN B 484 58.37 60.79 20.19
C GLN B 484 57.61 62.11 20.27
N ILE B 485 57.73 62.78 21.40
CA ILE B 485 57.06 64.06 21.60
C ILE B 485 57.86 65.10 20.85
N PRO B 486 57.18 66.08 20.22
CA PRO B 486 57.85 67.14 19.48
C PRO B 486 58.54 68.09 20.45
N GLN B 487 59.84 68.29 20.23
CA GLN B 487 60.67 69.13 21.09
C GLN B 487 60.09 70.44 21.62
N LYS B 488 59.09 70.99 20.93
CA LYS B 488 58.50 72.26 21.37
C LYS B 488 57.35 72.12 22.36
N GLU B 489 56.55 71.07 22.22
CA GLU B 489 55.44 70.86 23.13
C GLU B 489 56.00 70.48 24.48
N TRP B 490 56.87 69.47 24.50
CA TRP B 490 57.46 69.01 25.75
C TRP B 490 58.32 70.09 26.34
N ASP B 491 58.62 71.12 25.55
CA ASP B 491 59.43 72.24 26.03
C ASP B 491 58.41 73.19 26.64
N LYS B 492 57.37 73.49 25.89
CA LYS B 492 56.35 74.39 26.38
C LYS B 492 55.65 73.88 27.65
N VAL B 493 56.08 72.75 28.19
CA VAL B 493 55.41 72.26 29.39
C VAL B 493 56.21 72.32 30.67
N VAL B 494 57.51 72.09 30.58
CA VAL B 494 58.36 72.11 31.78
C VAL B 494 58.65 73.52 32.29
N ASN B 495 58.16 74.54 31.59
CA ASN B 495 58.36 75.93 31.99
C ASN B 495 57.27 76.34 32.98
N THR B 496 56.22 75.54 33.01
CA THR B 496 55.10 75.78 33.89
C THR B 496 55.67 75.92 35.31
N PRO B 497 55.29 77.00 36.04
CA PRO B 497 55.78 77.22 37.41
C PRO B 497 55.23 76.18 38.36
N ASN B 498 53.91 76.01 38.33
CA ASN B 498 53.21 75.06 39.18
C ASN B 498 53.81 73.66 39.06
N SER B 499 54.48 73.23 40.12
CA SER B 499 55.09 71.91 40.12
C SER B 499 54.00 70.87 39.88
N LEU B 500 52.93 70.92 40.67
CA LEU B 500 51.87 69.93 40.52
C LEU B 500 51.39 69.94 39.07
N GLU B 501 51.34 71.13 38.46
CA GLU B 501 50.93 71.29 37.07
C GLU B 501 51.92 70.63 36.13
N LYS B 502 53.21 70.77 36.47
CA LYS B 502 54.27 70.20 35.65
C LYS B 502 54.20 68.67 35.64
N GLN B 503 53.72 68.07 36.71
CA GLN B 503 53.62 66.62 36.75
C GLN B 503 52.50 66.20 35.82
N LYS B 504 51.32 66.78 36.05
CA LYS B 504 50.15 66.48 35.23
C LYS B 504 50.59 66.68 33.79
N GLY B 505 50.84 67.94 33.42
CA GLY B 505 51.27 68.26 32.07
C GLY B 505 52.14 67.19 31.43
N VAL B 506 53.15 66.71 32.15
CA VAL B 506 54.04 65.69 31.64
C VAL B 506 53.32 64.37 31.38
N THR B 507 52.63 63.88 32.41
CA THR B 507 51.91 62.62 32.31
C THR B 507 51.05 62.57 31.05
N ASN B 508 50.18 63.56 30.88
CA ASN B 508 49.33 63.61 29.68
C ASN B 508 50.20 63.56 28.44
N LEU B 509 51.44 64.03 28.54
CA LEU B 509 52.31 63.95 27.39
C LEU B 509 52.64 62.49 27.14
N LEU B 510 53.20 61.83 28.15
CA LEU B 510 53.57 60.41 28.09
C LEU B 510 52.36 59.61 27.58
N ILE B 511 51.20 59.91 28.16
CA ILE B 511 49.94 59.30 27.79
C ILE B 511 49.73 59.54 26.30
N LYS B 512 49.57 60.81 25.96
CA LYS B 512 49.35 61.30 24.61
C LYS B 512 50.26 60.67 23.59
N TYR B 513 51.55 61.03 23.64
CA TYR B 513 52.51 60.50 22.68
C TYR B 513 52.99 59.06 22.80
N GLY B 514 52.48 58.30 23.78
CA GLY B 514 52.96 56.94 23.89
C GLY B 514 52.07 55.87 24.48
N ILE B 515 50.97 56.25 25.13
CA ILE B 515 50.05 55.28 25.73
C ILE B 515 48.72 55.20 24.98
N GLU B 516 48.27 56.33 24.46
CA GLU B 516 47.01 56.34 23.78
C GLU B 516 46.98 55.52 22.52
N ARG B 517 45.93 54.72 22.41
CA ARG B 517 45.69 53.86 21.26
C ARG B 517 44.34 54.21 20.67
N LYS B 518 44.30 54.50 19.38
CA LYS B 518 43.06 54.83 18.67
C LYS B 518 42.87 53.78 17.59
N PRO B 519 41.73 53.81 16.89
CA PRO B 519 41.57 52.80 15.85
C PRO B 519 42.33 53.27 14.61
N ASP B 520 42.35 52.45 13.58
CA ASP B 520 43.09 52.82 12.38
C ASP B 520 42.53 52.13 11.16
N SER B 521 42.35 52.90 10.10
CA SER B 521 41.79 52.45 8.84
C SER B 521 42.08 50.99 8.52
N THR B 522 43.36 50.67 8.46
CA THR B 522 43.80 49.33 8.11
C THR B 522 44.28 48.41 9.24
N LYS B 523 45.34 48.83 9.91
CA LYS B 523 45.98 48.05 10.96
C LYS B 523 45.26 47.85 12.30
N GLY B 524 43.94 47.79 12.29
CA GLY B 524 43.22 47.59 13.53
C GLY B 524 43.45 48.69 14.56
N THR B 525 43.33 48.36 15.84
CA THR B 525 43.51 49.35 16.91
C THR B 525 44.91 49.34 17.48
N LEU B 526 45.66 50.43 17.32
CA LEU B 526 47.00 50.47 17.86
C LEU B 526 47.49 51.87 18.08
N SER B 527 48.67 51.96 18.68
CA SER B 527 49.24 53.27 18.94
C SER B 527 49.88 53.78 17.69
N ASN B 528 50.16 55.09 17.66
CA ASN B 528 50.83 55.70 16.52
C ASN B 528 52.27 55.21 16.48
N TRP B 529 53.00 55.44 17.56
CA TRP B 529 54.38 54.99 17.60
C TRP B 529 54.32 53.50 17.29
N GLN B 530 53.26 52.85 17.73
CA GLN B 530 53.11 51.42 17.44
C GLN B 530 53.03 51.16 15.95
N LYS B 531 52.32 52.02 15.24
CA LYS B 531 52.19 51.86 13.79
C LYS B 531 53.53 52.01 13.14
N GLN B 532 54.23 53.09 13.47
CA GLN B 532 55.52 53.29 12.85
C GLN B 532 56.39 52.08 13.17
N MET B 533 56.25 51.55 14.38
CA MET B 533 57.00 50.37 14.76
C MET B 533 56.57 49.21 13.87
N LEU B 534 55.30 49.22 13.46
CA LEU B 534 54.81 48.13 12.64
C LEU B 534 55.46 48.14 11.27
N ASP B 535 55.45 49.28 10.61
CA ASP B 535 56.07 49.36 9.31
C ASP B 535 57.52 48.95 9.40
N ARG B 536 58.31 49.67 10.20
CA ARG B 536 59.73 49.34 10.33
C ARG B 536 59.96 47.86 10.43
N LEU B 537 58.98 47.13 10.95
CA LEU B 537 59.13 45.69 11.05
C LEU B 537 58.97 45.11 9.65
N ASN B 538 57.88 45.47 8.98
CA ASN B 538 57.64 44.97 7.64
C ASN B 538 58.75 45.36 6.69
N GLU B 539 58.91 46.66 6.43
CA GLU B 539 59.98 47.13 5.53
C GLU B 539 61.25 46.35 5.86
N ALA B 540 61.39 45.95 7.11
CA ALA B 540 62.56 45.21 7.51
C ALA B 540 62.59 43.85 6.83
N VAL B 541 61.56 43.03 6.99
CA VAL B 541 61.56 41.72 6.35
C VAL B 541 61.32 41.82 4.86
N LYS B 542 61.12 43.04 4.37
CA LYS B 542 60.88 43.23 2.95
C LYS B 542 62.23 43.23 2.24
N TYR B 543 63.23 43.81 2.90
CA TYR B 543 64.58 43.87 2.35
C TYR B 543 65.26 42.54 2.60
N THR B 544 64.69 41.75 3.52
CA THR B 544 65.23 40.44 3.83
C THR B 544 64.89 39.52 2.69
N GLY B 545 64.22 40.05 1.68
CA GLY B 545 63.88 39.23 0.52
C GLY B 545 62.49 38.63 0.43
N TYR B 546 61.53 39.21 1.14
CA TYR B 546 60.15 38.74 1.12
C TYR B 546 59.49 39.33 -0.14
N THR B 547 58.38 38.74 -0.56
CA THR B 547 57.70 39.23 -1.75
C THR B 547 56.20 39.04 -1.66
N GLY B 548 55.73 38.73 -0.46
CA GLY B 548 54.29 38.52 -0.25
C GLY B 548 53.59 39.64 0.47
N GLY B 549 54.24 40.79 0.59
CA GLY B 549 53.62 41.91 1.27
C GLY B 549 54.18 42.12 2.67
N ASP B 550 53.29 42.38 3.63
CA ASP B 550 53.66 42.59 5.03
C ASP B 550 53.55 41.30 5.79
N VAL B 551 54.05 41.28 7.02
CA VAL B 551 53.96 40.07 7.80
C VAL B 551 53.37 40.37 9.18
N VAL B 552 53.18 41.65 9.44
CA VAL B 552 52.57 42.15 10.67
C VAL B 552 51.46 43.06 10.15
N ASN B 553 50.23 42.57 10.18
CA ASN B 553 49.11 43.32 9.64
C ASN B 553 48.27 44.18 10.57
N HIS B 554 48.26 43.85 11.86
CA HIS B 554 47.49 44.62 12.83
C HIS B 554 48.26 44.91 14.12
N GLY B 555 47.58 45.55 15.06
CA GLY B 555 48.17 45.90 16.34
C GLY B 555 48.44 44.77 17.33
N THR B 556 48.97 45.15 18.49
CA THR B 556 49.32 44.20 19.54
C THR B 556 48.16 43.57 20.26
N GLU B 557 48.14 42.24 20.32
CA GLU B 557 47.10 41.49 21.01
C GLU B 557 46.67 42.05 22.39
N GLN B 558 47.41 43.05 22.87
CA GLN B 558 47.09 43.69 24.14
C GLN B 558 46.06 44.77 23.93
N ASP B 559 45.34 44.65 22.82
CA ASP B 559 44.27 45.58 22.48
C ASP B 559 43.11 44.78 21.94
N ASN B 560 43.31 43.47 21.94
CA ASN B 560 42.33 42.50 21.52
C ASN B 560 41.44 42.40 22.73
N GLU B 561 40.78 43.52 23.04
CA GLU B 561 39.90 43.63 24.20
C GLU B 561 38.68 42.71 24.07
N GLU B 562 38.08 42.69 22.89
CA GLU B 562 36.92 41.86 22.59
C GLU B 562 37.12 40.35 22.77
N PHE B 563 37.98 39.75 21.94
CA PHE B 563 38.22 38.30 21.98
C PHE B 563 39.63 37.92 22.41
N PRO B 564 40.11 38.46 23.54
CA PRO B 564 41.46 38.14 24.00
C PRO B 564 41.80 36.67 24.06
N GLU B 565 42.97 36.32 23.56
CA GLU B 565 43.45 34.93 23.59
C GLU B 565 44.62 34.83 24.58
N LYS B 566 44.68 33.70 25.29
CA LYS B 566 45.72 33.45 26.27
C LYS B 566 46.71 32.39 25.82
N ASP B 567 47.87 32.80 25.31
CA ASP B 567 48.84 31.81 24.88
C ASP B 567 49.84 31.53 25.98
N ASN B 568 50.29 30.28 26.06
CA ASN B 568 51.27 29.90 27.07
C ASN B 568 52.61 30.45 26.63
N GLU B 569 53.23 29.78 25.66
CA GLU B 569 54.54 30.19 25.12
C GLU B 569 54.48 31.54 24.39
N ILE B 570 55.44 32.41 24.65
CA ILE B 570 55.50 33.71 24.01
C ILE B 570 56.95 34.03 23.63
N PHE B 571 57.22 34.11 22.33
CA PHE B 571 58.55 34.41 21.82
C PHE B 571 58.81 35.90 22.03
N ILE B 572 60.04 36.24 22.39
CA ILE B 572 60.39 37.65 22.61
C ILE B 572 61.70 37.95 21.91
N ILE B 573 61.97 39.22 21.70
CA ILE B 573 63.18 39.67 21.03
C ILE B 573 63.56 40.91 21.81
N ASN B 574 64.42 40.74 22.81
CA ASN B 574 64.84 41.86 23.66
C ASN B 574 65.54 42.98 22.93
N PRO B 575 65.84 44.04 23.66
CA PRO B 575 66.52 45.17 23.04
C PRO B 575 67.96 44.85 22.62
N GLU B 576 68.61 43.94 23.36
CA GLU B 576 70.00 43.53 23.05
C GLU B 576 70.01 42.70 21.75
N GLY B 577 68.95 41.92 21.55
CA GLY B 577 68.87 41.12 20.33
C GLY B 577 68.87 39.61 20.56
N GLU B 578 68.64 39.19 21.79
CA GLU B 578 68.60 37.76 22.12
C GLU B 578 67.20 37.23 21.77
N PHE B 579 66.97 35.94 21.92
CA PHE B 579 65.63 35.38 21.66
C PHE B 579 65.19 34.65 22.91
N ILE B 580 63.99 34.92 23.38
CA ILE B 580 63.48 34.28 24.58
C ILE B 580 62.05 33.82 24.37
N LEU B 581 61.72 32.67 24.95
CA LEU B 581 60.39 32.14 24.80
C LEU B 581 59.83 31.65 26.11
N THR B 582 59.06 32.47 26.80
CA THR B 582 58.47 32.03 28.06
C THR B 582 57.75 30.71 27.83
N LYS B 583 57.33 30.05 28.90
CA LYS B 583 56.61 28.78 28.77
C LYS B 583 55.24 28.90 29.43
N ASN B 584 55.08 29.88 30.30
CA ASN B 584 53.82 30.06 31.01
C ASN B 584 53.18 31.43 30.95
N TRP B 585 51.87 31.45 31.17
CA TRP B 585 51.14 32.70 31.17
C TRP B 585 51.70 33.44 32.34
N GLU B 586 52.20 32.66 33.28
CA GLU B 586 52.79 33.19 34.50
C GLU B 586 54.16 33.72 34.14
N MET B 587 55.06 32.82 33.79
CA MET B 587 56.41 33.19 33.42
C MET B 587 56.40 34.51 32.67
N THR B 588 55.58 34.59 31.63
CA THR B 588 55.50 35.80 30.84
C THR B 588 55.19 36.99 31.69
N GLY B 589 54.12 36.88 32.46
CA GLY B 589 53.71 37.96 33.32
C GLY B 589 54.80 38.29 34.31
N ARG B 590 55.77 37.38 34.40
CA ARG B 590 56.91 37.50 35.31
C ARG B 590 58.14 37.99 34.57
N PHE B 591 58.46 37.37 33.44
CA PHE B 591 59.62 37.81 32.68
C PHE B 591 59.43 39.26 32.32
N ILE B 592 58.18 39.69 32.32
CA ILE B 592 57.86 41.07 31.97
C ILE B 592 57.93 42.01 33.17
N GLU B 593 57.60 41.52 34.36
CA GLU B 593 57.69 42.36 35.55
C GLU B 593 59.17 42.68 35.70
N LYS B 594 59.97 41.64 35.52
CA LYS B 594 61.41 41.71 35.68
C LYS B 594 62.21 42.49 34.65
N ASN B 595 61.80 42.47 33.39
CA ASN B 595 62.60 43.19 32.42
C ASN B 595 61.87 44.34 31.77
N ILE B 596 60.64 44.12 31.34
CA ILE B 596 59.90 45.18 30.70
C ILE B 596 59.30 46.17 31.68
N THR B 597 58.47 45.67 32.60
CA THR B 597 57.81 46.52 33.61
C THR B 597 58.77 47.40 34.41
N GLY B 598 59.37 46.81 35.43
CA GLY B 598 60.28 47.55 36.30
C GLY B 598 61.69 47.77 35.77
N LYS B 599 61.79 48.32 34.51
CA LYS B 599 63.14 48.58 33.91
C LYS B 599 63.19 49.72 32.86
N ASP B 600 62.47 50.79 33.16
CA ASP B 600 62.40 51.97 32.32
C ASP B 600 61.77 51.76 30.93
N TYR B 601 61.08 50.64 30.74
CA TYR B 601 60.43 50.40 29.48
C TYR B 601 58.93 50.63 29.69
N LEU B 602 58.27 51.05 28.65
CA LEU B 602 56.84 51.31 28.73
C LEU B 602 55.99 50.19 28.21
N TYR B 603 55.21 49.58 29.09
CA TYR B 603 54.32 48.49 28.70
C TYR B 603 52.98 48.71 29.37
N TYR B 604 51.92 48.25 28.70
CA TYR B 604 50.57 48.37 29.23
C TYR B 604 49.89 47.04 28.90
N PHE B 605 49.01 46.57 29.76
CA PHE B 605 48.38 45.29 29.49
C PHE B 605 46.89 45.37 29.19
N ASN B 606 46.42 44.37 28.45
CA ASN B 606 45.04 44.27 27.99
C ASN B 606 43.95 44.75 28.92
N ARG B 607 43.25 45.80 28.49
CA ARG B 607 42.20 46.37 29.29
C ARG B 607 41.17 45.34 29.72
N SER B 608 41.18 44.14 29.16
CA SER B 608 40.20 43.15 29.53
C SER B 608 40.69 42.12 30.51
N TYR B 609 41.92 42.27 30.97
CA TYR B 609 42.45 41.30 31.92
C TYR B 609 41.84 41.55 33.28
N ASN B 610 41.54 40.45 33.95
CA ASN B 610 40.93 40.47 35.28
C ASN B 610 39.50 40.98 35.17
N LYS B 611 38.89 40.70 34.04
CA LYS B 611 37.51 41.06 33.75
C LYS B 611 37.06 40.01 32.75
N ILE B 612 35.76 39.98 32.47
CA ILE B 612 35.25 39.02 31.51
C ILE B 612 35.17 39.72 30.18
N ALA B 613 35.85 39.13 29.21
CA ALA B 613 35.89 39.70 27.88
C ALA B 613 34.60 39.50 27.10
N PRO B 614 33.83 40.58 26.92
CA PRO B 614 32.56 40.54 26.19
C PRO B 614 32.53 39.50 25.09
N GLY B 615 33.28 39.77 24.02
CA GLY B 615 33.31 38.88 22.89
C GLY B 615 33.24 37.39 23.14
N ASN B 616 34.26 36.86 23.79
CA ASN B 616 34.33 35.43 24.06
C ASN B 616 34.05 35.12 25.52
N LYS B 617 33.58 36.12 26.25
CA LYS B 617 33.25 35.95 27.65
C LYS B 617 34.38 35.19 28.37
N ALA B 618 35.61 35.63 28.18
CA ALA B 618 36.77 34.97 28.78
C ALA B 618 37.46 35.77 29.90
N TYR B 619 37.99 35.02 30.86
CA TYR B 619 38.66 35.61 32.01
C TYR B 619 40.13 35.26 31.99
N ILE B 620 40.96 36.25 31.68
CA ILE B 620 42.41 36.06 31.66
C ILE B 620 43.02 36.95 32.74
N GLU B 621 43.65 36.33 33.74
CA GLU B 621 44.27 37.02 34.87
C GLU B 621 45.67 37.58 34.61
N TRP B 622 45.97 38.74 35.20
CA TRP B 622 47.27 39.41 35.04
C TRP B 622 47.50 40.25 36.28
N THR B 623 48.65 40.07 36.93
CA THR B 623 48.93 40.82 38.16
C THR B 623 48.84 42.32 37.93
N ASP B 624 47.88 42.95 38.58
CA ASP B 624 47.67 44.38 38.46
C ASP B 624 48.05 45.02 39.77
N PRO B 625 49.06 45.88 39.78
CA PRO B 625 49.48 46.55 41.00
C PRO B 625 48.36 47.29 41.71
N ILE B 626 47.72 48.22 41.02
CA ILE B 626 46.65 48.99 41.63
C ILE B 626 45.73 48.14 42.50
N THR B 627 45.22 47.07 41.91
CA THR B 627 44.31 46.17 42.61
C THR B 627 44.96 45.50 43.83
N LYS B 628 46.27 45.38 43.78
CA LYS B 628 47.07 44.76 44.85
C LYS B 628 47.10 45.64 46.11
N ALA B 629 46.43 46.79 46.06
CA ALA B 629 46.41 47.73 47.17
C ALA B 629 45.02 48.25 47.44
N LYS B 630 44.04 47.63 46.82
CA LYS B 630 42.66 48.06 47.04
C LYS B 630 42.36 47.66 48.49
N ILE B 631 42.85 46.48 48.87
CA ILE B 631 42.68 45.91 50.20
C ILE B 631 42.83 46.90 51.32
N ASN B 632 43.70 47.89 51.13
CA ASN B 632 43.94 48.87 52.18
C ASN B 632 43.59 50.26 51.71
N THR B 633 42.40 50.45 51.15
CA THR B 633 41.97 51.77 50.67
C THR B 633 40.51 52.15 50.92
N ILE B 634 40.28 53.33 51.44
CA ILE B 634 38.92 53.76 51.69
C ILE B 634 38.25 54.09 50.36
N PRO B 635 37.39 53.19 49.85
CA PRO B 635 36.68 53.40 48.58
C PRO B 635 36.34 54.84 48.33
N THR B 636 36.07 55.14 47.07
CA THR B 636 35.72 56.49 46.63
C THR B 636 34.22 56.73 46.64
N SER B 637 33.82 57.99 46.70
CA SER B 637 32.40 58.27 46.70
C SER B 637 31.81 57.48 45.58
N ALA B 638 32.27 57.82 44.37
CA ALA B 638 31.83 57.20 43.12
C ALA B 638 32.12 55.71 42.96
N GLU B 639 33.18 55.21 43.57
CA GLU B 639 33.44 53.80 43.42
C GLU B 639 32.38 53.08 44.24
N PHE B 640 31.93 53.78 45.28
CA PHE B 640 30.94 53.23 46.20
C PHE B 640 29.59 53.20 45.50
N ILE B 641 29.12 54.35 45.06
CA ILE B 641 27.86 54.40 44.37
C ILE B 641 27.85 53.36 43.27
N LYS B 642 28.91 53.32 42.48
CA LYS B 642 29.01 52.35 41.39
C LYS B 642 28.70 50.93 41.87
N ASN B 643 29.32 50.54 42.97
CA ASN B 643 29.13 49.20 43.56
C ASN B 643 27.68 48.91 43.88
N LEU B 644 26.98 49.90 44.44
CA LEU B 644 25.59 49.71 44.77
C LEU B 644 24.85 49.46 43.46
N SER B 645 25.01 50.40 42.52
CA SER B 645 24.39 50.29 41.20
C SER B 645 24.48 48.81 40.76
N SER B 646 25.69 48.31 40.71
CA SER B 646 25.96 46.94 40.30
C SER B 646 25.00 45.94 40.94
N ILE B 647 25.06 45.84 42.26
CA ILE B 647 24.22 44.90 43.01
C ILE B 647 22.72 45.10 42.77
N ARG B 648 22.34 46.33 42.58
CA ARG B 648 20.96 46.60 42.25
C ARG B 648 20.58 45.85 40.98
N ARG B 649 21.48 45.80 39.97
CA ARG B 649 21.11 45.12 38.74
C ARG B 649 20.99 43.58 38.93
N SER B 650 21.42 43.03 40.12
CA SER B 650 21.56 41.55 40.41
C SER B 650 20.65 40.94 41.50
N SER B 651 20.87 41.26 42.75
CA SER B 651 19.71 40.97 43.55
C SER B 651 18.92 42.13 42.88
N ASN B 652 17.66 41.97 42.57
CA ASN B 652 16.95 43.09 41.96
C ASN B 652 16.30 43.88 43.11
N VAL B 653 17.12 44.30 44.06
CA VAL B 653 16.67 44.93 45.28
C VAL B 653 17.78 45.92 45.64
N GLY B 654 17.43 47.22 45.71
CA GLY B 654 18.41 48.24 46.03
C GLY B 654 18.66 48.42 47.52
N VAL B 655 19.79 49.03 47.85
CA VAL B 655 20.15 49.25 49.25
C VAL B 655 18.95 49.79 49.99
N TYR B 656 18.07 50.48 49.28
CA TYR B 656 16.90 51.03 49.91
C TYR B 656 15.79 51.06 48.88
N LYS B 657 14.60 50.65 49.28
CA LYS B 657 13.49 50.61 48.35
C LYS B 657 12.79 51.95 48.25
N ASP B 658 12.10 52.17 47.15
CA ASP B 658 11.34 53.39 46.94
C ASP B 658 9.97 53.12 47.54
N SER B 659 9.86 53.25 48.86
CA SER B 659 8.61 53.01 49.56
C SER B 659 8.33 54.12 50.55
N GLY B 660 7.37 53.89 51.44
CA GLY B 660 7.04 54.91 52.41
C GLY B 660 7.57 54.64 53.79
N ASP B 661 8.13 53.44 53.98
CA ASP B 661 8.68 53.03 55.28
C ASP B 661 9.74 54.01 55.74
N LYS B 662 9.53 54.64 56.89
CA LYS B 662 10.50 55.60 57.40
C LYS B 662 11.75 54.89 57.86
N ASP B 663 11.80 53.58 57.61
CA ASP B 663 12.95 52.77 57.96
C ASP B 663 13.88 52.73 56.76
N GLU B 664 13.27 52.71 55.58
CA GLU B 664 13.98 52.67 54.31
C GLU B 664 14.77 53.96 54.13
N PHE B 665 14.05 55.07 54.02
CA PHE B 665 14.66 56.37 53.89
C PHE B 665 15.83 56.49 54.88
N ALA B 666 15.65 56.00 56.10
CA ALA B 666 16.72 56.05 57.07
C ALA B 666 17.94 55.43 56.44
N LYS B 667 17.76 54.26 55.84
CA LYS B 667 18.85 53.58 55.17
C LYS B 667 19.30 54.48 54.05
N LYS B 668 18.37 55.03 53.29
CA LYS B 668 18.80 55.92 52.22
C LYS B 668 19.71 56.98 52.84
N GLU B 669 19.10 57.93 53.55
CA GLU B 669 19.82 59.02 54.19
C GLU B 669 21.17 58.56 54.69
N SER B 670 21.23 57.33 55.15
CA SER B 670 22.48 56.82 55.68
C SER B 670 23.55 56.46 54.66
N VAL B 671 23.17 56.07 53.46
CA VAL B 671 24.21 55.75 52.47
C VAL B 671 24.69 57.10 51.95
N LYS B 672 23.75 58.01 51.72
CA LYS B 672 24.10 59.32 51.26
C LYS B 672 25.12 59.83 52.26
N LYS B 673 24.89 59.47 53.53
CA LYS B 673 25.80 59.87 54.60
C LYS B 673 27.22 59.32 54.41
N ILE B 674 27.34 58.10 53.90
CA ILE B 674 28.65 57.52 53.66
C ILE B 674 29.20 58.12 52.37
N ALA B 675 28.33 58.28 51.39
CA ALA B 675 28.71 58.84 50.11
C ALA B 675 29.25 60.22 50.35
N GLY B 676 29.07 60.69 51.58
CA GLY B 676 29.55 62.01 51.93
C GLY B 676 30.95 61.89 52.48
N TYR B 677 31.06 61.21 53.61
CA TYR B 677 32.35 61.01 54.26
C TYR B 677 33.32 60.52 53.21
N LEU B 678 33.03 59.36 52.63
CA LEU B 678 33.88 58.78 51.61
C LEU B 678 34.54 59.78 50.69
N SER B 679 33.80 60.76 50.19
CA SER B 679 34.43 61.72 49.29
C SER B 679 35.16 62.76 50.11
N ASP B 680 34.65 63.04 51.31
CA ASP B 680 35.28 64.02 52.19
C ASP B 680 36.71 63.59 52.46
N TYR B 681 36.92 62.27 52.47
CA TYR B 681 38.24 61.71 52.70
C TYR B 681 39.16 62.25 51.63
N TYR B 682 38.78 62.02 50.36
CA TYR B 682 39.57 62.48 49.23
C TYR B 682 39.22 63.91 48.82
N ASN B 683 39.51 64.86 49.70
CA ASN B 683 39.27 66.26 49.41
C ASN B 683 40.63 66.81 48.99
N SER B 684 40.67 67.48 47.85
CA SER B 684 41.92 68.02 47.32
C SER B 684 42.51 69.19 48.12
N ALA B 685 41.71 69.81 48.97
CA ALA B 685 42.19 70.93 49.79
C ALA B 685 43.01 70.41 50.97
N ASN B 686 43.40 69.15 50.92
CA ASN B 686 44.21 68.58 51.99
C ASN B 686 45.64 69.05 51.83
N HIS B 687 45.91 69.86 50.79
CA HIS B 687 47.26 70.32 50.55
C HIS B 687 47.72 71.38 51.52
N ILE B 688 46.77 72.18 52.02
CA ILE B 688 47.10 73.22 52.97
C ILE B 688 47.42 72.72 54.37
N PHE B 689 47.49 71.40 54.55
CA PHE B 689 47.80 70.86 55.86
C PHE B 689 49.11 70.12 55.84
N SER B 690 49.64 69.84 57.03
CA SER B 690 50.92 69.13 57.15
C SER B 690 50.74 67.62 57.28
N GLN B 691 51.64 66.86 56.67
CA GLN B 691 51.56 65.41 56.73
C GLN B 691 50.90 64.89 58.00
N GLU B 692 51.50 65.16 59.16
CA GLU B 692 50.95 64.71 60.44
C GLU B 692 49.41 64.80 60.41
N LYS B 693 48.92 66.02 60.23
CA LYS B 693 47.49 66.29 60.17
C LYS B 693 46.79 65.39 59.17
N LYS B 694 47.22 65.50 57.91
CA LYS B 694 46.65 64.70 56.84
C LYS B 694 46.20 63.35 57.39
N ARG B 695 47.15 62.54 57.83
CA ARG B 695 46.84 61.20 58.36
C ARG B 695 45.75 61.30 59.42
N LYS B 696 45.90 62.27 60.32
CA LYS B 696 44.93 62.45 61.38
C LYS B 696 43.57 62.81 60.80
N ILE B 697 43.46 64.05 60.35
CA ILE B 697 42.22 64.56 59.77
C ILE B 697 41.50 63.56 58.86
N SER B 698 42.25 62.60 58.34
CA SER B 698 41.71 61.57 57.46
C SER B 698 41.41 60.30 58.25
N ILE B 699 42.35 59.84 59.06
CA ILE B 699 42.11 58.65 59.88
C ILE B 699 40.74 58.81 60.52
N PHE B 700 40.36 60.07 60.73
CA PHE B 700 39.06 60.36 61.33
C PHE B 700 38.01 60.28 60.25
N ARG B 701 38.17 61.12 59.22
CA ARG B 701 37.27 61.19 58.08
C ARG B 701 36.80 59.78 57.77
N GLY B 702 37.79 58.90 57.61
CA GLY B 702 37.51 57.52 57.30
C GLY B 702 36.74 56.86 58.42
N ILE B 703 37.17 57.11 59.65
CA ILE B 703 36.54 56.53 60.83
C ILE B 703 35.05 56.84 60.88
N GLN B 704 34.70 58.06 60.54
CA GLN B 704 33.31 58.49 60.52
C GLN B 704 32.57 57.59 59.56
N ALA B 705 33.21 57.33 58.43
CA ALA B 705 32.63 56.46 57.41
C ALA B 705 32.33 55.09 58.02
N TYR B 706 33.35 54.46 58.59
CA TYR B 706 33.20 53.16 59.22
C TYR B 706 31.99 53.19 60.12
N ASN B 707 31.85 54.27 60.87
CA ASN B 707 30.72 54.42 61.74
C ASN B 707 29.43 54.14 60.98
N GLU B 708 28.90 55.13 60.28
CA GLU B 708 27.67 54.97 59.51
C GLU B 708 27.51 53.65 58.80
N ILE B 709 28.61 53.06 58.35
CA ILE B 709 28.49 51.77 57.71
C ILE B 709 27.91 50.93 58.84
N GLU B 710 28.72 50.71 59.87
CA GLU B 710 28.34 49.95 61.09
C GLU B 710 26.88 50.16 61.38
N ASN B 711 26.47 51.42 61.41
CA ASN B 711 25.10 51.78 61.65
C ASN B 711 24.16 50.97 60.77
N VAL B 712 24.08 51.33 59.50
CA VAL B 712 23.22 50.63 58.55
C VAL B 712 23.25 49.12 58.75
N LEU B 713 24.44 48.54 58.69
CA LEU B 713 24.67 47.10 58.84
C LEU B 713 23.98 46.52 60.08
N LYS B 714 23.55 47.42 60.96
CA LYS B 714 22.83 47.08 62.18
C LYS B 714 21.53 47.85 62.04
N SER B 715 20.82 47.60 60.94
CA SER B 715 19.57 48.30 60.70
C SER B 715 18.43 47.34 60.34
N LYS B 716 17.46 47.83 59.59
CA LYS B 716 16.38 46.95 59.17
C LYS B 716 16.92 45.98 58.12
N GLN B 717 16.02 45.26 57.48
CA GLN B 717 16.40 44.27 56.50
C GLN B 717 17.10 44.84 55.27
N ILE B 718 18.39 44.55 55.20
CA ILE B 718 19.25 44.95 54.10
C ILE B 718 19.68 43.64 53.49
N ALA B 719 19.20 43.39 52.26
CA ALA B 719 19.53 42.15 51.58
C ALA B 719 20.90 41.65 51.95
N PRO B 720 21.03 40.35 52.19
CA PRO B 720 22.30 39.75 52.55
C PRO B 720 23.36 39.84 51.46
N GLU B 721 23.04 40.51 50.36
CA GLU B 721 24.01 40.68 49.28
C GLU B 721 24.80 41.94 49.56
N TYR B 722 24.15 42.90 50.23
CA TYR B 722 24.76 44.16 50.61
C TYR B 722 25.42 43.93 51.95
N LYS B 723 24.72 43.18 52.79
CA LYS B 723 25.21 42.85 54.12
C LYS B 723 26.68 42.53 53.94
N ASN B 724 26.98 41.70 52.94
CA ASN B 724 28.33 41.29 52.63
C ASN B 724 29.18 42.44 52.08
N TYR B 725 28.76 43.05 50.98
CA TYR B 725 29.52 44.18 50.41
C TYR B 725 29.90 45.11 51.55
N PHE B 726 28.90 45.66 52.21
CA PHE B 726 29.15 46.54 53.35
C PHE B 726 30.16 45.93 54.31
N GLN B 727 30.13 44.61 54.48
CA GLN B 727 31.07 43.95 55.36
C GLN B 727 32.47 44.13 54.78
N TYR B 728 32.57 43.92 53.48
CA TYR B 728 33.83 44.04 52.76
C TYR B 728 34.36 45.48 52.90
N LEU B 729 33.48 46.46 52.75
CA LEU B 729 33.88 47.85 52.89
C LEU B 729 34.56 48.08 54.23
N LYS B 730 34.06 47.42 55.27
CA LYS B 730 34.65 47.61 56.59
C LYS B 730 36.09 47.21 56.57
N GLU B 731 36.35 45.92 56.33
CA GLU B 731 37.72 45.45 56.32
C GLU B 731 38.63 46.50 55.68
N ARG B 732 38.17 47.09 54.60
CA ARG B 732 38.93 48.13 53.90
C ARG B 732 39.21 49.31 54.81
N ILE B 733 38.18 50.12 55.04
CA ILE B 733 38.28 51.29 55.90
C ILE B 733 39.19 50.96 57.06
N THR B 734 38.93 49.84 57.69
CA THR B 734 39.78 49.42 58.78
C THR B 734 41.22 49.45 58.26
N ASN B 735 41.55 48.50 57.39
CA ASN B 735 42.88 48.39 56.82
C ASN B 735 43.56 49.72 56.52
N GLN B 736 42.84 50.60 55.81
CA GLN B 736 43.32 51.92 55.40
C GLN B 736 43.66 52.79 56.59
N VAL B 737 42.86 52.69 57.64
CA VAL B 737 43.11 53.48 58.84
C VAL B 737 44.28 52.89 59.61
N GLN B 738 44.47 51.57 59.53
CA GLN B 738 45.59 50.96 60.23
C GLN B 738 46.87 51.40 59.56
N LEU B 739 46.83 51.55 58.24
CA LEU B 739 48.00 52.00 57.47
C LEU B 739 48.32 53.44 57.82
N LEU B 740 47.27 54.24 57.99
CA LEU B 740 47.46 55.64 58.34
C LEU B 740 47.92 55.78 59.78
N LEU B 741 48.07 54.71 60.44
CA LEU B 741 48.54 54.69 61.81
C LEU B 741 50.00 54.29 61.80
N THR B 742 50.33 53.15 61.19
CA THR B 742 51.75 52.72 61.14
C THR B 742 52.58 53.75 60.41
N HIS B 743 52.01 54.86 60.11
CA HIS B 743 52.92 55.75 59.49
C HIS B 743 53.43 56.71 60.58
N GLN B 744 52.64 56.83 61.66
CA GLN B 744 52.83 57.75 62.83
C GLN B 744 53.23 57.16 64.16
N LYS B 745 52.24 56.79 64.93
CA LYS B 745 52.54 56.15 66.19
C LYS B 745 52.28 54.63 65.98
N SER B 746 52.79 53.77 66.86
CA SER B 746 52.73 52.34 66.58
C SER B 746 51.91 51.39 67.42
N ASN B 747 51.48 51.67 68.63
CA ASN B 747 50.82 50.58 69.36
C ASN B 747 49.31 50.56 69.18
N ILE B 748 48.86 51.77 68.95
CA ILE B 748 47.47 52.08 68.73
C ILE B 748 46.86 51.15 67.70
N GLU B 749 45.75 50.49 68.06
CA GLU B 749 45.07 49.59 67.13
C GLU B 749 43.72 50.17 66.75
N PHE B 750 43.21 49.73 65.59
CA PHE B 750 41.92 50.24 65.15
C PHE B 750 40.83 49.87 66.14
N LYS B 751 40.43 48.59 66.10
CA LYS B 751 39.39 48.04 66.98
C LYS B 751 39.26 48.82 68.29
N LEU B 752 40.42 49.13 68.88
CA LEU B 752 40.47 49.87 70.13
C LEU B 752 40.13 51.36 69.95
N LEU B 753 41.01 52.08 69.24
CA LEU B 753 40.83 53.52 68.99
C LEU B 753 39.37 53.83 68.75
N TYR B 754 38.72 52.95 67.98
CA TYR B 754 37.31 53.12 67.66
C TYR B 754 36.47 52.98 68.92
N LYS B 755 36.64 51.85 69.61
CA LYS B 755 35.92 51.59 70.84
C LYS B 755 35.86 52.86 71.69
N GLN B 756 37.03 53.47 71.87
CA GLN B 756 37.21 54.68 72.67
C GLN B 756 36.51 55.98 72.27
N LEU B 757 35.65 55.96 71.24
CA LEU B 757 34.97 57.19 70.85
C LEU B 757 33.51 57.16 71.30
N ASN B 758 32.80 58.24 70.98
CA ASN B 758 31.39 58.38 71.33
C ASN B 758 30.67 59.12 70.20
N PHE B 759 30.04 58.38 69.29
CA PHE B 759 29.33 58.99 68.16
C PHE B 759 27.83 59.09 68.44
N THR B 760 27.49 59.34 69.71
CA THR B 760 26.10 59.46 70.14
C THR B 760 25.39 60.71 69.62
N GLU B 761 25.63 61.85 70.26
CA GLU B 761 24.98 63.08 69.85
C GLU B 761 25.97 64.11 69.33
N ASN B 762 27.08 64.29 70.01
CA ASN B 762 28.08 65.27 69.62
C ASN B 762 29.40 64.68 69.09
N GLU B 763 29.90 65.35 68.02
CA GLU B 763 31.15 65.08 67.29
C GLU B 763 32.18 66.13 67.65
N THR B 764 31.75 67.03 68.50
CA THR B 764 32.59 68.10 68.97
C THR B 764 33.96 67.69 69.50
N ASP B 765 34.00 67.43 70.80
CA ASP B 765 35.24 67.02 71.46
C ASP B 765 35.65 65.62 71.02
N ASN B 766 34.71 64.89 70.43
CA ASN B 766 34.98 63.55 69.93
C ASN B 766 36.26 63.55 69.17
N PHE B 767 36.44 64.60 68.37
CA PHE B 767 37.62 64.76 67.56
C PHE B 767 38.82 65.15 68.42
N GLU B 768 38.66 66.08 69.32
CA GLU B 768 39.74 66.51 70.21
C GLU B 768 40.18 65.27 70.97
N VAL B 769 39.20 64.49 71.39
CA VAL B 769 39.47 63.26 72.11
C VAL B 769 40.44 62.50 71.25
N PHE B 770 40.00 62.21 70.04
CA PHE B 770 40.78 61.48 69.07
C PHE B 770 42.24 61.93 69.03
N GLN B 771 42.49 63.23 69.16
CA GLN B 771 43.88 63.71 69.14
C GLN B 771 44.61 63.04 70.27
N LYS B 772 44.21 63.35 71.50
CA LYS B 772 44.85 62.77 72.65
C LYS B 772 44.92 61.27 72.49
N ILE B 773 43.87 60.69 71.91
CA ILE B 773 43.85 59.25 71.70
C ILE B 773 45.11 58.86 70.95
N ILE B 774 45.85 59.86 70.48
CA ILE B 774 47.11 59.61 69.78
C ILE B 774 48.27 60.39 70.44
N ASP B 775 48.89 59.75 71.44
CA ASP B 775 50.04 60.29 72.18
C ASP B 775 51.05 59.19 72.53
N ASN C 41 13.66 -6.61 87.41
CA ASN C 41 12.47 -7.42 86.97
C ASN C 41 12.25 -8.65 87.86
N ASN C 42 12.45 -8.48 89.17
CA ASN C 42 12.26 -9.58 90.12
C ASN C 42 13.06 -10.81 89.70
N LEU C 43 14.38 -10.71 89.86
CA LEU C 43 15.34 -11.74 89.52
C LEU C 43 15.19 -13.05 90.30
N VAL C 44 14.85 -12.92 91.58
CA VAL C 44 14.72 -14.10 92.40
C VAL C 44 13.36 -14.73 92.23
N LYS C 45 13.34 -16.06 92.23
CA LYS C 45 12.11 -16.81 92.09
C LYS C 45 12.18 -18.00 93.04
N THR C 46 11.26 -18.03 94.00
CA THR C 46 11.15 -19.12 94.98
C THR C 46 9.94 -19.95 94.57
N GLU C 47 10.18 -21.16 94.08
CA GLU C 47 9.09 -22.00 93.63
C GLU C 47 8.31 -22.63 94.76
N PHE C 48 8.96 -22.86 95.90
CA PHE C 48 8.23 -23.46 96.99
C PHE C 48 8.43 -22.80 98.35
N THR C 49 7.31 -22.31 98.92
CA THR C 49 7.27 -21.67 100.23
C THR C 49 7.05 -22.78 101.26
N ASN C 50 7.54 -23.96 100.91
CA ASN C 50 7.44 -25.17 101.73
C ASN C 50 8.18 -25.02 103.05
N GLU C 51 9.44 -25.42 103.06
CA GLU C 51 10.28 -25.33 104.26
C GLU C 51 10.00 -24.04 105.03
N THR C 52 10.36 -24.03 106.30
CA THR C 52 10.12 -22.85 107.11
C THR C 52 11.09 -21.73 106.81
N LEU C 53 11.23 -20.86 107.79
CA LEU C 53 12.10 -19.72 107.72
C LEU C 53 13.53 -20.23 107.68
N ASP C 54 13.75 -21.42 107.16
CA ASP C 54 15.11 -21.90 107.09
C ASP C 54 15.54 -22.08 105.64
N LYS C 55 14.61 -22.39 104.75
CA LYS C 55 15.01 -22.51 103.36
C LYS C 55 15.16 -21.04 103.02
N ILE C 56 14.17 -20.28 103.44
CA ILE C 56 14.13 -18.85 103.22
C ILE C 56 15.34 -18.16 103.87
N GLN C 57 15.44 -18.26 105.19
CA GLN C 57 16.55 -17.63 105.92
C GLN C 57 17.89 -18.19 105.43
N GLN C 58 17.83 -19.03 104.39
CA GLN C 58 19.03 -19.67 103.85
C GLN C 58 19.25 -19.19 102.42
N THR C 59 18.16 -19.04 101.69
CA THR C 59 18.25 -18.55 100.33
C THR C 59 18.68 -17.10 100.47
N GLN C 60 18.07 -16.40 101.43
CA GLN C 60 18.41 -15.02 101.70
C GLN C 60 19.89 -14.95 102.03
N ASP C 61 20.28 -15.43 103.20
CA ASP C 61 21.68 -15.39 103.59
C ASP C 61 22.61 -15.58 102.39
N LEU C 62 22.16 -16.30 101.38
CA LEU C 62 22.98 -16.50 100.20
C LEU C 62 23.07 -15.21 99.41
N LEU C 63 21.95 -14.83 98.80
CA LEU C 63 21.89 -13.64 97.98
C LEU C 63 22.39 -12.35 98.61
N LYS C 64 22.11 -12.11 99.90
CA LYS C 64 22.54 -10.86 100.50
C LYS C 64 24.06 -10.71 100.56
N LYS C 65 24.76 -11.79 100.23
CA LYS C 65 26.22 -11.75 100.24
C LYS C 65 26.78 -11.41 98.85
N ILE C 66 25.91 -11.41 97.85
CA ILE C 66 26.31 -11.08 96.48
C ILE C 66 26.00 -9.58 96.34
N PRO C 67 26.89 -8.81 95.70
CA PRO C 67 26.63 -7.36 95.55
C PRO C 67 25.35 -7.02 94.81
N LYS C 68 24.56 -6.15 95.43
CA LYS C 68 23.30 -5.73 94.85
C LYS C 68 23.40 -5.46 93.37
N ASP C 69 24.63 -5.41 92.85
CA ASP C 69 24.84 -5.14 91.43
C ASP C 69 25.10 -6.41 90.61
N VAL C 70 25.99 -7.26 91.09
CA VAL C 70 26.28 -8.49 90.37
C VAL C 70 24.94 -9.01 89.91
N LEU C 71 23.90 -8.67 90.66
CA LEU C 71 22.54 -9.07 90.35
C LEU C 71 21.96 -8.14 89.28
N GLU C 72 21.91 -6.85 89.59
CA GLU C 72 21.40 -5.86 88.65
C GLU C 72 22.07 -6.03 87.29
N ILE C 73 23.09 -6.87 87.23
CA ILE C 73 23.81 -7.15 86.00
C ILE C 73 23.14 -8.37 85.44
N TYR C 74 22.98 -9.33 86.31
CA TYR C 74 22.35 -10.60 85.97
C TYR C 74 20.92 -10.33 85.53
N SER C 75 20.26 -9.37 86.17
CA SER C 75 18.89 -9.07 85.80
C SER C 75 18.83 -8.50 84.40
N GLU C 76 19.46 -7.35 84.20
CA GLU C 76 19.48 -6.71 82.89
C GLU C 76 19.89 -7.75 81.82
N LEU C 77 20.75 -8.68 82.21
CA LEU C 77 21.20 -9.71 81.29
C LEU C 77 20.05 -10.69 81.06
N GLY C 78 18.87 -10.30 81.48
CA GLY C 78 17.70 -11.14 81.32
C GLY C 78 17.72 -12.42 82.15
N GLY C 79 18.69 -12.53 83.05
CA GLY C 79 18.78 -13.71 83.89
C GLY C 79 17.73 -13.73 84.98
N GLU C 80 17.48 -14.91 85.53
CA GLU C 80 16.50 -15.07 86.60
C GLU C 80 17.07 -16.18 87.51
N ILE C 81 17.04 -16.00 88.82
CA ILE C 81 17.59 -17.05 89.68
C ILE C 81 16.46 -17.90 90.18
N TYR C 82 16.64 -19.22 90.13
CA TYR C 82 15.60 -20.13 90.56
C TYR C 82 15.84 -20.85 91.87
N PHE C 83 15.05 -20.47 92.86
CA PHE C 83 15.12 -21.06 94.19
C PHE C 83 13.87 -21.90 94.40
N THR C 84 13.99 -23.21 93.99
CA THR C 84 12.84 -24.06 94.14
C THR C 84 12.99 -24.84 95.45
N ASP C 85 12.23 -25.93 95.53
CA ASP C 85 12.28 -26.84 96.65
C ASP C 85 13.33 -27.87 96.23
N ILE C 86 13.22 -29.08 96.73
CA ILE C 86 14.12 -30.13 96.34
C ILE C 86 13.70 -30.63 94.98
N ASP C 87 14.60 -30.50 94.07
CA ASP C 87 14.49 -30.91 92.72
C ASP C 87 15.95 -31.13 92.43
N LEU C 88 16.41 -32.31 92.67
CA LEU C 88 17.83 -32.45 92.47
C LEU C 88 18.15 -32.55 90.98
N VAL C 89 17.66 -33.66 90.44
CA VAL C 89 17.86 -34.00 89.05
C VAL C 89 17.05 -33.17 88.07
N GLU C 90 17.09 -33.43 86.73
CA GLU C 90 16.37 -32.71 85.67
C GLU C 90 14.86 -32.80 85.92
N HIS C 91 14.39 -32.21 87.01
CA HIS C 91 12.97 -32.23 87.31
C HIS C 91 12.43 -30.80 87.32
N LYS C 92 13.34 -29.84 87.42
CA LYS C 92 12.95 -28.45 87.43
C LYS C 92 12.25 -28.12 86.13
N GLU C 93 11.17 -27.34 86.22
CA GLU C 93 10.40 -26.94 85.05
C GLU C 93 11.23 -26.27 83.97
N LEU C 94 12.55 -26.27 84.16
CA LEU C 94 13.44 -25.66 83.19
C LEU C 94 14.67 -26.53 82.96
N GLN C 95 14.77 -27.64 83.69
CA GLN C 95 15.90 -28.56 83.56
C GLN C 95 15.74 -29.63 82.48
N ASP C 96 15.00 -29.28 81.43
CA ASP C 96 14.75 -30.19 80.31
C ASP C 96 15.81 -29.97 79.22
N LEU C 97 15.45 -30.29 77.98
CA LEU C 97 16.37 -30.11 76.87
C LEU C 97 16.23 -28.71 76.27
N SER C 98 17.37 -28.05 76.07
CA SER C 98 17.41 -26.70 75.49
C SER C 98 18.85 -26.32 75.09
N GLU C 99 19.73 -26.35 76.08
CA GLU C 99 21.14 -26.01 75.92
C GLU C 99 21.89 -26.58 77.14
N GLU C 100 21.84 -27.90 77.30
CA GLU C 100 22.45 -28.56 78.44
C GLU C 100 23.96 -28.85 78.35
N GLU C 101 24.34 -30.04 78.79
CA GLU C 101 25.74 -30.51 78.80
C GLU C 101 26.21 -30.91 77.40
N LYS C 102 27.32 -30.32 76.96
CA LYS C 102 27.90 -30.62 75.66
C LYS C 102 29.41 -30.95 75.79
N ASN C 103 30.22 -30.19 76.54
CA ASN C 103 31.67 -30.36 76.74
C ASN C 103 32.04 -30.30 78.25
N SER C 104 33.09 -30.99 78.71
CA SER C 104 33.25 -31.15 80.17
C SER C 104 33.94 -30.14 81.10
N MET C 105 34.19 -28.92 80.73
CA MET C 105 34.82 -28.01 81.71
C MET C 105 33.69 -27.59 82.68
N ASN C 106 33.68 -28.13 83.95
CA ASN C 106 32.48 -28.06 84.88
C ASN C 106 32.37 -27.54 86.31
N SER C 107 33.39 -27.50 87.11
CA SER C 107 33.18 -26.89 88.38
C SER C 107 34.55 -26.35 88.72
N ARG C 108 34.85 -26.29 89.98
CA ARG C 108 36.13 -25.83 90.43
C ARG C 108 37.17 -26.95 90.22
N GLY C 109 37.08 -27.63 89.11
CA GLY C 109 37.88 -28.75 88.67
C GLY C 109 36.87 -29.33 87.72
N GLU C 110 37.15 -30.13 86.75
CA GLU C 110 35.93 -30.56 86.01
C GLU C 110 35.41 -31.90 86.63
N LYS C 111 34.19 -32.30 86.42
CA LYS C 111 33.67 -33.54 86.98
C LYS C 111 32.37 -33.62 86.27
N VAL C 112 31.95 -34.57 85.56
CA VAL C 112 30.71 -34.10 85.07
C VAL C 112 29.61 -34.97 85.56
N PRO C 113 29.34 -34.90 86.88
CA PRO C 113 28.45 -35.95 87.41
C PRO C 113 27.07 -35.36 87.76
N PHE C 114 26.38 -34.67 86.69
CA PHE C 114 25.07 -34.03 86.80
C PHE C 114 24.17 -34.54 87.93
N ALA C 115 24.13 -35.84 88.14
CA ALA C 115 23.29 -36.40 89.19
C ALA C 115 23.76 -35.88 90.55
N SER C 116 24.96 -35.29 90.58
CA SER C 116 25.54 -34.74 91.81
C SER C 116 25.77 -33.23 91.76
N ARG C 117 24.69 -32.46 91.59
CA ARG C 117 24.75 -31.00 91.55
C ARG C 117 23.48 -30.41 92.15
N PHE C 118 23.60 -29.17 92.60
CA PHE C 118 22.48 -28.45 93.23
C PHE C 118 22.32 -27.04 92.68
N VAL C 119 23.26 -26.65 91.83
CA VAL C 119 23.25 -25.34 91.24
C VAL C 119 23.47 -25.43 89.74
N PHE C 120 22.63 -24.75 88.95
CA PHE C 120 22.82 -24.80 87.52
C PHE C 120 22.42 -23.57 86.73
N GLU C 121 23.15 -23.36 85.64
CA GLU C 121 22.98 -22.23 84.74
C GLU C 121 22.62 -22.68 83.32
N LYS C 122 21.49 -22.18 82.81
CA LYS C 122 21.01 -22.50 81.48
C LYS C 122 21.68 -21.49 80.53
N LYS C 123 22.90 -21.80 80.15
CA LYS C 123 23.73 -20.92 79.33
C LYS C 123 23.20 -20.08 78.17
N ARG C 124 22.36 -20.76 77.32
CA ARG C 124 22.21 -20.01 76.07
C ARG C 124 21.45 -18.71 75.87
N GLU C 125 20.26 -18.38 76.17
CA GLU C 125 20.14 -17.02 75.65
C GLU C 125 20.17 -16.08 76.83
N THR C 126 19.18 -16.38 77.60
CA THR C 126 18.93 -15.78 78.82
C THR C 126 19.56 -16.77 79.83
N PRO C 127 20.25 -16.12 80.84
CA PRO C 127 20.79 -16.97 81.90
C PRO C 127 19.75 -17.33 82.95
N LYS C 128 19.75 -18.60 83.32
CA LYS C 128 18.80 -19.08 84.30
C LYS C 128 19.54 -19.77 85.44
N LEU C 129 19.68 -19.07 86.55
CA LEU C 129 20.34 -19.64 87.70
C LEU C 129 19.29 -20.49 88.38
N ILE C 130 19.59 -21.77 88.59
CA ILE C 130 18.67 -22.67 89.26
C ILE C 130 19.34 -23.33 90.45
N ILE C 131 18.82 -23.05 91.65
CA ILE C 131 19.37 -23.59 92.89
C ILE C 131 18.30 -24.20 93.80
N ASN C 132 18.71 -25.22 94.55
CA ASN C 132 17.85 -25.93 95.49
C ASN C 132 18.58 -26.01 96.82
N ILE C 133 17.87 -26.35 97.90
CA ILE C 133 18.46 -26.50 99.24
C ILE C 133 17.74 -27.63 100.03
N LYS C 134 18.50 -28.49 100.79
CA LYS C 134 17.96 -29.74 101.46
C LYS C 134 17.73 -29.67 102.97
N ASP C 135 18.70 -29.77 103.84
CA ASP C 135 18.25 -29.48 105.19
C ASP C 135 19.11 -28.31 105.63
N TYR C 136 19.40 -28.17 106.91
CA TYR C 136 20.12 -26.97 107.42
C TYR C 136 21.66 -26.75 107.09
N ALA C 137 22.36 -27.00 105.92
CA ALA C 137 23.86 -26.74 106.10
C ALA C 137 24.84 -26.33 104.91
N ILE C 138 25.40 -25.13 105.04
CA ILE C 138 26.25 -24.51 104.02
C ILE C 138 27.36 -23.74 104.69
N ASN C 139 27.17 -23.43 105.99
CA ASN C 139 28.09 -22.64 106.82
C ASN C 139 29.22 -23.39 107.54
N SER C 140 29.12 -24.71 107.65
CA SER C 140 30.18 -25.50 108.29
C SER C 140 31.29 -25.74 107.26
N GLU C 141 30.96 -26.46 106.19
CA GLU C 141 31.90 -26.72 105.11
C GLU C 141 31.39 -25.83 103.96
N GLN C 142 31.86 -24.58 103.97
CA GLN C 142 31.46 -23.59 102.96
C GLN C 142 31.89 -23.95 101.56
N SER C 143 32.88 -24.85 101.46
CA SER C 143 33.36 -25.28 100.16
C SER C 143 32.20 -25.71 99.28
N LYS C 144 31.01 -25.77 99.87
CA LYS C 144 29.80 -26.17 99.14
C LYS C 144 29.08 -24.96 98.55
N GLU C 145 29.28 -23.80 99.15
CA GLU C 145 28.65 -22.59 98.65
C GLU C 145 29.54 -21.94 97.60
N VAL C 146 30.85 -22.09 97.76
CA VAL C 146 31.83 -21.50 96.83
C VAL C 146 31.41 -21.82 95.40
N TYR C 147 30.47 -22.77 95.28
CA TYR C 147 29.98 -23.14 93.97
C TYR C 147 28.80 -22.30 93.58
N TYR C 148 27.77 -22.25 94.42
CA TYR C 148 26.64 -21.43 94.06
C TYR C 148 27.17 -20.02 93.77
N GLU C 149 28.43 -19.77 94.13
CA GLU C 149 29.03 -18.46 93.87
C GLU C 149 29.72 -18.45 92.51
N ILE C 150 30.58 -19.43 92.24
CA ILE C 150 31.24 -19.46 90.94
C ILE C 150 30.20 -19.93 89.94
N GLY C 151 29.54 -21.05 90.28
CA GLY C 151 28.51 -21.61 89.43
C GLY C 151 27.81 -20.45 88.76
N LYS C 152 27.78 -19.33 89.47
CA LYS C 152 27.17 -18.12 88.96
C LYS C 152 28.13 -17.54 87.95
N GLY C 153 29.18 -16.91 88.47
CA GLY C 153 30.20 -16.29 87.63
C GLY C 153 30.08 -16.48 86.13
N ILE C 154 29.94 -17.74 85.70
CA ILE C 154 29.79 -18.06 84.28
C ILE C 154 28.50 -17.42 83.77
N SER C 155 27.89 -16.62 84.63
CA SER C 155 26.68 -15.88 84.30
C SER C 155 27.11 -14.51 83.80
N LEU C 156 28.27 -14.03 84.37
CA LEU C 156 28.77 -12.66 84.05
C LEU C 156 30.22 -12.60 83.62
N ASP C 157 30.86 -13.71 83.48
CA ASP C 157 32.24 -13.69 83.04
C ASP C 157 32.30 -13.31 81.57
N ILE C 158 32.00 -14.32 80.74
CA ILE C 158 31.98 -14.25 79.29
C ILE C 158 31.22 -13.03 78.78
N ILE C 159 30.40 -12.45 79.63
CA ILE C 159 29.63 -11.27 79.27
C ILE C 159 29.99 -10.17 80.28
N SER C 160 30.84 -10.52 81.23
CA SER C 160 31.27 -9.61 82.27
C SER C 160 32.10 -8.47 81.71
N LYS C 161 33.41 -8.61 81.83
CA LYS C 161 34.36 -7.63 81.32
C LYS C 161 35.38 -8.49 80.59
N ASP C 162 35.50 -9.71 81.07
CA ASP C 162 36.41 -10.66 80.50
C ASP C 162 36.29 -10.62 78.99
N LYS C 163 35.04 -10.57 78.46
CA LYS C 163 34.73 -10.56 77.02
C LYS C 163 33.52 -9.57 76.62
N SER C 164 32.81 -8.93 77.62
CA SER C 164 31.54 -8.04 77.50
C SER C 164 31.65 -6.77 76.68
N LEU C 165 32.48 -5.80 77.08
CA LEU C 165 32.82 -4.83 76.04
C LEU C 165 33.86 -5.75 75.47
N ASP C 166 34.92 -5.46 74.80
CA ASP C 166 35.63 -6.71 74.48
C ASP C 166 36.75 -6.94 75.52
N PRO C 167 37.52 -8.07 75.47
CA PRO C 167 38.63 -8.12 76.41
C PRO C 167 39.29 -6.75 76.35
N GLU C 168 39.04 -5.88 77.29
CA GLU C 168 39.73 -4.62 77.17
C GLU C 168 41.02 -4.77 77.95
N PHE C 169 42.06 -4.03 77.59
CA PHE C 169 43.33 -4.12 78.29
C PHE C 169 43.14 -4.32 79.80
N LEU C 170 42.07 -3.69 80.39
CA LEU C 170 41.81 -3.86 81.82
C LEU C 170 42.05 -5.32 82.19
N ASN C 171 41.21 -6.22 81.70
CA ASN C 171 41.37 -7.63 81.99
C ASN C 171 42.57 -8.21 81.26
N LEU C 172 42.62 -7.98 79.95
CA LEU C 172 43.73 -8.50 79.14
C LEU C 172 45.07 -8.31 79.83
N ILE C 173 45.37 -7.06 80.22
CA ILE C 173 46.63 -6.76 80.89
C ILE C 173 46.69 -7.44 82.26
N LYS C 174 45.57 -7.42 82.97
CA LYS C 174 45.48 -8.05 84.30
C LYS C 174 45.73 -9.56 84.18
N SER C 175 45.58 -10.08 82.98
CA SER C 175 45.79 -11.49 82.74
C SER C 175 47.29 -11.71 82.51
N LEU C 176 47.90 -10.87 81.74
CA LEU C 176 49.33 -10.95 81.43
C LEU C 176 50.09 -11.27 82.68
N SER C 177 49.60 -10.77 83.82
CA SER C 177 50.20 -11.02 85.11
C SER C 177 50.12 -12.47 85.41
N ASP C 178 50.46 -13.18 84.37
CA ASP C 178 50.60 -14.55 84.53
C ASP C 178 51.73 -14.52 85.55
N ASP C 179 52.95 -14.22 85.18
CA ASP C 179 53.97 -14.32 86.23
C ASP C 179 55.01 -13.21 86.26
N SER C 180 54.88 -12.21 85.38
CA SER C 180 55.96 -11.22 85.25
C SER C 180 55.70 -9.78 85.73
N ASP C 181 54.57 -9.53 86.40
CA ASP C 181 54.23 -8.19 86.90
C ASP C 181 54.61 -8.05 88.36
N SER C 182 53.88 -8.71 89.20
CA SER C 182 54.08 -8.72 90.65
C SER C 182 55.01 -9.91 90.94
N SER C 183 55.81 -9.81 92.00
CA SER C 183 56.70 -10.91 92.39
C SER C 183 55.87 -12.08 92.92
N ASP C 184 54.72 -12.33 92.28
CA ASP C 184 53.81 -13.39 92.66
C ASP C 184 53.41 -14.31 91.51
N LEU C 185 54.13 -15.42 91.37
CA LEU C 185 53.85 -16.41 90.33
C LEU C 185 52.92 -17.46 90.93
N LEU C 186 51.95 -16.96 91.71
CA LEU C 186 50.95 -17.77 92.39
C LEU C 186 49.57 -17.65 91.71
N PHE C 187 49.22 -18.71 90.99
CA PHE C 187 47.97 -18.81 90.28
C PHE C 187 47.70 -20.29 90.01
N SER C 188 48.12 -21.10 90.99
CA SER C 188 47.94 -22.54 90.95
C SER C 188 46.49 -22.86 91.32
N GLN C 189 45.67 -21.82 91.39
CA GLN C 189 44.27 -21.99 91.74
C GLN C 189 43.32 -21.91 90.53
N LYS C 190 43.65 -21.14 89.55
CA LYS C 190 42.83 -20.96 88.36
C LYS C 190 43.55 -21.35 87.07
N PHE C 191 44.84 -21.73 87.08
CA PHE C 191 45.53 -21.95 85.76
C PHE C 191 46.37 -23.23 85.58
N LYS C 192 45.87 -24.46 85.47
CA LYS C 192 46.85 -25.55 85.52
C LYS C 192 46.90 -26.45 84.28
N GLU C 193 45.82 -27.19 84.06
CA GLU C 193 45.70 -28.10 82.95
C GLU C 193 45.61 -27.40 81.65
N LYS C 194 45.25 -26.17 81.71
CA LYS C 194 45.22 -25.50 80.47
C LYS C 194 46.36 -24.50 80.43
N LEU C 195 46.73 -23.88 81.56
CA LEU C 195 47.72 -22.78 81.64
C LEU C 195 48.96 -22.95 82.53
N GLU C 196 49.65 -24.08 82.36
CA GLU C 196 50.91 -24.34 83.00
C GLU C 196 51.89 -23.95 81.93
N LEU C 197 51.36 -23.10 81.05
CA LEU C 197 52.05 -22.55 79.88
C LEU C 197 52.67 -21.18 80.15
N ASN C 198 53.76 -21.18 80.92
CA ASN C 198 54.52 -19.95 81.21
C ASN C 198 55.43 -19.74 80.08
N ASN C 199 55.62 -20.81 79.32
CA ASN C 199 56.58 -20.79 78.26
C ASN C 199 56.17 -19.96 77.10
N LYS C 200 55.01 -19.42 77.13
CA LYS C 200 54.75 -18.60 76.01
C LYS C 200 54.08 -17.33 76.54
N SER C 201 54.75 -16.17 76.40
CA SER C 201 54.24 -14.88 76.85
C SER C 201 52.78 -14.67 76.44
N ILE C 202 51.88 -14.78 77.42
CA ILE C 202 50.43 -14.66 77.23
C ILE C 202 49.90 -13.24 76.96
N ASP C 203 49.45 -13.00 75.72
CA ASP C 203 48.90 -11.70 75.33
C ASP C 203 47.85 -11.94 74.24
N ILE C 204 47.77 -11.05 73.27
CA ILE C 204 46.81 -11.17 72.14
C ILE C 204 47.28 -12.29 71.27
N ASN C 205 48.47 -12.72 71.59
CA ASN C 205 48.97 -13.76 70.82
C ASN C 205 48.04 -14.94 70.93
N PHE C 206 47.61 -15.35 72.13
CA PHE C 206 46.77 -16.56 72.16
C PHE C 206 45.63 -16.53 73.18
N ILE C 207 45.44 -15.38 73.84
CA ILE C 207 44.39 -15.29 74.87
C ILE C 207 42.98 -15.66 74.39
N LYS C 208 42.75 -15.53 73.08
CA LYS C 208 41.46 -15.85 72.48
C LYS C 208 41.23 -17.36 72.49
N GLU C 209 42.20 -18.02 71.98
CA GLU C 209 42.16 -19.48 71.89
C GLU C 209 41.40 -20.12 73.06
N ASN C 210 41.65 -19.63 74.26
CA ASN C 210 41.02 -20.17 75.45
C ASN C 210 40.19 -19.17 76.24
N LEU C 211 39.11 -18.67 75.63
CA LEU C 211 38.24 -17.72 76.30
C LEU C 211 37.64 -18.39 77.53
N THR C 212 37.06 -19.57 77.34
CA THR C 212 36.45 -20.30 78.44
C THR C 212 37.43 -20.47 79.59
N GLU C 213 38.69 -20.77 79.25
CA GLU C 213 39.70 -20.99 80.28
C GLU C 213 39.95 -19.73 81.12
N PHE C 214 39.93 -18.57 80.50
CA PHE C 214 40.14 -17.36 81.26
C PHE C 214 38.87 -16.96 82.00
N GLN C 215 37.89 -17.85 81.95
CA GLN C 215 36.61 -17.65 82.65
C GLN C 215 36.72 -18.46 83.92
N HIS C 216 37.10 -19.73 83.77
CA HIS C 216 37.27 -20.64 84.90
C HIS C 216 38.13 -19.99 85.96
N ALA C 217 38.83 -18.92 85.57
CA ALA C 217 39.71 -18.20 86.47
C ALA C 217 39.05 -16.95 87.04
N PHE C 218 38.20 -16.31 86.25
CA PHE C 218 37.50 -15.12 86.70
C PHE C 218 36.39 -15.53 87.66
N SER C 219 35.83 -16.70 87.39
CA SER C 219 34.75 -17.23 88.19
C SER C 219 35.20 -17.57 89.61
N LEU C 220 36.41 -18.08 89.75
CA LEU C 220 36.92 -18.42 91.09
C LEU C 220 37.31 -17.12 91.75
N ALA C 221 37.87 -16.23 90.94
CA ALA C 221 38.30 -14.92 91.39
C ALA C 221 37.12 -14.22 92.03
N PHE C 222 35.93 -14.56 91.54
CA PHE C 222 34.68 -13.99 92.02
C PHE C 222 34.19 -14.79 93.23
N SER C 223 34.26 -16.11 93.12
CA SER C 223 33.83 -17.03 94.18
C SER C 223 34.61 -16.73 95.43
N TYR C 224 35.90 -16.53 95.24
CA TYR C 224 36.79 -16.23 96.32
C TYR C 224 36.54 -14.84 96.92
N TYR C 225 36.24 -13.86 96.08
CA TYR C 225 36.02 -12.51 96.59
C TYR C 225 34.74 -12.40 97.42
N PHE C 226 33.80 -13.31 97.18
CA PHE C 226 32.54 -13.28 97.90
C PHE C 226 32.21 -14.49 98.79
N ALA C 227 32.98 -15.56 98.64
CA ALA C 227 32.77 -16.75 99.44
C ALA C 227 32.83 -16.40 100.95
N PRO C 228 31.72 -16.64 101.69
CA PRO C 228 31.58 -16.36 103.13
C PRO C 228 32.63 -16.94 104.06
N ASP C 229 33.74 -17.43 103.49
CA ASP C 229 34.80 -18.01 104.30
C ASP C 229 36.20 -17.61 103.86
N HIS C 230 36.59 -17.99 102.66
CA HIS C 230 37.94 -17.65 102.19
C HIS C 230 38.00 -16.38 101.39
N ARG C 231 38.26 -15.30 102.12
CA ARG C 231 38.35 -13.97 101.55
C ARG C 231 39.79 -13.64 101.15
N THR C 232 40.68 -13.57 102.15
CA THR C 232 42.08 -13.24 101.95
C THR C 232 42.86 -14.25 101.10
N VAL C 233 42.46 -15.52 101.12
CA VAL C 233 43.16 -16.53 100.33
C VAL C 233 43.54 -15.89 99.00
N LEU C 234 42.67 -15.03 98.49
CA LEU C 234 42.91 -14.32 97.25
C LEU C 234 43.99 -13.26 97.49
N GLU C 235 43.65 -12.25 98.28
CA GLU C 235 44.57 -11.16 98.61
C GLU C 235 45.94 -11.66 99.01
N LEU C 236 45.98 -12.85 99.59
CA LEU C 236 47.23 -13.47 100.04
C LEU C 236 48.00 -14.03 98.86
N TYR C 237 47.35 -14.90 98.09
CA TYR C 237 47.98 -15.49 96.92
C TYR C 237 48.06 -14.49 95.76
N ALA C 238 47.11 -14.53 94.83
CA ALA C 238 47.10 -13.61 93.70
C ALA C 238 46.82 -12.20 94.21
N PRO C 239 47.79 -11.28 94.09
CA PRO C 239 47.65 -9.90 94.55
C PRO C 239 46.86 -9.00 93.61
N ASP C 240 46.77 -9.38 92.34
CA ASP C 240 46.02 -8.53 91.41
C ASP C 240 44.54 -8.88 91.39
N MET C 241 44.20 -10.07 90.91
CA MET C 241 42.81 -10.43 90.85
C MET C 241 42.04 -9.89 92.04
N PHE C 242 42.69 -9.81 93.19
CA PHE C 242 42.00 -9.26 94.35
C PHE C 242 41.59 -7.84 93.97
N GLU C 243 42.57 -6.94 93.95
CA GLU C 243 42.32 -5.54 93.63
C GLU C 243 41.48 -5.35 92.38
N TYR C 244 41.38 -6.41 91.57
CA TYR C 244 40.58 -6.34 90.35
C TYR C 244 39.13 -6.40 90.77
N MET C 245 38.74 -7.56 91.31
CA MET C 245 37.39 -7.79 91.80
C MET C 245 37.03 -6.65 92.72
N ASN C 246 37.98 -6.32 93.57
CA ASN C 246 37.84 -5.26 94.55
C ASN C 246 37.37 -3.98 93.88
N LYS C 247 37.98 -3.63 92.75
CA LYS C 247 37.57 -2.42 92.08
C LYS C 247 36.23 -2.67 91.39
N LEU C 248 35.86 -3.95 91.25
CA LEU C 248 34.57 -4.30 90.67
C LEU C 248 33.54 -4.00 91.72
N GLU C 249 33.79 -4.41 92.96
CA GLU C 249 32.84 -4.11 94.03
C GLU C 249 32.78 -2.59 94.19
N LYS C 250 33.94 -1.93 94.08
CA LYS C 250 34.07 -0.47 94.21
C LYS C 250 33.24 0.33 93.23
N GLY C 251 32.78 -0.32 92.17
CA GLY C 251 31.98 0.37 91.16
C GLY C 251 31.97 -0.37 89.82
N GLY C 252 33.02 -1.16 89.57
CA GLY C 252 33.13 -1.91 88.34
C GLY C 252 31.84 -2.57 87.91
N PHE C 253 31.08 -3.06 88.88
CA PHE C 253 29.81 -3.72 88.59
C PHE C 253 28.75 -2.69 88.25
N GLU C 254 28.72 -1.58 88.98
CA GLU C 254 27.73 -0.55 88.68
C GLU C 254 28.01 -0.05 87.28
N LYS C 255 29.18 -0.41 86.75
CA LYS C 255 29.54 0.00 85.39
C LYS C 255 28.67 -0.80 84.42
N ILE C 256 29.19 -1.94 84.00
CA ILE C 256 28.49 -2.82 83.07
C ILE C 256 26.98 -2.77 83.31
N SER C 257 26.59 -2.76 84.57
CA SER C 257 25.20 -2.70 84.95
C SER C 257 24.55 -1.41 84.45
N GLU C 258 25.34 -0.62 83.75
CA GLU C 258 24.88 0.65 83.21
C GLU C 258 25.27 0.77 81.75
N SER C 259 25.97 -0.24 81.25
CA SER C 259 26.35 -0.24 79.85
C SER C 259 25.37 -1.19 79.19
N LEU C 260 24.65 -1.92 80.03
CA LEU C 260 23.63 -2.84 79.54
C LEU C 260 22.30 -2.12 79.68
N LYS C 261 22.18 -1.33 80.74
CA LYS C 261 20.97 -0.56 80.99
C LYS C 261 20.77 0.37 79.80
N LYS C 262 21.76 1.21 79.53
CA LYS C 262 21.69 2.14 78.39
C LYS C 262 21.56 1.37 77.08
N GLU C 263 22.34 0.30 76.92
CA GLU C 263 22.22 -0.47 75.69
C GLU C 263 21.06 -1.42 75.89
N GLY C 264 20.12 -1.01 76.71
CA GLY C 264 18.95 -1.82 76.95
C GLY C 264 17.86 -1.21 76.11
N VAL C 265 17.70 0.09 76.22
CA VAL C 265 16.69 0.81 75.47
C VAL C 265 17.15 1.02 74.03
N GLU C 266 18.31 1.66 73.86
CA GLU C 266 18.86 1.94 72.53
C GLU C 266 19.04 0.66 71.71
N LYS C 267 18.70 -0.47 72.34
CA LYS C 267 18.81 -1.79 71.72
C LYS C 267 17.43 -2.22 71.21
N ASP C 268 16.45 -2.14 72.09
CA ASP C 268 15.08 -2.50 71.78
C ASP C 268 14.32 -1.18 71.65
N ARG C 269 14.63 -0.44 70.58
CA ARG C 269 13.97 0.83 70.31
C ARG C 269 13.11 0.69 69.06
N ILE C 270 12.84 1.80 68.39
CA ILE C 270 12.03 1.77 67.20
C ILE C 270 12.93 2.15 66.03
N ASP C 271 13.01 1.35 65.06
CA ASP C 271 13.82 1.59 63.88
C ASP C 271 13.47 2.95 63.29
N VAL C 272 14.37 3.88 63.35
CA VAL C 272 14.10 5.12 62.79
C VAL C 272 15.45 5.48 62.18
N LEU C 273 15.55 6.14 61.09
CA LEU C 273 16.90 6.38 60.72
C LEU C 273 17.24 7.78 61.23
N LYS C 274 18.36 8.00 61.93
CA LYS C 274 18.61 9.35 62.43
C LYS C 274 19.85 9.99 61.79
N GLY C 275 20.16 11.13 62.18
CA GLY C 275 21.31 11.84 61.63
C GLY C 275 21.17 12.17 60.15
N GLU C 276 22.25 12.58 59.49
CA GLU C 276 22.14 12.91 58.09
C GLU C 276 21.81 11.70 57.20
N LYS C 277 21.27 10.65 57.78
CA LYS C 277 20.87 9.49 56.98
C LYS C 277 19.44 9.74 56.54
N ALA C 278 18.64 10.22 57.49
CA ALA C 278 17.25 10.52 57.24
C ALA C 278 17.15 11.89 56.57
N LEU C 279 17.71 12.90 57.23
CA LEU C 279 17.71 14.26 56.71
C LEU C 279 17.93 14.23 55.20
N LYS C 280 18.34 13.07 54.68
CA LYS C 280 18.55 12.90 53.26
C LYS C 280 17.22 12.66 52.59
N ALA C 281 16.56 11.56 52.95
CA ALA C 281 15.26 11.21 52.36
C ALA C 281 14.19 12.20 52.81
N SER C 282 14.41 12.81 53.97
CA SER C 282 13.47 13.80 54.49
C SER C 282 13.06 14.68 53.33
N GLY C 283 14.02 15.50 52.92
CA GLY C 283 13.81 16.41 51.82
C GLY C 283 14.18 17.82 52.20
N LEU C 284 13.97 18.16 53.47
CA LEU C 284 14.28 19.51 53.88
C LEU C 284 15.67 19.94 53.41
N VAL C 285 15.89 21.24 53.39
CA VAL C 285 17.17 21.76 52.99
C VAL C 285 17.99 21.69 54.27
N PRO C 286 19.10 20.95 54.24
CA PRO C 286 20.02 20.78 55.38
C PRO C 286 20.22 22.03 56.24
N GLU C 287 20.76 23.09 55.64
CA GLU C 287 20.99 24.33 56.38
C GLU C 287 19.72 24.78 57.11
N HIS C 288 18.58 24.37 56.57
CA HIS C 288 17.27 24.69 57.12
C HIS C 288 16.95 23.81 58.30
N ALA C 289 17.05 22.51 58.11
CA ALA C 289 16.78 21.57 59.18
C ALA C 289 17.54 22.06 60.39
N ASP C 290 18.86 22.16 60.24
CA ASP C 290 19.73 22.62 61.33
C ASP C 290 19.18 23.93 61.88
N ALA C 291 18.83 24.85 60.97
CA ALA C 291 18.29 26.14 61.37
C ALA C 291 17.13 25.92 62.32
N PHE C 292 16.33 24.91 62.02
CA PHE C 292 15.17 24.54 62.81
C PHE C 292 15.63 23.97 64.14
N LYS C 293 16.69 23.17 64.06
CA LYS C 293 17.30 22.52 65.22
C LYS C 293 17.25 23.47 66.43
N LYS C 294 17.50 24.75 66.18
CA LYS C 294 17.52 25.76 67.24
C LYS C 294 16.17 26.03 67.91
N ILE C 295 15.12 26.26 67.11
CA ILE C 295 13.78 26.56 67.66
C ILE C 295 13.17 25.38 68.41
N ALA C 296 13.29 24.18 67.86
CA ALA C 296 12.74 23.02 68.55
C ALA C 296 13.19 23.17 69.99
N ARG C 297 14.51 23.23 70.17
CA ARG C 297 15.15 23.38 71.48
C ARG C 297 14.65 24.57 72.28
N GLU C 298 14.97 25.78 71.82
CA GLU C 298 14.58 26.99 72.54
C GLU C 298 13.17 26.88 73.06
N LEU C 299 12.21 26.74 72.15
CA LEU C 299 10.79 26.64 72.47
C LEU C 299 10.36 25.26 72.94
N ASN C 300 11.29 24.32 72.99
CA ASN C 300 11.00 22.96 73.43
C ASN C 300 9.70 22.41 72.85
N THR C 301 9.75 21.96 71.60
CA THR C 301 8.57 21.39 70.94
C THR C 301 9.00 20.56 69.73
N TYR C 302 8.37 19.41 69.53
CA TYR C 302 8.68 18.53 68.40
C TYR C 302 8.10 19.06 67.10
N ILE C 303 8.88 19.01 66.03
CA ILE C 303 8.42 19.44 64.71
C ILE C 303 8.42 18.23 63.80
N LEU C 304 7.34 18.02 63.06
CA LEU C 304 7.26 16.86 62.18
C LEU C 304 6.79 17.30 60.81
N PHE C 305 7.56 16.94 59.78
CA PHE C 305 7.26 17.30 58.41
C PHE C 305 6.84 16.09 57.58
N ARG C 306 6.13 16.33 56.48
CA ARG C 306 5.77 15.24 55.59
C ARG C 306 6.90 15.29 54.57
N PRO C 307 6.92 14.37 53.62
CA PRO C 307 8.03 14.42 52.66
C PRO C 307 8.07 15.62 51.78
N VAL C 308 9.19 16.33 51.83
CA VAL C 308 9.40 17.47 50.98
C VAL C 308 9.94 16.74 49.78
N ASN C 309 9.62 17.17 48.57
CA ASN C 309 10.15 16.46 47.41
C ASN C 309 11.61 16.84 47.11
N LYS C 310 12.38 15.82 46.73
CA LYS C 310 13.80 15.96 46.41
C LYS C 310 14.10 17.01 45.33
N LEU C 311 13.40 16.90 44.21
CA LEU C 311 13.59 17.80 43.09
C LEU C 311 13.30 19.26 43.43
N ALA C 312 13.15 19.57 44.71
CA ALA C 312 12.87 20.95 45.08
C ALA C 312 13.81 21.48 46.14
N THR C 313 14.49 20.57 46.82
CA THR C 313 15.41 20.94 47.90
C THR C 313 16.40 22.05 47.56
N ASN C 314 17.16 21.86 46.48
CA ASN C 314 18.14 22.85 46.06
C ASN C 314 17.41 24.11 45.64
N LEU C 315 16.39 23.95 44.78
CA LEU C 315 15.58 25.07 44.29
C LEU C 315 15.25 25.95 45.48
N ILE C 316 14.94 25.30 46.58
CA ILE C 316 14.64 26.01 47.79
C ILE C 316 15.91 26.76 48.23
N LYS C 317 16.98 26.04 48.58
CA LYS C 317 18.23 26.70 49.02
C LYS C 317 18.62 27.71 47.94
N SER C 318 18.34 27.33 46.70
CA SER C 318 18.62 28.13 45.54
C SER C 318 18.01 29.51 45.69
N GLY C 319 16.78 29.56 46.19
CA GLY C 319 16.12 30.83 46.38
C GLY C 319 14.69 30.87 45.86
N VAL C 320 14.30 29.77 45.23
CA VAL C 320 12.95 29.63 44.68
C VAL C 320 11.91 29.65 45.78
N ALA C 321 10.87 30.46 45.63
CA ALA C 321 9.84 30.51 46.66
C ALA C 321 9.05 29.20 46.69
N THR C 322 8.14 29.09 47.67
CA THR C 322 7.35 27.89 47.87
C THR C 322 5.83 28.03 47.68
N LYS C 323 5.20 26.96 47.19
CA LYS C 323 3.76 26.96 46.95
C LYS C 323 2.95 27.22 48.22
N GLY C 324 2.12 28.24 48.15
CA GLY C 324 1.29 28.61 49.28
C GLY C 324 -0.11 28.08 49.11
N LEU C 325 -1.05 28.72 49.77
CA LEU C 325 -2.43 28.28 49.70
C LEU C 325 -3.13 28.75 48.44
N ASN C 326 -2.67 29.87 47.93
CA ASN C 326 -3.20 30.51 46.75
C ASN C 326 -3.03 29.71 45.45
N VAL C 327 -2.09 28.77 45.41
CA VAL C 327 -1.90 27.97 44.19
C VAL C 327 -2.26 26.50 44.41
N HIS C 328 -2.82 25.88 43.38
CA HIS C 328 -3.23 24.47 43.47
C HIS C 328 -2.86 23.70 42.21
N GLY C 329 -1.72 24.06 41.62
CA GLY C 329 -1.27 23.37 40.44
C GLY C 329 -0.46 22.19 40.91
N LYS C 330 -0.13 21.30 39.98
CA LYS C 330 0.66 20.15 40.37
C LYS C 330 2.09 20.41 39.99
N SER C 331 2.99 19.96 40.86
CA SER C 331 4.40 20.11 40.60
C SER C 331 4.67 19.24 39.39
N SER C 332 5.95 19.07 39.06
CA SER C 332 6.31 18.24 37.93
C SER C 332 7.48 17.40 38.36
N ASP C 333 7.58 16.21 37.78
CA ASP C 333 8.66 15.30 38.11
C ASP C 333 9.38 14.79 36.86
N TRP C 334 9.69 15.70 35.94
CA TRP C 334 10.38 15.33 34.71
C TRP C 334 10.65 16.53 33.80
N GLY C 335 11.68 16.40 32.96
CA GLY C 335 12.03 17.49 32.07
C GLY C 335 12.62 18.61 32.91
N PRO C 336 12.95 19.75 32.29
CA PRO C 336 13.54 20.86 33.04
C PRO C 336 12.58 21.38 34.10
N VAL C 337 11.38 21.74 33.65
CA VAL C 337 10.37 22.26 34.56
C VAL C 337 10.36 21.56 35.91
N ALA C 338 10.79 20.29 35.91
CA ALA C 338 10.84 19.46 37.12
C ALA C 338 11.06 20.24 38.41
N GLY C 339 10.20 20.00 39.40
CA GLY C 339 10.33 20.67 40.69
C GLY C 339 9.74 22.07 40.72
N TYR C 340 9.28 22.54 39.57
CA TYR C 340 8.66 23.86 39.44
C TYR C 340 7.19 23.55 39.17
N ILE C 341 6.30 24.54 39.33
CA ILE C 341 4.87 24.35 39.07
C ILE C 341 4.49 24.95 37.74
N PRO C 342 4.66 24.18 36.65
CA PRO C 342 4.34 24.65 35.30
C PRO C 342 2.96 25.26 35.12
N PHE C 343 2.90 26.32 34.34
CA PHE C 343 1.63 26.98 34.07
C PHE C 343 0.85 26.00 33.22
N ASP C 344 1.56 25.23 32.40
CA ASP C 344 0.90 24.23 31.58
C ASP C 344 0.90 22.98 32.44
N GLN C 345 -0.26 22.35 32.62
CA GLN C 345 -0.30 21.18 33.46
C GLN C 345 0.21 19.93 32.78
N ASP C 346 0.19 19.91 31.44
CA ASP C 346 0.68 18.75 30.69
C ASP C 346 2.21 18.67 30.76
N LEU C 347 2.78 19.49 31.63
CA LEU C 347 4.22 19.56 31.87
C LEU C 347 4.54 19.26 33.33
N SER C 348 3.64 18.55 33.99
CA SER C 348 3.79 18.19 35.40
C SER C 348 3.38 16.73 35.59
N LYS C 349 3.49 16.25 36.82
CA LYS C 349 3.16 14.87 37.15
C LYS C 349 1.96 14.24 36.43
N LYS C 350 1.00 15.07 36.02
CA LYS C 350 -0.20 14.55 35.37
C LYS C 350 -0.21 14.63 33.83
N HIS C 351 0.97 14.42 33.25
CA HIS C 351 1.16 14.44 31.81
C HIS C 351 0.36 13.34 31.13
N GLY C 352 -0.71 13.71 30.43
CA GLY C 352 -1.54 12.74 29.74
C GLY C 352 -2.97 12.68 30.28
N GLN C 353 -3.10 12.76 31.61
CA GLN C 353 -4.39 12.72 32.28
C GLN C 353 -5.25 13.87 31.76
N GLN C 354 -5.91 13.64 30.63
CA GLN C 354 -6.74 14.66 30.01
C GLN C 354 -7.59 15.46 31.00
N LEU C 355 -8.00 14.86 32.10
CA LEU C 355 -8.84 15.59 33.03
C LEU C 355 -8.15 16.38 34.12
N ALA C 356 -7.09 15.83 34.71
CA ALA C 356 -6.36 16.52 35.78
C ALA C 356 -5.55 17.70 35.26
N VAL C 357 -5.38 17.74 33.94
CA VAL C 357 -4.66 18.83 33.30
C VAL C 357 -5.77 19.82 32.95
N GLU C 358 -6.82 19.27 32.33
CA GLU C 358 -7.99 20.03 31.92
C GLU C 358 -8.73 20.58 33.14
N LYS C 359 -8.16 20.35 34.32
CA LYS C 359 -8.75 20.85 35.55
C LYS C 359 -7.62 21.46 36.35
N GLY C 360 -6.40 21.14 35.93
CA GLY C 360 -5.24 21.68 36.61
C GLY C 360 -5.11 23.12 36.18
N ASN C 361 -5.19 23.32 34.87
CA ASN C 361 -5.10 24.64 34.31
C ASN C 361 -6.17 25.53 34.94
N LEU C 362 -7.41 25.06 34.88
CA LEU C 362 -8.52 25.81 35.46
C LEU C 362 -8.12 26.53 36.73
N GLU C 363 -7.29 25.87 37.53
CA GLU C 363 -6.85 26.42 38.82
C GLU C 363 -5.74 27.46 38.73
N ASN C 364 -4.71 27.16 37.93
CA ASN C 364 -3.61 28.11 37.75
C ASN C 364 -4.20 29.41 37.28
N LYS C 365 -4.91 29.34 36.17
CA LYS C 365 -5.55 30.52 35.62
C LYS C 365 -6.23 31.27 36.76
N LYS C 366 -7.22 30.64 37.39
CA LYS C 366 -7.91 31.29 38.50
C LYS C 366 -6.97 31.81 39.56
N SER C 367 -5.96 31.02 39.88
CA SER C 367 -5.00 31.41 40.89
C SER C 367 -4.51 32.84 40.64
N ILE C 368 -4.31 33.17 39.37
CA ILE C 368 -3.83 34.49 38.97
C ILE C 368 -5.00 35.46 38.89
N THR C 369 -6.06 35.01 38.24
CA THR C 369 -7.27 35.81 38.09
C THR C 369 -7.64 36.39 39.45
N GLU C 370 -7.99 35.51 40.39
CA GLU C 370 -8.38 35.95 41.71
C GLU C 370 -7.32 36.80 42.39
N HIS C 371 -6.28 36.14 42.89
CA HIS C 371 -5.23 36.82 43.59
C HIS C 371 -4.22 37.46 42.66
N GLU C 372 -4.67 38.34 41.77
CA GLU C 372 -3.74 38.99 40.86
C GLU C 372 -2.75 39.83 41.66
N GLY C 373 -1.60 40.15 41.07
CA GLY C 373 -0.63 40.95 41.80
C GLY C 373 0.29 40.14 42.69
N GLU C 374 -0.18 38.99 43.18
CA GLU C 374 0.64 38.15 44.05
C GLU C 374 0.92 36.81 43.37
N ILE C 375 -0.02 36.36 42.57
CA ILE C 375 0.15 35.10 41.87
C ILE C 375 0.20 35.27 40.37
N GLY C 376 1.35 34.97 39.78
CA GLY C 376 1.49 35.08 38.35
C GLY C 376 2.36 34.01 37.74
N LYS C 377 2.69 34.22 36.48
CA LYS C 377 3.52 33.33 35.72
C LYS C 377 4.78 34.08 35.24
N ILE C 378 5.89 33.36 35.17
CA ILE C 378 7.14 33.95 34.68
C ILE C 378 7.89 32.85 33.95
N PRO C 379 8.66 33.24 32.93
CA PRO C 379 9.45 32.31 32.11
C PRO C 379 10.51 31.56 32.90
N LEU C 380 10.55 30.25 32.68
CA LEU C 380 11.48 29.36 33.35
C LEU C 380 12.94 29.72 33.09
N LYS C 381 13.79 29.53 34.10
CA LYS C 381 15.23 29.81 33.98
C LYS C 381 16.06 28.88 34.87
N LEU C 382 16.47 27.75 34.32
CA LEU C 382 17.29 26.79 35.04
C LEU C 382 18.70 27.35 35.14
N ASP C 383 19.07 27.83 36.33
CA ASP C 383 20.38 28.42 36.53
C ASP C 383 21.53 27.45 36.20
N HIS C 384 22.76 27.89 36.43
CA HIS C 384 23.93 27.08 36.12
C HIS C 384 24.00 25.72 36.83
N LEU C 385 23.97 25.73 38.15
CA LEU C 385 24.06 24.50 38.94
C LEU C 385 22.92 23.54 38.66
N ARG C 386 21.70 24.03 38.82
CA ARG C 386 20.50 23.24 38.60
C ARG C 386 20.63 22.26 37.44
N ILE C 387 21.34 22.66 36.39
CA ILE C 387 21.54 21.81 35.22
C ILE C 387 22.34 20.55 35.54
N GLU C 388 23.59 20.75 35.98
CA GLU C 388 24.47 19.62 36.29
C GLU C 388 23.81 18.64 37.27
N GLU C 389 22.64 19.01 37.81
CA GLU C 389 21.92 18.15 38.74
C GLU C 389 20.83 17.34 38.05
N LEU C 390 20.10 17.97 37.14
CA LEU C 390 19.06 17.24 36.42
C LEU C 390 19.85 16.29 35.53
N LYS C 391 21.17 16.40 35.65
CA LYS C 391 22.10 15.57 34.91
C LYS C 391 22.16 14.18 35.50
N GLU C 392 22.92 14.03 36.58
CA GLU C 392 23.08 12.74 37.22
C GLU C 392 21.79 12.28 37.87
N ASN C 393 20.93 13.21 38.25
CA ASN C 393 19.66 12.83 38.86
C ASN C 393 18.92 12.03 37.83
N GLY C 394 19.27 12.26 36.55
CA GLY C 394 18.66 11.55 35.44
C GLY C 394 17.37 12.14 34.88
N ILE C 395 17.33 13.45 34.69
CA ILE C 395 16.13 14.09 34.18
C ILE C 395 16.27 14.66 32.79
N ILE C 396 17.45 15.21 32.49
CA ILE C 396 17.70 15.78 31.17
C ILE C 396 19.10 15.37 30.71
N LEU C 397 19.41 15.67 29.46
CA LEU C 397 20.71 15.36 28.86
C LEU C 397 21.09 16.49 27.90
N LYS C 398 22.04 17.34 28.35
CA LYS C 398 22.50 18.49 27.58
C LYS C 398 23.43 18.10 26.42
N GLY C 399 23.20 18.72 25.26
CA GLY C 399 24.02 18.42 24.08
C GLY C 399 23.95 19.32 22.85
N LYS C 400 23.82 18.69 21.68
CA LYS C 400 23.77 19.36 20.38
C LYS C 400 23.32 20.82 20.44
N LYS C 401 24.22 21.74 20.10
CA LYS C 401 23.90 23.17 20.08
C LYS C 401 23.13 23.53 18.83
N GLU C 402 22.53 24.72 18.82
CA GLU C 402 21.75 25.17 17.68
C GLU C 402 21.50 26.68 17.66
N ILE C 403 21.27 27.21 16.47
CA ILE C 403 21.01 28.64 16.30
C ILE C 403 19.65 28.91 15.70
N ASP C 404 18.99 30.02 16.10
CA ASP C 404 17.63 30.32 15.61
C ASP C 404 17.19 31.79 15.84
N ASN C 405 17.22 32.60 14.79
CA ASN C 405 16.89 34.03 14.90
C ASN C 405 18.15 34.72 15.47
N GLY C 406 19.32 34.17 15.17
CA GLY C 406 20.57 34.76 15.59
C GLY C 406 20.96 34.60 17.05
N LYS C 407 20.34 33.71 17.79
CA LYS C 407 20.69 33.52 19.20
C LYS C 407 21.11 32.09 19.49
N LYS C 408 22.02 31.91 20.44
CA LYS C 408 22.53 30.57 20.79
C LYS C 408 21.58 29.76 21.65
N TYR C 409 21.33 28.52 21.22
CA TYR C 409 20.43 27.60 21.93
C TYR C 409 21.01 26.19 22.12
N TYR C 410 20.95 25.67 23.35
CA TYR C 410 21.42 24.31 23.64
C TYR C 410 20.20 23.41 23.77
N LEU C 411 20.00 22.56 22.78
CA LEU C 411 18.88 21.64 22.74
C LEU C 411 18.81 20.71 23.95
N LEU C 412 18.11 21.12 25.01
CA LEU C 412 17.98 20.25 26.17
C LEU C 412 17.17 19.04 25.77
N GLU C 413 17.72 17.86 26.03
CA GLU C 413 17.07 16.62 25.66
C GLU C 413 16.36 15.92 26.83
N SER C 414 15.53 14.95 26.50
CA SER C 414 14.80 14.13 27.46
C SER C 414 14.15 13.01 26.67
N ASN C 415 13.66 11.99 27.37
CA ASN C 415 13.03 10.89 26.66
C ASN C 415 11.53 11.13 26.46
N ASN C 416 10.97 12.07 27.21
CA ASN C 416 9.55 12.38 27.04
C ASN C 416 9.31 12.55 25.54
N GLN C 417 8.32 11.84 25.00
CA GLN C 417 8.00 11.87 23.58
C GLN C 417 6.79 12.71 23.20
N VAL C 418 6.64 13.88 23.82
CA VAL C 418 5.51 14.74 23.51
C VAL C 418 5.95 16.18 23.27
N TYR C 419 7.08 16.55 23.85
CA TYR C 419 7.60 17.90 23.70
C TYR C 419 9.10 17.88 23.47
N GLU C 420 9.62 19.00 22.99
CA GLU C 420 11.04 19.16 22.75
C GLU C 420 11.39 20.38 23.59
N PHE C 421 12.54 20.34 24.24
CA PHE C 421 12.93 21.46 25.08
C PHE C 421 14.27 21.96 24.61
N ARG C 422 14.62 23.18 25.01
CA ARG C 422 15.89 23.78 24.64
C ARG C 422 16.08 25.03 25.49
N ILE C 423 17.32 25.36 25.84
CA ILE C 423 17.56 26.53 26.66
C ILE C 423 18.48 27.58 26.03
N SER C 424 18.07 28.84 26.16
CA SER C 424 18.80 30.01 25.66
C SER C 424 20.19 30.16 26.26
N ASP C 425 20.91 31.17 25.79
CA ASP C 425 22.26 31.40 26.28
C ASP C 425 22.39 32.70 27.06
N GLU C 426 22.05 33.81 26.42
CA GLU C 426 22.12 35.13 27.09
C GLU C 426 21.42 34.97 28.42
N ASN C 427 20.15 35.00 28.27
CA ASN C 427 19.35 34.60 29.38
C ASN C 427 19.23 33.10 29.14
N ASN C 428 19.36 32.36 30.19
CA ASN C 428 19.14 30.94 30.10
C ASN C 428 17.67 30.72 30.35
N GLU C 429 16.85 31.07 29.40
CA GLU C 429 15.45 30.80 29.51
C GLU C 429 15.23 29.38 28.96
N VAL C 430 14.09 28.77 29.15
CA VAL C 430 13.85 27.45 28.65
C VAL C 430 12.62 27.51 27.73
N GLN C 431 12.63 26.73 26.67
CA GLN C 431 11.51 26.75 25.75
C GLN C 431 11.16 25.35 25.27
N TYR C 432 9.93 25.18 24.79
CA TYR C 432 9.49 23.90 24.25
C TYR C 432 8.49 24.09 23.11
N LYS C 433 7.97 22.98 22.60
CA LYS C 433 6.98 23.00 21.53
C LYS C 433 6.58 21.55 21.32
N THR C 434 5.56 21.30 20.53
CA THR C 434 5.17 19.94 20.27
C THR C 434 6.08 19.48 19.15
N LYS C 435 6.28 18.17 19.02
CA LYS C 435 7.15 17.65 17.97
C LYS C 435 6.53 17.54 16.59
N GLU C 436 7.39 17.57 15.57
CA GLU C 436 6.98 17.48 14.17
C GLU C 436 6.37 16.12 13.84
N GLY C 437 5.24 15.81 14.47
CA GLY C 437 4.57 14.55 14.24
C GLY C 437 3.83 14.04 15.46
N LYS C 438 3.33 14.96 16.29
CA LYS C 438 2.60 14.59 17.49
C LYS C 438 1.64 15.71 17.93
N ILE C 439 0.77 15.41 18.89
CA ILE C 439 -0.20 16.39 19.39
C ILE C 439 -0.43 16.29 20.91
N THR C 440 -0.95 17.36 21.49
CA THR C 440 -1.25 17.44 22.91
C THR C 440 -2.50 16.65 23.25
N VAL C 441 -2.63 16.20 24.48
CA VAL C 441 -3.81 15.43 24.89
C VAL C 441 -5.01 16.38 24.89
N LEU C 442 -4.75 17.65 25.14
CA LEU C 442 -5.81 18.64 25.14
C LEU C 442 -6.11 18.88 23.67
N GLY C 443 -5.13 18.56 22.83
CA GLY C 443 -5.30 18.69 21.39
C GLY C 443 -4.59 19.87 20.76
N GLU C 444 -3.72 20.53 21.51
CA GLU C 444 -2.98 21.69 21.01
C GLU C 444 -1.68 21.27 20.31
N LYS C 445 -1.20 22.12 19.41
CA LYS C 445 0.06 21.87 18.69
C LYS C 445 0.80 23.19 18.51
N PHE C 446 1.87 23.39 19.26
CA PHE C 446 2.60 24.65 19.16
C PHE C 446 4.12 24.58 18.96
N ASN C 447 4.69 25.56 18.40
CA ASN C 447 6.12 25.61 18.15
C ASN C 447 6.84 26.15 19.44
N TRP C 448 8.12 26.43 19.32
CA TRP C 448 8.97 26.97 20.37
C TRP C 448 8.28 28.14 21.11
N ARG C 449 8.07 27.98 22.41
CA ARG C 449 7.46 28.96 23.27
C ARG C 449 8.18 28.84 24.62
N ASN C 450 8.16 29.91 25.44
CA ASN C 450 8.83 29.84 26.73
C ASN C 450 8.00 29.05 27.71
N ILE C 451 8.68 28.36 28.62
CA ILE C 451 8.02 27.57 29.64
C ILE C 451 7.76 28.47 30.84
N GLU C 452 6.50 28.90 30.99
CA GLU C 452 6.15 29.74 32.12
C GLU C 452 5.85 28.81 33.28
N VAL C 453 6.44 29.13 34.43
CA VAL C 453 6.24 28.38 35.64
C VAL C 453 5.37 29.31 36.47
N MET C 454 4.80 28.80 37.56
CA MET C 454 3.95 29.63 38.42
C MET C 454 4.82 30.35 39.42
N ALA C 455 4.36 31.50 39.90
CA ALA C 455 5.16 32.24 40.86
C ALA C 455 4.36 33.21 41.69
N LYS C 456 4.70 33.33 42.97
CA LYS C 456 4.02 34.25 43.87
C LYS C 456 4.86 35.50 44.02
N ASN C 457 4.30 36.51 44.66
CA ASN C 457 5.01 37.77 44.88
C ASN C 457 5.84 37.72 46.16
N VAL C 458 7.04 38.29 46.08
CA VAL C 458 7.96 38.35 47.22
C VAL C 458 8.74 39.67 47.10
N GLU C 459 8.43 40.63 47.96
CA GLU C 459 9.10 41.93 47.92
C GLU C 459 9.01 42.52 46.51
N GLY C 460 7.78 42.72 46.05
CA GLY C 460 7.55 43.30 44.73
C GLY C 460 7.97 42.50 43.51
N VAL C 461 8.77 41.47 43.70
CA VAL C 461 9.20 40.68 42.56
C VAL C 461 8.66 39.27 42.55
N LEU C 462 8.24 38.81 41.38
CA LEU C 462 7.73 37.45 41.26
C LEU C 462 8.85 36.43 41.14
N LYS C 463 8.86 35.45 42.04
CA LYS C 463 9.85 34.39 42.01
C LYS C 463 9.08 33.11 41.75
N PRO C 464 9.68 32.17 40.99
CA PRO C 464 9.11 30.87 40.62
C PRO C 464 8.74 30.04 41.85
N LEU C 465 7.64 29.30 41.74
CA LEU C 465 7.15 28.49 42.86
C LEU C 465 7.47 27.01 42.89
N THR C 466 7.87 26.53 44.06
CA THR C 466 8.18 25.11 44.23
C THR C 466 7.62 24.58 45.53
N ALA C 467 7.86 23.29 45.77
CA ALA C 467 7.41 22.63 46.98
C ALA C 467 7.78 23.41 48.23
N ASP C 468 6.88 23.41 49.22
CA ASP C 468 7.07 24.08 50.52
C ASP C 468 7.22 23.02 51.59
N TYR C 469 7.48 23.43 52.82
CA TYR C 469 7.58 22.47 53.93
C TYR C 469 6.22 22.33 54.60
N ASP C 470 5.58 21.19 54.38
CA ASP C 470 4.28 20.90 54.95
C ASP C 470 4.47 20.23 56.28
N LEU C 471 4.06 20.85 57.38
CA LEU C 471 4.21 20.23 58.70
C LEU C 471 3.18 19.12 58.96
N PHE C 472 3.65 17.95 59.39
CA PHE C 472 2.71 16.88 59.68
C PHE C 472 2.17 17.15 61.07
N ALA C 473 2.89 17.94 61.86
CA ALA C 473 2.42 18.27 63.20
C ALA C 473 3.42 19.05 64.03
N LEU C 474 2.96 19.65 65.12
CA LEU C 474 3.84 20.40 66.04
C LEU C 474 3.54 20.04 67.49
N ALA C 475 4.50 19.43 68.17
CA ALA C 475 4.28 19.03 69.54
C ALA C 475 5.00 19.95 70.52
N PRO C 476 4.29 20.94 71.06
CA PRO C 476 4.90 21.85 72.00
C PRO C 476 4.81 21.11 73.31
N SER C 477 5.59 21.50 74.30
CA SER C 477 5.52 20.84 75.58
C SER C 477 4.37 21.43 76.37
N LEU C 478 3.83 20.65 77.30
CA LEU C 478 2.74 21.17 78.08
C LEU C 478 3.16 22.38 78.88
N THR C 479 4.44 22.50 79.18
CA THR C 479 4.92 23.62 79.97
C THR C 479 5.00 24.90 79.15
N GLU C 480 5.35 24.76 77.87
CA GLU C 480 5.46 25.89 76.97
C GLU C 480 4.05 26.47 76.81
N ILE C 481 3.06 25.61 76.84
CA ILE C 481 1.70 26.08 76.70
C ILE C 481 1.31 26.87 77.96
N LYS C 482 1.84 26.47 79.10
CA LYS C 482 1.53 27.17 80.34
C LYS C 482 2.07 28.59 80.27
N LYS C 483 3.16 28.73 79.53
CA LYS C 483 3.82 30.01 79.33
C LYS C 483 3.02 30.77 78.30
N GLN C 484 1.99 30.14 77.76
CA GLN C 484 1.16 30.76 76.74
C GLN C 484 -0.04 31.51 77.33
N ILE C 485 -0.54 31.01 78.45
CA ILE C 485 -1.67 31.64 79.11
C ILE C 485 -1.14 32.87 79.84
N PRO C 486 -1.91 33.97 79.86
CA PRO C 486 -1.49 35.20 80.54
C PRO C 486 -1.54 34.99 82.05
N GLN C 487 -0.43 35.27 82.71
CA GLN C 487 -0.30 35.08 84.16
C GLN C 487 -1.46 35.46 85.05
N LYS C 488 -2.33 36.35 84.59
CA LYS C 488 -3.46 36.79 85.41
C LYS C 488 -4.72 35.95 85.27
N GLU C 489 -4.97 35.44 84.06
CA GLU C 489 -6.14 34.61 83.84
C GLU C 489 -5.94 33.30 84.57
N TRP C 490 -4.81 32.64 84.30
CA TRP C 490 -4.49 31.37 84.92
C TRP C 490 -4.35 31.53 86.41
N ASP C 491 -4.23 32.78 86.86
CA ASP C 491 -4.10 33.07 88.28
C ASP C 491 -5.54 33.17 88.77
N LYS C 492 -6.33 33.98 88.06
CA LYS C 492 -7.72 34.16 88.44
C LYS C 492 -8.53 32.86 88.41
N VAL C 493 -7.90 31.73 88.13
CA VAL C 493 -8.66 30.50 88.07
C VAL C 493 -8.39 29.51 89.17
N VAL C 494 -7.15 29.41 89.61
CA VAL C 494 -6.80 28.45 90.66
C VAL C 494 -7.24 28.90 92.06
N ASN C 495 -7.83 30.09 92.16
CA ASN C 495 -8.31 30.61 93.45
C ASN C 495 -9.72 30.09 93.70
N THR C 496 -10.34 29.60 92.64
CA THR C 496 -11.68 29.07 92.72
C THR C 496 -11.69 28.02 93.84
N PRO C 497 -12.66 28.11 94.78
CA PRO C 497 -12.74 27.15 95.90
C PRO C 497 -13.13 25.77 95.40
N ASN C 498 -14.21 25.73 94.62
CA ASN C 498 -14.71 24.47 94.06
C ASN C 498 -13.62 23.72 93.31
N SER C 499 -13.20 22.60 93.89
CA SER C 499 -12.18 21.80 93.28
C SER C 499 -12.65 21.35 91.88
N LEU C 500 -13.84 20.77 91.80
CA LEU C 500 -14.35 20.33 90.51
C LEU C 500 -14.32 21.49 89.53
N GLU C 501 -14.62 22.69 90.02
CA GLU C 501 -14.61 23.91 89.20
C GLU C 501 -13.20 24.22 88.75
N LYS C 502 -12.23 24.02 89.64
CA LYS C 502 -10.84 24.29 89.34
C LYS C 502 -10.31 23.39 88.24
N GLN C 503 -10.84 22.17 88.15
CA GLN C 503 -10.38 21.27 87.10
C GLN C 503 -10.91 21.77 85.77
N LYS C 504 -12.23 21.96 85.72
CA LYS C 504 -12.86 22.45 84.51
C LYS C 504 -12.13 23.72 84.11
N GLY C 505 -12.26 24.76 84.92
CA GLY C 505 -11.59 26.02 84.64
C GLY C 505 -10.22 25.86 83.99
N VAL C 506 -9.39 24.98 84.53
CA VAL C 506 -8.06 24.75 84.00
C VAL C 506 -8.10 24.15 82.59
N THR C 507 -8.84 23.06 82.44
CA THR C 507 -8.96 22.37 81.16
C THR C 507 -9.30 23.38 80.05
N ASN C 508 -10.39 24.13 80.21
CA ASN C 508 -10.77 25.14 79.22
C ASN C 508 -9.59 26.06 78.96
N LEU C 509 -8.73 26.25 79.95
CA LEU C 509 -7.58 27.09 79.72
C LEU C 509 -6.67 26.39 78.72
N LEU C 510 -6.24 25.18 79.07
CA LEU C 510 -5.37 24.36 78.23
C LEU C 510 -5.95 24.30 76.82
N ILE C 511 -7.25 24.05 76.77
CA ILE C 511 -8.00 24.00 75.52
C ILE C 511 -7.80 25.33 74.80
N LYS C 512 -8.33 26.37 75.44
CA LYS C 512 -8.28 27.73 74.97
C LYS C 512 -6.92 28.15 74.44
N TYR C 513 -5.96 28.29 75.34
CA TYR C 513 -4.63 28.71 74.96
C TYR C 513 -3.69 27.73 74.25
N GLY C 514 -4.15 26.51 73.98
CA GLY C 514 -3.26 25.58 73.32
C GLY C 514 -3.79 24.48 72.45
N ILE C 515 -5.11 24.22 72.51
CA ILE C 515 -5.73 23.17 71.71
C ILE C 515 -6.62 23.74 70.60
N GLU C 516 -7.28 24.86 70.90
CA GLU C 516 -8.17 25.43 69.92
C GLU C 516 -7.48 25.94 68.69
N ARG C 517 -8.05 25.56 67.55
CA ARG C 517 -7.58 25.95 66.24
C ARG C 517 -8.72 26.65 65.50
N LYS C 518 -8.45 27.86 65.01
CA LYS C 518 -9.43 28.65 64.27
C LYS C 518 -8.85 28.88 62.88
N PRO C 519 -9.63 29.46 61.97
CA PRO C 519 -9.07 29.69 60.64
C PRO C 519 -8.20 30.94 60.70
N ASP C 520 -7.54 31.26 59.60
CA ASP C 520 -6.67 32.41 59.60
C ASP C 520 -6.51 32.98 58.20
N SER C 521 -6.63 34.29 58.10
CA SER C 521 -6.55 35.03 56.85
C SER C 521 -5.65 34.39 55.81
N THR C 522 -4.39 34.21 56.18
CA THR C 522 -3.39 33.68 55.29
C THR C 522 -2.98 32.21 55.47
N LYS C 523 -2.43 31.90 56.64
CA LYS C 523 -1.90 30.58 56.95
C LYS C 523 -2.86 29.42 57.15
N GLY C 524 -3.99 29.41 56.46
CA GLY C 524 -4.93 28.31 56.62
C GLY C 524 -5.46 28.16 58.03
N THR C 525 -5.84 26.95 58.40
CA THR C 525 -6.38 26.70 59.75
C THR C 525 -5.34 26.22 60.73
N LEU C 526 -5.08 26.99 61.77
CA LEU C 526 -4.09 26.56 62.74
C LEU C 526 -4.26 27.23 64.07
N SER C 527 -3.47 26.79 65.03
CA SER C 527 -3.55 27.36 66.35
C SER C 527 -2.79 28.66 66.38
N ASN C 528 -3.02 29.46 67.41
CA ASN C 528 -2.31 30.73 67.56
C ASN C 528 -0.86 30.43 67.92
N TRP C 529 -0.65 29.69 69.00
CA TRP C 529 0.71 29.36 69.38
C TRP C 529 1.31 28.71 68.16
N GLN C 530 0.49 27.98 67.40
CA GLN C 530 0.99 27.34 66.20
C GLN C 530 1.50 28.37 65.20
N LYS C 531 0.77 29.48 65.06
CA LYS C 531 1.17 30.53 64.14
C LYS C 531 2.49 31.11 64.56
N GLN C 532 2.59 31.49 65.84
CA GLN C 532 3.83 32.07 66.29
C GLN C 532 4.94 31.06 66.04
N MET C 533 4.63 29.79 66.23
CA MET C 533 5.61 28.75 65.98
C MET C 533 5.96 28.76 64.50
N LEU C 534 4.99 29.11 63.66
CA LEU C 534 5.24 29.12 62.22
C LEU C 534 6.23 30.19 61.84
N ASP C 535 5.99 31.41 62.30
CA ASP C 535 6.91 32.48 61.96
C ASP C 535 8.31 32.14 62.45
N ARG C 536 8.47 31.93 63.75
CA ARG C 536 9.78 31.59 64.29
C ARG C 536 10.52 30.60 63.43
N LEU C 537 9.78 29.76 62.71
CA LEU C 537 10.42 28.81 61.83
C LEU C 537 10.93 29.57 60.62
N ASN C 538 10.06 30.34 59.99
CA ASN C 538 10.48 31.10 58.81
C ASN C 538 11.59 32.08 59.14
N GLU C 539 11.31 33.07 59.99
CA GLU C 539 12.34 34.04 60.36
C GLU C 539 13.64 33.29 60.62
N ALA C 540 13.52 32.04 61.06
CA ALA C 540 14.70 31.25 61.33
C ALA C 540 15.45 30.96 60.04
N VAL C 541 14.80 30.36 59.05
CA VAL C 541 15.51 30.07 57.80
C VAL C 541 15.73 31.31 56.98
N LYS C 542 15.25 32.44 57.46
CA LYS C 542 15.41 33.69 56.75
C LYS C 542 16.81 34.23 57.04
N TYR C 543 17.26 34.04 58.29
CA TYR C 543 18.58 34.50 58.70
C TYR C 543 19.61 33.46 58.24
N THR C 544 19.12 32.28 57.89
CA THR C 544 20.00 31.22 57.42
C THR C 544 20.40 31.57 56.01
N GLY C 545 19.93 32.71 55.52
CA GLY C 545 20.31 33.12 54.17
C GLY C 545 19.36 32.87 53.02
N TYR C 546 18.08 32.67 53.32
CA TYR C 546 17.06 32.45 52.31
C TYR C 546 16.66 33.80 51.74
N THR C 547 16.05 33.80 50.56
CA THR C 547 15.65 35.06 49.93
C THR C 547 14.38 34.89 49.12
N GLY C 548 13.71 33.77 49.29
CA GLY C 548 12.48 33.51 48.55
C GLY C 548 11.20 33.63 49.36
N GLY C 549 11.29 34.22 50.55
CA GLY C 549 10.12 34.37 51.39
C GLY C 549 10.09 33.38 52.53
N ASP C 550 8.92 32.78 52.77
CA ASP C 550 8.72 31.80 53.84
C ASP C 550 8.88 30.41 53.28
N VAL C 551 8.92 29.41 54.16
CA VAL C 551 9.08 28.07 53.67
C VAL C 551 8.02 27.17 54.31
N VAL C 552 7.28 27.75 55.25
CA VAL C 552 6.18 27.08 55.93
C VAL C 552 5.03 28.06 55.76
N ASN C 553 4.14 27.77 54.82
CA ASN C 553 3.05 28.69 54.51
C ASN C 553 1.70 28.48 55.20
N HIS C 554 1.41 27.26 55.62
CA HIS C 554 0.14 26.97 56.28
C HIS C 554 0.30 26.11 57.53
N GLY C 555 -0.83 25.77 58.13
CA GLY C 555 -0.85 24.96 59.34
C GLY C 555 -0.50 23.48 59.21
N THR C 556 -0.55 22.78 60.33
CA THR C 556 -0.21 21.37 60.40
C THR C 556 -1.21 20.42 59.76
N GLU C 557 -0.74 19.58 58.85
CA GLU C 557 -1.57 18.59 58.18
C GLU C 557 -2.59 17.87 59.08
N GLN C 558 -2.48 18.06 60.38
CA GLN C 558 -3.40 17.45 61.34
C GLN C 558 -4.63 18.31 61.47
N ASP C 559 -4.88 19.12 60.45
CA ASP C 559 -6.06 19.97 60.40
C ASP C 559 -6.59 19.94 58.99
N ASN C 560 -5.92 19.13 58.17
CA ASN C 560 -6.28 18.91 56.79
C ASN C 560 -7.39 17.89 56.92
N GLU C 561 -8.47 18.34 57.54
CA GLU C 561 -9.66 17.51 57.79
C GLU C 561 -10.32 17.08 56.48
N GLU C 562 -10.47 18.02 55.55
CA GLU C 562 -11.08 17.78 54.25
C GLU C 562 -10.38 16.71 53.39
N PHE C 563 -9.14 16.99 52.96
CA PHE C 563 -8.39 16.07 52.10
C PHE C 563 -7.16 15.47 52.75
N PRO C 564 -7.30 14.89 53.95
CA PRO C 564 -6.16 14.29 54.63
C PRO C 564 -5.31 13.33 53.80
N GLU C 565 -4.00 13.50 53.87
CA GLU C 565 -3.07 12.63 53.16
C GLU C 565 -2.33 11.76 54.19
N LYS C 566 -2.06 10.52 53.80
CA LYS C 566 -1.36 9.55 54.65
C LYS C 566 0.04 9.25 54.16
N ASP C 567 1.05 9.87 54.74
CA ASP C 567 2.41 9.59 54.31
C ASP C 567 3.03 8.53 55.18
N ASN C 568 3.87 7.69 54.58
CA ASN C 568 4.55 6.66 55.32
C ASN C 568 5.66 7.32 56.13
N GLU C 569 6.76 7.65 55.46
CA GLU C 569 7.90 8.30 56.12
C GLU C 569 7.56 9.70 56.64
N ILE C 570 7.99 10.00 57.85
CA ILE C 570 7.74 11.31 58.46
C ILE C 570 9.01 11.77 59.21
N PHE C 571 9.62 12.84 58.71
CA PHE C 571 10.83 13.40 59.31
C PHE C 571 10.41 14.14 60.57
N ILE C 572 11.24 14.05 61.61
CA ILE C 572 10.94 14.72 62.87
C ILE C 572 12.18 15.42 63.38
N ILE C 573 12.00 16.37 64.27
CA ILE C 573 13.10 17.13 64.84
C ILE C 573 12.73 17.28 66.29
N ASN C 574 13.23 16.36 67.12
CA ASN C 574 12.90 16.35 68.54
C ASN C 574 13.30 17.60 69.29
N PRO C 575 12.92 17.66 70.56
CA PRO C 575 13.29 18.83 71.35
C PRO C 575 14.79 18.94 71.61
N GLU C 576 15.47 17.79 71.69
CA GLU C 576 16.93 17.75 71.92
C GLU C 576 17.66 18.27 70.69
N GLY C 577 17.10 17.99 69.50
CA GLY C 577 17.72 18.46 68.28
C GLY C 577 18.24 17.37 67.35
N GLU C 578 17.80 16.13 67.57
CA GLU C 578 18.21 15.01 66.74
C GLU C 578 17.30 14.99 65.50
N PHE C 579 17.55 14.08 64.56
CA PHE C 579 16.67 13.98 63.39
C PHE C 579 16.18 12.55 63.31
N ILE C 580 14.88 12.36 63.15
CA ILE C 580 14.30 11.04 63.08
C ILE C 580 13.29 10.96 61.94
N LEU C 581 13.25 9.81 61.28
CA LEU C 581 12.35 9.63 60.17
C LEU C 581 11.64 8.30 60.25
N THR C 582 10.43 8.27 60.80
CA THR C 582 9.71 7.02 60.86
C THR C 582 9.66 6.41 59.47
N LYS C 583 9.20 5.17 59.36
CA LYS C 583 9.10 4.52 58.05
C LYS C 583 7.64 4.10 57.81
N ASN C 584 6.86 4.00 58.87
CA ASN C 584 5.48 3.58 58.74
C ASN C 584 4.42 4.47 59.34
N TRP C 585 3.21 4.34 58.82
CA TRP C 585 2.10 5.11 59.34
C TRP C 585 1.94 4.62 60.74
N GLU C 586 2.36 3.38 60.93
CA GLU C 586 2.29 2.73 62.23
C GLU C 586 3.40 3.31 63.09
N MET C 587 4.64 3.03 62.71
CA MET C 587 5.79 3.52 63.44
C MET C 587 5.52 4.91 63.97
N THR C 588 5.09 5.79 63.09
CA THR C 588 4.81 7.17 63.47
C THR C 588 3.82 7.22 64.60
N GLY C 589 2.70 6.56 64.40
CA GLY C 589 1.66 6.55 65.41
C GLY C 589 2.17 5.95 66.69
N ARG C 590 3.32 5.29 66.58
CA ARG C 590 3.99 4.62 67.69
C ARG C 590 5.10 5.48 68.25
N PHE C 591 5.98 5.99 67.39
CA PHE C 591 7.06 6.83 67.88
C PHE C 591 6.46 8.01 68.59
N ILE C 592 5.20 8.30 68.29
CA ILE C 592 4.52 9.43 68.89
C ILE C 592 3.85 9.05 70.21
N GLU C 593 3.37 7.81 70.34
CA GLU C 593 2.74 7.38 71.59
C GLU C 593 3.87 7.41 72.61
N LYS C 594 5.02 6.91 72.19
CA LYS C 594 6.19 6.80 73.03
C LYS C 594 6.92 8.08 73.42
N ASN C 595 6.97 9.07 72.55
CA ASN C 595 7.69 10.26 72.93
C ASN C 595 6.84 11.49 73.04
N ILE C 596 5.96 11.72 72.07
CA ILE C 596 5.13 12.90 72.11
C ILE C 596 3.91 12.72 73.01
N THR C 597 3.11 11.71 72.74
CA THR C 597 1.90 11.44 73.52
C THR C 597 2.14 11.32 75.03
N GLY C 598 2.57 10.14 75.45
CA GLY C 598 2.79 9.89 76.87
C GLY C 598 4.10 10.41 77.43
N LYS C 599 4.41 11.76 77.20
CA LYS C 599 5.67 12.37 77.73
C LYS C 599 5.61 13.90 78.00
N ASP C 600 4.47 14.32 78.53
CA ASP C 600 4.23 15.71 78.89
C ASP C 600 4.20 16.70 77.71
N TYR C 601 4.09 16.18 76.51
CA TYR C 601 4.00 17.05 75.35
C TYR C 601 2.54 17.05 74.88
N LEU C 602 2.12 18.12 74.31
CA LEU C 602 0.75 18.24 73.84
C LEU C 602 0.59 18.00 72.36
N TYR C 603 -0.12 16.94 72.02
CA TYR C 603 -0.36 16.59 70.62
C TYR C 603 -1.83 16.24 70.46
N TYR C 604 -2.36 16.49 69.26
CA TYR C 604 -3.75 16.18 68.97
C TYR C 604 -3.72 15.66 67.54
N PHE C 605 -4.59 14.71 67.22
CA PHE C 605 -4.57 14.15 65.88
C PHE C 605 -5.80 14.48 65.05
N ASN C 606 -5.60 14.46 63.73
CA ASN C 606 -6.62 14.79 62.74
C ASN C 606 -8.04 14.37 63.02
N ARG C 607 -8.91 15.35 63.18
CA ARG C 607 -10.30 15.09 63.48
C ARG C 607 -10.93 14.13 62.49
N SER C 608 -10.29 13.86 61.36
CA SER C 608 -10.89 12.98 60.37
C SER C 608 -10.37 11.57 60.40
N TYR C 609 -9.49 11.27 61.36
CA TYR C 609 -8.97 9.92 61.44
C TYR C 609 -10.03 9.00 62.03
N ASN C 610 -10.08 7.80 61.47
CA ASN C 610 -11.04 6.79 61.88
C ASN C 610 -12.44 7.21 61.48
N LYS C 611 -12.51 7.94 60.38
CA LYS C 611 -13.76 8.42 59.80
C LYS C 611 -13.44 8.57 58.32
N ILE C 612 -14.47 8.81 57.53
CA ILE C 612 -14.24 8.99 56.10
C ILE C 612 -14.16 10.47 55.84
N ALA C 613 -13.05 10.87 55.25
CA ALA C 613 -12.79 12.27 54.98
C ALA C 613 -13.61 12.81 53.80
N PRO C 614 -14.63 13.62 54.09
CA PRO C 614 -15.50 14.20 53.06
C PRO C 614 -14.77 14.44 51.74
N GLY C 615 -13.89 15.43 51.74
CA GLY C 615 -13.16 15.79 50.55
C GLY C 615 -12.75 14.68 49.60
N ASN C 616 -11.86 13.83 50.07
CA ASN C 616 -11.35 12.74 49.26
C ASN C 616 -11.93 11.40 49.66
N LYS C 617 -12.95 11.44 50.50
CA LYS C 617 -13.60 10.22 50.95
C LYS C 617 -12.56 9.17 51.35
N ALA C 618 -11.59 9.57 52.18
CA ALA C 618 -10.51 8.67 52.61
C ALA C 618 -10.58 8.25 54.08
N TYR C 619 -10.14 7.03 54.33
CA TYR C 619 -10.15 6.46 55.66
C TYR C 619 -8.72 6.22 56.13
N ILE C 620 -8.27 7.06 57.07
CA ILE C 620 -6.94 6.94 57.63
C ILE C 620 -7.08 6.61 59.12
N GLU C 621 -6.61 5.42 59.52
CA GLU C 621 -6.70 4.93 60.90
C GLU C 621 -5.60 5.46 61.85
N TRP C 622 -5.96 5.68 63.11
CA TRP C 622 -5.04 6.19 64.13
C TRP C 622 -5.54 5.72 65.47
N THR C 623 -4.68 5.07 66.25
CA THR C 623 -5.10 4.55 67.56
C THR C 623 -5.68 5.63 68.45
N ASP C 624 -6.97 5.52 68.74
CA ASP C 624 -7.64 6.50 69.58
C ASP C 624 -7.97 5.82 70.89
N PRO C 625 -7.43 6.33 72.00
CA PRO C 625 -7.70 5.76 73.31
C PRO C 625 -9.18 5.67 73.63
N ILE C 626 -9.87 6.80 73.60
CA ILE C 626 -11.29 6.80 73.94
C ILE C 626 -12.03 5.62 73.35
N THR C 627 -11.89 5.44 72.04
CA THR C 627 -12.57 4.37 71.34
C THR C 627 -12.12 2.98 71.83
N LYS C 628 -10.91 2.91 72.36
CA LYS C 628 -10.32 1.68 72.88
C LYS C 628 -11.02 1.20 74.17
N ALA C 629 -12.03 1.96 74.61
CA ALA C 629 -12.75 1.65 75.83
C ALA C 629 -14.24 1.78 75.65
N LYS C 630 -14.68 1.92 74.42
CA LYS C 630 -16.11 2.02 74.15
C LYS C 630 -16.67 0.64 74.48
N ILE C 631 -15.92 -0.39 74.09
CA ILE C 631 -16.26 -1.79 74.30
C ILE C 631 -16.84 -2.08 75.66
N ASN C 632 -16.41 -1.35 76.67
CA ASN C 632 -16.90 -1.58 78.01
C ASN C 632 -17.59 -0.37 78.57
N THR C 633 -18.53 0.22 77.83
CA THR C 633 -19.25 1.41 78.29
C THR C 633 -20.73 1.48 77.97
N ILE C 634 -21.54 1.80 78.96
CA ILE C 634 -22.97 1.88 78.70
C ILE C 634 -23.28 3.16 77.91
N PRO C 635 -23.52 3.03 76.59
CA PRO C 635 -23.82 4.18 75.73
C PRO C 635 -24.58 5.27 76.42
N THR C 636 -24.55 6.45 75.83
CA THR C 636 -25.22 7.62 76.38
C THR C 636 -26.63 7.78 75.83
N SER C 637 -27.47 8.51 76.54
CA SER C 637 -28.81 8.70 76.04
C SER C 637 -28.66 9.14 74.60
N ALA C 638 -28.02 10.28 74.44
CA ALA C 638 -27.79 10.91 73.14
C ALA C 638 -26.91 10.12 72.17
N GLU C 639 -25.99 9.33 72.66
CA GLU C 639 -25.18 8.58 71.72
C GLU C 639 -26.08 7.50 71.14
N PHE C 640 -27.07 7.11 71.93
CA PHE C 640 -28.01 6.08 71.54
C PHE C 640 -28.94 6.63 70.49
N ILE C 641 -29.65 7.69 70.84
CA ILE C 641 -30.55 8.29 69.89
C ILE C 641 -29.82 8.55 68.58
N LYS C 642 -28.63 9.13 68.66
CA LYS C 642 -27.84 9.41 67.47
C LYS C 642 -27.73 8.16 66.57
N ASN C 643 -27.39 7.03 67.17
CA ASN C 643 -27.23 5.77 66.46
C ASN C 643 -28.47 5.37 65.71
N LEU C 644 -29.62 5.54 66.34
CA LEU C 644 -30.88 5.19 65.70
C LEU C 644 -31.03 6.10 64.49
N SER C 645 -30.94 7.40 64.73
CA SER C 645 -31.01 8.38 63.66
C SER C 645 -30.25 7.85 62.46
N SER C 646 -28.97 7.55 62.67
CA SER C 646 -28.10 7.03 61.63
C SER C 646 -28.75 5.93 60.80
N ILE C 647 -29.07 4.81 61.45
CA ILE C 647 -29.68 3.67 60.76
C ILE C 647 -30.99 4.03 60.03
N ARG C 648 -31.73 4.98 60.58
CA ARG C 648 -32.97 5.40 59.94
C ARG C 648 -32.57 5.94 58.57
N ARG C 649 -31.44 6.65 58.47
CA ARG C 649 -31.11 7.22 57.16
C ARG C 649 -30.70 6.14 56.14
N SER C 650 -30.47 4.85 56.59
CA SER C 650 -29.88 3.72 55.78
C SER C 650 -30.78 2.51 55.47
N SER C 651 -31.11 1.70 56.46
CA SER C 651 -32.25 0.91 56.10
C SER C 651 -33.16 2.16 56.18
N ASN C 652 -34.11 2.34 55.28
CA ASN C 652 -34.96 3.52 55.40
C ASN C 652 -36.19 3.09 56.22
N VAL C 653 -35.93 2.58 57.42
CA VAL C 653 -36.95 1.99 58.28
C VAL C 653 -36.46 2.30 59.70
N GLY C 654 -37.33 3.07 60.44
CA GLY C 654 -36.96 3.42 61.81
C GLY C 654 -37.28 2.36 62.83
N VAL C 655 -36.63 2.42 63.99
CA VAL C 655 -36.85 1.45 65.06
C VAL C 655 -38.32 1.21 65.23
N TYR C 656 -39.11 2.22 64.90
CA TYR C 656 -40.55 2.09 65.04
C TYR C 656 -41.20 2.94 63.97
N LYS C 657 -42.20 2.38 63.30
CA LYS C 657 -42.87 3.12 62.24
C LYS C 657 -43.96 4.04 62.79
N ASP C 658 -44.29 5.05 62.01
CA ASP C 658 -45.35 5.99 62.39
C ASP C 658 -46.64 5.38 61.84
N SER C 659 -47.19 4.42 62.57
CA SER C 659 -48.42 3.74 62.14
C SER C 659 -49.39 3.64 63.29
N GLY C 660 -50.40 2.82 63.15
CA GLY C 660 -51.39 2.66 64.20
C GLY C 660 -51.26 1.38 64.98
N ASP C 661 -50.37 0.50 64.53
CA ASP C 661 -50.14 -0.79 65.18
C ASP C 661 -49.74 -0.59 66.62
N LYS C 662 -50.53 -1.10 67.56
CA LYS C 662 -50.20 -0.95 68.97
C LYS C 662 -48.99 -1.77 69.33
N ASP C 663 -48.37 -2.36 68.32
CA ASP C 663 -47.17 -3.17 68.51
C ASP C 663 -45.97 -2.26 68.31
N GLU C 664 -46.12 -1.32 67.38
CA GLU C 664 -45.10 -0.36 67.03
C GLU C 664 -44.84 0.55 68.23
N PHE C 665 -45.85 1.33 68.59
CA PHE C 665 -45.78 2.22 69.73
C PHE C 665 -45.11 1.48 70.90
N ALA C 666 -45.46 0.21 71.10
CA ALA C 666 -44.86 -0.56 72.17
C ALA C 666 -43.35 -0.45 72.02
N LYS C 667 -42.89 -0.68 70.80
CA LYS C 667 -41.47 -0.58 70.52
C LYS C 667 -41.05 0.84 70.78
N LYS C 668 -41.83 1.80 70.30
CA LYS C 668 -41.48 3.19 70.57
C LYS C 668 -41.29 3.32 72.08
N GLU C 669 -42.40 3.33 72.81
CA GLU C 669 -42.39 3.48 74.28
C GLU C 669 -41.19 2.77 74.88
N SER C 670 -40.81 1.66 74.29
CA SER C 670 -39.70 0.92 74.83
C SER C 670 -38.32 1.47 74.57
N VAL C 671 -38.11 2.20 73.48
CA VAL C 671 -36.78 2.78 73.25
C VAL C 671 -36.73 4.00 74.16
N LYS C 672 -37.82 4.75 74.19
CA LYS C 672 -37.86 5.91 75.05
C LYS C 672 -37.48 5.39 76.43
N LYS C 673 -37.93 4.19 76.74
CA LYS C 673 -37.63 3.56 78.03
C LYS C 673 -36.12 3.34 78.24
N ILE C 674 -35.40 3.02 77.18
CA ILE C 674 -33.96 2.82 77.30
C ILE C 674 -33.30 4.19 77.32
N ALA C 675 -33.82 5.09 76.49
CA ALA C 675 -33.30 6.43 76.40
C ALA C 675 -33.44 7.08 77.75
N GLY C 676 -34.15 6.39 78.63
CA GLY C 676 -34.34 6.91 79.97
C GLY C 676 -33.24 6.37 80.86
N TYR C 677 -33.25 5.05 81.04
CA TYR C 677 -32.25 4.38 81.86
C TYR C 677 -30.89 4.90 81.44
N LEU C 678 -30.54 4.67 80.19
CA LEU C 678 -29.24 5.11 79.69
C LEU C 678 -28.76 6.43 80.23
N SER C 679 -29.62 7.44 80.28
CA SER C 679 -29.16 8.72 80.78
C SER C 679 -29.18 8.69 82.29
N ASP C 680 -30.11 7.94 82.87
CA ASP C 680 -30.21 7.83 84.33
C ASP C 680 -28.87 7.30 84.87
N TYR C 681 -28.19 6.50 84.06
CA TYR C 681 -26.90 5.93 84.43
C TYR C 681 -25.98 7.10 84.71
N TYR C 682 -25.83 7.97 83.71
CA TYR C 682 -24.96 9.13 83.82
C TYR C 682 -25.68 10.33 84.42
N ASN C 683 -26.07 10.20 85.69
CA ASN C 683 -26.71 11.29 86.41
C ASN C 683 -25.60 11.93 87.24
N SER C 684 -25.45 13.24 87.11
CA SER C 684 -24.40 13.96 87.84
C SER C 684 -24.59 14.02 89.36
N ALA C 685 -25.80 13.75 89.84
CA ALA C 685 -26.06 13.77 91.27
C ALA C 685 -25.53 12.51 91.93
N ASN C 686 -24.69 11.77 91.22
CA ASN C 686 -24.10 10.55 91.80
C ASN C 686 -22.99 10.95 92.75
N HIS C 687 -22.74 12.25 92.89
CA HIS C 687 -21.65 12.71 93.76
C HIS C 687 -21.97 12.56 95.24
N ILE C 688 -23.25 12.67 95.58
CA ILE C 688 -23.67 12.55 96.97
C ILE C 688 -23.64 11.12 97.50
N PHE C 689 -23.13 10.18 96.71
CA PHE C 689 -23.06 8.80 97.17
C PHE C 689 -21.64 8.34 97.30
N SER C 690 -21.44 7.22 97.97
CA SER C 690 -20.10 6.67 98.17
C SER C 690 -19.71 5.66 97.10
N GLN C 691 -18.45 5.66 96.69
CA GLN C 691 -17.98 4.72 95.67
C GLN C 691 -18.76 3.40 95.64
N GLU C 692 -18.71 2.64 96.74
CA GLU C 692 -19.43 1.36 96.83
C GLU C 692 -20.77 1.47 96.11
N LYS C 693 -21.62 2.37 96.62
CA LYS C 693 -22.94 2.62 96.08
C LYS C 693 -22.89 2.88 94.59
N LYS C 694 -22.16 3.94 94.22
CA LYS C 694 -22.03 4.30 92.82
C LYS C 694 -22.08 3.04 91.94
N ARG C 695 -21.07 2.19 92.07
CA ARG C 695 -21.02 0.96 91.27
C ARG C 695 -22.32 0.20 91.36
N LYS C 696 -22.85 0.07 92.57
CA LYS C 696 -24.09 -0.64 92.78
C LYS C 696 -25.23 0.08 92.06
N ILE C 697 -25.67 1.19 92.63
CA ILE C 697 -26.76 1.97 92.07
C ILE C 697 -26.72 2.11 90.54
N SER C 698 -25.52 1.92 89.98
CA SER C 698 -25.34 2.00 88.53
C SER C 698 -25.37 0.61 87.91
N ILE C 699 -24.62 -0.34 88.48
CA ILE C 699 -24.64 -1.70 87.95
C ILE C 699 -26.10 -2.07 87.73
N PHE C 700 -26.97 -1.48 88.52
CA PHE C 700 -28.39 -1.74 88.39
C PHE C 700 -28.94 -0.91 87.26
N ARG C 701 -28.78 0.40 87.39
CA ARG C 701 -29.24 1.37 86.39
C ARG C 701 -29.02 0.77 85.04
N GLY C 702 -27.77 0.35 84.80
CA GLY C 702 -27.39 -0.26 83.55
C GLY C 702 -28.16 -1.52 83.30
N ILE C 703 -28.27 -2.35 84.34
CA ILE C 703 -28.97 -3.63 84.24
C ILE C 703 -30.39 -3.46 83.73
N GLN C 704 -31.07 -2.44 84.24
CA GLN C 704 -32.43 -2.13 83.84
C GLN C 704 -32.43 -1.89 82.34
N ALA C 705 -31.42 -1.17 81.89
CA ALA C 705 -31.28 -0.88 80.48
C ALA C 705 -31.21 -2.19 79.69
N TYR C 706 -30.26 -3.05 80.06
CA TYR C 706 -30.09 -4.34 79.39
C TYR C 706 -31.44 -4.99 79.30
N ASN C 707 -32.20 -4.94 80.38
CA ASN C 707 -33.52 -5.53 80.37
C ASN C 707 -34.29 -5.07 79.14
N GLU C 708 -34.90 -3.89 79.21
CA GLU C 708 -35.68 -3.36 78.09
C GLU C 708 -35.10 -3.59 76.73
N ILE C 709 -33.77 -3.60 76.61
CA ILE C 709 -33.18 -3.88 75.32
C ILE C 709 -33.73 -5.29 75.03
N GLU C 710 -33.27 -6.26 75.82
CA GLU C 710 -33.69 -7.67 75.75
C GLU C 710 -35.14 -7.75 75.32
N ASN C 711 -35.97 -6.99 76.01
CA ASN C 711 -37.38 -6.94 75.72
C ASN C 711 -37.61 -6.72 74.23
N VAL C 712 -37.42 -5.48 73.78
CA VAL C 712 -37.62 -5.15 72.38
C VAL C 712 -37.08 -6.22 71.44
N LEU C 713 -35.79 -6.54 71.59
CA LEU C 713 -35.10 -7.56 70.78
C LEU C 713 -35.87 -8.87 70.68
N LYS C 714 -36.86 -9.02 71.55
CA LYS C 714 -37.72 -10.18 71.60
C LYS C 714 -39.11 -9.57 71.42
N SER C 715 -39.25 -8.89 70.35
CA SER C 715 -40.51 -8.24 70.10
C SER C 715 -41.03 -8.53 68.68
N LYS C 716 -41.82 -7.61 68.15
CA LYS C 716 -42.29 -7.79 66.79
C LYS C 716 -41.14 -7.55 65.83
N GLN C 717 -41.45 -7.46 64.55
CA GLN C 717 -40.43 -7.29 63.54
C GLN C 717 -39.66 -5.99 63.65
N ILE C 718 -38.45 -6.08 63.99
CA ILE C 718 -37.52 -4.98 64.13
C ILE C 718 -36.45 -5.29 63.11
N ALA C 719 -36.38 -4.48 62.07
CA ALA C 719 -35.41 -4.69 61.01
C ALA C 719 -34.14 -5.32 61.54
N PRO C 720 -33.61 -6.30 60.81
CA PRO C 720 -32.39 -6.99 61.20
C PRO C 720 -31.16 -6.09 61.23
N GLU C 721 -31.35 -4.81 60.96
CA GLU C 721 -30.23 -3.86 60.99
C GLU C 721 -30.11 -3.33 62.41
N TYR C 722 -31.25 -3.27 63.10
CA TYR C 722 -31.32 -2.82 64.49
C TYR C 722 -31.08 -4.03 65.35
N LYS C 723 -31.66 -5.14 64.92
CA LYS C 723 -31.53 -6.40 65.62
C LYS C 723 -30.08 -6.49 66.03
N ASN C 724 -29.20 -6.20 65.08
CA ASN C 724 -27.75 -6.23 65.30
C ASN C 724 -27.28 -5.12 66.22
N TYR C 725 -27.54 -3.85 65.87
CA TYR C 725 -27.11 -2.74 66.74
C TYR C 725 -27.50 -3.08 68.16
N PHE C 726 -28.79 -3.26 68.40
CA PHE C 726 -29.26 -3.62 69.73
C PHE C 726 -28.45 -4.78 70.30
N GLN C 727 -28.03 -5.71 69.45
CA GLN C 727 -27.24 -6.84 69.92
C GLN C 727 -25.91 -6.30 70.43
N TYR C 728 -25.33 -5.40 69.65
CA TYR C 728 -24.06 -4.78 69.99
C TYR C 728 -24.19 -4.03 71.32
N LEU C 729 -25.28 -3.29 71.50
CA LEU C 729 -25.50 -2.56 72.73
C LEU C 729 -25.42 -3.49 73.94
N LYS C 730 -25.93 -4.71 73.77
CA LYS C 730 -25.91 -5.65 74.88
C LYS C 730 -24.49 -5.92 75.29
N GLU C 731 -23.70 -6.52 74.41
CA GLU C 731 -22.32 -6.82 74.74
C GLU C 731 -21.73 -5.70 75.58
N ARG C 732 -22.02 -4.47 75.21
CA ARG C 732 -21.53 -3.30 75.94
C ARG C 732 -22.02 -3.32 77.38
N ILE C 733 -23.29 -2.97 77.56
CA ILE C 733 -23.92 -2.95 78.87
C ILE C 733 -23.37 -4.08 79.70
N THR C 734 -23.36 -5.26 79.11
CA THR C 734 -22.81 -6.40 79.80
C THR C 734 -21.41 -6.00 80.26
N ASN C 735 -20.49 -5.89 79.31
CA ASN C 735 -19.10 -5.53 79.59
C ASN C 735 -18.93 -4.49 80.69
N GLN C 736 -19.66 -3.38 80.58
CA GLN C 736 -19.61 -2.27 81.53
C GLN C 736 -20.03 -2.70 82.92
N VAL C 737 -21.01 -3.57 83.01
CA VAL C 737 -21.46 -4.04 84.29
C VAL C 737 -20.46 -5.04 84.86
N GLN C 738 -19.78 -5.78 84.01
CA GLN C 738 -18.79 -6.73 84.49
C GLN C 738 -17.63 -5.95 85.08
N LEU C 739 -17.31 -4.81 84.47
CA LEU C 739 -16.22 -3.95 84.96
C LEU C 739 -16.60 -3.36 86.30
N LEU C 740 -17.87 -2.98 86.44
CA LEU C 740 -18.34 -2.42 87.68
C LEU C 740 -18.45 -3.48 88.76
N LEU C 741 -18.05 -4.68 88.44
CA LEU C 741 -18.07 -5.79 89.37
C LEU C 741 -16.64 -6.05 89.80
N THR C 742 -15.67 -6.26 88.86
CA THR C 742 -14.19 -6.46 89.13
C THR C 742 -13.76 -5.26 90.01
N HIS C 743 -14.58 -4.25 90.16
CA HIS C 743 -14.04 -3.33 91.10
C HIS C 743 -14.57 -3.79 92.46
N GLN C 744 -15.55 -4.40 92.76
CA GLN C 744 -15.86 -4.53 94.15
C GLN C 744 -16.24 -5.93 94.42
N LYS C 745 -16.69 -7.08 93.86
CA LYS C 745 -16.57 -8.39 94.60
C LYS C 745 -16.12 -9.17 93.37
N SER C 746 -15.58 -10.40 93.47
CA SER C 746 -15.02 -11.08 92.29
C SER C 746 -15.63 -12.30 91.66
N ASN C 747 -16.49 -13.09 92.28
CA ASN C 747 -16.88 -14.32 91.58
C ASN C 747 -18.12 -14.16 90.72
N ILE C 748 -18.91 -13.23 91.22
CA ILE C 748 -20.16 -12.85 90.64
C ILE C 748 -20.03 -12.58 89.15
N GLU C 749 -20.85 -13.25 88.34
CA GLU C 749 -20.80 -13.05 86.90
C GLU C 749 -22.08 -12.36 86.43
N PHE C 750 -22.07 -11.68 85.25
CA PHE C 750 -23.25 -10.99 84.75
C PHE C 750 -24.37 -12.00 84.47
N LYS C 751 -24.22 -12.73 83.37
CA LYS C 751 -25.19 -13.73 82.93
C LYS C 751 -26.01 -14.29 84.10
N LEU C 752 -25.30 -14.59 85.20
CA LEU C 752 -25.93 -15.14 86.38
C LEU C 752 -26.74 -14.09 87.15
N LEU C 753 -26.03 -13.10 87.72
CA LEU C 753 -26.65 -12.02 88.50
C LEU C 753 -27.97 -11.61 87.87
N TYR C 754 -27.96 -11.52 86.55
CA TYR C 754 -29.15 -11.13 85.80
C TYR C 754 -30.22 -12.20 85.94
N LYS C 755 -29.85 -13.44 85.60
CA LYS C 755 -30.77 -14.57 85.71
C LYS C 755 -31.57 -14.46 87.00
N GLN C 756 -30.85 -14.26 88.11
CA GLN C 756 -31.40 -14.18 89.45
C GLN C 756 -32.38 -13.03 89.81
N LEU C 757 -32.79 -12.23 88.84
CA LEU C 757 -33.74 -11.15 89.14
C LEU C 757 -35.13 -11.50 88.65
N ASN C 758 -36.06 -10.56 88.88
CA ASN C 758 -37.46 -10.73 88.47
C ASN C 758 -38.01 -9.36 88.03
N PHE C 759 -37.99 -9.08 86.73
CA PHE C 759 -38.49 -7.81 86.22
C PHE C 759 -39.91 -7.94 85.70
N THR C 760 -40.70 -8.78 86.37
CA THR C 760 -42.09 -9.03 85.99
C THR C 760 -43.03 -7.84 86.25
N GLU C 761 -43.44 -7.67 87.49
CA GLU C 761 -44.35 -6.57 87.83
C GLU C 761 -43.72 -5.55 88.75
N ASN C 762 -42.97 -6.05 89.80
CA ASN C 762 -42.34 -5.16 90.77
C ASN C 762 -40.81 -5.13 90.71
N GLU C 763 -40.29 -3.87 90.88
CA GLU C 763 -38.87 -3.49 90.92
C GLU C 763 -38.50 -3.15 92.35
N THR C 764 -39.47 -3.28 93.20
CA THR C 764 -39.30 -3.01 94.61
C THR C 764 -38.11 -3.70 95.27
N ASP C 765 -38.38 -4.89 95.80
CA ASP C 765 -37.35 -5.69 96.46
C ASP C 765 -36.32 -6.21 95.45
N ASN C 766 -36.68 -6.16 94.17
CA ASN C 766 -35.78 -6.59 93.12
C ASN C 766 -34.42 -6.00 93.35
N PHE C 767 -34.43 -4.74 93.76
CA PHE C 767 -33.19 -4.02 94.03
C PHE C 767 -32.57 -4.49 95.34
N GLU C 768 -33.38 -4.60 96.39
CA GLU C 768 -32.89 -5.06 97.68
C GLU C 768 -32.27 -6.41 97.44
N VAL C 769 -33.00 -7.23 96.60
CA VAL C 769 -32.53 -8.55 96.25
C VAL C 769 -31.12 -8.35 95.75
N PHE C 770 -31.01 -7.55 94.69
CA PHE C 770 -29.74 -7.24 94.08
C PHE C 770 -28.63 -6.96 95.08
N GLN C 771 -28.96 -6.28 96.18
CA GLN C 771 -27.92 -6.00 97.18
C GLN C 771 -27.38 -7.32 97.68
N LYS C 772 -28.24 -8.10 98.33
CA LYS C 772 -27.82 -9.39 98.84
C LYS C 772 -27.14 -10.17 97.74
N ILE C 773 -27.65 -10.04 96.52
CA ILE C 773 -27.06 -10.75 95.39
C ILE C 773 -25.57 -10.42 95.35
N ILE C 774 -25.16 -9.44 96.18
CA ILE C 774 -23.76 -9.08 96.26
C ILE C 774 -23.24 -9.15 97.71
N ASP C 775 -22.78 -10.34 98.09
CA ASP C 775 -22.22 -10.61 99.42
C ASP C 775 -21.03 -11.57 99.34
N ASN D 41 -35.21 -61.68 41.83
CA ASN D 41 -34.22 -62.34 40.93
C ASN D 41 -33.83 -63.78 41.37
N ASN D 42 -34.46 -64.78 40.77
CA ASN D 42 -34.17 -66.17 41.09
C ASN D 42 -32.84 -66.60 40.50
N LEU D 43 -31.88 -66.91 41.39
CA LEU D 43 -30.53 -67.32 41.00
C LEU D 43 -30.41 -68.73 40.43
N VAL D 44 -31.15 -69.66 41.02
CA VAL D 44 -31.09 -71.02 40.56
C VAL D 44 -31.97 -71.25 39.36
N LYS D 45 -31.48 -72.06 38.43
CA LYS D 45 -32.22 -72.38 37.23
C LYS D 45 -32.01 -73.86 36.93
N THR D 46 -33.10 -74.62 36.96
CA THR D 46 -33.09 -76.06 36.66
C THR D 46 -33.70 -76.23 35.28
N GLU D 47 -32.87 -76.58 34.30
CA GLU D 47 -33.37 -76.70 32.93
C GLU D 47 -34.16 -77.97 32.70
N PHE D 48 -33.86 -79.02 33.45
CA PHE D 48 -34.62 -80.24 33.24
C PHE D 48 -35.13 -80.92 34.52
N THR D 49 -36.46 -81.05 34.60
CA THR D 49 -37.15 -81.69 35.72
C THR D 49 -37.24 -83.18 35.37
N ASN D 50 -36.26 -83.64 34.61
CA ASN D 50 -36.14 -85.02 34.14
C ASN D 50 -35.96 -86.00 35.30
N GLU D 51 -34.71 -86.27 35.65
CA GLU D 51 -34.39 -87.19 36.74
C GLU D 51 -35.37 -87.00 37.90
N THR D 52 -35.45 -88.00 38.76
CA THR D 52 -36.37 -87.92 39.89
C THR D 52 -35.86 -87.01 40.99
N LEU D 53 -36.38 -87.28 42.17
CA LEU D 53 -36.01 -86.54 43.36
C LEU D 53 -34.57 -86.85 43.69
N ASP D 54 -33.76 -87.17 42.69
CA ASP D 54 -32.38 -87.43 42.99
C ASP D 54 -31.48 -86.40 42.32
N LYS D 55 -31.90 -85.88 41.17
CA LYS D 55 -31.07 -84.84 40.57
C LYS D 55 -31.38 -83.68 41.49
N ILE D 56 -32.67 -83.54 41.75
CA ILE D 56 -33.17 -82.49 42.62
C ILE D 56 -32.60 -82.61 44.03
N GLN D 57 -32.88 -83.71 44.71
CA GLN D 57 -32.37 -83.93 46.07
C GLN D 57 -30.85 -83.92 46.08
N GLN D 58 -30.26 -83.60 44.92
CA GLN D 58 -28.80 -83.58 44.78
C GLN D 58 -28.35 -82.16 44.47
N THR D 59 -29.13 -81.45 43.66
CA THR D 59 -28.80 -80.08 43.34
C THR D 59 -29.02 -79.33 44.64
N GLN D 60 -30.12 -79.65 45.32
CA GLN D 60 -30.43 -79.02 46.59
C GLN D 60 -29.27 -79.28 47.54
N ASP D 61 -29.12 -80.51 48.02
CA ASP D 61 -28.03 -80.82 48.93
C ASP D 61 -26.77 -80.00 48.63
N LEU D 62 -26.57 -79.63 47.37
CA LEU D 62 -25.42 -78.83 47.02
C LEU D 62 -25.58 -77.42 47.55
N LEU D 63 -26.51 -76.69 46.95
CA LEU D 63 -26.77 -75.31 47.32
C LEU D 63 -27.03 -75.03 48.80
N LYS D 64 -27.74 -75.91 49.49
CA LYS D 64 -28.04 -75.63 50.89
C LYS D 64 -26.79 -75.62 51.77
N LYS D 65 -25.66 -76.03 51.21
CA LYS D 65 -24.42 -76.03 51.96
C LYS D 65 -23.63 -74.74 51.73
N ILE D 66 -24.07 -73.93 50.79
CA ILE D 66 -23.42 -72.64 50.49
C ILE D 66 -24.22 -71.62 51.30
N PRO D 67 -23.54 -70.65 51.96
CA PRO D 67 -24.26 -69.67 52.76
C PRO D 67 -25.27 -68.83 51.99
N LYS D 68 -26.49 -68.77 52.53
CA LYS D 68 -27.57 -68.04 51.90
C LYS D 68 -27.12 -66.69 51.37
N ASP D 69 -25.90 -66.29 51.73
CA ASP D 69 -25.37 -65.00 51.28
C ASP D 69 -24.41 -65.13 50.10
N VAL D 70 -23.46 -66.03 50.19
CA VAL D 70 -22.52 -66.23 49.10
C VAL D 70 -23.34 -66.15 47.83
N LEU D 71 -24.61 -66.53 47.94
CA LEU D 71 -25.55 -66.49 46.82
C LEU D 71 -26.06 -65.06 46.64
N GLU D 72 -26.69 -64.52 47.68
CA GLU D 72 -27.23 -63.17 47.63
C GLU D 72 -26.16 -62.20 47.14
N ILE D 73 -24.93 -62.69 47.01
CA ILE D 73 -23.81 -61.89 46.53
C ILE D 73 -23.76 -62.18 45.05
N TYR D 74 -23.80 -63.47 44.76
CA TYR D 74 -23.77 -63.94 43.40
C TYR D 74 -24.97 -63.39 42.65
N SER D 75 -26.11 -63.31 43.33
CA SER D 75 -27.31 -62.81 42.67
C SER D 75 -27.13 -61.36 42.30
N GLU D 76 -26.97 -60.50 43.31
CA GLU D 76 -26.78 -59.08 43.07
C GLU D 76 -25.70 -58.86 42.01
N LEU D 77 -24.72 -59.75 41.98
CA LEU D 77 -23.65 -59.66 41.01
C LEU D 77 -24.18 -60.05 39.64
N GLY D 78 -25.51 -60.14 39.55
CA GLY D 78 -26.15 -60.49 38.30
C GLY D 78 -25.90 -61.92 37.85
N GLY D 79 -25.30 -62.72 38.72
CA GLY D 79 -25.03 -64.11 38.37
C GLY D 79 -26.28 -64.97 38.43
N GLU D 80 -26.23 -66.12 37.76
CA GLU D 80 -27.35 -67.05 37.73
C GLU D 80 -26.72 -68.46 37.70
N ILE D 81 -27.21 -69.39 38.52
CA ILE D 81 -26.62 -70.72 38.50
C ILE D 81 -27.44 -71.61 37.62
N TYR D 82 -26.76 -72.37 36.76
CA TYR D 82 -27.45 -73.25 35.83
C TYR D 82 -27.37 -74.73 36.13
N PHE D 83 -28.52 -75.27 36.53
CA PHE D 83 -28.66 -76.68 36.84
C PHE D 83 -29.48 -77.33 35.76
N THR D 84 -28.74 -77.89 34.72
CA THR D 84 -29.47 -78.49 33.65
C THR D 84 -29.46 -80.00 33.85
N ASP D 85 -29.73 -80.73 32.77
CA ASP D 85 -29.69 -82.17 32.74
C ASP D 85 -28.26 -82.48 32.32
N ILE D 86 -28.04 -83.61 31.67
CA ILE D 86 -26.74 -83.95 31.18
C ILE D 86 -26.48 -83.17 29.93
N ASP D 87 -25.47 -82.38 29.98
CA ASP D 87 -24.99 -81.55 28.94
C ASP D 87 -23.54 -81.49 29.36
N LEU D 88 -22.77 -82.41 28.89
CA LEU D 88 -21.42 -82.36 29.37
C LEU D 88 -20.64 -81.24 28.69
N VAL D 89 -20.47 -81.49 27.39
CA VAL D 89 -19.73 -80.59 26.53
C VAL D 89 -20.45 -79.29 26.19
N GLU D 90 -19.90 -78.33 25.29
CA GLU D 90 -20.48 -77.05 24.89
C GLU D 90 -21.83 -77.26 24.22
N HIS D 91 -22.80 -77.76 24.97
CA HIS D 91 -24.13 -77.99 24.41
C HIS D 91 -25.15 -77.12 25.15
N LYS D 92 -24.75 -76.63 26.32
CA LYS D 92 -25.63 -75.77 27.10
C LYS D 92 -25.95 -74.52 26.30
N GLU D 93 -27.21 -74.11 26.37
CA GLU D 93 -27.68 -72.93 25.66
C GLU D 93 -26.87 -71.68 25.97
N LEU D 94 -25.78 -71.85 26.71
CA LEU D 94 -24.92 -70.73 27.07
C LEU D 94 -23.45 -71.10 26.94
N GLN D 95 -23.18 -72.36 26.61
CA GLN D 95 -21.80 -72.83 26.46
C GLN D 95 -21.19 -72.62 25.06
N ASP D 96 -21.65 -71.57 24.38
CA ASP D 96 -21.15 -71.22 23.05
C ASP D 96 -19.98 -70.25 23.16
N LEU D 97 -19.79 -69.45 22.12
CA LEU D 97 -18.71 -68.47 22.10
C LEU D 97 -19.18 -67.13 22.70
N SER D 98 -18.38 -66.60 23.62
CA SER D 98 -18.69 -65.33 24.28
C SER D 98 -17.45 -64.81 25.04
N GLU D 99 -16.97 -65.63 25.97
CA GLU D 99 -15.81 -65.32 26.80
C GLU D 99 -15.33 -66.64 27.42
N GLU D 100 -14.92 -67.57 26.55
CA GLU D 100 -14.49 -68.90 26.99
C GLU D 100 -13.04 -69.02 27.50
N GLU D 101 -12.39 -70.11 27.08
CA GLU D 101 -11.01 -70.43 27.44
C GLU D 101 -10.01 -69.58 26.66
N LYS D 102 -9.13 -68.90 27.39
CA LYS D 102 -8.10 -68.05 26.78
C LYS D 102 -6.71 -68.39 27.36
N ASN D 103 -6.52 -68.58 28.73
CA ASN D 103 -5.25 -68.88 29.43
C ASN D 103 -5.43 -70.04 30.45
N SER D 104 -4.39 -70.85 30.71
CA SER D 104 -4.65 -72.12 31.46
C SER D 104 -4.72 -72.24 32.97
N MET D 105 -4.85 -71.21 33.76
CA MET D 105 -4.95 -71.45 35.22
C MET D 105 -6.40 -71.92 35.48
N ASN D 106 -6.57 -73.21 35.78
CA ASN D 106 -7.93 -73.81 35.72
C ASN D 106 -8.62 -74.61 36.78
N SER D 107 -7.96 -75.07 37.75
CA SER D 107 -8.75 -75.82 38.67
C SER D 107 -7.95 -75.93 39.93
N ARG D 108 -8.18 -76.95 40.73
CA ARG D 108 -7.38 -77.08 41.94
C ARG D 108 -5.99 -77.63 41.55
N GLY D 109 -5.45 -77.14 40.45
CA GLY D 109 -4.19 -77.50 39.84
C GLY D 109 -4.54 -77.07 38.45
N GLU D 110 -3.69 -76.79 37.51
CA GLU D 110 -4.36 -76.44 36.23
C GLU D 110 -4.50 -77.74 35.36
N LYS D 111 -5.35 -77.79 34.37
CA LYS D 111 -5.50 -78.97 33.54
C LYS D 111 -6.39 -78.44 32.48
N VAL D 112 -6.16 -78.44 31.24
CA VAL D 112 -7.27 -77.74 30.69
C VAL D 112 -8.04 -78.64 29.82
N PRO D 113 -8.79 -79.49 30.34
CA PRO D 113 -9.33 -80.52 29.45
C PRO D 113 -10.86 -80.42 29.36
N PHE D 114 -11.33 -79.23 28.98
CA PHE D 114 -12.75 -78.91 28.83
C PHE D 114 -13.69 -80.10 28.63
N ALA D 115 -13.30 -81.05 27.81
CA ALA D 115 -14.15 -82.22 27.56
C ALA D 115 -14.36 -82.98 28.87
N SER D 116 -13.55 -82.67 29.88
CA SER D 116 -13.65 -83.32 31.18
C SER D 116 -14.00 -82.37 32.33
N ARG D 117 -15.17 -81.74 32.24
CA ARG D 117 -15.67 -80.83 33.27
C ARG D 117 -17.18 -80.92 33.37
N PHE D 118 -17.71 -80.52 34.53
CA PHE D 118 -19.14 -80.56 34.82
C PHE D 118 -19.65 -79.27 35.44
N VAL D 119 -18.71 -78.37 35.71
CA VAL D 119 -19.04 -77.10 36.32
C VAL D 119 -18.34 -75.97 35.57
N PHE D 120 -19.08 -74.92 35.23
CA PHE D 120 -18.45 -73.83 34.53
C PHE D 120 -19.01 -72.43 34.79
N GLU D 121 -18.11 -71.45 34.73
CA GLU D 121 -18.41 -70.05 34.96
C GLU D 121 -18.11 -69.19 33.72
N LYS D 122 -19.13 -68.47 33.25
CA LYS D 122 -19.02 -67.58 32.09
C LYS D 122 -18.52 -66.24 32.64
N LYS D 123 -17.21 -66.15 32.82
CA LYS D 123 -16.57 -64.98 33.41
C LYS D 123 -16.99 -63.54 33.12
N ARG D 124 -17.18 -63.32 31.86
CA ARG D 124 -17.21 -61.87 31.65
C ARG D 124 -18.31 -60.90 32.08
N GLU D 125 -19.56 -60.93 31.89
CA GLU D 125 -20.03 -59.68 32.50
C GLU D 125 -20.71 -60.04 33.78
N THR D 126 -21.71 -60.81 33.49
CA THR D 126 -22.53 -61.42 34.42
C THR D 126 -21.93 -62.82 34.57
N PRO D 127 -21.90 -63.19 35.84
CA PRO D 127 -21.42 -64.56 36.07
C PRO D 127 -22.52 -65.59 35.85
N LYS D 128 -22.18 -66.66 35.16
CA LYS D 128 -23.11 -67.71 34.88
C LYS D 128 -22.56 -69.05 35.34
N LEU D 129 -23.05 -69.51 36.48
CA LEU D 129 -22.62 -70.78 37.01
C LEU D 129 -23.43 -71.82 36.26
N ILE D 130 -22.75 -72.76 35.62
CA ILE D 130 -23.42 -73.82 34.88
C ILE D 130 -22.95 -75.19 35.38
N ILE D 131 -23.88 -75.95 35.95
CA ILE D 131 -23.58 -77.29 36.49
C ILE D 131 -24.57 -78.35 36.03
N ASN D 132 -24.06 -79.57 35.91
CA ASN D 132 -24.84 -80.73 35.48
C ASN D 132 -24.59 -81.85 36.47
N ILE D 133 -25.40 -82.97 36.47
CA ILE D 133 -25.25 -84.13 37.37
C ILE D 133 -25.69 -85.44 36.63
N LYS D 134 -24.94 -86.57 36.80
CA LYS D 134 -25.14 -87.86 36.02
C LYS D 134 -25.84 -89.02 36.74
N ASP D 135 -25.23 -89.77 37.60
CA ASP D 135 -26.16 -90.67 38.29
C ASP D 135 -25.99 -90.32 39.75
N TYR D 136 -26.17 -91.27 40.67
CA TYR D 136 -26.15 -90.96 42.12
C TYR D 136 -24.84 -90.61 42.87
N ALA D 137 -23.80 -89.84 42.53
CA ALA D 137 -22.75 -89.88 43.61
C ALA D 137 -21.67 -88.77 43.71
N ILE D 138 -21.67 -88.02 44.84
CA ILE D 138 -20.77 -86.88 45.10
C ILE D 138 -20.26 -86.95 46.56
N ASN D 139 -20.95 -87.79 47.33
CA ASN D 139 -20.70 -87.91 48.78
C ASN D 139 -19.65 -88.97 49.15
N SER D 140 -19.27 -89.86 48.23
CA SER D 140 -18.25 -90.88 48.54
C SER D 140 -16.87 -90.23 48.39
N GLU D 141 -16.55 -89.81 47.18
CA GLU D 141 -15.29 -89.12 46.90
C GLU D 141 -15.71 -87.68 46.67
N GLN D 142 -15.78 -86.92 47.77
CA GLN D 142 -16.19 -85.52 47.74
C GLN D 142 -15.23 -84.63 46.96
N SER D 143 -14.00 -85.11 46.78
CA SER D 143 -13.01 -84.36 46.04
C SER D 143 -13.58 -83.90 44.70
N LYS D 144 -14.78 -84.39 44.38
CA LYS D 144 -15.45 -84.02 43.13
C LYS D 144 -16.35 -82.80 43.30
N GLU D 145 -16.81 -82.58 44.53
CA GLU D 145 -17.66 -81.43 44.79
C GLU D 145 -16.81 -80.22 45.13
N VAL D 146 -15.66 -80.47 45.76
CA VAL D 146 -14.74 -79.40 46.16
C VAL D 146 -14.54 -78.45 44.99
N TYR D 147 -14.95 -78.91 43.81
CA TYR D 147 -14.83 -78.08 42.63
C TYR D 147 -16.06 -77.24 42.42
N TYR D 148 -17.23 -77.85 42.39
CA TYR D 148 -18.41 -77.04 42.22
C TYR D 148 -18.39 -75.97 43.30
N GLU D 149 -17.51 -76.12 44.29
CA GLU D 149 -17.41 -75.14 45.36
C GLU D 149 -16.39 -74.06 45.01
N ILE D 150 -15.18 -74.47 44.60
CA ILE D 150 -14.18 -73.47 44.22
C ILE D 150 -14.58 -72.94 42.86
N GLY D 151 -14.86 -73.87 41.95
CA GLY D 151 -15.27 -73.51 40.60
C GLY D 151 -16.11 -72.28 40.71
N LYS D 152 -16.79 -72.16 41.84
CA LYS D 152 -17.61 -71.00 42.11
C LYS D 152 -16.68 -69.87 42.47
N GLY D 153 -16.17 -69.91 43.69
CA GLY D 153 -15.25 -68.89 44.19
C GLY D 153 -14.80 -67.81 43.21
N ILE D 154 -14.32 -68.23 42.05
CA ILE D 154 -13.89 -67.30 41.02
C ILE D 154 -15.10 -66.48 40.55
N SER D 155 -16.19 -66.64 41.26
CA SER D 155 -17.42 -65.93 41.01
C SER D 155 -17.39 -64.73 41.93
N LEU D 156 -16.76 -64.92 43.15
CA LEU D 156 -16.69 -63.83 44.14
C LEU D 156 -15.33 -63.45 44.66
N ASP D 157 -14.31 -64.05 44.17
CA ASP D 157 -12.98 -63.69 44.61
C ASP D 157 -12.65 -62.29 44.14
N ILE D 158 -12.28 -62.27 42.85
CA ILE D 158 -11.87 -61.07 42.14
C ILE D 158 -12.83 -59.89 42.35
N ILE D 159 -14.04 -60.20 42.80
CA ILE D 159 -15.05 -59.19 43.05
C ILE D 159 -15.46 -59.33 44.51
N SER D 160 -14.89 -60.31 45.18
CA SER D 160 -15.19 -60.58 46.58
C SER D 160 -14.72 -59.46 47.49
N LYS D 161 -13.56 -59.67 48.10
CA LYS D 161 -12.95 -58.70 48.98
C LYS D 161 -11.52 -58.66 48.52
N ASP D 162 -11.11 -59.79 47.96
CA ASP D 162 -9.76 -59.93 47.46
C ASP D 162 -9.41 -58.70 46.64
N LYS D 163 -10.35 -58.28 45.79
CA LYS D 163 -10.20 -57.12 44.89
C LYS D 163 -11.48 -56.19 44.80
N SER D 164 -12.72 -56.59 45.35
CA SER D 164 -14.11 -55.95 45.35
C SER D 164 -14.21 -54.53 45.87
N LEU D 165 -14.03 -54.27 47.15
CA LEU D 165 -13.77 -52.86 47.43
C LEU D 165 -12.31 -52.97 46.99
N ASP D 166 -11.31 -52.29 47.39
CA ASP D 166 -10.13 -52.80 46.67
C ASP D 166 -9.39 -53.79 47.56
N PRO D 167 -8.26 -54.35 47.14
CA PRO D 167 -7.67 -55.13 48.18
C PRO D 167 -7.66 -54.24 49.40
N GLU D 168 -8.30 -54.61 50.45
CA GLU D 168 -8.18 -53.76 51.62
C GLU D 168 -7.19 -54.44 52.57
N PHE D 169 -6.50 -53.68 53.40
CA PHE D 169 -5.59 -54.31 54.33
C PHE D 169 -6.15 -55.62 54.87
N LEU D 170 -7.46 -55.71 55.04
CA LEU D 170 -8.07 -56.94 55.54
C LEU D 170 -7.42 -58.13 54.84
N ASN D 171 -7.66 -58.27 53.54
CA ASN D 171 -7.07 -59.37 52.79
C ASN D 171 -5.58 -59.15 52.60
N LEU D 172 -5.21 -57.98 52.10
CA LEU D 172 -3.80 -57.66 51.87
C LEU D 172 -2.91 -58.12 53.02
N ILE D 173 -3.25 -57.69 54.23
CA ILE D 173 -2.49 -58.07 55.43
C ILE D 173 -2.60 -59.56 55.69
N LYS D 174 -3.81 -60.10 55.53
CA LYS D 174 -4.06 -61.53 55.74
C LYS D 174 -3.24 -62.37 54.76
N SER D 175 -2.79 -61.73 53.67
CA SER D 175 -1.99 -62.42 52.68
C SER D 175 -0.54 -62.39 53.15
N LEU D 176 -0.10 -61.31 53.61
CA LEU D 176 1.27 -61.14 54.10
C LEU D 176 1.66 -62.36 54.91
N SER D 177 0.69 -62.94 55.61
CA SER D 177 0.90 -64.12 56.41
C SER D 177 1.29 -65.24 55.51
N ASP D 178 2.19 -64.86 54.64
CA ASP D 178 2.78 -65.82 53.84
C ASP D 178 3.44 -66.64 54.95
N ASP D 179 4.50 -66.17 55.56
CA ASP D 179 5.09 -67.10 56.53
C ASP D 179 5.57 -66.46 57.84
N SER D 180 5.35 -65.16 58.02
CA SER D 180 5.95 -64.48 59.17
C SER D 180 5.03 -63.98 60.30
N ASP D 181 3.74 -64.33 60.26
CA ASP D 181 2.77 -63.91 61.29
C ASP D 181 2.60 -64.99 62.34
N SER D 182 1.95 -65.99 61.99
CA SER D 182 1.69 -67.14 62.83
C SER D 182 2.85 -68.12 62.60
N SER D 183 3.17 -68.92 63.62
CA SER D 183 4.24 -69.91 63.50
C SER D 183 3.79 -71.04 62.56
N ASP D 184 3.10 -70.64 61.47
CA ASP D 184 2.59 -71.59 60.49
C ASP D 184 2.95 -71.22 59.05
N LEU D 185 4.05 -71.79 58.55
CA LEU D 185 4.51 -71.57 57.19
C LEU D 185 3.91 -72.66 56.31
N LEU D 186 2.63 -72.95 56.60
CA LEU D 186 1.86 -73.97 55.88
C LEU D 186 0.84 -73.33 54.94
N PHE D 187 1.16 -73.40 53.65
CA PHE D 187 0.32 -72.86 52.59
C PHE D 187 0.73 -73.56 51.29
N SER D 188 1.10 -74.82 51.44
CA SER D 188 1.51 -75.67 50.34
C SER D 188 0.27 -76.13 49.59
N GLN D 189 -0.87 -75.54 49.94
CA GLN D 189 -2.14 -75.88 49.31
C GLN D 189 -2.62 -74.86 48.28
N LYS D 190 -2.34 -73.68 48.44
CA LYS D 190 -2.74 -72.61 47.54
C LYS D 190 -1.56 -71.83 46.95
N PHE D 191 -0.30 -72.10 47.33
CA PHE D 191 0.79 -71.20 46.82
C PHE D 191 2.07 -71.85 46.25
N LYS D 192 2.13 -72.50 45.10
CA LYS D 192 3.39 -73.21 44.84
C LYS D 192 4.16 -72.78 43.59
N GLU D 193 3.57 -73.03 42.43
CA GLU D 193 4.17 -72.71 41.15
C GLU D 193 4.23 -71.24 40.93
N LYS D 194 3.42 -70.54 41.64
CA LYS D 194 3.52 -69.15 41.43
C LYS D 194 4.16 -68.53 42.68
N LEU D 195 3.88 -69.06 43.88
CA LEU D 195 4.32 -68.48 45.17
C LEU D 195 5.17 -69.31 46.13
N GLU D 196 6.25 -69.86 45.59
CA GLU D 196 7.25 -70.56 46.37
C GLU D 196 8.29 -69.49 46.56
N LEU D 197 7.79 -68.26 46.44
CA LEU D 197 8.54 -67.02 46.55
C LEU D 197 8.47 -66.41 47.96
N ASN D 198 9.17 -67.04 48.90
CA ASN D 198 9.28 -66.54 50.27
C ASN D 198 10.35 -65.54 50.27
N ASN D 199 11.15 -65.59 49.22
CA ASN D 199 12.31 -64.76 49.15
C ASN D 199 12.00 -63.31 48.93
N LYS D 200 10.78 -62.98 48.75
CA LYS D 200 10.59 -61.60 48.61
C LYS D 200 9.37 -61.25 49.45
N SER D 201 9.55 -60.42 50.51
CA SER D 201 8.47 -59.99 51.40
C SER D 201 7.25 -59.51 50.60
N ILE D 202 6.21 -60.34 50.60
CA ILE D 202 4.96 -60.09 49.87
C ILE D 202 4.03 -59.01 50.45
N ASP D 203 3.94 -57.87 49.76
CA ASP D 203 3.09 -56.75 50.19
C ASP D 203 2.61 -56.01 48.93
N ILE D 204 2.50 -54.70 49.02
CA ILE D 204 2.07 -53.87 47.87
C ILE D 204 3.17 -53.86 46.86
N ASN D 205 4.27 -54.39 47.32
CA ASN D 205 5.35 -54.42 46.44
C ASN D 205 4.94 -55.21 45.21
N PHE D 206 4.35 -56.40 45.34
CA PHE D 206 4.07 -57.14 44.10
C PHE D 206 2.74 -57.91 44.09
N ILE D 207 1.94 -57.74 45.14
CA ILE D 207 0.67 -58.48 45.23
C ILE D 207 -0.26 -58.30 44.02
N LYS D 208 -0.10 -57.09 43.38
CA LYS D 208 -0.92 -56.78 42.22
C LYS D 208 -0.55 -57.71 41.05
N GLU D 209 0.75 -57.76 40.75
CA GLU D 209 1.30 -58.57 39.67
C GLU D 209 0.52 -59.86 39.46
N ASN D 210 0.17 -60.53 40.56
CA ASN D 210 -0.54 -61.80 40.49
C ASN D 210 -1.90 -61.79 41.19
N LEU D 211 -2.83 -60.99 40.68
CA LEU D 211 -4.16 -60.92 41.26
C LEU D 211 -4.82 -62.29 41.14
N THR D 212 -4.80 -62.85 39.93
CA THR D 212 -5.40 -64.16 39.70
C THR D 212 -4.84 -65.19 40.66
N GLU D 213 -3.53 -65.14 40.90
CA GLU D 213 -2.89 -66.10 41.79
C GLU D 213 -3.42 -66.01 43.21
N PHE D 214 -3.68 -64.81 43.69
CA PHE D 214 -4.20 -64.68 45.04
C PHE D 214 -5.69 -64.99 45.07
N GLN D 215 -6.20 -65.48 43.94
CA GLN D 215 -7.59 -65.89 43.81
C GLN D 215 -7.59 -67.39 43.97
N HIS D 216 -6.74 -68.05 43.19
CA HIS D 216 -6.60 -69.51 43.23
C HIS D 216 -6.43 -69.96 44.67
N ALA D 217 -6.10 -69.03 45.54
CA ALA D 217 -5.89 -69.32 46.96
C ALA D 217 -7.11 -69.00 47.79
N PHE D 218 -7.85 -67.96 47.40
CA PHE D 218 -9.06 -67.58 48.13
C PHE D 218 -10.17 -68.57 47.79
N SER D 219 -10.13 -69.06 46.56
CA SER D 219 -11.13 -70.00 46.08
C SER D 219 -11.05 -71.34 46.81
N LEU D 220 -9.85 -71.79 47.12
CA LEU D 220 -9.69 -73.06 47.83
C LEU D 220 -10.05 -72.80 49.29
N ALA D 221 -9.64 -71.63 49.75
CA ALA D 221 -9.91 -71.20 51.12
C ALA D 221 -11.41 -71.26 51.34
N PHE D 222 -12.16 -71.04 50.26
CA PHE D 222 -13.61 -71.05 50.30
C PHE D 222 -14.11 -72.48 50.13
N SER D 223 -13.51 -73.21 49.18
CA SER D 223 -13.87 -74.60 48.89
C SER D 223 -13.71 -75.43 50.14
N TYR D 224 -12.59 -75.18 50.81
CA TYR D 224 -12.29 -75.88 52.03
C TYR D 224 -13.22 -75.51 53.17
N TYR D 225 -13.59 -74.23 53.27
CA TYR D 225 -14.46 -73.81 54.37
C TYR D 225 -15.86 -74.37 54.24
N PHE D 226 -16.25 -74.73 53.01
CA PHE D 226 -17.59 -75.25 52.79
C PHE D 226 -17.69 -76.68 52.25
N ALA D 227 -16.57 -77.24 51.81
CA ALA D 227 -16.55 -78.60 51.30
C ALA D 227 -17.10 -79.57 52.36
N PRO D 228 -18.21 -80.28 52.04
CA PRO D 228 -18.89 -81.26 52.91
C PRO D 228 -18.04 -82.37 53.50
N ASP D 229 -16.73 -82.22 53.42
CA ASP D 229 -15.84 -83.25 53.96
C ASP D 229 -14.63 -82.69 54.70
N HIS D 230 -13.76 -81.96 54.00
CA HIS D 230 -12.58 -81.42 54.66
C HIS D 230 -12.76 -80.01 55.15
N ARG D 231 -13.16 -79.94 56.42
CA ARG D 231 -13.41 -78.68 57.11
C ARG D 231 -12.17 -78.19 57.83
N THR D 232 -11.74 -78.97 58.83
CA THR D 232 -10.58 -78.63 59.65
C THR D 232 -9.26 -78.58 58.89
N VAL D 233 -9.13 -79.36 57.82
CA VAL D 233 -7.89 -79.36 57.05
C VAL D 233 -7.37 -77.93 56.99
N LEU D 234 -8.29 -76.98 56.90
CA LEU D 234 -7.96 -75.56 56.85
C LEU D 234 -7.51 -75.14 58.25
N GLU D 235 -8.43 -75.15 59.19
CA GLU D 235 -8.16 -74.75 60.58
C GLU D 235 -6.89 -75.41 61.12
N LEU D 236 -6.59 -76.60 60.60
CA LEU D 236 -5.42 -77.35 61.03
C LEU D 236 -4.17 -76.77 60.41
N TYR D 237 -4.16 -76.68 59.08
CA TYR D 237 -3.01 -76.13 58.38
C TYR D 237 -2.96 -74.59 58.50
N ALA D 238 -3.48 -73.86 57.52
CA ALA D 238 -3.48 -72.39 57.56
C ALA D 238 -4.42 -71.95 58.68
N PRO D 239 -3.89 -71.31 59.73
CA PRO D 239 -4.69 -70.84 60.87
C PRO D 239 -5.42 -69.53 60.61
N ASP D 240 -4.96 -68.74 59.65
CA ASP D 240 -5.64 -67.48 59.38
C ASP D 240 -6.79 -67.63 58.39
N MET D 241 -6.48 -67.97 57.14
CA MET D 241 -7.54 -68.12 56.17
C MET D 241 -8.79 -68.71 56.79
N PHE D 242 -8.62 -69.61 57.77
CA PHE D 242 -9.79 -70.16 58.42
C PHE D 242 -10.57 -69.00 59.01
N GLU D 243 -10.04 -68.45 60.10
CA GLU D 243 -10.69 -67.34 60.79
C GLU D 243 -11.08 -66.21 59.86
N TYR D 244 -10.53 -66.20 58.65
CA TYR D 244 -10.86 -65.20 57.67
C TYR D 244 -12.24 -65.55 57.14
N MET D 245 -12.31 -66.66 56.41
CA MET D 245 -13.55 -67.17 55.84
C MET D 245 -14.59 -67.19 56.94
N ASN D 246 -14.15 -67.68 58.09
CA ASN D 246 -14.99 -67.82 59.25
C ASN D 246 -15.66 -66.50 59.57
N LYS D 247 -14.91 -65.41 59.52
CA LYS D 247 -15.53 -64.12 59.81
C LYS D 247 -16.40 -63.71 58.61
N LEU D 248 -16.17 -64.37 57.47
CA LEU D 248 -16.97 -64.08 56.29
C LEU D 248 -18.32 -64.72 56.54
N GLU D 249 -18.34 -65.95 57.02
CA GLU D 249 -19.61 -66.59 57.32
C GLU D 249 -20.29 -65.81 58.43
N LYS D 250 -19.50 -65.33 59.39
CA LYS D 250 -19.98 -64.56 60.55
C LYS D 250 -20.70 -63.26 60.19
N GLY D 251 -20.52 -62.81 58.95
CA GLY D 251 -21.16 -61.59 58.51
C GLY D 251 -20.48 -60.98 57.30
N GLY D 252 -19.19 -61.28 57.14
CA GLY D 252 -18.42 -60.76 56.02
C GLY D 252 -19.15 -60.79 54.69
N PHE D 253 -19.93 -61.84 54.48
CA PHE D 253 -20.68 -61.99 53.25
C PHE D 253 -21.89 -61.07 53.27
N GLU D 254 -22.57 -60.97 54.42
CA GLU D 254 -23.72 -60.10 54.49
C GLU D 254 -23.24 -58.68 54.25
N LYS D 255 -21.92 -58.50 54.30
CA LYS D 255 -21.33 -57.18 54.04
C LYS D 255 -21.48 -56.87 52.57
N ILE D 256 -20.47 -57.26 51.79
CA ILE D 256 -20.45 -57.03 50.35
C ILE D 256 -21.86 -57.17 49.78
N SER D 257 -22.59 -58.16 50.26
CA SER D 257 -23.95 -58.39 49.79
C SER D 257 -24.84 -57.20 50.11
N GLU D 258 -24.24 -56.17 50.68
CA GLU D 258 -24.95 -54.96 51.06
C GLU D 258 -24.20 -53.74 50.58
N SER D 259 -23.05 -53.96 49.95
CA SER D 259 -22.28 -52.87 49.41
C SER D 259 -22.56 -52.91 47.92
N LEU D 260 -23.19 -54.00 47.49
CA LEU D 260 -23.55 -54.15 46.09
C LEU D 260 -25.03 -53.81 46.01
N LYS D 261 -25.77 -54.16 47.06
CA LYS D 261 -27.20 -53.86 47.12
C LYS D 261 -27.34 -52.36 47.05
N LYS D 262 -26.72 -51.65 47.98
CA LYS D 262 -26.78 -50.18 48.01
C LYS D 262 -26.18 -49.61 46.74
N GLU D 263 -25.05 -50.15 46.29
CA GLU D 263 -24.47 -49.64 45.06
C GLU D 263 -25.17 -50.35 43.92
N GLY D 264 -26.41 -50.73 44.17
CA GLY D 264 -27.20 -51.38 43.15
C GLY D 264 -28.12 -50.32 42.59
N VAL D 265 -28.79 -49.62 43.49
CA VAL D 265 -29.70 -48.57 43.10
C VAL D 265 -28.93 -47.31 42.73
N GLU D 266 -28.11 -46.81 43.65
CA GLU D 266 -27.31 -45.60 43.42
C GLU D 266 -26.41 -45.73 42.18
N LYS D 267 -26.46 -46.90 41.55
CA LYS D 267 -25.68 -47.23 40.36
C LYS D 267 -26.56 -47.06 39.11
N ASP D 268 -27.73 -47.68 39.16
CA ASP D 268 -28.69 -47.64 38.07
C ASP D 268 -29.83 -46.75 38.55
N ARG D 269 -29.55 -45.47 38.66
CA ARG D 269 -30.56 -44.52 39.10
C ARG D 269 -30.87 -43.61 37.92
N ILE D 270 -31.32 -42.40 38.22
CA ILE D 270 -31.64 -41.45 37.18
C ILE D 270 -30.62 -40.32 37.27
N ASP D 271 -29.90 -39.96 36.27
CA ASP D 271 -28.92 -38.90 36.22
C ASP D 271 -29.56 -37.60 36.68
N VAL D 272 -29.15 -37.11 37.82
CA VAL D 272 -29.68 -35.90 38.26
C VAL D 272 -28.46 -35.23 38.85
N LEU D 273 -28.28 -33.97 38.79
CA LEU D 273 -27.08 -33.54 39.43
C LEU D 273 -27.48 -33.11 40.84
N LYS D 274 -26.81 -33.64 41.82
CA LYS D 274 -27.25 -33.23 43.14
C LYS D 274 -26.21 -32.35 43.86
N GLY D 275 -26.53 -31.96 45.10
CA GLY D 275 -25.61 -31.12 45.87
C GLY D 275 -25.40 -29.74 45.25
N GLU D 276 -24.41 -28.99 45.73
CA GLU D 276 -24.19 -27.67 45.18
C GLU D 276 -23.75 -27.69 43.70
N LYS D 277 -24.00 -28.79 43.01
CA LYS D 277 -23.65 -28.85 41.59
C LYS D 277 -24.86 -28.32 40.83
N ALA D 278 -26.03 -28.76 41.27
CA ALA D 278 -27.28 -28.35 40.67
C ALA D 278 -27.67 -26.98 41.22
N LEU D 279 -27.79 -26.91 42.54
CA LEU D 279 -28.13 -25.66 43.22
C LEU D 279 -27.44 -24.48 42.53
N LYS D 280 -26.49 -24.79 41.65
CA LYS D 280 -25.79 -23.78 40.89
C LYS D 280 -26.65 -23.37 39.71
N ALA D 281 -26.92 -24.32 38.81
CA ALA D 281 -27.73 -24.02 37.63
C ALA D 281 -29.17 -23.75 38.01
N SER D 282 -29.58 -24.30 39.15
CA SER D 282 -30.94 -24.09 39.66
C SER D 282 -31.27 -22.62 39.46
N GLY D 283 -30.61 -21.82 40.29
CA GLY D 283 -30.80 -20.38 40.25
C GLY D 283 -31.13 -19.84 41.62
N LEU D 284 -31.84 -20.63 42.41
CA LEU D 284 -32.20 -20.14 43.73
C LEU D 284 -31.01 -19.55 44.45
N VAL D 285 -31.31 -18.74 45.46
CA VAL D 285 -30.27 -18.14 46.25
C VAL D 285 -29.93 -19.21 47.28
N PRO D 286 -28.66 -19.67 47.29
CA PRO D 286 -28.17 -20.69 48.21
C PRO D 286 -28.74 -20.61 49.63
N GLU D 287 -28.48 -19.51 50.33
CA GLU D 287 -28.99 -19.35 51.69
C GLU D 287 -30.48 -19.63 51.76
N HIS D 288 -31.15 -19.42 50.63
CA HIS D 288 -32.59 -19.64 50.49
C HIS D 288 -32.90 -21.11 50.34
N ALA D 289 -32.26 -21.75 49.38
CA ALA D 289 -32.48 -23.16 49.16
C ALA D 289 -32.38 -23.84 50.50
N ASP D 290 -31.23 -23.69 51.13
CA ASP D 290 -30.98 -24.29 52.45
C ASP D 290 -32.13 -23.92 53.38
N ALA D 291 -32.50 -22.64 53.38
CA ALA D 291 -33.58 -22.17 54.23
C ALA D 291 -34.81 -23.03 54.00
N PHE D 292 -35.02 -23.38 52.73
CA PHE D 292 -36.14 -24.20 52.32
C PHE D 292 -35.94 -25.62 52.85
N LYS D 293 -34.69 -26.06 52.76
CA LYS D 293 -34.29 -27.39 53.22
C LYS D 293 -35.05 -27.77 54.48
N LYS D 294 -35.25 -26.81 55.38
CA LYS D 294 -35.95 -27.04 56.63
C LYS D 294 -37.44 -27.36 56.50
N ILE D 295 -38.19 -26.57 55.73
CA ILE D 295 -39.63 -26.79 55.57
C ILE D 295 -39.96 -28.09 54.85
N ALA D 296 -39.23 -28.39 53.78
CA ALA D 296 -39.48 -29.64 53.06
C ALA D 296 -39.60 -30.70 54.13
N ARG D 297 -38.53 -30.84 54.92
CA ARG D 297 -38.44 -31.80 56.01
C ARG D 297 -39.59 -31.69 57.02
N GLU D 298 -39.61 -30.60 57.79
CA GLU D 298 -40.64 -30.42 58.81
C GLU D 298 -42.00 -30.88 58.31
N LEU D 299 -42.48 -30.21 57.27
CA LEU D 299 -43.78 -30.50 56.67
C LEU D 299 -43.78 -31.71 55.74
N ASN D 300 -42.62 -32.33 55.57
CA ASN D 300 -42.50 -33.50 54.70
C ASN D 300 -43.24 -33.34 53.38
N THR D 301 -42.64 -32.62 52.43
CA THR D 301 -43.24 -32.43 51.11
C THR D 301 -42.17 -31.97 50.12
N TYR D 302 -42.23 -32.50 48.90
CA TYR D 302 -41.27 -32.15 47.85
C TYR D 302 -41.57 -30.79 47.25
N ILE D 303 -40.53 -29.98 47.06
CA ILE D 303 -40.70 -28.66 46.45
C ILE D 303 -39.94 -28.68 45.12
N LEU D 304 -40.57 -28.18 44.06
CA LEU D 304 -39.92 -28.20 42.76
C LEU D 304 -40.06 -26.83 42.13
N PHE D 305 -38.93 -26.26 41.71
CA PHE D 305 -38.90 -24.94 41.08
C PHE D 305 -38.54 -25.00 39.59
N ARG D 306 -38.92 -23.98 38.83
CA ARG D 306 -38.53 -23.92 37.44
C ARG D 306 -37.25 -23.10 37.50
N PRO D 307 -36.58 -22.91 36.37
CA PRO D 307 -35.35 -22.14 36.45
C PRO D 307 -35.50 -20.70 36.85
N VAL D 308 -34.79 -20.34 37.92
CA VAL D 308 -34.77 -18.98 38.39
C VAL D 308 -33.64 -18.50 37.52
N ASN D 309 -33.71 -17.26 37.02
CA ASN D 309 -32.61 -16.78 36.19
C ASN D 309 -31.39 -16.34 37.01
N LYS D 310 -30.21 -16.68 36.50
CA LYS D 310 -28.94 -16.38 37.12
C LYS D 310 -28.74 -14.89 37.44
N LEU D 311 -28.95 -14.04 36.43
CA LEU D 311 -28.78 -12.61 36.57
C LEU D 311 -29.68 -11.99 37.63
N ALA D 312 -30.34 -12.81 38.44
CA ALA D 312 -31.22 -12.26 39.45
C ALA D 312 -30.94 -12.79 40.83
N THR D 313 -30.22 -13.91 40.89
CA THR D 313 -29.90 -14.55 42.17
C THR D 313 -29.34 -13.63 43.25
N ASN D 314 -28.28 -12.91 42.91
CA ASN D 314 -27.67 -11.99 43.87
C ASN D 314 -28.65 -10.88 44.17
N LEU D 315 -29.20 -10.27 43.11
CA LEU D 315 -30.18 -9.19 43.24
C LEU D 315 -31.16 -9.58 44.31
N ILE D 316 -31.54 -10.85 44.28
CA ILE D 316 -32.45 -11.38 45.26
C ILE D 316 -31.77 -11.30 46.64
N LYS D 317 -30.67 -12.04 46.85
CA LYS D 317 -29.97 -12.01 48.14
C LYS D 317 -29.67 -10.57 48.48
N SER D 318 -29.38 -9.80 47.43
CA SER D 318 -29.07 -8.38 47.53
C SER D 318 -30.18 -7.65 48.27
N GLY D 319 -31.43 -7.99 47.95
CA GLY D 319 -32.55 -7.36 48.62
C GLY D 319 -33.63 -6.90 47.66
N VAL D 320 -33.37 -7.07 46.37
CA VAL D 320 -34.31 -6.68 45.34
C VAL D 320 -35.58 -7.51 45.41
N ALA D 321 -36.74 -6.88 45.39
CA ALA D 321 -37.97 -7.63 45.45
C ALA D 321 -38.19 -8.44 44.16
N THR D 322 -39.23 -9.26 44.17
CA THR D 322 -39.53 -10.14 43.03
C THR D 322 -40.84 -9.87 42.28
N LYS D 323 -40.83 -10.13 40.97
CA LYS D 323 -42.01 -9.91 40.14
C LYS D 323 -43.21 -10.73 40.59
N GLY D 324 -44.31 -10.04 40.85
CA GLY D 324 -45.52 -10.69 41.29
C GLY D 324 -46.49 -10.85 40.15
N LEU D 325 -47.77 -10.96 40.48
CA LEU D 325 -48.78 -11.13 39.45
C LEU D 325 -49.17 -9.83 38.78
N ASN D 326 -49.04 -8.76 39.53
CA ASN D 326 -49.36 -7.43 39.09
C ASN D 326 -48.51 -6.91 37.94
N VAL D 327 -47.31 -7.46 37.74
CA VAL D 327 -46.47 -6.99 36.62
C VAL D 327 -46.29 -8.04 35.55
N HIS D 328 -46.22 -7.60 34.29
CA HIS D 328 -46.07 -8.51 33.16
C HIS D 328 -45.05 -7.98 32.14
N GLY D 329 -44.02 -7.32 32.66
CA GLY D 329 -42.99 -6.82 31.78
C GLY D 329 -41.98 -7.92 31.60
N LYS D 330 -41.07 -7.73 30.65
CA LYS D 330 -40.07 -8.75 30.43
C LYS D 330 -38.80 -8.33 31.12
N SER D 331 -38.12 -9.30 31.70
CA SER D 331 -36.87 -9.04 32.37
C SER D 331 -35.92 -8.60 31.27
N SER D 332 -34.65 -8.48 31.60
CA SER D 332 -33.66 -8.09 30.62
C SER D 332 -32.45 -8.97 30.83
N ASP D 333 -31.74 -9.23 29.74
CA ASP D 333 -30.56 -10.07 29.80
C ASP D 333 -29.35 -9.40 29.14
N TRP D 334 -29.14 -8.13 29.46
CA TRP D 334 -28.00 -7.40 28.90
C TRP D 334 -27.93 -5.95 29.40
N GLY D 335 -26.73 -5.38 29.38
CA GLY D 335 -26.56 -4.02 29.85
C GLY D 335 -26.73 -4.01 31.34
N PRO D 336 -26.68 -2.85 31.99
CA PRO D 336 -26.83 -2.77 33.44
C PRO D 336 -28.20 -3.27 33.88
N VAL D 337 -29.23 -2.69 33.33
CA VAL D 337 -30.59 -3.06 33.66
C VAL D 337 -30.75 -4.57 33.86
N ALA D 338 -29.90 -5.35 33.19
CA ALA D 338 -29.93 -6.80 33.26
C ALA D 338 -30.43 -7.36 34.58
N GLY D 339 -31.40 -8.28 34.52
CA GLY D 339 -31.95 -8.88 35.72
C GLY D 339 -33.00 -8.06 36.43
N TYR D 340 -33.22 -6.84 35.92
CA TYR D 340 -34.22 -5.93 36.47
C TYR D 340 -35.30 -5.87 35.39
N ILE D 341 -36.50 -5.38 35.74
CA ILE D 341 -37.58 -5.26 34.75
C ILE D 341 -37.72 -3.82 34.30
N PRO D 342 -36.95 -3.43 33.27
CA PRO D 342 -36.98 -2.07 32.73
C PRO D 342 -38.37 -1.53 32.38
N PHE D 343 -38.57 -0.26 32.70
CA PHE D 343 -39.84 0.37 32.40
C PHE D 343 -39.88 0.46 30.89
N ASP D 344 -38.72 0.64 30.28
CA ASP D 344 -38.66 0.69 28.82
C ASP D 344 -38.46 -0.75 28.40
N GLN D 345 -39.27 -1.24 27.49
CA GLN D 345 -39.12 -2.63 27.08
C GLN D 345 -37.99 -2.84 26.11
N ASP D 346 -37.58 -1.80 25.38
CA ASP D 346 -36.48 -1.92 24.42
C ASP D 346 -35.15 -2.05 25.15
N LEU D 347 -35.23 -2.25 26.46
CA LEU D 347 -34.08 -2.43 27.35
C LEU D 347 -34.15 -3.77 28.06
N SER D 348 -34.88 -4.72 27.47
CA SER D 348 -35.05 -6.07 28.02
C SER D 348 -34.91 -7.09 26.89
N LYS D 349 -35.01 -8.36 27.26
CA LYS D 349 -34.87 -9.46 26.29
C LYS D 349 -35.47 -9.24 24.90
N LYS D 350 -36.49 -8.40 24.79
CA LYS D 350 -37.12 -8.18 23.49
C LYS D 350 -36.68 -6.90 22.75
N HIS D 351 -35.39 -6.59 22.88
CA HIS D 351 -34.78 -5.42 22.23
C HIS D 351 -34.85 -5.55 20.72
N GLY D 352 -35.70 -4.74 20.09
CA GLY D 352 -35.84 -4.78 18.63
C GLY D 352 -37.22 -5.21 18.17
N GLN D 353 -37.79 -6.21 18.86
CA GLN D 353 -39.12 -6.74 18.56
C GLN D 353 -40.14 -5.61 18.66
N GLN D 354 -40.26 -4.83 17.58
CA GLN D 354 -41.17 -3.70 17.58
C GLN D 354 -42.53 -3.98 18.22
N LEU D 355 -43.00 -5.22 18.17
CA LEU D 355 -44.31 -5.49 18.75
C LEU D 355 -44.35 -5.88 20.23
N ALA D 356 -43.40 -6.71 20.67
CA ALA D 356 -43.38 -7.15 22.07
C ALA D 356 -42.95 -6.03 23.01
N VAL D 357 -42.40 -4.97 22.44
CA VAL D 357 -41.99 -3.81 23.21
C VAL D 357 -43.21 -2.92 23.18
N GLU D 358 -43.73 -2.74 21.96
CA GLU D 358 -44.91 -1.92 21.70
C GLU D 358 -46.14 -2.55 22.35
N LYS D 359 -45.93 -3.63 23.08
CA LYS D 359 -47.01 -4.29 23.78
C LYS D 359 -46.51 -4.59 25.17
N GLY D 360 -45.20 -4.48 25.34
CA GLY D 360 -44.61 -4.71 26.64
C GLY D 360 -44.91 -3.49 27.48
N ASN D 361 -44.63 -2.34 26.90
CA ASN D 361 -44.88 -1.08 27.58
C ASN D 361 -46.35 -1.02 28.00
N LEU D 362 -47.24 -1.23 27.03
CA LEU D 362 -48.66 -1.21 27.31
C LEU D 362 -48.99 -1.80 28.67
N GLU D 363 -48.27 -2.86 29.04
CA GLU D 363 -48.50 -3.54 30.31
C GLU D 363 -47.90 -2.87 31.52
N ASN D 364 -46.64 -2.44 31.42
CA ASN D 364 -45.98 -1.74 32.52
C ASN D 364 -46.85 -0.57 32.90
N LYS D 365 -47.09 0.29 31.92
CA LYS D 365 -47.91 1.46 32.14
C LYS D 365 -49.15 1.02 32.92
N LYS D 366 -49.97 0.16 32.32
CA LYS D 366 -51.18 -0.31 33.01
C LYS D 366 -50.88 -0.85 34.39
N SER D 367 -49.80 -1.61 34.51
CA SER D 367 -49.44 -2.19 35.78
C SER D 367 -49.46 -1.14 36.90
N ILE D 368 -49.02 0.07 36.56
CA ILE D 368 -48.98 1.18 37.52
C ILE D 368 -50.34 1.86 37.56
N THR D 369 -50.90 2.11 36.39
CA THR D 369 -52.20 2.75 36.28
C THR D 369 -53.16 2.03 37.20
N GLU D 370 -53.43 0.76 36.91
CA GLU D 370 -54.35 -0.03 37.72
C GLU D 370 -53.97 -0.07 39.18
N HIS D 371 -52.97 -0.88 39.49
CA HIS D 371 -52.53 -1.04 40.86
C HIS D 371 -51.60 0.06 41.31
N GLU D 372 -52.04 1.32 41.24
CA GLU D 372 -51.19 2.41 41.68
C GLU D 372 -50.90 2.27 43.17
N GLY D 373 -49.84 2.90 43.64
CA GLY D 373 -49.52 2.79 45.04
C GLY D 373 -48.69 1.56 45.41
N GLU D 374 -48.82 0.49 44.64
CA GLU D 374 -48.06 -0.73 44.89
C GLU D 374 -47.10 -1.01 43.75
N ILE D 375 -47.48 -0.62 42.55
CA ILE D 375 -46.64 -0.85 41.39
C ILE D 375 -46.20 0.45 40.74
N GLY D 376 -44.89 0.71 40.80
CA GLY D 376 -44.37 1.92 40.22
C GLY D 376 -43.02 1.72 39.58
N LYS D 377 -42.42 2.85 39.24
CA LYS D 377 -41.10 2.90 38.62
C LYS D 377 -40.16 3.70 39.50
N ILE D 378 -38.89 3.30 39.51
CA ILE D 378 -37.88 4.01 40.28
C ILE D 378 -36.58 3.92 39.50
N PRO D 379 -35.72 4.94 39.62
CA PRO D 379 -34.43 5.00 38.94
C PRO D 379 -33.48 3.90 39.34
N LEU D 380 -32.87 3.29 38.34
CA LEU D 380 -31.94 2.19 38.51
C LEU D 380 -30.72 2.58 39.35
N LYS D 381 -30.22 1.64 40.15
CA LYS D 381 -29.05 1.89 41.00
C LYS D 381 -28.25 0.60 41.23
N LEU D 382 -27.28 0.33 40.35
CA LEU D 382 -26.44 -0.84 40.47
C LEU D 382 -25.46 -0.61 41.60
N ASP D 383 -25.68 -1.27 42.73
CA ASP D 383 -24.83 -1.10 43.90
C ASP D 383 -23.36 -1.44 43.61
N HIS D 384 -22.53 -1.39 44.65
CA HIS D 384 -21.11 -1.66 44.50
C HIS D 384 -20.75 -3.04 43.95
N LEU D 385 -21.20 -4.10 44.64
CA LEU D 385 -20.90 -5.47 44.22
C LEU D 385 -21.44 -5.82 42.85
N ARG D 386 -22.74 -5.61 42.67
CA ARG D 386 -23.41 -5.88 41.42
C ARG D 386 -22.56 -5.58 40.20
N ILE D 387 -21.77 -4.51 40.28
CA ILE D 387 -20.91 -4.10 39.18
C ILE D 387 -19.84 -5.14 38.86
N GLU D 388 -18.97 -5.40 39.83
CA GLU D 388 -17.87 -6.36 39.64
C GLU D 388 -18.36 -7.71 39.15
N GLU D 389 -19.69 -7.89 39.11
CA GLU D 389 -20.29 -9.13 38.64
C GLU D 389 -20.71 -9.05 37.18
N LEU D 390 -21.31 -7.93 36.78
CA LEU D 390 -21.71 -7.78 35.39
C LEU D 390 -20.38 -7.67 34.65
N LYS D 391 -19.31 -7.73 35.44
CA LYS D 391 -17.95 -7.65 34.94
C LYS D 391 -17.57 -8.98 34.29
N GLU D 392 -17.18 -9.93 35.13
CA GLU D 392 -16.76 -11.23 34.65
C GLU D 392 -17.90 -12.01 34.02
N ASN D 393 -19.13 -11.72 34.46
CA ASN D 393 -20.28 -12.41 33.89
C ASN D 393 -20.30 -12.06 32.41
N GLY D 394 -19.69 -10.92 32.08
CA GLY D 394 -19.59 -10.45 30.70
C GLY D 394 -20.76 -9.64 30.19
N ILE D 395 -21.23 -8.67 30.99
CA ILE D 395 -22.37 -7.86 30.58
C ILE D 395 -22.02 -6.40 30.33
N ILE D 396 -21.11 -5.85 31.13
CA ILE D 396 -20.69 -4.47 30.97
C ILE D 396 -19.17 -4.38 31.14
N LEU D 397 -18.63 -3.20 30.84
CA LEU D 397 -17.19 -2.95 30.95
C LEU D 397 -16.98 -1.52 31.43
N LYS D 398 -16.63 -1.37 32.71
CA LYS D 398 -16.41 -0.08 33.35
C LYS D 398 -15.10 0.59 32.92
N GLY D 399 -15.16 1.89 32.64
CA GLY D 399 -13.97 2.62 32.22
C GLY D 399 -13.98 4.15 32.17
N LYS D 400 -13.48 4.69 31.06
CA LYS D 400 -13.38 6.15 30.84
C LYS D 400 -14.35 6.99 31.66
N LYS D 401 -13.80 7.80 32.56
CA LYS D 401 -14.60 8.69 33.40
C LYS D 401 -15.03 9.92 32.62
N GLU D 402 -16.00 10.66 33.15
CA GLU D 402 -16.50 11.86 32.48
C GLU D 402 -17.28 12.80 33.41
N ILE D 403 -17.31 14.08 33.04
CA ILE D 403 -18.01 15.08 33.82
C ILE D 403 -19.11 15.75 33.02
N ASP D 404 -20.29 16.21 33.67
CA ASP D 404 -21.45 16.81 32.96
C ASP D 404 -22.47 17.53 33.88
N ASN D 405 -22.42 18.85 33.92
CA ASN D 405 -23.28 19.63 34.81
C ASN D 405 -22.63 19.59 36.20
N GLY D 406 -21.31 19.47 36.24
CA GLY D 406 -20.56 19.47 37.49
C GLY D 406 -20.63 18.21 38.34
N LYS D 407 -20.99 16.99 37.81
CA LYS D 407 -21.06 15.76 38.58
C LYS D 407 -20.23 14.65 37.94
N LYS D 408 -19.67 13.76 38.76
CA LYS D 408 -18.84 12.67 38.25
C LYS D 408 -19.63 11.51 37.66
N TYR D 409 -19.24 11.09 36.45
CA TYR D 409 -19.89 9.99 35.74
C TYR D 409 -18.92 8.97 35.14
N TYR D 410 -19.16 7.67 35.39
CA TYR D 410 -18.32 6.61 34.82
C TYR D 410 -19.09 5.98 33.67
N LEU D 411 -18.64 6.26 32.46
CA LEU D 411 -19.24 5.76 31.24
C LEU D 411 -19.33 4.24 31.18
N LEU D 412 -20.43 3.65 31.68
CA LEU D 412 -20.57 2.20 31.62
C LEU D 412 -20.69 1.81 30.18
N GLU D 413 -19.85 0.88 29.75
CA GLU D 413 -19.83 0.42 28.37
C GLU D 413 -20.54 -0.92 28.15
N SER D 414 -20.80 -1.22 26.88
CA SER D 414 -21.44 -2.46 26.46
C SER D 414 -21.33 -2.50 24.95
N ASN D 415 -21.58 -3.66 24.35
CA ASN D 415 -21.50 -3.77 22.91
C ASN D 415 -22.83 -3.42 22.24
N ASN D 416 -23.91 -3.43 23.01
CA ASN D 416 -25.20 -3.09 22.43
C ASN D 416 -25.01 -1.78 21.66
N GLN D 417 -25.43 -1.77 20.40
CA GLN D 417 -25.28 -0.61 19.51
C GLN D 417 -26.53 0.24 19.31
N VAL D 418 -27.29 0.45 20.37
CA VAL D 418 -28.51 1.24 20.26
C VAL D 418 -28.60 2.29 21.36
N TYR D 419 -27.94 2.03 22.47
CA TYR D 419 -27.95 2.96 23.60
C TYR D 419 -26.57 3.10 24.20
N GLU D 420 -26.38 4.15 24.98
CA GLU D 420 -25.13 4.41 25.67
C GLU D 420 -25.56 4.48 27.12
N PHE D 421 -24.75 3.92 28.00
CA PHE D 421 -25.09 3.92 29.41
C PHE D 421 -23.97 4.56 30.17
N ARG D 422 -24.26 4.98 31.39
CA ARG D 422 -23.26 5.63 32.26
C ARG D 422 -23.84 5.70 33.67
N ILE D 423 -22.99 5.60 34.68
CA ILE D 423 -23.48 5.65 36.04
C ILE D 423 -22.89 6.76 36.91
N SER D 424 -23.75 7.43 37.66
CA SER D 424 -23.41 8.53 38.56
C SER D 424 -22.43 8.12 39.66
N ASP D 425 -22.04 9.08 40.49
CA ASP D 425 -21.11 8.81 41.56
C ASP D 425 -21.73 8.98 42.94
N GLU D 426 -22.24 10.17 43.22
CA GLU D 426 -22.88 10.43 44.51
C GLU D 426 -23.86 9.29 44.76
N ASN D 427 -24.99 9.55 44.06
CA ASN D 427 -25.89 8.44 43.98
C ASN D 427 -25.35 7.73 42.73
N ASN D 428 -25.28 6.43 42.84
CA ASN D 428 -24.90 5.65 41.69
C ASN D 428 -26.17 5.35 40.95
N GLU D 429 -26.72 6.33 40.29
CA GLU D 429 -27.87 6.10 39.47
C GLU D 429 -27.35 5.69 38.08
N VAL D 430 -28.12 5.12 37.21
CA VAL D 430 -27.67 4.72 35.90
C VAL D 430 -28.47 5.50 34.87
N GLN D 431 -27.84 5.87 33.77
CA GLN D 431 -28.54 6.63 32.76
C GLN D 431 -28.16 6.17 31.36
N TYR D 432 -29.02 6.47 30.38
CA TYR D 432 -28.74 6.13 28.99
C TYR D 432 -29.34 7.18 28.04
N LYS D 433 -29.20 6.92 26.75
CA LYS D 433 -29.73 7.80 25.70
C LYS D 433 -29.46 7.09 24.39
N THR D 434 -30.01 7.60 23.31
CA THR D 434 -29.75 6.97 22.03
C THR D 434 -28.43 7.57 21.58
N LYS D 435 -27.73 6.88 20.69
CA LYS D 435 -26.45 7.37 20.21
C LYS D 435 -26.52 8.41 19.11
N GLU D 436 -25.45 9.22 19.02
CA GLU D 436 -25.34 10.29 18.02
C GLU D 436 -25.25 9.74 16.60
N GLY D 437 -26.31 9.07 16.17
CA GLY D 437 -26.35 8.50 14.82
C GLY D 437 -27.19 7.23 14.74
N LYS D 438 -28.23 7.15 15.57
CA LYS D 438 -29.10 5.98 15.58
C LYS D 438 -30.49 6.33 16.12
N ILE D 439 -31.44 5.41 15.99
CA ILE D 439 -32.80 5.63 16.46
C ILE D 439 -33.44 4.38 17.06
N THR D 440 -34.48 4.58 17.85
CA THR D 440 -35.22 3.50 18.52
C THR D 440 -36.12 2.79 17.51
N VAL D 441 -36.45 1.52 17.79
CA VAL D 441 -37.32 0.76 16.89
C VAL D 441 -38.73 1.36 16.94
N LEU D 442 -39.07 1.94 18.10
CA LEU D 442 -40.36 2.57 18.26
C LEU D 442 -40.25 3.89 17.52
N GLY D 443 -39.00 4.34 17.33
CA GLY D 443 -38.76 5.57 16.60
C GLY D 443 -38.38 6.77 17.44
N GLU D 444 -38.11 6.55 18.72
CA GLU D 444 -37.74 7.63 19.63
C GLU D 444 -36.24 7.90 19.61
N LYS D 445 -35.85 9.12 19.98
CA LYS D 445 -34.44 9.52 20.03
C LYS D 445 -34.25 10.45 21.23
N PHE D 446 -33.62 9.95 22.29
CA PHE D 446 -33.43 10.78 23.48
C PHE D 446 -32.02 10.86 24.07
N ASN D 447 -31.77 11.96 24.73
CA ASN D 447 -30.47 12.16 25.33
C ASN D 447 -30.45 11.45 26.74
N TRP D 448 -29.40 11.68 27.50
CA TRP D 448 -29.20 11.16 28.84
C TRP D 448 -30.48 11.29 29.71
N ARG D 449 -31.00 10.17 30.17
CA ARG D 449 -32.19 10.09 31.00
C ARG D 449 -31.94 8.94 31.99
N ASN D 450 -32.54 8.88 33.17
CA ASN D 450 -32.35 7.79 34.11
C ASN D 450 -33.08 6.55 33.65
N ILE D 451 -32.51 5.40 33.98
CA ILE D 451 -33.11 4.12 33.62
C ILE D 451 -34.06 3.72 34.75
N GLU D 452 -35.35 3.89 34.52
CA GLU D 452 -36.33 3.51 35.52
C GLU D 452 -36.61 2.03 35.33
N VAL D 453 -36.57 1.31 36.45
CA VAL D 453 -36.84 -0.11 36.45
C VAL D 453 -38.23 -0.19 37.10
N MET D 454 -38.87 -1.35 37.04
CA MET D 454 -40.19 -1.50 37.65
C MET D 454 -40.02 -1.88 39.10
N ALA D 455 -41.00 -1.55 39.93
CA ALA D 455 -40.89 -1.87 41.33
C ALA D 455 -42.21 -1.93 42.05
N LYS D 456 -42.36 -2.88 42.97
CA LYS D 456 -43.58 -3.02 43.75
C LYS D 456 -43.38 -2.40 45.12
N ASN D 457 -44.45 -2.29 45.88
CA ASN D 457 -44.39 -1.71 47.22
C ASN D 457 -44.03 -2.77 48.25
N VAL D 458 -43.19 -2.39 49.21
CA VAL D 458 -42.76 -3.27 50.29
C VAL D 458 -42.55 -2.40 51.53
N GLU D 459 -43.44 -2.49 52.49
CA GLU D 459 -43.35 -1.68 53.71
C GLU D 459 -43.21 -0.20 53.36
N GLY D 460 -44.21 0.31 52.63
CA GLY D 460 -44.22 1.71 52.24
C GLY D 460 -43.17 2.18 51.25
N VAL D 461 -42.14 1.39 51.02
CA VAL D 461 -41.11 1.81 50.09
C VAL D 461 -41.03 0.97 48.85
N LEU D 462 -40.85 1.62 47.71
CA LEU D 462 -40.74 0.91 46.44
C LEU D 462 -39.35 0.36 46.21
N LYS D 463 -39.26 -0.95 46.01
CA LYS D 463 -37.99 -1.59 45.74
C LYS D 463 -38.08 -2.15 44.33
N PRO D 464 -36.97 -2.14 43.58
CA PRO D 464 -36.86 -2.62 42.20
C PRO D 464 -37.25 -4.08 42.06
N LEU D 465 -37.90 -4.44 40.96
CA LEU D 465 -38.37 -5.79 40.74
C LEU D 465 -37.53 -6.73 39.88
N THR D 466 -37.35 -7.96 40.37
CA THR D 466 -36.61 -8.95 39.60
C THR D 466 -37.31 -10.30 39.64
N ALA D 467 -36.68 -11.28 38.99
CA ALA D 467 -37.21 -12.63 38.93
C ALA D 467 -37.57 -13.16 40.32
N ASP D 468 -38.66 -13.93 40.38
CA ASP D 468 -39.17 -14.55 41.61
C ASP D 468 -38.95 -16.05 41.50
N TYR D 469 -39.29 -16.78 42.55
CA TYR D 469 -39.19 -18.24 42.51
C TYR D 469 -40.52 -18.83 42.09
N ASP D 470 -40.58 -19.34 40.88
CA ASP D 470 -41.77 -19.95 40.34
C ASP D 470 -41.78 -21.42 40.66
N LEU D 471 -42.72 -21.89 41.47
CA LEU D 471 -42.77 -23.33 41.78
C LEU D 471 -43.31 -24.19 40.64
N PHE D 472 -42.60 -25.25 40.28
CA PHE D 472 -43.10 -26.12 39.22
C PHE D 472 -44.11 -27.03 39.87
N ALA D 473 -44.04 -27.19 41.19
CA ALA D 473 -44.99 -28.05 41.88
C ALA D 473 -44.67 -28.24 43.35
N LEU D 474 -45.66 -28.74 44.11
CA LEU D 474 -45.48 -29.03 45.54
C LEU D 474 -46.04 -30.39 45.91
N ALA D 475 -45.18 -31.32 46.29
CA ALA D 475 -45.65 -32.65 46.63
C ALA D 475 -45.68 -32.89 48.12
N PRO D 476 -46.85 -32.71 48.76
CA PRO D 476 -46.95 -32.92 50.19
C PRO D 476 -47.18 -34.40 50.31
N SER D 477 -46.94 -34.95 51.48
CA SER D 477 -47.16 -36.38 51.66
C SER D 477 -48.62 -36.63 51.92
N LEU D 478 -49.10 -37.81 51.57
CA LEU D 478 -50.49 -38.10 51.80
C LEU D 478 -50.83 -38.01 53.28
N THR D 479 -49.85 -38.21 54.14
CA THR D 479 -50.11 -38.16 55.58
C THR D 479 -50.26 -36.74 56.08
N GLU D 480 -49.49 -35.81 55.49
CA GLU D 480 -49.56 -34.41 55.88
C GLU D 480 -50.95 -33.90 55.50
N ILE D 481 -51.49 -34.42 54.41
CA ILE D 481 -52.82 -34.00 54.01
C ILE D 481 -53.83 -34.51 55.02
N LYS D 482 -53.59 -35.68 55.59
CA LYS D 482 -54.52 -36.23 56.58
C LYS D 482 -54.58 -35.32 57.79
N LYS D 483 -53.44 -34.67 58.05
CA LYS D 483 -53.29 -33.76 59.16
C LYS D 483 -53.95 -32.45 58.77
N GLN D 484 -54.43 -32.38 57.53
CA GLN D 484 -55.07 -31.18 57.03
C GLN D 484 -56.58 -31.16 57.27
N ILE D 485 -57.19 -32.34 57.26
CA ILE D 485 -58.61 -32.46 57.50
C ILE D 485 -58.85 -32.31 58.99
N PRO D 486 -59.94 -31.64 59.39
CA PRO D 486 -60.24 -31.44 60.81
C PRO D 486 -60.69 -32.77 61.42
N GLN D 487 -60.03 -33.15 62.51
CA GLN D 487 -60.30 -34.41 63.19
C GLN D 487 -61.74 -34.86 63.34
N LYS D 488 -62.69 -33.93 63.30
CA LYS D 488 -64.10 -34.30 63.49
C LYS D 488 -64.83 -34.67 62.20
N GLU D 489 -64.49 -34.01 61.10
CA GLU D 489 -65.12 -34.32 59.83
C GLU D 489 -64.66 -35.70 59.40
N TRP D 490 -63.35 -35.90 59.36
CA TRP D 490 -62.78 -37.17 58.93
C TRP D 490 -63.18 -38.26 59.90
N ASP D 491 -63.70 -37.86 61.06
CA ASP D 491 -64.16 -38.83 62.06
C ASP D 491 -65.60 -39.10 61.70
N LYS D 492 -66.37 -38.05 61.50
CA LYS D 492 -67.76 -38.21 61.14
C LYS D 492 -67.96 -38.96 59.81
N VAL D 493 -66.89 -39.42 59.18
CA VAL D 493 -67.08 -40.12 57.92
C VAL D 493 -66.82 -41.60 57.93
N VAL D 494 -65.83 -42.04 58.72
CA VAL D 494 -65.49 -43.46 58.77
C VAL D 494 -66.48 -44.28 59.58
N ASN D 495 -67.47 -43.63 60.18
CA ASN D 495 -68.49 -44.33 60.98
C ASN D 495 -69.61 -44.82 60.07
N THR D 496 -69.64 -44.26 58.86
CA THR D 496 -70.63 -44.62 57.87
C THR D 496 -70.58 -46.14 57.71
N PRO D 497 -71.75 -46.82 57.79
CA PRO D 497 -71.82 -48.27 57.66
C PRO D 497 -71.47 -48.72 56.25
N ASN D 498 -72.15 -48.10 55.28
CA ASN D 498 -71.94 -48.40 53.87
C ASN D 498 -70.47 -48.30 53.49
N SER D 499 -69.86 -49.45 53.22
CA SER D 499 -68.47 -49.46 52.83
C SER D 499 -68.28 -48.62 51.57
N LEU D 500 -69.07 -48.88 50.54
CA LEU D 500 -68.94 -48.12 49.30
C LEU D 500 -69.04 -46.63 49.62
N GLU D 501 -69.92 -46.29 50.56
CA GLU D 501 -70.12 -44.90 50.99
C GLU D 501 -68.86 -44.37 51.67
N LYS D 502 -68.22 -45.23 52.47
CA LYS D 502 -67.02 -44.85 53.19
C LYS D 502 -65.87 -44.54 52.23
N GLN D 503 -65.84 -45.19 51.08
CA GLN D 503 -64.77 -44.93 50.13
C GLN D 503 -65.00 -43.56 49.53
N LYS D 504 -66.20 -43.36 48.98
CA LYS D 504 -66.57 -42.10 48.38
C LYS D 504 -66.27 -41.03 49.42
N GLY D 505 -67.05 -41.04 50.50
CA GLY D 505 -66.85 -40.07 51.58
C GLY D 505 -65.40 -39.67 51.80
N VAL D 506 -64.51 -40.66 51.87
CA VAL D 506 -63.10 -40.39 52.08
C VAL D 506 -62.47 -39.64 50.92
N THR D 507 -62.65 -40.17 49.71
CA THR D 507 -62.10 -39.56 48.51
C THR D 507 -62.41 -38.06 48.47
N ASN D 508 -63.70 -37.71 48.54
CA ASN D 508 -64.10 -36.31 48.54
C ASN D 508 -63.35 -35.56 49.63
N LEU D 509 -62.98 -36.25 50.70
CA LEU D 509 -62.22 -35.58 51.74
C LEU D 509 -60.85 -35.24 51.19
N LEU D 510 -60.12 -36.26 50.72
CA LEU D 510 -58.79 -36.11 50.14
C LEU D 510 -58.83 -35.02 49.07
N ILE D 511 -59.85 -35.09 48.23
CA ILE D 511 -60.10 -34.13 47.17
C ILE D 511 -60.21 -32.76 47.82
N LYS D 512 -61.26 -32.62 48.63
CA LYS D 512 -61.58 -31.41 49.36
C LYS D 512 -60.38 -30.76 50.03
N TYR D 513 -59.88 -31.42 51.09
CA TYR D 513 -58.76 -30.88 51.84
C TYR D 513 -57.36 -30.94 51.24
N GLY D 514 -57.22 -31.44 50.03
CA GLY D 514 -55.88 -31.50 49.48
C GLY D 514 -55.67 -31.47 47.98
N ILE D 515 -56.72 -31.66 47.20
CA ILE D 515 -56.60 -31.65 45.73
C ILE D 515 -57.25 -30.40 45.12
N GLU D 516 -58.34 -29.94 45.72
CA GLU D 516 -59.03 -28.80 45.19
C GLU D 516 -58.23 -27.53 45.23
N ARG D 517 -58.23 -26.85 44.09
CA ARG D 517 -57.55 -25.58 43.91
C ARG D 517 -58.58 -24.55 43.46
N LYS D 518 -58.65 -23.43 44.18
CA LYS D 518 -59.56 -22.33 43.86
C LYS D 518 -58.73 -21.10 43.57
N PRO D 519 -59.35 -20.00 43.13
CA PRO D 519 -58.51 -18.83 42.88
C PRO D 519 -58.24 -18.14 44.20
N ASP D 520 -57.45 -17.08 44.18
CA ASP D 520 -57.13 -16.40 45.42
C ASP D 520 -56.77 -14.96 45.15
N SER D 521 -57.34 -14.08 45.97
CA SER D 521 -57.15 -12.63 45.86
C SER D 521 -55.81 -12.21 45.31
N THR D 522 -54.75 -12.64 46.00
CA THR D 522 -53.40 -12.28 45.65
C THR D 522 -52.54 -13.33 44.93
N LYS D 523 -52.31 -14.45 45.60
CA LYS D 523 -51.44 -15.52 45.09
C LYS D 523 -51.91 -16.36 43.92
N GLY D 524 -52.68 -15.80 43.00
CA GLY D 524 -53.14 -16.56 41.86
C GLY D 524 -53.99 -17.75 42.21
N THR D 525 -53.97 -18.80 41.38
CA THR D 525 -54.78 -20.00 41.64
C THR D 525 -53.99 -21.09 42.32
N LEU D 526 -54.37 -21.46 43.53
CA LEU D 526 -53.65 -22.51 44.23
C LEU D 526 -54.47 -23.16 45.30
N SER D 527 -53.92 -24.21 45.88
CA SER D 527 -54.61 -24.90 46.92
C SER D 527 -54.44 -24.15 48.22
N ASN D 528 -55.29 -24.48 49.20
CA ASN D 528 -55.20 -23.84 50.52
C ASN D 528 -53.95 -24.33 51.22
N TRP D 529 -53.81 -25.65 51.36
CA TRP D 529 -52.63 -26.17 52.00
C TRP D 529 -51.46 -25.62 51.20
N GLN D 530 -51.67 -25.44 49.90
CA GLN D 530 -50.60 -24.89 49.07
C GLN D 530 -50.24 -23.48 49.51
N LYS D 531 -51.26 -22.69 49.86
CA LYS D 531 -51.01 -21.32 50.30
C LYS D 531 -50.23 -21.33 51.59
N GLN D 532 -50.68 -22.12 52.55
CA GLN D 532 -49.96 -22.15 53.81
C GLN D 532 -48.53 -22.59 53.53
N MET D 533 -48.38 -23.50 52.57
CA MET D 533 -47.05 -23.95 52.22
C MET D 533 -46.29 -22.79 51.61
N LEU D 534 -47.00 -21.88 50.96
CA LEU D 534 -46.34 -20.74 50.33
C LEU D 534 -45.76 -19.80 51.36
N ASP D 535 -46.58 -19.42 52.33
CA ASP D 535 -46.08 -18.53 53.36
C ASP D 535 -44.88 -19.15 54.06
N ARG D 536 -45.07 -20.31 54.68
CA ARG D 536 -43.97 -20.98 55.37
C ARG D 536 -42.69 -20.92 54.58
N LEU D 537 -42.78 -20.84 53.26
CA LEU D 537 -41.58 -20.73 52.45
C LEU D 537 -41.06 -19.32 52.61
N ASN D 538 -41.91 -18.33 52.39
CA ASN D 538 -41.47 -16.94 52.50
C ASN D 538 -40.98 -16.63 53.91
N GLU D 539 -41.85 -16.70 54.91
CA GLU D 539 -41.44 -16.42 56.28
C GLU D 539 -40.10 -17.12 56.53
N ALA D 540 -39.87 -18.22 55.83
CA ALA D 540 -38.63 -18.95 56.00
C ALA D 540 -37.46 -18.12 55.50
N VAL D 541 -37.48 -17.68 54.24
CA VAL D 541 -36.36 -16.88 53.74
C VAL D 541 -36.39 -15.47 54.27
N LYS D 542 -37.38 -15.16 55.10
CA LYS D 542 -37.50 -13.83 55.67
C LYS D 542 -36.58 -13.77 56.89
N TYR D 543 -36.51 -14.87 57.63
CA TYR D 543 -35.66 -14.96 58.80
C TYR D 543 -34.24 -15.25 58.35
N THR D 544 -34.10 -15.69 57.10
CA THR D 544 -32.79 -15.97 56.54
C THR D 544 -32.12 -14.64 56.26
N GLY D 545 -32.80 -13.54 56.57
CA GLY D 545 -32.21 -12.24 56.35
C GLY D 545 -32.58 -11.46 55.10
N TYR D 546 -33.72 -11.80 54.49
CA TYR D 546 -34.20 -11.11 53.29
C TYR D 546 -34.87 -9.82 53.76
N THR D 547 -35.05 -8.88 52.85
CA THR D 547 -35.67 -7.61 53.18
C THR D 547 -36.46 -7.03 52.03
N GLY D 548 -36.67 -7.84 51.00
CA GLY D 548 -37.41 -7.38 49.84
C GLY D 548 -38.82 -7.92 49.71
N GLY D 549 -39.34 -8.51 50.79
CA GLY D 549 -40.68 -9.05 50.76
C GLY D 549 -40.69 -10.56 50.64
N ASP D 550 -41.56 -11.08 49.78
CA ASP D 550 -41.70 -12.52 49.54
C ASP D 550 -40.85 -12.93 48.35
N VAL D 551 -40.71 -14.22 48.14
CA VAL D 551 -39.91 -14.66 47.02
C VAL D 551 -40.69 -15.71 46.21
N VAL D 552 -41.86 -16.07 46.75
CA VAL D 552 -42.78 -17.00 46.09
C VAL D 552 -44.08 -16.23 46.12
N ASN D 553 -44.47 -15.65 44.99
CA ASN D 553 -45.66 -14.84 44.93
C ASN D 553 -46.98 -15.47 44.48
N HIS D 554 -46.90 -16.55 43.70
CA HIS D 554 -48.10 -17.23 43.22
C HIS D 554 -48.03 -18.74 43.36
N GLY D 555 -49.06 -19.41 42.87
CA GLY D 555 -49.15 -20.85 42.94
C GLY D 555 -48.25 -21.64 42.00
N THR D 556 -48.39 -22.96 42.08
CA THR D 556 -47.57 -23.89 41.29
C THR D 556 -47.89 -23.94 39.81
N GLU D 557 -46.87 -23.74 38.98
CA GLU D 557 -47.00 -23.78 37.53
C GLU D 557 -47.90 -24.92 36.98
N GLN D 558 -48.29 -25.84 37.86
CA GLN D 558 -49.16 -26.94 37.48
C GLN D 558 -50.61 -26.50 37.53
N ASP D 559 -50.81 -25.19 37.46
CA ASP D 559 -52.14 -24.61 37.45
C ASP D 559 -52.14 -23.50 36.42
N ASN D 560 -50.99 -23.36 35.77
CA ASN D 560 -50.78 -22.39 34.71
C ASN D 560 -51.43 -23.08 33.52
N GLU D 561 -52.74 -23.29 33.62
CA GLU D 561 -53.51 -23.95 32.59
C GLU D 561 -53.51 -23.16 31.29
N GLU D 562 -53.71 -21.85 31.39
CA GLU D 562 -53.74 -20.96 30.24
C GLU D 562 -52.47 -20.94 29.38
N PHE D 563 -51.36 -20.45 29.96
CA PHE D 563 -50.09 -20.34 29.24
C PHE D 563 -48.99 -21.25 29.77
N PRO D 564 -49.27 -22.55 29.92
CA PRO D 564 -48.27 -23.48 30.43
C PRO D 564 -46.91 -23.42 29.73
N GLU D 565 -45.85 -23.40 30.53
CA GLU D 565 -44.48 -23.39 30.01
C GLU D 565 -43.82 -24.74 30.31
N LYS D 566 -43.01 -25.19 29.36
CA LYS D 566 -42.31 -26.47 29.48
C LYS D 566 -40.81 -26.29 29.69
N ASP D 567 -40.36 -26.41 30.93
CA ASP D 567 -38.92 -26.27 31.18
C ASP D 567 -38.25 -27.63 31.19
N ASN D 568 -37.01 -27.66 30.72
CA ASN D 568 -36.26 -28.90 30.71
C ASN D 568 -35.80 -29.17 32.14
N GLU D 569 -34.76 -28.46 32.57
CA GLU D 569 -34.22 -28.61 33.93
C GLU D 569 -35.22 -28.16 35.01
N ILE D 570 -35.33 -28.96 36.07
CA ILE D 570 -36.23 -28.64 37.17
C ILE D 570 -35.55 -28.97 38.51
N PHE D 571 -35.26 -27.94 39.29
CA PHE D 571 -34.62 -28.09 40.60
C PHE D 571 -35.65 -28.64 41.57
N ILE D 572 -35.22 -29.55 42.44
CA ILE D 572 -36.12 -30.14 43.42
C ILE D 572 -35.46 -30.13 44.77
N ILE D 573 -36.25 -30.27 45.83
CA ILE D 573 -35.76 -30.27 47.20
C ILE D 573 -36.60 -31.32 47.87
N ASN D 574 -36.08 -32.55 47.90
CA ASN D 574 -36.81 -33.68 48.48
C ASN D 574 -37.17 -33.53 49.94
N PRO D 575 -37.91 -34.50 50.46
CA PRO D 575 -38.31 -34.42 51.86
C PRO D 575 -37.11 -34.60 52.81
N GLU D 576 -36.10 -35.37 52.39
CA GLU D 576 -34.89 -35.61 53.20
C GLU D 576 -34.07 -34.31 53.28
N GLY D 577 -34.08 -33.54 52.20
CA GLY D 577 -33.34 -32.28 52.18
C GLY D 577 -32.20 -32.22 51.19
N GLU D 578 -32.16 -33.15 50.24
CA GLU D 578 -31.12 -33.18 49.22
C GLU D 578 -31.51 -32.18 48.11
N PHE D 579 -30.66 -32.00 47.10
CA PHE D 579 -31.01 -31.11 45.99
C PHE D 579 -30.88 -31.91 44.70
N ILE D 580 -31.90 -31.86 43.86
CA ILE D 580 -31.88 -32.60 42.61
C ILE D 580 -32.36 -31.73 41.46
N LEU D 581 -31.75 -31.90 40.31
CA LEU D 581 -32.12 -31.12 39.16
C LEU D 581 -32.26 -31.97 37.92
N THR D 582 -33.48 -32.40 37.60
CA THR D 582 -33.65 -33.20 36.39
C THR D 582 -33.03 -32.46 35.22
N LYS D 583 -32.93 -33.11 34.07
CA LYS D 583 -32.36 -32.48 32.88
C LYS D 583 -33.37 -32.49 31.75
N ASN D 584 -34.36 -33.38 31.85
CA ASN D 584 -35.35 -33.50 30.80
C ASN D 584 -36.81 -33.41 31.22
N TRP D 585 -37.66 -33.07 30.25
CA TRP D 585 -39.07 -32.97 30.51
C TRP D 585 -39.46 -34.38 30.82
N GLU D 586 -38.68 -35.30 30.28
CA GLU D 586 -38.90 -36.72 30.46
C GLU D 586 -38.43 -37.07 31.87
N MET D 587 -37.12 -36.97 32.08
CA MET D 587 -36.55 -37.28 33.36
C MET D 587 -37.49 -36.85 34.48
N THR D 588 -37.90 -35.59 34.43
CA THR D 588 -38.79 -35.06 35.45
C THR D 588 -40.02 -35.91 35.59
N GLY D 589 -40.69 -36.11 34.47
CA GLY D 589 -41.91 -36.90 34.48
C GLY D 589 -41.63 -38.30 34.98
N ARG D 590 -40.35 -38.64 35.03
CA ARG D 590 -39.85 -39.94 35.46
C ARG D 590 -39.39 -39.88 36.90
N PHE D 591 -38.55 -38.90 37.24
CA PHE D 591 -38.08 -38.79 38.62
C PHE D 591 -39.28 -38.65 39.52
N ILE D 592 -40.39 -38.20 38.94
CA ILE D 592 -41.61 -37.99 39.72
C ILE D 592 -42.46 -39.25 39.81
N GLU D 593 -42.46 -40.09 38.76
CA GLU D 593 -43.22 -41.34 38.81
C GLU D 593 -42.58 -42.15 39.92
N LYS D 594 -41.25 -42.15 39.90
CA LYS D 594 -40.44 -42.91 40.85
C LYS D 594 -40.42 -42.45 42.30
N ASN D 595 -40.48 -41.16 42.56
CA ASN D 595 -40.43 -40.76 43.95
C ASN D 595 -41.67 -40.07 44.46
N ILE D 596 -42.21 -39.14 43.67
CA ILE D 596 -43.40 -38.44 44.11
C ILE D 596 -44.66 -39.24 43.85
N THR D 597 -44.91 -39.62 42.60
CA THR D 597 -46.10 -40.39 42.24
C THR D 597 -46.32 -41.65 43.06
N GLY D 598 -45.62 -42.72 42.66
CA GLY D 598 -45.77 -44.01 43.34
C GLY D 598 -45.02 -44.16 44.63
N LYS D 599 -45.15 -43.11 45.63
CA LYS D 599 -44.45 -43.18 46.95
C LYS D 599 -45.16 -42.48 48.13
N ASP D 600 -46.48 -42.62 48.15
CA ASP D 600 -47.33 -42.05 49.18
C ASP D 600 -47.37 -40.52 49.24
N TYR D 601 -46.89 -39.87 48.18
CA TYR D 601 -46.93 -38.43 48.16
C TYR D 601 -48.06 -38.02 47.19
N LEU D 602 -48.69 -36.96 47.42
CA LEU D 602 -49.78 -36.48 46.60
C LEU D 602 -49.35 -35.45 45.57
N TYR D 603 -49.48 -35.81 44.30
CA TYR D 603 -49.11 -34.90 43.21
C TYR D 603 -50.20 -34.96 42.17
N TYR D 604 -50.38 -33.85 41.45
CA TYR D 604 -51.39 -33.76 40.39
C TYR D 604 -50.72 -32.94 39.29
N PHE D 605 -50.99 -33.25 38.04
CA PHE D 605 -50.35 -32.54 36.97
C PHE D 605 -51.29 -31.65 36.16
N ASN D 606 -50.69 -30.62 35.54
CA ASN D 606 -51.40 -29.61 34.77
C ASN D 606 -52.57 -30.06 33.93
N ARG D 607 -53.74 -29.56 34.26
CA ARG D 607 -54.95 -29.92 33.56
C ARG D 607 -54.84 -29.70 32.06
N SER D 608 -53.81 -28.99 31.60
CA SER D 608 -53.69 -28.74 30.18
C SER D 608 -52.71 -29.64 29.46
N TYR D 609 -52.14 -30.58 30.18
CA TYR D 609 -51.19 -31.48 29.54
C TYR D 609 -51.95 -32.49 28.69
N ASN D 610 -51.36 -32.77 27.52
CA ASN D 610 -51.93 -33.70 26.56
C ASN D 610 -53.19 -33.09 25.95
N LYS D 611 -53.19 -31.77 25.86
CA LYS D 611 -54.27 -31.00 25.28
C LYS D 611 -53.60 -29.73 24.78
N ILE D 612 -54.33 -28.93 24.02
CA ILE D 612 -53.75 -27.70 23.52
C ILE D 612 -54.16 -26.59 24.46
N ALA D 613 -53.16 -25.91 24.99
CA ALA D 613 -53.39 -24.85 25.93
C ALA D 613 -53.93 -23.58 25.29
N PRO D 614 -55.22 -23.28 25.51
CA PRO D 614 -55.86 -22.09 24.95
C PRO D 614 -54.91 -20.90 24.78
N GLY D 615 -54.53 -20.33 25.91
CA GLY D 615 -53.65 -19.18 25.89
C GLY D 615 -52.58 -19.12 24.83
N ASN D 616 -51.62 -20.02 24.92
CA ASN D 616 -50.51 -20.04 23.98
C ASN D 616 -50.63 -21.17 22.98
N LYS D 617 -51.81 -21.79 22.94
CA LYS D 617 -52.05 -22.87 22.01
C LYS D 617 -50.86 -23.86 21.99
N ALA D 618 -50.42 -24.29 23.18
CA ALA D 618 -49.29 -25.20 23.30
C ALA D 618 -49.65 -26.63 23.74
N TYR D 619 -48.87 -27.57 23.23
CA TYR D 619 -49.09 -28.98 23.52
C TYR D 619 -47.90 -29.53 24.32
N ILE D 620 -48.13 -29.77 25.60
CA ILE D 620 -47.09 -30.32 26.47
C ILE D 620 -47.56 -31.70 26.95
N GLU D 621 -46.82 -32.74 26.55
CA GLU D 621 -47.14 -34.13 26.90
C GLU D 621 -46.70 -34.59 28.29
N TRP D 622 -47.49 -35.45 28.92
CA TRP D 622 -47.20 -35.97 30.27
C TRP D 622 -47.87 -37.31 30.39
N THR D 623 -47.13 -38.35 30.76
CA THR D 623 -47.71 -39.69 30.88
C THR D 623 -48.90 -39.71 31.82
N ASP D 624 -50.07 -40.00 31.27
CA ASP D 624 -51.29 -40.05 32.05
C ASP D 624 -51.74 -41.49 32.10
N PRO D 625 -51.82 -42.07 33.29
CA PRO D 625 -52.24 -43.45 33.44
C PRO D 625 -53.59 -43.74 32.83
N ILE D 626 -54.61 -43.02 33.26
CA ILE D 626 -55.95 -43.25 32.73
C ILE D 626 -55.97 -43.47 31.23
N THR D 627 -55.35 -42.55 30.51
CA THR D 627 -55.31 -42.63 29.06
C THR D 627 -54.55 -43.88 28.56
N LYS D 628 -53.64 -44.37 29.38
CA LYS D 628 -52.83 -45.54 29.07
C LYS D 628 -53.67 -46.83 29.08
N ALA D 629 -54.97 -46.70 29.34
CA ALA D 629 -55.86 -47.84 29.40
C ALA D 629 -57.15 -47.60 28.67
N LYS D 630 -57.19 -46.51 27.91
CA LYS D 630 -58.39 -46.22 27.14
C LYS D 630 -58.46 -47.30 26.07
N ILE D 631 -57.30 -47.64 25.51
CA ILE D 631 -57.13 -48.65 24.48
C ILE D 631 -57.96 -49.90 24.70
N ASN D 632 -58.18 -50.26 25.95
CA ASN D 632 -58.94 -51.45 26.25
C ASN D 632 -60.18 -51.15 27.05
N THR D 633 -60.98 -50.18 26.60
CA THR D 633 -62.20 -49.80 27.33
C THR D 633 -63.42 -49.47 26.47
N ILE D 634 -64.55 -50.06 26.81
CA ILE D 634 -65.75 -49.77 26.03
C ILE D 634 -66.26 -48.36 26.36
N PRO D 635 -65.99 -47.38 25.47
CA PRO D 635 -66.42 -45.99 25.67
C PRO D 635 -67.72 -45.87 26.42
N THR D 636 -67.95 -44.69 26.95
CA THR D 636 -69.15 -44.39 27.73
C THR D 636 -70.27 -43.84 26.87
N SER D 637 -71.50 -43.93 27.34
CA SER D 637 -72.59 -43.38 26.54
C SER D 637 -72.18 -41.99 26.16
N ALA D 638 -71.99 -41.17 27.19
CA ALA D 638 -71.61 -39.76 27.08
C ALA D 638 -70.25 -39.48 26.44
N GLU D 639 -69.30 -40.37 26.61
CA GLU D 639 -68.02 -40.11 26.00
C GLU D 639 -68.21 -40.28 24.50
N PHE D 640 -69.18 -41.11 24.16
CA PHE D 640 -69.48 -41.43 22.77
C PHE D 640 -70.18 -40.24 22.15
N ILE D 641 -71.31 -39.85 22.72
CA ILE D 641 -72.02 -38.71 22.20
C ILE D 641 -71.07 -37.54 22.05
N LYS D 642 -70.27 -37.29 23.07
CA LYS D 642 -69.31 -36.18 23.05
C LYS D 642 -68.46 -36.22 21.77
N ASN D 643 -67.93 -37.40 21.45
CA ASN D 643 -67.09 -37.61 20.28
C ASN D 643 -67.78 -37.21 18.99
N LEU D 644 -69.05 -37.59 18.87
CA LEU D 644 -69.81 -37.27 17.68
C LEU D 644 -69.90 -35.76 17.61
N SER D 645 -70.40 -35.15 18.69
CA SER D 645 -70.51 -33.70 18.79
C SER D 645 -69.25 -33.10 18.14
N SER D 646 -68.10 -33.45 18.69
CA SER D 646 -66.81 -32.97 18.22
C SER D 646 -66.70 -32.96 16.70
N ILE D 647 -66.76 -34.16 16.10
CA ILE D 647 -66.65 -34.30 14.64
C ILE D 647 -67.69 -33.48 13.87
N ARG D 648 -68.87 -33.31 14.45
CA ARG D 648 -69.91 -32.53 13.81
C ARG D 648 -69.33 -31.12 13.67
N ARG D 649 -68.55 -30.65 14.67
CA ARG D 649 -68.07 -29.27 14.55
C ARG D 649 -66.98 -29.12 13.46
N SER D 650 -66.44 -30.26 12.91
CA SER D 650 -65.24 -30.32 11.98
C SER D 650 -65.46 -30.80 10.54
N SER D 651 -65.75 -32.06 10.34
CA SER D 651 -66.34 -32.24 9.03
C SER D 651 -67.62 -31.52 9.49
N ASN D 652 -68.24 -30.69 8.68
CA ASN D 652 -69.46 -30.04 9.14
C ASN D 652 -70.62 -30.94 8.67
N VAL D 653 -70.67 -32.12 9.08
CA VAL D 653 -71.61 -33.14 8.62
C VAL D 653 -71.75 -34.09 9.81
N GLY D 654 -72.97 -34.25 10.31
CA GLY D 654 -73.21 -35.12 11.44
C GLY D 654 -73.40 -36.58 11.07
N VAL D 655 -73.23 -37.47 12.05
CA VAL D 655 -73.39 -38.90 11.81
C VAL D 655 -74.64 -39.16 11.01
N TYR D 656 -75.61 -38.28 11.14
CA TYR D 656 -76.85 -38.43 10.42
C TYR D 656 -77.41 -37.04 10.15
N LYS D 657 -77.85 -36.82 8.92
CA LYS D 657 -78.38 -35.51 8.56
C LYS D 657 -79.85 -35.38 8.93
N ASP D 658 -80.28 -34.14 9.09
CA ASP D 658 -81.67 -33.86 9.41
C ASP D 658 -82.39 -33.76 8.07
N SER D 659 -82.73 -34.91 7.50
CA SER D 659 -83.40 -34.95 6.21
C SER D 659 -84.58 -35.91 6.27
N GLY D 660 -85.10 -36.27 5.10
CA GLY D 660 -86.24 -37.17 5.07
C GLY D 660 -85.88 -38.58 4.65
N ASP D 661 -84.63 -38.77 4.22
CA ASP D 661 -84.16 -40.07 3.77
C ASP D 661 -84.34 -41.11 4.86
N LYS D 662 -85.11 -42.15 4.59
CA LYS D 662 -85.33 -43.19 5.59
C LYS D 662 -84.08 -44.00 5.81
N ASP D 663 -83.00 -43.56 5.18
CA ASP D 663 -81.70 -44.23 5.32
C ASP D 663 -80.95 -43.54 6.44
N GLU D 664 -81.14 -42.23 6.52
CA GLU D 664 -80.51 -41.39 7.52
C GLU D 664 -81.01 -41.80 8.90
N PHE D 665 -82.29 -41.59 9.13
CA PHE D 665 -82.93 -41.95 10.38
C PHE D 665 -82.44 -43.35 10.81
N ALA D 666 -82.32 -44.28 9.86
CA ALA D 666 -81.84 -45.60 10.18
C ALA D 666 -80.52 -45.44 10.90
N LYS D 667 -79.65 -44.63 10.33
CA LYS D 667 -78.36 -44.38 10.95
C LYS D 667 -78.61 -43.73 12.29
N LYS D 668 -79.51 -42.77 12.34
CA LYS D 668 -79.80 -42.14 13.62
C LYS D 668 -80.16 -43.25 14.59
N GLU D 669 -81.37 -43.81 14.44
CA GLU D 669 -81.87 -44.86 15.31
C GLU D 669 -80.74 -45.80 15.72
N SER D 670 -79.81 -46.02 14.82
CA SER D 670 -78.74 -46.93 15.13
C SER D 670 -77.66 -46.41 16.07
N VAL D 671 -77.41 -45.11 16.10
CA VAL D 671 -76.40 -44.60 17.04
C VAL D 671 -77.10 -44.58 18.40
N LYS D 672 -78.34 -44.14 18.40
CA LYS D 672 -79.10 -44.11 19.63
C LYS D 672 -79.01 -45.52 20.18
N LYS D 673 -79.03 -46.49 19.27
CA LYS D 673 -78.94 -47.90 19.64
C LYS D 673 -77.61 -48.23 20.35
N ILE D 674 -76.52 -47.61 19.92
CA ILE D 674 -75.23 -47.85 20.55
C ILE D 674 -75.19 -47.05 21.85
N ALA D 675 -75.70 -45.83 21.79
CA ALA D 675 -75.75 -44.96 22.93
C ALA D 675 -76.53 -45.63 24.02
N GLY D 676 -77.17 -46.74 23.65
CA GLY D 676 -77.95 -47.48 24.62
C GLY D 676 -77.07 -48.54 25.23
N TYR D 677 -76.64 -49.48 24.41
CA TYR D 677 -75.78 -50.55 24.87
C TYR D 677 -74.65 -49.94 25.68
N LEU D 678 -73.86 -49.09 25.05
CA LEU D 678 -72.75 -48.45 25.72
C LEU D 678 -72.99 -48.08 27.15
N SER D 679 -74.15 -47.50 27.46
CA SER D 679 -74.39 -47.14 28.85
C SER D 679 -74.86 -48.35 29.61
N ASP D 680 -75.56 -49.25 28.91
CA ASP D 680 -76.07 -50.48 29.54
C ASP D 680 -74.88 -51.25 30.12
N TYR D 681 -73.73 -51.12 29.49
CA TYR D 681 -72.50 -51.78 29.92
C TYR D 681 -72.23 -51.30 31.33
N TYR D 682 -72.10 -49.98 31.48
CA TYR D 682 -71.84 -49.38 32.78
C TYR D 682 -73.11 -49.12 33.58
N ASN D 683 -73.80 -50.19 33.96
CA ASN D 683 -74.99 -50.08 34.78
C ASN D 683 -74.53 -50.38 36.21
N SER D 684 -74.87 -49.49 37.13
CA SER D 684 -74.44 -49.65 38.53
C SER D 684 -75.11 -50.82 39.27
N ALA D 685 -76.21 -51.34 38.73
CA ALA D 685 -76.88 -52.47 39.36
C ALA D 685 -76.15 -53.76 39.10
N ASN D 686 -74.92 -53.68 38.63
CA ASN D 686 -74.13 -54.86 38.35
C ASN D 686 -73.60 -55.40 39.68
N HIS D 687 -73.93 -54.74 40.79
CA HIS D 687 -73.43 -55.18 42.08
C HIS D 687 -74.11 -56.42 42.61
N ILE D 688 -75.38 -56.61 42.22
CA ILE D 688 -76.12 -57.77 42.66
C ILE D 688 -75.72 -59.05 41.95
N PHE D 689 -74.68 -59.01 41.14
CA PHE D 689 -74.25 -60.22 40.44
C PHE D 689 -72.87 -60.63 40.89
N SER D 690 -72.49 -61.86 40.56
CA SER D 690 -71.17 -62.38 40.95
C SER D 690 -70.12 -62.15 39.86
N GLN D 691 -68.89 -61.85 40.27
CA GLN D 691 -67.80 -61.62 39.31
C GLN D 691 -67.98 -62.38 37.99
N GLU D 692 -68.00 -63.71 38.06
CA GLU D 692 -68.16 -64.55 36.87
C GLU D 692 -69.15 -63.88 35.91
N LYS D 693 -70.38 -63.74 36.37
CA LYS D 693 -71.46 -63.12 35.62
C LYS D 693 -71.04 -61.77 35.06
N LYS D 694 -70.70 -60.85 35.96
CA LYS D 694 -70.28 -59.52 35.55
C LYS D 694 -69.58 -59.59 34.19
N ARG D 695 -68.41 -60.23 34.15
CA ARG D 695 -67.65 -60.34 32.91
C ARG D 695 -68.53 -60.85 31.78
N LYS D 696 -69.31 -61.88 32.07
CA LYS D 696 -70.18 -62.45 31.06
C LYS D 696 -71.22 -61.42 30.63
N ILE D 697 -72.20 -61.20 31.50
CA ILE D 697 -73.28 -60.24 31.22
C ILE D 697 -72.80 -58.95 30.53
N SER D 698 -71.52 -58.64 30.69
CA SER D 698 -70.94 -57.45 30.07
C SER D 698 -70.24 -57.80 28.77
N ILE D 699 -69.41 -58.84 28.77
CA ILE D 699 -68.74 -59.24 27.54
C ILE D 699 -69.80 -59.27 26.45
N PHE D 700 -71.04 -59.53 26.85
CA PHE D 700 -72.13 -59.55 25.89
C PHE D 700 -72.58 -58.13 25.61
N ARG D 701 -72.98 -57.43 26.67
CA ARG D 701 -73.43 -56.05 26.61
C ARG D 701 -72.57 -55.34 25.58
N GLY D 702 -71.26 -55.45 25.79
CA GLY D 702 -70.30 -54.83 24.91
C GLY D 702 -70.42 -55.39 23.52
N ILE D 703 -70.52 -56.70 23.42
CA ILE D 703 -70.62 -57.38 22.12
C ILE D 703 -71.77 -56.84 21.28
N GLN D 704 -72.91 -56.63 21.93
CA GLN D 704 -74.08 -56.09 21.26
C GLN D 704 -73.69 -54.77 20.65
N ALA D 705 -72.95 -53.98 21.42
CA ALA D 705 -72.48 -52.68 20.95
C ALA D 705 -71.68 -52.86 19.67
N TYR D 706 -70.65 -53.69 19.72
CA TYR D 706 -69.81 -53.96 18.56
C TYR D 706 -70.70 -54.24 17.38
N ASN D 707 -71.73 -55.05 17.62
CA ASN D 707 -72.65 -55.38 16.56
C ASN D 707 -73.11 -54.09 15.85
N GLU D 708 -74.10 -53.42 16.42
CA GLU D 708 -74.64 -52.20 15.82
C GLU D 708 -73.62 -51.26 15.23
N ILE D 709 -72.43 -51.21 15.81
CA ILE D 709 -71.40 -50.37 15.23
C ILE D 709 -71.25 -50.98 13.84
N GLU D 710 -70.73 -52.21 13.80
CA GLU D 710 -70.53 -53.00 12.57
C GLU D 710 -71.63 -52.67 11.58
N ASN D 711 -72.86 -52.75 12.06
CA ASN D 711 -74.02 -52.45 11.25
C ASN D 711 -73.83 -51.13 10.51
N VAL D 712 -74.01 -50.03 11.23
CA VAL D 712 -73.86 -48.70 10.64
C VAL D 712 -72.68 -48.63 9.66
N LEU D 713 -71.49 -48.97 10.15
CA LEU D 713 -70.24 -48.95 9.37
C LEU D 713 -70.39 -49.66 8.03
N LYS D 714 -71.46 -50.43 7.90
CA LYS D 714 -71.80 -51.15 6.68
C LYS D 714 -73.18 -50.60 6.33
N SER D 715 -73.14 -49.38 6.19
CA SER D 715 -74.41 -48.75 5.89
C SER D 715 -74.32 -47.79 4.70
N LYS D 716 -75.19 -46.80 4.66
CA LYS D 716 -75.10 -45.81 3.60
C LYS D 716 -73.89 -44.93 3.83
N GLN D 717 -73.79 -43.86 3.08
CA GLN D 717 -72.66 -42.97 3.17
C GLN D 717 -72.52 -42.27 4.51
N ILE D 718 -71.59 -42.60 5.22
CA ILE D 718 -71.25 -42.05 6.51
C ILE D 718 -69.88 -41.47 6.28
N ALA D 719 -69.79 -40.15 6.33
CA ALA D 719 -68.53 -39.46 6.11
C ALA D 719 -67.35 -40.28 6.58
N PRO D 720 -66.30 -40.31 5.78
CA PRO D 720 -65.10 -41.07 6.11
C PRO D 720 -64.37 -40.58 7.35
N GLU D 721 -64.94 -39.56 8.01
CA GLU D 721 -64.34 -39.05 9.24
C GLU D 721 -64.89 -39.86 10.40
N TYR D 722 -66.12 -40.34 10.24
CA TYR D 722 -66.78 -41.17 11.25
C TYR D 722 -66.38 -42.59 10.96
N LYS D 723 -66.34 -42.91 9.68
CA LYS D 723 -65.96 -44.24 9.24
C LYS D 723 -64.80 -44.65 10.11
N ASN D 724 -63.83 -43.74 10.25
CA ASN D 724 -62.63 -43.96 11.04
C ASN D 724 -62.94 -44.03 12.54
N TYR D 725 -63.53 -42.97 13.11
CA TYR D 725 -63.86 -42.99 14.55
C TYR D 725 -64.51 -44.33 14.86
N PHE D 726 -65.63 -44.60 14.21
CA PHE D 726 -66.32 -45.87 14.43
C PHE D 726 -65.36 -47.04 14.32
N GLN D 727 -64.38 -46.94 13.43
CA GLN D 727 -63.41 -48.01 13.29
C GLN D 727 -62.61 -48.12 14.58
N TYR D 728 -62.21 -46.96 15.09
CA TYR D 728 -61.44 -46.87 16.33
C TYR D 728 -62.25 -47.47 17.48
N LEU D 729 -63.55 -47.15 17.53
CA LEU D 729 -64.39 -47.68 18.58
C LEU D 729 -64.35 -49.19 18.59
N LYS D 730 -64.28 -49.80 17.41
CA LYS D 730 -64.25 -51.25 17.34
C LYS D 730 -63.04 -51.77 18.07
N GLU D 731 -61.85 -51.45 17.57
CA GLU D 731 -60.64 -51.92 18.23
C GLU D 731 -60.82 -51.93 19.74
N ARG D 732 -61.42 -50.87 20.26
CA ARG D 732 -61.66 -50.75 21.70
C ARG D 732 -62.54 -51.89 22.19
N ILE D 733 -63.84 -51.81 21.89
CA ILE D 733 -64.80 -52.81 22.30
C ILE D 733 -64.15 -54.17 22.20
N THR D 734 -63.51 -54.43 21.08
CA THR D 734 -62.81 -55.68 20.91
C THR D 734 -61.90 -55.82 22.12
N ASN D 735 -60.83 -55.04 22.15
CA ASN D 735 -59.86 -55.07 23.24
C ASN D 735 -60.44 -55.31 24.62
N GLN D 736 -61.46 -54.53 24.97
CA GLN D 736 -62.14 -54.61 26.27
C GLN D 736 -62.77 -55.97 26.51
N VAL D 737 -63.32 -56.54 25.44
CA VAL D 737 -63.94 -57.85 25.56
C VAL D 737 -62.88 -58.92 25.64
N GLN D 738 -61.73 -58.70 25.03
CA GLN D 738 -60.67 -59.69 25.10
C GLN D 738 -60.14 -59.71 26.52
N LEU D 739 -60.10 -58.54 27.16
CA LEU D 739 -59.64 -58.43 28.55
C LEU D 739 -60.61 -59.12 29.48
N LEU D 740 -61.89 -58.97 29.18
CA LEU D 740 -62.91 -59.62 29.99
C LEU D 740 -62.94 -61.11 29.76
N LEU D 741 -61.98 -61.57 28.97
CA LEU D 741 -61.85 -63.00 28.69
C LEU D 741 -60.64 -63.53 29.44
N THR D 742 -59.46 -62.93 29.24
CA THR D 742 -58.28 -63.39 29.93
C THR D 742 -58.46 -63.30 31.41
N HIS D 743 -59.65 -63.01 31.84
CA HIS D 743 -59.71 -63.01 33.26
C HIS D 743 -60.29 -64.39 33.68
N GLN D 744 -61.01 -65.02 32.74
CA GLN D 744 -61.77 -66.24 32.93
C GLN D 744 -61.25 -67.51 32.29
N LYS D 745 -61.64 -67.72 31.06
CA LYS D 745 -61.12 -68.85 30.32
C LYS D 745 -60.06 -68.27 29.36
N SER D 746 -59.20 -69.11 28.83
CA SER D 746 -58.09 -68.59 28.02
C SER D 746 -57.96 -68.82 26.53
N ASN D 747 -58.59 -69.78 25.89
CA ASN D 747 -58.25 -69.97 24.47
C ASN D 747 -59.13 -69.16 23.52
N ILE D 748 -60.32 -68.98 24.04
CA ILE D 748 -61.37 -68.26 23.40
C ILE D 748 -60.89 -66.92 22.87
N GLU D 749 -61.09 -66.66 21.58
CA GLU D 749 -60.69 -65.40 20.99
C GLU D 749 -61.91 -64.59 20.60
N PHE D 750 -61.89 -63.24 20.43
CA PHE D 750 -63.02 -62.39 20.07
C PHE D 750 -63.53 -62.75 18.68
N LYS D 751 -62.77 -62.34 17.66
CA LYS D 751 -63.10 -62.58 16.26
C LYS D 751 -63.96 -63.82 16.07
N LEU D 752 -63.58 -64.89 16.77
CA LEU D 752 -64.28 -66.15 16.71
C LEU D 752 -65.62 -66.11 17.45
N LEU D 753 -65.56 -65.97 18.77
CA LEU D 753 -66.76 -65.92 19.63
C LEU D 753 -67.87 -65.15 18.95
N TYR D 754 -67.48 -64.04 18.32
CA TYR D 754 -68.42 -63.19 17.62
C TYR D 754 -68.99 -63.93 16.42
N LYS D 755 -68.10 -64.41 15.57
CA LYS D 755 -68.50 -65.16 14.38
C LYS D 755 -69.65 -66.11 14.74
N GLN D 756 -69.43 -66.88 15.80
CA GLN D 756 -70.38 -67.89 16.29
C GLN D 756 -71.78 -67.45 16.79
N LEU D 757 -72.13 -66.17 16.65
CA LEU D 757 -73.46 -65.74 17.10
C LEU D 757 -74.39 -65.53 15.92
N ASN D 758 -75.62 -65.14 16.22
CA ASN D 758 -76.64 -64.88 15.21
C ASN D 758 -77.50 -63.69 15.67
N PHE D 759 -77.18 -62.48 15.19
CA PHE D 759 -77.94 -61.30 15.57
C PHE D 759 -78.97 -60.93 14.51
N THR D 760 -79.55 -61.95 13.89
CA THR D 760 -80.56 -61.78 12.83
C THR D 760 -81.89 -61.23 13.33
N GLU D 761 -82.72 -62.11 13.90
CA GLU D 761 -84.02 -61.69 14.38
C GLU D 761 -84.15 -61.82 15.89
N ASN D 762 -83.54 -63.01 16.48
CA ASN D 762 -83.64 -63.25 17.91
C ASN D 762 -82.30 -63.23 18.66
N GLU D 763 -82.38 -62.60 19.87
CA GLU D 763 -81.31 -62.43 20.86
C GLU D 763 -81.55 -63.36 22.03
N THR D 764 -82.62 -64.10 21.90
CA THR D 764 -83.02 -65.06 22.92
C THR D 764 -81.93 -66.03 23.36
N ASP D 765 -81.86 -67.17 22.67
CA ASP D 765 -80.88 -68.20 22.96
C ASP D 765 -79.48 -67.73 22.58
N ASN D 766 -79.40 -66.68 21.77
CA ASN D 766 -78.12 -66.12 21.37
C ASN D 766 -77.24 -65.98 22.57
N PHE D 767 -77.85 -65.53 23.66
CA PHE D 767 -77.13 -65.33 24.91
C PHE D 767 -76.82 -66.68 25.57
N GLU D 768 -77.81 -67.55 25.65
CA GLU D 768 -77.62 -68.87 26.24
C GLU D 768 -76.48 -69.51 25.47
N VAL D 769 -76.65 -69.30 24.08
CA VAL D 769 -75.62 -69.83 23.21
C VAL D 769 -74.31 -69.34 23.78
N PHE D 770 -74.20 -68.03 23.84
CA PHE D 770 -73.01 -67.37 24.35
C PHE D 770 -72.46 -68.02 25.62
N GLN D 771 -73.35 -68.48 26.51
CA GLN D 771 -72.87 -69.12 27.73
C GLN D 771 -72.05 -70.33 27.33
N LYS D 772 -72.71 -71.31 26.71
CA LYS D 772 -72.02 -72.50 26.30
C LYS D 772 -70.79 -72.11 25.50
N ILE D 773 -70.90 -71.06 24.71
CA ILE D 773 -69.76 -70.61 23.92
C ILE D 773 -68.57 -70.41 24.86
N ILE D 774 -68.85 -70.49 26.16
CA ILE D 774 -67.79 -70.34 27.15
C ILE D 774 -67.77 -71.55 28.12
N ASP D 775 -67.04 -72.60 27.71
CA ASP D 775 -66.87 -73.83 28.48
C ASP D 775 -65.44 -74.37 28.35
N ASN E 41 -38.11 -59.46 -42.71
CA ASN E 41 -38.91 -59.01 -43.90
C ASN E 41 -38.28 -59.53 -45.21
N ASN E 42 -38.54 -60.80 -45.51
CA ASN E 42 -37.98 -61.41 -46.71
C ASN E 42 -36.47 -61.18 -46.76
N LEU E 43 -35.79 -61.83 -45.82
CA LEU E 43 -34.34 -61.76 -45.65
C LEU E 43 -33.54 -62.17 -46.87
N VAL E 44 -34.01 -63.19 -47.58
CA VAL E 44 -33.29 -63.66 -48.74
C VAL E 44 -33.61 -62.82 -49.95
N LYS E 45 -32.58 -62.58 -50.76
CA LYS E 45 -32.73 -61.81 -51.98
C LYS E 45 -31.90 -62.47 -53.07
N THR E 46 -32.56 -62.94 -54.12
CA THR E 46 -31.91 -63.57 -55.27
C THR E 46 -31.95 -62.56 -56.41
N GLU E 47 -30.78 -62.01 -56.76
CA GLU E 47 -30.74 -61.00 -57.80
C GLU E 47 -30.88 -61.57 -59.20
N PHE E 48 -30.47 -62.81 -59.40
CA PHE E 48 -30.60 -63.38 -60.72
C PHE E 48 -31.18 -64.78 -60.79
N THR E 49 -32.31 -64.90 -61.49
CA THR E 49 -33.02 -66.17 -61.70
C THR E 49 -32.44 -66.79 -62.97
N ASN E 50 -31.15 -66.49 -63.19
CA ASN E 50 -30.38 -66.95 -64.34
C ASN E 50 -30.22 -68.48 -64.33
N GLU E 51 -29.14 -68.94 -63.72
CA GLU E 51 -28.86 -70.37 -63.63
C GLU E 51 -30.15 -71.17 -63.38
N THR E 52 -30.10 -72.45 -63.68
CA THR E 52 -31.28 -73.28 -63.49
C THR E 52 -31.52 -73.61 -62.03
N LEU E 53 -32.26 -74.70 -61.83
CA LEU E 53 -32.59 -75.20 -60.53
C LEU E 53 -31.31 -75.68 -59.87
N ASP E 54 -30.18 -75.10 -60.22
CA ASP E 54 -28.97 -75.53 -59.56
C ASP E 54 -28.36 -74.40 -58.76
N LYS E 55 -28.56 -73.16 -59.19
CA LYS E 55 -28.05 -72.06 -58.38
C LYS E 55 -29.06 -72.09 -57.24
N ILE E 56 -30.32 -72.17 -57.64
CA ILE E 56 -31.41 -72.20 -56.70
C ILE E 56 -31.31 -73.41 -55.77
N GLN E 57 -31.35 -74.62 -56.32
CA GLN E 57 -31.26 -75.83 -55.51
C GLN E 57 -29.94 -75.87 -54.75
N GLN E 58 -29.18 -74.78 -54.84
CA GLN E 58 -27.87 -74.69 -54.18
C GLN E 58 -27.92 -73.59 -53.13
N THR E 59 -28.61 -72.49 -53.44
CA THR E 59 -28.74 -71.41 -52.50
C THR E 59 -29.63 -71.99 -51.41
N GLN E 60 -30.67 -72.70 -51.81
CA GLN E 60 -31.58 -73.33 -50.85
C GLN E 60 -30.77 -74.26 -49.97
N ASP E 61 -30.31 -75.38 -50.51
CA ASP E 61 -29.53 -76.31 -49.71
C ASP E 61 -28.66 -75.60 -48.69
N LEU E 62 -28.24 -74.39 -48.98
CA LEU E 62 -27.41 -73.65 -48.05
C LEU E 62 -28.27 -73.20 -46.86
N LEU E 63 -29.15 -72.25 -47.11
CA LEU E 63 -30.02 -71.72 -46.09
C LEU E 63 -30.80 -72.72 -45.25
N LYS E 64 -31.34 -73.78 -45.86
CA LYS E 64 -32.13 -74.72 -45.07
C LYS E 64 -31.32 -75.44 -44.00
N LYS E 65 -30.00 -75.25 -44.03
CA LYS E 65 -29.15 -75.88 -43.04
C LYS E 65 -28.88 -74.94 -41.86
N ILE E 66 -29.27 -73.68 -41.99
CA ILE E 66 -29.10 -72.69 -40.92
C ILE E 66 -30.44 -72.70 -40.18
N PRO E 67 -30.42 -72.63 -38.84
CA PRO E 67 -31.67 -72.65 -38.07
C PRO E 67 -32.63 -71.52 -38.41
N LYS E 68 -33.87 -71.88 -38.68
CA LYS E 68 -34.89 -70.91 -39.02
C LYS E 68 -34.85 -69.69 -38.14
N ASP E 69 -34.06 -69.75 -37.08
CA ASP E 69 -33.94 -68.63 -36.15
C ASP E 69 -32.70 -67.79 -36.39
N VAL E 70 -31.55 -68.43 -36.51
CA VAL E 70 -30.31 -67.71 -36.74
C VAL E 70 -30.67 -66.64 -37.76
N LEU E 71 -31.67 -66.93 -38.58
CA LEU E 71 -32.15 -66.00 -39.59
C LEU E 71 -33.08 -64.97 -38.94
N GLU E 72 -34.16 -65.45 -38.33
CA GLU E 72 -35.12 -64.58 -37.67
C GLU E 72 -34.40 -63.62 -36.73
N ILE E 73 -33.11 -63.85 -36.53
CA ILE E 73 -32.28 -63.00 -35.68
C ILE E 73 -31.66 -62.00 -36.62
N TYR E 74 -31.11 -62.55 -37.69
CA TYR E 74 -30.48 -61.76 -38.71
C TYR E 74 -31.51 -60.81 -39.31
N SER E 75 -32.75 -61.27 -39.46
CA SER E 75 -33.77 -60.43 -40.05
C SER E 75 -34.05 -59.26 -39.13
N GLU E 76 -34.56 -59.54 -37.94
CA GLU E 76 -34.85 -58.49 -36.97
C GLU E 76 -33.66 -57.54 -36.86
N LEU E 77 -32.45 -58.07 -37.01
CA LEU E 77 -31.25 -57.27 -36.93
C LEU E 77 -31.15 -56.40 -38.18
N GLY E 78 -32.24 -56.35 -38.93
CA GLY E 78 -32.27 -55.55 -40.15
C GLY E 78 -31.36 -56.07 -41.24
N GLY E 79 -30.83 -57.28 -41.07
CA GLY E 79 -29.95 -57.85 -42.08
C GLY E 79 -30.73 -58.38 -43.27
N GLU E 80 -30.03 -58.55 -44.40
CA GLU E 80 -30.65 -59.08 -45.61
C GLU E 80 -29.56 -59.92 -46.29
N ILE E 81 -29.90 -61.12 -46.77
CA ILE E 81 -28.87 -61.93 -47.41
C ILE E 81 -28.97 -61.76 -48.90
N TYR E 82 -27.82 -61.54 -49.54
CA TYR E 82 -27.79 -61.33 -50.97
C TYR E 82 -27.27 -62.48 -51.81
N PHE E 83 -28.18 -63.09 -52.55
CA PHE E 83 -27.87 -64.20 -53.44
C PHE E 83 -28.00 -63.73 -54.87
N THR E 84 -26.83 -63.25 -55.41
CA THR E 84 -26.90 -62.76 -56.76
C THR E 84 -26.38 -63.84 -57.70
N ASP E 85 -26.00 -63.41 -58.91
CA ASP E 85 -25.39 -64.26 -59.90
C ASP E 85 -23.90 -64.14 -59.64
N ILE E 86 -23.09 -64.32 -60.66
CA ILE E 86 -21.67 -64.16 -60.51
C ILE E 86 -21.35 -62.69 -60.50
N ASP E 87 -20.79 -62.27 -59.44
CA ASP E 87 -20.35 -60.95 -59.15
C ASP E 87 -19.25 -61.27 -58.19
N LEU E 88 -18.08 -61.47 -58.69
CA LEU E 88 -17.07 -61.85 -57.75
C LEU E 88 -16.61 -60.65 -56.93
N VAL E 89 -15.97 -59.76 -57.70
CA VAL E 89 -15.40 -58.55 -57.16
C VAL E 89 -16.41 -57.48 -56.78
N GLU E 90 -16.02 -56.21 -56.32
CA GLU E 90 -16.87 -55.09 -55.92
C GLU E 90 -17.75 -54.66 -57.08
N HIS E 91 -18.66 -55.54 -57.52
CA HIS E 91 -19.55 -55.21 -58.62
C HIS E 91 -20.99 -55.24 -58.12
N LYS E 92 -21.19 -55.88 -56.97
CA LYS E 92 -22.52 -55.97 -56.40
C LYS E 92 -23.04 -54.57 -56.09
N GLU E 93 -24.31 -54.34 -56.40
CA GLU E 93 -24.94 -53.05 -56.18
C GLU E 93 -24.80 -52.57 -54.74
N LEU E 94 -24.03 -53.28 -53.94
CA LEU E 94 -23.82 -52.90 -52.55
C LEU E 94 -22.36 -53.06 -52.15
N GLN E 95 -21.54 -53.55 -53.07
CA GLN E 95 -20.11 -53.75 -52.80
C GLN E 95 -19.23 -52.53 -53.08
N ASP E 96 -19.80 -51.35 -52.92
CA ASP E 96 -19.09 -50.08 -53.14
C ASP E 96 -18.47 -49.60 -51.83
N LEU E 97 -18.28 -48.29 -51.72
CA LEU E 97 -17.70 -47.70 -50.51
C LEU E 97 -18.80 -47.37 -49.50
N SER E 98 -18.59 -47.78 -48.26
CA SER E 98 -19.54 -47.53 -47.17
C SER E 98 -18.90 -47.84 -45.81
N GLU E 99 -18.47 -49.09 -45.66
CA GLU E 99 -17.85 -49.59 -44.44
C GLU E 99 -17.12 -50.89 -44.80
N GLU E 100 -16.14 -50.78 -45.70
CA GLU E 100 -15.40 -51.95 -46.18
C GLU E 100 -14.24 -52.45 -45.30
N GLU E 101 -13.13 -52.79 -45.95
CA GLU E 101 -11.92 -53.30 -45.32
C GLU E 101 -11.13 -52.18 -44.64
N LYS E 102 -10.86 -52.37 -43.34
CA LYS E 102 -10.08 -51.39 -42.57
C LYS E 102 -8.93 -52.08 -41.82
N ASN E 103 -9.13 -53.25 -41.15
CA ASN E 103 -8.13 -54.01 -40.37
C ASN E 103 -8.16 -55.53 -40.74
N SER E 104 -7.03 -56.24 -40.65
CA SER E 104 -7.01 -57.58 -41.28
C SER E 104 -7.49 -58.88 -40.61
N MET E 105 -8.25 -58.87 -39.54
CA MET E 105 -8.70 -60.16 -39.00
C MET E 105 -9.86 -60.64 -39.91
N ASN E 106 -9.60 -61.67 -40.79
CA ASN E 106 -10.52 -61.98 -41.91
C ASN E 106 -11.19 -63.28 -42.32
N SER E 107 -10.73 -64.41 -41.96
CA SER E 107 -11.44 -65.60 -42.34
C SER E 107 -11.10 -66.55 -41.23
N ARG E 108 -11.14 -67.83 -41.56
CA ARG E 108 -10.76 -68.88 -40.60
C ARG E 108 -9.23 -68.95 -40.48
N GLY E 109 -8.60 -67.77 -40.48
CA GLY E 109 -7.17 -67.52 -40.42
C GLY E 109 -7.20 -66.15 -41.03
N GLU E 110 -6.28 -65.26 -40.91
CA GLU E 110 -6.60 -64.02 -41.66
C GLU E 110 -5.96 -64.11 -43.09
N LYS E 111 -6.37 -63.34 -44.05
CA LYS E 111 -5.80 -63.40 -45.40
C LYS E 111 -6.44 -62.21 -46.00
N VAL E 112 -5.85 -61.24 -46.55
CA VAL E 112 -6.92 -60.36 -46.88
C VAL E 112 -6.97 -60.19 -48.35
N PRO E 113 -7.47 -61.15 -49.03
CA PRO E 113 -7.27 -61.07 -50.49
C PRO E 113 -8.61 -60.90 -51.21
N PHE E 114 -9.35 -59.87 -50.82
CA PHE E 114 -10.67 -59.53 -51.36
C PHE E 114 -10.99 -60.07 -52.76
N ALA E 115 -10.02 -59.99 -53.66
CA ALA E 115 -10.23 -60.49 -55.02
C ALA E 115 -10.54 -61.99 -54.99
N SER E 116 -10.28 -62.61 -53.84
CA SER E 116 -10.51 -64.05 -53.65
C SER E 116 -11.54 -64.37 -52.56
N ARG E 117 -12.77 -63.89 -52.76
CA ARG E 117 -13.87 -64.15 -51.83
C ARG E 117 -15.19 -64.25 -52.58
N PHE E 118 -16.15 -64.91 -51.96
CA PHE E 118 -17.48 -65.14 -52.54
C PHE E 118 -18.60 -64.83 -51.56
N VAL E 119 -18.21 -64.53 -50.33
CA VAL E 119 -19.17 -64.25 -49.28
C VAL E 119 -18.75 -62.98 -48.55
N PHE E 120 -19.68 -62.06 -48.35
CA PHE E 120 -19.34 -60.84 -47.64
C PHE E 120 -20.44 -60.19 -46.81
N GLU E 121 -20.00 -59.56 -45.72
CA GLU E 121 -20.87 -58.88 -44.76
C GLU E 121 -20.54 -57.39 -44.67
N LYS E 122 -21.56 -56.56 -44.90
CA LYS E 122 -21.43 -55.10 -44.83
C LYS E 122 -21.68 -54.73 -43.36
N LYS E 123 -20.62 -54.84 -42.57
CA LYS E 123 -20.69 -54.61 -41.14
C LYS E 123 -21.51 -53.51 -40.48
N ARG E 124 -21.40 -52.34 -41.09
CA ARG E 124 -21.90 -51.29 -40.20
C ARG E 124 -23.37 -51.03 -39.84
N GLU E 125 -24.39 -50.86 -40.56
CA GLU E 125 -25.46 -50.58 -39.60
C GLU E 125 -26.32 -51.81 -39.52
N THR E 126 -26.80 -52.03 -40.71
CA THR E 126 -27.58 -53.13 -41.04
C THR E 126 -26.56 -54.10 -41.66
N PRO E 127 -26.77 -55.34 -41.23
CA PRO E 127 -25.92 -56.37 -41.83
C PRO E 127 -26.42 -56.81 -43.20
N LYS E 128 -25.49 -56.90 -44.14
CA LYS E 128 -25.82 -57.29 -45.48
C LYS E 128 -24.98 -58.49 -45.91
N LEU E 129 -25.59 -59.66 -45.87
CA LEU E 129 -24.90 -60.86 -46.27
C LEU E 129 -24.98 -60.88 -47.78
N ILE E 130 -23.82 -60.96 -48.44
CA ILE E 130 -23.77 -61.01 -49.90
C ILE E 130 -23.00 -62.25 -50.35
N ILE E 131 -23.71 -63.15 -51.06
CA ILE E 131 -23.11 -64.39 -51.56
C ILE E 131 -23.42 -64.64 -53.02
N ASN E 132 -22.48 -65.30 -53.69
CA ASN E 132 -22.58 -65.64 -55.10
C ASN E 132 -22.25 -67.13 -55.24
N ILE E 133 -22.51 -67.79 -56.41
CA ILE E 133 -22.23 -69.21 -56.68
C ILE E 133 -21.89 -69.40 -58.19
N LYS E 134 -20.86 -70.25 -58.53
CA LYS E 134 -20.30 -70.41 -59.93
C LYS E 134 -20.69 -71.67 -60.70
N ASP E 135 -20.13 -72.83 -60.49
CA ASP E 135 -20.82 -73.89 -61.21
C ASP E 135 -21.26 -74.86 -60.11
N TYR E 136 -21.35 -76.14 -60.36
CA TYR E 136 -21.85 -77.09 -59.38
C TYR E 136 -21.05 -77.53 -58.08
N ALA E 137 -20.34 -76.82 -57.17
CA ALA E 137 -19.70 -77.75 -56.15
C ALA E 137 -19.22 -77.26 -54.77
N ILE E 138 -19.99 -77.51 -53.74
CA ILE E 138 -19.72 -77.05 -52.35
C ILE E 138 -19.67 -78.24 -51.38
N ASN E 139 -20.22 -79.35 -51.84
CA ASN E 139 -20.38 -80.62 -51.11
C ASN E 139 -19.17 -81.58 -51.16
N SER E 140 -18.22 -81.39 -52.06
CA SER E 140 -17.04 -82.27 -52.12
C SER E 140 -16.04 -81.78 -51.06
N GLU E 141 -15.55 -80.56 -51.26
CA GLU E 141 -14.62 -79.95 -50.31
C GLU E 141 -15.47 -78.87 -49.62
N GLN E 142 -16.16 -79.29 -48.55
CA GLN E 142 -17.05 -78.41 -47.79
C GLN E 142 -16.30 -77.27 -47.11
N SER E 143 -15.00 -77.44 -46.94
CA SER E 143 -14.18 -76.41 -46.31
C SER E 143 -14.44 -75.06 -46.97
N LYS E 144 -15.21 -75.07 -48.06
CA LYS E 144 -15.54 -73.85 -48.78
C LYS E 144 -16.83 -73.23 -48.29
N GLU E 145 -17.71 -74.06 -47.72
CA GLU E 145 -18.96 -73.56 -47.20
C GLU E 145 -18.79 -73.13 -45.75
N VAL E 146 -17.87 -73.78 -45.03
CA VAL E 146 -17.62 -73.46 -43.62
C VAL E 146 -17.44 -71.97 -43.47
N TYR E 147 -17.26 -71.30 -44.61
CA TYR E 147 -17.10 -69.86 -44.61
C TYR E 147 -18.43 -69.16 -44.72
N TYR E 148 -19.20 -69.50 -45.73
CA TYR E 148 -20.49 -68.85 -45.83
C TYR E 148 -21.22 -69.05 -44.51
N GLU E 149 -20.69 -69.95 -43.67
CA GLU E 149 -21.31 -70.21 -42.37
C GLU E 149 -20.72 -69.29 -41.31
N ILE E 150 -19.40 -69.23 -41.21
CA ILE E 150 -18.78 -68.35 -40.22
C ILE E 150 -18.92 -66.94 -40.76
N GLY E 151 -18.52 -66.76 -42.02
CA GLY E 151 -18.59 -65.46 -42.68
C GLY E 151 -19.83 -64.78 -42.17
N LYS E 152 -20.81 -65.60 -41.83
CA LYS E 152 -22.05 -65.11 -41.28
C LYS E 152 -21.79 -64.72 -39.85
N GLY E 153 -21.71 -65.73 -38.99
CA GLY E 153 -21.46 -65.53 -37.56
C GLY E 153 -21.18 -64.11 -37.10
N ILE E 154 -20.23 -63.44 -37.77
CA ILE E 154 -19.88 -62.06 -37.45
C ILE E 154 -21.10 -61.18 -37.71
N SER E 155 -22.21 -61.81 -38.00
CA SER E 155 -23.49 -61.16 -38.22
C SER E 155 -24.24 -61.17 -36.89
N LEU E 156 -23.90 -62.21 -36.03
CA LEU E 156 -24.60 -62.41 -34.71
C LEU E 156 -23.72 -62.60 -33.48
N ASP E 157 -22.47 -62.61 -33.66
CA ASP E 157 -21.56 -62.75 -32.57
C ASP E 157 -21.67 -61.49 -31.69
N ILE E 158 -20.96 -60.49 -32.18
CA ILE E 158 -20.84 -59.20 -31.51
C ILE E 158 -22.19 -58.65 -31.07
N ILE E 159 -23.26 -59.17 -31.64
CA ILE E 159 -24.60 -58.74 -31.29
C ILE E 159 -25.37 -59.97 -30.83
N SER E 160 -24.69 -61.12 -30.88
CA SER E 160 -25.29 -62.39 -30.49
C SER E 160 -25.58 -62.43 -29.01
N LYS E 161 -24.69 -63.07 -28.26
CA LYS E 161 -24.78 -63.17 -26.82
C LYS E 161 -23.41 -62.82 -26.33
N ASP E 162 -22.46 -63.07 -27.21
CA ASP E 162 -21.08 -62.78 -26.92
C ASP E 162 -21.01 -61.37 -26.31
N LYS E 163 -21.71 -60.44 -26.95
CA LYS E 163 -21.72 -59.05 -26.54
C LYS E 163 -23.16 -58.40 -26.55
N SER E 164 -24.23 -59.06 -27.16
CA SER E 164 -25.70 -58.66 -27.40
C SER E 164 -26.56 -58.20 -26.20
N LEU E 165 -26.80 -59.06 -25.19
CA LEU E 165 -27.26 -58.43 -23.95
C LEU E 165 -25.81 -58.13 -23.57
N ASP E 166 -25.28 -58.07 -22.40
CA ASP E 166 -23.85 -57.83 -22.55
C ASP E 166 -23.09 -59.19 -22.39
N PRO E 167 -21.75 -59.26 -22.45
CA PRO E 167 -21.18 -60.56 -22.19
C PRO E 167 -21.92 -61.08 -21.01
N GLU E 168 -22.38 -62.26 -21.00
CA GLU E 168 -23.15 -62.51 -19.80
C GLU E 168 -22.52 -63.74 -19.17
N PHE E 169 -22.37 -63.75 -17.89
CA PHE E 169 -21.67 -64.92 -17.36
C PHE E 169 -21.86 -66.12 -18.27
N LEU E 170 -23.03 -66.29 -18.88
CA LEU E 170 -23.24 -67.42 -19.78
C LEU E 170 -22.00 -67.60 -20.65
N ASN E 171 -21.76 -66.64 -21.55
CA ASN E 171 -20.60 -66.72 -22.42
C ASN E 171 -19.32 -66.46 -21.64
N LEU E 172 -19.29 -65.36 -20.90
CA LEU E 172 -18.11 -65.02 -20.11
C LEU E 172 -17.51 -66.23 -19.39
N ILE E 173 -18.34 -66.93 -18.62
CA ILE E 173 -17.91 -68.11 -17.89
C ILE E 173 -17.52 -69.23 -18.86
N LYS E 174 -18.32 -69.41 -19.91
CA LYS E 174 -18.06 -70.43 -20.92
C LYS E 174 -16.72 -70.17 -21.61
N SER E 175 -16.24 -68.93 -21.51
CA SER E 175 -14.97 -68.57 -22.10
C SER E 175 -13.86 -68.95 -21.13
N LEU E 176 -14.04 -68.71 -19.94
CA LEU E 176 -13.07 -69.02 -18.89
C LEU E 176 -12.50 -70.40 -19.12
N SER E 177 -13.35 -71.30 -19.65
CA SER E 177 -12.97 -72.65 -19.95
C SER E 177 -11.92 -72.62 -21.01
N ASP E 178 -11.02 -71.72 -20.75
CA ASP E 178 -9.89 -71.68 -21.55
C ASP E 178 -9.36 -73.07 -21.22
N ASP E 179 -8.79 -73.29 -20.06
CA ASP E 179 -8.23 -74.64 -19.90
C ASP E 179 -8.46 -75.30 -18.54
N SER E 180 -9.20 -74.64 -17.65
CA SER E 180 -9.29 -75.16 -16.28
C SER E 180 -10.64 -75.74 -15.79
N ASP E 181 -11.61 -75.90 -16.69
CA ASP E 181 -12.93 -76.43 -16.32
C ASP E 181 -13.00 -77.93 -16.62
N SER E 182 -13.06 -78.20 -17.84
CA SER E 182 -13.10 -79.57 -18.32
C SER E 182 -11.66 -80.01 -18.56
N SER E 183 -11.39 -81.31 -18.43
CA SER E 183 -10.04 -81.83 -18.66
C SER E 183 -9.71 -81.75 -20.15
N ASP E 184 -10.12 -80.64 -20.78
CA ASP E 184 -9.91 -80.43 -22.20
C ASP E 184 -9.29 -79.06 -22.53
N LEU E 185 -7.96 -79.04 -22.64
CA LEU E 185 -7.23 -77.82 -22.97
C LEU E 185 -7.06 -77.77 -24.49
N LEU E 186 -8.14 -78.16 -25.17
CA LEU E 186 -8.20 -78.19 -26.63
C LEU E 186 -9.05 -77.03 -27.18
N PHE E 187 -8.35 -76.06 -27.75
CA PHE E 187 -8.95 -74.88 -28.34
C PHE E 187 -7.93 -74.28 -29.28
N SER E 188 -7.18 -75.17 -29.91
CA SER E 188 -6.15 -74.81 -30.88
C SER E 188 -6.83 -74.48 -32.21
N GLN E 189 -8.16 -74.38 -32.17
CA GLN E 189 -8.95 -74.07 -33.36
C GLN E 189 -9.43 -72.62 -33.42
N LYS E 190 -9.68 -72.08 -32.36
CA LYS E 190 -10.16 -70.69 -32.28
C LYS E 190 -9.25 -69.78 -31.48
N PHE E 191 -8.17 -70.27 -30.84
CA PHE E 191 -7.40 -69.34 -29.95
C PHE E 191 -5.86 -69.30 -30.08
N LYS E 192 -5.20 -68.78 -31.09
CA LYS E 192 -3.76 -69.03 -31.11
C LYS E 192 -2.85 -67.80 -31.09
N GLU E 193 -2.91 -67.02 -32.15
CA GLU E 193 -2.12 -65.80 -32.30
C GLU E 193 -2.55 -64.75 -31.37
N LYS E 194 -3.74 -64.87 -30.91
CA LYS E 194 -4.12 -63.86 -29.98
C LYS E 194 -4.18 -64.49 -28.60
N LEU E 195 -4.60 -65.76 -28.47
CA LEU E 195 -4.86 -66.44 -27.18
C LEU E 195 -4.08 -67.72 -26.85
N GLU E 196 -2.76 -67.65 -26.98
CA GLU E 196 -1.87 -68.71 -26.57
C GLU E 196 -1.43 -68.24 -25.21
N LEU E 197 -2.30 -67.38 -24.66
CA LEU E 197 -2.15 -66.72 -23.37
C LEU E 197 -2.88 -67.47 -22.24
N ASN E 198 -2.32 -68.60 -21.85
CA ASN E 198 -2.84 -69.41 -20.73
C ASN E 198 -2.29 -68.81 -19.50
N ASN E 199 -1.24 -68.03 -19.70
CA ASN E 199 -0.53 -67.48 -18.57
C ASN E 199 -1.28 -66.42 -17.84
N LYS E 200 -2.41 -66.06 -18.31
CA LYS E 200 -3.06 -65.10 -17.51
C LYS E 200 -4.52 -65.53 -17.42
N SER E 201 -5.00 -65.88 -16.21
CA SER E 201 -6.39 -66.30 -15.97
C SER E 201 -7.38 -65.35 -16.64
N ILE E 202 -7.98 -65.84 -17.74
CA ILE E 202 -8.93 -65.09 -18.56
C ILE E 202 -10.34 -64.87 -17.95
N ASP E 203 -10.63 -63.63 -17.57
CA ASP E 203 -11.92 -63.28 -16.98
C ASP E 203 -12.25 -61.83 -17.36
N ILE E 204 -12.86 -61.09 -16.45
CA ILE E 204 -13.20 -59.65 -16.68
C ILE E 204 -11.92 -58.87 -16.67
N ASN E 205 -10.90 -59.59 -16.26
CA ASN E 205 -9.68 -58.93 -16.21
C ASN E 205 -9.35 -58.42 -17.60
N PHE E 206 -9.46 -59.24 -18.65
CA PHE E 206 -9.03 -58.70 -19.95
C PHE E 206 -9.89 -59.13 -21.14
N ILE E 207 -10.99 -59.84 -20.87
CA ILE E 207 -11.83 -60.34 -21.97
C ILE E 207 -12.34 -59.26 -22.92
N LYS E 208 -12.48 -58.00 -22.33
CA LYS E 208 -12.94 -56.85 -23.13
C LYS E 208 -11.90 -56.49 -24.20
N GLU E 209 -10.66 -56.32 -23.75
CA GLU E 209 -9.54 -55.96 -24.62
C GLU E 209 -9.66 -56.57 -26.02
N ASN E 210 -10.05 -57.84 -26.07
CA ASN E 210 -10.17 -58.53 -27.35
C ASN E 210 -11.58 -59.07 -27.64
N LEU E 211 -12.53 -58.16 -27.81
CA LEU E 211 -13.91 -58.56 -28.11
C LEU E 211 -13.92 -59.28 -29.45
N THR E 212 -13.32 -58.67 -30.46
CA THR E 212 -13.28 -59.25 -31.79
C THR E 212 -12.70 -60.65 -31.73
N GLU E 213 -11.64 -60.84 -30.94
CA GLU E 213 -11.00 -62.13 -30.83
C GLU E 213 -11.92 -63.20 -30.28
N PHE E 214 -12.76 -62.84 -29.31
CA PHE E 214 -13.68 -63.83 -28.77
C PHE E 214 -14.87 -64.02 -29.70
N GLN E 215 -14.78 -63.41 -30.89
CA GLN E 215 -15.80 -63.52 -31.92
C GLN E 215 -15.27 -64.57 -32.89
N HIS E 216 -14.04 -64.36 -33.34
CA HIS E 216 -13.37 -65.27 -34.26
C HIS E 216 -13.49 -66.70 -33.74
N ALA E 217 -13.85 -66.83 -32.47
CA ALA E 217 -13.98 -68.14 -31.84
C ALA E 217 -15.42 -68.59 -31.78
N PHE E 218 -16.34 -67.64 -31.62
CA PHE E 218 -17.77 -67.96 -31.57
C PHE E 218 -18.26 -68.28 -32.97
N SER E 219 -17.66 -67.60 -33.94
CA SER E 219 -18.01 -67.77 -35.33
C SER E 219 -17.66 -69.16 -35.84
N LEU E 220 -16.53 -69.70 -35.42
CA LEU E 220 -16.14 -71.03 -35.85
C LEU E 220 -17.00 -72.03 -35.10
N ALA E 221 -17.24 -71.70 -33.83
CA ALA E 221 -18.05 -72.52 -32.96
C ALA E 221 -19.42 -72.71 -33.60
N PHE E 222 -19.81 -71.71 -34.39
CA PHE E 222 -21.08 -71.72 -35.09
C PHE E 222 -20.92 -72.45 -36.43
N SER E 223 -19.83 -72.14 -37.13
CA SER E 223 -19.52 -72.73 -38.43
C SER E 223 -19.45 -74.23 -38.28
N TYR E 224 -18.79 -74.64 -37.20
CA TYR E 224 -18.62 -76.04 -36.90
C TYR E 224 -19.92 -76.71 -36.49
N TYR E 225 -20.77 -76.01 -35.74
CA TYR E 225 -22.02 -76.61 -35.31
C TYR E 225 -23.00 -76.83 -36.45
N PHE E 226 -22.84 -76.05 -37.52
CA PHE E 226 -23.73 -76.17 -38.67
C PHE E 226 -23.10 -76.62 -40.00
N ALA E 227 -21.77 -76.61 -40.06
CA ALA E 227 -21.08 -77.04 -41.28
C ALA E 227 -21.53 -78.46 -41.66
N PRO E 228 -22.11 -78.62 -42.88
CA PRO E 228 -22.62 -79.89 -43.43
C PRO E 228 -21.63 -81.05 -43.49
N ASP E 229 -20.51 -80.92 -42.78
CA ASP E 229 -19.52 -81.99 -42.77
C ASP E 229 -18.91 -82.26 -41.41
N HIS E 230 -18.20 -81.28 -40.85
CA HIS E 230 -17.59 -81.49 -39.55
C HIS E 230 -18.43 -81.03 -38.39
N ARG E 231 -19.20 -81.98 -37.88
CA ARG E 231 -20.11 -81.76 -36.76
C ARG E 231 -19.43 -82.06 -35.43
N THR E 232 -19.08 -83.33 -35.23
CA THR E 232 -18.45 -83.79 -34.00
C THR E 232 -17.08 -83.18 -33.72
N VAL E 233 -16.34 -82.82 -34.77
CA VAL E 233 -15.01 -82.22 -34.56
C VAL E 233 -15.09 -81.31 -33.34
N LEU E 234 -16.23 -80.65 -33.18
CA LEU E 234 -16.46 -79.76 -32.05
C LEU E 234 -16.66 -80.63 -30.80
N GLU E 235 -17.77 -81.36 -30.76
CA GLU E 235 -18.10 -82.22 -29.63
C GLU E 235 -16.91 -83.07 -29.19
N LEU E 236 -16.03 -83.39 -30.13
CA LEU E 236 -14.87 -84.21 -29.87
C LEU E 236 -13.80 -83.39 -29.18
N TYR E 237 -13.41 -82.28 -29.80
CA TYR E 237 -12.40 -81.39 -29.21
C TYR E 237 -12.99 -80.57 -28.06
N ALA E 238 -13.41 -79.33 -28.31
CA ALA E 238 -13.99 -78.48 -27.27
C ALA E 238 -15.32 -79.07 -26.83
N PRO E 239 -15.42 -79.52 -25.58
CA PRO E 239 -16.64 -80.13 -25.05
C PRO E 239 -17.71 -79.13 -24.63
N ASP E 240 -17.31 -77.90 -24.35
CA ASP E 240 -18.31 -76.90 -23.95
C ASP E 240 -18.93 -76.19 -25.13
N MET E 241 -18.15 -75.42 -25.87
CA MET E 241 -18.71 -74.71 -27.00
C MET E 241 -19.77 -75.54 -27.71
N PHE E 242 -19.58 -76.86 -27.74
CA PHE E 242 -20.59 -77.69 -28.36
C PHE E 242 -21.90 -77.45 -27.61
N GLU E 243 -21.99 -77.99 -26.41
CA GLU E 243 -23.19 -77.86 -25.59
C GLU E 243 -23.69 -76.43 -25.48
N TYR E 244 -22.83 -75.48 -25.84
CA TYR E 244 -23.20 -74.06 -25.80
C TYR E 244 -24.10 -73.83 -27.00
N MET E 245 -23.50 -73.93 -28.18
CA MET E 245 -24.22 -73.75 -29.45
C MET E 245 -25.46 -74.63 -29.40
N ASN E 246 -25.24 -75.84 -28.93
CA ASN E 246 -26.28 -76.84 -28.82
C ASN E 246 -27.47 -76.29 -28.07
N LYS E 247 -27.22 -75.61 -26.97
CA LYS E 247 -28.33 -75.03 -26.22
C LYS E 247 -28.87 -73.82 -26.98
N LEU E 248 -28.07 -73.32 -27.93
CA LEU E 248 -28.51 -72.19 -28.74
C LEU E 248 -29.53 -72.75 -29.71
N GLU E 249 -29.22 -73.88 -30.33
CA GLU E 249 -30.18 -74.48 -31.25
C GLU E 249 -31.42 -74.88 -30.45
N LYS E 250 -31.20 -75.37 -29.22
CA LYS E 250 -32.27 -75.82 -28.33
C LYS E 250 -33.27 -74.73 -27.95
N GLY E 251 -32.91 -73.48 -28.19
CA GLY E 251 -33.80 -72.37 -27.86
C GLY E 251 -33.06 -71.04 -27.74
N GLY E 252 -31.78 -71.12 -27.41
CA GLY E 252 -30.96 -69.93 -27.26
C GLY E 252 -31.18 -68.88 -28.33
N PHE E 253 -31.38 -69.34 -29.56
CA PHE E 253 -31.61 -68.45 -30.68
C PHE E 253 -33.03 -67.89 -30.63
N GLU E 254 -34.00 -68.73 -30.29
CA GLU E 254 -35.36 -68.23 -30.21
C GLU E 254 -35.40 -67.18 -29.12
N LYS E 255 -34.34 -67.13 -28.31
CA LYS E 255 -34.25 -66.15 -27.23
C LYS E 255 -34.03 -64.79 -27.86
N ILE E 256 -32.76 -64.42 -28.03
CA ILE E 256 -32.39 -63.14 -28.61
C ILE E 256 -33.39 -62.73 -29.70
N SER E 257 -33.79 -63.70 -30.50
CA SER E 257 -34.75 -63.46 -31.58
C SER E 257 -36.08 -62.98 -31.02
N GLU E 258 -36.13 -62.82 -29.70
CA GLU E 258 -37.32 -62.37 -29.01
C GLU E 258 -36.98 -61.24 -28.04
N SER E 259 -35.70 -60.91 -27.97
CA SER E 259 -35.27 -59.83 -27.10
C SER E 259 -35.05 -58.67 -28.04
N LEU E 260 -35.04 -58.98 -29.33
CA LEU E 260 -34.89 -57.96 -30.35
C LEU E 260 -36.27 -57.66 -30.87
N LYS E 261 -37.10 -58.69 -30.94
CA LYS E 261 -38.47 -58.54 -31.39
C LYS E 261 -39.15 -57.56 -30.45
N LYS E 262 -39.17 -57.88 -29.16
CA LYS E 262 -39.80 -57.01 -28.16
C LYS E 262 -39.10 -55.65 -28.12
N GLU E 263 -37.77 -55.64 -28.19
CA GLU E 263 -37.08 -54.37 -28.20
C GLU E 263 -37.07 -53.88 -29.62
N GLY E 264 -38.08 -54.30 -30.37
CA GLY E 264 -38.20 -53.88 -31.73
C GLY E 264 -39.22 -52.77 -31.74
N VAL E 265 -40.36 -53.05 -31.11
CA VAL E 265 -41.42 -52.08 -31.03
C VAL E 265 -41.11 -51.03 -29.97
N GLU E 266 -40.89 -51.48 -28.73
CA GLU E 266 -40.59 -50.57 -27.62
C GLU E 266 -39.37 -49.68 -27.91
N LYS E 267 -38.77 -49.89 -29.08
CA LYS E 267 -37.60 -49.17 -29.55
C LYS E 267 -38.05 -48.06 -30.50
N ASP E 268 -38.82 -48.46 -31.51
CA ASP E 268 -39.34 -47.54 -32.51
C ASP E 268 -40.82 -47.37 -32.21
N ARG E 269 -41.08 -46.69 -31.11
CA ARG E 269 -42.45 -46.45 -30.72
C ARG E 269 -42.70 -44.95 -30.86
N ILE E 270 -43.65 -44.44 -30.09
CA ILE E 270 -43.96 -43.03 -30.14
C ILE E 270 -43.54 -42.44 -28.80
N ASP E 271 -42.72 -41.42 -28.73
CA ASP E 271 -42.25 -40.76 -27.54
C ASP E 271 -43.45 -40.32 -26.69
N VAL E 272 -43.63 -40.92 -25.56
CA VAL E 272 -44.69 -40.53 -24.74
C VAL E 272 -44.07 -40.61 -23.37
N LEU E 273 -44.36 -39.80 -22.43
CA LEU E 273 -43.69 -40.07 -21.21
C LEU E 273 -44.64 -40.92 -20.38
N LYS E 274 -44.16 -42.06 -19.90
CA LYS E 274 -45.11 -42.85 -19.13
C LYS E 274 -44.77 -42.91 -17.64
N GLY E 275 -45.58 -43.65 -16.87
CA GLY E 275 -45.34 -43.77 -15.44
C GLY E 275 -45.49 -42.45 -14.69
N GLU E 276 -45.06 -42.39 -13.44
CA GLU E 276 -45.21 -41.14 -12.70
C GLU E 276 -44.36 -39.99 -13.26
N LYS E 277 -43.93 -40.10 -14.51
CA LYS E 277 -43.17 -39.03 -15.12
C LYS E 277 -44.18 -38.09 -15.73
N ALA E 278 -45.16 -38.67 -16.40
CA ALA E 278 -46.24 -37.92 -17.04
C ALA E 278 -47.26 -37.52 -15.99
N LEU E 279 -47.80 -38.52 -15.30
CA LEU E 279 -48.78 -38.30 -14.24
C LEU E 279 -48.42 -37.04 -13.45
N LYS E 280 -47.19 -36.56 -13.66
CA LYS E 280 -46.73 -35.34 -13.00
C LYS E 280 -47.26 -34.15 -13.76
N ALA E 281 -46.86 -34.00 -15.02
CA ALA E 281 -47.32 -32.86 -15.83
C ALA E 281 -48.80 -32.99 -16.14
N SER E 282 -49.30 -34.22 -16.13
CA SER E 282 -50.72 -34.46 -16.39
C SER E 282 -51.50 -33.41 -15.64
N GLY E 283 -51.49 -33.59 -14.32
CA GLY E 283 -52.19 -32.68 -13.43
C GLY E 283 -53.12 -33.43 -12.51
N LEU E 284 -53.68 -34.53 -12.98
CA LEU E 284 -54.58 -35.28 -12.14
C LEU E 284 -54.00 -35.52 -10.76
N VAL E 285 -54.87 -35.82 -9.82
CA VAL E 285 -54.45 -36.09 -8.47
C VAL E 285 -54.07 -37.57 -8.53
N PRO E 286 -52.80 -37.88 -8.21
CA PRO E 286 -52.25 -39.24 -8.20
C PRO E 286 -53.22 -40.31 -7.68
N GLU E 287 -53.63 -40.19 -6.42
CA GLU E 287 -54.56 -41.17 -5.84
C GLU E 287 -55.78 -41.36 -6.73
N HIS E 288 -56.09 -40.32 -7.52
CA HIS E 288 -57.23 -40.32 -8.44
C HIS E 288 -56.88 -41.10 -9.69
N ALA E 289 -55.79 -40.72 -10.33
CA ALA E 289 -55.36 -41.40 -11.53
C ALA E 289 -55.45 -42.88 -11.27
N ASP E 290 -54.70 -43.32 -10.25
CA ASP E 290 -54.67 -44.72 -9.87
C ASP E 290 -56.10 -45.22 -9.68
N ALA E 291 -56.90 -44.44 -8.98
CA ALA E 291 -58.30 -44.81 -8.74
C ALA E 291 -58.96 -45.12 -10.05
N PHE E 292 -58.62 -44.33 -11.07
CA PHE E 292 -59.16 -44.48 -12.42
C PHE E 292 -58.60 -45.75 -13.02
N LYS E 293 -57.32 -45.99 -12.77
CA LYS E 293 -56.61 -47.17 -13.26
C LYS E 293 -57.53 -48.39 -13.24
N LYS E 294 -58.34 -48.50 -12.19
CA LYS E 294 -59.26 -49.63 -12.04
C LYS E 294 -60.39 -49.70 -13.07
N ILE E 295 -61.11 -48.58 -13.28
CA ILE E 295 -62.23 -48.56 -14.22
C ILE E 295 -61.80 -48.78 -15.68
N ALA E 296 -60.71 -48.12 -16.09
CA ALA E 296 -60.22 -48.30 -17.45
C ALA E 296 -60.26 -49.81 -17.70
N ARG E 297 -59.53 -50.53 -16.86
CA ARG E 297 -59.43 -51.98 -16.91
C ARG E 297 -60.79 -52.69 -16.87
N GLU E 298 -61.46 -52.64 -15.72
CA GLU E 298 -62.74 -53.33 -15.56
C GLU E 298 -63.59 -53.18 -16.81
N LEU E 299 -63.94 -51.93 -17.13
CA LEU E 299 -64.79 -51.61 -18.29
C LEU E 299 -64.03 -51.61 -19.62
N ASN E 300 -62.74 -51.87 -19.57
CA ASN E 300 -61.91 -51.90 -20.77
C ASN E 300 -62.21 -50.74 -21.72
N THR E 301 -61.65 -49.57 -21.41
CA THR E 301 -61.83 -48.39 -22.26
C THR E 301 -60.78 -47.34 -21.94
N TYR E 302 -60.24 -46.70 -22.98
CA TYR E 302 -59.22 -45.66 -22.82
C TYR E 302 -59.80 -44.35 -22.32
N ILE E 303 -59.14 -43.73 -21.35
CA ILE E 303 -59.59 -42.45 -20.83
C ILE E 303 -58.51 -41.43 -21.17
N LEU E 304 -58.91 -40.27 -21.68
CA LEU E 304 -57.94 -39.24 -22.06
C LEU E 304 -58.39 -37.91 -21.50
N PHE E 305 -57.51 -37.25 -20.76
CA PHE E 305 -57.78 -35.96 -20.14
C PHE E 305 -56.98 -34.83 -20.78
N ARG E 306 -57.47 -33.59 -20.66
CA ARG E 306 -56.71 -32.46 -21.16
C ARG E 306 -55.93 -32.04 -19.93
N PRO E 307 -55.06 -31.03 -20.05
CA PRO E 307 -54.30 -30.65 -18.87
C PRO E 307 -55.10 -30.09 -17.73
N VAL E 308 -54.95 -30.73 -16.58
CA VAL E 308 -55.58 -30.28 -15.38
C VAL E 308 -54.52 -29.30 -14.94
N ASN E 309 -54.90 -28.16 -14.38
CA ASN E 309 -53.86 -27.23 -13.94
C ASN E 309 -53.23 -27.64 -12.59
N LYS E 310 -51.91 -27.46 -12.53
CA LYS E 310 -51.11 -27.80 -11.36
C LYS E 310 -51.60 -27.15 -10.07
N LEU E 311 -51.79 -25.83 -10.10
CA LEU E 311 -52.23 -25.08 -8.94
C LEU E 311 -53.58 -25.52 -8.40
N ALA E 312 -54.10 -26.64 -8.86
CA ALA E 312 -55.39 -27.10 -8.39
C ALA E 312 -55.36 -28.52 -7.89
N THR E 313 -54.32 -29.26 -8.29
CA THR E 313 -54.19 -30.66 -7.92
C THR E 313 -54.40 -30.98 -6.43
N ASN E 314 -53.66 -30.29 -5.59
CA ASN E 314 -53.77 -30.52 -4.15
C ASN E 314 -55.15 -30.06 -3.71
N LEU E 315 -55.52 -28.84 -4.10
CA LEU E 315 -56.83 -28.26 -3.76
C LEU E 315 -57.87 -29.34 -3.95
N ILE E 316 -57.70 -30.08 -5.05
CA ILE E 316 -58.61 -31.16 -5.35
C ILE E 316 -58.46 -32.22 -4.24
N LYS E 317 -57.29 -32.85 -4.11
CA LYS E 317 -57.10 -33.87 -3.07
C LYS E 317 -57.50 -33.26 -1.74
N SER E 318 -57.20 -31.97 -1.60
CA SER E 318 -57.50 -31.19 -0.41
C SER E 318 -58.98 -31.32 -0.07
N GLY E 319 -59.83 -31.25 -1.08
CA GLY E 319 -61.26 -31.37 -0.84
C GLY E 319 -62.08 -30.30 -1.55
N VAL E 320 -61.38 -29.39 -2.22
CA VAL E 320 -62.03 -28.31 -2.95
C VAL E 320 -62.84 -28.85 -4.10
N ALA E 321 -64.09 -28.43 -4.24
CA ALA E 321 -64.89 -28.92 -5.35
C ALA E 321 -64.37 -28.38 -6.69
N THR E 322 -64.97 -28.86 -7.77
CA THR E 322 -64.55 -28.49 -9.13
C THR E 322 -65.57 -27.70 -9.96
N LYS E 323 -65.05 -26.81 -10.83
CA LYS E 323 -65.91 -26.00 -11.69
C LYS E 323 -66.77 -26.82 -12.62
N GLY E 324 -68.08 -26.59 -12.53
CA GLY E 324 -69.01 -27.31 -13.36
C GLY E 324 -69.44 -26.49 -14.54
N LEU E 325 -70.61 -26.81 -15.07
CA LEU E 325 -71.10 -26.08 -16.22
C LEU E 325 -71.72 -24.75 -15.87
N ASN E 326 -72.26 -24.69 -14.66
CA ASN E 326 -72.91 -23.53 -14.11
C ASN E 326 -72.00 -22.32 -13.93
N VAL E 327 -70.68 -22.51 -13.85
CA VAL E 327 -69.79 -21.36 -13.68
C VAL E 327 -68.90 -21.14 -14.88
N HIS E 328 -68.62 -19.87 -15.20
CA HIS E 328 -67.79 -19.52 -16.35
C HIS E 328 -66.79 -18.42 -16.02
N GLY E 329 -66.29 -18.44 -14.79
CA GLY E 329 -65.31 -17.47 -14.37
C GLY E 329 -63.96 -18.02 -14.74
N LYS E 330 -62.94 -17.17 -14.67
CA LYS E 330 -61.61 -17.63 -15.00
C LYS E 330 -60.88 -17.94 -13.72
N SER E 331 -60.10 -19.02 -13.77
CA SER E 331 -59.32 -19.41 -12.63
C SER E 331 -58.31 -18.29 -12.42
N SER E 332 -57.36 -18.50 -11.54
CA SER E 332 -56.34 -17.50 -11.30
C SER E 332 -55.03 -18.23 -11.21
N ASP E 333 -53.97 -17.54 -11.61
CA ASP E 333 -52.63 -18.13 -11.58
C ASP E 333 -51.63 -17.23 -10.87
N TRP E 334 -52.02 -16.71 -9.70
CA TRP E 334 -51.14 -15.83 -8.93
C TRP E 334 -51.78 -15.35 -7.64
N GLY E 335 -50.95 -15.01 -6.66
CA GLY E 335 -51.46 -14.55 -5.38
C GLY E 335 -52.08 -15.74 -4.67
N PRO E 336 -52.67 -15.54 -3.51
CA PRO E 336 -53.29 -16.65 -2.76
C PRO E 336 -54.43 -17.28 -3.55
N VAL E 337 -55.38 -16.45 -3.94
CA VAL E 337 -56.53 -16.93 -4.70
C VAL E 337 -56.15 -17.99 -5.72
N ALA E 338 -54.90 -17.95 -6.19
CA ALA E 338 -54.40 -18.90 -7.19
C ALA E 338 -55.04 -20.29 -7.13
N GLY E 339 -55.51 -20.77 -8.28
CA GLY E 339 -56.14 -22.07 -8.34
C GLY E 339 -57.59 -22.10 -7.90
N TYR E 340 -58.08 -20.97 -7.45
CA TYR E 340 -59.47 -20.82 -7.00
C TYR E 340 -60.10 -19.91 -8.06
N ILE E 341 -61.44 -19.86 -8.13
CA ILE E 341 -62.13 -18.99 -9.08
C ILE E 341 -62.65 -17.75 -8.39
N PRO E 342 -61.81 -16.72 -8.28
CA PRO E 342 -62.17 -15.47 -7.62
C PRO E 342 -63.48 -14.83 -8.10
N PHE E 343 -64.25 -14.31 -7.16
CA PHE E 343 -65.48 -13.65 -7.49
C PHE E 343 -65.08 -12.39 -8.23
N ASP E 344 -63.95 -11.82 -7.86
CA ASP E 344 -63.47 -10.65 -8.56
C ASP E 344 -62.61 -11.19 -9.69
N GLN E 345 -62.86 -10.75 -10.91
CA GLN E 345 -62.08 -11.27 -12.01
C GLN E 345 -60.69 -10.64 -12.11
N ASP E 346 -60.51 -9.45 -11.56
CA ASP E 346 -59.21 -8.78 -11.61
C ASP E 346 -58.22 -9.47 -10.67
N LEU E 347 -58.62 -10.63 -10.18
CA LEU E 347 -57.83 -11.46 -9.27
C LEU E 347 -57.60 -12.84 -9.86
N SER E 348 -57.70 -12.95 -11.18
CA SER E 348 -57.50 -14.19 -11.93
C SER E 348 -56.65 -13.93 -13.16
N LYS E 349 -56.38 -14.99 -13.91
CA LYS E 349 -55.54 -14.89 -15.11
C LYS E 349 -55.71 -13.63 -15.98
N LYS E 350 -56.88 -13.02 -15.94
CA LYS E 350 -57.11 -11.83 -16.77
C LYS E 350 -56.98 -10.48 -16.06
N HIS E 351 -56.01 -10.41 -15.14
CA HIS E 351 -55.72 -9.22 -14.37
C HIS E 351 -55.26 -8.08 -15.28
N GLY E 352 -56.11 -7.07 -15.46
CA GLY E 352 -55.76 -5.95 -16.31
C GLY E 352 -56.65 -5.81 -17.54
N GLN E 353 -56.98 -6.96 -18.15
CA GLN E 353 -57.85 -7.00 -19.33
C GLN E 353 -59.19 -6.38 -19.00
N GLN E 354 -59.27 -5.06 -19.08
CA GLN E 354 -60.48 -4.34 -18.73
C GLN E 354 -61.76 -5.00 -19.26
N LEU E 355 -61.69 -5.71 -20.38
CA LEU E 355 -62.91 -6.31 -20.91
C LEU E 355 -63.25 -7.71 -20.45
N ALA E 356 -62.25 -8.58 -20.32
CA ALA E 356 -62.49 -9.96 -19.88
C ALA E 356 -62.84 -10.05 -18.41
N VAL E 357 -62.59 -8.96 -17.68
CA VAL E 357 -62.90 -8.88 -16.27
C VAL E 357 -64.30 -8.28 -16.26
N GLU E 358 -64.44 -7.19 -17.03
CA GLU E 358 -65.69 -6.46 -17.18
C GLU E 358 -66.74 -7.33 -17.87
N LYS E 359 -66.37 -8.59 -18.14
CA LYS E 359 -67.28 -9.52 -18.78
C LYS E 359 -67.17 -10.81 -18.00
N GLY E 360 -66.12 -10.90 -17.20
CA GLY E 360 -65.92 -12.09 -16.40
C GLY E 360 -66.90 -12.01 -15.25
N ASN E 361 -66.93 -10.85 -14.61
CA ASN E 361 -67.84 -10.62 -13.50
C ASN E 361 -69.25 -10.89 -13.97
N LEU E 362 -69.65 -10.24 -15.05
CA LEU E 362 -70.99 -10.41 -15.59
C LEU E 362 -71.48 -11.85 -15.45
N GLU E 363 -70.56 -12.79 -15.65
CA GLU E 363 -70.89 -14.21 -15.58
C GLU E 363 -71.01 -14.77 -14.17
N ASN E 364 -70.04 -14.45 -13.31
CA ASN E 364 -70.08 -14.91 -11.93
C ASN E 364 -71.39 -14.49 -11.34
N LYS E 365 -71.61 -13.18 -11.36
CA LYS E 365 -72.85 -12.64 -10.84
C LYS E 365 -74.00 -13.50 -11.34
N LYS E 366 -74.21 -13.54 -12.65
CA LYS E 366 -75.28 -14.34 -13.22
C LYS E 366 -75.26 -15.78 -12.73
N SER E 367 -74.07 -16.34 -12.67
CA SER E 367 -73.93 -17.72 -12.23
C SER E 367 -74.71 -17.96 -10.92
N ILE E 368 -74.66 -16.97 -10.04
CA ILE E 368 -75.35 -17.05 -8.75
C ILE E 368 -76.82 -16.65 -8.93
N THR E 369 -77.02 -15.54 -9.62
CA THR E 369 -78.37 -15.05 -9.88
C THR E 369 -79.22 -16.20 -10.37
N GLU E 370 -78.89 -16.73 -11.55
CA GLU E 370 -79.65 -17.83 -12.12
C GLU E 370 -79.75 -19.03 -11.19
N HIS E 371 -78.66 -19.79 -11.11
CA HIS E 371 -78.63 -20.99 -10.29
C HIS E 371 -78.39 -20.69 -8.83
N GLU E 372 -79.23 -19.87 -8.22
CA GLU E 372 -79.04 -19.56 -6.81
C GLU E 372 -79.20 -20.84 -5.98
N GLY E 373 -78.66 -20.86 -4.77
CA GLY E 373 -78.78 -22.04 -3.96
C GLY E 373 -77.72 -23.09 -4.22
N GLU E 374 -77.17 -23.12 -5.43
CA GLU E 374 -76.13 -24.08 -5.77
C GLU E 374 -74.83 -23.37 -6.10
N ILE E 375 -74.95 -22.16 -6.63
CA ILE E 375 -73.77 -21.40 -6.98
C ILE E 375 -73.66 -20.10 -6.20
N GLY E 376 -72.64 -20.02 -5.35
CA GLY E 376 -72.46 -18.82 -4.56
C GLY E 376 -71.02 -18.46 -4.37
N LYS E 377 -70.81 -17.52 -3.46
CA LYS E 377 -69.49 -17.03 -3.11
C LYS E 377 -69.24 -17.26 -1.62
N ILE E 378 -67.99 -17.53 -1.27
CA ILE E 378 -67.62 -17.73 0.13
C ILE E 378 -66.21 -17.20 0.29
N PRO E 379 -65.90 -16.69 1.47
CA PRO E 379 -64.57 -16.14 1.80
C PRO E 379 -63.45 -17.15 1.71
N LEU E 380 -62.38 -16.73 1.06
CA LEU E 380 -61.19 -17.55 0.84
C LEU E 380 -60.54 -18.01 2.14
N LYS E 381 -60.01 -19.23 2.16
CA LYS E 381 -59.34 -19.77 3.35
C LYS E 381 -58.23 -20.75 2.97
N LEU E 382 -57.02 -20.23 2.79
CA LEU E 382 -55.86 -21.06 2.45
C LEU E 382 -55.45 -21.83 3.68
N ASP E 383 -55.76 -23.13 3.70
CA ASP E 383 -55.44 -23.96 4.85
C ASP E 383 -53.94 -23.97 5.18
N HIS E 384 -53.56 -24.78 6.15
CA HIS E 384 -52.17 -24.85 6.59
C HIS E 384 -51.16 -25.28 5.52
N LEU E 385 -51.37 -26.45 4.93
CA LEU E 385 -50.46 -26.95 3.91
C LEU E 385 -50.37 -26.06 2.68
N ARG E 386 -51.52 -25.78 2.10
CA ARG E 386 -51.62 -24.94 0.92
C ARG E 386 -50.62 -23.79 0.90
N ILE E 387 -50.35 -23.23 2.08
CA ILE E 387 -49.42 -22.12 2.22
C ILE E 387 -47.99 -22.52 1.86
N GLU E 388 -47.43 -23.46 2.61
CA GLU E 388 -46.06 -23.91 2.38
C GLU E 388 -45.83 -24.34 0.93
N GLU E 389 -46.89 -24.39 0.14
CA GLU E 389 -46.81 -24.77 -1.27
C GLU E 389 -46.75 -23.55 -2.19
N LEU E 390 -47.57 -22.54 -1.90
CA LEU E 390 -47.54 -21.34 -2.72
C LEU E 390 -46.20 -20.71 -2.37
N LYS E 391 -45.49 -21.39 -1.48
CA LYS E 391 -44.18 -20.97 -1.03
C LYS E 391 -43.14 -21.28 -2.10
N GLU E 392 -42.69 -22.53 -2.13
CA GLU E 392 -41.68 -22.94 -3.09
C GLU E 392 -42.20 -22.89 -4.51
N ASN E 393 -43.52 -23.04 -4.68
CA ASN E 393 -44.06 -22.99 -6.03
C ASN E 393 -43.75 -21.60 -6.57
N GLY E 394 -43.56 -20.65 -5.64
CA GLY E 394 -43.22 -19.28 -5.99
C GLY E 394 -44.40 -18.35 -6.27
N ILE E 395 -45.41 -18.39 -5.41
CA ILE E 395 -46.58 -17.55 -5.61
C ILE E 395 -46.75 -16.47 -4.55
N ILE E 396 -46.42 -16.80 -3.31
CA ILE E 396 -46.52 -15.84 -2.22
C ILE E 396 -45.29 -15.94 -1.33
N LEU E 397 -45.17 -15.00 -0.40
CA LEU E 397 -44.05 -14.96 0.54
C LEU E 397 -44.56 -14.47 1.90
N LYS E 398 -44.71 -15.41 2.83
CA LYS E 398 -45.21 -15.13 4.18
C LYS E 398 -44.19 -14.42 5.07
N GLY E 399 -44.65 -13.39 5.80
CA GLY E 399 -43.75 -12.64 6.67
C GLY E 399 -44.33 -11.68 7.71
N LYS E 400 -43.76 -10.48 7.75
CA LYS E 400 -44.15 -9.42 8.70
C LYS E 400 -45.57 -9.53 9.25
N LYS E 401 -45.67 -9.76 10.55
CA LYS E 401 -46.98 -9.87 11.21
C LYS E 401 -47.57 -8.49 11.45
N GLU E 402 -48.86 -8.45 11.77
CA GLU E 402 -49.55 -7.18 12.01
C GLU E 402 -50.86 -7.33 12.77
N ILE E 403 -51.26 -6.26 13.45
CA ILE E 403 -52.50 -6.25 14.20
C ILE E 403 -53.47 -5.20 13.72
N ASP E 404 -54.90 -5.40 13.80
CA ASP E 404 -55.90 -4.45 13.29
C ASP E 404 -57.35 -4.73 13.78
N ASN E 405 -57.82 -3.96 14.73
CA ASN E 405 -59.15 -4.16 15.33
C ASN E 405 -58.99 -5.32 16.34
N GLY E 406 -57.80 -5.44 16.92
CA GLY E 406 -57.55 -6.45 17.94
C GLY E 406 -57.40 -7.89 17.47
N LYS E 407 -57.07 -8.20 16.17
CA LYS E 407 -56.89 -9.57 15.68
C LYS E 407 -55.55 -9.74 14.98
N LYS E 408 -54.98 -10.96 15.05
CA LYS E 408 -53.68 -11.22 14.44
C LYS E 408 -53.74 -11.45 12.93
N TYR E 409 -52.88 -10.75 12.21
CA TYR E 409 -52.81 -10.84 10.74
C TYR E 409 -51.38 -11.00 10.20
N TYR E 410 -51.18 -11.98 9.32
CA TYR E 410 -49.88 -12.19 8.68
C TYR E 410 -49.94 -11.64 7.26
N LEU E 411 -49.27 -10.52 7.06
CA LEU E 411 -49.24 -9.85 5.77
C LEU E 411 -48.71 -10.73 4.63
N LEU E 412 -49.60 -11.46 3.95
CA LEU E 412 -49.16 -12.29 2.83
C LEU E 412 -48.66 -11.37 1.74
N GLU E 413 -47.45 -11.63 1.28
CA GLU E 413 -46.83 -10.81 0.25
C GLU E 413 -46.86 -11.43 -1.14
N SER E 414 -46.58 -10.62 -2.15
CA SER E 414 -46.54 -11.02 -3.55
C SER E 414 -45.95 -9.85 -4.31
N ASN E 415 -45.54 -10.08 -5.56
CA ASN E 415 -44.98 -8.99 -6.34
C ASN E 415 -46.06 -8.23 -7.11
N ASN E 416 -47.24 -8.83 -7.24
CA ASN E 416 -48.33 -8.13 -7.93
C ASN E 416 -48.41 -6.72 -7.33
N GLN E 417 -48.39 -5.71 -8.20
CA GLN E 417 -48.42 -4.30 -7.77
C GLN E 417 -49.76 -3.60 -7.90
N VAL E 418 -50.83 -4.30 -7.57
CA VAL E 418 -52.17 -3.71 -7.68
C VAL E 418 -52.98 -3.94 -6.41
N TYR E 419 -52.66 -5.00 -5.68
CA TYR E 419 -53.37 -5.32 -4.46
C TYR E 419 -52.40 -5.74 -3.36
N GLU E 420 -52.90 -5.73 -2.14
CA GLU E 420 -52.12 -6.14 -0.98
C GLU E 420 -52.96 -7.24 -0.39
N PHE E 421 -52.32 -8.30 0.08
CA PHE E 421 -53.05 -9.41 0.65
C PHE E 421 -52.56 -9.64 2.05
N ARG E 422 -53.35 -10.36 2.85
CA ARG E 422 -53.00 -10.67 4.23
C ARG E 422 -53.97 -11.73 4.74
N ILE E 423 -53.51 -12.61 5.62
CA ILE E 423 -54.38 -13.65 6.12
C ILE E 423 -54.56 -13.67 7.63
N SER E 424 -55.80 -13.84 8.07
CA SER E 424 -56.19 -13.89 9.49
C SER E 424 -55.53 -15.04 10.24
N ASP E 425 -55.81 -15.11 11.54
CA ASP E 425 -55.23 -16.16 12.36
C ASP E 425 -56.27 -17.14 12.90
N GLU E 426 -57.26 -16.63 13.62
CA GLU E 426 -58.32 -17.47 14.16
C GLU E 426 -58.81 -18.35 13.03
N ASN E 427 -59.68 -17.60 12.28
CA ASN E 427 -60.01 -18.20 11.03
C ASN E 427 -58.89 -17.66 10.15
N ASN E 428 -58.37 -18.52 9.33
CA ASN E 428 -57.39 -18.10 8.37
C ASN E 428 -58.15 -17.67 7.14
N GLU E 429 -58.79 -16.54 7.22
CA GLU E 429 -59.45 -16.01 6.07
C GLU E 429 -58.40 -15.16 5.30
N VAL E 430 -58.58 -14.80 4.07
CA VAL E 430 -57.62 -14.02 3.34
C VAL E 430 -58.30 -12.72 2.95
N GLN E 431 -57.55 -11.63 2.94
CA GLN E 431 -58.14 -10.35 2.59
C GLN E 431 -57.19 -9.52 1.73
N TYR E 432 -57.75 -8.55 1.01
CA TYR E 432 -56.95 -7.66 0.19
C TYR E 432 -57.57 -6.26 0.12
N LYS E 433 -56.94 -5.39 -0.67
CA LYS E 433 -57.41 -4.02 -0.85
C LYS E 433 -56.49 -3.43 -1.90
N THR E 434 -56.83 -2.24 -2.39
CA THR E 434 -55.98 -1.61 -3.37
C THR E 434 -54.92 -0.91 -2.53
N LYS E 435 -53.76 -0.64 -3.13
CA LYS E 435 -52.68 0.01 -2.40
C LYS E 435 -52.79 1.53 -2.29
N GLU E 436 -52.14 2.07 -1.26
CA GLU E 436 -52.13 3.49 -0.98
C GLU E 436 -51.41 4.29 -2.07
N GLY E 437 -51.94 4.26 -3.28
CA GLY E 437 -51.34 4.97 -4.39
C GLY E 437 -51.56 4.28 -5.73
N LYS E 438 -52.70 3.60 -5.87
CA LYS E 438 -53.01 2.90 -7.11
C LYS E 438 -54.53 2.71 -7.25
N ILE E 439 -54.96 2.27 -8.44
CA ILE E 439 -56.38 2.06 -8.71
C ILE E 439 -56.65 0.83 -9.59
N THR E 440 -57.89 0.34 -9.54
CA THR E 440 -58.32 -0.82 -10.30
C THR E 440 -58.52 -0.44 -11.77
N VAL E 441 -58.41 -1.42 -12.68
CA VAL E 441 -58.60 -1.15 -14.10
C VAL E 441 -60.08 -0.81 -14.34
N LEU E 442 -60.94 -1.37 -13.50
CA LEU E 442 -62.37 -1.09 -13.61
C LEU E 442 -62.52 0.30 -13.02
N GLY E 443 -61.56 0.69 -12.19
CA GLY E 443 -61.59 2.01 -11.60
C GLY E 443 -61.98 2.08 -10.14
N GLU E 444 -62.06 0.91 -9.49
CA GLU E 444 -62.43 0.85 -8.08
C GLU E 444 -61.22 1.00 -7.16
N LYS E 445 -61.46 1.45 -5.93
CA LYS E 445 -60.40 1.62 -4.93
C LYS E 445 -60.95 1.22 -3.56
N PHE E 446 -60.55 0.06 -3.05
CA PHE E 446 -61.07 -0.37 -1.75
C PHE E 446 -60.06 -0.81 -0.70
N ASN E 447 -60.49 -0.67 0.54
CA ASN E 447 -59.62 -1.06 1.63
C ASN E 447 -59.78 -2.61 1.88
N TRP E 448 -59.19 -3.09 2.95
CA TRP E 448 -59.23 -4.48 3.39
C TRP E 448 -60.66 -5.05 3.32
N ARG E 449 -60.83 -6.10 2.51
CA ARG E 449 -62.09 -6.78 2.31
C ARG E 449 -61.75 -8.26 2.14
N ASN E 450 -62.60 -9.22 2.41
CA ASN E 450 -62.32 -10.64 2.25
C ASN E 450 -62.34 -11.02 0.78
N ILE E 451 -61.51 -11.99 0.43
CA ILE E 451 -61.43 -12.48 -0.94
C ILE E 451 -62.45 -13.60 -1.09
N GLU E 452 -63.58 -13.28 -1.73
CA GLU E 452 -64.60 -14.29 -1.95
C GLU E 452 -64.23 -15.03 -3.23
N VAL E 453 -64.26 -16.35 -3.13
CA VAL E 453 -63.97 -17.22 -4.25
C VAL E 453 -65.34 -17.77 -4.64
N MET E 454 -65.44 -18.40 -5.80
CA MET E 454 -66.72 -18.96 -6.24
C MET E 454 -66.88 -20.34 -5.65
N ALA E 455 -68.12 -20.79 -5.47
CA ALA E 455 -68.33 -22.10 -4.90
C ALA E 455 -69.69 -22.68 -5.21
N LYS E 456 -69.74 -23.98 -5.48
CA LYS E 456 -71.00 -24.65 -5.77
C LYS E 456 -71.48 -25.36 -4.53
N ASN E 457 -72.70 -25.87 -4.57
CA ASN E 457 -73.28 -26.59 -3.44
C ASN E 457 -72.89 -28.06 -3.47
N VAL E 458 -72.60 -28.61 -2.29
CA VAL E 458 -72.23 -30.01 -2.12
C VAL E 458 -72.76 -30.47 -0.76
N GLU E 459 -73.81 -31.28 -0.76
CA GLU E 459 -74.41 -31.75 0.49
C GLU E 459 -74.75 -30.58 1.39
N GLY E 460 -75.58 -29.67 0.89
CA GLY E 460 -76.00 -28.51 1.65
C GLY E 460 -74.95 -27.45 1.99
N VAL E 461 -73.69 -27.78 1.81
CA VAL E 461 -72.65 -26.81 2.13
C VAL E 461 -71.88 -26.33 0.92
N LEU E 462 -71.61 -25.03 0.87
CA LEU E 462 -70.86 -24.46 -0.23
C LEU E 462 -69.36 -24.63 -0.05
N LYS E 463 -68.73 -25.28 -1.02
CA LYS E 463 -67.29 -25.48 -0.99
C LYS E 463 -66.73 -24.69 -2.17
N PRO E 464 -65.52 -24.10 -2.00
CA PRO E 464 -64.81 -23.31 -3.00
C PRO E 464 -64.55 -24.09 -4.28
N LEU E 465 -64.64 -23.40 -5.42
CA LEU E 465 -64.46 -24.04 -6.71
C LEU E 465 -63.11 -23.95 -7.40
N THR E 466 -62.64 -25.09 -7.92
CA THR E 466 -61.39 -25.11 -8.65
C THR E 466 -61.49 -25.94 -9.91
N ALA E 467 -60.38 -26.02 -10.64
CA ALA E 467 -60.31 -26.79 -11.87
C ALA E 467 -60.85 -28.21 -11.69
N ASP E 468 -61.53 -28.70 -12.73
CA ASP E 468 -62.12 -30.05 -12.76
C ASP E 468 -61.32 -30.88 -13.76
N TYR E 469 -61.66 -32.16 -13.88
CA TYR E 469 -61.00 -33.02 -14.86
C TYR E 469 -61.82 -33.02 -16.14
N ASP E 470 -61.29 -32.36 -17.18
CA ASP E 470 -61.94 -32.28 -18.47
C ASP E 470 -61.48 -33.42 -19.33
N LEU E 471 -62.37 -34.34 -19.70
CA LEU E 471 -61.97 -35.46 -20.56
C LEU E 471 -61.77 -35.06 -22.03
N PHE E 472 -60.63 -35.43 -22.61
CA PHE E 472 -60.41 -35.11 -24.01
C PHE E 472 -61.14 -36.17 -24.81
N ALA E 473 -61.42 -37.31 -24.19
CA ALA E 473 -62.14 -38.37 -24.89
C ALA E 473 -62.24 -39.66 -24.11
N LEU E 474 -63.15 -40.54 -24.53
CA LEU E 474 -63.33 -41.86 -23.90
C LEU E 474 -63.42 -42.96 -24.94
N ALA E 475 -62.44 -43.85 -24.97
CA ALA E 475 -62.45 -44.93 -25.94
C ALA E 475 -62.86 -46.26 -25.33
N PRO E 476 -64.14 -46.63 -25.45
CA PRO E 476 -64.60 -47.89 -24.90
C PRO E 476 -64.27 -48.86 -25.98
N SER E 477 -64.22 -50.15 -25.65
CA SER E 477 -63.91 -51.14 -26.66
C SER E 477 -65.17 -51.47 -27.42
N LEU E 478 -65.03 -51.92 -28.66
CA LEU E 478 -66.21 -52.25 -29.42
C LEU E 478 -67.01 -53.36 -28.76
N THR E 479 -66.34 -54.19 -27.96
CA THR E 479 -67.04 -55.29 -27.29
C THR E 479 -67.87 -54.82 -26.12
N GLU E 480 -67.37 -53.79 -25.41
CA GLU E 480 -68.07 -53.25 -24.26
C GLU E 480 -69.35 -52.62 -24.78
N ILE E 481 -69.30 -52.06 -25.98
CA ILE E 481 -70.49 -51.46 -26.55
C ILE E 481 -71.51 -52.56 -26.88
N LYS E 482 -71.03 -53.73 -27.28
CA LYS E 482 -71.93 -54.82 -27.60
C LYS E 482 -72.71 -55.23 -26.35
N LYS E 483 -72.05 -55.06 -25.21
CA LYS E 483 -72.61 -55.39 -23.91
C LYS E 483 -73.54 -54.26 -23.53
N GLN E 484 -73.61 -53.25 -24.38
CA GLN E 484 -74.47 -52.10 -24.11
C GLN E 484 -75.86 -52.26 -24.70
N ILE E 485 -75.95 -52.95 -25.82
CA ILE E 485 -77.22 -53.17 -26.50
C ILE E 485 -77.94 -54.26 -25.72
N PRO E 486 -79.27 -54.16 -25.59
CA PRO E 486 -80.06 -55.16 -24.86
C PRO E 486 -80.14 -56.44 -25.67
N GLN E 487 -79.76 -57.55 -25.05
CA GLN E 487 -79.72 -58.86 -25.71
C GLN E 487 -80.85 -59.24 -26.64
N LYS E 488 -82.02 -58.61 -26.49
CA LYS E 488 -83.16 -58.94 -27.34
C LYS E 488 -83.26 -58.13 -28.62
N GLU E 489 -82.86 -56.87 -28.57
CA GLU E 489 -82.90 -56.04 -29.76
C GLU E 489 -81.84 -56.54 -30.74
N TRP E 490 -80.60 -56.65 -30.25
CA TRP E 490 -79.50 -57.11 -31.08
C TRP E 490 -79.74 -58.53 -31.53
N ASP E 491 -80.70 -59.20 -30.89
CA ASP E 491 -81.04 -60.57 -31.26
C ASP E 491 -82.08 -60.42 -32.37
N LYS E 492 -83.10 -59.61 -32.11
CA LYS E 492 -84.13 -59.40 -33.10
C LYS E 492 -83.61 -58.79 -34.40
N VAL E 493 -82.31 -58.60 -34.53
CA VAL E 493 -81.81 -58.01 -35.77
C VAL E 493 -81.02 -58.93 -36.67
N VAL E 494 -80.25 -59.84 -36.08
CA VAL E 494 -79.43 -60.74 -36.87
C VAL E 494 -80.23 -61.88 -37.51
N ASN E 495 -81.54 -61.92 -37.23
CA ASN E 495 -82.40 -62.96 -37.81
C ASN E 495 -82.90 -62.51 -39.16
N THR E 496 -82.76 -61.23 -39.42
CA THR E 496 -83.18 -60.64 -40.68
C THR E 496 -82.51 -61.44 -41.80
N PRO E 497 -83.30 -61.89 -42.80
CA PRO E 497 -82.76 -62.68 -43.92
C PRO E 497 -81.86 -61.83 -44.80
N ASN E 498 -82.37 -60.67 -45.21
CA ASN E 498 -81.64 -59.74 -46.05
C ASN E 498 -80.28 -59.40 -45.46
N SER E 499 -79.23 -59.89 -46.10
CA SER E 499 -77.89 -59.63 -45.63
C SER E 499 -77.65 -58.12 -45.60
N LEU E 500 -77.92 -57.44 -46.71
CA LEU E 500 -77.71 -56.00 -46.76
C LEU E 500 -78.47 -55.34 -45.61
N GLU E 501 -79.65 -55.87 -45.30
CA GLU E 501 -80.48 -55.34 -44.21
C GLU E 501 -79.80 -55.60 -42.87
N LYS E 502 -79.17 -56.76 -42.74
CA LYS E 502 -78.49 -57.14 -41.51
C LYS E 502 -77.31 -56.21 -41.23
N GLN E 503 -76.68 -55.69 -42.28
CA GLN E 503 -75.55 -54.80 -42.06
C GLN E 503 -76.08 -53.48 -41.54
N LYS E 504 -77.03 -52.90 -42.27
CA LYS E 504 -77.65 -51.65 -41.88
C LYS E 504 -78.12 -51.83 -40.45
N GLY E 505 -79.13 -52.68 -40.27
CA GLY E 505 -79.66 -52.94 -38.94
C GLY E 505 -78.60 -52.90 -37.83
N VAL E 506 -77.48 -53.58 -38.05
CA VAL E 506 -76.41 -53.62 -37.06
C VAL E 506 -75.78 -52.25 -36.84
N THR E 507 -75.38 -51.62 -37.92
CA THR E 507 -74.75 -50.30 -37.86
C THR E 507 -75.58 -49.34 -36.99
N ASN E 508 -76.85 -49.18 -37.33
CA ASN E 508 -77.73 -48.30 -36.55
C ASN E 508 -77.71 -48.73 -35.09
N LEU E 509 -77.46 -50.01 -34.83
CA LEU E 509 -77.38 -50.43 -33.45
C LEU E 509 -76.14 -49.81 -32.82
N LEU E 510 -74.98 -50.08 -33.42
CA LEU E 510 -73.68 -49.55 -32.97
C LEU E 510 -73.81 -48.04 -32.79
N ILE E 511 -74.41 -47.40 -33.78
CA ILE E 511 -74.66 -45.97 -33.78
C ILE E 511 -75.47 -45.66 -32.53
N LYS E 512 -76.69 -46.17 -32.54
CA LYS E 512 -77.67 -46.02 -31.47
C LYS E 512 -77.08 -46.19 -30.08
N TYR E 513 -76.72 -47.42 -29.75
CA TYR E 513 -76.18 -47.72 -28.42
C TYR E 513 -74.76 -47.31 -28.09
N GLY E 514 -74.05 -46.66 -29.01
CA GLY E 514 -72.68 -46.29 -28.69
C GLY E 514 -72.05 -45.08 -29.34
N ILE E 515 -72.65 -44.55 -30.40
CA ILE E 515 -72.10 -43.38 -31.10
C ILE E 515 -72.94 -42.12 -30.87
N GLU E 516 -74.25 -42.30 -30.77
CA GLU E 516 -75.12 -41.18 -30.58
C GLU E 516 -74.92 -40.46 -29.28
N ARG E 517 -74.84 -39.14 -29.40
CA ARG E 517 -74.66 -38.23 -28.28
C ARG E 517 -75.81 -37.22 -28.30
N LYS E 518 -76.52 -37.11 -27.17
CA LYS E 518 -77.64 -36.18 -27.04
C LYS E 518 -77.27 -35.22 -25.91
N PRO E 519 -78.09 -34.19 -25.68
CA PRO E 519 -77.73 -33.29 -24.59
C PRO E 519 -78.18 -33.92 -23.28
N ASP E 520 -77.87 -33.27 -22.16
CA ASP E 520 -78.24 -33.84 -20.89
C ASP E 520 -78.39 -32.76 -19.84
N SER E 521 -79.48 -32.86 -19.08
CA SER E 521 -79.83 -31.91 -18.04
C SER E 521 -78.64 -31.24 -17.37
N THR E 522 -77.79 -32.07 -16.79
CA THR E 522 -76.62 -31.61 -16.06
C THR E 522 -75.27 -31.69 -16.74
N LYS E 523 -74.84 -32.91 -17.06
CA LYS E 523 -73.53 -33.16 -17.64
C LYS E 523 -73.24 -32.75 -19.07
N GLY E 524 -73.84 -31.65 -19.53
CA GLY E 524 -73.58 -31.21 -20.89
C GLY E 524 -73.99 -32.20 -21.96
N THR E 525 -73.32 -32.17 -23.12
CA THR E 525 -73.65 -33.08 -24.21
C THR E 525 -72.76 -34.32 -24.23
N LEU E 526 -73.35 -35.48 -24.03
CA LEU E 526 -72.54 -36.69 -24.06
C LEU E 526 -73.34 -37.92 -24.34
N SER E 527 -72.64 -39.03 -24.49
CA SER E 527 -73.30 -40.27 -24.78
C SER E 527 -73.84 -40.85 -23.50
N ASN E 528 -74.75 -41.81 -23.63
CA ASN E 528 -75.33 -42.47 -22.46
C ASN E 528 -74.26 -43.34 -21.82
N TRP E 529 -73.69 -44.25 -22.60
CA TRP E 529 -72.66 -45.10 -22.05
C TRP E 529 -71.62 -44.16 -21.52
N GLN E 530 -71.45 -43.02 -22.16
CA GLN E 530 -70.48 -42.04 -21.69
C GLN E 530 -70.84 -41.54 -20.29
N LYS E 531 -72.13 -41.32 -20.05
CA LYS E 531 -72.57 -40.85 -18.75
C LYS E 531 -72.28 -41.88 -17.71
N GLN E 532 -72.69 -43.12 -17.98
CA GLN E 532 -72.44 -44.15 -16.98
C GLN E 532 -70.94 -44.21 -16.74
N MET E 533 -70.16 -44.03 -17.79
CA MET E 533 -68.72 -44.03 -17.65
C MET E 533 -68.31 -42.86 -16.76
N LEU E 534 -69.07 -41.78 -16.84
CA LEU E 534 -68.74 -40.60 -16.05
C LEU E 534 -68.90 -40.86 -14.58
N ASP E 535 -70.07 -41.38 -14.19
CA ASP E 535 -70.29 -41.67 -12.78
C ASP E 535 -69.23 -42.63 -12.26
N ARG E 536 -69.13 -43.82 -12.86
CA ARG E 536 -68.15 -44.79 -12.42
C ARG E 536 -66.80 -44.16 -12.15
N LEU E 537 -66.52 -43.05 -12.84
CA LEU E 537 -65.26 -42.37 -12.60
C LEU E 537 -65.37 -41.64 -11.27
N ASN E 538 -66.43 -40.85 -11.10
CA ASN E 538 -66.62 -40.12 -9.87
C ASN E 538 -66.74 -41.04 -8.68
N GLU E 539 -67.79 -41.86 -8.63
CA GLU E 539 -67.95 -42.80 -7.51
C GLU E 539 -66.61 -43.43 -7.21
N ALA E 540 -65.77 -43.56 -8.23
CA ALA E 540 -64.46 -44.15 -8.04
C ALA E 540 -63.61 -43.28 -7.15
N VAL E 541 -63.40 -42.01 -7.52
CA VAL E 541 -62.57 -41.15 -6.68
C VAL E 541 -63.30 -40.72 -5.42
N LYS E 542 -64.53 -41.17 -5.28
CA LYS E 542 -65.32 -40.81 -4.10
C LYS E 542 -64.92 -41.76 -2.97
N TYR E 543 -64.66 -43.01 -3.33
CA TYR E 543 -64.26 -44.02 -2.36
C TYR E 543 -62.77 -43.85 -2.10
N THR E 544 -62.10 -43.13 -2.98
CA THR E 544 -60.68 -42.89 -2.83
C THR E 544 -60.51 -41.86 -1.72
N GLY E 545 -61.61 -41.43 -1.13
CA GLY E 545 -61.53 -40.48 -0.03
C GLY E 545 -61.76 -39.00 -0.34
N TYR E 546 -62.43 -38.70 -1.44
CA TYR E 546 -62.74 -37.32 -1.82
C TYR E 546 -63.95 -36.90 -1.02
N THR E 547 -64.18 -35.59 -0.92
CA THR E 547 -65.32 -35.08 -0.16
C THR E 547 -65.85 -33.80 -0.75
N GLY E 548 -65.41 -33.47 -1.95
CA GLY E 548 -65.86 -32.25 -2.60
C GLY E 548 -66.86 -32.46 -3.73
N GLY E 549 -67.42 -33.66 -3.83
CA GLY E 549 -68.36 -33.94 -4.89
C GLY E 549 -67.76 -34.76 -6.01
N ASP E 550 -68.06 -34.38 -7.26
CA ASP E 550 -67.56 -35.07 -8.45
C ASP E 550 -66.30 -34.39 -8.93
N VAL E 551 -65.62 -35.01 -9.88
CA VAL E 551 -64.41 -34.40 -10.38
C VAL E 551 -64.45 -34.37 -11.91
N VAL E 552 -65.48 -35.00 -12.46
CA VAL E 552 -65.74 -35.03 -13.90
C VAL E 552 -67.18 -34.56 -13.99
N ASN E 553 -67.38 -33.31 -14.37
CA ASN E 553 -68.71 -32.74 -14.42
C ASN E 553 -69.46 -32.74 -15.74
N HIS E 554 -68.73 -32.79 -16.85
CA HIS E 554 -69.37 -32.79 -18.15
C HIS E 554 -68.78 -33.81 -19.13
N GLY E 555 -69.30 -33.81 -20.35
CA GLY E 555 -68.84 -34.73 -21.38
C GLY E 555 -67.46 -34.50 -21.96
N THR E 556 -67.10 -35.35 -22.91
CA THR E 556 -65.80 -35.31 -23.56
C THR E 556 -65.59 -34.15 -24.53
N GLU E 557 -64.52 -33.40 -24.32
CA GLU E 557 -64.17 -32.28 -25.19
C GLU E 557 -64.35 -32.52 -26.70
N GLN E 558 -64.61 -33.77 -27.08
CA GLN E 558 -64.83 -34.12 -28.47
C GLN E 558 -66.27 -33.87 -28.85
N ASP E 559 -66.91 -33.00 -28.08
CA ASP E 559 -68.30 -32.62 -28.32
C ASP E 559 -68.40 -31.12 -28.08
N ASN E 560 -67.25 -30.55 -27.77
CA ASN E 560 -67.11 -29.12 -27.54
C ASN E 560 -67.03 -28.58 -28.95
N GLU E 561 -68.12 -28.77 -29.69
CA GLU E 561 -68.23 -28.34 -31.07
C GLU E 561 -68.12 -26.82 -31.21
N GLU E 562 -68.83 -26.11 -30.34
CA GLU E 562 -68.83 -24.65 -30.32
C GLU E 562 -67.46 -23.98 -30.13
N PHE E 563 -66.86 -24.17 -28.95
CA PHE E 563 -65.56 -23.54 -28.63
C PHE E 563 -64.43 -24.54 -28.45
N PRO E 564 -64.23 -25.44 -29.41
CA PRO E 564 -63.16 -26.43 -29.30
C PRO E 564 -61.79 -25.88 -28.96
N GLU E 565 -61.12 -26.52 -27.99
CA GLU E 565 -59.77 -26.12 -27.59
C GLU E 565 -58.77 -27.19 -28.06
N LYS E 566 -57.60 -26.73 -28.47
CA LYS E 566 -56.54 -27.62 -28.95
C LYS E 566 -55.37 -27.71 -27.99
N ASP E 567 -55.32 -28.77 -27.19
CA ASP E 567 -54.21 -28.91 -26.26
C ASP E 567 -53.11 -29.76 -26.86
N ASN E 568 -51.86 -29.43 -26.53
CA ASN E 568 -50.73 -30.18 -27.03
C ASN E 568 -50.68 -31.49 -26.24
N GLU E 569 -50.18 -31.42 -25.01
CA GLU E 569 -50.08 -32.59 -24.15
C GLU E 569 -51.45 -33.16 -23.76
N ILE E 570 -51.58 -34.48 -23.82
CA ILE E 570 -52.83 -35.16 -23.47
C ILE E 570 -52.52 -36.42 -22.66
N PHE E 571 -52.90 -36.42 -21.39
CA PHE E 571 -52.69 -37.57 -20.50
C PHE E 571 -53.69 -38.66 -20.88
N ILE E 572 -53.24 -39.91 -20.85
CA ILE E 572 -54.12 -41.02 -21.18
C ILE E 572 -53.97 -42.10 -20.14
N ILE E 573 -54.93 -43.01 -20.09
CA ILE E 573 -54.92 -44.11 -19.13
C ILE E 573 -55.46 -45.27 -19.93
N ASN E 574 -54.55 -46.06 -20.51
CA ASN E 574 -54.95 -47.18 -21.36
C ASN E 574 -55.78 -48.24 -20.67
N PRO E 575 -56.22 -49.23 -21.43
CA PRO E 575 -57.03 -50.28 -20.84
C PRO E 575 -56.22 -51.18 -19.88
N GLU E 576 -54.91 -51.34 -20.14
CA GLU E 576 -54.02 -52.14 -19.29
C GLU E 576 -53.82 -51.43 -17.95
N GLY E 577 -53.78 -50.09 -17.99
CA GLY E 577 -53.60 -49.34 -16.75
C GLY E 577 -52.32 -48.55 -16.66
N GLU E 578 -51.65 -48.35 -17.80
CA GLU E 578 -50.41 -47.58 -17.83
C GLU E 578 -50.78 -46.08 -17.92
N PHE E 579 -49.80 -45.19 -17.88
CA PHE E 579 -50.09 -43.76 -18.02
C PHE E 579 -49.27 -43.22 -19.18
N ILE E 580 -49.91 -42.51 -20.09
CA ILE E 580 -49.23 -41.97 -21.25
C ILE E 580 -49.62 -40.52 -21.48
N LEU E 581 -48.67 -39.71 -21.91
CA LEU E 581 -48.94 -38.32 -22.14
C LEU E 581 -48.35 -37.84 -23.45
N THR E 582 -49.13 -37.83 -24.51
CA THR E 582 -48.62 -37.35 -25.79
C THR E 582 -47.98 -35.98 -25.56
N LYS E 583 -47.30 -35.47 -26.58
CA LYS E 583 -46.65 -34.15 -26.47
C LYS E 583 -47.18 -33.25 -27.58
N ASN E 584 -47.74 -33.85 -28.62
CA ASN E 584 -48.23 -33.08 -29.76
C ASN E 584 -49.67 -33.33 -30.19
N TRP E 585 -50.22 -32.33 -30.86
CA TRP E 585 -51.58 -32.46 -31.36
C TRP E 585 -51.48 -33.56 -32.38
N GLU E 586 -50.27 -33.69 -32.91
CA GLU E 586 -49.99 -34.70 -33.92
C GLU E 586 -49.89 -36.03 -33.19
N MET E 587 -48.85 -36.16 -32.38
CA MET E 587 -48.63 -37.39 -31.64
C MET E 587 -49.96 -38.00 -31.21
N THR E 588 -50.79 -37.18 -30.58
CA THR E 588 -52.08 -37.65 -30.10
C THR E 588 -52.88 -38.25 -31.22
N GLY E 589 -53.04 -37.47 -32.28
CA GLY E 589 -53.80 -37.93 -33.42
C GLY E 589 -53.17 -39.17 -34.01
N ARG E 590 -51.94 -39.45 -33.57
CA ARG E 590 -51.15 -40.60 -34.02
C ARG E 590 -51.22 -41.72 -33.00
N PHE E 591 -50.98 -41.41 -31.73
CA PHE E 591 -51.04 -42.44 -30.71
C PHE E 591 -52.41 -43.05 -30.72
N ILE E 592 -53.37 -42.29 -31.24
CA ILE E 592 -54.76 -42.75 -31.31
C ILE E 592 -55.05 -43.57 -32.55
N GLU E 593 -54.39 -43.26 -33.67
CA GLU E 593 -54.61 -44.04 -34.89
C GLU E 593 -54.09 -45.44 -34.55
N LYS E 594 -52.93 -45.45 -33.91
CA LYS E 594 -52.23 -46.68 -33.56
C LYS E 594 -52.84 -47.55 -32.47
N ASN E 595 -53.46 -46.97 -31.47
CA ASN E 595 -54.00 -47.83 -30.43
C ASN E 595 -55.50 -47.78 -30.31
N ILE E 596 -56.07 -46.60 -30.32
CA ILE E 596 -57.51 -46.49 -30.19
C ILE E 596 -58.24 -46.75 -31.50
N THR E 597 -57.91 -45.98 -32.54
CA THR E 597 -58.55 -46.12 -33.85
C THR E 597 -58.51 -47.55 -34.42
N GLY E 598 -57.38 -47.90 -35.03
CA GLY E 598 -57.24 -49.21 -35.65
C GLY E 598 -56.91 -50.35 -34.71
N LYS E 599 -57.72 -50.48 -33.51
CA LYS E 599 -57.50 -51.59 -32.53
C LYS E 599 -58.75 -52.08 -31.77
N ASP E 600 -59.85 -52.16 -32.51
CA ASP E 600 -61.13 -52.62 -31.99
C ASP E 600 -61.76 -51.74 -30.92
N TYR E 601 -61.26 -50.52 -30.78
CA TYR E 601 -61.84 -49.61 -29.81
C TYR E 601 -62.68 -48.58 -30.57
N LEU E 602 -63.71 -48.10 -30.02
CA LEU E 602 -64.58 -47.13 -30.65
C LEU E 602 -64.29 -45.72 -30.26
N TYR E 603 -63.87 -44.91 -31.23
CA TYR E 603 -63.55 -43.51 -30.98
C TYR E 603 -64.15 -42.69 -32.11
N TYR E 604 -64.52 -41.45 -31.80
CA TYR E 604 -65.09 -40.53 -32.79
C TYR E 604 -64.47 -39.18 -32.46
N PHE E 605 -64.22 -38.37 -33.48
CA PHE E 605 -63.59 -37.09 -33.22
C PHE E 605 -64.49 -35.89 -33.49
N ASN E 606 -64.19 -34.79 -32.79
CA ASN E 606 -64.93 -33.55 -32.83
C ASN E 606 -65.50 -33.13 -34.16
N ARG E 607 -66.82 -33.06 -34.21
CA ARG E 607 -67.51 -32.70 -35.44
C ARG E 607 -67.03 -31.38 -36.02
N SER E 608 -66.28 -30.61 -35.25
CA SER E 608 -65.81 -29.32 -35.75
C SER E 608 -64.40 -29.32 -36.27
N TYR E 609 -63.76 -30.48 -36.27
CA TYR E 609 -62.40 -30.53 -36.78
C TYR E 609 -62.41 -30.45 -38.30
N ASN E 610 -61.43 -29.72 -38.81
CA ASN E 610 -61.27 -29.50 -40.24
C ASN E 610 -62.41 -28.64 -40.76
N LYS E 611 -62.90 -27.77 -39.87
CA LYS E 611 -63.94 -26.81 -40.17
C LYS E 611 -63.68 -25.66 -39.23
N ILE E 612 -64.38 -24.55 -39.42
CA ILE E 612 -64.18 -23.41 -38.54
C ILE E 612 -65.26 -23.47 -37.48
N ALA E 613 -64.81 -23.48 -36.24
CA ALA E 613 -65.71 -23.60 -35.12
C ALA E 613 -66.46 -22.30 -34.82
N PRO E 614 -67.76 -22.27 -35.14
CA PRO E 614 -68.61 -21.09 -34.92
C PRO E 614 -68.18 -20.26 -33.72
N GLY E 615 -68.42 -20.80 -32.53
CA GLY E 615 -68.09 -20.10 -31.31
C GLY E 615 -66.83 -19.25 -31.29
N ASN E 616 -65.69 -19.89 -31.41
CA ASN E 616 -64.41 -19.19 -31.36
C ASN E 616 -63.78 -19.08 -32.73
N LYS E 617 -64.56 -19.40 -33.76
CA LYS E 617 -64.07 -19.32 -35.13
C LYS E 617 -62.66 -19.92 -35.25
N ALA E 618 -62.48 -21.13 -34.71
CA ALA E 618 -61.18 -21.80 -34.73
C ALA E 618 -61.09 -23.01 -35.66
N TYR E 619 -59.91 -23.21 -36.21
CA TYR E 619 -59.64 -24.29 -37.14
C TYR E 619 -58.66 -25.28 -36.53
N ILE E 620 -59.16 -26.44 -36.13
CA ILE E 620 -58.32 -27.48 -35.55
C ILE E 620 -58.35 -28.68 -36.50
N GLU E 621 -57.19 -29.02 -37.07
CA GLU E 621 -57.04 -30.14 -38.02
C GLU E 621 -56.90 -31.53 -37.39
N TRP E 622 -57.48 -32.54 -38.05
CA TRP E 622 -57.45 -33.92 -37.56
C TRP E 622 -57.57 -34.82 -38.77
N THR E 623 -56.64 -35.77 -38.93
CA THR E 623 -56.67 -36.66 -40.09
C THR E 623 -57.99 -37.39 -40.20
N ASP E 624 -58.73 -37.10 -41.26
CA ASP E 624 -60.02 -37.74 -41.47
C ASP E 624 -59.88 -38.64 -42.68
N PRO E 625 -60.09 -39.94 -42.50
CA PRO E 625 -59.99 -40.89 -43.59
C PRO E 625 -60.86 -40.54 -44.79
N ILE E 626 -62.16 -40.44 -44.56
CA ILE E 626 -63.07 -40.14 -45.65
C ILE E 626 -62.54 -39.09 -46.59
N THR E 627 -62.12 -37.97 -46.03
CA THR E 627 -61.61 -36.86 -46.82
C THR E 627 -60.32 -37.23 -47.58
N LYS E 628 -59.61 -38.22 -47.04
CA LYS E 628 -58.35 -38.70 -47.63
C LYS E 628 -58.59 -39.47 -48.94
N ALA E 629 -59.86 -39.57 -49.35
CA ALA E 629 -60.22 -40.30 -50.56
C ALA E 629 -61.21 -39.54 -51.40
N LYS E 630 -61.41 -38.28 -51.08
CA LYS E 630 -62.33 -37.46 -51.85
C LYS E 630 -61.64 -37.28 -53.20
N ILE E 631 -60.33 -37.06 -53.14
CA ILE E 631 -59.48 -36.86 -54.31
C ILE E 631 -59.79 -37.76 -55.47
N ASN E 632 -60.23 -38.98 -55.18
CA ASN E 632 -60.54 -39.93 -56.24
C ASN E 632 -61.99 -40.36 -56.22
N THR E 633 -62.91 -39.39 -56.15
CA THR E 633 -64.35 -39.71 -56.11
C THR E 633 -65.27 -38.80 -56.92
N ILE E 634 -66.13 -39.41 -57.72
CA ILE E 634 -67.05 -38.60 -58.50
C ILE E 634 -68.13 -37.99 -57.61
N PRO E 635 -68.00 -36.69 -57.27
CA PRO E 635 -68.96 -36.01 -56.40
C PRO E 635 -70.36 -36.51 -56.56
N THR E 636 -71.18 -36.21 -55.58
CA THR E 636 -72.58 -36.62 -55.55
C THR E 636 -73.49 -35.57 -56.14
N SER E 637 -74.67 -35.96 -56.59
CA SER E 637 -75.57 -34.97 -57.15
C SER E 637 -75.63 -33.83 -56.16
N ALA E 638 -76.11 -34.17 -54.97
CA ALA E 638 -76.28 -33.24 -53.87
C ALA E 638 -75.00 -32.58 -53.33
N GLU E 639 -73.87 -33.27 -53.41
CA GLU E 639 -72.67 -32.64 -52.91
C GLU E 639 -72.31 -31.56 -53.90
N PHE E 640 -72.72 -31.78 -55.14
CA PHE E 640 -72.44 -30.85 -56.23
C PHE E 640 -73.31 -29.63 -56.07
N ILE E 641 -74.61 -29.83 -56.07
CA ILE E 641 -75.50 -28.71 -55.88
C ILE E 641 -75.09 -27.89 -54.66
N LYS E 642 -74.81 -28.57 -53.56
CA LYS E 642 -74.38 -27.90 -52.34
C LYS E 642 -73.23 -26.93 -52.62
N ASN E 643 -72.21 -27.41 -53.34
CA ASN E 643 -71.03 -26.62 -53.69
C ASN E 643 -71.38 -25.33 -54.44
N LEU E 644 -72.30 -25.44 -55.38
CA LEU E 644 -72.73 -24.29 -56.14
C LEU E 644 -73.36 -23.31 -55.16
N SER E 645 -74.35 -23.79 -54.43
CA SER E 645 -75.02 -22.99 -53.42
C SER E 645 -73.96 -22.13 -52.71
N SER E 646 -72.98 -22.81 -52.12
CA SER E 646 -71.90 -22.17 -51.40
C SER E 646 -71.35 -20.96 -52.14
N ILE E 647 -70.75 -21.21 -53.30
CA ILE E 647 -70.14 -20.15 -54.11
C ILE E 647 -71.12 -19.00 -54.45
N ARG E 648 -72.39 -19.34 -54.61
CA ARG E 648 -73.39 -18.33 -54.91
C ARG E 648 -73.38 -17.37 -53.72
N ARG E 649 -73.21 -17.90 -52.48
CA ARG E 649 -73.29 -16.98 -51.35
C ARG E 649 -72.04 -16.04 -51.27
N SER E 650 -70.98 -16.30 -52.10
CA SER E 650 -69.62 -15.63 -52.03
C SER E 650 -69.18 -14.77 -53.23
N SER E 651 -68.89 -15.37 -54.35
CA SER E 651 -68.92 -14.43 -55.45
C SER E 651 -70.47 -14.32 -55.34
N ASN E 652 -71.07 -13.17 -55.47
CA ASN E 652 -72.53 -13.12 -55.39
C ASN E 652 -73.05 -13.27 -56.83
N VAL E 653 -72.65 -14.36 -57.48
CA VAL E 653 -72.94 -14.59 -58.89
C VAL E 653 -73.07 -16.11 -59.00
N GLY E 654 -74.32 -16.53 -59.45
CA GLY E 654 -74.55 -17.96 -59.59
C GLY E 654 -74.07 -18.56 -60.89
N VAL E 655 -73.87 -19.88 -60.91
CA VAL E 655 -73.38 -20.56 -62.11
C VAL E 655 -74.14 -20.06 -63.31
N TYR E 656 -75.35 -19.60 -63.11
CA TYR E 656 -76.15 -19.09 -64.20
C TYR E 656 -77.08 -18.03 -63.66
N LYS E 657 -77.17 -16.91 -64.37
CA LYS E 657 -78.01 -15.82 -63.90
C LYS E 657 -79.45 -16.01 -64.32
N ASP E 658 -80.35 -15.37 -63.59
CA ASP E 658 -81.77 -15.43 -63.90
C ASP E 658 -82.02 -14.30 -64.90
N SER E 659 -81.70 -14.54 -66.16
CA SER E 659 -81.86 -13.52 -67.20
C SER E 659 -82.53 -14.13 -68.42
N GLY E 660 -82.51 -13.40 -69.53
CA GLY E 660 -83.14 -13.90 -70.73
C GLY E 660 -82.15 -14.42 -71.76
N ASP E 661 -80.86 -14.24 -71.50
CA ASP E 661 -79.81 -14.68 -72.42
C ASP E 661 -79.92 -16.17 -72.66
N LYS E 662 -80.11 -16.58 -73.90
CA LYS E 662 -80.23 -18.00 -74.21
C LYS E 662 -78.90 -18.69 -74.04
N ASP E 663 -77.92 -17.95 -73.54
CA ASP E 663 -76.58 -18.49 -73.30
C ASP E 663 -76.54 -18.98 -71.87
N GLU E 664 -77.23 -18.24 -71.00
CA GLU E 664 -77.32 -18.53 -69.58
C GLU E 664 -78.03 -19.86 -69.38
N PHE E 665 -79.29 -19.89 -69.74
CA PHE E 665 -80.09 -21.10 -69.67
C PHE E 665 -79.27 -22.31 -70.17
N ALA E 666 -78.52 -22.12 -71.25
CA ALA E 666 -77.70 -23.19 -71.77
C ALA E 666 -76.83 -23.69 -70.64
N LYS E 667 -76.19 -22.75 -69.94
CA LYS E 667 -75.37 -23.12 -68.82
C LYS E 667 -76.26 -23.78 -67.79
N LYS E 668 -77.42 -23.20 -67.54
CA LYS E 668 -78.32 -23.83 -66.58
C LYS E 668 -78.51 -25.28 -67.03
N GLU E 669 -79.31 -25.47 -68.07
CA GLU E 669 -79.60 -26.80 -68.59
C GLU E 669 -78.40 -27.71 -68.48
N SER E 670 -77.22 -27.15 -68.65
CA SER E 670 -76.03 -27.97 -68.60
C SER E 670 -75.58 -28.43 -67.22
N VAL E 671 -75.87 -27.67 -66.18
CA VAL E 671 -75.49 -28.12 -64.84
C VAL E 671 -76.52 -29.17 -64.47
N LYS E 672 -77.77 -28.88 -64.76
CA LYS E 672 -78.82 -29.82 -64.47
C LYS E 672 -78.37 -31.12 -65.12
N LYS E 673 -77.74 -30.98 -66.27
CA LYS E 673 -77.26 -32.15 -67.00
C LYS E 673 -76.19 -32.94 -66.22
N ILE E 674 -75.34 -32.24 -65.48
CA ILE E 674 -74.32 -32.91 -64.69
C ILE E 674 -75.00 -33.45 -63.42
N ALA E 675 -75.89 -32.65 -62.87
CA ALA E 675 -76.62 -33.02 -61.68
C ALA E 675 -77.39 -34.27 -61.97
N GLY E 676 -77.40 -34.64 -63.24
CA GLY E 676 -78.10 -35.85 -63.64
C GLY E 676 -77.13 -37.00 -63.61
N TYR E 677 -76.14 -36.93 -64.50
CA TYR E 677 -75.12 -37.96 -64.58
C TYR E 677 -74.63 -38.26 -63.18
N LEU E 678 -74.06 -37.24 -62.52
CA LEU E 678 -73.54 -37.41 -61.19
C LEU E 678 -74.35 -38.32 -60.30
N SER E 679 -75.67 -38.19 -60.29
CA SER E 679 -76.44 -39.06 -59.44
C SER E 679 -76.65 -40.40 -60.14
N ASP E 680 -76.68 -40.38 -61.47
CA ASP E 680 -76.85 -41.61 -62.23
C ASP E 680 -75.71 -42.57 -61.89
N TYR E 681 -74.56 -42.00 -61.56
CA TYR E 681 -73.38 -42.78 -61.19
C TYR E 681 -73.75 -43.61 -59.98
N TYR E 682 -74.21 -42.94 -58.94
CA TYR E 682 -74.60 -43.60 -57.71
C TYR E 682 -76.05 -44.05 -57.73
N ASN E 683 -76.36 -45.00 -58.62
CA ASN E 683 -77.71 -45.56 -58.70
C ASN E 683 -77.64 -46.87 -57.93
N SER E 684 -78.55 -47.06 -56.99
CA SER E 684 -78.57 -48.27 -56.16
C SER E 684 -78.93 -49.56 -56.92
N ALA E 685 -79.52 -49.44 -58.10
CA ALA E 685 -79.90 -50.60 -58.89
C ALA E 685 -78.67 -51.20 -59.58
N ASN E 686 -77.48 -50.79 -59.17
CA ASN E 686 -76.25 -51.33 -59.74
C ASN E 686 -76.01 -52.71 -59.16
N HIS E 687 -76.89 -53.16 -58.28
CA HIS E 687 -76.70 -54.48 -57.66
C HIS E 687 -76.97 -55.62 -58.59
N ILE E 688 -77.89 -55.41 -59.54
CA ILE E 688 -78.23 -56.46 -60.48
C ILE E 688 -77.18 -56.68 -61.56
N PHE E 689 -76.03 -56.03 -61.45
CA PHE E 689 -74.97 -56.22 -62.44
C PHE E 689 -73.76 -56.85 -61.81
N SER E 690 -72.86 -57.34 -62.65
CA SER E 690 -71.64 -57.99 -62.17
C SER E 690 -70.46 -57.01 -62.07
N GLN E 691 -69.63 -57.19 -61.04
CA GLN E 691 -68.48 -56.30 -60.84
C GLN E 691 -67.93 -55.72 -62.15
N GLU E 692 -67.46 -56.58 -63.05
CA GLU E 692 -66.92 -56.14 -64.34
C GLU E 692 -67.73 -54.95 -64.86
N LYS E 693 -69.01 -55.21 -65.11
CA LYS E 693 -69.94 -54.21 -65.61
C LYS E 693 -69.91 -52.95 -64.77
N LYS E 694 -70.25 -53.11 -63.49
CA LYS E 694 -70.26 -51.98 -62.56
C LYS E 694 -69.19 -50.97 -62.97
N ARG E 695 -67.92 -51.35 -62.88
CA ARG E 695 -66.82 -50.46 -63.23
C ARG E 695 -67.04 -49.85 -64.60
N LYS E 696 -67.43 -50.69 -65.55
CA LYS E 696 -67.66 -50.21 -66.90
C LYS E 696 -68.82 -49.23 -66.92
N ILE E 697 -70.03 -49.75 -66.78
CA ILE E 697 -71.24 -48.93 -66.79
C ILE E 697 -71.11 -47.61 -66.03
N SER E 698 -70.17 -47.58 -65.09
CA SER E 698 -69.91 -46.39 -64.30
C SER E 698 -68.76 -45.57 -64.87
N ILE E 699 -67.65 -46.22 -65.20
CA ILE E 699 -66.52 -45.51 -65.80
C ILE E 699 -67.10 -44.63 -66.91
N PHE E 700 -68.21 -45.08 -67.48
CA PHE E 700 -68.85 -44.32 -68.54
C PHE E 700 -69.68 -43.22 -67.91
N ARG E 701 -70.64 -43.64 -67.07
CA ARG E 701 -71.53 -42.73 -66.36
C ARG E 701 -70.73 -41.50 -65.97
N GLY E 702 -69.62 -41.75 -65.29
CA GLY E 702 -68.75 -40.69 -64.86
C GLY E 702 -68.20 -39.92 -66.03
N ILE E 703 -67.76 -40.65 -67.05
CA ILE E 703 -67.18 -40.03 -68.24
C ILE E 703 -68.13 -39.01 -68.87
N GLN E 704 -69.40 -39.38 -68.93
CA GLN E 704 -70.42 -38.50 -69.49
C GLN E 704 -70.39 -37.21 -68.70
N ALA E 705 -70.27 -37.36 -67.39
CA ALA E 705 -70.23 -36.20 -66.51
C ALA E 705 -69.06 -35.31 -66.89
N TYR E 706 -67.86 -35.88 -66.94
CA TYR E 706 -66.66 -35.13 -67.32
C TYR E 706 -66.96 -34.35 -68.57
N ASN E 707 -67.62 -35.02 -69.52
CA ASN E 707 -67.96 -34.36 -70.75
C ASN E 707 -68.64 -33.01 -70.44
N GLU E 708 -69.94 -33.02 -70.19
CA GLU E 708 -70.68 -31.81 -69.91
C GLU E 708 -69.96 -30.78 -69.05
N ILE E 709 -69.12 -31.24 -68.13
CA ILE E 709 -68.37 -30.29 -67.34
C ILE E 709 -67.58 -29.55 -68.42
N GLU E 710 -66.65 -30.28 -69.05
CA GLU E 710 -65.80 -29.79 -70.14
C GLU E 710 -66.56 -28.79 -70.97
N ASN E 711 -67.75 -29.18 -71.38
CA ASN E 711 -68.62 -28.34 -72.16
C ASN E 711 -68.72 -26.96 -71.52
N VAL E 712 -69.52 -26.85 -70.47
CA VAL E 712 -69.70 -25.58 -69.78
C VAL E 712 -68.41 -24.79 -69.67
N LEU E 713 -67.40 -25.40 -69.06
CA LEU E 713 -66.07 -24.80 -68.85
C LEU E 713 -65.50 -24.15 -70.12
N LYS E 714 -66.11 -24.49 -71.24
CA LYS E 714 -65.76 -23.96 -72.56
C LYS E 714 -67.05 -23.33 -73.03
N SER E 715 -67.46 -22.45 -72.22
CA SER E 715 -68.72 -21.81 -72.57
C SER E 715 -68.62 -20.29 -72.47
N LYS E 716 -69.75 -19.64 -72.23
CA LYS E 716 -69.72 -18.19 -72.05
C LYS E 716 -69.07 -17.87 -70.72
N GLN E 717 -69.16 -16.62 -70.31
CA GLN E 717 -68.53 -16.18 -69.09
C GLN E 717 -69.09 -16.81 -67.83
N ILE E 718 -68.37 -17.61 -67.26
CA ILE E 718 -68.67 -18.31 -66.02
C ILE E 718 -67.63 -17.79 -65.06
N ALA E 719 -68.07 -17.04 -64.07
CA ALA E 719 -67.17 -16.46 -63.10
C ALA E 719 -65.98 -17.36 -62.85
N PRO E 720 -64.79 -16.77 -62.77
CA PRO E 720 -63.55 -17.50 -62.53
C PRO E 720 -63.51 -18.21 -61.18
N GLU E 721 -64.60 -18.12 -60.41
CA GLU E 721 -64.64 -18.77 -59.10
C GLU E 721 -65.19 -20.18 -59.33
N TYR E 722 -66.02 -20.32 -60.37
CA TYR E 722 -66.59 -21.61 -60.73
C TYR E 722 -65.62 -22.27 -61.67
N LYS E 723 -65.07 -21.44 -62.55
CA LYS E 723 -64.09 -21.90 -63.52
C LYS E 723 -63.19 -22.86 -62.78
N ASN E 724 -62.74 -22.43 -61.60
CA ASN E 724 -61.85 -23.23 -60.76
C ASN E 724 -62.56 -24.46 -60.18
N TYR E 725 -63.66 -24.26 -59.43
CA TYR E 725 -64.39 -25.40 -58.86
C TYR E 725 -64.54 -26.45 -59.93
N PHE E 726 -65.22 -26.09 -61.02
CA PHE E 726 -65.41 -27.00 -62.12
C PHE E 726 -64.09 -27.65 -62.53
N GLN E 727 -63.00 -26.89 -62.44
CA GLN E 727 -61.70 -27.46 -62.79
C GLN E 727 -61.36 -28.57 -61.79
N TYR E 728 -61.61 -28.28 -60.52
CA TYR E 728 -61.36 -29.22 -59.44
C TYR E 728 -62.21 -30.49 -59.66
N LEU E 729 -63.46 -30.31 -60.03
CA LEU E 729 -64.33 -31.45 -60.28
C LEU E 729 -63.72 -32.38 -61.30
N LYS E 730 -63.06 -31.80 -62.31
CA LYS E 730 -62.46 -32.63 -63.33
C LYS E 730 -61.45 -33.56 -62.72
N GLU E 731 -60.38 -32.99 -62.17
CA GLU E 731 -59.35 -33.82 -61.57
C GLU E 731 -59.97 -35.01 -60.88
N ARG E 732 -61.06 -34.76 -60.16
CA ARG E 732 -61.76 -35.83 -59.45
C ARG E 732 -62.25 -36.90 -60.41
N ILE E 733 -63.31 -36.59 -61.15
CA ILE E 733 -63.90 -37.50 -62.12
C ILE E 733 -62.79 -38.27 -62.80
N THR E 734 -61.78 -37.54 -63.25
CA THR E 734 -60.64 -38.19 -63.86
C THR E 734 -60.18 -39.25 -62.88
N ASN E 735 -59.55 -38.82 -61.79
CA ASN E 735 -59.03 -39.72 -60.77
C ASN E 735 -59.88 -40.95 -60.51
N GLN E 736 -61.17 -40.73 -60.28
CA GLN E 736 -62.14 -41.81 -59.99
C GLN E 736 -62.24 -42.80 -61.11
N VAL E 737 -62.18 -42.30 -62.34
CA VAL E 737 -62.26 -43.18 -63.49
C VAL E 737 -60.95 -43.92 -63.68
N GLN E 738 -59.84 -43.31 -63.28
CA GLN E 738 -58.56 -43.99 -63.41
C GLN E 738 -58.54 -45.15 -62.43
N LEU E 739 -59.15 -44.93 -61.25
CA LEU E 739 -59.21 -45.97 -60.23
C LEU E 739 -60.08 -47.12 -60.71
N LEU E 740 -61.18 -46.77 -61.39
CA LEU E 740 -62.08 -47.79 -61.91
C LEU E 740 -61.45 -48.51 -63.09
N LEU E 741 -60.16 -48.18 -63.35
CA LEU E 741 -59.44 -48.81 -64.43
C LEU E 741 -58.41 -49.74 -63.82
N THR E 742 -57.57 -49.24 -62.92
CA THR E 742 -56.55 -50.12 -62.28
C THR E 742 -57.23 -51.23 -61.52
N HIS E 743 -58.49 -51.32 -61.64
CA HIS E 743 -58.99 -52.44 -60.95
C HIS E 743 -59.17 -53.58 -61.99
N GLN E 744 -59.23 -53.21 -63.28
CA GLN E 744 -59.49 -54.11 -64.40
C GLN E 744 -58.34 -54.40 -65.34
N LYS E 745 -58.22 -53.56 -66.35
CA LYS E 745 -57.10 -53.69 -67.27
C LYS E 745 -56.10 -52.57 -66.89
N SER E 746 -54.86 -52.68 -67.31
CA SER E 746 -53.83 -51.74 -66.83
C SER E 746 -53.16 -50.71 -67.71
N ASN E 747 -53.16 -50.76 -69.02
CA ASN E 747 -52.36 -49.76 -69.72
C ASN E 747 -53.12 -48.50 -70.10
N ILE E 748 -54.39 -48.78 -70.27
CA ILE E 748 -55.38 -47.81 -70.63
C ILE E 748 -55.31 -46.59 -69.73
N GLU E 749 -55.18 -45.40 -70.33
CA GLU E 749 -55.13 -44.17 -69.55
C GLU E 749 -56.38 -43.34 -69.80
N PHE E 750 -56.82 -42.42 -68.93
CA PHE E 750 -58.02 -41.59 -69.08
C PHE E 750 -57.88 -40.70 -70.30
N LYS E 751 -57.07 -39.65 -70.17
CA LYS E 751 -56.83 -38.68 -71.24
C LYS E 751 -57.04 -39.28 -72.62
N LEU E 752 -56.53 -40.48 -72.82
CA LEU E 752 -56.65 -41.20 -74.08
C LEU E 752 -58.06 -41.72 -74.32
N LEU E 753 -58.48 -42.70 -73.51
CA LEU E 753 -59.80 -43.32 -73.60
C LEU E 753 -60.84 -42.29 -73.95
N TYR E 754 -60.73 -41.13 -73.33
CA TYR E 754 -61.66 -40.03 -73.56
C TYR E 754 -61.49 -39.52 -74.99
N LYS E 755 -60.27 -39.14 -75.34
CA LYS E 755 -59.97 -38.66 -76.67
C LYS E 755 -60.72 -39.50 -77.72
N GLN E 756 -60.57 -40.82 -77.59
CA GLN E 756 -61.17 -41.80 -78.50
C GLN E 756 -62.70 -41.90 -78.62
N LEU E 757 -63.45 -41.01 -77.98
CA LEU E 757 -64.91 -41.07 -78.10
C LEU E 757 -65.43 -39.99 -79.02
N ASN E 758 -66.75 -39.96 -79.19
CA ASN E 758 -67.43 -38.98 -80.03
C ASN E 758 -68.78 -38.61 -79.40
N PHE E 759 -68.80 -37.51 -78.64
CA PHE E 759 -70.04 -37.07 -77.99
C PHE E 759 -70.73 -35.99 -78.80
N THR E 760 -70.65 -36.10 -80.12
CA THR E 760 -71.26 -35.14 -81.04
C THR E 760 -72.78 -35.18 -81.06
N GLU E 761 -73.36 -36.15 -81.77
CA GLU E 761 -74.81 -36.25 -81.87
C GLU E 761 -75.34 -37.52 -81.24
N ASN E 762 -74.54 -38.72 -81.46
CA ASN E 762 -74.98 -40.00 -80.93
C ASN E 762 -74.06 -40.61 -79.86
N GLU E 763 -74.74 -41.19 -78.83
CA GLU E 763 -74.17 -41.89 -77.67
C GLU E 763 -74.39 -43.38 -77.84
N THR E 764 -75.00 -43.71 -78.93
CA THR E 764 -75.31 -45.09 -79.27
C THR E 764 -74.12 -46.05 -79.17
N ASP E 765 -73.43 -46.19 -80.31
CA ASP E 765 -72.27 -47.07 -80.39
C ASP E 765 -71.10 -46.51 -79.57
N ASN E 766 -71.18 -45.23 -79.23
CA ASN E 766 -70.16 -44.59 -78.41
C ASN E 766 -69.82 -45.47 -77.26
N PHE E 767 -70.86 -46.05 -76.67
CA PHE E 767 -70.69 -46.94 -75.53
C PHE E 767 -70.13 -48.29 -75.96
N GLU E 768 -70.78 -48.79 -77.09
CA GLU E 768 -70.29 -50.07 -77.60
C GLU E 768 -68.82 -49.86 -77.89
N VAL E 769 -68.52 -48.71 -78.49
CA VAL E 769 -67.16 -48.37 -78.80
C VAL E 769 -66.38 -48.55 -77.53
N PHE E 770 -66.79 -47.79 -76.53
CA PHE E 770 -66.17 -47.83 -75.22
C PHE E 770 -65.84 -49.24 -74.75
N GLN E 771 -66.71 -50.20 -75.04
CA GLN E 771 -66.43 -51.58 -74.61
C GLN E 771 -65.13 -52.02 -75.25
N LYS E 772 -65.15 -52.10 -76.58
CA LYS E 772 -63.96 -52.51 -77.29
C LYS E 772 -62.78 -51.67 -76.84
N ILE E 773 -63.03 -50.40 -76.57
CA ILE E 773 -61.96 -49.51 -76.11
C ILE E 773 -61.30 -50.16 -74.89
N ILE E 774 -61.92 -51.23 -74.39
CA ILE E 774 -61.36 -51.96 -73.27
C ILE E 774 -61.19 -53.46 -73.59
N ASP E 775 -60.02 -53.78 -74.17
CA ASP E 775 -59.64 -55.15 -74.55
C ASP E 775 -58.15 -55.40 -74.30
N ASN F 41 -19.82 11.17 -88.79
CA ASN F 41 -18.56 11.40 -88.00
C ASN F 41 -17.29 11.04 -88.81
N ASN F 42 -16.94 11.87 -89.79
CA ASN F 42 -15.76 11.63 -90.62
C ASN F 42 -14.48 11.66 -89.79
N LEU F 43 -13.88 10.48 -89.60
CA LEU F 43 -12.67 10.33 -88.80
C LEU F 43 -11.43 11.03 -89.32
N VAL F 44 -11.24 10.97 -90.62
CA VAL F 44 -10.08 11.60 -91.21
C VAL F 44 -10.28 13.08 -91.41
N LYS F 45 -9.23 13.84 -91.17
CA LYS F 45 -9.27 15.28 -91.33
C LYS F 45 -7.94 15.72 -91.95
N THR F 46 -8.02 16.29 -93.16
CA THR F 46 -6.86 16.81 -93.88
C THR F 46 -6.91 18.33 -93.78
N GLU F 47 -6.00 18.91 -93.02
CA GLU F 47 -6.02 20.35 -92.82
C GLU F 47 -5.50 21.12 -94.03
N PHE F 48 -4.60 20.51 -94.79
CA PHE F 48 -4.08 21.22 -95.94
C PHE F 48 -4.04 20.42 -97.24
N THR F 49 -4.76 20.94 -98.24
CA THR F 49 -4.83 20.34 -99.59
C THR F 49 -3.69 20.96 -100.39
N ASN F 50 -2.62 21.30 -99.67
CA ASN F 50 -1.40 21.91 -100.22
C ASN F 50 -0.69 20.98 -101.20
N GLU F 51 0.24 20.18 -100.68
CA GLU F 51 0.99 19.24 -101.49
C GLU F 51 0.10 18.59 -102.53
N THR F 52 0.71 18.04 -103.57
CA THR F 52 -0.06 17.40 -104.63
C THR F 52 -0.60 16.05 -104.22
N LEU F 53 -0.88 15.26 -105.23
CA LEU F 53 -1.40 13.92 -105.06
C LEU F 53 -0.31 13.07 -104.43
N ASP F 54 0.57 13.69 -103.66
CA ASP F 54 1.58 12.88 -103.01
C ASP F 54 1.43 12.91 -101.49
N LYS F 55 0.91 14.01 -100.96
CA LYS F 55 0.69 14.02 -99.52
C LYS F 55 -0.52 13.12 -99.44
N ILE F 56 -1.47 13.41 -100.32
CA ILE F 56 -2.71 12.67 -100.39
C ILE F 56 -2.45 11.19 -100.70
N GLN F 57 -1.85 10.91 -101.85
CA GLN F 57 -1.55 9.52 -102.23
C GLN F 57 -0.64 8.87 -101.22
N GLN F 58 -0.36 9.58 -100.12
CA GLN F 58 0.54 9.09 -99.07
C GLN F 58 -0.25 8.93 -97.78
N THR F 59 -1.17 9.85 -97.53
CA THR F 59 -1.99 9.76 -96.34
C THR F 59 -2.89 8.56 -96.60
N GLN F 60 -3.41 8.48 -97.82
CA GLN F 60 -4.25 7.35 -98.22
C GLN F 60 -3.47 6.07 -97.99
N ASP F 61 -2.50 5.80 -98.85
CA ASP F 61 -1.70 4.60 -98.70
C ASP F 61 -1.53 4.19 -97.23
N LEU F 62 -1.53 5.16 -96.34
CA LEU F 62 -1.38 4.84 -94.93
C LEU F 62 -2.66 4.20 -94.41
N LEU F 63 -3.71 4.99 -94.33
CA LEU F 63 -5.00 4.52 -93.84
C LEU F 63 -5.56 3.26 -94.49
N LYS F 64 -5.43 3.11 -95.80
CA LYS F 64 -6.00 1.94 -96.44
C LYS F 64 -5.37 0.64 -95.97
N LYS F 65 -4.28 0.74 -95.22
CA LYS F 65 -3.61 -0.44 -94.71
C LYS F 65 -4.11 -0.81 -93.31
N ILE F 66 -4.89 0.08 -92.70
CA ILE F 66 -5.45 -0.17 -91.37
C ILE F 66 -6.84 -0.74 -91.64
N PRO F 67 -7.26 -1.77 -90.89
CA PRO F 67 -8.59 -2.37 -91.12
C PRO F 67 -9.75 -1.40 -90.96
N LYS F 68 -10.61 -1.37 -91.97
CA LYS F 68 -11.76 -0.50 -91.98
C LYS F 68 -12.46 -0.45 -90.63
N ASP F 69 -12.09 -1.35 -89.74
CA ASP F 69 -12.70 -1.39 -88.41
C ASP F 69 -11.86 -0.73 -87.34
N VAL F 70 -10.58 -1.05 -87.29
CA VAL F 70 -9.70 -0.45 -86.30
C VAL F 70 -10.10 1.01 -86.24
N LEU F 71 -10.61 1.51 -87.38
CA LEU F 71 -11.05 2.89 -87.49
C LEU F 71 -12.46 3.02 -86.90
N GLU F 72 -13.40 2.28 -87.45
CA GLU F 72 -14.77 2.29 -86.97
C GLU F 72 -14.81 2.13 -85.45
N ILE F 73 -13.65 1.79 -84.87
CA ILE F 73 -13.53 1.61 -83.43
C ILE F 73 -13.06 2.95 -82.92
N TYR F 74 -12.05 3.47 -83.60
CA TYR F 74 -11.48 4.74 -83.26
C TYR F 74 -12.54 5.83 -83.42
N SER F 75 -13.40 5.68 -84.44
CA SER F 75 -14.43 6.68 -84.65
C SER F 75 -15.41 6.68 -83.49
N GLU F 76 -16.09 5.56 -83.30
CA GLU F 76 -17.06 5.43 -82.21
C GLU F 76 -16.42 5.90 -80.90
N LEU F 77 -15.12 5.67 -80.76
CA LEU F 77 -14.40 6.08 -79.57
C LEU F 77 -14.25 7.58 -79.58
N GLY F 78 -14.99 8.24 -80.46
CA GLY F 78 -14.94 9.68 -80.56
C GLY F 78 -13.61 10.23 -81.05
N GLY F 79 -12.73 9.34 -81.53
CA GLY F 79 -11.44 9.78 -82.03
C GLY F 79 -11.54 10.40 -83.41
N GLU F 80 -10.52 11.18 -83.77
CA GLU F 80 -10.48 11.85 -85.07
C GLU F 80 -9.00 11.84 -85.48
N ILE F 81 -8.69 11.51 -86.73
CA ILE F 81 -7.28 11.50 -87.13
C ILE F 81 -6.98 12.79 -87.84
N TYR F 82 -5.86 13.41 -87.46
CA TYR F 82 -5.48 14.68 -88.05
C TYR F 82 -4.32 14.63 -89.03
N PHE F 83 -4.65 14.87 -90.29
CA PHE F 83 -3.68 14.89 -91.36
C PHE F 83 -3.53 16.31 -91.85
N THR F 84 -2.55 17.02 -91.22
CA THR F 84 -2.38 18.39 -91.62
C THR F 84 -1.22 18.47 -92.61
N ASP F 85 -0.68 19.67 -92.75
CA ASP F 85 0.48 19.94 -93.57
C ASP F 85 1.65 19.77 -92.62
N ILE F 86 2.75 20.45 -92.87
CA ILE F 86 3.88 20.40 -92.00
C ILE F 86 3.59 21.29 -90.81
N ASP F 87 3.58 20.68 -89.68
CA ASP F 87 3.38 21.25 -88.40
C ASP F 87 4.16 20.27 -87.58
N LEU F 88 5.41 20.52 -87.41
CA LEU F 88 6.13 19.53 -86.68
C LEU F 88 5.83 19.60 -85.19
N VAL F 89 6.29 20.74 -84.66
CA VAL F 89 6.16 21.03 -83.24
C VAL F 89 4.75 21.41 -82.79
N GLU F 90 4.54 21.78 -81.48
CA GLU F 90 3.25 22.16 -80.91
C GLU F 90 2.67 23.36 -81.66
N HIS F 91 2.35 23.19 -82.93
CA HIS F 91 1.79 24.28 -83.72
C HIS F 91 0.40 23.90 -84.19
N LYS F 92 0.10 22.61 -84.13
CA LYS F 92 -1.21 22.13 -84.55
C LYS F 92 -2.27 22.75 -83.67
N GLU F 93 -3.37 23.16 -84.29
CA GLU F 93 -4.48 23.78 -83.58
C GLU F 93 -5.00 22.93 -82.42
N LEU F 94 -4.30 21.84 -82.13
CA LEU F 94 -4.70 20.97 -81.03
C LEU F 94 -3.48 20.52 -80.22
N GLN F 95 -2.29 20.93 -80.64
CA GLN F 95 -1.07 20.57 -79.93
C GLN F 95 -0.66 21.52 -78.79
N ASP F 96 -1.67 22.13 -78.17
CA ASP F 96 -1.45 23.06 -77.05
C ASP F 96 -1.51 22.30 -75.73
N LEU F 97 -1.86 23.00 -74.67
CA LEU F 97 -1.97 22.38 -73.34
C LEU F 97 -3.37 21.82 -73.11
N SER F 98 -3.43 20.56 -72.67
CA SER F 98 -4.68 19.88 -72.38
C SER F 98 -4.44 18.59 -71.58
N GLU F 99 -3.63 17.70 -72.16
CA GLU F 99 -3.28 16.42 -71.56
C GLU F 99 -2.05 15.91 -72.31
N GLU F 100 -0.95 16.66 -72.22
CA GLU F 100 0.29 16.33 -72.91
C GLU F 100 1.20 15.29 -72.25
N GLU F 101 2.50 15.58 -72.27
CA GLU F 101 3.55 14.73 -71.71
C GLU F 101 3.61 14.86 -70.18
N LYS F 102 3.51 13.72 -69.50
CA LYS F 102 3.57 13.68 -68.03
C LYS F 102 4.61 12.64 -67.56
N ASN F 103 4.59 11.43 -68.11
CA ASN F 103 5.51 10.33 -67.75
C ASN F 103 6.18 9.69 -69.01
N SER F 104 7.41 9.18 -68.91
CA SER F 104 8.14 8.86 -70.16
C SER F 104 7.99 7.54 -70.95
N MET F 105 7.01 6.71 -70.75
CA MET F 105 6.93 5.51 -71.60
C MET F 105 6.40 5.98 -72.98
N ASN F 106 7.29 6.04 -74.04
CA ASN F 106 6.98 6.79 -75.33
C ASN F 106 7.03 6.31 -76.78
N SER F 107 7.77 5.31 -77.14
CA SER F 107 7.64 4.89 -78.51
C SER F 107 7.99 3.42 -78.42
N ARG F 108 8.55 2.89 -79.48
CA ARG F 108 8.96 1.53 -79.52
C ARG F 108 10.28 1.38 -78.74
N GLY F 109 10.36 2.04 -77.62
CA GLY F 109 11.49 2.12 -76.71
C GLY F 109 11.15 3.45 -76.10
N GLU F 110 11.57 3.88 -74.96
CA GLU F 110 11.06 5.24 -74.64
C GLU F 110 12.10 6.31 -75.14
N LYS F 111 11.75 7.54 -75.31
CA LYS F 111 12.69 8.56 -75.77
C LYS F 111 11.87 9.78 -75.57
N VAL F 112 12.17 10.79 -74.89
CA VAL F 112 11.02 11.62 -74.97
C VAL F 112 11.36 12.89 -75.65
N PRO F 113 11.58 12.82 -76.93
CA PRO F 113 12.16 14.02 -77.53
C PRO F 113 11.16 14.73 -78.45
N PHE F 114 10.00 15.06 -77.89
CA PHE F 114 8.90 15.73 -78.59
C PHE F 114 9.26 16.51 -79.85
N ALA F 115 10.36 17.25 -79.80
CA ALA F 115 10.79 18.03 -80.96
C ALA F 115 11.08 17.10 -82.14
N SER F 116 11.18 15.80 -81.85
CA SER F 116 11.47 14.78 -82.87
C SER F 116 10.35 13.74 -83.03
N ARG F 117 9.16 14.21 -83.40
CA ARG F 117 8.00 13.34 -83.62
C ARG F 117 7.13 13.91 -84.73
N PHE F 118 6.34 13.02 -85.34
CA PHE F 118 5.45 13.38 -86.46
C PHE F 118 4.05 12.81 -86.29
N VAL F 119 3.88 12.01 -85.24
CA VAL F 119 2.62 11.38 -84.96
C VAL F 119 2.27 11.56 -83.48
N PHE F 120 1.05 11.98 -83.20
CA PHE F 120 0.67 12.16 -81.81
C PHE F 120 -0.80 11.91 -81.47
N GLU F 121 -0.99 11.42 -80.24
CA GLU F 121 -2.30 11.10 -79.70
C GLU F 121 -2.62 11.92 -78.44
N LYS F 122 -3.73 12.64 -78.48
CA LYS F 122 -4.19 13.47 -77.36
C LYS F 122 -5.01 12.54 -76.46
N LYS F 123 -4.30 11.80 -75.61
CA LYS F 123 -4.89 10.81 -74.74
C LYS F 123 -6.23 10.98 -74.03
N ARG F 124 -6.44 12.17 -73.48
CA ARG F 124 -7.56 12.10 -72.53
C ARG F 124 -9.05 12.01 -72.88
N GLU F 125 -9.77 12.70 -73.64
CA GLU F 125 -11.12 12.14 -73.47
C GLU F 125 -11.42 11.35 -74.71
N THR F 126 -11.38 12.16 -75.72
CA THR F 126 -11.54 11.77 -77.04
C THR F 126 -10.09 11.64 -77.54
N PRO F 127 -9.89 10.56 -78.27
CA PRO F 127 -8.58 10.40 -78.90
C PRO F 127 -8.41 11.23 -80.16
N LYS F 128 -7.27 11.90 -80.26
CA LYS F 128 -6.99 12.72 -81.40
C LYS F 128 -5.68 12.32 -82.03
N LEU F 129 -5.79 11.59 -83.13
CA LEU F 129 -4.59 11.16 -83.84
C LEU F 129 -4.18 12.36 -84.68
N ILE F 130 -2.94 12.80 -84.52
CA ILE F 130 -2.42 13.93 -85.29
C ILE F 130 -1.14 13.52 -86.01
N ILE F 131 -1.19 13.55 -87.35
CA ILE F 131 -0.04 13.18 -88.18
C ILE F 131 0.24 14.19 -89.28
N ASN F 132 1.52 14.30 -89.63
CA ASN F 132 2.01 15.21 -90.65
C ASN F 132 2.91 14.42 -91.59
N ILE F 133 3.24 14.96 -92.79
CA ILE F 133 4.11 14.31 -93.79
C ILE F 133 4.96 15.38 -94.53
N LYS F 134 6.28 15.11 -94.79
CA LYS F 134 7.27 16.12 -95.37
C LYS F 134 7.64 15.98 -96.84
N ASP F 135 8.50 15.09 -97.26
CA ASP F 135 8.54 15.02 -98.71
C ASP F 135 8.18 13.58 -99.03
N TYR F 136 8.64 13.01 -100.12
CA TYR F 136 8.25 11.63 -100.55
C TYR F 136 8.71 10.36 -99.75
N ALA F 137 8.81 10.14 -98.41
CA ALA F 137 9.43 8.77 -98.08
C ALA F 137 9.23 8.06 -96.72
N ILE F 138 8.45 6.93 -96.78
CA ILE F 138 7.98 6.07 -95.71
C ILE F 138 8.17 4.57 -96.06
N ASN F 139 8.24 4.33 -97.37
CA ASN F 139 8.35 2.95 -97.94
C ASN F 139 9.77 2.38 -98.05
N SER F 140 10.82 3.19 -97.92
CA SER F 140 12.19 2.67 -97.98
C SER F 140 12.53 2.12 -96.61
N GLU F 141 12.58 3.00 -95.61
CA GLU F 141 12.85 2.60 -94.24
C GLU F 141 11.49 2.73 -93.54
N GLN F 142 10.72 1.64 -93.62
CA GLN F 142 9.37 1.58 -93.04
C GLN F 142 9.38 1.72 -91.52
N SER F 143 10.53 1.46 -90.91
CA SER F 143 10.66 1.57 -89.46
C SER F 143 10.11 2.91 -89.00
N LYS F 144 9.80 3.78 -89.94
CA LYS F 144 9.27 5.11 -89.63
C LYS F 144 7.74 5.11 -89.58
N GLU F 145 7.13 4.17 -90.28
CA GLU F 145 5.67 4.10 -90.28
C GLU F 145 5.21 3.21 -89.13
N VAL F 146 6.03 2.22 -88.77
CA VAL F 146 5.70 1.29 -87.69
C VAL F 146 5.25 2.08 -86.49
N TYR F 147 5.49 3.38 -86.52
CA TYR F 147 5.09 4.24 -85.43
C TYR F 147 3.71 4.78 -85.66
N TYR F 148 3.47 5.41 -86.80
CA TYR F 148 2.15 5.91 -87.03
C TYR F 148 1.17 4.75 -86.84
N GLU F 149 1.71 3.53 -86.77
CA GLU F 149 0.86 2.35 -86.58
C GLU F 149 0.69 2.05 -85.09
N ILE F 150 1.80 1.98 -84.35
CA ILE F 150 1.68 1.72 -82.91
C ILE F 150 1.19 3.02 -82.28
N GLY F 151 1.87 4.11 -82.61
CA GLY F 151 1.52 5.42 -82.08
C GLY F 151 0.03 5.45 -81.96
N LYS F 152 -0.63 4.71 -82.83
CA LYS F 152 -2.07 4.60 -82.81
C LYS F 152 -2.42 3.69 -81.66
N GLY F 153 -2.24 2.39 -81.88
CA GLY F 153 -2.53 1.38 -80.87
C GLY F 153 -2.98 1.88 -79.50
N ILE F 154 -2.19 2.79 -78.92
CA ILE F 154 -2.52 3.36 -77.61
C ILE F 154 -3.84 4.14 -77.74
N SER F 155 -4.48 3.99 -78.88
CA SER F 155 -5.76 4.61 -79.16
C SER F 155 -6.82 3.58 -78.82
N LEU F 156 -6.46 2.29 -79.02
CA LEU F 156 -7.40 1.17 -78.77
C LEU F 156 -6.89 0.08 -77.85
N ASP F 157 -5.74 0.23 -77.25
CA ASP F 157 -5.27 -0.82 -76.37
C ASP F 157 -6.08 -0.84 -75.10
N ILE F 158 -5.72 0.18 -74.31
CA ILE F 158 -6.28 0.41 -73.00
C ILE F 158 -7.81 0.42 -73.03
N ILE F 159 -8.36 0.57 -74.22
CA ILE F 159 -9.81 0.59 -74.40
C ILE F 159 -10.15 -0.51 -75.39
N SER F 160 -9.12 -1.18 -75.89
CA SER F 160 -9.28 -2.25 -76.87
C SER F 160 -9.99 -3.45 -76.27
N LYS F 161 -9.20 -4.44 -75.88
CA LYS F 161 -9.69 -5.66 -75.27
C LYS F 161 -8.79 -5.85 -74.07
N ASP F 162 -7.57 -5.33 -74.24
CA ASP F 162 -6.58 -5.42 -73.21
C ASP F 162 -7.21 -5.05 -71.87
N LYS F 163 -8.05 -3.98 -71.93
CA LYS F 163 -8.74 -3.45 -70.73
C LYS F 163 -10.23 -2.99 -70.98
N SER F 164 -10.70 -2.94 -72.32
CA SER F 164 -12.06 -2.42 -72.86
C SER F 164 -13.36 -3.14 -72.36
N LEU F 165 -13.55 -4.44 -72.58
CA LEU F 165 -14.53 -5.02 -71.68
C LEU F 165 -13.50 -5.16 -70.57
N ASP F 166 -13.47 -6.05 -69.66
CA ASP F 166 -12.25 -5.87 -68.83
C ASP F 166 -11.16 -6.81 -69.34
N PRO F 167 -9.93 -6.83 -68.78
CA PRO F 167 -9.05 -7.86 -69.36
C PRO F 167 -9.93 -9.13 -69.42
N GLU F 168 -10.19 -9.77 -70.49
CA GLU F 168 -10.99 -10.96 -70.28
C GLU F 168 -10.00 -12.11 -70.46
N PHE F 169 -10.26 -13.23 -69.82
CA PHE F 169 -9.31 -14.31 -70.00
C PHE F 169 -8.69 -14.31 -71.42
N LEU F 170 -9.45 -13.88 -72.43
CA LEU F 170 -8.93 -13.86 -73.79
C LEU F 170 -7.50 -13.29 -73.76
N ASN F 171 -7.37 -12.01 -73.44
CA ASN F 171 -6.07 -11.39 -73.37
C ASN F 171 -5.29 -11.88 -72.17
N LEU F 172 -5.90 -11.79 -71.00
CA LEU F 172 -5.25 -12.23 -69.76
C LEU F 172 -4.50 -13.55 -69.94
N ILE F 173 -5.20 -14.57 -70.44
CA ILE F 173 -4.61 -15.88 -70.66
C ILE F 173 -3.54 -15.80 -71.76
N LYS F 174 -3.85 -15.06 -72.83
CA LYS F 174 -2.92 -14.88 -73.95
C LYS F 174 -1.63 -14.20 -73.46
N SER F 175 -1.71 -13.54 -72.30
CA SER F 175 -0.56 -12.87 -71.75
C SER F 175 0.25 -13.89 -70.96
N LEU F 176 -0.41 -14.71 -70.24
CA LEU F 176 0.22 -15.75 -69.43
C LEU F 176 1.31 -16.42 -70.24
N SER F 177 1.08 -16.53 -71.55
CA SER F 177 2.03 -17.12 -72.47
C SER F 177 3.26 -16.29 -72.47
N ASP F 178 3.61 -15.96 -71.27
CA ASP F 178 4.83 -15.32 -71.11
C ASP F 178 5.72 -16.44 -71.64
N ASP F 179 5.94 -17.50 -70.92
CA ASP F 179 6.89 -18.45 -71.49
C ASP F 179 6.52 -19.93 -71.36
N SER F 180 5.33 -20.23 -70.79
CA SER F 180 5.03 -21.63 -70.48
C SER F 180 3.93 -22.34 -71.30
N ASP F 181 3.42 -21.70 -72.36
CA ASP F 181 2.36 -22.29 -73.19
C ASP F 181 2.96 -22.97 -74.42
N SER F 182 3.42 -22.15 -75.30
CA SER F 182 4.06 -22.60 -76.53
C SER F 182 5.56 -22.71 -76.25
N SER F 183 6.24 -23.60 -76.96
CA SER F 183 7.69 -23.77 -76.78
C SER F 183 8.41 -22.54 -77.34
N ASP F 184 7.82 -21.36 -77.10
CA ASP F 184 8.39 -20.09 -77.58
C ASP F 184 8.51 -19.03 -76.50
N LEU F 185 9.68 -18.94 -75.89
CA LEU F 185 9.97 -17.96 -74.85
C LEU F 185 10.57 -16.73 -75.53
N LEU F 186 9.98 -16.40 -76.68
CA LEU F 186 10.39 -15.25 -77.51
C LEU F 186 9.39 -14.11 -77.40
N PHE F 187 9.81 -13.08 -76.67
CA PHE F 187 9.01 -11.88 -76.45
C PHE F 187 9.98 -10.78 -76.03
N SER F 188 11.17 -10.83 -76.61
CA SER F 188 12.23 -9.87 -76.36
C SER F 188 11.92 -8.60 -77.14
N GLN F 189 10.71 -8.54 -77.71
CA GLN F 189 10.28 -7.39 -78.50
C GLN F 189 9.33 -6.45 -77.75
N LYS F 190 8.54 -6.98 -76.92
CA LYS F 190 7.57 -6.19 -76.15
C LYS F 190 7.76 -6.29 -74.65
N PHE F 191 8.70 -7.12 -74.12
CA PHE F 191 8.73 -7.28 -72.63
C PHE F 191 10.10 -7.18 -71.91
N LYS F 192 10.79 -6.07 -71.76
CA LYS F 192 12.16 -6.23 -71.24
C LYS F 192 12.45 -5.53 -69.91
N GLU F 193 12.45 -4.20 -69.96
CA GLU F 193 12.72 -3.36 -68.80
C GLU F 193 11.65 -3.45 -67.78
N LYS F 194 10.52 -3.87 -68.21
CA LYS F 194 9.52 -3.98 -67.22
C LYS F 194 9.27 -5.46 -66.97
N LEU F 195 9.34 -6.33 -67.99
CA LEU F 195 8.98 -7.76 -67.92
C LEU F 195 10.04 -8.82 -68.25
N GLU F 196 11.20 -8.70 -67.62
CA GLU F 196 12.25 -9.69 -67.71
C GLU F 196 12.03 -10.47 -66.45
N LEU F 197 10.77 -10.38 -66.01
CA LEU F 197 10.25 -11.01 -64.79
C LEU F 197 9.55 -12.34 -65.09
N ASN F 198 10.35 -13.36 -65.39
CA ASN F 198 9.85 -14.72 -65.63
C ASN F 198 9.72 -15.35 -64.31
N ASN F 199 10.39 -14.74 -63.35
CA ASN F 199 10.46 -15.31 -62.03
C ASN F 199 9.17 -15.23 -61.27
N LYS F 200 8.19 -14.62 -61.82
CA LYS F 200 7.01 -14.65 -61.05
C LYS F 200 5.88 -14.96 -62.03
N SER F 201 5.21 -16.13 -61.87
CA SER F 201 4.09 -16.55 -62.72
C SER F 201 3.08 -15.42 -62.91
N ILE F 202 3.09 -14.83 -64.11
CA ILE F 202 2.22 -13.70 -64.48
C ILE F 202 0.73 -14.02 -64.71
N ASP F 203 -0.12 -13.58 -63.78
CA ASP F 203 -1.56 -13.80 -63.86
C ASP F 203 -2.27 -12.61 -63.21
N ILE F 204 -3.38 -12.87 -62.51
CA ILE F 204 -4.14 -11.81 -61.80
C ILE F 204 -3.33 -11.38 -60.63
N ASN F 205 -2.30 -12.15 -60.42
CA ASN F 205 -1.50 -11.81 -59.32
C ASN F 205 -0.98 -10.41 -59.54
N PHE F 206 -0.44 -10.07 -60.70
CA PHE F 206 0.14 -8.71 -60.80
C PHE F 206 -0.07 -8.01 -62.15
N ILE F 207 -0.84 -8.64 -63.04
CA ILE F 207 -1.04 -8.06 -64.38
C ILE F 207 -1.60 -6.64 -64.37
N LYS F 208 -2.32 -6.32 -63.26
CA LYS F 208 -2.91 -4.98 -63.11
C LYS F 208 -1.81 -3.94 -62.90
N GLU F 209 -0.93 -4.21 -61.94
CA GLU F 209 0.18 -3.32 -61.60
C GLU F 209 0.74 -2.57 -62.80
N ASN F 210 0.90 -3.29 -63.92
CA ASN F 210 1.45 -2.70 -65.12
C ASN F 210 0.53 -2.76 -66.34
N LEU F 211 -0.60 -2.06 -66.26
CA LEU F 211 -1.55 -2.03 -67.37
C LEU F 211 -0.87 -1.42 -68.57
N THR F 212 -0.26 -0.25 -68.38
CA THR F 212 0.42 0.45 -69.46
C THR F 212 1.43 -0.46 -70.13
N GLU F 213 2.16 -1.22 -69.32
CA GLU F 213 3.19 -2.12 -69.86
C GLU F 213 2.62 -3.18 -70.77
N PHE F 214 1.45 -3.72 -70.42
CA PHE F 214 0.86 -4.72 -71.29
C PHE F 214 0.18 -4.07 -72.49
N GLN F 215 0.39 -2.77 -72.64
CA GLN F 215 -0.13 -1.99 -73.75
C GLN F 215 1.03 -1.87 -74.73
N HIS F 216 2.17 -1.40 -74.21
CA HIS F 216 3.39 -1.25 -75.01
C HIS F 216 3.66 -2.52 -75.79
N ALA F 217 3.00 -3.61 -75.39
CA ALA F 217 3.18 -4.90 -76.04
C ALA F 217 2.07 -5.19 -77.04
N PHE F 218 0.86 -4.72 -76.74
CA PHE F 218 -0.27 -4.93 -77.64
C PHE F 218 -0.13 -4.00 -78.82
N SER F 219 0.43 -2.83 -78.56
CA SER F 219 0.61 -1.82 -79.58
C SER F 219 1.61 -2.27 -80.65
N LEU F 220 2.66 -2.96 -80.24
CA LEU F 220 3.65 -3.43 -81.21
C LEU F 220 3.04 -4.62 -81.93
N ALA F 221 2.30 -5.42 -81.16
CA ALA F 221 1.63 -6.60 -81.67
C ALA F 221 0.72 -6.17 -82.81
N PHE F 222 0.24 -4.93 -82.72
CA PHE F 222 -0.64 -4.36 -83.71
C PHE F 222 0.19 -3.74 -84.84
N SER F 223 1.24 -3.02 -84.45
CA SER F 223 2.14 -2.35 -85.40
C SER F 223 2.74 -3.38 -86.34
N TYR F 224 3.12 -4.50 -85.75
CA TYR F 224 3.71 -5.59 -86.48
C TYR F 224 2.69 -6.30 -87.37
N TYR F 225 1.46 -6.45 -86.90
CA TYR F 225 0.46 -7.14 -87.70
C TYR F 225 0.04 -6.34 -88.92
N PHE F 226 0.23 -5.02 -88.88
CA PHE F 226 -0.15 -4.17 -89.99
C PHE F 226 0.99 -3.40 -90.70
N ALA F 227 2.16 -3.36 -90.07
CA ALA F 227 3.31 -2.67 -90.66
C ALA F 227 3.58 -3.22 -92.07
N PRO F 228 3.50 -2.34 -93.11
CA PRO F 228 3.72 -2.67 -94.53
C PRO F 228 5.03 -3.34 -94.88
N ASP F 229 5.74 -3.85 -93.88
CA ASP F 229 7.02 -4.52 -94.13
C ASP F 229 7.23 -5.79 -93.30
N HIS F 230 7.28 -5.66 -91.98
CA HIS F 230 7.50 -6.83 -91.15
C HIS F 230 6.23 -7.45 -90.64
N ARG F 231 5.74 -8.41 -91.42
CA ARG F 231 4.53 -9.14 -91.12
C ARG F 231 4.81 -10.40 -90.31
N THR F 232 5.54 -11.33 -90.91
CA THR F 232 5.89 -12.60 -90.28
C THR F 232 6.77 -12.48 -89.05
N VAL F 233 7.59 -11.45 -88.96
CA VAL F 233 8.45 -11.28 -87.80
C VAL F 233 7.67 -11.69 -86.57
N LEU F 234 6.37 -11.39 -86.57
CA LEU F 234 5.49 -11.75 -85.48
C LEU F 234 5.25 -13.26 -85.52
N GLU F 235 4.54 -13.71 -86.56
CA GLU F 235 4.23 -15.13 -86.74
C GLU F 235 5.46 -16.03 -86.52
N LEU F 236 6.63 -15.48 -86.81
CA LEU F 236 7.88 -16.21 -86.67
C LEU F 236 8.28 -16.29 -85.19
N TYR F 237 8.39 -15.12 -84.56
CA TYR F 237 8.76 -15.07 -83.15
C TYR F 237 7.58 -15.48 -82.26
N ALA F 238 6.82 -14.51 -81.73
CA ALA F 238 5.66 -14.82 -80.88
C ALA F 238 4.59 -15.48 -81.71
N PRO F 239 4.29 -16.76 -81.43
CA PRO F 239 3.29 -17.53 -82.17
C PRO F 239 1.84 -17.22 -81.77
N ASP F 240 1.64 -16.71 -80.57
CA ASP F 240 0.27 -16.40 -80.16
C ASP F 240 -0.18 -15.01 -80.58
N MET F 241 0.44 -13.97 -80.05
CA MET F 241 0.02 -12.64 -80.42
C MET F 241 -0.35 -12.57 -81.89
N PHE F 242 0.31 -13.35 -82.73
CA PHE F 242 -0.05 -13.34 -84.13
C PHE F 242 -1.51 -13.76 -84.21
N GLU F 243 -1.76 -15.05 -84.01
CA GLU F 243 -3.11 -15.59 -84.08
C GLU F 243 -4.12 -14.79 -83.27
N TYR F 244 -3.62 -13.95 -82.36
CA TYR F 244 -4.49 -13.11 -81.54
C TYR F 244 -4.99 -12.00 -82.44
N MET F 245 -4.07 -11.13 -82.84
CA MET F 245 -4.37 -10.01 -83.73
C MET F 245 -5.13 -10.55 -84.92
N ASN F 246 -4.63 -11.66 -85.43
CA ASN F 246 -5.19 -12.34 -86.57
C ASN F 246 -6.67 -12.57 -86.37
N LYS F 247 -7.05 -13.04 -85.20
CA LYS F 247 -8.47 -13.28 -84.95
C LYS F 247 -9.16 -11.92 -84.76
N LEU F 248 -8.37 -10.88 -84.52
CA LEU F 248 -8.92 -9.54 -84.38
C LEU F 248 -9.28 -9.08 -85.77
N GLU F 249 -8.39 -9.29 -86.74
CA GLU F 249 -8.71 -8.90 -88.10
C GLU F 249 -9.89 -9.75 -88.58
N LYS F 250 -9.90 -11.03 -88.16
CA LYS F 250 -10.95 -11.99 -88.53
C LYS F 250 -12.35 -11.60 -88.08
N GLY F 251 -12.43 -10.66 -87.14
CA GLY F 251 -13.72 -10.22 -86.64
C GLY F 251 -13.62 -9.52 -85.29
N GLY F 252 -12.58 -9.87 -84.53
CA GLY F 252 -12.36 -9.29 -83.22
C GLY F 252 -12.61 -7.79 -83.16
N PHE F 253 -12.24 -7.10 -84.23
CA PHE F 253 -12.42 -5.66 -84.29
C PHE F 253 -13.88 -5.32 -84.57
N GLU F 254 -14.52 -6.09 -85.46
CA GLU F 254 -15.93 -5.82 -85.74
C GLU F 254 -16.70 -6.06 -84.46
N LYS F 255 -16.04 -6.69 -83.47
CA LYS F 255 -16.67 -6.96 -82.18
C LYS F 255 -16.81 -5.63 -81.45
N ILE F 256 -15.78 -5.29 -80.67
CA ILE F 256 -15.75 -4.05 -79.89
C ILE F 256 -16.44 -2.92 -80.66
N SER F 257 -16.19 -2.87 -81.96
CA SER F 257 -16.77 -1.85 -82.81
C SER F 257 -18.30 -1.98 -82.83
N GLU F 258 -18.79 -2.93 -82.07
CA GLU F 258 -20.23 -3.18 -81.98
C GLU F 258 -20.65 -3.28 -80.53
N SER F 259 -19.70 -3.15 -79.62
CA SER F 259 -20.00 -3.19 -78.21
C SER F 259 -19.96 -1.74 -77.78
N LEU F 260 -19.43 -0.90 -78.66
CA LEU F 260 -19.35 0.52 -78.40
C LEU F 260 -20.52 1.15 -79.15
N LYS F 261 -20.82 0.59 -80.31
CA LYS F 261 -21.94 1.07 -81.12
C LYS F 261 -23.20 0.93 -80.29
N LYS F 262 -23.49 -0.29 -79.84
CA LYS F 262 -24.67 -0.55 -79.01
C LYS F 262 -24.59 0.24 -77.70
N GLU F 263 -23.42 0.26 -77.08
CA GLU F 263 -23.30 1.03 -75.85
C GLU F 263 -23.02 2.46 -76.25
N GLY F 264 -23.52 2.82 -77.41
CA GLY F 264 -23.36 4.17 -77.89
C GLY F 264 -24.68 4.86 -77.62
N VAL F 265 -25.75 4.23 -78.04
CA VAL F 265 -27.08 4.76 -77.85
C VAL F 265 -27.54 4.54 -76.42
N GLU F 266 -27.56 3.29 -75.98
CA GLU F 266 -27.98 2.95 -74.62
C GLU F 266 -27.16 3.70 -73.56
N LYS F 267 -26.20 4.49 -74.02
CA LYS F 267 -25.31 5.28 -73.19
C LYS F 267 -25.82 6.72 -73.12
N ASP F 268 -26.05 7.28 -74.31
CA ASP F 268 -26.54 8.64 -74.45
C ASP F 268 -27.99 8.52 -74.90
N ARG F 269 -28.84 8.03 -74.02
CA ARG F 269 -30.26 7.89 -74.31
C ARG F 269 -31.01 8.90 -73.47
N ILE F 270 -32.27 8.61 -73.18
CA ILE F 270 -33.06 9.52 -72.37
C ILE F 270 -33.33 8.81 -71.05
N ASP F 271 -33.02 9.40 -69.90
CA ASP F 271 -33.24 8.84 -68.58
C ASP F 271 -34.71 8.46 -68.43
N VAL F 272 -35.00 7.20 -68.34
CA VAL F 272 -36.32 6.81 -68.16
C VAL F 272 -36.17 5.66 -67.21
N LEU F 273 -37.04 5.42 -66.30
CA LEU F 273 -36.72 4.26 -65.52
C LEU F 273 -37.48 3.10 -66.14
N LYS F 274 -36.82 1.99 -66.45
CA LYS F 274 -37.60 0.91 -67.08
C LYS F 274 -37.75 -0.30 -66.17
N GLY F 275 -38.42 -1.35 -66.68
CA GLY F 275 -38.61 -2.57 -65.89
C GLY F 275 -39.46 -2.35 -64.65
N GLU F 276 -39.49 -3.32 -63.74
CA GLU F 276 -40.32 -3.15 -62.55
C GLU F 276 -39.85 -2.02 -61.64
N LYS F 277 -39.04 -1.09 -62.15
CA LYS F 277 -38.60 0.03 -61.35
C LYS F 277 -39.65 1.11 -61.50
N ALA F 278 -40.08 1.29 -62.75
CA ALA F 278 -41.09 2.28 -63.09
C ALA F 278 -42.46 1.71 -62.77
N LEU F 279 -42.77 0.57 -63.37
CA LEU F 279 -44.04 -0.11 -63.15
C LEU F 279 -44.44 0.01 -61.67
N LYS F 280 -43.51 0.44 -60.84
CA LYS F 280 -43.77 0.65 -59.42
C LYS F 280 -44.45 1.99 -59.25
N ALA F 281 -43.76 3.07 -59.60
CA ALA F 281 -44.33 4.42 -59.47
C ALA F 281 -45.47 4.63 -60.44
N SER F 282 -45.45 3.88 -61.54
CA SER F 282 -46.51 3.95 -62.54
C SER F 282 -47.82 4.02 -61.80
N GLY F 283 -48.17 2.87 -61.22
CA GLY F 283 -49.39 2.73 -60.47
C GLY F 283 -50.21 1.55 -60.96
N LEU F 284 -50.13 1.28 -62.26
CA LEU F 284 -50.91 0.18 -62.79
C LEU F 284 -50.73 -1.08 -61.95
N VAL F 285 -51.68 -1.99 -62.09
CA VAL F 285 -51.61 -3.24 -61.38
C VAL F 285 -50.71 -4.10 -62.24
N PRO F 286 -49.59 -4.57 -61.67
CA PRO F 286 -48.60 -5.41 -62.36
C PRO F 286 -49.21 -6.46 -63.30
N GLU F 287 -50.01 -7.38 -62.77
CA GLU F 287 -50.61 -8.41 -63.61
C GLU F 287 -51.33 -7.80 -64.80
N HIS F 288 -51.74 -6.54 -64.64
CA HIS F 288 -52.44 -5.79 -65.68
C HIS F 288 -51.46 -5.27 -66.70
N ALA F 289 -50.46 -4.55 -66.24
CA ALA F 289 -49.45 -4.02 -67.14
C ALA F 289 -49.03 -5.14 -68.07
N ASP F 290 -48.55 -6.21 -67.48
CA ASP F 290 -48.10 -7.37 -68.24
C ASP F 290 -49.21 -7.79 -69.19
N ALA F 291 -50.43 -7.87 -68.67
CA ALA F 291 -51.57 -8.25 -69.48
C ALA F 291 -51.63 -7.39 -70.71
N PHE F 292 -51.31 -6.10 -70.52
CA PHE F 292 -51.30 -5.11 -71.59
C PHE F 292 -50.14 -5.42 -72.53
N LYS F 293 -49.02 -5.79 -71.93
CA LYS F 293 -47.80 -6.13 -72.65
C LYS F 293 -48.14 -6.87 -73.96
N LYS F 294 -49.13 -7.75 -73.88
CA LYS F 294 -49.55 -8.54 -75.04
C LYS F 294 -50.19 -7.75 -76.18
N ILE F 295 -51.17 -6.88 -75.86
CA ILE F 295 -51.85 -6.10 -76.90
C ILE F 295 -50.95 -5.09 -77.59
N ALA F 296 -50.11 -4.39 -76.82
CA ALA F 296 -49.21 -3.42 -77.42
C ALA F 296 -48.60 -4.15 -78.61
N ARG F 297 -47.94 -5.27 -78.31
CA ARG F 297 -47.29 -6.12 -79.30
C ARG F 297 -48.20 -6.55 -80.45
N GLU F 298 -49.17 -7.42 -80.14
CA GLU F 298 -50.07 -7.93 -81.17
C GLU F 298 -50.48 -6.84 -82.14
N LEU F 299 -51.16 -5.81 -81.61
CA LEU F 299 -51.65 -4.69 -82.40
C LEU F 299 -50.58 -3.64 -82.72
N ASN F 300 -49.36 -3.87 -82.24
CA ASN F 300 -48.27 -2.94 -82.49
C ASN F 300 -48.67 -1.48 -82.32
N THR F 301 -48.72 -1.02 -81.08
CA THR F 301 -49.06 0.37 -80.78
C THR F 301 -48.64 0.73 -79.37
N TYR F 302 -48.10 1.94 -79.19
CA TYR F 302 -47.64 2.41 -77.88
C TYR F 302 -48.81 2.83 -77.00
N ILE F 303 -48.78 2.42 -75.73
CA ILE F 303 -49.82 2.80 -74.79
C ILE F 303 -49.16 3.68 -73.73
N LEU F 304 -49.79 4.80 -73.38
CA LEU F 304 -49.21 5.70 -72.39
C LEU F 304 -50.27 6.08 -71.38
N PHE F 305 -49.98 5.86 -70.11
CA PHE F 305 -50.91 6.17 -69.01
C PHE F 305 -50.45 7.37 -68.18
N ARG F 306 -51.38 8.01 -67.49
CA ARG F 306 -50.99 9.09 -66.58
C ARG F 306 -50.84 8.36 -65.26
N PRO F 307 -50.45 9.05 -64.19
CA PRO F 307 -50.30 8.32 -62.94
C PRO F 307 -51.56 7.78 -62.34
N VAL F 308 -51.55 6.47 -62.13
CA VAL F 308 -52.67 5.80 -61.49
C VAL F 308 -52.24 6.03 -60.06
N ASN F 309 -53.17 6.29 -59.15
CA ASN F 309 -52.76 6.47 -57.76
C ASN F 309 -52.48 5.15 -57.03
N LYS F 310 -51.42 5.18 -56.24
CA LYS F 310 -50.96 4.03 -55.47
C LYS F 310 -52.03 3.41 -54.58
N LEU F 311 -52.69 4.25 -53.78
CA LEU F 311 -53.71 3.79 -52.85
C LEU F 311 -54.89 3.13 -53.54
N ALA F 312 -54.77 2.82 -54.82
CA ALA F 312 -55.87 2.19 -55.54
C ALA F 312 -55.47 0.93 -56.25
N THR F 313 -54.16 0.78 -56.47
CA THR F 313 -53.64 -0.38 -57.19
C THR F 313 -54.16 -1.74 -56.73
N ASN F 314 -54.03 -2.01 -55.44
CA ASN F 314 -54.49 -3.28 -54.90
C ASN F 314 -56.01 -3.33 -55.02
N LEU F 315 -56.68 -2.26 -54.57
CA LEU F 315 -58.14 -2.15 -54.63
C LEU F 315 -58.57 -2.63 -56.00
N ILE F 316 -57.80 -2.22 -57.00
CA ILE F 316 -58.09 -2.63 -58.35
C ILE F 316 -57.92 -4.16 -58.44
N LYS F 317 -56.70 -4.67 -58.23
CA LYS F 317 -56.47 -6.13 -58.31
C LYS F 317 -57.46 -6.80 -57.38
N SER F 318 -57.73 -6.12 -56.27
CA SER F 318 -58.67 -6.59 -55.26
C SER F 318 -60.01 -6.91 -55.88
N GLY F 319 -60.47 -6.05 -56.79
CA GLY F 319 -61.74 -6.28 -57.45
C GLY F 319 -62.63 -5.07 -57.48
N VAL F 320 -62.16 -3.99 -56.85
CA VAL F 320 -62.91 -2.74 -56.80
C VAL F 320 -63.04 -2.14 -58.19
N ALA F 321 -64.25 -1.75 -58.58
CA ALA F 321 -64.41 -1.15 -59.89
C ALA F 321 -63.73 0.23 -59.96
N THR F 322 -63.75 0.82 -61.15
CA THR F 322 -63.10 2.11 -61.39
C THR F 322 -64.02 3.28 -61.76
N LYS F 323 -63.64 4.48 -61.35
CA LYS F 323 -64.41 5.69 -61.65
C LYS F 323 -64.57 5.95 -63.15
N GLY F 324 -65.81 6.03 -63.58
CA GLY F 324 -66.08 6.27 -64.98
C GLY F 324 -66.42 7.71 -65.23
N LEU F 325 -67.15 7.98 -66.29
CA LEU F 325 -67.48 9.34 -66.63
C LEU F 325 -68.63 9.89 -65.81
N ASN F 326 -69.51 8.97 -65.42
CA ASN F 326 -70.70 9.27 -64.64
C ASN F 326 -70.42 9.84 -63.25
N VAL F 327 -69.23 9.62 -62.69
CA VAL F 327 -68.94 10.18 -61.36
C VAL F 327 -67.87 11.24 -61.40
N HIS F 328 -68.00 12.25 -60.55
CA HIS F 328 -67.05 13.37 -60.50
C HIS F 328 -66.70 13.74 -59.06
N GLY F 329 -66.65 12.74 -58.20
CA GLY F 329 -66.30 12.99 -56.81
C GLY F 329 -64.79 12.93 -56.72
N LYS F 330 -64.25 13.36 -55.60
CA LYS F 330 -62.82 13.31 -55.44
C LYS F 330 -62.46 12.09 -54.63
N SER F 331 -61.36 11.46 -55.02
CA SER F 331 -60.89 10.30 -54.31
C SER F 331 -60.50 10.81 -52.93
N SER F 332 -59.86 9.96 -52.15
CA SER F 332 -59.43 10.35 -50.82
C SER F 332 -58.03 9.82 -50.64
N ASP F 333 -57.25 10.53 -49.84
CA ASP F 333 -55.88 10.13 -49.58
C ASP F 333 -55.57 10.09 -48.09
N TRP F 334 -56.48 9.50 -47.31
CA TRP F 334 -56.28 9.39 -45.87
C TRP F 334 -57.44 8.67 -45.17
N GLY F 335 -57.14 8.08 -44.01
CA GLY F 335 -58.16 7.35 -43.28
C GLY F 335 -58.47 6.08 -44.04
N PRO F 336 -59.43 5.29 -43.59
CA PRO F 336 -59.78 4.04 -44.27
C PRO F 336 -60.28 4.30 -45.68
N VAL F 337 -61.31 5.13 -45.79
CA VAL F 337 -61.89 5.47 -47.07
C VAL F 337 -60.83 5.63 -48.16
N ALA F 338 -59.62 6.00 -47.77
CA ALA F 338 -58.51 6.20 -48.70
C ALA F 338 -58.56 5.33 -49.94
N GLY F 339 -58.42 5.95 -51.11
CA GLY F 339 -58.45 5.22 -52.37
C GLY F 339 -59.84 4.90 -52.88
N TYR F 340 -60.84 5.22 -52.08
CA TYR F 340 -62.24 4.99 -52.43
C TYR F 340 -62.82 6.39 -52.65
N ILE F 341 -63.97 6.49 -53.31
CA ILE F 341 -64.60 7.81 -53.54
C ILE F 341 -65.74 8.03 -52.58
N PRO F 342 -65.44 8.54 -51.38
CA PRO F 342 -66.44 8.79 -50.35
C PRO F 342 -67.66 9.58 -50.80
N PHE F 343 -68.82 9.17 -50.31
CA PHE F 343 -70.05 9.87 -50.65
C PHE F 343 -69.94 11.21 -49.96
N ASP F 344 -69.28 11.23 -48.81
CA ASP F 344 -69.09 12.50 -48.11
C ASP F 344 -67.79 13.05 -48.67
N GLN F 345 -67.79 14.29 -49.11
CA GLN F 345 -66.56 14.83 -49.67
C GLN F 345 -65.56 15.25 -48.61
N ASP F 346 -66.04 15.55 -47.40
CA ASP F 346 -65.14 15.98 -46.32
C ASP F 346 -64.31 14.78 -45.83
N LEU F 347 -64.37 13.68 -46.58
CA LEU F 347 -63.65 12.46 -46.29
C LEU F 347 -62.75 12.07 -47.44
N SER F 348 -62.38 13.07 -48.25
CA SER F 348 -61.51 12.90 -49.41
C SER F 348 -60.48 14.01 -49.46
N LYS F 349 -59.61 13.96 -50.45
CA LYS F 349 -58.54 14.96 -50.59
C LYS F 349 -58.88 16.41 -50.26
N LYS F 350 -60.15 16.78 -50.38
CA LYS F 350 -60.54 18.16 -50.10
C LYS F 350 -61.16 18.41 -48.73
N HIS F 351 -60.64 17.70 -47.73
CA HIS F 351 -61.07 17.82 -46.34
C HIS F 351 -60.82 19.22 -45.80
N GLY F 352 -61.88 20.00 -45.61
CA GLY F 352 -61.74 21.35 -45.09
C GLY F 352 -62.19 22.42 -46.09
N GLN F 353 -61.86 22.22 -47.36
CA GLN F 353 -62.21 23.15 -48.44
C GLN F 353 -63.72 23.28 -48.48
N GLN F 354 -64.26 24.15 -47.65
CA GLN F 354 -65.70 24.34 -47.57
C GLN F 354 -66.40 24.39 -48.93
N LEU F 355 -65.73 24.84 -49.97
CA LEU F 355 -66.39 24.93 -51.26
C LEU F 355 -66.30 23.70 -52.16
N ALA F 356 -65.14 23.06 -52.22
CA ALA F 356 -64.96 21.87 -53.07
C ALA F 356 -65.70 20.65 -52.53
N VAL F 357 -66.12 20.75 -51.28
CA VAL F 357 -66.86 19.68 -50.64
C VAL F 357 -68.31 20.07 -50.89
N GLU F 358 -68.60 21.34 -50.61
CA GLU F 358 -69.93 21.93 -50.80
C GLU F 358 -70.29 21.96 -52.28
N LYS F 359 -69.41 21.41 -53.11
CA LYS F 359 -69.66 21.36 -54.54
C LYS F 359 -69.30 19.96 -54.98
N GLY F 360 -68.61 19.25 -54.11
CA GLY F 360 -68.23 17.89 -54.42
C GLY F 360 -69.48 17.05 -54.25
N ASN F 361 -70.14 17.24 -53.12
CA ASN F 361 -71.36 16.52 -52.83
C ASN F 361 -72.35 16.75 -53.95
N LEU F 362 -72.62 18.01 -54.26
CA LEU F 362 -73.55 18.36 -55.32
C LEU F 362 -73.47 17.39 -56.48
N GLU F 363 -72.25 16.95 -56.80
CA GLU F 363 -72.02 16.04 -57.91
C GLU F 363 -72.34 14.58 -57.63
N ASN F 364 -71.90 14.07 -56.49
CA ASN F 364 -72.18 12.69 -56.11
C ASN F 364 -73.67 12.52 -56.14
N LYS F 365 -74.35 13.34 -55.36
CA LYS F 365 -75.80 13.28 -55.31
C LYS F 365 -76.32 13.18 -56.75
N LYS F 366 -76.08 14.21 -57.56
CA LYS F 366 -76.54 14.20 -58.93
C LYS F 366 -76.11 12.93 -59.67
N SER F 367 -74.88 12.51 -59.45
CA SER F 367 -74.38 11.32 -60.12
C SER F 367 -75.36 10.16 -59.98
N ILE F 368 -75.98 10.06 -58.81
CA ILE F 368 -76.96 9.00 -58.52
C ILE F 368 -78.32 9.41 -59.05
N THR F 369 -78.70 10.64 -58.75
CA THR F 369 -79.98 11.17 -59.19
C THR F 369 -80.14 10.87 -60.68
N GLU F 370 -79.27 11.47 -61.50
CA GLU F 370 -79.34 11.28 -62.95
C GLU F 370 -79.26 9.81 -63.35
N HIS F 371 -78.06 9.27 -63.30
CA HIS F 371 -77.84 7.88 -63.69
C HIS F 371 -78.20 6.90 -62.59
N GLU F 372 -79.43 6.93 -62.12
CA GLU F 372 -79.83 6.00 -61.08
C GLU F 372 -79.74 4.57 -61.61
N GLY F 373 -79.63 3.59 -60.72
CA GLY F 373 -79.55 2.22 -61.18
C GLY F 373 -78.15 1.77 -61.53
N GLU F 374 -77.28 2.70 -61.92
CA GLU F 374 -75.89 2.37 -62.26
C GLU F 374 -74.92 3.03 -61.29
N ILE F 375 -75.31 4.19 -60.78
CA ILE F 375 -74.47 4.91 -59.85
C ILE F 375 -75.12 5.07 -58.49
N GLY F 376 -74.54 4.43 -57.49
CA GLY F 376 -75.09 4.54 -56.16
C GLY F 376 -74.02 4.57 -55.09
N LYS F 377 -74.48 4.43 -53.86
CA LYS F 377 -73.63 4.42 -52.69
C LYS F 377 -73.79 3.09 -51.95
N ILE F 378 -72.71 2.61 -51.33
CA ILE F 378 -72.75 1.39 -50.57
C ILE F 378 -71.77 1.54 -49.42
N PRO F 379 -72.07 0.91 -48.29
CA PRO F 379 -71.23 0.97 -47.09
C PRO F 379 -69.83 0.39 -47.29
N LEU F 380 -68.85 1.15 -46.81
CA LEU F 380 -67.45 0.79 -46.91
C LEU F 380 -67.12 -0.54 -46.23
N LYS F 381 -66.19 -1.30 -46.81
CA LYS F 381 -65.78 -2.59 -46.24
C LYS F 381 -64.31 -2.90 -46.57
N LEU F 382 -63.41 -2.48 -45.70
CA LEU F 382 -61.98 -2.73 -45.89
C LEU F 382 -61.71 -4.18 -45.58
N ASP F 383 -61.50 -4.99 -46.63
CA ASP F 383 -61.26 -6.41 -46.45
C ASP F 383 -60.05 -6.71 -45.55
N HIS F 384 -59.72 -7.98 -45.42
CA HIS F 384 -58.62 -8.40 -44.56
C HIS F 384 -57.25 -7.82 -44.92
N LEU F 385 -56.79 -8.06 -46.15
CA LEU F 385 -55.48 -7.59 -46.59
C LEU F 385 -55.36 -6.07 -46.56
N ARG F 386 -56.30 -5.41 -47.24
CA ARG F 386 -56.33 -3.96 -47.31
C ARG F 386 -55.89 -3.27 -46.03
N ILE F 387 -56.24 -3.87 -44.89
CA ILE F 387 -55.88 -3.32 -43.58
C ILE F 387 -54.38 -3.30 -43.35
N GLU F 388 -53.77 -4.48 -43.34
CA GLU F 388 -52.34 -4.62 -43.10
C GLU F 388 -51.52 -3.72 -44.03
N GLU F 389 -52.19 -3.10 -45.01
CA GLU F 389 -51.52 -2.22 -45.96
C GLU F 389 -51.64 -0.75 -45.57
N LEU F 390 -52.83 -0.34 -45.12
CA LEU F 390 -53.00 1.04 -44.70
C LEU F 390 -52.18 1.12 -43.42
N LYS F 391 -51.59 -0.02 -43.07
CA LYS F 391 -50.74 -0.15 -41.90
C LYS F 391 -49.39 0.49 -42.16
N GLU F 392 -48.52 -0.25 -42.83
CA GLU F 392 -47.18 0.24 -43.12
C GLU F 392 -47.20 1.40 -44.09
N ASN F 393 -48.24 1.47 -44.92
CA ASN F 393 -48.32 2.58 -45.86
C ASN F 393 -48.41 3.85 -45.02
N GLY F 394 -48.88 3.68 -43.78
CA GLY F 394 -49.00 4.79 -42.84
C GLY F 394 -50.29 5.59 -42.91
N ILE F 395 -51.43 4.91 -43.00
CA ILE F 395 -52.70 5.61 -43.09
C ILE F 395 -53.60 5.43 -41.88
N ILE F 396 -53.57 4.24 -41.28
CA ILE F 396 -54.36 3.96 -40.10
C ILE F 396 -53.53 3.17 -39.11
N LEU F 397 -54.07 3.00 -37.90
CA LEU F 397 -53.41 2.26 -36.83
C LEU F 397 -54.46 1.49 -36.04
N LYS F 398 -54.53 0.17 -36.27
CA LYS F 398 -55.49 -0.72 -35.62
C LYS F 398 -55.15 -1.00 -34.15
N GLY F 399 -56.16 -0.94 -33.28
CA GLY F 399 -55.95 -1.19 -31.87
C GLY F 399 -57.13 -1.43 -30.94
N LYS F 400 -57.12 -0.74 -29.80
CA LYS F 400 -58.15 -0.84 -28.75
C LYS F 400 -59.51 -1.32 -29.25
N LYS F 401 -59.93 -2.49 -28.78
CA LYS F 401 -61.22 -3.05 -29.15
C LYS F 401 -62.34 -2.40 -28.36
N GLU F 402 -63.58 -2.59 -28.81
CA GLU F 402 -64.73 -2.00 -28.13
C GLU F 402 -66.06 -2.66 -28.48
N ILE F 403 -67.03 -2.55 -27.57
CA ILE F 403 -68.35 -3.12 -27.78
C ILE F 403 -69.44 -2.07 -27.78
N ASP F 404 -70.59 -2.24 -28.58
CA ASP F 404 -71.67 -1.24 -28.69
C ASP F 404 -72.97 -1.77 -29.33
N ASN F 405 -73.99 -2.05 -28.53
CA ASN F 405 -75.24 -2.62 -29.02
C ASN F 405 -74.98 -4.13 -29.22
N GLY F 406 -74.08 -4.70 -28.42
CA GLY F 406 -73.81 -6.11 -28.46
C GLY F 406 -72.97 -6.62 -29.63
N LYS F 407 -72.20 -5.76 -30.35
CA LYS F 407 -71.37 -6.21 -31.48
C LYS F 407 -69.91 -5.79 -31.32
N LYS F 408 -68.99 -6.59 -31.83
CA LYS F 408 -67.56 -6.31 -31.71
C LYS F 408 -67.06 -5.25 -32.69
N TYR F 409 -66.34 -4.26 -32.15
CA TYR F 409 -65.79 -3.16 -32.94
C TYR F 409 -64.31 -2.84 -32.63
N TYR F 410 -63.49 -2.75 -33.68
CA TYR F 410 -62.07 -2.40 -33.51
C TYR F 410 -61.89 -0.95 -33.91
N LEU F 411 -61.68 -0.10 -32.90
CA LEU F 411 -61.50 1.33 -33.09
C LEU F 411 -60.35 1.69 -34.05
N LEU F 412 -60.64 1.80 -35.34
CA LEU F 412 -59.58 2.17 -36.29
C LEU F 412 -59.16 3.58 -35.98
N GLU F 413 -57.86 3.76 -35.79
CA GLU F 413 -57.31 5.07 -35.45
C GLU F 413 -56.67 5.79 -36.64
N SER F 414 -56.41 7.08 -36.44
CA SER F 414 -55.78 7.95 -37.44
C SER F 414 -55.48 9.25 -36.73
N ASN F 415 -54.65 10.10 -37.34
CA ASN F 415 -54.33 11.37 -36.72
C ASN F 415 -55.31 12.45 -37.12
N ASN F 416 -56.08 12.23 -38.18
CA ASN F 416 -57.07 13.22 -38.59
C ASN F 416 -57.86 13.60 -37.34
N GLN F 417 -57.95 14.90 -37.07
CA GLN F 417 -58.64 15.41 -35.88
C GLN F 417 -60.04 15.98 -36.13
N VAL F 418 -60.81 15.32 -36.97
CA VAL F 418 -62.16 15.79 -37.27
C VAL F 418 -63.19 14.66 -37.17
N TYR F 419 -62.73 13.43 -37.37
CA TYR F 419 -63.61 12.28 -37.30
C TYR F 419 -62.95 11.14 -36.54
N GLU F 420 -63.77 10.17 -36.14
CA GLU F 420 -63.29 8.99 -35.44
C GLU F 420 -63.80 7.87 -36.31
N PHE F 421 -62.99 6.84 -36.49
CA PHE F 421 -63.39 5.74 -37.33
C PHE F 421 -63.31 4.46 -36.52
N ARG F 422 -63.97 3.42 -36.99
CA ARG F 422 -63.98 2.12 -36.31
C ARG F 422 -64.58 1.09 -37.26
N ILE F 423 -64.11 -0.15 -37.20
CA ILE F 423 -64.64 -1.17 -38.08
C ILE F 423 -65.26 -2.37 -37.38
N SER F 424 -66.42 -2.80 -37.89
CA SER F 424 -67.18 -3.94 -37.39
C SER F 424 -66.42 -5.25 -37.46
N ASP F 425 -67.03 -6.32 -36.97
CA ASP F 425 -66.40 -7.63 -36.99
C ASP F 425 -67.09 -8.62 -37.91
N GLU F 426 -68.38 -8.86 -37.66
CA GLU F 426 -69.15 -9.79 -38.48
C GLU F 426 -68.88 -9.40 -39.93
N ASN F 427 -69.64 -8.37 -40.24
CA ASN F 427 -69.31 -7.72 -41.47
C ASN F 427 -68.27 -6.72 -41.00
N ASN F 428 -67.23 -6.60 -41.78
CA ASN F 428 -66.23 -5.59 -41.49
C ASN F 428 -66.68 -4.35 -42.21
N GLU F 429 -67.69 -3.72 -41.70
CA GLU F 429 -68.12 -2.46 -42.25
C GLU F 429 -67.28 -1.37 -41.55
N VAL F 430 -67.22 -0.16 -42.03
CA VAL F 430 -66.46 0.89 -41.39
C VAL F 430 -67.42 2.01 -41.02
N GLN F 431 -67.18 2.65 -39.90
CA GLN F 431 -68.06 3.72 -39.47
C GLN F 431 -67.29 4.88 -38.88
N TYR F 432 -67.92 6.05 -38.85
CA TYR F 432 -67.30 7.25 -38.26
C TYR F 432 -68.34 8.16 -37.62
N LYS F 433 -67.89 9.30 -37.13
CA LYS F 433 -68.75 10.28 -36.49
C LYS F 433 -67.86 11.46 -36.18
N THR F 434 -68.45 12.58 -35.78
CA THR F 434 -67.63 13.72 -35.42
C THR F 434 -67.23 13.46 -33.98
N LYS F 435 -66.14 14.08 -33.54
CA LYS F 435 -65.67 13.88 -32.18
C LYS F 435 -66.38 14.72 -31.11
N GLU F 436 -66.36 14.21 -29.88
CA GLU F 436 -66.98 14.86 -28.73
C GLU F 436 -66.30 16.18 -28.38
N GLY F 437 -66.38 17.13 -29.31
CA GLY F 437 -65.77 18.44 -29.10
C GLY F 437 -65.29 19.09 -30.38
N LYS F 438 -65.97 18.81 -31.49
CA LYS F 438 -65.60 19.37 -32.78
C LYS F 438 -66.79 19.40 -33.73
N ILE F 439 -66.63 20.08 -34.87
CA ILE F 439 -67.71 20.21 -35.86
C ILE F 439 -67.19 20.16 -37.30
N THR F 440 -68.10 19.85 -38.23
CA THR F 440 -67.80 19.76 -39.65
C THR F 440 -67.66 21.15 -40.26
N VAL F 441 -66.92 21.27 -41.34
CA VAL F 441 -66.74 22.56 -42.00
C VAL F 441 -68.07 22.99 -42.61
N LEU F 442 -68.88 22.01 -42.99
CA LEU F 442 -70.18 22.29 -43.55
C LEU F 442 -71.03 22.67 -42.35
N GLY F 443 -70.59 22.24 -41.18
CA GLY F 443 -71.30 22.56 -39.95
C GLY F 443 -72.13 21.45 -39.35
N GLU F 444 -71.96 20.23 -39.85
CA GLU F 444 -72.70 19.09 -39.35
C GLU F 444 -72.00 18.42 -38.16
N LYS F 445 -72.76 17.73 -37.32
CA LYS F 445 -72.22 17.01 -36.17
C LYS F 445 -72.98 15.70 -36.00
N PHE F 446 -72.36 14.58 -36.35
CA PHE F 446 -73.05 13.30 -36.22
C PHE F 446 -72.33 12.17 -35.49
N ASN F 447 -73.13 11.27 -34.96
CA ASN F 447 -72.56 10.15 -34.23
C ASN F 447 -72.18 9.01 -35.26
N TRP F 448 -71.83 7.85 -34.74
CA TRP F 448 -71.48 6.66 -35.51
C TRP F 448 -72.47 6.40 -36.65
N ARG F 449 -71.97 6.41 -37.88
CA ARG F 449 -72.75 6.18 -39.08
C ARG F 449 -71.83 5.41 -40.03
N ASN F 450 -72.32 4.63 -40.98
CA ASN F 450 -71.48 3.91 -41.91
C ASN F 450 -70.90 4.83 -42.96
N ILE F 451 -69.70 4.51 -43.41
CA ILE F 451 -69.02 5.30 -44.42
C ILE F 451 -69.45 4.76 -45.78
N GLU F 452 -70.34 5.49 -46.45
CA GLU F 452 -70.77 5.06 -47.78
C GLU F 452 -69.77 5.61 -48.76
N VAL F 453 -69.33 4.73 -49.66
CA VAL F 453 -68.39 5.07 -50.69
C VAL F 453 -69.26 5.09 -51.96
N MET F 454 -68.74 5.63 -53.05
CA MET F 454 -69.51 5.66 -54.30
C MET F 454 -69.30 4.36 -55.04
N ALA F 455 -70.27 3.97 -55.86
CA ALA F 455 -70.13 2.72 -56.59
C ALA F 455 -71.00 2.65 -57.82
N LYS F 456 -70.47 2.07 -58.90
CA LYS F 456 -71.22 1.92 -60.13
C LYS F 456 -71.76 0.51 -60.21
N ASN F 457 -72.61 0.26 -61.19
CA ASN F 457 -73.20 -1.07 -61.39
C ASN F 457 -72.30 -1.95 -62.24
N VAL F 458 -72.20 -3.22 -61.86
CA VAL F 458 -71.40 -4.21 -62.56
C VAL F 458 -72.11 -5.56 -62.43
N GLU F 459 -72.72 -6.03 -63.51
CA GLU F 459 -73.45 -7.30 -63.49
C GLU F 459 -74.48 -7.30 -62.35
N GLY F 460 -75.39 -6.33 -62.39
CA GLY F 460 -76.43 -6.22 -61.39
C GLY F 460 -76.03 -5.87 -59.97
N VAL F 461 -74.74 -5.94 -59.67
CA VAL F 461 -74.31 -5.63 -58.32
C VAL F 461 -73.45 -4.40 -58.24
N LEU F 462 -73.69 -3.58 -57.23
CA LEU F 462 -72.90 -2.36 -57.04
C LEU F 462 -71.60 -2.64 -56.32
N LYS F 463 -70.49 -2.28 -56.97
CA LYS F 463 -69.17 -2.45 -56.39
C LYS F 463 -68.61 -1.06 -56.17
N PRO F 464 -67.84 -0.86 -55.09
CA PRO F 464 -67.22 0.41 -54.70
C PRO F 464 -66.28 0.95 -55.79
N LEU F 465 -66.27 2.26 -55.96
CA LEU F 465 -65.46 2.90 -56.99
C LEU F 465 -64.10 3.48 -56.62
N THR F 466 -63.11 3.19 -57.45
CA THR F 466 -61.77 3.73 -57.22
C THR F 466 -61.15 4.23 -58.52
N ALA F 467 -59.92 4.72 -58.40
CA ALA F 467 -59.19 5.22 -59.54
C ALA F 467 -59.19 4.23 -60.71
N ASP F 468 -59.26 4.77 -61.93
CA ASP F 468 -59.24 4.00 -63.17
C ASP F 468 -57.93 4.28 -63.88
N TYR F 469 -57.70 3.59 -65.00
CA TYR F 469 -56.49 3.85 -65.79
C TYR F 469 -56.79 4.88 -66.87
N ASP F 470 -56.27 6.08 -66.68
CA ASP F 470 -56.46 7.18 -67.62
C ASP F 470 -55.35 7.15 -68.65
N LEU F 471 -55.67 6.91 -69.92
CA LEU F 471 -54.62 6.88 -70.94
C LEU F 471 -54.13 8.29 -71.33
N PHE F 472 -52.83 8.51 -71.33
CA PHE F 472 -52.32 9.81 -71.74
C PHE F 472 -52.31 9.82 -73.24
N ALA F 473 -52.31 8.64 -73.85
CA ALA F 473 -52.32 8.56 -75.31
C ALA F 473 -52.16 7.14 -75.85
N LEU F 474 -52.47 6.97 -77.13
CA LEU F 474 -52.33 5.67 -77.80
C LEU F 474 -51.66 5.82 -79.17
N ALA F 475 -50.46 5.29 -79.33
CA ALA F 475 -49.75 5.42 -80.59
C ALA F 475 -49.80 4.14 -81.40
N PRO F 476 -50.75 4.03 -82.34
CA PRO F 476 -50.84 2.84 -83.16
C PRO F 476 -49.83 3.09 -84.25
N SER F 477 -49.40 2.03 -84.94
CA SER F 477 -48.45 2.23 -86.02
C SER F 477 -49.19 2.66 -87.26
N LEU F 478 -48.51 3.35 -88.15
CA LEU F 478 -49.17 3.79 -89.35
C LEU F 478 -49.65 2.60 -90.17
N THR F 479 -49.01 1.45 -90.01
CA THR F 479 -49.41 0.26 -90.77
C THR F 479 -50.68 -0.37 -90.24
N GLU F 480 -50.85 -0.32 -88.92
CA GLU F 480 -52.03 -0.88 -88.27
C GLU F 480 -53.21 -0.06 -88.74
N ILE F 481 -53.00 1.23 -88.95
CA ILE F 481 -54.08 2.08 -89.41
C ILE F 481 -54.46 1.70 -90.85
N LYS F 482 -53.46 1.28 -91.63
CA LYS F 482 -53.74 0.89 -93.00
C LYS F 482 -54.64 -0.34 -93.01
N LYS F 483 -54.49 -1.15 -91.98
CA LYS F 483 -55.27 -2.35 -91.80
C LYS F 483 -56.62 -1.96 -91.29
N GLN F 484 -56.81 -0.67 -91.05
CA GLN F 484 -58.08 -0.17 -90.53
C GLN F 484 -59.05 0.24 -91.65
N ILE F 485 -58.50 0.72 -92.75
CA ILE F 485 -59.31 1.13 -93.89
C ILE F 485 -59.77 -0.13 -94.59
N PRO F 486 -61.02 -0.14 -95.10
CA PRO F 486 -61.55 -1.32 -95.80
C PRO F 486 -60.88 -1.45 -97.17
N GLN F 487 -60.31 -2.62 -97.43
CA GLN F 487 -59.59 -2.90 -98.66
C GLN F 487 -60.13 -2.36 -99.97
N LYS F 488 -61.43 -2.08 -100.03
CA LYS F 488 -62.03 -1.59 -101.27
C LYS F 488 -62.02 -0.07 -101.42
N GLU F 489 -62.18 0.65 -100.32
CA GLU F 489 -62.15 2.10 -100.38
C GLU F 489 -60.74 2.54 -100.72
N TRP F 490 -59.78 2.06 -99.93
CA TRP F 490 -58.38 2.42 -100.16
C TRP F 490 -57.90 1.92 -101.49
N ASP F 491 -58.69 1.03 -102.10
CA ASP F 491 -58.35 0.49 -103.41
C ASP F 491 -58.97 1.48 -104.39
N LYS F 492 -60.24 1.79 -104.18
CA LYS F 492 -60.91 2.71 -105.06
C LYS F 492 -60.27 4.12 -105.08
N VAL F 493 -59.17 4.31 -104.36
CA VAL F 493 -58.58 5.64 -104.36
C VAL F 493 -57.25 5.78 -105.07
N VAL F 494 -56.42 4.74 -105.01
CA VAL F 494 -55.11 4.81 -105.66
C VAL F 494 -55.19 4.63 -107.18
N ASN F 495 -56.39 4.41 -107.71
CA ASN F 495 -56.57 4.25 -109.16
C ASN F 495 -56.75 5.61 -109.80
N THR F 496 -57.03 6.60 -108.97
CA THR F 496 -57.23 7.96 -109.42
C THR F 496 -55.99 8.35 -110.24
N PRO F 497 -56.20 8.89 -111.47
CA PRO F 497 -55.08 9.29 -112.32
C PRO F 497 -54.33 10.48 -111.75
N ASN F 498 -55.10 11.51 -111.41
CA ASN F 498 -54.55 12.75 -110.84
C ASN F 498 -53.67 12.45 -109.62
N SER F 499 -52.38 12.65 -109.78
CA SER F 499 -51.46 12.40 -108.70
C SER F 499 -51.83 13.29 -107.52
N LEU F 500 -51.98 14.59 -107.76
CA LEU F 500 -52.33 15.49 -106.68
C LEU F 500 -53.59 15.00 -105.99
N GLU F 501 -54.52 14.47 -106.78
CA GLU F 501 -55.78 13.93 -106.25
C GLU F 501 -55.51 12.70 -105.39
N LYS F 502 -54.57 11.87 -105.82
CA LYS F 502 -54.21 10.66 -105.10
C LYS F 502 -53.62 10.97 -103.73
N GLN F 503 -52.94 12.10 -103.61
CA GLN F 503 -52.37 12.46 -102.32
C GLN F 503 -53.49 12.85 -101.39
N LYS F 504 -54.32 13.79 -101.85
CA LYS F 504 -55.44 14.26 -101.07
C LYS F 504 -56.25 13.03 -100.67
N GLY F 505 -56.85 12.38 -101.67
CA GLY F 505 -57.63 11.18 -101.42
C GLY F 505 -57.08 10.31 -100.30
N VAL F 506 -55.78 10.04 -100.33
CA VAL F 506 -55.14 9.21 -99.30
C VAL F 506 -55.18 9.86 -97.93
N THR F 507 -54.72 11.11 -97.85
CA THR F 507 -54.69 11.83 -96.59
C THR F 507 -56.05 11.75 -95.88
N ASN F 508 -57.12 12.16 -96.57
CA ASN F 508 -58.46 12.08 -96.00
C ASN F 508 -58.73 10.67 -95.51
N LEU F 509 -58.11 9.68 -96.15
CA LEU F 509 -58.31 8.32 -95.68
C LEU F 509 -57.66 8.18 -94.32
N LEU F 510 -56.36 8.46 -94.25
CA LEU F 510 -55.58 8.39 -93.01
C LEU F 510 -56.31 9.17 -91.91
N ILE F 511 -56.78 10.36 -92.29
CA ILE F 511 -57.53 11.24 -91.41
C ILE F 511 -58.76 10.46 -90.94
N LYS F 512 -59.62 10.17 -91.90
CA LYS F 512 -60.85 9.43 -91.72
C LYS F 512 -60.71 8.21 -90.82
N TYR F 513 -60.05 7.18 -91.33
CA TYR F 513 -59.88 5.95 -90.58
C TYR F 513 -58.90 5.91 -89.42
N GLY F 514 -58.23 7.03 -89.10
CA GLY F 514 -57.29 6.96 -87.99
C GLY F 514 -56.98 8.21 -87.19
N ILE F 515 -57.39 9.37 -87.67
CA ILE F 515 -57.14 10.63 -86.95
C ILE F 515 -58.42 11.23 -86.36
N GLU F 516 -59.52 11.07 -87.07
CA GLU F 516 -60.76 11.63 -86.63
C GLU F 516 -61.27 11.03 -85.35
N ARG F 517 -61.66 11.92 -84.45
CA ARG F 517 -62.21 11.58 -83.14
C ARG F 517 -63.59 12.23 -83.03
N LYS F 518 -64.59 11.43 -82.69
CA LYS F 518 -65.96 11.90 -82.52
C LYS F 518 -66.36 11.59 -81.09
N PRO F 519 -67.54 12.05 -80.65
CA PRO F 519 -67.91 11.73 -79.28
C PRO F 519 -68.47 10.31 -79.26
N ASP F 520 -68.80 9.82 -78.08
CA ASP F 520 -69.30 8.46 -77.99
C ASP F 520 -70.18 8.30 -76.76
N SER F 521 -71.32 7.64 -76.97
CA SER F 521 -72.31 7.41 -75.93
C SER F 521 -71.74 7.27 -74.53
N THR F 522 -70.86 6.27 -74.39
CA THR F 522 -70.26 5.96 -73.11
C THR F 522 -68.83 6.42 -72.85
N LYS F 523 -67.90 5.93 -73.67
CA LYS F 523 -66.47 6.21 -73.51
C LYS F 523 -65.92 7.59 -73.82
N GLY F 524 -66.71 8.63 -73.59
CA GLY F 524 -66.23 9.98 -73.85
C GLY F 524 -65.87 10.22 -75.30
N THR F 525 -64.96 11.15 -75.55
CA THR F 525 -64.54 11.47 -76.92
C THR F 525 -63.30 10.73 -77.35
N LEU F 526 -63.41 9.87 -78.35
CA LEU F 526 -62.25 9.13 -78.82
C LEU F 526 -62.39 8.63 -80.21
N SER F 527 -61.32 8.07 -80.72
CA SER F 527 -61.34 7.54 -82.07
C SER F 527 -62.00 6.19 -82.07
N ASN F 528 -62.39 5.73 -83.26
CA ASN F 528 -63.00 4.40 -83.39
C ASN F 528 -61.94 3.34 -83.13
N TRP F 529 -60.86 3.39 -83.90
CA TRP F 529 -59.80 2.42 -83.70
C TRP F 529 -59.42 2.54 -82.24
N GLN F 530 -59.50 3.75 -81.71
CA GLN F 530 -59.18 3.95 -80.30
C GLN F 530 -60.13 3.16 -79.40
N LYS F 531 -61.40 3.12 -79.77
CA LYS F 531 -62.37 2.40 -78.97
C LYS F 531 -62.05 0.93 -79.01
N GLN F 532 -61.86 0.40 -80.20
CA GLN F 532 -61.56 -1.02 -80.28
C GLN F 532 -60.30 -1.29 -79.47
N MET F 533 -59.36 -0.36 -79.50
CA MET F 533 -58.16 -0.51 -78.72
C MET F 533 -58.52 -0.50 -77.25
N LEU F 534 -59.57 0.24 -76.90
CA LEU F 534 -59.98 0.32 -75.50
C LEU F 534 -60.49 -1.01 -75.00
N ASP F 535 -61.43 -1.59 -75.73
CA ASP F 535 -61.94 -2.87 -75.30
C ASP F 535 -60.82 -3.89 -75.17
N ARG F 536 -60.10 -4.15 -76.26
CA ARG F 536 -59.01 -5.11 -76.23
C ARG F 536 -58.17 -4.96 -74.98
N LEU F 537 -58.11 -3.76 -74.43
CA LEU F 537 -57.35 -3.56 -73.22
C LEU F 537 -58.15 -4.16 -72.07
N ASN F 538 -59.42 -3.79 -71.96
CA ASN F 538 -60.24 -4.32 -70.89
C ASN F 538 -60.37 -5.83 -70.97
N GLU F 539 -60.99 -6.35 -72.04
CA GLU F 539 -61.13 -7.80 -72.19
C GLU F 539 -59.81 -8.46 -71.83
N ALA F 540 -58.72 -7.74 -72.04
CA ALA F 540 -57.42 -8.28 -71.71
C ALA F 540 -57.29 -8.48 -70.20
N VAL F 541 -57.46 -7.41 -69.41
CA VAL F 541 -57.34 -7.58 -67.96
C VAL F 541 -58.53 -8.29 -67.36
N LYS F 542 -59.48 -8.66 -68.20
CA LYS F 542 -60.67 -9.36 -67.72
C LYS F 542 -60.31 -10.84 -67.60
N TYR F 543 -59.50 -11.32 -68.53
CA TYR F 543 -59.07 -12.72 -68.53
C TYR F 543 -57.91 -12.85 -67.55
N THR F 544 -57.34 -11.71 -67.17
CA THR F 544 -56.23 -11.73 -66.23
C THR F 544 -56.83 -11.98 -64.85
N GLY F 545 -58.14 -12.17 -64.79
CA GLY F 545 -58.76 -12.45 -63.52
C GLY F 545 -59.43 -11.32 -62.75
N TYR F 546 -59.78 -10.24 -63.45
CA TYR F 546 -60.45 -9.09 -62.83
C TYR F 546 -61.93 -9.45 -62.71
N THR F 547 -62.65 -8.74 -61.86
CA THR F 547 -64.07 -9.00 -61.67
C THR F 547 -64.84 -7.74 -61.35
N GLY F 548 -64.21 -6.59 -61.54
CA GLY F 548 -64.86 -5.33 -61.24
C GLY F 548 -65.28 -4.54 -62.47
N GLY F 549 -65.29 -5.18 -63.63
CA GLY F 549 -65.68 -4.49 -64.85
C GLY F 549 -64.49 -4.11 -65.72
N ASP F 550 -64.50 -2.89 -66.24
CA ASP F 550 -63.43 -2.36 -67.10
C ASP F 550 -62.44 -1.60 -66.26
N VAL F 551 -61.31 -1.23 -66.85
CA VAL F 551 -60.33 -0.48 -66.10
C VAL F 551 -59.89 0.74 -66.89
N VAL F 552 -60.39 0.81 -68.13
CA VAL F 552 -60.14 1.93 -69.02
C VAL F 552 -61.55 2.33 -69.46
N ASN F 553 -62.09 3.39 -68.87
CA ASN F 553 -63.45 3.79 -69.16
C ASN F 553 -63.69 4.86 -70.21
N HIS F 554 -62.69 5.71 -70.47
CA HIS F 554 -62.84 6.76 -71.47
C HIS F 554 -61.63 6.89 -72.39
N GLY F 555 -61.69 7.87 -73.29
CA GLY F 555 -60.63 8.12 -74.24
C GLY F 555 -59.33 8.71 -73.70
N THR F 556 -58.38 8.91 -74.62
CA THR F 556 -57.07 9.43 -74.28
C THR F 556 -57.02 10.90 -73.88
N GLU F 557 -56.44 11.18 -72.72
CA GLU F 557 -56.30 12.54 -72.22
C GLU F 557 -55.88 13.60 -73.27
N GLN F 558 -55.52 13.15 -74.46
CA GLN F 558 -55.13 14.05 -75.53
C GLN F 558 -56.37 14.53 -76.26
N ASP F 559 -57.50 14.45 -75.59
CA ASP F 559 -58.77 14.92 -76.12
C ASP F 559 -59.51 15.64 -75.01
N ASN F 560 -58.82 15.71 -73.87
CA ASN F 560 -59.31 16.38 -72.69
C ASN F 560 -59.01 17.83 -73.01
N GLU F 561 -59.67 18.32 -74.06
CA GLU F 561 -59.49 19.69 -74.54
C GLU F 561 -59.93 20.72 -73.51
N GLU F 562 -61.09 20.49 -72.90
CA GLU F 562 -61.64 21.37 -71.87
C GLU F 562 -60.76 21.59 -70.63
N PHE F 563 -60.54 20.52 -69.86
CA PHE F 563 -59.76 20.61 -68.61
C PHE F 563 -58.44 19.84 -68.66
N PRO F 564 -57.62 20.04 -69.70
CA PRO F 564 -56.36 19.33 -69.80
C PRO F 564 -55.47 19.37 -68.56
N GLU F 565 -54.94 18.21 -68.18
CA GLU F 565 -54.04 18.10 -67.02
C GLU F 565 -52.62 17.81 -67.52
N LYS F 566 -51.64 18.38 -66.84
CA LYS F 566 -50.23 18.21 -67.18
C LYS F 566 -49.49 17.36 -66.17
N ASP F 567 -49.29 16.08 -66.45
CA ASP F 567 -48.56 15.24 -65.52
C ASP F 567 -47.10 15.18 -65.90
N ASN F 568 -46.24 15.09 -64.88
CA ASN F 568 -44.81 14.99 -65.12
C ASN F 568 -44.52 13.58 -65.58
N GLU F 569 -44.49 12.64 -64.65
CA GLU F 569 -44.24 11.23 -64.97
C GLU F 569 -45.33 10.61 -65.84
N ILE F 570 -44.93 9.86 -66.85
CA ILE F 570 -45.87 9.19 -67.75
C ILE F 570 -45.37 7.78 -68.07
N PHE F 571 -46.11 6.78 -67.60
CA PHE F 571 -45.76 5.37 -67.82
C PHE F 571 -46.09 5.04 -69.26
N ILE F 572 -45.25 4.23 -69.90
CA ILE F 572 -45.48 3.84 -71.28
C ILE F 572 -45.27 2.35 -71.43
N ILE F 573 -45.79 1.78 -72.50
CA ILE F 573 -45.65 0.36 -72.77
C ILE F 573 -45.42 0.29 -74.26
N ASN F 574 -44.16 0.26 -74.66
CA ASN F 574 -43.81 0.25 -76.08
C ASN F 574 -44.34 -0.92 -76.86
N PRO F 575 -44.12 -0.91 -78.17
CA PRO F 575 -44.60 -2.01 -78.99
C PRO F 575 -43.86 -3.33 -78.71
N GLU F 576 -42.58 -3.25 -78.32
CA GLU F 576 -41.77 -4.43 -78.00
C GLU F 576 -42.29 -5.07 -76.71
N GLY F 577 -42.75 -4.23 -75.77
CA GLY F 577 -43.26 -4.75 -74.52
C GLY F 577 -42.48 -4.36 -73.28
N GLU F 578 -41.62 -3.35 -73.41
CA GLU F 578 -40.82 -2.88 -72.28
C GLU F 578 -41.68 -1.90 -71.46
N PHE F 579 -41.18 -1.40 -70.34
CA PHE F 579 -41.94 -0.42 -69.57
C PHE F 579 -41.06 0.81 -69.40
N ILE F 580 -41.61 1.98 -69.68
CA ILE F 580 -40.85 3.22 -69.57
C ILE F 580 -41.67 4.28 -68.88
N LEU F 581 -41.00 5.10 -68.07
CA LEU F 581 -41.70 6.14 -67.35
C LEU F 581 -40.96 7.45 -67.42
N THR F 582 -41.31 8.32 -68.34
CA THR F 582 -40.64 9.61 -68.42
C THR F 582 -40.68 10.27 -67.04
N LYS F 583 -39.94 11.36 -66.87
CA LYS F 583 -39.93 12.05 -65.59
C LYS F 583 -40.38 13.50 -65.79
N ASN F 584 -40.31 13.98 -67.03
CA ASN F 584 -40.69 15.36 -67.32
C ASN F 584 -41.70 15.57 -68.42
N TRP F 585 -42.37 16.71 -68.36
CA TRP F 585 -43.34 17.07 -69.38
C TRP F 585 -42.51 17.21 -70.63
N GLU F 586 -41.24 17.53 -70.41
CA GLU F 586 -40.30 17.70 -71.50
C GLU F 586 -39.93 16.31 -71.99
N MET F 587 -39.23 15.57 -71.16
CA MET F 587 -38.81 14.23 -71.52
C MET F 587 -39.86 13.55 -72.36
N THR F 588 -41.10 13.55 -71.87
CA THR F 588 -42.19 12.92 -72.59
C THR F 588 -42.31 13.47 -73.98
N GLY F 589 -42.41 14.79 -74.06
CA GLY F 589 -42.54 15.43 -75.36
C GLY F 589 -41.35 15.12 -76.23
N ARG F 590 -40.30 14.58 -75.59
CA ARG F 590 -39.05 14.22 -76.23
C ARG F 590 -39.00 12.72 -76.51
N PHE F 591 -39.29 11.90 -75.51
CA PHE F 591 -39.27 10.46 -75.73
C PHE F 591 -40.24 10.14 -76.83
N ILE F 592 -41.19 11.04 -77.06
CA ILE F 592 -42.20 10.84 -78.08
C ILE F 592 -41.76 11.33 -79.45
N GLU F 593 -40.95 12.39 -79.49
CA GLU F 593 -40.47 12.89 -80.78
C GLU F 593 -39.58 11.77 -81.32
N LYS F 594 -38.77 11.22 -80.42
CA LYS F 594 -37.81 10.18 -80.76
C LYS F 594 -38.35 8.79 -81.10
N ASN F 595 -39.43 8.37 -80.47
CA ASN F 595 -39.89 7.04 -80.80
C ASN F 595 -41.25 6.98 -81.44
N ILE F 596 -42.21 7.74 -80.89
CA ILE F 596 -43.54 7.73 -81.47
C ILE F 596 -43.65 8.63 -82.69
N THR F 597 -43.34 9.91 -82.54
CA THR F 597 -43.43 10.87 -83.63
C THR F 597 -42.69 10.45 -84.90
N GLY F 598 -41.38 10.70 -84.91
CA GLY F 598 -40.56 10.39 -86.07
C GLY F 598 -40.14 8.95 -86.21
N LYS F 599 -41.14 7.97 -86.09
CA LYS F 599 -40.83 6.51 -86.24
C LYS F 599 -41.98 5.64 -86.80
N ASP F 600 -42.67 6.20 -87.78
CA ASP F 600 -43.77 5.54 -88.46
C ASP F 600 -44.99 5.23 -87.59
N TYR F 601 -45.07 5.84 -86.42
CA TYR F 601 -46.21 5.64 -85.57
C TYR F 601 -47.10 6.89 -85.66
N LEU F 602 -48.38 6.74 -85.57
CA LEU F 602 -49.31 7.84 -85.64
C LEU F 602 -49.71 8.40 -84.29
N TYR F 603 -49.35 9.65 -84.03
CA TYR F 603 -49.68 10.30 -82.76
C TYR F 603 -50.16 11.71 -83.08
N TYR F 604 -51.05 12.21 -82.23
CA TYR F 604 -51.58 13.56 -82.39
C TYR F 604 -51.65 14.12 -80.98
N PHE F 605 -51.42 15.42 -80.82
CA PHE F 605 -51.44 15.97 -79.48
C PHE F 605 -52.60 16.94 -79.23
N ASN F 606 -52.96 17.04 -77.95
CA ASN F 606 -54.08 17.85 -77.46
C ASN F 606 -54.33 19.18 -78.15
N ARG F 607 -55.47 19.27 -78.79
CA ARG F 607 -55.83 20.48 -79.51
C ARG F 607 -55.72 21.73 -78.66
N SER F 608 -55.59 21.58 -77.34
CA SER F 608 -55.53 22.76 -76.48
C SER F 608 -54.14 23.13 -76.06
N TYR F 609 -53.14 22.41 -76.55
CA TYR F 609 -51.77 22.76 -76.17
C TYR F 609 -51.35 24.02 -76.92
N ASN F 610 -50.61 24.85 -76.19
CA ASN F 610 -50.11 26.11 -76.72
C ASN F 610 -51.27 27.06 -76.94
N LYS F 611 -52.29 26.91 -76.11
CA LYS F 611 -53.47 27.76 -76.11
C LYS F 611 -53.97 27.70 -74.69
N ILE F 612 -54.94 28.54 -74.37
CA ILE F 612 -55.50 28.53 -73.02
C ILE F 612 -56.73 27.68 -73.04
N ALA F 613 -56.72 26.67 -72.19
CA ALA F 613 -57.82 25.73 -72.11
C ALA F 613 -59.06 26.30 -71.42
N PRO F 614 -60.11 26.61 -72.21
CA PRO F 614 -61.35 27.15 -71.69
C PRO F 614 -61.67 26.70 -70.26
N GLY F 615 -62.04 25.44 -70.14
CA GLY F 615 -62.40 24.88 -68.86
C GLY F 615 -61.64 25.36 -67.64
N ASN F 616 -60.36 25.04 -67.58
CA ASN F 616 -59.53 25.41 -66.45
C ASN F 616 -58.60 26.55 -66.76
N LYS F 617 -58.82 27.18 -67.91
CA LYS F 617 -58.00 28.31 -68.33
C LYS F 617 -56.51 28.01 -68.12
N ALA F 618 -56.07 26.84 -68.59
CA ALA F 618 -54.69 26.42 -68.44
C ALA F 618 -53.86 26.42 -69.73
N TYR F 619 -52.58 26.72 -69.55
CA TYR F 619 -51.65 26.79 -70.67
C TYR F 619 -50.60 25.69 -70.54
N ILE F 620 -50.71 24.69 -71.40
CA ILE F 620 -49.77 23.57 -71.41
C ILE F 620 -49.05 23.59 -72.76
N GLU F 621 -47.73 23.82 -72.72
CA GLU F 621 -46.89 23.89 -73.91
C GLU F 621 -46.45 22.53 -74.50
N TRP F 622 -46.35 22.45 -75.83
CA TRP F 622 -45.95 21.23 -76.52
C TRP F 622 -45.32 21.64 -77.83
N THR F 623 -44.11 21.17 -78.12
CA THR F 623 -43.43 21.55 -79.36
C THR F 623 -44.26 21.22 -80.58
N ASP F 624 -44.67 22.25 -81.30
CA ASP F 624 -45.50 22.07 -82.49
C ASP F 624 -44.66 22.47 -83.68
N PRO F 625 -44.41 21.53 -84.59
CA PRO F 625 -43.62 21.82 -85.78
C PRO F 625 -44.13 22.98 -86.59
N ILE F 626 -45.38 22.90 -87.03
CA ILE F 626 -45.94 23.97 -87.85
C ILE F 626 -45.59 25.35 -87.34
N THR F 627 -45.83 25.58 -86.07
CA THR F 627 -45.54 26.87 -85.45
C THR F 627 -44.05 27.22 -85.48
N LYS F 628 -43.22 26.18 -85.52
CA LYS F 628 -41.76 26.33 -85.54
C LYS F 628 -41.27 26.90 -86.89
N ALA F 629 -42.20 27.19 -87.79
CA ALA F 629 -41.87 27.70 -89.11
C ALA F 629 -42.75 28.86 -89.51
N LYS F 630 -43.51 29.36 -88.55
CA LYS F 630 -44.38 30.50 -88.84
C LYS F 630 -43.42 31.67 -89.08
N ILE F 631 -42.37 31.72 -88.26
CA ILE F 631 -41.35 32.76 -88.30
C ILE F 631 -40.92 33.13 -89.69
N ASN F 632 -40.93 32.17 -90.61
CA ASN F 632 -40.51 32.44 -91.96
C ASN F 632 -41.62 32.18 -92.96
N THR F 633 -42.79 32.75 -92.73
CA THR F 633 -43.94 32.55 -93.64
C THR F 633 -44.82 33.76 -93.87
N ILE F 634 -45.12 34.05 -95.14
CA ILE F 634 -45.97 35.19 -95.43
C ILE F 634 -47.42 34.85 -95.07
N PRO F 635 -47.91 35.37 -93.92
CA PRO F 635 -49.27 35.12 -93.47
C PRO F 635 -50.25 34.98 -94.58
N THR F 636 -51.39 34.38 -94.26
CA THR F 636 -52.46 34.15 -95.23
C THR F 636 -53.47 35.29 -95.26
N SER F 637 -54.20 35.41 -96.36
CA SER F 637 -55.19 36.48 -96.40
C SER F 637 -55.98 36.39 -95.13
N ALA F 638 -56.63 35.25 -94.96
CA ALA F 638 -57.48 34.94 -93.81
C ALA F 638 -56.78 34.89 -92.45
N GLU F 639 -55.53 34.50 -92.41
CA GLU F 639 -54.87 34.48 -91.13
C GLU F 639 -54.66 35.92 -90.71
N PHE F 640 -54.55 36.78 -91.72
CA PHE F 640 -54.31 38.19 -91.50
C PHE F 640 -55.57 38.82 -90.98
N ILE F 641 -56.64 38.72 -91.75
CA ILE F 641 -57.90 39.28 -91.33
C ILE F 641 -58.22 38.80 -89.91
N LYS F 642 -58.08 37.52 -89.68
CA LYS F 642 -58.34 36.95 -88.35
C LYS F 642 -57.61 37.74 -87.25
N ASN F 643 -56.32 38.00 -87.47
CA ASN F 643 -55.49 38.73 -86.51
C ASN F 643 -56.04 40.11 -86.20
N LEU F 644 -56.51 40.81 -87.22
CA LEU F 644 -57.07 42.14 -87.02
C LEU F 644 -58.29 41.97 -86.14
N SER F 645 -59.20 41.11 -86.57
CA SER F 645 -60.41 40.81 -85.82
C SER F 645 -60.04 40.74 -84.33
N SER F 646 -59.12 39.83 -84.01
CA SER F 646 -58.66 39.64 -82.65
C SER F 646 -58.39 40.95 -81.93
N ILE F 647 -57.42 41.71 -82.42
CA ILE F 647 -57.04 42.99 -81.79
C ILE F 647 -58.22 43.97 -81.65
N ARG F 648 -59.14 43.92 -82.60
CA ARG F 648 -60.31 44.79 -82.55
C ARG F 648 -61.04 44.43 -81.26
N ARG F 649 -61.11 43.13 -80.89
CA ARG F 649 -61.87 42.80 -79.69
C ARG F 649 -61.17 43.27 -78.40
N SER F 650 -59.88 43.75 -78.48
CA SER F 650 -58.98 44.07 -77.30
C SER F 650 -58.55 45.55 -77.11
N SER F 651 -57.71 46.08 -77.97
CA SER F 651 -57.77 47.51 -77.91
C SER F 651 -59.18 47.52 -78.54
N ASN F 652 -60.10 48.33 -78.10
CA ASN F 652 -61.41 48.33 -78.74
C ASN F 652 -61.36 49.40 -79.85
N VAL F 653 -60.40 49.23 -80.75
CA VAL F 653 -60.12 50.22 -81.79
C VAL F 653 -59.62 49.38 -82.98
N GLY F 654 -60.37 49.50 -84.12
CA GLY F 654 -60.00 48.74 -85.30
C GLY F 654 -58.93 49.41 -86.14
N VAL F 655 -58.26 48.62 -86.99
CA VAL F 655 -57.21 49.14 -87.85
C VAL F 655 -57.66 50.42 -88.49
N TYR F 656 -58.97 50.55 -88.68
CA TYR F 656 -59.51 51.75 -89.29
C TYR F 656 -60.88 51.98 -88.70
N LYS F 657 -61.17 53.23 -88.34
CA LYS F 657 -62.45 53.54 -87.75
C LYS F 657 -63.52 53.79 -88.82
N ASP F 658 -64.78 53.63 -88.43
CA ASP F 658 -65.88 53.87 -89.33
C ASP F 658 -66.21 55.35 -89.17
N SER F 659 -65.45 56.20 -89.85
CA SER F 659 -65.66 57.64 -89.77
C SER F 659 -65.62 58.26 -91.15
N GLY F 660 -65.52 59.57 -91.21
CA GLY F 660 -65.51 60.24 -92.50
C GLY F 660 -64.14 60.71 -92.92
N ASP F 661 -63.16 60.59 -92.01
CA ASP F 661 -61.79 61.03 -92.28
C ASP F 661 -61.25 60.31 -93.51
N LYS F 662 -60.87 61.05 -94.55
CA LYS F 662 -60.33 60.43 -95.74
C LYS F 662 -58.97 59.86 -95.49
N ASP F 663 -58.56 59.90 -94.23
CA ASP F 663 -57.27 59.35 -93.82
C ASP F 663 -57.49 57.91 -93.38
N GLU F 664 -58.64 57.69 -92.76
CA GLU F 664 -59.04 56.38 -92.26
C GLU F 664 -59.21 55.42 -93.43
N PHE F 665 -60.20 55.72 -94.27
CA PHE F 665 -60.46 54.94 -95.47
C PHE F 665 -59.13 54.60 -96.16
N ALA F 666 -58.22 55.55 -96.22
CA ALA F 666 -56.93 55.30 -96.84
C ALA F 666 -56.35 54.08 -96.18
N LYS F 667 -56.36 54.07 -94.84
CA LYS F 667 -55.85 52.94 -94.10
C LYS F 667 -56.70 51.74 -94.46
N LYS F 668 -58.01 51.91 -94.50
CA LYS F 668 -58.85 50.78 -94.88
C LYS F 668 -58.32 50.27 -96.22
N GLU F 669 -58.62 51.00 -97.30
CA GLU F 669 -58.22 50.61 -98.65
C GLU F 669 -56.86 49.95 -98.63
N SER F 670 -55.99 50.40 -97.74
CA SER F 670 -54.67 49.84 -97.71
C SER F 670 -54.54 48.46 -97.09
N VAL F 671 -55.41 48.10 -96.14
CA VAL F 671 -55.31 46.75 -95.58
C VAL F 671 -55.93 45.83 -96.62
N LYS F 672 -57.05 46.26 -97.19
CA LYS F 672 -57.68 45.47 -98.21
C LYS F 672 -56.60 45.20 -99.23
N LYS F 673 -55.74 46.20 -99.45
CA LYS F 673 -54.63 46.06 -100.40
C LYS F 673 -53.65 44.93 -100.00
N ILE F 674 -53.41 44.76 -98.71
CA ILE F 674 -52.52 43.70 -98.25
C ILE F 674 -53.29 42.38 -98.30
N ALA F 675 -54.55 42.45 -97.91
CA ALA F 675 -55.42 41.28 -97.90
C ALA F 675 -55.52 40.77 -99.31
N GLY F 676 -55.00 41.55 -100.23
CA GLY F 676 -55.03 41.15 -101.62
C GLY F 676 -53.74 40.41 -101.93
N TYR F 677 -52.64 41.13 -101.87
CA TYR F 677 -51.33 40.56 -102.14
C TYR F 677 -51.22 39.25 -101.37
N LEU F 678 -51.32 39.33 -100.05
CA LEU F 678 -51.23 38.16 -99.20
C LEU F 678 -51.87 36.92 -99.76
N SER F 679 -53.06 37.02 -100.32
CA SER F 679 -53.67 35.82 -100.85
C SER F 679 -53.12 35.57 -102.25
N ASP F 680 -52.76 36.63 -102.96
CA ASP F 680 -52.19 36.49 -104.30
C ASP F 680 -50.94 35.62 -104.22
N TYR F 681 -50.25 35.69 -103.08
CA TYR F 681 -49.05 34.91 -102.86
C TYR F 681 -49.44 33.45 -103.00
N TYR F 682 -50.41 33.02 -102.20
CA TYR F 682 -50.89 31.65 -102.21
C TYR F 682 -51.97 31.42 -103.25
N ASN F 683 -51.61 31.57 -104.53
CA ASN F 683 -52.54 31.32 -105.62
C ASN F 683 -52.22 29.91 -106.09
N SER F 684 -53.25 29.07 -106.19
CA SER F 684 -53.05 27.67 -106.61
C SER F 684 -52.66 27.49 -108.09
N ALA F 685 -52.85 28.52 -108.90
CA ALA F 685 -52.47 28.43 -110.31
C ALA F 685 -50.97 28.60 -110.48
N ASN F 686 -50.22 28.50 -109.40
CA ASN F 686 -48.77 28.61 -109.46
C ASN F 686 -48.20 27.31 -110.00
N HIS F 687 -49.08 26.35 -110.30
CA HIS F 687 -48.59 25.05 -110.80
C HIS F 687 -48.11 25.11 -112.23
N ILE F 688 -48.69 25.99 -113.02
CA ILE F 688 -48.30 26.12 -114.41
C ILE F 688 -46.96 26.81 -114.61
N PHE F 689 -46.24 27.10 -113.53
CA PHE F 689 -44.94 27.74 -113.67
C PHE F 689 -43.84 26.84 -113.18
N SER F 690 -42.61 27.19 -113.52
CA SER F 690 -41.45 26.39 -113.11
C SER F 690 -40.83 26.87 -111.80
N GLN F 691 -40.37 25.94 -110.97
CA GLN F 691 -39.76 26.30 -109.70
C GLN F 691 -39.10 27.68 -109.71
N GLU F 692 -38.08 27.85 -110.53
CA GLU F 692 -37.36 29.14 -110.63
C GLU F 692 -38.35 30.29 -110.48
N LYS F 693 -39.30 30.36 -111.42
CA LYS F 693 -40.33 31.39 -111.45
C LYS F 693 -41.05 31.47 -110.11
N LYS F 694 -41.69 30.38 -109.71
CA LYS F 694 -42.41 30.33 -108.46
C LYS F 694 -41.74 31.25 -107.44
N ARG F 695 -40.53 30.91 -107.02
CA ARG F 695 -39.80 31.71 -106.04
C ARG F 695 -39.79 33.17 -106.44
N LYS F 696 -39.50 33.43 -107.71
CA LYS F 696 -39.46 34.79 -108.21
C LYS F 696 -40.84 35.43 -108.10
N ILE F 697 -41.74 35.02 -109.00
CA ILE F 697 -43.10 35.56 -109.03
C ILE F 697 -43.73 35.74 -107.64
N SER F 698 -43.21 35.02 -106.65
CA SER F 698 -43.69 35.10 -105.29
C SER F 698 -42.82 36.04 -104.46
N ILE F 699 -41.49 35.88 -104.54
CA ILE F 699 -40.60 36.77 -103.79
C ILE F 699 -41.08 38.19 -104.05
N PHE F 700 -41.71 38.38 -105.21
CA PHE F 700 -42.23 39.69 -105.54
C PHE F 700 -43.55 39.88 -104.86
N ARG F 701 -44.48 38.99 -105.18
CA ARG F 701 -45.84 38.99 -104.61
C ARG F 701 -45.74 39.41 -103.16
N GLY F 702 -44.87 38.71 -102.44
CA GLY F 702 -44.66 38.98 -101.04
C GLY F 702 -44.11 40.37 -100.83
N ILE F 703 -43.14 40.73 -101.66
CA ILE F 703 -42.49 42.05 -101.58
C ILE F 703 -43.50 43.18 -101.67
N GLN F 704 -44.45 43.04 -102.57
CA GLN F 704 -45.49 44.03 -102.76
C GLN F 704 -46.20 44.18 -101.43
N ALA F 705 -46.46 43.04 -100.80
CA ALA F 705 -47.13 43.04 -99.51
C ALA F 705 -46.33 43.88 -98.51
N TYR F 706 -45.06 43.54 -98.34
CA TYR F 706 -44.17 44.27 -97.43
C TYR F 706 -44.35 45.74 -97.69
N ASN F 707 -44.37 46.11 -98.96
CA ASN F 707 -44.54 47.50 -99.32
C ASN F 707 -45.73 48.08 -98.55
N GLU F 708 -46.94 47.90 -99.07
CA GLU F 708 -48.14 48.43 -98.43
C GLU F 708 -48.16 48.36 -96.92
N ILE F 709 -47.55 47.35 -96.34
CA ILE F 709 -47.49 47.27 -94.90
C ILE F 709 -46.75 48.56 -94.56
N GLU F 710 -45.46 48.59 -94.93
CA GLU F 710 -44.57 49.75 -94.74
C GLU F 710 -45.36 51.04 -94.85
N ASN F 711 -46.12 51.15 -95.94
CA ASN F 711 -46.95 52.30 -96.17
C ASN F 711 -47.77 52.63 -94.94
N VAL F 712 -48.82 51.87 -94.69
CA VAL F 712 -49.68 52.10 -93.55
C VAL F 712 -48.90 52.47 -92.29
N LEU F 713 -47.96 51.59 -91.91
CA LEU F 713 -47.11 51.77 -90.73
C LEU F 713 -46.46 53.15 -90.66
N LYS F 714 -46.52 53.86 -91.78
CA LYS F 714 -45.99 55.21 -91.92
C LYS F 714 -47.22 56.00 -92.37
N SER F 715 -48.20 55.92 -91.54
CA SER F 715 -49.43 56.62 -91.89
C SER F 715 -49.96 57.47 -90.74
N LYS F 716 -51.26 57.68 -90.71
CA LYS F 716 -51.84 58.42 -89.59
C LYS F 716 -51.81 57.55 -88.35
N GLN F 717 -52.48 57.99 -87.32
CA GLN F 717 -52.49 57.27 -86.06
C GLN F 717 -53.13 55.90 -86.13
N ILE F 718 -52.33 54.92 -86.01
CA ILE F 718 -52.72 53.52 -86.01
C ILE F 718 -52.31 53.05 -84.64
N ALA F 719 -53.30 52.73 -83.81
CA ALA F 719 -53.04 52.29 -82.46
C ALA F 719 -51.73 51.53 -82.36
N PRO F 720 -50.96 51.80 -81.32
CA PRO F 720 -49.67 51.14 -81.11
C PRO F 720 -49.79 49.64 -80.87
N GLU F 721 -51.01 49.11 -80.94
CA GLU F 721 -51.21 47.68 -80.75
C GLU F 721 -51.06 47.00 -82.10
N TYR F 722 -51.42 47.75 -83.15
CA TYR F 722 -51.32 47.27 -84.53
C TYR F 722 -49.92 47.60 -85.00
N LYS F 723 -49.47 48.79 -84.61
CA LYS F 723 -48.16 49.26 -84.95
C LYS F 723 -47.23 48.08 -84.79
N ASN F 724 -47.38 47.39 -83.67
CA ASN F 724 -46.57 46.21 -83.34
C ASN F 724 -46.91 45.02 -84.24
N TYR F 725 -48.16 44.56 -84.24
CA TYR F 725 -48.55 43.43 -85.10
C TYR F 725 -47.94 43.66 -86.48
N PHE F 726 -48.35 44.75 -87.12
CA PHE F 726 -47.81 45.09 -88.43
C PHE F 726 -46.29 44.98 -88.43
N GLN F 727 -45.64 45.33 -87.32
CA GLN F 727 -44.19 45.25 -87.26
C GLN F 727 -43.79 43.78 -87.35
N TYR F 728 -44.52 42.96 -86.62
CA TYR F 728 -44.28 41.52 -86.59
C TYR F 728 -44.47 40.93 -87.99
N LEU F 729 -45.52 41.36 -88.69
CA LEU F 729 -45.76 40.88 -90.03
C LEU F 729 -44.55 41.12 -90.92
N LYS F 730 -43.88 42.25 -90.73
CA LYS F 730 -42.72 42.56 -91.54
C LYS F 730 -41.68 41.49 -91.37
N GLU F 731 -41.13 41.38 -90.16
CA GLU F 731 -40.11 40.38 -89.91
C GLU F 731 -40.41 39.10 -90.69
N ARG F 732 -41.68 38.71 -90.68
CA ARG F 732 -42.11 37.51 -91.40
C ARG F 732 -41.83 37.64 -92.88
N ILE F 733 -42.65 38.42 -93.58
CA ILE F 733 -42.50 38.65 -95.01
C ILE F 733 -41.04 38.70 -95.35
N THR F 734 -40.29 39.47 -94.59
CA THR F 734 -38.86 39.55 -94.80
C THR F 734 -38.36 38.12 -94.79
N ASN F 735 -38.31 37.50 -93.61
CA ASN F 735 -37.84 36.13 -93.44
C ASN F 735 -38.20 35.19 -94.59
N GLN F 736 -39.48 35.16 -94.95
CA GLN F 736 -40.01 34.30 -96.02
C GLN F 736 -39.37 34.61 -97.37
N VAL F 737 -39.11 35.88 -97.62
CA VAL F 737 -38.50 36.27 -98.88
C VAL F 737 -37.02 35.93 -98.85
N GLN F 738 -36.40 35.97 -97.68
CA GLN F 738 -34.98 35.63 -97.59
C GLN F 738 -34.84 34.15 -97.85
N LEU F 739 -35.81 33.36 -97.40
CA LEU F 739 -35.80 31.90 -97.61
C LEU F 739 -35.97 31.60 -99.10
N LEU F 740 -36.84 32.37 -99.74
CA LEU F 740 -37.08 32.19 -101.17
C LEU F 740 -35.90 32.68 -101.98
N LEU F 741 -34.83 33.10 -101.26
CA LEU F 741 -33.62 33.57 -101.90
C LEU F 741 -32.57 32.49 -101.73
N THR F 742 -32.30 32.07 -100.49
CA THR F 742 -31.28 31.02 -100.26
C THR F 742 -31.68 29.77 -100.95
N HIS F 743 -32.70 29.82 -101.74
CA HIS F 743 -32.92 28.56 -102.38
C HIS F 743 -32.29 28.67 -103.81
N GLN F 744 -32.10 29.91 -104.26
CA GLN F 744 -31.64 30.29 -105.60
C GLN F 744 -30.24 30.89 -105.74
N LYS F 745 -30.14 32.19 -105.63
CA LYS F 745 -28.85 32.81 -105.64
C LYS F 745 -28.51 33.16 -104.16
N SER F 746 -27.22 33.43 -103.85
CA SER F 746 -26.87 33.58 -102.44
C SER F 746 -26.42 34.89 -101.86
N ASN F 747 -25.98 35.91 -102.58
CA ASN F 747 -25.44 37.06 -101.84
C ASN F 747 -26.47 38.12 -101.54
N ILE F 748 -27.42 38.12 -102.45
CA ILE F 748 -28.54 39.02 -102.44
C ILE F 748 -29.22 39.05 -101.08
N GLU F 749 -29.37 40.24 -100.51
CA GLU F 749 -30.03 40.37 -99.22
C GLU F 749 -31.36 41.09 -99.39
N PHE F 750 -32.35 40.92 -98.50
CA PHE F 750 -33.65 41.57 -98.60
C PHE F 750 -33.49 43.09 -98.55
N LYS F 751 -33.23 43.59 -97.35
CA LYS F 751 -33.04 45.03 -97.10
C LYS F 751 -32.58 45.77 -98.35
N LEU F 752 -31.61 45.18 -99.04
CA LEU F 752 -31.04 45.75 -100.25
C LEU F 752 -32.00 45.65 -101.45
N LEU F 753 -32.26 44.42 -101.90
CA LEU F 753 -33.14 44.15 -103.05
C LEU F 753 -34.31 45.08 -103.02
N TYR F 754 -34.86 45.28 -101.82
CA TYR F 754 -36.01 46.15 -101.64
C TYR F 754 -35.62 47.59 -101.95
N LYS F 755 -34.58 48.07 -101.27
CA LYS F 755 -34.09 49.43 -101.48
C LYS F 755 -34.09 49.75 -102.97
N GLN F 756 -33.52 48.84 -103.75
CA GLN F 756 -33.37 48.97 -105.21
C GLN F 756 -34.63 49.03 -106.09
N LEU F 757 -35.82 49.10 -105.51
CA LEU F 757 -37.03 49.19 -106.33
C LEU F 757 -37.61 50.59 -106.31
N ASN F 758 -38.71 50.75 -107.03
CA ASN F 758 -39.40 52.04 -107.12
C ASN F 758 -40.92 51.79 -107.18
N PHE F 759 -41.59 51.86 -106.04
CA PHE F 759 -43.04 51.64 -106.00
C PHE F 759 -43.81 52.95 -106.01
N THR F 760 -43.28 53.93 -106.75
CA THR F 760 -43.89 55.25 -106.85
C THR F 760 -45.19 55.27 -107.64
N GLU F 761 -45.10 55.27 -108.97
CA GLU F 761 -46.29 55.31 -109.80
C GLU F 761 -46.47 54.04 -110.62
N ASN F 762 -45.29 53.51 -111.18
CA ASN F 762 -45.35 52.31 -112.01
C ASN F 762 -44.65 51.08 -111.42
N GLU F 763 -45.35 49.92 -111.63
CA GLU F 763 -44.95 48.56 -111.23
C GLU F 763 -44.53 47.79 -112.47
N THR F 764 -44.59 48.47 -113.57
CA THR F 764 -44.22 47.91 -114.85
C THR F 764 -42.85 47.23 -114.90
N ASP F 765 -41.84 48.02 -115.24
CA ASP F 765 -40.47 47.53 -115.32
C ASP F 765 -39.92 47.20 -113.93
N ASN F 766 -40.59 47.71 -112.90
CA ASN F 766 -40.19 47.43 -111.53
C ASN F 766 -39.92 45.97 -111.37
N PHE F 767 -40.79 45.18 -111.98
CA PHE F 767 -40.67 43.73 -111.93
C PHE F 767 -39.51 43.24 -112.81
N GLU F 768 -39.53 43.80 -114.07
CA GLU F 768 -38.46 43.42 -114.99
C GLU F 768 -37.16 43.75 -114.27
N VAL F 769 -37.15 44.92 -113.64
CA VAL F 769 -35.99 45.35 -112.89
C VAL F 769 -35.64 44.21 -111.97
N PHE F 770 -36.60 43.88 -111.12
CA PHE F 770 -36.46 42.81 -110.16
C PHE F 770 -35.78 41.57 -110.73
N GLN F 771 -36.09 41.23 -111.98
CA GLN F 771 -35.47 40.05 -112.58
C GLN F 771 -33.96 40.27 -112.58
N LYS F 772 -33.53 41.28 -113.35
CA LYS F 772 -32.11 41.57 -113.42
C LYS F 772 -31.55 41.68 -112.02
N ILE F 773 -32.34 42.26 -111.11
CA ILE F 773 -31.89 42.40 -109.73
C ILE F 773 -31.45 41.04 -109.22
N ILE F 774 -31.73 40.00 -110.01
CA ILE F 774 -31.32 38.65 -109.65
C ILE F 774 -30.50 37.99 -110.78
N ASP F 775 -29.19 38.23 -110.74
CA ASP F 775 -28.21 37.69 -111.71
C ASP F 775 -26.90 37.31 -111.02
N GLN G 4 53.31 29.49 -35.98
CA GLN G 4 52.58 29.99 -34.77
C GLN G 4 53.59 30.45 -33.72
N LEU G 5 53.84 31.75 -33.65
CA LEU G 5 54.78 32.29 -32.68
C LEU G 5 54.50 31.64 -31.32
N THR G 6 55.52 31.02 -30.72
CA THR G 6 55.36 30.37 -29.41
C THR G 6 55.16 31.40 -28.31
N GLU G 7 54.36 31.08 -27.29
CA GLU G 7 54.12 32.04 -26.23
C GLU G 7 55.43 32.72 -25.85
N GLU G 8 56.46 31.95 -25.52
CA GLU G 8 57.75 32.54 -25.17
C GLU G 8 58.09 33.60 -26.22
N GLN G 9 57.94 33.20 -27.47
CA GLN G 9 58.22 34.03 -28.61
C GLN G 9 57.27 35.23 -28.71
N ILE G 10 56.32 35.28 -27.80
CA ILE G 10 55.37 36.38 -27.80
C ILE G 10 55.77 37.38 -26.74
N ALA G 11 55.87 36.90 -25.51
CA ALA G 11 56.23 37.75 -24.38
C ALA G 11 57.38 38.63 -24.76
N GLU G 12 58.26 38.12 -25.63
CA GLU G 12 59.42 38.88 -26.11
C GLU G 12 58.99 40.00 -27.05
N PHE G 13 58.06 39.74 -27.95
CA PHE G 13 57.66 40.80 -28.85
C PHE G 13 56.83 41.86 -28.15
N LYS G 14 56.42 41.62 -26.90
CA LYS G 14 55.68 42.64 -26.18
C LYS G 14 56.66 43.35 -25.29
N GLU G 15 57.51 42.59 -24.60
CA GLU G 15 58.51 43.20 -23.75
C GLU G 15 59.32 44.17 -24.56
N ALA G 16 59.27 44.04 -25.89
CA ALA G 16 60.00 44.96 -26.75
C ALA G 16 59.05 45.93 -27.42
N PHE G 17 57.90 45.43 -27.87
CA PHE G 17 56.91 46.30 -28.51
C PHE G 17 56.58 47.43 -27.57
N SER G 18 56.37 47.08 -26.31
CA SER G 18 56.02 48.04 -25.28
C SER G 18 57.17 48.91 -24.81
N LEU G 19 58.32 48.29 -24.61
CA LEU G 19 59.47 49.03 -24.16
C LEU G 19 59.75 50.26 -24.99
N PHE G 20 59.19 50.36 -26.19
CA PHE G 20 59.48 51.52 -27.01
C PHE G 20 58.28 52.33 -27.38
N ASP G 21 57.16 52.05 -26.72
CA ASP G 21 55.92 52.79 -26.97
C ASP G 21 55.97 53.97 -26.01
N LYS G 22 56.74 55.00 -26.35
CA LYS G 22 56.93 56.16 -25.49
C LYS G 22 55.68 56.76 -24.88
N ASP G 23 54.69 57.07 -25.70
CA ASP G 23 53.46 57.65 -25.18
C ASP G 23 52.53 56.50 -24.76
N GLY G 24 53.09 55.65 -23.91
CA GLY G 24 52.43 54.47 -23.38
C GLY G 24 51.01 54.02 -23.73
N ASP G 25 50.53 54.21 -24.95
CA ASP G 25 49.17 53.78 -25.25
C ASP G 25 49.05 52.32 -25.58
N GLY G 26 49.26 51.98 -26.84
CA GLY G 26 49.15 50.59 -27.21
C GLY G 26 49.41 50.38 -28.67
N THR G 27 49.81 51.45 -29.33
CA THR G 27 50.13 51.41 -30.73
C THR G 27 51.50 52.02 -30.85
N ILE G 28 52.16 51.84 -31.99
CA ILE G 28 53.49 52.42 -32.15
C ILE G 28 53.66 53.10 -33.50
N THR G 29 54.46 54.17 -33.53
CA THR G 29 54.70 54.88 -34.77
C THR G 29 55.50 54.02 -35.73
N THR G 30 55.62 54.49 -36.96
CA THR G 30 56.38 53.77 -37.96
C THR G 30 57.84 53.71 -37.49
N LYS G 31 58.44 54.87 -37.28
CA LYS G 31 59.82 54.95 -36.81
C LYS G 31 59.96 54.02 -35.63
N GLU G 32 59.00 54.10 -34.70
CA GLU G 32 59.01 53.27 -33.51
C GLU G 32 59.15 51.80 -33.91
N LEU G 33 58.30 51.37 -34.85
CA LEU G 33 58.31 49.98 -35.33
C LEU G 33 59.70 49.54 -35.76
N GLY G 34 60.39 50.44 -36.46
CA GLY G 34 61.73 50.15 -36.91
C GLY G 34 62.61 49.89 -35.72
N THR G 35 62.48 50.73 -34.70
CA THR G 35 63.29 50.57 -33.52
C THR G 35 62.95 49.36 -32.70
N VAL G 36 61.66 49.06 -32.59
CA VAL G 36 61.22 47.90 -31.82
C VAL G 36 61.90 46.70 -32.42
N MET G 37 62.01 46.72 -33.75
CA MET G 37 62.63 45.62 -34.51
C MET G 37 64.13 45.49 -34.31
N ARG G 38 64.87 46.51 -34.73
CA ARG G 38 66.31 46.50 -34.61
C ARG G 38 66.76 46.03 -33.24
N SER G 39 66.07 46.52 -32.21
CA SER G 39 66.38 46.17 -30.83
C SER G 39 66.23 44.67 -30.64
N LEU G 40 65.26 44.12 -31.35
CA LEU G 40 65.00 42.69 -31.30
C LEU G 40 66.00 41.98 -32.18
N GLY G 41 66.86 42.76 -32.82
CA GLY G 41 67.89 42.18 -33.67
C GLY G 41 67.38 41.87 -35.05
N GLN G 42 67.27 42.91 -35.85
CA GLN G 42 66.79 42.80 -37.21
C GLN G 42 66.82 44.24 -37.69
N ASN G 43 66.78 44.47 -38.99
CA ASN G 43 66.75 45.85 -39.46
C ASN G 43 66.22 46.01 -40.86
N PRO G 44 64.91 45.79 -41.03
CA PRO G 44 64.22 45.91 -42.30
C PRO G 44 64.60 47.22 -42.96
N THR G 45 64.71 47.22 -44.27
CA THR G 45 65.10 48.42 -44.97
C THR G 45 64.20 49.57 -44.64
N GLU G 46 64.80 50.75 -44.65
CA GLU G 46 64.12 52.01 -44.37
C GLU G 46 62.93 52.16 -45.33
N ALA G 47 62.69 51.13 -46.15
CA ALA G 47 61.58 51.11 -47.11
C ALA G 47 60.78 49.81 -47.03
N GLU G 48 61.46 48.74 -46.63
CA GLU G 48 60.86 47.41 -46.49
C GLU G 48 60.07 47.43 -45.18
N LEU G 49 60.35 48.44 -44.37
CA LEU G 49 59.72 48.62 -43.07
C LEU G 49 58.29 49.10 -43.14
N GLN G 50 57.88 49.58 -44.31
CA GLN G 50 56.52 50.08 -44.49
C GLN G 50 55.56 49.09 -45.14
N ASP G 51 56.09 48.05 -45.79
CA ASP G 51 55.25 47.05 -46.43
C ASP G 51 54.34 46.33 -45.46
N MET G 52 54.90 45.95 -44.31
CA MET G 52 54.14 45.25 -43.29
C MET G 52 53.08 46.16 -42.69
N ILE G 53 53.49 47.39 -42.40
CA ILE G 53 52.61 48.39 -41.80
C ILE G 53 51.56 48.93 -42.78
N ASN G 54 51.97 49.23 -44.00
CA ASN G 54 51.05 49.75 -45.01
C ASN G 54 49.99 48.72 -45.33
N GLU G 55 50.26 47.52 -44.90
CA GLU G 55 49.25 46.59 -45.26
C GLU G 55 48.06 46.67 -44.31
N VAL G 56 48.17 47.40 -43.19
CA VAL G 56 47.07 47.39 -42.21
C VAL G 56 46.55 48.80 -41.89
N ASP G 57 46.21 49.55 -42.95
CA ASP G 57 45.81 50.93 -42.84
C ASP G 57 44.40 51.22 -42.28
N ALA G 58 44.24 51.07 -40.99
CA ALA G 58 42.98 51.36 -40.32
C ALA G 58 43.28 52.24 -39.12
N ASP G 59 44.41 52.93 -39.18
CA ASP G 59 44.84 53.82 -38.11
C ASP G 59 45.02 55.26 -38.61
N GLY G 60 45.59 56.13 -37.77
CA GLY G 60 45.82 57.51 -38.19
C GLY G 60 46.76 57.44 -39.37
N ASN G 61 46.89 56.21 -39.88
CA ASN G 61 47.72 55.83 -41.01
C ASN G 61 49.21 56.02 -40.72
N GLY G 62 49.75 55.05 -39.99
CA GLY G 62 51.15 55.09 -39.64
C GLY G 62 51.32 54.61 -38.22
N THR G 63 50.37 53.81 -37.76
CA THR G 63 50.43 53.31 -36.40
C THR G 63 49.87 51.90 -36.30
N ILE G 64 50.48 51.06 -35.46
CA ILE G 64 50.02 49.69 -35.27
C ILE G 64 49.97 49.29 -33.79
N ASP G 65 48.91 48.60 -33.39
CA ASP G 65 48.77 48.18 -32.00
C ASP G 65 49.63 46.97 -31.73
N PHE G 66 49.36 46.30 -30.62
CA PHE G 66 50.13 45.11 -30.28
C PHE G 66 49.67 43.97 -31.20
N PRO G 67 48.37 43.58 -31.15
CA PRO G 67 47.77 42.51 -31.96
C PRO G 67 48.03 42.54 -33.44
N GLU G 68 48.37 43.70 -33.98
CA GLU G 68 48.63 43.80 -35.39
C GLU G 68 50.09 43.54 -35.68
N PHE G 69 50.91 43.67 -34.64
CA PHE G 69 52.34 43.47 -34.75
C PHE G 69 52.60 42.00 -34.50
N LEU G 70 51.85 41.44 -33.57
CA LEU G 70 52.01 40.05 -33.22
C LEU G 70 51.78 39.22 -34.45
N THR G 71 51.06 39.78 -35.41
CA THR G 71 50.77 39.10 -36.68
C THR G 71 51.95 39.34 -37.62
N MET G 72 52.10 40.57 -38.08
CA MET G 72 53.19 40.93 -38.98
C MET G 72 54.43 40.07 -38.76
N MET G 73 54.65 39.62 -37.53
CA MET G 73 55.80 38.78 -37.24
C MET G 73 55.45 37.35 -37.62
N ALA G 74 55.27 37.18 -38.92
CA ALA G 74 54.95 35.92 -39.56
C ALA G 74 55.60 36.05 -40.93
N ARG G 75 55.05 36.92 -41.76
CA ARG G 75 55.57 37.15 -43.13
C ARG G 75 57.08 37.00 -43.22
N LYS G 76 57.75 37.42 -42.14
CA LYS G 76 59.17 37.24 -42.09
C LYS G 76 59.52 36.06 -41.18
N MET G 77 58.68 35.61 -40.29
CA MET G 77 59.24 34.63 -39.41
C MET G 77 58.74 33.16 -39.45
N LYS G 78 57.58 32.91 -40.04
CA LYS G 78 57.01 31.56 -40.14
C LYS G 78 57.82 30.55 -40.98
N ASP G 79 59.00 30.95 -41.43
CA ASP G 79 59.84 30.07 -42.25
C ASP G 79 61.25 29.92 -41.64
N THR G 80 62.02 31.00 -41.71
CA THR G 80 63.40 31.03 -41.22
C THR G 80 63.60 30.45 -39.81
N ASP G 81 64.67 29.65 -39.69
CA ASP G 81 65.10 28.99 -38.45
C ASP G 81 66.63 28.89 -38.55
N SER G 82 67.21 29.84 -39.28
CA SER G 82 68.66 29.90 -39.50
C SER G 82 69.53 30.33 -38.34
N GLU G 83 68.99 31.10 -37.40
CA GLU G 83 69.78 31.54 -36.26
C GLU G 83 70.61 30.40 -35.71
N GLU G 84 70.02 29.22 -35.65
CA GLU G 84 70.68 28.02 -35.14
C GLU G 84 71.94 27.61 -35.88
N GLU G 85 71.75 27.20 -37.12
CA GLU G 85 72.84 26.80 -37.99
C GLU G 85 74.04 27.73 -37.85
N ILE G 86 73.80 29.03 -38.00
CA ILE G 86 74.85 30.02 -37.90
C ILE G 86 75.64 29.92 -36.60
N ARG G 87 75.00 29.44 -35.55
CA ARG G 87 75.69 29.27 -34.28
C ARG G 87 76.52 27.98 -34.29
N GLU G 88 76.15 27.05 -35.16
CA GLU G 88 76.87 25.80 -35.25
C GLU G 88 78.12 26.08 -36.07
N ALA G 89 77.94 26.78 -37.19
CA ALA G 89 79.06 27.17 -38.05
C ALA G 89 80.10 27.79 -37.16
N PHE G 90 79.69 28.75 -36.36
CA PHE G 90 80.61 29.39 -35.44
C PHE G 90 81.42 28.34 -34.66
N ARG G 91 80.72 27.49 -33.91
CA ARG G 91 81.43 26.48 -33.15
C ARG G 91 82.49 25.74 -34.00
N VAL G 92 82.30 25.76 -35.32
CA VAL G 92 83.20 25.10 -36.28
C VAL G 92 84.52 25.83 -36.48
N PHE G 93 84.46 27.12 -36.80
CA PHE G 93 85.69 27.87 -36.99
C PHE G 93 86.40 28.00 -35.68
N ASP G 94 85.63 28.28 -34.62
CA ASP G 94 86.23 28.31 -33.29
C ASP G 94 86.79 26.92 -33.03
N LYS G 95 87.78 26.58 -33.81
CA LYS G 95 88.44 25.28 -33.76
C LYS G 95 88.92 24.89 -32.37
N ASP G 96 89.68 25.78 -31.74
CA ASP G 96 90.29 25.53 -30.43
C ASP G 96 89.35 25.39 -29.24
N GLY G 97 88.32 26.24 -29.19
CA GLY G 97 87.38 26.18 -28.08
C GLY G 97 87.43 27.37 -27.13
N ASN G 98 87.87 28.51 -27.65
CA ASN G 98 87.98 29.72 -26.87
C ASN G 98 86.74 30.61 -26.99
N GLY G 99 85.68 30.11 -27.62
CA GLY G 99 84.49 30.93 -27.77
C GLY G 99 84.77 32.15 -28.64
N TYR G 100 85.98 32.18 -29.19
CA TYR G 100 86.41 33.26 -30.04
C TYR G 100 86.98 32.68 -31.32
N ILE G 101 86.79 33.36 -32.43
CA ILE G 101 87.31 32.87 -33.69
C ILE G 101 88.54 33.67 -34.06
N SER G 102 89.71 33.07 -33.92
CA SER G 102 90.95 33.76 -34.25
C SER G 102 91.25 33.67 -35.75
N ALA G 103 91.94 34.70 -36.24
CA ALA G 103 92.33 34.78 -37.65
C ALA G 103 93.16 33.56 -38.04
N ALA G 104 93.87 33.04 -37.06
CA ALA G 104 94.67 31.85 -37.29
C ALA G 104 93.71 30.79 -37.82
N GLU G 105 92.71 30.46 -37.01
CA GLU G 105 91.72 29.45 -37.38
C GLU G 105 90.80 29.86 -38.53
N LEU G 106 90.51 31.15 -38.68
CA LEU G 106 89.66 31.55 -39.79
C LEU G 106 90.29 30.92 -41.02
N ARG G 107 91.59 31.15 -41.18
CA ARG G 107 92.36 30.64 -42.31
C ARG G 107 92.40 29.12 -42.30
N HIS G 108 92.87 28.56 -41.20
CA HIS G 108 93.00 27.11 -41.08
C HIS G 108 91.77 26.33 -41.49
N VAL G 109 90.60 26.96 -41.44
CA VAL G 109 89.35 26.30 -41.83
C VAL G 109 88.98 26.71 -43.24
N MET G 110 89.33 27.95 -43.59
CA MET G 110 89.06 28.49 -44.91
C MET G 110 89.87 27.73 -45.95
N THR G 111 90.95 27.09 -45.52
CA THR G 111 91.80 26.37 -46.46
C THR G 111 91.41 24.91 -46.67
N ASN G 112 90.64 24.34 -45.75
CA ASN G 112 90.23 22.95 -45.92
C ASN G 112 89.01 22.85 -46.82
N LEU G 113 88.17 23.88 -46.79
CA LEU G 113 86.99 23.89 -47.62
C LEU G 113 87.43 24.29 -49.04
N GLY G 114 88.74 24.17 -49.27
CA GLY G 114 89.31 24.46 -50.58
C GLY G 114 89.77 25.86 -50.94
N GLU G 115 89.62 26.84 -50.06
CA GLU G 115 90.02 28.21 -50.39
C GLU G 115 91.40 28.66 -49.89
N LYS G 116 92.28 28.96 -50.83
CA LYS G 116 93.62 29.41 -50.49
C LYS G 116 93.58 30.90 -50.13
N LEU G 117 93.74 31.20 -48.85
CA LEU G 117 93.72 32.57 -48.36
C LEU G 117 95.07 33.13 -48.02
N THR G 118 95.22 34.42 -48.30
CA THR G 118 96.46 35.12 -48.04
C THR G 118 96.57 35.56 -46.59
N ASP G 119 97.60 35.10 -45.90
CA ASP G 119 97.82 35.45 -44.49
C ASP G 119 97.60 36.95 -44.30
N GLU G 120 97.44 37.67 -45.40
CA GLU G 120 97.24 39.11 -45.37
C GLU G 120 95.74 39.45 -45.39
N GLU G 121 95.02 38.84 -46.32
CA GLU G 121 93.58 39.08 -46.47
C GLU G 121 92.71 38.37 -45.43
N VAL G 122 93.32 37.56 -44.58
CA VAL G 122 92.56 36.91 -43.55
C VAL G 122 92.51 37.90 -42.43
N ASP G 123 93.69 38.32 -41.96
CA ASP G 123 93.74 39.31 -40.90
C ASP G 123 92.73 40.38 -41.33
N GLN G 124 92.54 40.50 -42.64
CA GLN G 124 91.63 41.47 -43.22
C GLN G 124 90.19 41.23 -42.73
N MET G 125 89.58 40.14 -43.19
CA MET G 125 88.21 39.82 -42.76
C MET G 125 88.16 39.95 -41.23
N ILE G 126 88.81 39.03 -40.52
CA ILE G 126 88.85 39.05 -39.05
C ILE G 126 88.79 40.46 -38.50
N ARG G 127 89.42 41.40 -39.19
CA ARG G 127 89.44 42.80 -38.74
C ARG G 127 88.05 43.42 -38.87
N GLU G 128 87.54 43.45 -40.10
CA GLU G 128 86.23 44.03 -40.41
C GLU G 128 85.06 43.34 -39.72
N ALA G 129 85.33 42.17 -39.13
CA ALA G 129 84.30 41.40 -38.44
C ALA G 129 84.28 41.80 -36.98
N ASP G 130 85.45 42.15 -36.45
CA ASP G 130 85.56 42.57 -35.07
C ASP G 130 85.01 43.98 -34.93
N ILE G 131 84.09 44.16 -33.99
CA ILE G 131 83.47 45.44 -33.78
C ILE G 131 84.03 46.17 -32.58
N ASP G 132 84.55 45.40 -31.64
CA ASP G 132 85.08 45.98 -30.42
C ASP G 132 86.60 46.01 -30.27
N GLY G 133 87.33 45.71 -31.33
CA GLY G 133 88.79 45.78 -31.23
C GLY G 133 89.66 44.66 -30.73
N ASP G 134 89.17 43.67 -30.00
CA ASP G 134 90.06 42.61 -29.52
C ASP G 134 90.76 41.76 -30.59
N GLY G 135 90.62 42.16 -31.86
CA GLY G 135 91.27 41.42 -32.94
C GLY G 135 90.78 40.00 -33.22
N GLN G 136 89.72 39.60 -32.51
CA GLN G 136 89.10 38.28 -32.67
C GLN G 136 87.60 38.47 -32.80
N VAL G 137 86.89 37.44 -33.24
CA VAL G 137 85.44 37.51 -33.36
C VAL G 137 84.74 36.49 -32.45
N ASN G 138 83.64 36.92 -31.83
CA ASN G 138 82.85 36.07 -30.92
C ASN G 138 81.53 35.85 -31.60
N TYR G 139 80.75 34.91 -31.08
CA TYR G 139 79.46 34.59 -31.68
C TYR G 139 78.69 35.89 -31.94
N GLU G 140 78.58 36.74 -30.92
CA GLU G 140 77.87 38.00 -31.06
C GLU G 140 78.24 38.70 -32.35
N GLU G 141 79.49 39.16 -32.47
CA GLU G 141 79.84 39.87 -33.70
C GLU G 141 79.81 39.00 -34.92
N PHE G 142 79.91 37.69 -34.72
CA PHE G 142 79.89 36.75 -35.81
C PHE G 142 78.47 36.68 -36.40
N VAL G 143 77.47 36.72 -35.53
CA VAL G 143 76.08 36.66 -35.96
C VAL G 143 75.83 37.86 -36.82
N GLN G 144 76.37 38.98 -36.37
CA GLN G 144 76.25 40.25 -37.06
C GLN G 144 76.72 40.11 -38.49
N MET G 145 78.01 39.85 -38.60
CA MET G 145 78.70 39.66 -39.87
C MET G 145 77.87 38.91 -40.89
N MET G 146 77.42 37.73 -40.46
CA MET G 146 76.63 36.81 -41.27
C MET G 146 75.30 37.37 -41.74
N THR G 147 74.28 37.17 -40.92
CA THR G 147 72.92 37.62 -41.24
C THR G 147 72.88 39.06 -41.73
N ALA G 148 73.52 39.97 -41.00
CA ALA G 148 73.51 41.36 -41.42
C ALA G 148 73.76 41.41 -42.92
N LYS G 149 72.67 41.66 -43.64
CA LYS G 149 72.69 41.74 -45.10
C LYS G 149 73.11 43.15 -45.57
N GLN H 4 26.26 56.36 23.22
CA GLN H 4 25.06 55.73 23.84
C GLN H 4 25.44 55.14 25.20
N LEU H 5 25.14 55.87 26.27
CA LEU H 5 25.44 55.42 27.61
C LEU H 5 25.03 53.95 27.74
N THR H 6 25.96 53.07 28.11
CA THR H 6 25.67 51.64 28.27
C THR H 6 24.74 51.41 29.47
N GLU H 7 23.87 50.42 29.38
CA GLU H 7 22.95 50.15 30.48
C GLU H 7 23.72 50.24 31.80
N GLU H 8 24.81 49.50 31.93
CA GLU H 8 25.59 49.54 33.17
C GLU H 8 25.81 51.01 33.52
N GLN H 9 26.23 51.76 32.52
CA GLN H 9 26.51 53.18 32.64
C GLN H 9 25.27 53.99 32.96
N ILE H 10 24.12 53.33 33.00
CA ILE H 10 22.88 54.02 33.30
C ILE H 10 22.52 53.77 34.75
N ALA H 11 22.40 52.50 35.10
CA ALA H 11 22.05 52.11 36.45
C ALA H 11 22.84 52.93 37.43
N GLU H 12 24.06 53.30 37.05
CA GLU H 12 24.92 54.12 37.91
C GLU H 12 24.41 55.54 38.00
N PHE H 13 23.99 56.12 36.90
CA PHE H 13 23.52 57.49 36.96
C PHE H 13 22.17 57.59 37.66
N LYS H 14 21.53 56.47 37.93
CA LYS H 14 20.25 56.51 38.65
C LYS H 14 20.57 56.23 40.11
N GLU H 15 21.38 55.22 40.35
CA GLU H 15 21.75 54.89 41.72
C GLU H 15 22.36 56.09 42.36
N ALA H 16 22.77 57.07 41.55
CA ALA H 16 23.33 58.30 42.10
C ALA H 16 22.34 59.45 41.96
N PHE H 17 21.67 59.53 40.81
CA PHE H 17 20.68 60.57 40.60
C PHE H 17 19.66 60.51 41.71
N SER H 18 19.21 59.31 42.03
CA SER H 18 18.22 59.08 43.06
C SER H 18 18.74 59.22 44.47
N LEU H 19 19.92 58.66 44.72
CA LEU H 19 20.50 58.73 46.04
C LEU H 19 20.54 60.13 46.61
N PHE H 20 20.39 61.15 45.78
CA PHE H 20 20.46 62.51 46.28
C PHE H 20 19.22 63.32 46.06
N ASP H 21 18.15 62.64 45.67
CA ASP H 21 16.86 63.30 45.45
C ASP H 21 16.15 63.26 46.79
N LYS H 22 16.55 64.15 47.71
CA LYS H 22 16.00 64.17 49.07
C LYS H 22 14.49 64.08 49.19
N ASP H 23 13.77 64.94 48.49
CA ASP H 23 12.31 64.90 48.56
C ASP H 23 11.82 63.89 47.53
N GLY H 24 12.36 62.68 47.64
CA GLY H 24 12.07 61.55 46.77
C GLY H 24 11.11 61.58 45.59
N ASP H 25 11.00 62.68 44.85
CA ASP H 25 10.08 62.68 43.72
C ASP H 25 10.64 62.06 42.47
N GLY H 26 11.33 62.85 41.66
CA GLY H 26 11.88 62.30 40.44
C GLY H 26 12.64 63.33 39.67
N THR H 27 12.79 64.49 40.28
CA THR H 27 13.52 65.57 39.66
C THR H 27 14.52 66.02 40.71
N ILE H 28 15.52 66.79 40.31
CA ILE H 28 16.50 67.25 41.28
C ILE H 28 16.82 68.75 41.14
N THR H 29 17.11 69.40 42.27
CA THR H 29 17.44 70.81 42.24
C THR H 29 18.76 71.03 41.53
N THR H 30 19.08 72.29 41.28
CA THR H 30 20.33 72.63 40.61
C THR H 30 21.47 72.18 41.53
N LYS H 31 21.49 72.71 42.76
CA LYS H 31 22.51 72.37 43.73
C LYS H 31 22.61 70.85 43.77
N GLU H 32 21.46 70.20 43.84
CA GLU H 32 21.41 68.75 43.89
C GLU H 32 22.21 68.17 42.72
N LEU H 33 21.95 68.66 41.51
CA LEU H 33 22.64 68.21 40.30
C LEU H 33 24.14 68.26 40.45
N GLY H 34 24.62 69.35 41.05
CA GLY H 34 26.04 69.49 41.27
C GLY H 34 26.52 68.36 42.15
N THR H 35 25.77 68.08 43.20
CA THR H 35 26.17 67.03 44.11
C THR H 35 26.08 65.65 43.53
N VAL H 36 25.04 65.40 42.73
CA VAL H 36 24.85 64.10 42.12
C VAL H 36 26.08 63.83 41.29
N MET H 37 26.58 64.90 40.66
CA MET H 37 27.78 64.82 39.81
C MET H 37 29.07 64.54 40.57
N ARG H 38 29.47 65.49 41.41
CA ARG H 38 30.69 65.37 42.19
C ARG H 38 30.84 63.97 42.79
N SER H 39 29.72 63.46 43.33
CA SER H 39 29.68 62.16 43.96
C SER H 39 30.07 61.09 42.94
N LEU H 40 29.65 61.34 41.70
CA LEU H 40 29.95 60.44 40.61
C LEU H 40 31.37 60.68 40.14
N GLY H 41 32.03 61.64 40.77
CA GLY H 41 33.41 61.94 40.43
C GLY H 41 33.52 62.87 39.25
N GLN H 42 33.28 64.14 39.51
CA GLN H 42 33.33 65.16 38.49
C GLN H 42 32.97 66.42 39.26
N ASN H 43 33.24 67.60 38.71
CA ASN H 43 32.83 68.81 39.41
C ASN H 43 32.75 70.03 38.54
N PRO H 44 31.74 70.05 37.66
CA PRO H 44 31.49 71.15 36.73
C PRO H 44 31.53 72.46 37.50
N THR H 45 32.03 73.50 36.85
CA THR H 45 32.14 74.77 37.52
C THR H 45 30.81 75.23 38.06
N GLU H 46 30.89 75.94 39.17
CA GLU H 46 29.73 76.49 39.85
C GLU H 46 28.94 77.38 38.87
N ALA H 47 29.38 77.40 37.60
CA ALA H 47 28.72 78.19 36.56
C ALA H 47 28.49 77.34 35.30
N GLU H 48 29.37 76.36 35.09
CA GLU H 48 29.30 75.45 33.93
C GLU H 48 28.20 74.45 34.23
N LEU H 49 27.81 74.41 35.51
CA LEU H 49 26.78 73.50 36.01
C LEU H 49 25.38 73.87 35.60
N GLN H 50 25.20 75.10 35.12
CA GLN H 50 23.88 75.58 34.71
C GLN H 50 23.63 75.50 33.21
N ASP H 51 24.68 75.38 32.41
CA ASP H 51 24.54 75.30 30.96
C ASP H 51 23.71 74.09 30.52
N MET H 52 23.99 72.95 31.13
CA MET H 52 23.27 71.72 30.80
C MET H 52 21.82 71.82 31.22
N ILE H 53 21.62 72.34 32.43
CA ILE H 53 20.29 72.48 33.01
C ILE H 53 19.48 73.61 32.37
N ASN H 54 20.11 74.76 32.14
CA ASN H 54 19.42 75.89 31.52
C ASN H 54 18.98 75.54 30.12
N GLU H 55 19.51 74.46 29.60
CA GLU H 55 19.10 74.21 28.27
C GLU H 55 17.74 73.52 28.25
N VAL H 56 17.20 73.06 29.39
CA VAL H 56 15.94 72.31 29.35
C VAL H 56 14.86 72.93 30.25
N ASP H 57 14.61 74.22 30.05
CA ASP H 57 13.69 74.99 30.88
C ASP H 57 12.18 74.74 30.68
N ALA H 58 11.72 73.63 31.23
CA ALA H 58 10.32 73.29 31.12
C ALA H 58 9.87 72.87 32.51
N ASP H 59 10.60 73.32 33.52
CA ASP H 59 10.29 73.00 34.91
C ASP H 59 10.06 74.27 35.73
N GLY H 60 9.98 74.12 37.06
CA GLY H 60 9.77 75.28 37.91
C GLY H 60 10.99 76.16 37.71
N ASN H 61 11.73 75.82 36.65
CA ASN H 61 12.96 76.47 36.21
C ASN H 61 14.09 76.32 37.23
N GLY H 62 14.70 75.15 37.20
CA GLY H 62 15.80 74.87 38.10
C GLY H 62 15.69 73.46 38.59
N THR H 63 15.02 72.61 37.81
CA THR H 63 14.83 71.22 38.20
C THR H 63 14.85 70.30 36.98
N ILE H 64 15.43 69.12 37.14
CA ILE H 64 15.50 68.13 36.05
C ILE H 64 15.14 66.73 36.52
N ASP H 65 14.35 66.01 35.72
CA ASP H 65 13.96 64.65 36.09
C ASP H 65 15.08 63.68 35.80
N PHE H 66 14.75 62.39 35.78
CA PHE H 66 15.78 61.39 35.51
C PHE H 66 16.09 61.44 34.01
N PRO H 67 15.11 61.19 33.13
CA PRO H 67 15.23 61.18 31.67
C PRO H 67 15.90 62.38 31.03
N GLU H 68 15.94 63.50 31.75
CA GLU H 68 16.56 64.69 31.20
C GLU H 68 18.02 64.71 31.59
N PHE H 69 18.36 63.96 32.62
CA PHE H 69 19.72 63.88 33.14
C PHE H 69 20.42 62.80 32.36
N LEU H 70 19.69 61.73 32.09
CA LEU H 70 20.26 60.62 31.37
C LEU H 70 20.76 61.09 30.03
N THR H 71 20.21 62.21 29.57
CA THR H 71 20.62 62.80 28.30
C THR H 71 21.84 63.67 28.56
N MET H 72 21.65 64.79 29.25
CA MET H 72 22.75 65.71 29.57
C MET H 72 24.08 64.98 29.70
N MET H 73 24.05 63.72 30.13
CA MET H 73 25.29 62.97 30.26
C MET H 73 25.66 62.40 28.88
N ALA H 74 25.96 63.34 28.00
CA ALA H 74 26.36 63.08 26.64
C ALA H 74 27.30 64.23 26.33
N ARG H 75 26.76 65.44 26.23
CA ARG H 75 27.55 66.65 25.94
C ARG H 75 28.96 66.59 26.53
N LYS H 76 29.01 65.99 27.68
CA LYS H 76 30.30 65.81 28.28
C LYS H 76 30.77 64.38 28.10
N MET H 77 29.93 63.42 27.83
CA MET H 77 30.52 62.10 27.89
C MET H 77 30.65 61.25 26.61
N LYS H 78 29.93 61.60 25.56
CA LYS H 78 29.98 60.87 24.28
C LYS H 78 31.31 60.90 23.53
N ASP H 79 32.34 61.48 24.15
CA ASP H 79 33.66 61.57 23.53
C ASP H 79 34.75 60.97 24.43
N THR H 80 35.06 61.66 25.56
CA THR H 80 36.09 61.25 26.52
C THR H 80 36.05 59.77 26.95
N ASP H 81 37.25 59.18 26.98
CA ASP H 81 37.49 57.79 27.38
C ASP H 81 38.88 57.77 28.01
N SER H 82 39.26 58.93 28.58
CA SER H 82 40.57 59.10 29.20
C SER H 82 40.80 58.43 30.55
N GLU H 83 39.74 58.17 31.30
CA GLU H 83 39.91 57.53 32.60
C GLU H 83 40.91 56.37 32.49
N GLU H 84 40.80 55.61 31.40
CA GLU H 84 41.68 54.46 31.17
C GLU H 84 43.16 54.78 31.13
N GLU H 85 43.54 55.53 30.09
CA GLU H 85 44.90 55.95 29.89
C GLU H 85 45.55 56.36 31.21
N ILE H 86 44.91 57.29 31.92
CA ILE H 86 45.41 57.78 33.19
C ILE H 86 45.74 56.68 34.18
N ARG H 87 45.04 55.56 34.07
CA ARG H 87 45.31 54.45 34.96
C ARG H 87 46.52 53.66 34.46
N GLU H 88 46.82 53.79 33.17
CA GLU H 88 47.95 53.09 32.59
C GLU H 88 49.19 53.89 32.98
N ALA H 89 49.12 55.20 32.79
CA ALA H 89 50.22 56.10 33.17
C ALA H 89 50.60 55.74 34.59
N PHE H 90 49.61 55.69 35.47
CA PHE H 90 49.90 55.34 36.84
C PHE H 90 50.75 54.05 36.90
N ARG H 91 50.24 52.95 36.36
CA ARG H 91 51.00 51.73 36.42
C ARG H 91 52.46 51.94 35.97
N VAL H 92 52.71 53.00 35.21
CA VAL H 92 54.05 53.35 34.69
C VAL H 92 54.97 53.93 35.75
N PHE H 93 54.53 55.00 36.40
CA PHE H 93 55.37 55.58 37.42
C PHE H 93 55.53 54.61 38.56
N ASP H 94 54.43 53.95 38.92
CA ASP H 94 54.52 52.91 39.92
C ASP H 94 55.46 51.85 39.37
N LYS H 95 56.69 52.24 39.21
CA LYS H 95 57.73 51.40 38.66
C LYS H 95 57.87 50.04 39.35
N ASP H 96 58.02 50.03 40.71
CA ASP H 96 58.22 48.83 41.54
C ASP H 96 57.10 47.82 41.61
N GLY H 97 55.86 48.30 41.71
CA GLY H 97 54.70 47.42 41.77
C GLY H 97 54.01 47.38 43.13
N ASN H 98 54.12 48.48 43.86
CA ASN H 98 53.50 48.59 45.17
C ASN H 98 52.13 49.25 45.12
N GLY H 99 51.60 49.48 43.92
CA GLY H 99 50.30 50.12 43.82
C GLY H 99 50.35 51.53 44.36
N TYR H 100 51.56 51.97 44.69
CA TYR H 100 51.78 53.30 45.22
C TYR H 100 52.90 53.95 44.43
N ILE H 101 52.83 55.25 44.23
CA ILE H 101 53.86 55.93 43.47
C ILE H 101 54.74 56.68 44.45
N SER H 102 55.95 56.18 44.67
CA SER H 102 56.88 56.84 45.58
C SER H 102 57.63 57.97 44.90
N ALA H 103 58.00 58.97 45.70
CA ALA H 103 58.74 60.15 45.21
C ALA H 103 60.05 59.70 44.57
N ALA H 104 60.57 58.59 45.07
CA ALA H 104 61.78 58.04 44.51
C ALA H 104 61.51 57.83 43.03
N GLU H 105 60.52 57.01 42.72
CA GLU H 105 60.16 56.70 41.34
C GLU H 105 59.56 57.88 40.58
N LEU H 106 58.85 58.78 41.27
CA LEU H 106 58.31 59.93 40.53
C LEU H 106 59.49 60.51 39.76
N ARG H 107 60.57 60.76 40.49
CA ARG H 107 61.79 61.33 39.91
C ARG H 107 62.42 60.39 38.87
N HIS H 108 62.69 59.16 39.30
CA HIS H 108 63.31 58.18 38.41
C HIS H 108 62.68 58.06 37.04
N VAL H 109 61.40 58.42 36.93
CA VAL H 109 60.69 58.36 35.65
C VAL H 109 60.65 59.74 35.03
N MET H 110 60.59 60.76 35.89
CA MET H 110 60.57 62.14 35.45
C MET H 110 61.87 62.49 34.77
N THR H 111 62.93 61.74 35.07
CA THR H 111 64.23 62.03 34.49
C THR H 111 64.52 61.32 33.18
N ASN H 112 63.78 60.26 32.87
CA ASN H 112 63.99 59.55 31.61
C ASN H 112 63.25 60.24 30.47
N LEU H 113 62.12 60.85 30.80
CA LEU H 113 61.34 61.55 29.79
C LEU H 113 62.03 62.91 29.55
N GLY H 114 63.28 62.99 29.99
CA GLY H 114 64.08 64.19 29.79
C GLY H 114 64.06 65.33 30.80
N GLU H 115 63.28 65.22 31.88
CA GLU H 115 63.21 66.31 32.86
C GLU H 115 64.09 66.15 34.10
N LYS H 116 65.04 67.07 34.25
CA LYS H 116 65.92 67.05 35.41
C LYS H 116 65.21 67.67 36.61
N LEU H 117 64.84 66.82 37.56
CA LEU H 117 64.14 67.27 38.76
C LEU H 117 65.00 67.32 40.00
N THR H 118 64.73 68.32 40.83
CA THR H 118 65.46 68.52 42.06
C THR H 118 64.92 67.64 43.19
N ASP H 119 65.78 66.78 43.73
CA ASP H 119 65.41 65.87 44.81
C ASP H 119 64.59 66.63 45.86
N GLU H 120 64.51 67.94 45.70
CA GLU H 120 63.77 68.80 46.62
C GLU H 120 62.36 69.06 46.12
N GLU H 121 62.25 69.43 44.84
CA GLU H 121 60.95 69.73 44.22
C GLU H 121 60.14 68.49 43.85
N VAL H 122 60.72 67.32 44.03
CA VAL H 122 59.97 66.11 43.73
C VAL H 122 59.21 65.82 44.99
N ASP H 123 59.92 65.70 46.09
CA ASP H 123 59.26 65.45 47.37
C ASP H 123 58.12 66.46 47.40
N GLN H 124 58.32 67.58 46.72
CA GLN H 124 57.33 68.66 46.63
C GLN H 124 56.03 68.14 46.01
N MET H 125 56.04 67.85 44.71
CA MET H 125 54.84 67.33 44.04
C MET H 125 54.26 66.20 44.91
N ILE H 126 54.96 65.07 44.96
CA ILE H 126 54.52 63.93 45.75
C ILE H 126 53.76 64.34 46.99
N ARG H 127 54.16 65.46 47.59
CA ARG H 127 53.51 65.95 48.80
C ARG H 127 52.11 66.44 48.48
N GLU H 128 52.04 67.46 47.63
CA GLU H 128 50.78 68.08 47.22
C GLU H 128 49.80 67.13 46.54
N ALA H 129 50.29 65.95 46.16
CA ALA H 129 49.48 64.94 45.48
C ALA H 129 48.86 64.03 46.50
N ASP H 130 49.58 63.81 47.60
CA ASP H 130 49.09 62.96 48.67
C ASP H 130 48.02 63.71 49.44
N ILE H 131 46.86 63.10 49.62
CA ILE H 131 45.77 63.73 50.32
C ILE H 131 45.60 63.19 51.72
N ASP H 132 46.06 61.97 51.93
CA ASP H 132 45.92 61.34 53.23
C ASP H 132 47.18 61.21 54.07
N GLY H 133 48.27 61.86 53.67
CA GLY H 133 49.48 61.81 54.47
C GLY H 133 50.51 60.71 54.40
N ASP H 134 50.22 59.53 53.84
CA ASP H 134 51.25 58.49 53.80
C ASP H 134 52.52 58.81 52.98
N GLY H 135 52.64 60.06 52.53
CA GLY H 135 53.83 60.46 51.78
C GLY H 135 54.02 59.82 50.41
N GLN H 136 53.02 59.05 49.98
CA GLN H 136 53.04 58.39 48.67
C GLN H 136 51.71 58.63 48.00
N VAL H 137 51.62 58.35 46.70
CA VAL H 137 50.37 58.53 45.96
C VAL H 137 49.87 57.21 45.40
N ASN H 138 48.55 57.00 45.47
CA ASN H 138 47.90 55.78 44.96
C ASN H 138 47.05 56.20 43.79
N TYR H 139 46.57 55.23 43.03
CA TYR H 139 45.74 55.56 41.87
C TYR H 139 44.65 56.55 42.26
N GLU H 140 43.92 56.24 43.32
CA GLU H 140 42.88 57.14 43.78
C GLU H 140 43.33 58.59 43.78
N GLU H 141 44.27 58.95 44.66
CA GLU H 141 44.69 60.35 44.69
C GLU H 141 45.39 60.79 43.42
N PHE H 142 45.92 59.83 42.67
CA PHE H 142 46.58 60.13 41.42
C PHE H 142 45.57 60.58 40.39
N VAL H 143 44.40 59.92 40.37
CA VAL H 143 43.35 60.26 39.41
C VAL H 143 42.94 61.67 39.68
N GLN H 144 42.85 61.98 40.96
CA GLN H 144 42.48 63.30 41.44
C GLN H 144 43.39 64.35 40.83
N MET H 145 44.66 64.25 41.21
CA MET H 145 45.72 65.13 40.77
C MET H 145 45.60 65.51 39.29
N MET H 146 45.52 64.46 38.47
CA MET H 146 45.43 64.56 37.03
C MET H 146 44.20 65.29 36.52
N THR H 147 43.14 64.53 36.29
CA THR H 147 41.89 65.09 35.79
C THR H 147 41.45 66.36 36.51
N ALA H 148 41.44 66.32 37.83
CA ALA H 148 41.03 67.50 38.59
C ALA H 148 41.70 68.71 37.96
N LYS H 149 40.88 69.46 37.23
CA LYS H 149 41.32 70.67 36.53
C LYS H 149 41.30 71.89 37.47
N GLN I 4 -26.09 26.32 59.44
CA GLN I 4 -27.08 25.46 58.73
C GLN I 4 -26.94 24.01 59.21
N LEU I 5 -27.82 23.62 60.13
CA LEU I 5 -27.80 22.27 60.67
C LEU I 5 -27.65 21.28 59.50
N THR I 6 -26.61 20.45 59.55
CA THR I 6 -26.37 19.45 58.48
C THR I 6 -27.46 18.38 58.50
N GLU I 7 -27.82 17.86 57.32
CA GLU I 7 -28.87 16.85 57.27
C GLU I 7 -28.65 15.84 58.41
N GLU I 8 -27.45 15.25 58.48
CA GLU I 8 -27.18 14.30 59.54
C GLU I 8 -27.66 14.90 60.86
N GLN I 9 -27.26 16.14 61.06
CA GLN I 9 -27.59 16.90 62.25
C GLN I 9 -29.08 17.16 62.38
N ILE I 10 -29.84 16.75 61.36
CA ILE I 10 -31.27 16.95 61.41
C ILE I 10 -31.96 15.66 61.81
N ALA I 11 -31.68 14.61 61.04
CA ALA I 11 -32.27 13.31 61.30
C ALA I 11 -32.21 13.01 62.78
N GLU I 12 -31.15 13.51 63.44
CA GLU I 12 -30.97 13.32 64.87
C GLU I 12 -32.00 14.12 65.67
N PHE I 13 -32.23 15.36 65.29
CA PHE I 13 -33.18 16.15 66.04
C PHE I 13 -34.62 15.68 65.81
N LYS I 14 -34.84 14.80 64.85
CA LYS I 14 -36.18 14.28 64.65
C LYS I 14 -36.26 12.94 65.35
N GLU I 15 -35.24 12.11 65.17
CA GLU I 15 -35.21 10.83 65.83
C GLU I 15 -35.35 11.04 67.32
N ALA I 16 -35.11 12.26 67.77
CA ALA I 16 -35.26 12.57 69.19
C ALA I 16 -36.53 13.39 69.43
N PHE I 17 -36.78 14.36 68.55
CA PHE I 17 -37.98 15.19 68.68
C PHE I 17 -39.19 14.28 68.73
N SER I 18 -39.21 13.32 67.83
CA SER I 18 -40.31 12.38 67.73
C SER I 18 -40.34 11.32 68.82
N LEU I 19 -39.18 10.78 69.14
CA LEU I 19 -39.11 9.76 70.17
C LEU I 19 -39.79 10.15 71.46
N PHE I 20 -40.04 11.43 71.66
CA PHE I 20 -40.66 11.85 72.91
C PHE I 20 -41.98 12.53 72.74
N ASP I 21 -42.54 12.46 71.54
CA ASP I 21 -43.83 13.07 71.26
C ASP I 21 -44.87 11.98 71.58
N LYS I 22 -45.14 11.79 72.87
CA LYS I 22 -46.05 10.76 73.33
C LYS I 22 -47.36 10.62 72.57
N ASP I 23 -48.12 11.71 72.46
CA ASP I 23 -49.38 11.66 71.75
C ASP I 23 -49.11 11.86 70.26
N GLY I 24 -48.22 11.02 69.74
CA GLY I 24 -47.78 11.03 68.36
C GLY I 24 -48.25 12.01 67.29
N ASP I 25 -48.52 13.29 67.61
CA ASP I 25 -48.98 14.20 66.58
C ASP I 25 -47.86 14.81 65.77
N GLY I 26 -47.31 15.92 66.24
CA GLY I 26 -46.25 16.54 65.48
C GLY I 26 -45.72 17.76 66.18
N THR I 27 -46.23 17.98 67.38
CA THR I 27 -45.80 19.10 68.19
C THR I 27 -45.43 18.51 69.53
N ILE I 28 -44.74 19.28 70.35
CA ILE I 28 -44.36 18.78 71.66
C ILE I 28 -44.59 19.79 72.79
N THR I 29 -44.94 19.29 73.97
CA THR I 29 -45.19 20.17 75.09
C THR I 29 -43.90 20.84 75.52
N THR I 30 -44.02 21.80 76.43
CA THR I 30 -42.86 22.50 76.95
C THR I 30 -41.99 21.48 77.67
N LYS I 31 -42.57 20.82 78.66
CA LYS I 31 -41.84 19.82 79.45
C LYS I 31 -41.19 18.87 78.47
N GLU I 32 -41.96 18.44 77.48
CA GLU I 32 -41.46 17.52 76.47
C GLU I 32 -40.18 18.08 75.86
N LEU I 33 -40.23 19.35 75.43
CA LEU I 33 -39.07 20.01 74.82
C LEU I 33 -37.82 19.90 75.67
N GLY I 34 -38.00 20.08 76.98
CA GLY I 34 -36.90 19.97 77.90
C GLY I 34 -36.33 18.58 77.80
N THR I 35 -37.20 17.58 77.79
CA THR I 35 -36.75 16.22 77.72
C THR I 35 -36.10 15.85 76.41
N VAL I 36 -36.68 16.34 75.32
CA VAL I 36 -36.14 16.04 73.99
C VAL I 36 -34.71 16.51 74.00
N MET I 37 -34.48 17.64 74.65
CA MET I 37 -33.15 18.25 74.74
C MET I 37 -32.15 17.46 75.58
N ARG I 38 -32.44 17.35 76.87
CA ARG I 38 -31.57 16.64 77.78
C ARG I 38 -31.10 15.32 77.20
N SER I 39 -32.05 14.60 76.59
CA SER I 39 -31.78 13.30 75.98
C SER I 39 -30.71 13.45 74.90
N LEU I 40 -30.78 14.60 74.22
CA LEU I 40 -29.84 14.91 73.17
C LEU I 40 -28.56 15.41 73.79
N GLY I 41 -28.54 15.47 75.11
CA GLY I 41 -27.35 15.90 75.82
C GLY I 41 -27.24 17.40 75.90
N GLN I 42 -28.02 17.96 76.81
CA GLN I 42 -28.05 19.40 77.02
C GLN I 42 -29.08 19.56 78.11
N ASN I 43 -29.12 20.70 78.78
CA ASN I 43 -30.15 20.89 79.79
C ASN I 43 -30.41 22.33 80.15
N PRO I 44 -31.02 23.06 79.21
CA PRO I 44 -31.37 24.47 79.37
C PRO I 44 -32.07 24.66 80.70
N THR I 45 -31.82 25.79 81.34
CA THR I 45 -32.43 26.03 82.63
C THR I 45 -33.93 25.91 82.57
N GLU I 46 -34.48 25.45 83.69
CA GLU I 46 -35.91 25.27 83.87
C GLU I 46 -36.62 26.60 83.58
N ALA I 47 -35.85 27.61 83.15
CA ALA I 47 -36.40 28.93 82.82
C ALA I 47 -35.88 29.43 81.46
N GLU I 48 -34.68 28.98 81.11
CA GLU I 48 -34.03 29.34 79.85
C GLU I 48 -34.71 28.51 78.75
N LEU I 49 -35.42 27.48 79.20
CA LEU I 49 -36.12 26.55 78.32
C LEU I 49 -37.37 27.14 77.67
N GLN I 50 -37.84 28.27 78.19
CA GLN I 50 -39.03 28.91 77.66
C GLN I 50 -38.76 30.06 76.70
N ASP I 51 -37.54 30.59 76.72
CA ASP I 51 -37.19 31.71 75.84
C ASP I 51 -37.32 31.35 74.37
N MET I 52 -36.84 30.17 74.02
CA MET I 52 -36.88 29.69 72.64
C MET I 52 -38.32 29.44 72.22
N ILE I 53 -39.07 28.80 73.11
CA ILE I 53 -40.47 28.45 72.85
C ILE I 53 -41.39 29.66 72.90
N ASN I 54 -41.22 30.53 73.89
CA ASN I 54 -42.05 31.72 74.03
C ASN I 54 -41.86 32.63 72.83
N GLU I 55 -40.81 32.35 72.06
CA GLU I 55 -40.66 33.26 70.99
C GLU I 55 -41.58 32.88 69.83
N VAL I 56 -42.22 31.71 69.84
CA VAL I 56 -43.03 31.31 68.67
C VAL I 56 -44.48 30.99 69.04
N ASP I 57 -45.13 31.94 69.72
CA ASP I 57 -46.48 31.77 70.23
C ASP I 57 -47.63 31.80 69.22
N ALA I 58 -47.81 30.73 68.52
CA ALA I 58 -48.87 30.63 67.53
C ALA I 58 -49.53 29.29 67.73
N ASP I 59 -49.37 28.75 68.94
CA ASP I 59 -49.95 27.45 69.30
C ASP I 59 -50.90 27.57 70.49
N GLY I 60 -51.33 26.44 71.04
CA GLY I 60 -52.21 26.46 72.20
C GLY I 60 -51.42 27.13 73.31
N ASN I 61 -50.32 27.74 72.88
CA ASN I 61 -49.36 28.47 73.71
C ASN I 61 -48.64 27.57 74.68
N GLY I 62 -47.66 26.85 74.15
CA GLY I 62 -46.87 25.95 74.97
C GLY I 62 -46.58 24.70 74.17
N THR I 63 -46.60 24.82 72.86
CA THR I 63 -46.36 23.68 71.99
C THR I 63 -45.62 24.08 70.72
N ILE I 64 -44.70 23.23 70.27
CA ILE I 64 -43.93 23.49 69.05
C ILE I 64 -43.86 22.26 68.14
N ASP I 65 -44.01 22.47 66.83
CA ASP I 65 -43.96 21.37 65.88
C ASP I 65 -42.52 20.97 65.62
N PHE I 66 -42.31 20.23 64.55
CA PHE I 66 -40.96 19.81 64.20
C PHE I 66 -40.23 21.04 63.62
N PRO I 67 -40.72 21.59 62.48
CA PRO I 67 -40.15 22.75 61.79
C PRO I 67 -39.82 23.97 62.63
N GLU I 68 -40.44 24.08 63.79
CA GLU I 68 -40.17 25.23 64.64
C GLU I 68 -39.03 24.91 65.59
N PHE I 69 -38.78 23.62 65.77
CA PHE I 69 -37.73 23.15 66.64
C PHE I 69 -36.45 23.08 65.83
N LEU I 70 -36.60 22.67 64.59
CA LEU I 70 -35.46 22.54 63.71
C LEU I 70 -34.79 23.88 63.59
N THR I 71 -35.55 24.94 63.85
CA THR I 71 -35.02 26.30 63.81
C THR I 71 -34.37 26.60 65.15
N MET I 72 -35.17 26.73 66.20
CA MET I 72 -34.67 27.02 67.54
C MET I 72 -33.27 26.46 67.75
N MET I 73 -32.96 25.34 67.09
CA MET I 73 -31.63 24.76 67.23
C MET I 73 -30.68 25.49 66.31
N ALA I 74 -30.49 26.77 66.65
CA ALA I 74 -29.62 27.68 65.96
C ALA I 74 -29.13 28.61 67.07
N ARG I 75 -30.04 29.44 67.60
CA ARG I 75 -29.71 30.38 68.67
C ARG I 75 -28.66 29.85 69.63
N LYS I 76 -28.72 28.55 69.83
CA LYS I 76 -27.72 27.93 70.66
C LYS I 76 -26.71 27.19 69.78
N MET I 77 -26.98 26.84 68.56
CA MET I 77 -25.99 25.99 67.97
C MET I 77 -25.15 26.49 66.77
N LYS I 78 -25.59 27.54 66.10
CA LYS I 78 -24.87 28.11 64.95
C LYS I 78 -23.48 28.70 65.25
N ASP I 79 -23.01 28.53 66.51
CA ASP I 79 -21.70 29.06 66.90
C ASP I 79 -20.81 27.95 67.49
N THR I 80 -21.16 27.51 68.69
CA THR I 80 -20.41 26.49 69.41
C THR I 80 -20.01 25.25 68.59
N ASP I 81 -18.76 24.83 68.77
CA ASP I 81 -18.13 23.66 68.12
C ASP I 81 -17.12 23.13 69.13
N SER I 82 -17.41 23.36 70.41
CA SER I 82 -16.53 22.95 71.51
C SER I 82 -16.49 21.47 71.86
N GLU I 83 -17.55 20.73 71.54
CA GLU I 83 -17.56 19.31 71.85
C GLU I 83 -16.23 18.67 71.48
N GLU I 84 -15.68 19.08 70.35
CA GLU I 84 -14.41 18.56 69.84
C GLU I 84 -13.22 18.76 70.77
N GLU I 85 -12.86 20.02 70.93
CA GLU I 85 -11.77 20.40 71.80
C GLU I 85 -11.79 19.61 73.10
N ILE I 86 -12.92 19.61 73.79
CA ILE I 86 -13.06 18.90 75.04
C ILE I 86 -12.68 17.43 74.95
N ARG I 87 -12.82 16.85 73.77
CA ARG I 87 -12.43 15.47 73.58
C ARG I 87 -10.93 15.35 73.38
N GLU I 88 -10.31 16.44 72.94
CA GLU I 88 -8.88 16.45 72.71
C GLU I 88 -8.22 16.61 74.07
N ALA I 89 -8.73 17.55 74.87
CA ALA I 89 -8.23 17.78 76.22
C ALA I 89 -8.19 16.44 76.89
N PHE I 90 -9.32 15.74 76.86
CA PHE I 90 -9.35 14.41 77.46
C PHE I 90 -8.15 13.58 77.01
N ARG I 91 -8.02 13.34 75.71
CA ARG I 91 -6.89 12.55 75.26
C ARG I 91 -5.56 13.00 75.90
N VAL I 92 -5.52 14.25 76.37
CA VAL I 92 -4.32 14.83 76.99
C VAL I 92 -4.06 14.34 78.39
N PHE I 93 -5.05 14.45 79.27
CA PHE I 93 -4.86 13.98 80.62
C PHE I 93 -4.70 12.49 80.61
N ASP I 94 -5.52 11.82 79.80
CA ASP I 94 -5.36 10.38 79.65
C ASP I 94 -3.96 10.16 79.08
N LYS I 95 -2.99 10.51 79.87
CA LYS I 95 -1.58 10.41 79.51
C LYS I 95 -1.17 9.04 78.99
N ASP I 96 -1.49 7.95 79.77
CA ASP I 96 -1.10 6.57 79.45
C ASP I 96 -1.73 5.93 78.22
N GLY I 97 -3.01 6.18 78.00
CA GLY I 97 -3.71 5.61 76.86
C GLY I 97 -4.73 4.52 77.20
N ASN I 98 -5.28 4.61 78.40
CA ASN I 98 -6.26 3.64 78.86
C ASN I 98 -7.69 4.12 78.61
N GLY I 99 -7.87 5.21 77.88
CA GLY I 99 -9.21 5.69 77.64
C GLY I 99 -9.87 6.12 78.93
N TYR I 100 -9.09 6.10 80.01
CA TYR I 100 -9.57 6.49 81.31
C TYR I 100 -8.58 7.50 81.90
N ILE I 101 -9.08 8.44 82.68
CA ILE I 101 -8.20 9.43 83.27
C ILE I 101 -8.03 9.08 84.74
N SER I 102 -6.86 8.59 85.11
CA SER I 102 -6.60 8.24 86.49
C SER I 102 -6.15 9.46 87.30
N ALA I 103 -6.46 9.43 88.59
CA ALA I 103 -6.10 10.52 89.52
C ALA I 103 -4.59 10.73 89.51
N ALA I 104 -3.87 9.65 89.26
CA ALA I 104 -2.43 9.74 89.18
C ALA I 104 -2.12 10.80 88.13
N GLU I 105 -2.58 10.55 86.90
CA GLU I 105 -2.34 11.47 85.80
C GLU I 105 -3.08 12.80 85.93
N LEU I 106 -4.25 12.82 86.58
CA LEU I 106 -4.93 14.10 86.73
C LEU I 106 -3.89 15.05 87.30
N ARG I 107 -3.26 14.61 88.39
CA ARG I 107 -2.24 15.38 89.08
C ARG I 107 -1.02 15.63 88.20
N HIS I 108 -0.45 14.54 87.69
CA HIS I 108 0.74 14.63 86.85
C HIS I 108 0.66 15.68 85.75
N VAL I 109 -0.55 16.00 85.31
CA VAL I 109 -0.75 16.99 84.26
C VAL I 109 -1.12 18.33 84.87
N MET I 110 -1.82 18.26 85.99
CA MET I 110 -2.23 19.45 86.71
C MET I 110 -1.02 20.18 87.25
N THR I 111 0.09 19.45 87.41
CA THR I 111 1.30 20.06 87.95
C THR I 111 2.23 20.67 86.90
N ASN I 112 2.08 20.29 85.64
CA ASN I 112 2.94 20.85 84.61
C ASN I 112 2.38 22.20 84.12
N LEU I 113 1.07 22.32 84.16
CA LEU I 113 0.44 23.55 83.75
C LEU I 113 0.59 24.56 84.90
N GLY I 114 1.52 24.24 85.80
CA GLY I 114 1.81 25.11 86.92
C GLY I 114 1.04 25.00 88.24
N GLU I 115 0.07 24.10 88.34
CA GLU I 115 -0.71 23.99 89.58
C GLU I 115 -0.27 22.90 90.56
N LYS I 116 0.16 23.31 91.73
CA LYS I 116 0.58 22.35 92.75
C LYS I 116 -0.64 21.79 93.46
N LEU I 117 -0.95 20.52 93.18
CA LEU I 117 -2.11 19.87 93.78
C LEU I 117 -1.76 18.90 94.89
N THR I 118 -2.63 18.84 95.88
CA THR I 118 -2.45 17.97 97.02
C THR I 118 -2.94 16.55 96.73
N ASP I 119 -2.04 15.59 96.85
CA ASP I 119 -2.36 14.19 96.58
C ASP I 119 -3.69 13.83 97.26
N GLU I 120 -4.21 14.75 98.06
CA GLU I 120 -5.46 14.55 98.77
C GLU I 120 -6.64 15.14 97.99
N GLU I 121 -6.47 16.38 97.53
CA GLU I 121 -7.52 17.08 96.78
C GLU I 121 -7.63 16.63 95.32
N VAL I 122 -6.74 15.77 94.87
CA VAL I 122 -6.84 15.28 93.52
C VAL I 122 -7.80 14.13 93.61
N ASP I 123 -7.46 13.16 94.43
CA ASP I 123 -8.35 12.02 94.60
C ASP I 123 -9.74 12.62 94.75
N GLN I 124 -9.78 13.85 95.27
CA GLN I 124 -11.01 14.57 95.49
C GLN I 124 -11.76 14.78 94.17
N MET I 125 -11.24 15.64 93.30
CA MET I 125 -11.87 15.88 92.00
C MET I 125 -12.22 14.53 91.39
N ILE I 126 -11.20 13.79 90.97
CA ILE I 126 -11.38 12.47 90.37
C ILE I 126 -12.60 11.74 90.93
N ARG I 127 -12.86 11.93 92.21
CA ARG I 127 -13.99 11.28 92.87
C ARG I 127 -15.30 11.87 92.37
N GLU I 128 -15.47 13.16 92.58
CA GLU I 128 -16.68 13.89 92.18
C GLU I 128 -16.95 13.89 90.68
N ALA I 129 -15.96 13.46 89.89
CA ALA I 129 -16.07 13.40 88.44
C ALA I 129 -16.58 12.04 88.03
N ASP I 130 -16.21 11.02 88.81
CA ASP I 130 -16.66 9.67 88.53
C ASP I 130 -18.11 9.54 88.95
N ILE I 131 -18.94 9.04 88.04
CA ILE I 131 -20.36 8.90 88.30
C ILE I 131 -20.73 7.46 88.58
N ASP I 132 -19.94 6.53 88.06
CA ASP I 132 -20.24 5.12 88.23
C ASP I 132 -19.35 4.35 89.21
N GLY I 133 -18.52 5.04 89.97
CA GLY I 133 -17.71 4.34 90.95
C GLY I 133 -16.36 3.71 90.65
N ASP I 134 -16.00 3.46 89.40
CA ASP I 134 -14.69 2.84 89.15
C ASP I 134 -13.45 3.66 89.58
N GLY I 135 -13.67 4.78 90.29
CA GLY I 135 -12.56 5.59 90.75
C GLY I 135 -11.72 6.30 89.69
N GLN I 136 -12.15 6.18 88.43
CA GLN I 136 -11.48 6.81 87.29
C GLN I 136 -12.52 7.53 86.45
N VAL I 137 -12.09 8.40 85.54
CA VAL I 137 -13.01 9.12 84.67
C VAL I 137 -12.77 8.77 83.20
N ASN I 138 -13.86 8.61 82.45
CA ASN I 138 -13.80 8.29 81.02
C ASN I 138 -14.34 9.48 80.28
N TYR I 139 -14.15 9.51 78.96
CA TYR I 139 -14.63 10.63 78.17
C TYR I 139 -16.08 10.95 78.55
N GLU I 140 -16.94 9.93 78.54
CA GLU I 140 -18.33 10.14 78.89
C GLU I 140 -18.49 11.01 80.12
N GLU I 141 -18.08 10.51 81.28
CA GLU I 141 -18.25 11.33 82.47
C GLU I 141 -17.42 12.60 82.47
N PHE I 142 -16.37 12.59 81.66
CA PHE I 142 -15.49 13.76 81.56
C PHE I 142 -16.24 14.87 80.83
N VAL I 143 -17.00 14.50 79.79
CA VAL I 143 -17.74 15.49 79.01
C VAL I 143 -18.72 16.14 79.93
N GLN I 144 -19.32 15.31 80.77
CA GLN I 144 -20.30 15.76 81.75
C GLN I 144 -19.70 16.86 82.62
N MET I 145 -18.69 16.46 83.37
CA MET I 145 -17.96 17.34 84.28
C MET I 145 -17.75 18.73 83.71
N MET I 146 -17.16 18.75 82.52
CA MET I 146 -16.81 19.95 81.78
C MET I 146 -18.00 20.83 81.43
N THR I 147 -18.57 20.55 80.26
CA THR I 147 -19.71 21.33 79.77
C THR I 147 -20.81 21.54 80.82
N ALA I 148 -21.21 20.46 81.48
CA ALA I 148 -22.25 20.59 82.49
C ALA I 148 -21.93 21.82 83.34
N LYS I 149 -22.70 22.87 83.07
CA LYS I 149 -22.56 24.14 83.77
C LYS I 149 -23.33 24.14 85.10
N GLN J 4 -71.71 -19.57 31.48
CA GLN J 4 -72.04 -19.51 30.03
C GLN J 4 -71.53 -20.78 29.33
N LEU J 5 -72.44 -21.73 29.11
CA LEU J 5 -72.07 -22.98 28.45
C LEU J 5 -71.20 -22.66 27.23
N THR J 6 -69.99 -23.22 27.17
CA THR J 6 -69.07 -23.00 26.05
C THR J 6 -69.62 -23.64 24.77
N GLU J 7 -69.37 -23.02 23.62
CA GLU J 7 -69.88 -23.57 22.38
C GLU J 7 -69.65 -25.08 22.37
N GLU J 8 -68.42 -25.52 22.58
CA GLU J 8 -68.14 -26.95 22.61
C GLU J 8 -69.20 -27.62 23.50
N GLN J 9 -69.40 -27.03 24.66
CA GLN J 9 -70.34 -27.52 25.64
C GLN J 9 -71.78 -27.42 25.16
N ILE J 10 -71.96 -26.85 23.98
CA ILE J 10 -73.30 -26.73 23.43
C ILE J 10 -73.53 -27.82 22.40
N ALA J 11 -72.66 -27.86 21.41
CA ALA J 11 -72.76 -28.85 20.34
C ALA J 11 -73.05 -30.20 20.94
N GLU J 12 -72.53 -30.44 22.16
CA GLU J 12 -72.75 -31.71 22.85
C GLU J 12 -74.18 -31.83 23.32
N PHE J 13 -74.75 -30.77 23.87
CA PHE J 13 -76.11 -30.86 24.35
C PHE J 13 -77.11 -30.94 23.20
N LYS J 14 -76.66 -30.72 21.98
CA LYS J 14 -77.58 -30.84 20.85
C LYS J 14 -77.36 -32.21 20.25
N GLU J 15 -76.09 -32.59 20.08
CA GLU J 15 -75.80 -33.90 19.53
C GLU J 15 -76.47 -34.94 20.39
N ALA J 16 -76.87 -34.56 21.59
CA ALA J 16 -77.55 -35.51 22.48
C ALA J 16 -79.04 -35.17 22.56
N PHE J 17 -79.35 -33.88 22.65
CA PHE J 17 -80.74 -33.46 22.71
C PHE J 17 -81.47 -34.02 21.51
N SER J 18 -80.85 -33.90 20.35
CA SER J 18 -81.42 -34.36 19.10
C SER J 18 -81.38 -35.87 18.92
N LEU J 19 -80.26 -36.47 19.26
CA LEU J 19 -80.14 -37.91 19.12
C LEU J 19 -81.29 -38.67 19.75
N PHE J 20 -82.05 -38.05 20.64
CA PHE J 20 -83.14 -38.78 21.27
C PHE J 20 -84.49 -38.21 21.02
N ASP J 21 -84.58 -37.29 20.06
CA ASP J 21 -85.85 -36.67 19.70
C ASP J 21 -86.44 -37.57 18.60
N LYS J 22 -87.00 -38.69 19.01
CA LYS J 22 -87.55 -39.67 18.07
C LYS J 22 -88.40 -39.15 16.95
N ASP J 23 -89.43 -38.36 17.28
CA ASP J 23 -90.29 -37.81 16.25
C ASP J 23 -89.68 -36.50 15.75
N GLY J 24 -88.43 -36.62 15.34
CA GLY J 24 -87.62 -35.52 14.84
C GLY J 24 -88.06 -34.07 14.73
N ASP J 25 -88.87 -33.56 15.65
CA ASP J 25 -89.30 -32.16 15.52
C ASP J 25 -88.30 -31.17 16.07
N GLY J 26 -88.38 -30.90 17.36
CA GLY J 26 -87.45 -29.94 17.91
C GLY J 26 -87.68 -29.76 19.39
N THR J 27 -88.58 -30.56 19.92
CA THR J 27 -88.89 -30.52 21.33
C THR J 27 -88.77 -31.96 21.80
N ILE J 28 -88.71 -32.15 23.11
CA ILE J 28 -88.59 -33.51 23.63
C ILE J 28 -89.53 -33.77 24.80
N THR J 29 -90.01 -35.01 24.91
CA THR J 29 -90.93 -35.37 25.99
C THR J 29 -90.18 -35.32 27.31
N THR J 30 -90.93 -35.45 28.39
CA THR J 30 -90.36 -35.46 29.73
C THR J 30 -89.43 -36.67 29.81
N LYS J 31 -90.00 -37.86 29.61
CA LYS J 31 -89.23 -39.10 29.66
C LYS J 31 -87.99 -38.92 28.81
N GLU J 32 -88.20 -38.37 27.61
CA GLU J 32 -87.10 -38.14 26.69
C GLU J 32 -86.00 -37.33 27.39
N LEU J 33 -86.39 -36.23 28.03
CA LEU J 33 -85.45 -35.36 28.74
C LEU J 33 -84.58 -36.14 29.72
N GLY J 34 -85.23 -37.06 30.43
CA GLY J 34 -84.51 -37.89 31.39
C GLY J 34 -83.45 -38.66 30.65
N THR J 35 -83.82 -39.25 29.53
CA THR J 35 -82.88 -40.03 28.75
C THR J 35 -81.77 -39.23 28.13
N VAL J 36 -82.11 -38.04 27.61
CA VAL J 36 -81.13 -37.19 26.98
C VAL J 36 -80.07 -36.93 28.00
N MET J 37 -80.50 -36.77 29.25
CA MET J 37 -79.60 -36.49 30.38
C MET J 37 -78.69 -37.65 30.76
N ARG J 38 -79.30 -38.74 31.21
CA ARG J 38 -78.55 -39.92 31.62
C ARG J 38 -77.47 -40.28 30.62
N SER J 39 -77.83 -40.19 29.33
CA SER J 39 -76.91 -40.50 28.25
C SER J 39 -75.71 -39.58 28.33
N LEU J 40 -76.00 -38.34 28.72
CA LEU J 40 -74.96 -37.33 28.86
C LEU J 40 -74.22 -37.55 30.16
N GLY J 41 -74.64 -38.56 30.91
CA GLY J 41 -73.99 -38.88 32.16
C GLY J 41 -74.48 -38.05 33.31
N GLN J 42 -75.67 -38.39 33.78
CA GLN J 42 -76.30 -37.69 34.88
C GLN J 42 -77.61 -38.44 35.05
N ASN J 43 -78.28 -38.28 36.18
CA ASN J 43 -79.56 -38.95 36.34
C ASN J 43 -80.45 -38.35 37.39
N PRO J 44 -80.97 -37.14 37.11
CA PRO J 44 -81.85 -36.41 38.01
C PRO J 44 -82.94 -37.34 38.50
N THR J 45 -83.36 -37.15 39.73
CA THR J 45 -84.38 -38.02 40.28
C THR J 45 -85.63 -38.02 39.43
N GLU J 46 -86.28 -39.18 39.42
CA GLU J 46 -87.52 -39.40 38.68
C GLU J 46 -88.56 -38.34 39.11
N ALA J 47 -88.14 -37.40 39.97
CA ALA J 47 -89.01 -36.33 40.45
C ALA J 47 -88.31 -34.96 40.34
N GLU J 48 -86.99 -34.98 40.43
CA GLU J 48 -86.17 -33.76 40.34
C GLU J 48 -86.09 -33.39 38.86
N LEU J 49 -86.47 -34.36 38.03
CA LEU J 49 -86.46 -34.22 36.58
C LEU J 49 -87.56 -33.32 36.04
N GLN J 50 -88.56 -33.04 36.86
CA GLN J 50 -89.67 -32.21 36.44
C GLN J 50 -89.58 -30.75 36.88
N ASP J 51 -88.73 -30.46 37.86
CA ASP J 51 -88.57 -29.08 38.35
C ASP J 51 -88.08 -28.14 37.27
N MET J 52 -87.10 -28.59 36.50
CA MET J 52 -86.53 -27.79 35.42
C MET J 52 -87.56 -27.57 34.32
N ILE J 53 -88.24 -28.65 33.97
CA ILE J 53 -89.25 -28.64 32.92
C ILE J 53 -90.54 -27.92 33.32
N ASN J 54 -91.02 -28.18 34.54
CA ASN J 54 -92.24 -27.55 35.02
C ASN J 54 -92.04 -26.05 35.13
N GLU J 55 -90.74 -25.65 35.06
CA GLU J 55 -90.62 -24.24 35.21
C GLU J 55 -90.91 -23.53 33.89
N VAL J 56 -91.02 -24.24 32.76
CA VAL J 56 -91.21 -23.55 31.48
C VAL J 56 -92.46 -24.00 30.73
N ASP J 57 -93.61 -23.94 31.42
CA ASP J 57 -94.87 -24.43 30.91
C ASP J 57 -95.58 -23.58 29.84
N ALA J 58 -95.15 -23.67 28.63
CA ALA J 58 -95.73 -22.92 27.53
C ALA J 58 -95.87 -23.90 26.37
N ASP J 59 -95.90 -25.18 26.70
CA ASP J 59 -96.01 -26.23 25.70
C ASP J 59 -97.26 -27.10 25.94
N GLY J 60 -97.38 -28.22 25.23
CA GLY J 60 -98.52 -29.10 25.42
C GLY J 60 -98.43 -29.59 26.85
N ASN J 61 -97.57 -28.89 27.59
CA ASN J 61 -97.28 -29.12 29.00
C ASN J 61 -96.60 -30.47 29.22
N GLY J 62 -95.30 -30.50 28.96
CA GLY J 62 -94.53 -31.71 29.12
C GLY J 62 -93.57 -31.85 27.98
N THR J 63 -93.21 -30.73 27.37
CA THR J 63 -92.30 -30.74 26.24
C THR J 63 -91.41 -29.51 26.23
N ILE J 64 -90.15 -29.68 25.84
CA ILE J 64 -89.20 -28.57 25.76
C ILE J 64 -88.38 -28.59 24.47
N ASP J 65 -88.20 -27.43 23.85
CA ASP J 65 -87.43 -27.35 22.62
C ASP J 65 -85.94 -27.41 22.91
N PHE J 66 -85.13 -27.02 21.93
CA PHE J 66 -83.69 -27.03 22.13
C PHE J 66 -83.33 -25.83 23.04
N PRO J 67 -83.64 -24.58 22.59
CA PRO J 67 -83.36 -23.34 23.32
C PRO J 67 -83.80 -23.27 24.76
N GLU J 68 -84.74 -24.11 25.14
CA GLU J 68 -85.21 -24.08 26.52
C GLU J 68 -84.39 -25.05 27.36
N PHE J 69 -83.74 -25.98 26.67
CA PHE J 69 -82.92 -26.99 27.32
C PHE J 69 -81.52 -26.41 27.47
N LEU J 70 -81.11 -25.68 26.45
CA LEU J 70 -79.79 -25.07 26.48
C LEU J 70 -79.67 -24.18 27.68
N THR J 71 -80.83 -23.73 28.18
CA THR J 71 -80.87 -22.88 29.36
C THR J 71 -80.83 -23.77 30.59
N MET J 72 -81.91 -24.50 30.84
CA MET J 72 -82.00 -25.40 31.99
C MET J 72 -80.64 -25.94 32.39
N MET J 73 -79.73 -26.11 31.43
CA MET J 73 -78.40 -26.60 31.75
C MET J 73 -77.55 -25.44 32.24
N ALA J 74 -77.98 -24.95 33.40
CA ALA J 74 -77.36 -23.84 34.10
C ALA J 74 -77.63 -24.17 35.56
N ARG J 75 -78.90 -24.07 35.97
CA ARG J 75 -79.32 -24.36 37.35
C ARG J 75 -78.49 -25.46 38.00
N LYS J 76 -78.06 -26.41 37.19
CA LYS J 76 -77.22 -27.47 37.69
C LYS J 76 -75.79 -27.24 37.22
N MET J 77 -75.51 -26.47 36.19
CA MET J 77 -74.14 -26.54 35.78
C MET J 77 -73.22 -25.31 35.92
N LYS J 78 -73.79 -24.13 36.09
CA LYS J 78 -73.02 -22.88 36.24
C LYS J 78 -72.13 -22.79 37.49
N ASP J 79 -72.09 -23.90 38.23
CA ASP J 79 -71.27 -23.91 39.44
C ASP J 79 -70.26 -25.07 39.42
N THR J 80 -70.78 -26.28 39.56
CA THR J 80 -69.96 -27.49 39.59
C THR J 80 -68.89 -27.61 38.48
N ASP J 81 -67.70 -28.03 38.91
CA ASP J 81 -66.51 -28.24 38.07
C ASP J 81 -65.73 -29.38 38.73
N SER J 82 -66.47 -30.26 39.42
CA SER J 82 -65.90 -31.38 40.13
C SER J 82 -65.41 -32.57 39.31
N GLU J 83 -65.96 -32.74 38.11
CA GLU J 83 -65.53 -33.85 37.26
C GLU J 83 -64.01 -33.98 37.28
N GLU J 84 -63.33 -32.84 37.24
CA GLU J 84 -61.86 -32.79 37.24
C GLU J 84 -61.19 -33.43 38.45
N GLU J 85 -61.40 -32.79 39.59
CA GLU J 85 -60.87 -33.26 40.85
C GLU J 85 -60.98 -34.78 40.97
N ILE J 86 -62.18 -35.31 40.78
CA ILE J 86 -62.43 -36.73 40.88
C ILE J 86 -61.51 -37.56 40.00
N ARG J 87 -61.05 -36.98 38.90
CA ARG J 87 -60.14 -37.67 38.02
C ARG J 87 -58.72 -37.59 38.57
N GLU J 88 -58.46 -36.60 39.41
CA GLU J 88 -57.14 -36.45 39.99
C GLU J 88 -57.06 -37.45 41.14
N ALA J 89 -58.10 -37.49 41.96
CA ALA J 89 -58.18 -38.44 43.07
C ALA J 89 -57.85 -39.79 42.51
N PHE J 90 -58.54 -40.16 41.43
CA PHE J 90 -58.27 -41.45 40.82
C PHE J 90 -56.76 -41.63 40.59
N ARG J 91 -56.14 -40.74 39.83
CA ARG J 91 -54.72 -40.89 39.58
C ARG J 91 -53.94 -41.14 40.89
N VAL J 92 -54.53 -40.76 42.01
CA VAL J 92 -53.89 -40.91 43.34
C VAL J 92 -53.92 -42.33 43.85
N PHE J 93 -55.04 -42.93 43.93
CA PHE J 93 -55.13 -44.30 44.41
C PHE J 93 -54.42 -45.20 43.44
N ASP J 94 -54.62 -44.95 42.14
CA ASP J 94 -53.88 -45.70 41.14
C ASP J 94 -52.41 -45.41 41.39
N LYS J 95 -51.95 -45.86 42.51
CA LYS J 95 -50.57 -45.64 42.95
C LYS J 95 -49.53 -46.08 41.93
N ASP J 96 -49.68 -47.36 41.39
CA ASP J 96 -48.72 -47.95 40.46
C ASP J 96 -48.64 -47.37 39.05
N GLY J 97 -49.79 -47.02 38.47
CA GLY J 97 -49.81 -46.45 37.13
C GLY J 97 -50.40 -47.35 36.05
N ASN J 98 -51.29 -48.25 36.47
CA ASN J 98 -51.92 -49.18 35.56
C ASN J 98 -53.28 -48.67 35.06
N GLY J 99 -53.61 -47.41 35.36
CA GLY J 99 -54.89 -46.90 34.91
C GLY J 99 -56.03 -47.64 35.57
N TYR J 100 -55.67 -48.54 36.48
CA TYR J 100 -56.65 -49.33 37.21
C TYR J 100 -56.36 -49.21 38.69
N ILE J 101 -57.41 -49.23 39.51
CA ILE J 101 -57.20 -49.11 40.95
C ILE J 101 -57.38 -50.48 41.58
N SER J 102 -56.28 -51.10 41.99
CA SER J 102 -56.34 -52.41 42.61
C SER J 102 -56.67 -52.32 44.09
N ALA J 103 -57.34 -53.35 44.60
CA ALA J 103 -57.73 -53.43 46.00
C ALA J 103 -56.49 -53.33 46.88
N ALA J 104 -55.37 -53.79 46.34
CA ALA J 104 -54.13 -53.71 47.08
C ALA J 104 -53.93 -52.24 47.42
N GLU J 105 -53.85 -51.41 46.39
CA GLU J 105 -53.65 -49.97 46.57
C GLU J 105 -54.84 -49.26 47.20
N LEU J 106 -56.07 -49.72 46.98
CA LEU J 106 -57.19 -49.05 47.63
C LEU J 106 -56.84 -48.97 49.10
N ARG J 107 -56.45 -50.11 49.66
CA ARG J 107 -56.08 -50.20 51.06
C ARG J 107 -54.83 -49.38 51.36
N HIS J 108 -53.76 -49.64 50.63
CA HIS J 108 -52.50 -48.96 50.85
C HIS J 108 -52.61 -47.44 50.95
N VAL J 109 -53.65 -46.87 50.35
CA VAL J 109 -53.86 -45.42 50.40
C VAL J 109 -54.89 -45.09 51.46
N MET J 110 -55.83 -46.01 51.66
CA MET J 110 -56.87 -45.86 52.66
C MET J 110 -56.25 -45.86 54.05
N THR J 111 -55.06 -46.44 54.18
CA THR J 111 -54.40 -46.52 55.47
C THR J 111 -53.50 -45.35 55.80
N ASN J 112 -53.09 -44.58 54.81
CA ASN J 112 -52.24 -43.42 55.07
C ASN J 112 -53.08 -42.22 55.49
N LEU J 113 -54.29 -42.15 54.95
CA LEU J 113 -55.17 -41.04 55.29
C LEU J 113 -55.78 -41.35 56.67
N GLY J 114 -55.14 -42.29 57.37
CA GLY J 114 -55.56 -42.65 58.71
C GLY J 114 -56.59 -43.75 58.94
N GLU J 115 -57.13 -44.35 57.88
CA GLU J 115 -58.15 -45.39 58.07
C GLU J 115 -57.67 -46.84 58.03
N LYS J 116 -57.82 -47.53 59.15
CA LYS J 116 -57.42 -48.93 59.23
C LYS J 116 -58.49 -49.81 58.60
N LEU J 117 -58.18 -50.36 57.42
CA LEU J 117 -59.12 -51.21 56.71
C LEU J 117 -58.80 -52.69 56.78
N THR J 118 -59.86 -53.49 56.83
CA THR J 118 -59.72 -54.93 56.90
C THR J 118 -59.51 -55.54 55.53
N ASP J 119 -58.40 -56.24 55.36
CA ASP J 119 -58.07 -56.88 54.09
C ASP J 119 -59.29 -57.60 53.54
N GLU J 120 -60.35 -57.67 54.35
CA GLU J 120 -61.59 -58.33 53.97
C GLU J 120 -62.59 -57.33 53.39
N GLU J 121 -62.78 -56.22 54.09
CA GLU J 121 -63.72 -55.18 53.68
C GLU J 121 -63.20 -54.29 52.54
N VAL J 122 -61.95 -54.47 52.15
CA VAL J 122 -61.43 -53.69 51.05
C VAL J 122 -61.85 -54.44 49.82
N ASP J 123 -61.45 -55.70 49.74
CA ASP J 123 -61.84 -56.52 48.60
C ASP J 123 -63.33 -56.25 48.42
N GLN J 124 -63.99 -55.91 49.53
CA GLN J 124 -65.42 -55.61 49.54
C GLN J 124 -65.74 -54.42 48.63
N MET J 125 -65.33 -53.22 49.03
CA MET J 125 -65.57 -52.03 48.21
C MET J 125 -65.16 -52.36 46.77
N ILE J 126 -63.85 -52.50 46.53
CA ILE J 126 -63.33 -52.82 45.21
C ILE J 126 -64.29 -53.68 44.40
N ARG J 127 -64.98 -54.59 45.07
CA ARG J 127 -65.92 -55.48 44.40
C ARG J 127 -67.13 -54.70 43.91
N GLU J 128 -67.84 -54.07 44.84
CA GLU J 128 -69.05 -53.29 44.55
C GLU J 128 -68.82 -52.09 43.63
N ALA J 129 -67.54 -51.76 43.42
CA ALA J 129 -67.17 -50.64 42.56
C ALA J 129 -66.97 -51.12 41.15
N ASP J 130 -66.51 -52.37 41.02
CA ASP J 130 -66.29 -52.96 39.71
C ASP J 130 -67.64 -53.35 39.12
N ILE J 131 -67.89 -52.91 37.90
CA ILE J 131 -69.15 -53.18 37.23
C ILE J 131 -69.02 -54.28 36.19
N ASP J 132 -67.82 -54.44 35.66
CA ASP J 132 -67.59 -55.43 34.63
C ASP J 132 -66.83 -56.69 35.03
N GLY J 133 -66.61 -56.89 36.33
CA GLY J 133 -65.94 -58.10 36.76
C GLY J 133 -64.43 -58.27 36.82
N ASP J 134 -63.62 -57.45 36.16
CA ASP J 134 -62.18 -57.67 36.24
C ASP J 134 -61.54 -57.52 37.65
N GLY J 135 -62.38 -57.39 38.68
CA GLY J 135 -61.87 -57.29 40.04
C GLY J 135 -61.08 -56.03 40.38
N GLN J 136 -61.02 -55.10 39.43
CA GLN J 136 -60.31 -53.83 39.61
C GLN J 136 -61.22 -52.71 39.16
N VAL J 137 -60.89 -51.46 39.51
CA VAL J 137 -61.69 -50.32 39.09
C VAL J 137 -60.89 -49.37 38.20
N ASN J 138 -61.54 -48.84 37.16
CA ASN J 138 -60.92 -47.91 36.21
C ASN J 138 -61.63 -46.59 36.40
N TYR J 139 -61.05 -45.53 35.83
CA TYR J 139 -61.65 -44.21 35.97
C TYR J 139 -63.14 -44.30 35.67
N GLU J 140 -63.50 -44.87 34.53
CA GLU J 140 -64.90 -44.99 34.18
C GLU J 140 -65.75 -45.44 35.34
N GLU J 141 -65.57 -46.68 35.81
CA GLU J 141 -66.41 -47.12 36.92
C GLU J 141 -66.16 -46.36 38.20
N PHE J 142 -64.99 -45.75 38.30
CA PHE J 142 -64.65 -44.97 39.48
C PHE J 142 -65.49 -43.70 39.51
N VAL J 143 -65.68 -43.08 38.35
CA VAL J 143 -66.47 -41.85 38.26
C VAL J 143 -67.85 -42.17 38.71
N GLN J 144 -68.32 -43.33 38.29
CA GLN J 144 -69.64 -43.82 38.62
C GLN J 144 -69.81 -43.85 40.13
N MET J 145 -69.02 -44.70 40.76
CA MET J 145 -69.00 -44.91 42.19
C MET J 145 -69.18 -43.60 42.96
N MET J 146 -68.28 -42.66 42.64
CA MET J 146 -68.22 -41.35 43.27
C MET J 146 -69.47 -40.51 43.11
N THR J 147 -69.51 -39.74 42.04
CA THR J 147 -70.64 -38.86 41.75
C THR J 147 -71.99 -39.55 41.91
N ALA J 148 -72.14 -40.72 41.30
CA ALA J 148 -73.41 -41.42 41.42
C ALA J 148 -73.87 -41.35 42.86
N LYS J 149 -74.86 -40.50 43.09
CA LYS J 149 -75.43 -40.27 44.41
C LYS J 149 -76.52 -41.32 44.72
N GLN K 4 -85.42 -24.46 -37.57
CA GLN K 4 -85.27 -23.25 -38.44
C GLN K 4 -84.13 -23.49 -39.43
N LEU K 5 -84.48 -23.87 -40.66
CA LEU K 5 -83.48 -24.11 -41.69
C LEU K 5 -82.47 -22.96 -41.67
N THR K 6 -81.18 -23.28 -41.51
CA THR K 6 -80.12 -22.27 -41.49
C THR K 6 -79.95 -21.63 -42.87
N GLU K 7 -79.61 -20.35 -42.91
CA GLU K 7 -79.45 -19.69 -44.19
C GLU K 7 -78.69 -20.60 -45.14
N GLU K 8 -77.51 -21.06 -44.73
CA GLU K 8 -76.73 -21.96 -45.58
C GLU K 8 -77.68 -23.05 -46.11
N GLN K 9 -78.44 -23.61 -45.18
CA GLN K 9 -79.39 -24.65 -45.47
C GLN K 9 -80.53 -24.19 -46.36
N ILE K 10 -80.53 -22.91 -46.67
CA ILE K 10 -81.58 -22.38 -47.53
C ILE K 10 -81.04 -22.23 -48.95
N ALA K 11 -79.95 -21.48 -49.07
CA ALA K 11 -79.32 -21.23 -50.35
C ALA K 11 -79.26 -22.52 -51.13
N GLU K 12 -79.10 -23.63 -50.40
CA GLU K 12 -79.02 -24.95 -51.03
C GLU K 12 -80.37 -25.38 -51.57
N PHE K 13 -81.43 -25.16 -50.83
CA PHE K 13 -82.73 -25.57 -51.32
C PHE K 13 -83.22 -24.70 -52.46
N LYS K 14 -82.54 -23.59 -52.72
CA LYS K 14 -82.93 -22.75 -53.84
C LYS K 14 -82.04 -23.11 -55.01
N GLU K 15 -80.75 -23.23 -54.75
CA GLU K 15 -79.81 -23.60 -55.79
C GLU K 15 -80.25 -24.90 -56.40
N ALA K 16 -81.12 -25.62 -55.71
CA ALA K 16 -81.64 -26.88 -56.24
C ALA K 16 -83.09 -26.71 -56.68
N PHE K 17 -83.87 -26.00 -55.89
CA PHE K 17 -85.27 -25.76 -56.25
C PHE K 17 -85.32 -25.15 -57.62
N SER K 18 -84.47 -24.16 -57.83
CA SER K 18 -84.39 -23.43 -59.10
C SER K 18 -83.74 -24.20 -60.23
N LEU K 19 -82.64 -24.87 -59.92
CA LEU K 19 -81.94 -25.63 -60.93
C LEU K 19 -82.85 -26.57 -61.70
N PHE K 20 -84.02 -26.88 -61.18
CA PHE K 20 -84.89 -27.81 -61.89
C PHE K 20 -86.21 -27.23 -62.29
N ASP K 21 -86.34 -25.91 -62.19
CA ASP K 21 -87.56 -25.23 -62.57
C ASP K 21 -87.39 -24.89 -64.05
N LYS K 22 -87.58 -25.90 -64.91
CA LYS K 22 -87.39 -25.74 -66.35
C LYS K 22 -87.99 -24.51 -66.99
N ASP K 23 -89.28 -24.28 -66.79
CA ASP K 23 -89.93 -23.10 -67.35
C ASP K 23 -89.74 -21.92 -66.40
N GLY K 24 -88.47 -21.69 -66.08
CA GLY K 24 -88.01 -20.65 -65.17
C GLY K 24 -88.92 -19.66 -64.45
N ASP K 25 -90.12 -20.07 -64.02
CA ASP K 25 -90.97 -19.12 -63.32
C ASP K 25 -90.66 -18.98 -61.85
N GLY K 26 -91.24 -19.82 -61.02
CA GLY K 26 -90.97 -19.70 -59.61
C GLY K 26 -91.69 -20.76 -58.82
N THR K 27 -92.33 -21.65 -59.55
CA THR K 27 -93.06 -22.73 -58.93
C THR K 27 -92.55 -23.98 -59.61
N ILE K 28 -92.83 -25.15 -59.03
CA ILE K 28 -92.38 -26.38 -59.66
C ILE K 28 -93.46 -27.46 -59.69
N THR K 29 -93.44 -28.28 -60.74
CA THR K 29 -94.43 -29.34 -60.86
C THR K 29 -94.22 -30.37 -59.78
N THR K 30 -95.15 -31.31 -59.68
CA THR K 30 -95.07 -32.37 -58.70
C THR K 30 -93.83 -33.19 -59.04
N LYS K 31 -93.81 -33.75 -60.26
CA LYS K 31 -92.69 -34.55 -60.71
C LYS K 31 -91.42 -33.79 -60.42
N GLU K 32 -91.43 -32.50 -60.77
CA GLU K 32 -90.27 -31.66 -60.55
C GLU K 32 -89.83 -31.74 -59.09
N LEU K 33 -90.79 -31.58 -58.18
CA LEU K 33 -90.53 -31.63 -56.74
C LEU K 33 -89.78 -32.89 -56.34
N GLY K 34 -90.21 -34.01 -56.92
CA GLY K 34 -89.57 -35.28 -56.65
C GLY K 34 -88.12 -35.19 -57.06
N THR K 35 -87.88 -34.63 -58.23
CA THR K 35 -86.52 -34.52 -58.73
C THR K 35 -85.66 -33.55 -57.95
N VAL K 36 -86.25 -32.42 -57.56
CA VAL K 36 -85.52 -31.41 -56.82
C VAL K 36 -85.01 -32.08 -55.57
N MET K 37 -85.84 -32.96 -55.02
CA MET K 37 -85.51 -33.70 -53.80
C MET K 37 -84.39 -34.72 -53.98
N ARG K 38 -84.65 -35.74 -54.79
CA ARG K 38 -83.69 -36.80 -55.03
C ARG K 38 -82.30 -36.23 -55.27
N SER K 39 -82.24 -35.16 -56.06
CA SER K 39 -80.97 -34.51 -56.39
C SER K 39 -80.30 -34.03 -55.12
N LEU K 40 -81.14 -33.59 -54.18
CA LEU K 40 -80.67 -33.11 -52.91
C LEU K 40 -80.35 -34.29 -52.01
N GLY K 41 -80.57 -35.49 -52.53
CA GLY K 41 -80.27 -36.69 -51.79
C GLY K 41 -81.38 -37.08 -50.85
N GLN K 42 -82.42 -37.65 -51.42
CA GLN K 42 -83.59 -38.08 -50.67
C GLN K 42 -84.49 -38.65 -51.74
N ASN K 43 -85.48 -39.44 -51.37
CA ASN K 43 -86.40 -39.94 -52.38
C ASN K 43 -87.73 -40.40 -51.84
N PRO K 44 -88.55 -39.44 -51.40
CA PRO K 44 -89.88 -39.68 -50.86
C PRO K 44 -90.62 -40.61 -51.79
N THR K 45 -91.44 -41.47 -51.22
CA THR K 45 -92.17 -42.42 -52.04
C THR K 45 -92.99 -41.72 -53.10
N GLU K 46 -93.12 -42.41 -54.23
CA GLU K 46 -93.88 -41.93 -55.37
C GLU K 46 -95.32 -41.60 -54.92
N ALA K 47 -95.58 -41.72 -53.61
CA ALA K 47 -96.90 -41.44 -53.04
C ALA K 47 -96.78 -40.54 -51.81
N GLU K 48 -95.65 -40.65 -51.12
CA GLU K 48 -95.37 -39.84 -49.91
C GLU K 48 -94.99 -38.44 -50.39
N LEU K 49 -94.69 -38.37 -51.69
CA LEU K 49 -94.28 -37.13 -52.34
C LEU K 49 -95.41 -36.13 -52.54
N GLN K 50 -96.65 -36.60 -52.40
CA GLN K 50 -97.80 -35.74 -52.59
C GLN K 50 -98.41 -35.20 -51.29
N ASP K 51 -98.08 -35.82 -50.16
CA ASP K 51 -98.62 -35.38 -48.87
C ASP K 51 -98.21 -33.95 -48.54
N MET K 52 -96.95 -33.63 -48.77
CA MET K 52 -96.43 -32.30 -48.50
C MET K 52 -97.05 -31.27 -49.43
N ILE K 53 -97.13 -31.64 -50.71
CA ILE K 53 -97.69 -30.78 -51.74
C ILE K 53 -99.21 -30.65 -51.66
N ASN K 54 -99.90 -31.75 -51.45
CA ASN K 54 -101.37 -31.74 -51.35
C ASN K 54 -101.80 -30.90 -50.15
N GLU K 55 -100.78 -30.64 -49.23
CA GLU K 55 -101.26 -29.90 -48.10
C GLU K 55 -101.37 -28.42 -48.44
N VAL K 56 -100.85 -27.96 -49.58
CA VAL K 56 -100.87 -26.51 -49.87
C VAL K 56 -101.56 -26.17 -51.18
N ASP K 57 -102.80 -26.67 -51.35
CA ASP K 57 -103.56 -26.53 -52.58
C ASP K 57 -104.16 -25.15 -52.88
N ALA K 58 -103.38 -24.25 -53.41
CA ALA K 58 -103.82 -22.91 -53.75
C ALA K 58 -103.22 -22.58 -55.10
N ASP K 59 -102.86 -23.62 -55.83
CA ASP K 59 -102.25 -23.46 -57.16
C ASP K 59 -103.09 -24.15 -58.25
N GLY K 60 -102.53 -24.27 -59.46
CA GLY K 60 -103.25 -24.93 -60.53
C GLY K 60 -103.44 -26.37 -60.08
N ASN K 61 -103.19 -26.56 -58.78
CA ASN K 61 -103.27 -27.81 -58.06
C ASN K 61 -102.25 -28.83 -58.55
N GLY K 62 -101.02 -28.65 -58.08
CA GLY K 62 -99.94 -29.55 -58.45
C GLY K 62 -98.69 -28.74 -58.68
N THR K 63 -98.62 -27.58 -58.04
CA THR K 63 -97.46 -26.71 -58.19
C THR K 63 -97.16 -25.97 -56.90
N ILE K 64 -95.87 -25.79 -56.60
CA ILE K 64 -95.44 -25.07 -55.40
C ILE K 64 -94.32 -24.06 -55.70
N ASP K 65 -94.41 -22.87 -55.10
CA ASP K 65 -93.39 -21.85 -55.33
C ASP K 65 -92.16 -22.15 -54.47
N PHE K 66 -91.30 -21.15 -54.32
CA PHE K 66 -90.11 -21.34 -53.52
C PHE K 66 -90.53 -21.34 -52.04
N PRO K 67 -91.12 -20.22 -51.55
CA PRO K 67 -91.58 -20.05 -50.16
C PRO K 67 -92.44 -21.14 -49.58
N GLU K 68 -93.06 -21.93 -50.42
CA GLU K 68 -93.90 -23.00 -49.92
C GLU K 68 -93.08 -24.27 -49.75
N PHE K 69 -91.96 -24.31 -50.45
CA PHE K 69 -91.06 -25.44 -50.41
C PHE K 69 -90.12 -25.24 -49.24
N LEU K 70 -89.71 -24.00 -49.06
CA LEU K 70 -88.80 -23.67 -47.97
C LEU K 70 -89.42 -24.09 -46.67
N THR K 71 -90.75 -24.20 -46.65
CA THR K 71 -91.47 -24.62 -45.46
C THR K 71 -91.48 -26.14 -45.42
N MET K 72 -92.22 -26.75 -46.33
CA MET K 72 -92.32 -28.21 -46.42
C MET K 72 -91.04 -28.88 -45.90
N MET K 73 -89.90 -28.23 -46.08
CA MET K 73 -88.66 -28.81 -45.61
C MET K 73 -88.51 -28.51 -44.11
N ALA K 74 -89.43 -29.12 -43.38
CA ALA K 74 -89.52 -29.02 -41.93
C ALA K 74 -90.09 -30.37 -41.54
N ARG K 75 -91.35 -30.61 -41.87
CA ARG K 75 -92.04 -31.87 -41.55
C ARG K 75 -91.11 -33.08 -41.57
N LYS K 76 -90.12 -33.04 -42.43
CA LYS K 76 -89.13 -34.08 -42.49
C LYS K 76 -87.82 -33.59 -41.87
N MET K 77 -87.55 -32.33 -41.75
CA MET K 77 -86.20 -32.06 -41.33
C MET K 77 -85.92 -31.44 -39.94
N LYS K 78 -86.91 -30.85 -39.32
CA LYS K 78 -86.77 -30.23 -37.99
C LYS K 78 -86.42 -31.18 -36.83
N ASP K 79 -86.19 -32.42 -37.24
CA ASP K 79 -85.86 -33.41 -36.21
C ASP K 79 -84.52 -34.11 -36.53
N THR K 80 -84.56 -34.96 -37.56
CA THR K 80 -83.40 -35.73 -37.98
C THR K 80 -82.07 -34.95 -38.11
N ASP K 81 -81.01 -35.56 -37.59
CA ASP K 81 -79.63 -35.04 -37.61
C ASP K 81 -78.72 -36.27 -37.68
N SER K 82 -79.26 -37.34 -38.28
CA SER K 82 -78.55 -38.60 -38.41
C SER K 82 -77.42 -38.66 -39.44
N GLU K 83 -77.46 -37.81 -40.45
CA GLU K 83 -76.39 -37.83 -41.45
C GLU K 83 -75.03 -37.96 -40.78
N GLU K 84 -74.86 -37.24 -39.67
CA GLU K 84 -73.60 -37.23 -38.92
C GLU K 84 -73.16 -38.58 -38.41
N GLU K 85 -73.93 -39.11 -37.47
CA GLU K 85 -73.68 -40.40 -36.88
C GLU K 85 -73.24 -41.41 -37.93
N ILE K 86 -74.03 -41.56 -38.98
CA ILE K 86 -73.73 -42.50 -40.05
C ILE K 86 -72.34 -42.30 -40.65
N ARG K 87 -71.82 -41.09 -40.57
CA ARG K 87 -70.49 -40.84 -41.08
C ARG K 87 -69.45 -41.27 -40.04
N GLU K 88 -69.86 -41.34 -38.79
CA GLU K 88 -68.96 -41.73 -37.72
C GLU K 88 -68.86 -43.24 -37.78
N ALA K 89 -70.00 -43.92 -37.87
CA ALA K 89 -70.06 -45.37 -38.00
C ALA K 89 -69.07 -45.75 -39.08
N PHE K 90 -69.21 -45.11 -40.24
CA PHE K 90 -68.29 -45.40 -41.33
C PHE K 90 -66.84 -45.35 -40.83
N ARG K 91 -66.40 -44.21 -40.31
CA ARG K 91 -65.03 -44.14 -39.84
C ARG K 91 -64.65 -45.34 -38.96
N VAL K 92 -65.66 -45.99 -38.38
CA VAL K 92 -65.46 -47.15 -37.49
C VAL K 92 -65.10 -48.43 -38.24
N PHE K 93 -65.89 -48.85 -39.13
CA PHE K 93 -65.58 -50.05 -39.88
C PHE K 93 -64.32 -49.84 -40.66
N ASP K 94 -64.20 -48.65 -41.26
CA ASP K 94 -62.95 -48.33 -41.95
C ASP K 94 -61.86 -48.38 -40.90
N LYS K 95 -61.63 -49.55 -40.39
CA LYS K 95 -60.65 -49.79 -39.35
C LYS K 95 -59.25 -49.27 -39.67
N ASP K 96 -58.75 -49.60 -40.94
CA ASP K 96 -57.39 -49.24 -41.37
C ASP K 96 -57.10 -47.77 -41.66
N GLY K 97 -58.05 -47.08 -42.28
CA GLY K 97 -57.87 -45.68 -42.59
C GLY K 97 -57.70 -45.35 -44.07
N ASN K 98 -58.27 -46.21 -44.92
CA ASN K 98 -58.18 -46.04 -46.35
C ASN K 98 -59.41 -45.31 -46.92
N GLY K 99 -60.26 -44.77 -46.06
CA GLY K 99 -61.43 -44.09 -46.56
C GLY K 99 -62.35 -45.04 -47.31
N TYR K 100 -61.99 -46.32 -47.27
CA TYR K 100 -62.76 -47.36 -47.92
C TYR K 100 -63.03 -48.47 -46.91
N ILE K 101 -64.17 -49.12 -47.00
CA ILE K 101 -64.49 -50.19 -46.08
C ILE K 101 -64.32 -51.51 -46.79
N SER K 102 -63.26 -52.23 -46.47
CA SER K 102 -63.01 -53.52 -47.10
C SER K 102 -63.79 -54.64 -46.42
N ALA K 103 -64.13 -55.65 -47.20
CA ALA K 103 -64.87 -56.82 -46.72
C ALA K 103 -64.12 -57.48 -45.59
N ALA K 104 -62.80 -57.36 -45.64
CA ALA K 104 -61.97 -57.90 -44.58
C ALA K 104 -62.47 -57.28 -43.28
N GLU K 105 -62.39 -55.96 -43.19
CA GLU K 105 -62.82 -55.24 -42.01
C GLU K 105 -64.33 -55.28 -41.76
N LEU K 106 -65.15 -55.36 -42.80
CA LEU K 106 -66.59 -55.44 -42.56
C LEU K 106 -66.76 -56.56 -41.54
N ARG K 107 -66.16 -57.70 -41.86
CA ARG K 107 -66.24 -58.88 -41.00
C ARG K 107 -65.56 -58.65 -39.66
N HIS K 108 -64.30 -58.26 -39.71
CA HIS K 108 -63.53 -58.03 -38.49
C HIS K 108 -64.24 -57.19 -37.44
N VAL K 109 -65.17 -56.36 -37.86
CA VAL K 109 -65.93 -55.50 -36.94
C VAL K 109 -67.28 -56.13 -36.65
N MET K 110 -67.81 -56.83 -37.65
CA MET K 110 -69.08 -57.51 -37.53
C MET K 110 -68.97 -58.62 -36.50
N THR K 111 -67.75 -59.10 -36.26
CA THR K 111 -67.56 -60.19 -35.32
C THR K 111 -67.33 -59.76 -33.87
N ASN K 112 -66.94 -58.50 -33.67
CA ASN K 112 -66.73 -58.02 -32.31
C ASN K 112 -68.04 -57.60 -31.66
N LEU K 113 -68.96 -57.11 -32.49
CA LEU K 113 -70.24 -56.70 -31.97
C LEU K 113 -71.09 -57.97 -31.76
N GLY K 114 -70.39 -59.10 -31.73
CA GLY K 114 -71.04 -60.38 -31.49
C GLY K 114 -71.60 -61.21 -32.63
N GLU K 115 -71.50 -60.74 -33.88
CA GLU K 115 -72.06 -61.50 -35.01
C GLU K 115 -71.07 -62.36 -35.80
N LYS K 116 -71.30 -63.66 -35.77
CA LYS K 116 -70.43 -64.58 -36.50
C LYS K 116 -70.83 -64.60 -37.97
N LEU K 117 -69.99 -64.00 -38.82
CA LEU K 117 -70.27 -63.93 -40.25
C LEU K 117 -69.45 -64.90 -41.09
N THR K 118 -70.07 -65.40 -42.13
CA THR K 118 -69.43 -66.34 -43.04
C THR K 118 -68.59 -65.62 -44.07
N ASP K 119 -67.30 -65.94 -44.11
CA ASP K 119 -66.38 -65.33 -45.05
C ASP K 119 -66.99 -65.30 -46.45
N GLU K 120 -68.14 -65.96 -46.59
CA GLU K 120 -68.85 -66.04 -47.86
C GLU K 120 -69.93 -64.96 -47.96
N GLU K 121 -70.73 -64.83 -46.90
CA GLU K 121 -71.82 -63.84 -46.85
C GLU K 121 -71.36 -62.42 -46.57
N VAL K 122 -70.07 -62.25 -46.31
CA VAL K 122 -69.58 -60.91 -46.07
C VAL K 122 -69.28 -60.38 -47.44
N ASP K 123 -68.42 -61.09 -48.16
CA ASP K 123 -68.09 -60.67 -49.51
C ASP K 123 -69.45 -60.34 -50.16
N GLN K 124 -70.49 -61.00 -49.66
CA GLN K 124 -71.84 -60.80 -50.15
C GLN K 124 -72.28 -59.35 -49.95
N MET K 125 -72.51 -58.95 -48.70
CA MET K 125 -72.93 -57.57 -48.42
C MET K 125 -71.99 -56.64 -49.22
N ILE K 126 -70.74 -56.55 -48.79
CA ILE K 126 -69.75 -55.70 -49.45
C ILE K 126 -69.99 -55.57 -50.94
N ARG K 127 -70.48 -56.63 -51.56
CA ARG K 127 -70.74 -56.64 -53.00
C ARG K 127 -71.94 -55.75 -53.30
N GLU K 128 -73.09 -56.09 -52.72
CA GLU K 128 -74.34 -55.37 -52.93
C GLU K 128 -74.31 -53.91 -52.47
N ALA K 129 -73.26 -53.56 -51.72
CA ALA K 129 -73.10 -52.21 -51.20
C ALA K 129 -72.30 -51.38 -52.18
N ASP K 130 -71.38 -52.05 -52.88
CA ASP K 130 -70.56 -51.38 -53.88
C ASP K 130 -71.40 -51.13 -55.12
N ILE K 131 -71.41 -49.87 -55.57
CA ILE K 131 -72.19 -49.48 -56.73
C ILE K 131 -71.34 -49.33 -57.96
N ASP K 132 -70.06 -49.03 -57.76
CA ASP K 132 -69.17 -48.81 -58.88
C ASP K 132 -68.15 -49.91 -59.17
N GLY K 133 -68.28 -51.07 -58.54
CA GLY K 133 -67.37 -52.16 -58.83
C GLY K 133 -66.02 -52.34 -58.17
N ASP K 134 -65.43 -51.33 -57.54
CA ASP K 134 -64.10 -51.56 -56.94
C ASP K 134 -64.04 -52.59 -55.79
N GLY K 135 -65.13 -53.32 -55.58
CA GLY K 135 -65.16 -54.35 -54.55
C GLY K 135 -65.06 -53.87 -53.11
N GLN K 136 -65.05 -52.55 -52.91
CA GLN K 136 -64.99 -51.94 -51.58
C GLN K 136 -66.07 -50.88 -51.49
N VAL K 137 -66.36 -50.41 -50.28
CA VAL K 137 -67.37 -49.36 -50.09
C VAL K 137 -66.75 -48.08 -49.50
N ASN K 138 -67.19 -46.93 -50.01
CA ASN K 138 -66.71 -45.62 -49.55
C ASN K 138 -67.89 -44.95 -48.86
N TYR K 139 -67.61 -43.87 -48.14
CA TYR K 139 -68.68 -43.17 -47.45
C TYR K 139 -69.85 -42.96 -48.39
N GLU K 140 -69.59 -42.40 -49.57
CA GLU K 140 -70.65 -42.17 -50.53
C GLU K 140 -71.58 -43.36 -50.64
N GLU K 141 -71.11 -44.47 -51.18
CA GLU K 141 -72.02 -45.62 -51.31
C GLU K 141 -72.49 -46.18 -50.00
N PHE K 142 -71.73 -45.89 -48.94
CA PHE K 142 -72.09 -46.37 -47.62
C PHE K 142 -73.32 -45.60 -47.13
N VAL K 143 -73.36 -44.30 -47.41
CA VAL K 143 -74.48 -43.47 -46.98
C VAL K 143 -75.71 -43.99 -47.64
N GLN K 144 -75.54 -44.36 -48.90
CA GLN K 144 -76.62 -44.89 -49.71
C GLN K 144 -77.22 -46.11 -49.03
N MET K 145 -76.40 -47.13 -48.91
CA MET K 145 -76.75 -48.40 -48.29
C MET K 145 -77.64 -48.22 -47.06
N MET K 146 -77.12 -47.41 -46.13
CA MET K 146 -77.75 -47.11 -44.85
C MET K 146 -79.11 -46.46 -44.97
N THR K 147 -79.11 -45.13 -45.02
CA THR K 147 -80.34 -44.36 -45.11
C THR K 147 -81.31 -44.86 -46.17
N ALA K 148 -80.81 -45.09 -47.38
CA ALA K 148 -81.68 -45.58 -48.43
C ALA K 148 -82.56 -46.68 -47.85
N LYS K 149 -83.81 -46.32 -47.62
CA LYS K 149 -84.81 -47.22 -47.06
C LYS K 149 -85.46 -48.08 -48.16
N GLN L 4 -73.89 27.46 -83.70
CA GLN L 4 -73.94 28.88 -83.24
C GLN L 4 -72.55 29.51 -83.36
N LEU L 5 -72.33 30.26 -84.44
CA LEU L 5 -71.05 30.90 -84.66
C LEU L 5 -70.61 31.57 -83.34
N THR L 6 -69.42 31.22 -82.85
CA THR L 6 -68.90 31.80 -81.60
C THR L 6 -68.56 33.27 -81.79
N GLU L 7 -68.73 34.08 -80.76
CA GLU L 7 -68.45 35.51 -80.89
C GLU L 7 -67.14 35.68 -81.65
N GLU L 8 -66.07 35.05 -81.17
CA GLU L 8 -64.78 35.17 -81.86
C GLU L 8 -65.03 34.96 -83.36
N GLN L 9 -65.77 33.89 -83.64
CA GLN L 9 -66.10 33.50 -84.98
C GLN L 9 -66.99 34.51 -85.68
N ILE L 10 -67.38 35.55 -84.96
CA ILE L 10 -68.22 36.57 -85.54
C ILE L 10 -67.37 37.77 -85.91
N ALA L 11 -66.67 38.30 -84.91
CA ALA L 11 -65.82 39.46 -85.10
C ALA L 11 -65.02 39.29 -86.37
N GLU L 12 -64.69 38.04 -86.70
CA GLU L 12 -63.93 37.74 -87.91
C GLU L 12 -64.78 37.94 -89.16
N PHE L 13 -66.02 37.50 -89.13
CA PHE L 13 -66.83 37.67 -90.31
C PHE L 13 -67.23 39.11 -90.54
N LYS L 14 -66.98 39.98 -89.56
CA LYS L 14 -67.29 41.39 -89.75
C LYS L 14 -66.00 42.07 -90.17
N GLU L 15 -64.92 41.78 -89.48
CA GLU L 15 -63.63 42.36 -89.83
C GLU L 15 -63.35 42.06 -91.27
N ALA L 16 -64.05 41.09 -91.84
CA ALA L 16 -63.85 40.75 -93.24
C ALA L 16 -65.03 41.23 -94.07
N PHE L 17 -66.23 41.06 -93.55
CA PHE L 17 -67.42 41.51 -94.25
C PHE L 17 -67.28 42.99 -94.56
N SER L 18 -66.83 43.74 -93.56
CA SER L 18 -66.65 45.18 -93.69
C SER L 18 -65.43 45.59 -94.49
N LEU L 19 -64.33 44.91 -94.25
CA LEU L 19 -63.11 45.23 -94.97
C LEU L 19 -63.30 45.30 -96.47
N PHE L 20 -64.37 44.73 -97.00
CA PHE L 20 -64.55 44.75 -98.44
C PHE L 20 -65.80 45.45 -98.89
N ASP L 21 -66.43 46.18 -97.98
CA ASP L 21 -67.65 46.92 -98.30
C ASP L 21 -67.16 48.29 -98.75
N LYS L 22 -66.68 48.36 -100.00
CA LYS L 22 -66.12 49.60 -100.54
C LYS L 22 -66.92 50.87 -100.30
N ASP L 23 -68.19 50.87 -100.68
CA ASP L 23 -69.03 52.04 -100.47
C ASP L 23 -69.60 51.99 -99.06
N GLY L 24 -68.68 51.86 -98.10
CA GLY L 24 -68.97 51.76 -96.68
C GLY L 24 -70.36 51.79 -96.07
N ASP L 25 -71.39 51.24 -96.71
CA ASP L 25 -72.71 51.28 -96.10
C ASP L 25 -72.96 50.20 -95.08
N GLY L 26 -73.40 49.03 -95.53
CA GLY L 26 -73.64 47.97 -94.58
C GLY L 26 -74.11 46.73 -95.26
N THR L 27 -74.11 46.77 -96.58
CA THR L 27 -74.52 45.64 -97.37
C THR L 27 -73.40 45.41 -98.35
N ILE L 28 -73.37 44.25 -99.00
CA ILE L 28 -72.32 43.99 -99.96
C ILE L 28 -72.83 43.38 -101.27
N THR L 29 -72.18 43.72 -102.37
CA THR L 29 -72.60 43.19 -103.67
C THR L 29 -72.34 41.70 -103.72
N THR L 30 -72.85 41.07 -104.77
CA THR L 30 -72.66 39.65 -104.96
C THR L 30 -71.18 39.40 -105.11
N LYS L 31 -70.57 40.03 -106.12
CA LYS L 31 -69.14 39.89 -106.37
C LYS L 31 -68.41 40.09 -105.05
N GLU L 32 -68.80 41.15 -104.35
CA GLU L 32 -68.18 41.46 -103.08
C GLU L 32 -68.23 40.24 -102.17
N LEU L 33 -69.42 39.64 -102.04
CA LEU L 33 -69.61 38.45 -101.19
C LEU L 33 -68.61 37.36 -101.51
N GLY L 34 -68.37 37.16 -102.80
CA GLY L 34 -67.42 36.16 -103.21
C GLY L 34 -66.06 36.51 -102.65
N THR L 35 -65.69 37.78 -102.75
CA THR L 35 -64.41 38.21 -102.27
C THR L 35 -64.28 38.16 -100.77
N VAL L 36 -65.34 38.55 -100.08
CA VAL L 36 -65.31 38.55 -98.62
C VAL L 36 -65.00 37.14 -98.19
N MET L 37 -65.56 36.18 -98.93
CA MET L 37 -65.38 34.76 -98.65
C MET L 37 -63.95 34.24 -98.91
N ARG L 38 -63.55 34.29 -100.17
CA ARG L 38 -62.22 33.82 -100.55
C ARG L 38 -61.15 34.32 -99.59
N SER L 39 -61.26 35.60 -99.24
CA SER L 39 -60.31 36.24 -98.33
C SER L 39 -60.31 35.51 -97.00
N LEU L 40 -61.50 35.05 -96.61
CA LEU L 40 -61.68 34.32 -95.38
C LEU L 40 -61.23 32.88 -95.59
N GLY L 41 -60.81 32.57 -96.80
CA GLY L 41 -60.31 31.24 -97.11
C GLY L 41 -61.43 30.29 -97.43
N GLN L 42 -61.93 30.41 -98.63
CA GLN L 42 -63.01 29.58 -99.12
C GLN L 42 -63.25 30.11 -100.52
N ASN L 43 -63.93 29.35 -101.37
CA ASN L 43 -64.21 29.87 -102.69
C ASN L 43 -65.37 29.19 -103.39
N PRO L 44 -66.58 29.44 -102.89
CA PRO L 44 -67.81 28.88 -103.43
C PRO L 44 -67.82 29.08 -104.94
N THR L 45 -68.38 28.12 -105.65
CA THR L 45 -68.40 28.21 -107.10
C THR L 45 -69.06 29.48 -107.56
N GLU L 46 -68.56 29.97 -108.69
CA GLU L 46 -69.04 31.19 -109.33
C GLU L 46 -70.55 31.05 -109.58
N ALA L 47 -71.14 29.95 -109.11
CA ALA L 47 -72.58 29.69 -109.26
C ALA L 47 -73.20 29.25 -107.93
N GLU L 48 -72.40 28.62 -107.08
CA GLU L 48 -72.83 28.14 -105.76
C GLU L 48 -72.88 29.37 -104.85
N LEU L 49 -72.24 30.44 -105.32
CA LEU L 49 -72.16 31.70 -104.60
C LEU L 49 -73.46 32.48 -104.56
N GLN L 50 -74.40 32.12 -105.43
CA GLN L 50 -75.68 32.80 -105.50
C GLN L 50 -76.82 32.12 -104.74
N ASP L 51 -76.64 30.84 -104.43
CA ASP L 51 -77.68 30.09 -103.71
C ASP L 51 -77.97 30.69 -102.34
N MET L 52 -76.93 31.04 -101.61
CA MET L 52 -77.07 31.62 -100.28
C MET L 52 -77.71 32.99 -100.36
N ILE L 53 -77.25 33.78 -101.32
CA ILE L 53 -77.73 35.14 -101.53
C ILE L 53 -79.14 35.19 -102.14
N ASN L 54 -79.38 34.36 -103.15
CA ASN L 54 -80.69 34.32 -103.80
C ASN L 54 -81.75 33.88 -102.81
N GLU L 55 -81.27 33.33 -101.63
CA GLU L 55 -82.31 32.90 -100.77
C GLU L 55 -82.87 34.07 -99.97
N VAL L 56 -82.25 35.24 -99.98
CA VAL L 56 -82.73 36.34 -99.13
C VAL L 56 -83.04 37.61 -99.92
N ASP L 57 -83.87 37.46 -100.95
CA ASP L 57 -84.21 38.54 -101.88
C ASP L 57 -85.16 39.63 -101.37
N ALA L 58 -84.65 40.54 -100.65
CA ALA L 58 -85.44 41.63 -100.11
C ALA L 58 -84.62 42.90 -100.27
N ASP L 59 -83.67 42.84 -101.22
CA ASP L 59 -82.80 43.97 -101.49
C ASP L 59 -82.91 44.42 -102.95
N GLY L 60 -82.02 45.32 -103.39
CA GLY L 60 -82.06 45.78 -104.76
C GLY L 60 -81.82 44.56 -105.62
N ASN L 61 -81.92 43.41 -104.95
CA ASN L 61 -81.74 42.07 -105.50
C ASN L 61 -80.31 41.83 -105.95
N GLY L 62 -79.46 41.54 -104.98
CA GLY L 62 -78.07 41.28 -105.26
C GLY L 62 -77.21 41.92 -104.21
N THR L 63 -77.79 42.11 -103.02
CA THR L 63 -77.07 42.73 -101.93
C THR L 63 -77.49 42.15 -100.59
N ILE L 64 -76.53 42.00 -99.68
CA ILE L 64 -76.81 41.48 -98.34
C ILE L 64 -76.12 42.29 -97.24
N ASP L 65 -76.83 42.55 -96.15
CA ASP L 65 -76.27 43.32 -95.05
C ASP L 65 -75.35 42.44 -94.21
N PHE L 66 -75.03 42.90 -93.01
CA PHE L 66 -74.18 42.13 -92.14
C PHE L 66 -75.00 40.97 -91.57
N PRO L 67 -76.10 41.26 -90.83
CA PRO L 67 -77.00 40.28 -90.21
C PRO L 67 -77.51 39.16 -91.09
N GLU L 68 -77.49 39.37 -92.39
CA GLU L 68 -77.96 38.34 -93.29
C GLU L 68 -76.82 37.42 -93.69
N PHE L 69 -75.60 37.92 -93.51
CA PHE L 69 -74.41 37.18 -93.84
C PHE L 69 -74.04 36.36 -92.63
N LEU L 70 -74.21 36.96 -91.47
CA LEU L 70 -73.88 36.29 -90.23
C LEU L 70 -74.66 35.01 -90.15
N THR L 71 -75.79 34.96 -90.87
CA THR L 71 -76.64 33.78 -90.89
C THR L 71 -76.08 32.82 -91.94
N MET L 72 -76.20 33.17 -93.21
CA MET L 72 -75.70 32.35 -94.31
C MET L 72 -74.50 31.51 -93.89
N MET L 73 -73.68 32.03 -92.97
CA MET L 73 -72.53 31.28 -92.50
C MET L 73 -73.00 30.27 -91.47
N ALA L 74 -73.80 29.34 -91.96
CA ALA L 74 -74.36 28.25 -91.19
C ALA L 74 -74.46 27.13 -92.19
N ARG L 75 -75.37 27.27 -93.16
CA ARG L 75 -75.58 26.27 -94.22
C ARG L 75 -74.30 25.53 -94.61
N LYS L 76 -73.20 26.27 -94.51
CA LYS L 76 -71.93 25.66 -94.78
C LYS L 76 -71.16 25.45 -93.48
N MET L 77 -71.45 26.11 -92.40
CA MET L 77 -70.51 25.92 -91.33
C MET L 77 -70.92 25.19 -90.04
N LYS L 78 -72.22 25.07 -89.78
CA LYS L 78 -72.73 24.39 -88.59
C LYS L 78 -72.43 22.89 -88.47
N ASP L 79 -71.64 22.39 -89.47
CA ASP L 79 -71.29 20.96 -89.46
C ASP L 79 -69.76 20.77 -89.46
N THR L 80 -69.15 21.07 -90.60
CA THR L 80 -67.71 20.91 -90.79
C THR L 80 -66.82 21.47 -89.66
N ASP L 81 -65.82 20.66 -89.29
CA ASP L 81 -64.82 20.95 -88.26
C ASP L 81 -63.53 20.25 -88.71
N SER L 82 -63.41 20.10 -90.03
CA SER L 82 -62.27 19.42 -90.63
C SER L 82 -60.94 20.17 -90.66
N GLU L 83 -60.97 21.49 -90.60
CA GLU L 83 -59.73 22.26 -90.61
C GLU L 83 -58.71 21.63 -89.67
N GLU L 84 -59.18 21.18 -88.51
CA GLU L 84 -58.32 20.55 -87.49
C GLU L 84 -57.57 19.32 -87.96
N GLU L 85 -58.34 18.27 -88.23
CA GLU L 85 -57.82 17.01 -88.70
C GLU L 85 -56.73 17.22 -89.74
N ILE L 86 -57.03 17.99 -90.78
CA ILE L 86 -56.08 18.28 -91.83
C ILE L 86 -54.75 18.82 -91.32
N ARG L 87 -54.78 19.50 -90.19
CA ARG L 87 -53.56 20.03 -89.62
C ARG L 87 -52.81 18.92 -88.87
N GLU L 88 -53.55 17.89 -88.45
CA GLU L 88 -52.95 16.79 -87.73
C GLU L 88 -52.26 15.90 -88.77
N ALA L 89 -52.98 15.62 -89.85
CA ALA L 89 -52.43 14.83 -90.96
C ALA L 89 -51.09 15.44 -91.30
N PHE L 90 -51.09 16.74 -91.54
CA PHE L 90 -49.84 17.41 -91.84
C PHE L 90 -48.75 17.02 -90.84
N ARG L 91 -48.97 17.28 -89.56
CA ARG L 91 -47.95 16.93 -88.59
C ARG L 91 -47.43 15.49 -88.77
N VAL L 92 -48.25 14.65 -89.43
CA VAL L 92 -47.92 13.23 -89.68
C VAL L 92 -46.88 13.04 -90.78
N PHE L 93 -47.11 13.59 -91.90
CA PHE L 93 -46.15 13.44 -92.97
C PHE L 93 -44.89 14.17 -92.62
N ASP L 94 -45.05 15.36 -92.05
CA ASP L 94 -43.88 16.08 -91.57
C ASP L 94 -43.23 15.20 -90.51
N LYS L 95 -42.75 14.08 -90.95
CA LYS L 95 -42.12 13.07 -90.09
C LYS L 95 -41.02 13.62 -89.21
N ASP L 96 -40.04 14.36 -89.88
CA ASP L 96 -38.86 14.90 -89.18
C ASP L 96 -39.09 16.00 -88.16
N GLY L 97 -39.99 16.94 -88.48
CA GLY L 97 -40.27 18.04 -87.56
C GLY L 97 -39.79 19.40 -88.02
N ASN L 98 -39.69 19.57 -89.33
CA ASN L 98 -39.22 20.81 -89.93
C ASN L 98 -40.38 21.73 -90.32
N GLY L 99 -41.60 21.39 -89.93
CA GLY L 99 -42.72 22.23 -90.28
C GLY L 99 -42.93 22.26 -91.78
N TYR L 100 -42.15 21.44 -92.46
CA TYR L 100 -42.22 21.34 -93.91
C TYR L 100 -42.35 19.87 -94.29
N ILE L 101 -43.07 19.59 -95.36
CA ILE L 101 -43.22 18.20 -95.78
C ILE L 101 -42.35 17.98 -97.00
N SER L 102 -41.25 17.26 -96.81
CA SER L 102 -40.35 16.97 -97.92
C SER L 102 -40.81 15.76 -98.72
N ALA L 103 -40.47 15.78 -100.00
CA ALA L 103 -40.83 14.70 -100.94
C ALA L 103 -40.27 13.38 -100.43
N ALA L 104 -39.15 13.47 -99.73
CA ALA L 104 -38.55 12.28 -99.15
C ALA L 104 -39.63 11.63 -98.29
N GLU L 105 -40.08 12.36 -97.28
CA GLU L 105 -41.10 11.87 -96.36
C GLU L 105 -42.48 11.67 -97.01
N LEU L 106 -42.83 12.48 -98.02
CA LEU L 106 -44.13 12.26 -98.65
C LEU L 106 -44.18 10.78 -98.99
N ARG L 107 -43.13 10.32 -99.66
CA ARG L 107 -43.01 8.93 -100.08
C ARG L 107 -42.93 7.99 -98.88
N HIS L 108 -41.97 8.24 -98.00
CA HIS L 108 -41.77 7.40 -96.84
C HIS L 108 -43.03 7.09 -96.05
N VAL L 109 -44.03 7.96 -96.15
CA VAL L 109 -45.30 7.75 -95.44
C VAL L 109 -46.33 7.16 -96.40
N MET L 110 -46.22 7.54 -97.66
CA MET L 110 -47.10 7.05 -98.70
C MET L 110 -46.91 5.57 -98.89
N THR L 111 -45.74 5.06 -98.49
CA THR L 111 -45.44 3.65 -98.67
C THR L 111 -45.85 2.76 -97.51
N ASN L 112 -46.07 3.35 -96.34
CA ASN L 112 -46.49 2.54 -95.19
C ASN L 112 -47.99 2.31 -95.21
N LEU L 113 -48.72 3.28 -95.75
CA LEU L 113 -50.16 3.15 -95.83
C LEU L 113 -50.47 2.24 -97.01
N GLY L 114 -49.45 1.51 -97.45
CA GLY L 114 -49.61 0.56 -98.54
C GLY L 114 -49.42 0.98 -99.99
N GLU L 115 -49.12 2.25 -100.25
CA GLU L 115 -48.96 2.71 -101.65
C GLU L 115 -47.53 2.80 -102.17
N LYS L 116 -47.22 1.97 -103.17
CA LYS L 116 -45.90 1.99 -103.77
C LYS L 116 -45.79 3.16 -104.75
N LEU L 117 -45.02 4.18 -104.36
CA LEU L 117 -44.84 5.35 -105.18
C LEU L 117 -43.50 5.42 -105.88
N THR L 118 -43.52 5.96 -107.09
CA THR L 118 -42.32 6.09 -107.91
C THR L 118 -41.53 7.34 -107.54
N ASP L 119 -40.28 7.14 -107.13
CA ASP L 119 -39.42 8.25 -106.74
C ASP L 119 -39.53 9.38 -107.76
N GLU L 120 -40.23 9.12 -108.86
CA GLU L 120 -40.42 10.09 -109.92
C GLU L 120 -41.74 10.84 -109.75
N GLU L 121 -42.81 10.11 -109.51
CA GLU L 121 -44.15 10.68 -109.33
C GLU L 121 -44.38 11.32 -107.96
N VAL L 122 -43.42 11.18 -107.06
CA VAL L 122 -43.57 11.79 -105.77
C VAL L 122 -43.08 13.20 -105.96
N ASP L 123 -41.84 13.33 -106.41
CA ASP L 123 -41.29 14.65 -106.67
C ASP L 123 -42.38 15.39 -107.42
N GLN L 124 -43.20 14.62 -108.15
CA GLN L 124 -44.30 15.15 -108.94
C GLN L 124 -45.31 15.88 -108.04
N MET L 125 -46.05 15.14 -107.22
CA MET L 125 -47.02 15.76 -106.31
C MET L 125 -46.31 16.94 -105.61
N ILE L 126 -45.38 16.63 -104.70
CA ILE L 126 -44.64 17.65 -103.97
C ILE L 126 -44.43 18.91 -104.78
N ARG L 127 -44.26 18.77 -106.09
CA ARG L 127 -44.05 19.91 -106.97
C ARG L 127 -45.32 20.72 -107.09
N GLU L 128 -46.37 20.07 -107.60
CA GLU L 128 -47.67 20.70 -107.81
C GLU L 128 -48.34 21.22 -106.54
N ALA L 129 -47.81 20.81 -105.39
CA ALA L 129 -48.34 21.23 -104.09
C ALA L 129 -47.65 22.49 -103.65
N ASP L 130 -46.38 22.62 -104.01
CA ASP L 130 -45.62 23.80 -103.66
C ASP L 130 -46.06 24.96 -104.54
N ILE L 131 -46.40 26.08 -103.91
CA ILE L 131 -46.86 27.25 -104.63
C ILE L 131 -45.79 28.32 -104.73
N ASP L 132 -44.86 28.31 -103.80
CA ASP L 132 -43.81 29.31 -103.78
C ASP L 132 -42.42 28.85 -104.20
N GLY L 133 -42.29 27.65 -104.74
CA GLY L 133 -40.99 27.21 -105.21
C GLY L 133 -39.95 26.54 -104.33
N ASP L 134 -40.01 26.65 -103.01
CA ASP L 134 -38.96 26.00 -102.20
C ASP L 134 -38.86 24.46 -102.30
N GLY L 135 -39.62 23.87 -103.23
CA GLY L 135 -39.58 22.43 -103.42
C GLY L 135 -40.12 21.56 -102.28
N GLN L 136 -40.68 22.21 -101.26
CA GLN L 136 -41.26 21.53 -100.11
C GLN L 136 -42.63 22.13 -99.85
N VAL L 137 -43.45 21.45 -99.04
CA VAL L 137 -44.78 21.97 -98.71
C VAL L 137 -44.91 22.25 -97.22
N ASN L 138 -45.58 23.35 -96.89
CA ASN L 138 -45.81 23.77 -95.50
C ASN L 138 -47.29 23.67 -95.25
N TYR L 139 -47.69 23.74 -93.98
CA TYR L 139 -49.11 23.63 -93.66
C TYR L 139 -49.92 24.54 -94.59
N GLU L 140 -49.53 25.81 -94.68
CA GLU L 140 -50.25 26.73 -95.53
C GLU L 140 -50.57 26.11 -96.87
N GLU L 141 -49.56 25.86 -97.70
CA GLU L 141 -49.86 25.28 -99.02
C GLU L 141 -50.47 23.90 -98.96
N PHE L 142 -50.25 23.23 -97.85
CA PHE L 142 -50.81 21.89 -97.67
C PHE L 142 -52.33 21.99 -97.48
N VAL L 143 -52.77 23.01 -96.73
CA VAL L 143 -54.20 23.19 -96.48
C VAL L 143 -54.85 23.42 -97.80
N GLN L 144 -54.17 24.20 -98.62
CA GLN L 144 -54.65 24.54 -99.95
C GLN L 144 -54.93 23.28 -100.73
N MET L 145 -53.86 22.54 -100.98
CA MET L 145 -53.87 21.29 -101.72
C MET L 145 -55.10 20.44 -101.39
N MET L 146 -55.25 20.19 -100.10
CA MET L 146 -56.32 19.37 -99.53
C MET L 146 -57.72 19.88 -99.80
N THR L 147 -58.20 20.72 -98.90
CA THR L 147 -59.54 21.29 -99.01
C THR L 147 -59.85 21.85 -100.39
N ALA L 148 -58.96 22.66 -100.93
CA ALA L 148 -59.20 23.22 -102.26
C ALA L 148 -59.73 22.10 -103.16
N LYS L 149 -61.02 22.15 -103.39
CA LYS L 149 -61.72 21.18 -104.22
C LYS L 149 -61.62 21.55 -105.72
#